data_6EE2
#
_entry.id   6EE2
#
_cell.length_a   174.183
_cell.length_b   177.867
_cell.length_c   229.645
_cell.angle_alpha   90.000
_cell.angle_beta   90.000
_cell.angle_gamma   90.000
#
_symmetry.space_group_name_H-M   'P 21 21 21'
#
loop_
_entity.id
_entity.type
_entity.pdbx_description
1 polymer Pf-M17
2 non-polymer 'CARBONATE ION'
3 non-polymer 'ZINC ION'
4 non-polymer "N-[(1R)-2-(hydroxyamino)-2-oxo-1-(3',4',5'-trifluoro[1,1'-biphenyl]-4-yl)ethyl]cyclohexanecarboxamide"
5 non-polymer 'SULFATE ION'
6 non-polymer 'PENTAETHYLENE GLYCOL'
7 non-polymer 'DIMETHYL SULFOXIDE'
8 non-polymer 1,2-ETHANEDIOL
9 water water
#
_entity_poly.entity_id   1
_entity_poly.type   'polypeptide(L)'
_entity_poly.pdbx_seq_one_letter_code
;ASEVPQVVSLDPTSIPIEYNTPIHDIKVQVYDIKGGCNVEEGLTIFLVNNPGKENGPVKISSKVNDKQVSEFLKDENMEK
FNVKLGTSKHFYMFNDNKNSVAVGYVGCGSVADLSEADMKRVVLSLVTMLHDNKLSKLTVVFEINVDKNLFRFFLETLFY
EYMTDERFKSTDKNVNMEYIKHLGVYINNADTYKEEVEKARVYYFGTYYASQLIAAPSNYCNPVSLSNAAVELAQKLNLE
YKILGVKELEELKMGAYLSVGKGSMYPNKFIHLTYKSKGDVKKKIALVGKGITFDSGGYNLKAAPGSMIDLMKFDMSGCA
AVLGCAYCVGTLKPENVEIHFLSAVCENMVSKNSYRPGDIITASNGKTIEVGNTDAEGRLTLADALVYAEKLGVDYIVDI
ATLTGAMLYSLGTSYAGVFGNNEELINKILQSSKTSNEPVWWLPIINEYRATLNSKYADINQISSSVKASSIVASLFLKE
FVQNTAWAHIDIAGVSWNFKARKPKGFGVRLLTEFVLNDALHHHHH
;
_entity_poly.pdbx_strand_id   A,B,C,D,E,F,G,H,I,J,K,L
#
loop_
_chem_comp.id
_chem_comp.type
_chem_comp.name
_chem_comp.formula
1PE non-polymer 'PENTAETHYLENE GLYCOL' 'C10 H22 O6'
CO3 non-polymer 'CARBONATE ION' 'C O3 -2'
DMS non-polymer 'DIMETHYL SULFOXIDE' 'C2 H6 O S'
EDO non-polymer 1,2-ETHANEDIOL 'C2 H6 O2'
J1V non-polymer N-[(1R)-2-(hydroxyamino)-2-oxo-1-(3',4',5'-trifluoro[1,1'-biphenyl]-4-yl)ethyl]cyclohexanecarboxamide 'C21 H21 F3 N2 O3'
SO4 non-polymer 'SULFATE ION' 'O4 S -2'
ZN non-polymer 'ZINC ION' 'Zn 2'
#
# COMPACT_ATOMS: atom_id res chain seq x y z
N ALA A 1 17.37 -55.82 -43.99
CA ALA A 1 16.25 -56.52 -43.38
C ALA A 1 16.70 -57.88 -42.88
N SER A 2 16.47 -58.15 -41.59
CA SER A 2 17.01 -59.32 -40.92
C SER A 2 15.93 -60.36 -40.68
N GLU A 3 16.37 -61.60 -40.50
CA GLU A 3 15.49 -62.72 -40.20
C GLU A 3 15.17 -62.74 -38.70
N VAL A 4 13.87 -62.83 -38.38
CA VAL A 4 13.47 -62.88 -36.98
C VAL A 4 13.67 -64.29 -36.43
N PRO A 5 14.45 -64.47 -35.39
CA PRO A 5 14.62 -65.80 -34.81
C PRO A 5 13.33 -66.28 -34.17
N GLN A 6 13.15 -67.60 -34.17
CA GLN A 6 11.96 -68.25 -33.64
C GLN A 6 12.36 -69.37 -32.69
N VAL A 7 11.62 -69.53 -31.60
CA VAL A 7 11.77 -70.74 -30.81
C VAL A 7 10.92 -71.86 -31.41
N VAL A 8 9.67 -71.56 -31.75
CA VAL A 8 8.80 -72.49 -32.46
C VAL A 8 8.32 -71.79 -33.71
N SER A 9 7.86 -72.59 -34.67
CA SER A 9 7.43 -72.05 -35.96
C SER A 9 6.15 -71.25 -35.89
N LEU A 10 5.37 -71.36 -34.79
CA LEU A 10 4.23 -70.49 -34.56
C LEU A 10 4.62 -69.11 -34.04
N ASP A 11 5.88 -68.89 -33.73
CA ASP A 11 6.31 -67.55 -33.31
C ASP A 11 6.20 -66.58 -34.49
N PRO A 12 5.61 -65.41 -34.31
CA PRO A 12 5.50 -64.46 -35.43
C PRO A 12 6.85 -63.87 -35.82
N THR A 13 6.96 -63.50 -37.11
CA THR A 13 8.19 -62.94 -37.64
C THR A 13 8.01 -61.55 -38.23
N SER A 14 6.92 -60.86 -37.91
CA SER A 14 6.79 -59.44 -38.22
C SER A 14 5.67 -58.85 -37.38
N ILE A 15 5.74 -57.53 -37.20
CA ILE A 15 4.63 -56.76 -36.62
C ILE A 15 3.58 -56.51 -37.69
N PRO A 16 2.32 -56.87 -37.47
CA PRO A 16 1.27 -56.42 -38.42
C PRO A 16 1.05 -54.92 -38.28
N ILE A 17 1.09 -54.23 -39.41
CA ILE A 17 0.95 -52.78 -39.44
C ILE A 17 -0.17 -52.46 -40.40
N GLU A 18 -1.12 -51.65 -39.97
CA GLU A 18 -2.21 -51.20 -40.83
C GLU A 18 -1.86 -49.80 -41.31
N TYR A 19 -1.57 -49.67 -42.61
CA TYR A 19 -1.23 -48.37 -43.16
C TYR A 19 -2.45 -47.65 -43.72
N ASN A 20 -3.26 -48.35 -44.51
CA ASN A 20 -4.44 -47.76 -45.15
C ASN A 20 -5.62 -47.93 -44.20
N THR A 21 -5.78 -46.98 -43.28
CA THR A 21 -6.85 -47.06 -42.29
C THR A 21 -8.13 -46.48 -42.85
N PRO A 22 -9.29 -46.88 -42.30
CA PRO A 22 -10.55 -46.26 -42.73
C PRO A 22 -10.57 -44.75 -42.55
N ILE A 23 -9.79 -44.20 -41.62
CA ILE A 23 -9.68 -42.74 -41.52
C ILE A 23 -9.21 -42.14 -42.85
N HIS A 24 -8.32 -42.85 -43.54
CA HIS A 24 -7.75 -42.29 -44.77
C HIS A 24 -8.76 -42.31 -45.91
N ASP A 25 -9.86 -43.06 -45.80
CA ASP A 25 -10.90 -43.03 -46.81
C ASP A 25 -11.94 -41.96 -46.57
N ILE A 26 -11.86 -41.25 -45.44
CA ILE A 26 -12.85 -40.24 -45.07
C ILE A 26 -12.60 -38.97 -45.88
N LYS A 27 -13.58 -38.58 -46.70
CA LYS A 27 -13.54 -37.30 -47.39
C LYS A 27 -13.99 -36.20 -46.44
N VAL A 28 -13.13 -35.21 -46.22
CA VAL A 28 -13.39 -34.11 -45.29
C VAL A 28 -13.67 -32.83 -46.08
N GLN A 29 -14.77 -32.16 -45.77
CA GLN A 29 -15.13 -30.87 -46.36
C GLN A 29 -15.35 -29.85 -45.25
N VAL A 30 -14.78 -28.67 -45.41
CA VAL A 30 -14.93 -27.57 -44.48
C VAL A 30 -15.75 -26.47 -45.14
N TYR A 31 -16.82 -26.03 -44.48
CA TYR A 31 -17.67 -24.96 -44.96
C TYR A 31 -17.70 -23.84 -43.94
N ASP A 32 -17.97 -22.63 -44.41
CA ASP A 32 -18.10 -21.49 -43.52
C ASP A 32 -19.52 -21.44 -42.95
N ILE A 33 -19.61 -21.24 -41.64
CA ILE A 33 -20.90 -21.16 -40.96
C ILE A 33 -21.77 -20.05 -41.53
N LYS A 34 -21.15 -18.98 -42.03
CA LYS A 34 -21.93 -17.83 -42.53
C LYS A 34 -22.86 -18.24 -43.66
N GLY A 35 -22.52 -19.30 -44.40
CA GLY A 35 -23.39 -19.81 -45.45
C GLY A 35 -24.58 -20.63 -44.98
N GLY A 36 -24.70 -20.91 -43.68
CA GLY A 36 -25.78 -21.77 -43.22
C GLY A 36 -25.46 -23.25 -43.35
N CYS A 37 -26.09 -24.07 -42.52
CA CYS A 37 -25.83 -25.51 -42.50
C CYS A 37 -26.90 -26.27 -43.28
N ASN A 38 -26.46 -27.07 -44.24
CA ASN A 38 -27.34 -28.06 -44.83
C ASN A 38 -27.39 -29.29 -43.95
N VAL A 39 -28.59 -29.76 -43.65
CA VAL A 39 -28.76 -30.89 -42.74
C VAL A 39 -29.40 -32.01 -43.53
N GLU A 40 -28.61 -32.99 -43.92
CA GLU A 40 -29.12 -34.11 -44.70
C GLU A 40 -28.72 -35.44 -44.09
N GLU A 41 -28.13 -36.33 -44.89
CA GLU A 41 -27.91 -37.69 -44.43
C GLU A 41 -26.84 -37.71 -43.33
N GLY A 42 -26.76 -38.85 -42.64
CA GLY A 42 -25.78 -39.05 -41.59
C GLY A 42 -26.22 -38.46 -40.26
N LEU A 43 -25.26 -37.92 -39.54
CA LEU A 43 -25.51 -37.31 -38.24
C LEU A 43 -24.85 -35.95 -38.21
N THR A 44 -25.62 -34.92 -37.84
CA THR A 44 -25.13 -33.55 -37.74
C THR A 44 -25.09 -33.15 -36.27
N ILE A 45 -23.90 -32.86 -35.77
CA ILE A 45 -23.69 -32.57 -34.35
C ILE A 45 -23.24 -31.12 -34.20
N PHE A 46 -23.95 -30.37 -33.36
CA PHE A 46 -23.52 -29.02 -32.99
C PHE A 46 -22.67 -29.11 -31.72
N LEU A 47 -21.50 -28.47 -31.74
CA LEU A 47 -20.70 -28.29 -30.53
C LEU A 47 -21.08 -26.94 -29.93
N VAL A 48 -21.70 -26.95 -28.74
CA VAL A 48 -22.27 -25.74 -28.15
C VAL A 48 -21.85 -25.59 -26.69
N ASN A 49 -21.69 -24.34 -26.27
CA ASN A 49 -21.45 -24.06 -24.85
C ASN A 49 -22.39 -22.99 -24.34
N ASN A 50 -22.14 -22.46 -23.15
CA ASN A 50 -22.92 -21.34 -22.61
C ASN A 50 -22.01 -20.59 -21.65
N PRO A 51 -21.26 -19.62 -22.17
CA PRO A 51 -20.19 -18.99 -21.36
C PRO A 51 -20.73 -18.32 -20.12
N GLY A 52 -20.21 -18.75 -18.96
CA GLY A 52 -20.61 -18.17 -17.70
C GLY A 52 -21.69 -18.96 -16.98
N LYS A 53 -22.62 -19.53 -17.73
CA LYS A 53 -23.74 -20.28 -17.14
C LYS A 53 -23.34 -21.75 -17.03
N GLU A 54 -22.89 -22.15 -15.84
CA GLU A 54 -22.58 -23.55 -15.62
C GLU A 54 -23.84 -24.38 -15.77
N ASN A 55 -23.80 -25.37 -16.67
CA ASN A 55 -24.95 -26.18 -17.01
C ASN A 55 -26.08 -25.32 -17.59
N GLY A 56 -25.71 -24.29 -18.35
CA GLY A 56 -26.67 -23.42 -18.97
C GLY A 56 -27.43 -24.10 -20.10
N PRO A 57 -28.48 -23.46 -20.57
CA PRO A 57 -29.29 -24.05 -21.63
C PRO A 57 -28.61 -24.04 -22.99
N VAL A 58 -28.98 -25.01 -23.82
CA VAL A 58 -28.51 -25.07 -25.19
C VAL A 58 -29.21 -24.01 -26.03
N LYS A 59 -28.43 -23.24 -26.77
CA LYS A 59 -28.97 -22.35 -27.78
C LYS A 59 -28.15 -22.54 -29.05
N ILE A 60 -28.82 -22.81 -30.17
CA ILE A 60 -28.16 -23.04 -31.44
C ILE A 60 -28.12 -21.71 -32.20
N SER A 61 -26.92 -21.22 -32.51
CA SER A 61 -26.79 -19.90 -33.10
C SER A 61 -26.67 -19.92 -34.63
N SER A 62 -26.19 -21.01 -35.23
CA SER A 62 -25.90 -21.03 -36.65
C SER A 62 -27.18 -21.00 -37.49
N LYS A 63 -27.07 -20.40 -38.67
CA LYS A 63 -28.15 -20.50 -39.65
C LYS A 63 -28.22 -21.92 -40.17
N VAL A 64 -29.43 -22.47 -40.22
CA VAL A 64 -29.68 -23.80 -40.75
C VAL A 64 -30.57 -23.64 -41.98
N ASN A 65 -30.15 -24.18 -43.11
CA ASN A 65 -30.86 -23.97 -44.38
C ASN A 65 -31.99 -24.98 -44.55
N ASP A 66 -32.88 -25.00 -43.57
CA ASP A 66 -34.02 -25.91 -43.61
C ASP A 66 -35.06 -25.40 -42.61
N LYS A 67 -36.25 -25.05 -43.11
CA LYS A 67 -37.27 -24.49 -42.23
C LYS A 67 -37.67 -25.48 -41.13
N GLN A 68 -37.83 -26.75 -41.49
CA GLN A 68 -38.21 -27.74 -40.49
C GLN A 68 -37.16 -27.87 -39.40
N VAL A 69 -35.89 -28.01 -39.79
CA VAL A 69 -34.86 -28.24 -38.79
C VAL A 69 -34.63 -26.97 -37.95
N SER A 70 -34.70 -25.79 -38.59
CA SER A 70 -34.65 -24.53 -37.85
C SER A 70 -35.73 -24.47 -36.77
N GLU A 71 -36.96 -24.82 -37.14
CA GLU A 71 -38.05 -24.82 -36.18
C GLU A 71 -37.79 -25.81 -35.05
N PHE A 72 -37.31 -27.01 -35.39
CA PHE A 72 -36.99 -27.99 -34.36
C PHE A 72 -35.92 -27.45 -33.40
N LEU A 73 -34.93 -26.73 -33.91
CA LEU A 73 -33.80 -26.29 -33.09
C LEU A 73 -33.96 -24.88 -32.51
N LYS A 74 -35.16 -24.32 -32.51
CA LYS A 74 -35.34 -22.99 -31.95
C LYS A 74 -35.14 -23.00 -30.43
N ASP A 75 -34.98 -21.80 -29.86
CA ASP A 75 -34.55 -21.69 -28.47
C ASP A 75 -35.51 -22.38 -27.51
N GLU A 76 -36.82 -22.17 -27.67
CA GLU A 76 -37.73 -22.74 -26.68
C GLU A 76 -37.76 -24.28 -26.74
N ASN A 77 -37.43 -24.85 -27.90
CA ASN A 77 -37.32 -26.32 -27.96
C ASN A 77 -36.03 -26.80 -27.29
N MET A 78 -34.95 -26.04 -27.42
CA MET A 78 -33.65 -26.48 -26.97
C MET A 78 -33.39 -26.18 -25.51
N GLU A 79 -34.22 -25.35 -24.88
CA GLU A 79 -33.91 -24.83 -23.56
C GLU A 79 -34.00 -25.89 -22.46
N LYS A 80 -34.63 -27.02 -22.73
CA LYS A 80 -34.65 -28.09 -21.74
C LYS A 80 -33.37 -28.91 -21.73
N PHE A 81 -32.45 -28.66 -22.66
CA PHE A 81 -31.16 -29.32 -22.68
C PHE A 81 -30.08 -28.35 -22.23
N ASN A 82 -29.02 -28.89 -21.65
CA ASN A 82 -27.96 -28.06 -21.09
C ASN A 82 -26.61 -28.42 -21.68
N VAL A 83 -25.63 -27.55 -21.45
CA VAL A 83 -24.34 -27.60 -22.13
C VAL A 83 -23.28 -28.31 -21.29
N LYS A 84 -23.68 -29.07 -20.28
CA LYS A 84 -22.72 -29.69 -19.38
C LYS A 84 -21.65 -30.43 -20.16
N LEU A 85 -20.38 -30.22 -19.79
CA LEU A 85 -19.26 -30.72 -20.57
C LEU A 85 -19.36 -32.23 -20.75
N GLY A 86 -19.46 -32.67 -22.02
CA GLY A 86 -19.54 -34.07 -22.32
C GLY A 86 -20.94 -34.61 -22.52
N THR A 87 -21.96 -33.88 -22.08
CA THR A 87 -23.34 -34.29 -22.37
C THR A 87 -23.57 -34.30 -23.88
N SER A 88 -24.58 -35.07 -24.31
CA SER A 88 -24.98 -35.11 -25.71
C SER A 88 -26.42 -35.60 -25.79
N LYS A 89 -27.07 -35.32 -26.93
CA LYS A 89 -28.43 -35.79 -27.19
C LYS A 89 -28.58 -36.02 -28.69
N HIS A 90 -29.48 -36.94 -29.04
CA HIS A 90 -29.81 -37.27 -30.42
C HIS A 90 -31.21 -36.74 -30.75
N PHE A 91 -31.35 -36.18 -31.95
CA PHE A 91 -32.63 -35.66 -32.43
C PHE A 91 -33.03 -36.33 -33.74
N TYR A 92 -34.33 -36.53 -33.94
CA TYR A 92 -34.85 -37.12 -35.16
C TYR A 92 -36.00 -36.28 -35.70
N MET A 93 -35.97 -35.97 -37.00
CA MET A 93 -37.00 -35.13 -37.61
C MET A 93 -36.95 -35.29 -39.12
N PHE A 94 -37.96 -34.77 -39.79
CA PHE A 94 -38.04 -34.73 -41.25
C PHE A 94 -37.71 -33.34 -41.76
N ASN A 95 -36.86 -33.26 -42.78
CA ASN A 95 -36.44 -31.96 -43.26
C ASN A 95 -37.44 -31.46 -44.31
N ASP A 96 -37.08 -30.37 -45.00
CA ASP A 96 -37.97 -29.73 -45.96
C ASP A 96 -38.24 -30.58 -47.20
N ASN A 97 -37.42 -31.60 -47.45
CA ASN A 97 -37.64 -32.52 -48.55
C ASN A 97 -38.26 -33.83 -48.09
N LYS A 98 -38.83 -33.86 -46.87
CA LYS A 98 -39.49 -35.05 -46.31
C LYS A 98 -38.54 -36.25 -46.21
N ASN A 99 -37.26 -36.00 -45.94
CA ASN A 99 -36.32 -37.05 -45.56
C ASN A 99 -36.04 -36.92 -44.07
N SER A 100 -36.09 -38.05 -43.36
CA SER A 100 -35.69 -38.03 -41.96
C SER A 100 -34.20 -37.73 -41.85
N VAL A 101 -33.84 -36.94 -40.84
CA VAL A 101 -32.44 -36.63 -40.57
C VAL A 101 -32.17 -36.81 -39.07
N ALA A 102 -30.93 -37.14 -38.76
CA ALA A 102 -30.45 -37.23 -37.39
C ALA A 102 -29.61 -36.01 -37.08
N VAL A 103 -29.92 -35.36 -35.96
CA VAL A 103 -29.21 -34.18 -35.49
C VAL A 103 -28.93 -34.40 -34.02
N GLY A 104 -27.91 -33.71 -33.51
CA GLY A 104 -27.65 -33.72 -32.09
C GLY A 104 -26.65 -32.65 -31.72
N TYR A 105 -26.26 -32.65 -30.45
CA TYR A 105 -25.23 -31.74 -29.96
C TYR A 105 -24.33 -32.44 -28.94
N VAL A 106 -23.15 -31.88 -28.74
CA VAL A 106 -22.31 -32.20 -27.59
C VAL A 106 -22.13 -30.93 -26.77
N GLY A 107 -22.35 -31.02 -25.46
CA GLY A 107 -22.09 -29.90 -24.58
C GLY A 107 -20.59 -29.66 -24.39
N CYS A 108 -20.21 -28.38 -24.46
CA CYS A 108 -18.82 -27.99 -24.27
C CYS A 108 -18.65 -27.09 -23.05
N GLY A 109 -19.61 -27.09 -22.12
CA GLY A 109 -19.40 -26.47 -20.82
C GLY A 109 -19.67 -24.98 -20.83
N SER A 110 -19.02 -24.29 -19.89
CA SER A 110 -19.23 -22.86 -19.72
C SER A 110 -17.96 -22.04 -19.86
N VAL A 111 -16.83 -22.67 -20.03
CA VAL A 111 -15.56 -21.96 -20.15
C VAL A 111 -15.31 -21.66 -21.61
N ALA A 112 -14.85 -20.44 -21.90
CA ALA A 112 -14.76 -19.98 -23.28
C ALA A 112 -13.65 -20.71 -24.03
N ASP A 113 -12.54 -20.99 -23.37
CA ASP A 113 -11.40 -21.66 -23.99
C ASP A 113 -11.28 -23.07 -23.44
N LEU A 114 -11.49 -24.06 -24.29
CA LEU A 114 -11.34 -25.45 -23.88
C LEU A 114 -9.87 -25.80 -23.76
N SER A 115 -9.49 -26.46 -22.66
CA SER A 115 -8.15 -27.02 -22.59
C SER A 115 -8.07 -28.29 -23.43
N GLU A 116 -6.84 -28.78 -23.67
CA GLU A 116 -6.69 -30.05 -24.38
C GLU A 116 -7.49 -31.15 -23.72
N ALA A 117 -7.53 -31.17 -22.37
CA ALA A 117 -8.23 -32.22 -21.67
C ALA A 117 -9.74 -32.06 -21.81
N ASP A 118 -10.23 -30.82 -21.72
CA ASP A 118 -11.64 -30.58 -22.02
C ASP A 118 -11.99 -31.04 -23.42
N MET A 119 -11.13 -30.72 -24.39
CA MET A 119 -11.45 -31.05 -25.78
C MET A 119 -11.49 -32.55 -25.98
N LYS A 120 -10.57 -33.28 -25.34
CA LYS A 120 -10.61 -34.73 -25.42
C LYS A 120 -11.94 -35.27 -24.91
N ARG A 121 -12.45 -34.67 -23.83
CA ARG A 121 -13.74 -35.08 -23.29
C ARG A 121 -14.86 -34.88 -24.30
N VAL A 122 -14.82 -33.78 -25.05
CA VAL A 122 -15.83 -33.52 -26.06
C VAL A 122 -15.73 -34.53 -27.18
N VAL A 123 -14.49 -34.87 -27.57
CA VAL A 123 -14.29 -35.83 -28.66
C VAL A 123 -14.76 -37.22 -28.25
N LEU A 124 -14.42 -37.64 -27.02
CA LEU A 124 -14.91 -38.93 -26.53
C LEU A 124 -16.44 -39.00 -26.56
N SER A 125 -17.12 -37.92 -26.18
CA SER A 125 -18.58 -37.91 -26.27
C SER A 125 -19.04 -38.04 -27.72
N LEU A 126 -18.39 -37.31 -28.62
CA LEU A 126 -18.73 -37.39 -30.04
C LEU A 126 -18.51 -38.81 -30.59
N VAL A 127 -17.44 -39.47 -30.17
CA VAL A 127 -17.16 -40.81 -30.66
C VAL A 127 -18.18 -41.83 -30.16
N THR A 128 -18.72 -41.65 -28.95
CA THR A 128 -19.76 -42.60 -28.53
C THR A 128 -21.01 -42.47 -29.39
N MET A 129 -21.25 -41.30 -30.00
CA MET A 129 -22.33 -41.21 -30.96
C MET A 129 -21.97 -41.87 -32.30
N LEU A 130 -20.69 -42.06 -32.58
CA LEU A 130 -20.32 -42.73 -33.80
C LEU A 130 -20.28 -44.25 -33.64
N HIS A 131 -20.02 -44.74 -32.43
CA HIS A 131 -20.01 -46.18 -32.22
C HIS A 131 -21.44 -46.71 -32.10
N ASP A 132 -21.62 -47.93 -32.61
CA ASP A 132 -22.89 -48.64 -32.58
C ASP A 132 -23.99 -47.93 -33.35
N ASN A 133 -23.60 -47.09 -34.31
CA ASN A 133 -24.53 -46.45 -35.24
C ASN A 133 -23.88 -46.50 -36.62
N LYS A 134 -24.42 -47.33 -37.51
CA LYS A 134 -23.91 -47.39 -38.88
C LYS A 134 -24.26 -46.08 -39.59
N LEU A 135 -23.29 -45.20 -39.74
CA LEU A 135 -23.45 -43.88 -40.34
C LEU A 135 -22.55 -43.75 -41.56
N SER A 136 -23.06 -43.11 -42.61
CA SER A 136 -22.20 -42.84 -43.76
C SER A 136 -21.53 -41.47 -43.67
N LYS A 137 -22.05 -40.56 -42.84
CA LYS A 137 -21.54 -39.21 -42.78
C LYS A 137 -21.71 -38.65 -41.37
N LEU A 138 -20.73 -37.84 -40.95
CA LEU A 138 -20.85 -37.00 -39.77
C LEU A 138 -20.64 -35.55 -40.16
N THR A 139 -21.49 -34.67 -39.67
CA THR A 139 -21.26 -33.25 -39.82
C THR A 139 -21.12 -32.64 -38.42
N VAL A 140 -20.09 -31.84 -38.23
CA VAL A 140 -19.82 -31.20 -36.96
C VAL A 140 -19.88 -29.69 -37.16
N VAL A 141 -20.71 -29.03 -36.35
CA VAL A 141 -20.89 -27.59 -36.42
C VAL A 141 -20.24 -26.95 -35.19
N PHE A 142 -19.21 -26.14 -35.41
CA PHE A 142 -18.51 -25.48 -34.32
C PHE A 142 -19.25 -24.21 -33.93
N GLU A 143 -19.94 -24.24 -32.81
CA GLU A 143 -20.49 -23.02 -32.22
C GLU A 143 -19.70 -22.66 -30.97
N ILE A 144 -18.39 -22.92 -31.04
CA ILE A 144 -17.43 -22.58 -29.99
C ILE A 144 -16.18 -22.05 -30.67
N ASN A 145 -15.41 -21.27 -29.91
CA ASN A 145 -14.20 -20.62 -30.42
C ASN A 145 -13.00 -21.54 -30.24
N VAL A 146 -12.34 -21.88 -31.34
CA VAL A 146 -11.12 -22.68 -31.31
C VAL A 146 -10.10 -22.03 -32.22
N ASP A 147 -8.85 -21.98 -31.78
CA ASP A 147 -7.83 -21.52 -32.69
C ASP A 147 -7.42 -22.66 -33.62
N LYS A 148 -6.45 -22.38 -34.49
CA LYS A 148 -6.12 -23.31 -35.55
C LYS A 148 -5.55 -24.62 -35.00
N ASN A 149 -4.65 -24.52 -34.02
CA ASN A 149 -4.04 -25.72 -33.44
C ASN A 149 -5.07 -26.55 -32.68
N LEU A 150 -6.01 -25.90 -32.00
CA LEU A 150 -7.04 -26.65 -31.27
C LEU A 150 -8.05 -27.28 -32.23
N PHE A 151 -8.29 -26.66 -33.38
CA PHE A 151 -9.07 -27.30 -34.43
C PHE A 151 -8.35 -28.53 -34.96
N ARG A 152 -7.06 -28.42 -35.23
CA ARG A 152 -6.30 -29.59 -35.67
C ARG A 152 -6.33 -30.68 -34.60
N PHE A 153 -6.09 -30.29 -33.33
CA PHE A 153 -6.12 -31.25 -32.22
C PHE A 153 -7.44 -32.00 -32.18
N PHE A 154 -8.56 -31.26 -32.28
CA PHE A 154 -9.87 -31.89 -32.34
C PHE A 154 -9.93 -33.00 -33.40
N LEU A 155 -9.47 -32.70 -34.62
CA LEU A 155 -9.53 -33.67 -35.71
C LEU A 155 -8.59 -34.86 -35.47
N GLU A 156 -7.34 -34.58 -35.07
CA GLU A 156 -6.41 -35.65 -34.74
C GLU A 156 -6.99 -36.60 -33.70
N THR A 157 -7.59 -36.02 -32.65
CA THR A 157 -8.11 -36.83 -31.56
C THR A 157 -9.32 -37.62 -32.01
N LEU A 158 -10.20 -36.99 -32.79
CA LEU A 158 -11.34 -37.69 -33.36
C LEU A 158 -10.88 -38.87 -34.19
N PHE A 159 -9.97 -38.63 -35.14
CA PHE A 159 -9.44 -39.72 -35.96
C PHE A 159 -8.85 -40.82 -35.09
N TYR A 160 -8.01 -40.45 -34.12
CA TYR A 160 -7.34 -41.43 -33.28
C TYR A 160 -8.32 -42.26 -32.45
N GLU A 161 -9.29 -41.61 -31.81
CA GLU A 161 -10.18 -42.33 -30.90
C GLU A 161 -11.27 -43.11 -31.63
N TYR A 162 -11.59 -42.73 -32.86
CA TYR A 162 -12.59 -43.45 -33.66
C TYR A 162 -12.04 -44.78 -34.15
N MET A 163 -10.75 -44.79 -34.49
CA MET A 163 -10.08 -45.97 -35.03
C MET A 163 -10.03 -47.11 -33.99
N THR A 164 -10.36 -48.33 -34.42
CA THR A 164 -10.32 -49.51 -33.55
C THR A 164 -9.33 -50.53 -34.11
N ASP A 165 -8.31 -50.87 -33.32
CA ASP A 165 -7.21 -51.73 -33.75
C ASP A 165 -7.60 -53.19 -33.55
N GLU A 166 -7.88 -53.89 -34.65
CA GLU A 166 -8.28 -55.30 -34.60
C GLU A 166 -7.21 -56.23 -35.16
N ARG A 167 -5.95 -55.80 -35.24
CA ARG A 167 -4.89 -56.62 -35.83
C ARG A 167 -4.72 -57.97 -35.13
N PHE A 168 -5.02 -58.05 -33.84
CA PHE A 168 -4.79 -59.27 -33.08
C PHE A 168 -6.09 -60.00 -32.75
N LYS A 169 -7.22 -59.49 -33.25
CA LYS A 169 -8.49 -60.19 -33.18
C LYS A 169 -8.51 -61.30 -34.22
N SER A 170 -9.14 -62.42 -33.86
CA SER A 170 -9.26 -63.50 -34.81
C SER A 170 -10.70 -64.00 -34.83
N THR A 171 -11.16 -64.63 -33.76
CA THR A 171 -12.53 -65.08 -33.64
C THR A 171 -13.46 -64.03 -33.06
N ASP A 172 -12.95 -62.85 -32.70
CA ASP A 172 -13.69 -61.86 -31.91
C ASP A 172 -13.69 -60.48 -32.60
N LYS A 173 -13.73 -60.46 -33.91
CA LYS A 173 -13.85 -59.20 -34.62
C LYS A 173 -15.25 -58.62 -34.43
N ASN A 174 -15.34 -57.29 -34.38
CA ASN A 174 -16.61 -56.61 -34.23
C ASN A 174 -17.41 -56.78 -35.52
N VAL A 175 -18.57 -57.44 -35.41
CA VAL A 175 -19.39 -57.73 -36.59
C VAL A 175 -19.95 -56.45 -37.21
N ASN A 176 -20.21 -55.43 -36.40
CA ASN A 176 -20.98 -54.26 -36.80
C ASN A 176 -20.12 -53.03 -37.13
N MET A 177 -18.80 -53.20 -37.29
CA MET A 177 -17.91 -52.06 -37.46
C MET A 177 -17.99 -51.51 -38.88
N GLU A 178 -18.50 -50.29 -39.01
CA GLU A 178 -18.48 -49.54 -40.25
C GLU A 178 -18.10 -48.11 -39.93
N TYR A 179 -17.21 -47.53 -40.74
CA TYR A 179 -16.81 -46.17 -40.53
C TYR A 179 -17.58 -45.25 -41.48
N ILE A 180 -17.79 -44.01 -41.05
CA ILE A 180 -18.28 -43.00 -41.97
C ILE A 180 -17.33 -42.87 -43.16
N LYS A 181 -17.86 -42.43 -44.29
CA LYS A 181 -17.04 -42.10 -45.45
C LYS A 181 -16.87 -40.60 -45.66
N HIS A 182 -17.64 -39.77 -44.95
CA HIS A 182 -17.68 -38.34 -45.20
C HIS A 182 -17.74 -37.60 -43.88
N LEU A 183 -16.96 -36.53 -43.77
CA LEU A 183 -16.95 -35.69 -42.58
C LEU A 183 -17.08 -34.24 -43.01
N GLY A 184 -18.17 -33.60 -42.61
CA GLY A 184 -18.37 -32.19 -42.87
C GLY A 184 -18.09 -31.38 -41.61
N VAL A 185 -17.45 -30.23 -41.80
CA VAL A 185 -17.11 -29.33 -40.69
C VAL A 185 -17.59 -27.93 -41.06
N TYR A 186 -18.45 -27.37 -40.22
CA TYR A 186 -18.92 -26.00 -40.36
C TYR A 186 -18.23 -25.15 -39.30
N ILE A 187 -17.57 -24.08 -39.72
CA ILE A 187 -16.83 -23.25 -38.78
C ILE A 187 -16.71 -21.85 -39.37
N ASN A 188 -16.65 -20.86 -38.50
CA ASN A 188 -16.43 -19.49 -38.97
C ASN A 188 -15.03 -19.37 -39.54
N ASN A 189 -14.90 -18.52 -40.57
CA ASN A 189 -13.62 -18.29 -41.27
C ASN A 189 -12.99 -19.62 -41.68
N ALA A 190 -13.78 -20.44 -42.37
CA ALA A 190 -13.34 -21.79 -42.71
C ALA A 190 -12.04 -21.80 -43.51
N ASP A 191 -11.82 -20.79 -44.34
CA ASP A 191 -10.64 -20.78 -45.21
C ASP A 191 -9.36 -20.82 -44.39
N THR A 192 -9.35 -20.14 -43.23
CA THR A 192 -8.16 -20.19 -42.39
C THR A 192 -7.95 -21.54 -41.73
N TYR A 193 -9.01 -22.37 -41.63
CA TYR A 193 -8.89 -23.66 -40.95
C TYR A 193 -8.63 -24.83 -41.90
N LYS A 194 -8.88 -24.66 -43.20
CA LYS A 194 -8.77 -25.77 -44.15
C LYS A 194 -7.36 -26.37 -44.16
N GLU A 195 -6.34 -25.53 -44.01
CA GLU A 195 -4.98 -26.03 -44.02
C GLU A 195 -4.69 -27.00 -42.88
N GLU A 196 -5.53 -27.00 -41.86
CA GLU A 196 -5.30 -27.92 -40.75
C GLU A 196 -5.75 -29.33 -41.05
N VAL A 197 -6.62 -29.52 -42.05
CA VAL A 197 -7.22 -30.84 -42.22
C VAL A 197 -6.18 -31.88 -42.63
N GLU A 198 -5.40 -31.60 -43.67
CA GLU A 198 -4.42 -32.60 -44.09
C GLU A 198 -3.32 -32.76 -43.05
N LYS A 199 -2.95 -31.68 -42.36
CA LYS A 199 -1.96 -31.79 -41.30
C LYS A 199 -2.47 -32.69 -40.19
N ALA A 200 -3.74 -32.52 -39.79
CA ALA A 200 -4.38 -33.37 -38.79
C ALA A 200 -4.32 -34.84 -39.17
N ARG A 201 -4.57 -35.15 -40.44
CA ARG A 201 -4.58 -36.53 -40.89
C ARG A 201 -3.19 -37.14 -40.86
N VAL A 202 -2.17 -36.34 -41.18
CA VAL A 202 -0.79 -36.80 -41.05
C VAL A 202 -0.45 -37.02 -39.57
N TYR A 203 -0.78 -36.06 -38.71
CA TYR A 203 -0.50 -36.20 -37.28
C TYR A 203 -1.24 -37.40 -36.69
N TYR A 204 -2.49 -37.63 -37.12
CA TYR A 204 -3.22 -38.82 -36.68
C TYR A 204 -2.46 -40.10 -37.01
N PHE A 205 -1.97 -40.25 -38.25
CA PHE A 205 -1.37 -41.53 -38.56
C PHE A 205 -0.01 -41.70 -37.87
N GLY A 206 0.79 -40.64 -37.78
CA GLY A 206 2.02 -40.77 -37.02
C GLY A 206 1.77 -41.25 -35.61
N THR A 207 0.75 -40.68 -34.96
CA THR A 207 0.35 -41.11 -33.63
C THR A 207 -0.22 -42.52 -33.64
N TYR A 208 -1.10 -42.81 -34.60
CA TYR A 208 -1.70 -44.15 -34.67
C TYR A 208 -0.64 -45.21 -34.99
N TYR A 209 0.30 -44.87 -35.88
CA TYR A 209 1.35 -45.81 -36.23
C TYR A 209 2.23 -46.12 -35.02
N ALA A 210 2.66 -45.09 -34.28
CA ALA A 210 3.42 -45.34 -33.04
C ALA A 210 2.60 -46.15 -32.04
N SER A 211 1.30 -45.87 -31.95
CA SER A 211 0.43 -46.66 -31.09
C SER A 211 0.40 -48.13 -31.53
N GLN A 212 0.37 -48.39 -32.84
CA GLN A 212 0.34 -49.78 -33.32
C GLN A 212 1.63 -50.53 -32.92
N LEU A 213 2.77 -49.83 -32.91
CA LEU A 213 4.02 -50.45 -32.47
C LEU A 213 4.03 -50.70 -30.98
N ILE A 214 3.57 -49.72 -30.20
CA ILE A 214 3.54 -49.91 -28.73
C ILE A 214 2.60 -51.04 -28.35
N ALA A 215 1.36 -51.02 -28.87
CA ALA A 215 0.40 -52.05 -28.48
C ALA A 215 0.78 -53.44 -28.97
N ALA A 216 1.58 -53.53 -30.02
CA ALA A 216 2.01 -54.84 -30.51
C ALA A 216 2.80 -55.55 -29.42
N PRO A 217 2.47 -56.80 -29.11
CA PRO A 217 3.13 -57.49 -28.00
C PRO A 217 4.56 -57.88 -28.33
N SER A 218 5.31 -58.21 -27.29
CA SER A 218 6.75 -58.40 -27.42
C SER A 218 7.13 -59.64 -28.22
N ASN A 219 6.26 -60.64 -28.33
CA ASN A 219 6.54 -61.74 -29.23
C ASN A 219 6.32 -61.34 -30.69
N TYR A 220 5.63 -60.24 -30.95
CA TYR A 220 5.52 -59.70 -32.30
C TYR A 220 6.51 -58.60 -32.58
N CYS A 221 6.69 -57.69 -31.61
CA CYS A 221 7.58 -56.54 -31.72
C CYS A 221 8.78 -56.81 -30.81
N ASN A 222 9.86 -57.25 -31.43
CA ASN A 222 11.13 -57.60 -30.80
C ASN A 222 12.20 -56.77 -31.50
N PRO A 223 13.47 -56.80 -31.08
CA PRO A 223 14.44 -55.89 -31.72
C PRO A 223 14.61 -56.11 -33.22
N VAL A 224 14.48 -57.34 -33.71
CA VAL A 224 14.65 -57.57 -35.14
C VAL A 224 13.43 -57.10 -35.91
N SER A 225 12.24 -57.48 -35.45
CA SER A 225 11.03 -57.12 -36.18
C SER A 225 10.73 -55.63 -36.11
N LEU A 226 11.12 -54.97 -35.00
CA LEU A 226 10.91 -53.53 -34.91
C LEU A 226 11.83 -52.78 -35.87
N SER A 227 13.09 -53.20 -35.98
CA SER A 227 13.96 -52.51 -36.91
C SER A 227 13.61 -52.83 -38.36
N ASN A 228 13.01 -54.00 -38.61
CA ASN A 228 12.50 -54.27 -39.96
C ASN A 228 11.32 -53.35 -40.29
N ALA A 229 10.48 -53.04 -39.30
CA ALA A 229 9.38 -52.13 -39.53
C ALA A 229 9.90 -50.73 -39.86
N ALA A 230 10.97 -50.31 -39.20
CA ALA A 230 11.54 -49.01 -39.46
C ALA A 230 12.17 -48.96 -40.83
N VAL A 231 12.73 -50.07 -41.31
CA VAL A 231 13.26 -50.14 -42.67
C VAL A 231 12.14 -49.98 -43.67
N GLU A 232 11.04 -50.71 -43.46
CA GLU A 232 9.91 -50.62 -44.36
C GLU A 232 9.35 -49.21 -44.39
N LEU A 233 9.22 -48.58 -43.23
CA LEU A 233 8.73 -47.21 -43.18
C LEU A 233 9.64 -46.29 -43.96
N ALA A 234 10.96 -46.44 -43.80
CA ALA A 234 11.87 -45.56 -44.50
C ALA A 234 11.81 -45.78 -46.00
N GLN A 235 11.56 -47.03 -46.43
CA GLN A 235 11.43 -47.29 -47.86
C GLN A 235 10.18 -46.63 -48.44
N LYS A 236 9.07 -46.67 -47.71
CA LYS A 236 7.85 -46.02 -48.19
C LYS A 236 7.99 -44.51 -48.26
N LEU A 237 8.80 -43.89 -47.40
CA LEU A 237 8.90 -42.44 -47.35
C LEU A 237 10.14 -41.88 -48.04
N ASN A 238 10.99 -42.74 -48.59
CA ASN A 238 12.25 -42.30 -49.21
C ASN A 238 13.17 -41.62 -48.20
N LEU A 239 13.26 -42.18 -47.00
CA LEU A 239 14.22 -41.73 -46.01
C LEU A 239 15.48 -42.56 -46.13
N GLU A 240 16.61 -41.94 -45.82
CA GLU A 240 17.82 -42.75 -45.69
C GLU A 240 17.70 -43.59 -44.43
N TYR A 241 18.36 -44.75 -44.45
CA TYR A 241 18.27 -45.62 -43.27
C TYR A 241 19.50 -46.48 -43.19
N LYS A 242 19.80 -46.89 -41.97
CA LYS A 242 20.92 -47.75 -41.66
C LYS A 242 20.58 -48.46 -40.36
N ILE A 243 20.65 -49.80 -40.39
CA ILE A 243 20.44 -50.63 -39.21
C ILE A 243 21.80 -51.20 -38.83
N LEU A 244 22.26 -50.90 -37.62
CA LEU A 244 23.53 -51.41 -37.11
C LEU A 244 23.26 -52.70 -36.34
N GLY A 245 24.02 -53.75 -36.67
CA GLY A 245 23.99 -55.00 -35.95
C GLY A 245 25.13 -55.10 -34.95
N VAL A 246 25.19 -56.25 -34.26
CA VAL A 246 26.08 -56.34 -33.10
C VAL A 246 27.52 -56.11 -33.49
N LYS A 247 27.92 -56.70 -34.62
CA LYS A 247 29.29 -56.59 -35.11
C LYS A 247 29.63 -55.11 -35.13
N GLU A 248 28.92 -54.36 -35.95
CA GLU A 248 29.13 -52.92 -36.04
C GLU A 248 29.05 -52.24 -34.67
N LEU A 249 28.13 -52.69 -33.80
CA LEU A 249 28.04 -52.12 -32.46
C LEU A 249 29.27 -52.47 -31.62
N GLU A 250 29.81 -53.69 -31.80
CA GLU A 250 31.07 -54.04 -31.15
C GLU A 250 32.19 -53.15 -31.63
N GLU A 251 32.26 -52.94 -32.95
CA GLU A 251 33.32 -52.10 -33.50
C GLU A 251 33.23 -50.67 -32.98
N LEU A 252 32.02 -50.18 -32.73
CA LEU A 252 31.83 -48.85 -32.17
C LEU A 252 31.93 -48.83 -30.64
N LYS A 253 32.23 -49.98 -30.02
CA LYS A 253 32.47 -50.05 -28.59
C LYS A 253 31.28 -49.57 -27.78
N MET A 254 30.05 -49.82 -28.29
CA MET A 254 28.82 -49.53 -27.56
C MET A 254 28.57 -50.55 -26.43
N GLY A 255 29.42 -50.56 -25.41
CA GLY A 255 29.36 -51.61 -24.43
C GLY A 255 28.17 -51.51 -23.47
N ALA A 256 27.67 -50.30 -23.24
CA ALA A 256 26.54 -50.18 -22.33
C ALA A 256 25.24 -50.65 -22.99
N TYR A 257 25.06 -50.32 -24.26
CA TYR A 257 23.91 -50.81 -25.02
C TYR A 257 24.00 -52.32 -25.24
N LEU A 258 25.19 -52.82 -25.60
CA LEU A 258 25.31 -54.24 -25.89
C LEU A 258 25.10 -55.09 -24.64
N SER A 259 25.52 -54.61 -23.46
CA SER A 259 25.37 -55.38 -22.22
C SER A 259 23.91 -55.59 -21.86
N VAL A 260 23.03 -54.66 -22.22
CA VAL A 260 21.62 -54.76 -21.87
C VAL A 260 20.94 -55.88 -22.64
N GLY A 261 21.34 -56.08 -23.90
CA GLY A 261 20.79 -57.09 -24.77
C GLY A 261 21.44 -58.45 -24.73
N LYS A 262 22.50 -58.63 -23.92
CA LYS A 262 23.23 -59.90 -23.88
C LYS A 262 22.33 -61.09 -23.60
N GLY A 263 21.34 -60.89 -22.73
CA GLY A 263 20.47 -61.99 -22.35
C GLY A 263 19.34 -62.29 -23.31
N SER A 264 19.24 -61.58 -24.43
CA SER A 264 18.09 -61.78 -25.30
C SER A 264 18.43 -62.75 -26.42
N MET A 265 17.41 -63.49 -26.87
CA MET A 265 17.53 -64.28 -28.09
C MET A 265 17.51 -63.43 -29.35
N TYR A 266 17.14 -62.14 -29.25
CA TYR A 266 17.10 -61.24 -30.40
C TYR A 266 18.33 -60.37 -30.39
N PRO A 267 19.15 -60.37 -31.45
CA PRO A 267 20.29 -59.46 -31.51
C PRO A 267 19.86 -58.00 -31.46
N ASN A 268 20.64 -57.21 -30.72
CA ASN A 268 20.52 -55.75 -30.78
C ASN A 268 20.48 -55.24 -32.22
N LYS A 269 19.61 -54.25 -32.47
CA LYS A 269 19.56 -53.53 -33.73
C LYS A 269 19.44 -52.04 -33.44
N PHE A 270 20.40 -51.26 -33.92
CA PHE A 270 20.38 -49.81 -33.76
C PHE A 270 19.81 -49.19 -35.03
N ILE A 271 18.68 -48.49 -34.89
CA ILE A 271 17.96 -47.87 -35.99
C ILE A 271 18.50 -46.46 -36.20
N HIS A 272 18.81 -46.12 -37.45
CA HIS A 272 19.25 -44.76 -37.81
C HIS A 272 18.54 -44.38 -39.11
N LEU A 273 17.52 -43.55 -39.01
CA LEU A 273 16.84 -42.96 -40.16
C LEU A 273 17.26 -41.51 -40.33
N THR A 274 17.38 -41.07 -41.58
CA THR A 274 17.72 -39.68 -41.86
C THR A 274 16.72 -39.09 -42.84
N TYR A 275 16.28 -37.88 -42.54
CA TYR A 275 15.59 -37.00 -43.48
C TYR A 275 16.46 -35.79 -43.73
N LYS A 276 16.67 -35.44 -45.00
CA LYS A 276 17.40 -34.22 -45.33
C LYS A 276 16.60 -33.41 -46.33
N SER A 277 16.44 -32.12 -46.06
CA SER A 277 15.78 -31.25 -47.01
C SER A 277 16.65 -31.08 -48.25
N LYS A 278 16.00 -30.80 -49.39
CA LYS A 278 16.74 -30.65 -50.64
C LYS A 278 17.49 -29.31 -50.71
N GLY A 279 16.97 -28.26 -50.06
CA GLY A 279 17.62 -26.97 -50.10
C GLY A 279 18.88 -26.86 -49.25
N ASP A 280 19.18 -25.66 -48.76
CA ASP A 280 20.32 -25.48 -47.87
C ASP A 280 19.94 -25.89 -46.46
N VAL A 281 20.75 -26.74 -45.84
CA VAL A 281 20.44 -27.28 -44.52
C VAL A 281 20.87 -26.27 -43.46
N LYS A 282 19.90 -25.76 -42.71
CA LYS A 282 20.19 -24.73 -41.73
C LYS A 282 20.09 -25.22 -40.29
N LYS A 283 19.64 -26.45 -40.07
CA LYS A 283 19.49 -26.97 -38.72
C LYS A 283 19.61 -28.48 -38.78
N LYS A 284 20.42 -29.05 -37.89
CA LYS A 284 20.58 -30.49 -37.79
C LYS A 284 20.10 -30.94 -36.41
N ILE A 285 19.25 -31.95 -36.38
CA ILE A 285 18.61 -32.41 -35.16
C ILE A 285 18.71 -33.92 -35.09
N ALA A 286 19.00 -34.44 -33.89
CA ALA A 286 18.88 -35.87 -33.64
C ALA A 286 17.76 -36.10 -32.63
N LEU A 287 16.85 -37.00 -32.96
CA LEU A 287 15.77 -37.46 -32.08
C LEU A 287 16.07 -38.89 -31.67
N VAL A 288 16.16 -39.12 -30.37
CA VAL A 288 16.56 -40.40 -29.79
C VAL A 288 15.39 -40.96 -28.97
N GLY A 289 14.94 -42.18 -29.33
CA GLY A 289 13.89 -42.86 -28.59
C GLY A 289 14.41 -44.11 -27.93
N LYS A 290 14.12 -44.28 -26.64
CA LYS A 290 14.37 -45.52 -25.94
C LYS A 290 13.59 -46.66 -26.58
N GLY A 291 14.29 -47.73 -26.92
CA GLY A 291 13.68 -48.83 -27.63
C GLY A 291 13.80 -50.19 -26.98
N ILE A 292 13.29 -50.36 -25.76
CA ILE A 292 13.33 -51.64 -25.07
C ILE A 292 12.02 -52.38 -25.35
N THR A 293 12.09 -53.43 -26.16
CA THR A 293 10.87 -54.02 -26.70
C THR A 293 10.13 -54.87 -25.69
N PHE A 294 10.85 -55.47 -24.73
CA PHE A 294 10.26 -55.95 -23.50
C PHE A 294 11.26 -55.73 -22.36
N ASP A 295 10.77 -55.31 -21.20
CA ASP A 295 11.63 -55.07 -20.05
C ASP A 295 11.24 -55.98 -18.90
N SER A 296 11.92 -57.13 -18.75
CA SER A 296 11.66 -57.96 -17.58
C SER A 296 12.24 -57.37 -16.30
N GLY A 297 13.12 -56.37 -16.42
CA GLY A 297 13.99 -55.96 -15.33
C GLY A 297 15.34 -56.65 -15.32
N GLY A 298 15.49 -57.77 -16.02
CA GLY A 298 16.72 -58.53 -15.92
C GLY A 298 16.80 -59.26 -14.60
N TYR A 299 18.03 -59.47 -14.11
CA TYR A 299 18.18 -60.15 -12.83
C TYR A 299 17.58 -59.34 -11.67
N ASN A 300 17.43 -58.02 -11.82
CA ASN A 300 16.57 -57.22 -10.93
C ASN A 300 15.14 -57.34 -11.43
N LEU A 301 14.66 -58.58 -11.44
CA LEU A 301 13.41 -58.91 -12.10
C LEU A 301 12.29 -58.07 -11.50
N LYS A 302 11.38 -57.61 -12.37
CA LYS A 302 10.19 -56.89 -11.92
C LYS A 302 9.23 -57.85 -11.21
N ALA A 303 9.52 -58.09 -9.93
CA ALA A 303 8.69 -58.98 -9.11
C ALA A 303 8.00 -58.25 -7.97
N ALA A 304 8.32 -56.99 -7.74
CA ALA A 304 7.73 -56.28 -6.62
C ALA A 304 6.27 -55.95 -6.94
N PRO A 305 5.38 -55.98 -5.96
CA PRO A 305 3.96 -55.66 -6.24
C PRO A 305 3.85 -54.27 -6.87
N GLY A 306 2.96 -54.15 -7.85
CA GLY A 306 2.82 -52.93 -8.59
C GLY A 306 3.91 -52.66 -9.63
N SER A 307 4.83 -53.60 -9.88
CA SER A 307 5.84 -53.33 -10.90
C SER A 307 5.34 -53.56 -12.32
N MET A 308 4.15 -54.19 -12.47
CA MET A 308 3.40 -54.21 -13.73
C MET A 308 4.22 -54.78 -14.89
N ILE A 309 4.80 -55.96 -14.68
CA ILE A 309 5.66 -56.53 -15.71
C ILE A 309 4.86 -56.83 -16.98
N ASP A 310 3.55 -56.99 -16.87
CA ASP A 310 2.80 -57.30 -18.08
C ASP A 310 2.60 -56.07 -18.97
N LEU A 311 2.85 -54.86 -18.47
CA LEU A 311 2.76 -53.66 -19.29
C LEU A 311 4.00 -53.41 -20.15
N MET A 312 5.08 -54.16 -19.95
CA MET A 312 6.40 -53.71 -20.34
C MET A 312 6.71 -53.87 -21.83
N LYS A 313 5.79 -54.38 -22.64
CA LYS A 313 5.87 -54.14 -24.07
C LYS A 313 5.89 -52.64 -24.41
N PHE A 314 5.53 -51.76 -23.45
CA PHE A 314 5.43 -50.33 -23.70
C PHE A 314 6.77 -49.59 -23.56
N ASP A 315 7.85 -50.29 -23.20
CA ASP A 315 9.14 -49.67 -22.95
C ASP A 315 9.87 -49.28 -24.25
N MET A 316 9.20 -49.38 -25.41
CA MET A 316 9.73 -48.82 -26.65
C MET A 316 8.82 -47.70 -27.15
N SER A 317 7.97 -47.15 -26.27
CA SER A 317 7.14 -46.01 -26.59
C SER A 317 7.95 -44.84 -27.15
N GLY A 318 9.16 -44.64 -26.62
CA GLY A 318 9.99 -43.56 -27.14
C GLY A 318 10.42 -43.79 -28.58
N CYS A 319 11.00 -44.96 -28.85
CA CYS A 319 11.26 -45.35 -30.24
C CYS A 319 10.02 -45.19 -31.11
N ALA A 320 8.85 -45.66 -30.64
CA ALA A 320 7.63 -45.51 -31.42
C ALA A 320 7.35 -44.04 -31.74
N ALA A 321 7.48 -43.15 -30.74
CA ALA A 321 7.26 -41.74 -30.98
C ALA A 321 8.21 -41.19 -32.04
N VAL A 322 9.49 -41.58 -31.98
CA VAL A 322 10.48 -41.07 -32.91
C VAL A 322 10.20 -41.55 -34.34
N LEU A 323 9.77 -42.81 -34.48
CA LEU A 323 9.39 -43.36 -35.78
C LEU A 323 8.10 -42.73 -36.29
N GLY A 324 7.14 -42.47 -35.41
CA GLY A 324 5.93 -41.79 -35.85
C GLY A 324 6.22 -40.38 -36.30
N CYS A 325 7.12 -39.70 -35.58
CA CYS A 325 7.65 -38.41 -36.06
C CYS A 325 8.29 -38.57 -37.45
N ALA A 326 9.04 -39.65 -37.68
CA ALA A 326 9.66 -39.83 -38.98
C ALA A 326 8.60 -39.95 -40.07
N TYR A 327 7.47 -40.57 -39.75
CA TYR A 327 6.37 -40.60 -40.71
C TYR A 327 5.84 -39.19 -40.99
N CYS A 328 5.64 -38.39 -39.95
CA CYS A 328 5.07 -37.05 -40.19
C CYS A 328 6.06 -36.17 -40.94
N VAL A 329 7.34 -36.22 -40.55
CA VAL A 329 8.36 -35.42 -41.20
C VAL A 329 8.57 -35.88 -42.64
N GLY A 330 8.66 -37.19 -42.86
CA GLY A 330 8.84 -37.69 -44.21
C GLY A 330 7.67 -37.40 -45.12
N THR A 331 6.46 -37.30 -44.55
CA THR A 331 5.27 -37.00 -45.34
C THR A 331 5.15 -35.52 -45.61
N LEU A 332 5.36 -34.68 -44.60
CA LEU A 332 5.16 -33.24 -44.70
C LEU A 332 6.36 -32.51 -45.31
N LYS A 333 7.51 -33.17 -45.37
CA LYS A 333 8.76 -32.71 -45.97
C LYS A 333 9.10 -31.26 -45.60
N PRO A 334 9.49 -31.01 -44.36
CA PRO A 334 9.93 -29.65 -44.00
C PRO A 334 11.21 -29.25 -44.73
N GLU A 335 11.42 -27.94 -44.85
CA GLU A 335 12.59 -27.41 -45.55
C GLU A 335 13.67 -26.97 -44.55
N ASN A 336 14.89 -26.88 -45.09
CA ASN A 336 16.06 -26.31 -44.41
C ASN A 336 16.52 -27.10 -43.19
N VAL A 337 16.23 -28.39 -43.12
CA VAL A 337 16.53 -29.13 -41.90
C VAL A 337 17.01 -30.54 -42.25
N GLU A 338 17.84 -31.09 -41.37
CA GLU A 338 18.27 -32.48 -41.47
C GLU A 338 17.97 -33.13 -40.12
N ILE A 339 17.17 -34.20 -40.14
CA ILE A 339 16.75 -34.87 -38.90
C ILE A 339 17.26 -36.30 -38.91
N HIS A 340 17.88 -36.71 -37.81
CA HIS A 340 18.29 -38.08 -37.59
C HIS A 340 17.37 -38.71 -36.55
N PHE A 341 16.76 -39.83 -36.92
CA PHE A 341 15.87 -40.58 -36.04
C PHE A 341 16.60 -41.82 -35.56
N LEU A 342 16.84 -41.90 -34.24
CA LEU A 342 17.74 -42.90 -33.66
C LEU A 342 17.01 -43.71 -32.58
N SER A 343 17.31 -45.02 -32.54
CA SER A 343 16.88 -45.85 -31.42
C SER A 343 17.79 -47.05 -31.25
N ALA A 344 18.32 -47.21 -30.04
CA ALA A 344 19.15 -48.35 -29.67
C ALA A 344 18.21 -49.44 -29.16
N VAL A 345 17.70 -50.27 -30.08
CA VAL A 345 16.66 -51.24 -29.77
C VAL A 345 17.27 -52.51 -29.20
N CYS A 346 16.68 -53.04 -28.12
CA CYS A 346 17.07 -54.31 -27.54
C CYS A 346 15.98 -54.77 -26.58
N GLU A 347 16.23 -55.89 -25.91
CA GLU A 347 15.29 -56.59 -25.03
C GLU A 347 16.02 -56.95 -23.74
N ASN A 348 15.37 -56.77 -22.58
CA ASN A 348 16.01 -56.90 -21.28
C ASN A 348 15.51 -58.16 -20.60
N MET A 349 16.31 -59.23 -20.64
CA MET A 349 15.84 -60.57 -20.34
C MET A 349 16.72 -61.25 -19.29
N VAL A 350 16.20 -62.35 -18.74
CA VAL A 350 16.90 -63.15 -17.74
C VAL A 350 17.38 -64.42 -18.40
N SER A 351 18.67 -64.72 -18.22
CA SER A 351 19.33 -65.76 -18.98
C SER A 351 20.70 -66.02 -18.35
N LYS A 352 21.31 -67.13 -18.75
CA LYS A 352 22.70 -67.36 -18.38
C LYS A 352 23.63 -66.30 -18.98
N ASN A 353 23.22 -65.66 -20.08
CA ASN A 353 24.04 -64.71 -20.79
C ASN A 353 23.77 -63.26 -20.41
N SER A 354 22.84 -63.00 -19.49
CA SER A 354 22.49 -61.63 -19.10
C SER A 354 23.63 -60.93 -18.37
N TYR A 355 23.68 -59.62 -18.53
CA TYR A 355 24.53 -58.84 -17.65
C TYR A 355 23.98 -58.86 -16.22
N ARG A 356 24.86 -58.60 -15.26
CA ARG A 356 24.62 -58.85 -13.86
C ARG A 356 24.63 -57.57 -13.04
N PRO A 357 23.81 -57.49 -12.00
CA PRO A 357 23.99 -56.43 -10.99
C PRO A 357 25.44 -56.41 -10.48
N GLY A 358 26.02 -55.22 -10.46
CA GLY A 358 27.41 -55.08 -10.11
C GLY A 358 28.40 -55.15 -11.26
N ASP A 359 27.97 -55.57 -12.45
CA ASP A 359 28.92 -55.59 -13.56
C ASP A 359 29.43 -54.18 -13.86
N ILE A 360 30.68 -54.08 -14.29
CA ILE A 360 31.24 -52.82 -14.75
C ILE A 360 31.44 -52.90 -16.25
N ILE A 361 30.90 -51.92 -16.97
CA ILE A 361 30.81 -51.94 -18.42
C ILE A 361 31.31 -50.63 -19.00
N THR A 362 31.84 -50.67 -20.22
CA THR A 362 32.41 -49.48 -20.84
C THR A 362 31.52 -49.02 -21.98
N ALA A 363 31.00 -47.80 -21.84
CA ALA A 363 30.26 -47.13 -22.90
C ALA A 363 31.22 -46.66 -23.98
N SER A 364 30.64 -46.22 -25.10
CA SER A 364 31.40 -45.87 -26.29
C SER A 364 32.23 -44.60 -26.14
N ASN A 365 32.00 -43.77 -25.14
CA ASN A 365 32.91 -42.65 -24.92
C ASN A 365 33.99 -43.01 -23.92
N GLY A 366 34.13 -44.30 -23.58
CA GLY A 366 35.17 -44.78 -22.72
C GLY A 366 34.87 -44.69 -21.24
N LYS A 367 33.72 -44.13 -20.86
CA LYS A 367 33.36 -44.07 -19.45
C LYS A 367 32.97 -45.45 -18.94
N THR A 368 33.57 -45.89 -17.84
CA THR A 368 33.17 -47.12 -17.21
C THR A 368 32.00 -46.85 -16.26
N ILE A 369 31.07 -47.80 -16.21
CA ILE A 369 29.82 -47.66 -15.47
C ILE A 369 29.65 -48.88 -14.56
N GLU A 370 29.40 -48.66 -13.28
CA GLU A 370 29.03 -49.73 -12.37
C GLU A 370 27.51 -49.91 -12.38
N VAL A 371 27.05 -51.11 -12.77
CA VAL A 371 25.63 -51.44 -12.84
C VAL A 371 25.13 -51.76 -11.42
N GLY A 372 24.24 -50.93 -10.91
CA GLY A 372 23.70 -51.20 -9.58
C GLY A 372 22.33 -51.86 -9.62
N ASN A 373 21.67 -51.84 -10.77
CA ASN A 373 20.34 -52.41 -10.91
C ASN A 373 20.08 -52.62 -12.39
N THR A 374 19.97 -53.89 -12.83
CA THR A 374 19.77 -54.20 -14.24
C THR A 374 18.44 -53.69 -14.79
N ASP A 375 17.52 -53.26 -13.93
CA ASP A 375 16.26 -52.69 -14.38
C ASP A 375 16.39 -51.22 -14.71
N ALA A 376 17.54 -50.60 -14.45
CA ALA A 376 17.75 -49.25 -14.96
C ALA A 376 18.48 -49.30 -16.29
N GLU A 377 17.93 -50.09 -17.23
CA GLU A 377 18.64 -50.40 -18.46
C GLU A 377 18.48 -49.33 -19.53
N GLY A 378 17.32 -48.64 -19.56
CA GLY A 378 17.09 -47.61 -20.57
C GLY A 378 18.16 -46.54 -20.56
N ARG A 379 18.58 -46.09 -19.38
CA ARG A 379 19.62 -45.08 -19.35
C ARG A 379 20.95 -45.60 -19.88
N LEU A 380 21.18 -46.93 -19.84
CA LEU A 380 22.40 -47.49 -20.42
C LEU A 380 22.33 -47.48 -21.94
N THR A 381 21.20 -47.85 -22.52
CA THR A 381 21.08 -47.83 -23.96
C THR A 381 21.12 -46.40 -24.48
N LEU A 382 20.53 -45.46 -23.74
CA LEU A 382 20.53 -44.08 -24.20
C LEU A 382 21.92 -43.46 -24.10
N ALA A 383 22.72 -43.87 -23.11
CA ALA A 383 24.08 -43.35 -22.99
C ALA A 383 24.86 -43.59 -24.28
N ASP A 384 24.84 -44.82 -24.79
CA ASP A 384 25.53 -45.08 -26.05
C ASP A 384 24.83 -44.40 -27.22
N ALA A 385 23.50 -44.31 -27.20
CA ALA A 385 22.81 -43.64 -28.31
C ALA A 385 23.07 -42.14 -28.31
N LEU A 386 23.23 -41.53 -27.13
CA LEU A 386 23.56 -40.12 -27.04
C LEU A 386 24.97 -39.82 -27.52
N VAL A 387 25.91 -40.73 -27.30
CA VAL A 387 27.27 -40.55 -27.80
C VAL A 387 27.28 -40.66 -29.33
N TYR A 388 26.53 -41.62 -29.87
CA TYR A 388 26.38 -41.75 -31.31
C TYR A 388 25.77 -40.49 -31.90
N ALA A 389 24.71 -39.97 -31.27
CA ALA A 389 24.04 -38.78 -31.76
C ALA A 389 24.98 -37.59 -31.81
N GLU A 390 25.82 -37.42 -30.78
CA GLU A 390 26.69 -36.24 -30.75
C GLU A 390 27.79 -36.33 -31.80
N LYS A 391 28.26 -37.52 -32.12
CA LYS A 391 29.23 -37.66 -33.20
C LYS A 391 28.65 -37.31 -34.56
N LEU A 392 27.33 -37.15 -34.68
CA LEU A 392 26.77 -36.73 -35.96
C LEU A 392 26.99 -35.25 -36.24
N GLY A 393 27.21 -34.44 -35.20
CA GLY A 393 27.44 -33.02 -35.41
C GLY A 393 26.16 -32.21 -35.56
N VAL A 394 25.25 -32.36 -34.60
CA VAL A 394 23.91 -31.77 -34.72
C VAL A 394 23.83 -30.54 -33.85
N ASP A 395 22.83 -29.70 -34.12
CA ASP A 395 22.57 -28.54 -33.30
C ASP A 395 21.80 -28.90 -32.03
N TYR A 396 20.84 -29.81 -32.13
CA TYR A 396 20.06 -30.27 -30.98
C TYR A 396 20.02 -31.78 -30.93
N ILE A 397 20.08 -32.32 -29.72
CA ILE A 397 19.72 -33.72 -29.43
C ILE A 397 18.55 -33.70 -28.46
N VAL A 398 17.44 -34.30 -28.88
CA VAL A 398 16.30 -34.52 -28.00
C VAL A 398 16.07 -36.01 -27.88
N ASP A 399 16.01 -36.51 -26.66
CA ASP A 399 15.64 -37.90 -26.47
C ASP A 399 14.27 -37.96 -25.83
N ILE A 400 13.57 -39.05 -26.10
CA ILE A 400 12.26 -39.30 -25.51
C ILE A 400 12.24 -40.76 -25.08
N ALA A 401 11.72 -41.03 -23.88
CA ALA A 401 11.96 -42.33 -23.25
C ALA A 401 10.97 -42.59 -22.12
N THR A 402 10.51 -43.83 -22.00
CA THR A 402 9.76 -44.24 -20.82
C THR A 402 10.77 -44.65 -19.73
N LEU A 403 11.39 -43.62 -19.15
CA LEU A 403 12.61 -43.88 -18.38
C LEU A 403 12.33 -44.33 -16.95
N THR A 404 11.55 -43.55 -16.19
CA THR A 404 11.48 -43.78 -14.75
C THR A 404 10.03 -43.84 -14.25
N GLY A 405 9.74 -44.85 -13.43
CA GLY A 405 8.41 -44.97 -12.85
C GLY A 405 8.08 -43.84 -11.89
N ALA A 406 9.09 -43.18 -11.33
CA ALA A 406 8.87 -42.04 -10.45
C ALA A 406 8.10 -40.92 -11.13
N MET A 407 8.01 -40.90 -12.46
CA MET A 407 7.22 -39.88 -13.15
C MET A 407 5.75 -39.96 -12.74
N LEU A 408 5.27 -41.16 -12.46
CA LEU A 408 3.89 -41.31 -12.02
C LEU A 408 3.63 -40.61 -10.70
N TYR A 409 4.68 -40.44 -9.89
CA TYR A 409 4.55 -39.77 -8.62
C TYR A 409 4.82 -38.27 -8.71
N SER A 410 5.42 -37.79 -9.79
CA SER A 410 5.74 -36.37 -9.95
C SER A 410 4.69 -35.65 -10.79
N LEU A 411 4.54 -36.04 -12.06
CA LEU A 411 3.59 -35.37 -12.92
C LEU A 411 2.36 -36.21 -13.25
N GLY A 412 2.40 -37.51 -13.01
CA GLY A 412 1.25 -38.36 -13.21
C GLY A 412 1.11 -38.83 -14.66
N THR A 413 -0.15 -39.07 -15.07
CA THR A 413 -0.42 -39.67 -16.37
C THR A 413 -0.73 -38.66 -17.48
N SER A 414 -0.73 -37.35 -17.21
CA SER A 414 -1.13 -36.36 -18.21
CA SER A 414 -1.12 -36.37 -18.22
C SER A 414 0.02 -35.53 -18.76
N TYR A 415 0.99 -35.15 -17.93
CA TYR A 415 2.12 -34.33 -18.38
C TYR A 415 3.39 -35.15 -18.39
N ALA A 416 4.14 -35.09 -19.49
CA ALA A 416 5.51 -35.56 -19.50
C ALA A 416 6.43 -34.53 -18.83
N GLY A 417 7.55 -35.00 -18.31
CA GLY A 417 8.61 -34.13 -17.81
C GLY A 417 9.69 -33.95 -18.85
N VAL A 418 10.16 -32.71 -19.01
CA VAL A 418 11.33 -32.41 -19.86
C VAL A 418 12.46 -31.90 -18.97
N PHE A 419 13.67 -32.41 -19.23
CA PHE A 419 14.90 -32.04 -18.55
C PHE A 419 15.92 -31.67 -19.62
N GLY A 420 16.91 -30.85 -19.27
CA GLY A 420 17.91 -30.49 -20.27
C GLY A 420 19.10 -29.75 -19.71
N ASN A 421 20.08 -29.53 -20.60
CA ASN A 421 21.29 -28.76 -20.31
C ASN A 421 21.26 -27.39 -20.98
N ASN A 422 20.12 -26.96 -21.52
CA ASN A 422 20.12 -25.77 -22.37
C ASN A 422 18.72 -25.16 -22.37
N GLU A 423 18.62 -23.93 -21.87
CA GLU A 423 17.35 -23.24 -21.66
C GLU A 423 16.65 -22.92 -22.98
N GLU A 424 17.40 -22.51 -24.00
CA GLU A 424 16.80 -22.25 -25.31
C GLU A 424 16.12 -23.50 -25.84
N LEU A 425 16.81 -24.65 -25.81
CA LEU A 425 16.20 -25.88 -26.30
C LEU A 425 14.94 -26.23 -25.48
N ILE A 426 15.03 -26.11 -24.15
CA ILE A 426 13.87 -26.45 -23.31
C ILE A 426 12.68 -25.57 -23.64
N ASN A 427 12.90 -24.28 -23.91
CA ASN A 427 11.78 -23.40 -24.25
C ASN A 427 11.13 -23.80 -25.58
N LYS A 428 11.94 -24.26 -26.54
CA LYS A 428 11.38 -24.73 -27.81
C LYS A 428 10.55 -25.99 -27.61
N ILE A 429 10.97 -26.89 -26.72
CA ILE A 429 10.13 -28.07 -26.46
C ILE A 429 8.81 -27.65 -25.85
N LEU A 430 8.86 -26.72 -24.88
CA LEU A 430 7.63 -26.22 -24.26
C LEU A 430 6.75 -25.51 -25.27
N GLN A 431 7.34 -24.76 -26.19
CA GLN A 431 6.55 -24.14 -27.23
C GLN A 431 5.87 -25.19 -28.10
N SER A 432 6.60 -26.26 -28.44
CA SER A 432 6.01 -27.35 -29.23
C SER A 432 4.90 -28.04 -28.48
N SER A 433 5.05 -28.20 -27.17
CA SER A 433 4.00 -28.75 -26.33
C SER A 433 2.72 -27.94 -26.44
N LYS A 434 2.84 -26.61 -26.41
CA LYS A 434 1.69 -25.73 -26.49
C LYS A 434 1.04 -25.77 -27.88
N THR A 435 1.83 -25.84 -28.95
CA THR A 435 1.19 -25.89 -30.25
C THR A 435 0.72 -27.31 -30.61
N SER A 436 1.40 -28.35 -30.11
CA SER A 436 0.93 -29.71 -30.38
C SER A 436 -0.21 -30.14 -29.48
N ASN A 437 -0.39 -29.44 -28.35
CA ASN A 437 -1.35 -29.77 -27.31
C ASN A 437 -1.05 -31.11 -26.64
N GLU A 438 0.22 -31.52 -26.63
CA GLU A 438 0.72 -32.63 -25.83
C GLU A 438 1.46 -32.07 -24.63
N PRO A 439 0.88 -32.07 -23.43
CA PRO A 439 1.45 -31.29 -22.32
C PRO A 439 2.76 -31.86 -21.79
N VAL A 440 3.70 -30.95 -21.50
CA VAL A 440 5.02 -31.27 -20.96
C VAL A 440 5.33 -30.21 -19.91
N TRP A 441 6.08 -30.61 -18.89
CA TRP A 441 6.48 -29.69 -17.82
C TRP A 441 7.98 -29.79 -17.60
N TRP A 442 8.61 -28.64 -17.42
CA TRP A 442 10.05 -28.54 -17.21
C TRP A 442 10.41 -28.95 -15.79
N LEU A 443 11.34 -29.89 -15.67
CA LEU A 443 11.81 -30.31 -14.36
C LEU A 443 13.30 -30.10 -14.25
N PRO A 444 13.84 -29.86 -13.05
CA PRO A 444 15.25 -29.51 -12.93
C PRO A 444 16.18 -30.72 -12.96
N ILE A 445 17.41 -30.49 -13.43
CA ILE A 445 18.51 -31.44 -13.22
C ILE A 445 19.31 -30.89 -12.04
N ILE A 446 19.12 -31.47 -10.86
CA ILE A 446 19.65 -30.89 -9.63
C ILE A 446 21.08 -31.40 -9.43
N ASN A 447 22.06 -30.49 -9.59
CA ASN A 447 23.47 -30.89 -9.57
C ASN A 447 23.94 -31.38 -8.22
N GLU A 448 23.27 -30.99 -7.13
CA GLU A 448 23.68 -31.50 -5.82
C GLU A 448 23.58 -33.02 -5.73
N TYR A 449 22.80 -33.67 -6.60
CA TYR A 449 22.66 -35.13 -6.52
C TYR A 449 23.78 -35.87 -7.26
N ARG A 450 24.56 -35.17 -8.09
CA ARG A 450 25.55 -35.82 -8.96
C ARG A 450 26.53 -36.67 -8.16
N ALA A 451 26.88 -36.24 -6.95
CA ALA A 451 27.89 -36.98 -6.20
C ALA A 451 27.41 -38.35 -5.74
N THR A 452 26.08 -38.58 -5.68
CA THR A 452 25.61 -39.92 -5.34
C THR A 452 25.85 -40.93 -6.45
N LEU A 453 26.27 -40.47 -7.64
CA LEU A 453 26.67 -41.34 -8.75
C LEU A 453 28.17 -41.63 -8.78
N ASN A 454 28.96 -41.05 -7.87
CA ASN A 454 30.37 -41.41 -7.78
C ASN A 454 30.52 -42.90 -7.44
N SER A 455 31.27 -43.62 -8.24
CA SER A 455 31.51 -45.04 -8.02
C SER A 455 32.86 -45.20 -7.34
N LYS A 456 32.94 -46.13 -6.39
CA LYS A 456 34.23 -46.40 -5.79
C LYS A 456 35.22 -46.98 -6.81
N TYR A 457 34.74 -47.79 -7.76
CA TYR A 457 35.58 -48.51 -8.72
C TYR A 457 35.48 -48.03 -10.15
N ALA A 458 34.27 -47.81 -10.68
CA ALA A 458 34.14 -47.34 -12.05
C ALA A 458 34.15 -45.81 -12.07
N ASP A 459 34.13 -45.24 -13.28
CA ASP A 459 34.01 -43.79 -13.44
C ASP A 459 32.71 -43.24 -12.86
N ILE A 460 31.60 -44.00 -12.97
CA ILE A 460 30.30 -43.47 -12.57
C ILE A 460 29.37 -44.62 -12.21
N ASN A 461 28.41 -44.35 -11.33
CA ASN A 461 27.35 -45.29 -11.02
C ASN A 461 26.17 -45.11 -11.98
N GLN A 462 25.56 -46.24 -12.33
CA GLN A 462 24.33 -46.21 -13.12
C GLN A 462 23.17 -45.62 -12.30
N ILE A 463 23.07 -45.98 -11.02
CA ILE A 463 21.98 -45.51 -10.17
C ILE A 463 22.55 -44.90 -8.90
N SER A 464 21.72 -44.10 -8.23
CA SER A 464 22.07 -43.55 -6.93
C SER A 464 21.77 -44.57 -5.84
N SER A 465 22.57 -44.57 -4.80
CA SER A 465 22.21 -45.39 -3.64
C SER A 465 21.30 -44.65 -2.67
N SER A 466 21.44 -43.32 -2.56
CA SER A 466 20.71 -42.54 -1.57
C SER A 466 19.50 -41.80 -2.13
N VAL A 467 19.58 -41.26 -3.36
CA VAL A 467 18.55 -40.35 -3.85
C VAL A 467 17.38 -41.14 -4.42
N LYS A 468 16.18 -40.86 -3.92
CA LYS A 468 14.95 -41.45 -4.43
C LYS A 468 14.36 -40.70 -5.61
N ALA A 469 14.87 -39.51 -5.93
CA ALA A 469 14.32 -38.73 -7.04
C ALA A 469 14.90 -39.26 -8.36
N SER A 470 14.41 -40.44 -8.76
CA SER A 470 15.11 -41.22 -9.76
C SER A 470 15.04 -40.61 -11.17
N SER A 471 14.01 -39.81 -11.47
CA SER A 471 13.95 -39.16 -12.78
C SER A 471 15.02 -38.09 -12.92
N ILE A 472 15.34 -37.42 -11.82
CA ILE A 472 16.41 -36.42 -11.84
C ILE A 472 17.76 -37.10 -11.89
N VAL A 473 17.95 -38.14 -11.07
CA VAL A 473 19.19 -38.89 -11.10
C VAL A 473 19.46 -39.47 -12.50
N ALA A 474 18.44 -40.08 -13.12
CA ALA A 474 18.64 -40.60 -14.48
C ALA A 474 19.06 -39.50 -15.44
N SER A 475 18.47 -38.30 -15.30
CA SER A 475 18.86 -37.18 -16.16
C SER A 475 20.29 -36.77 -15.90
N LEU A 476 20.70 -36.75 -14.62
CA LEU A 476 22.10 -36.51 -14.27
C LEU A 476 23.02 -37.50 -14.95
N PHE A 477 22.62 -38.79 -14.97
CA PHE A 477 23.41 -39.82 -15.65
C PHE A 477 23.54 -39.52 -17.15
N LEU A 478 22.40 -39.32 -17.82
CA LEU A 478 22.39 -39.09 -19.26
C LEU A 478 23.21 -37.87 -19.64
N LYS A 479 23.16 -36.83 -18.81
CA LYS A 479 23.94 -35.61 -19.07
C LYS A 479 25.43 -35.89 -19.20
N GLU A 480 25.94 -36.93 -18.53
CA GLU A 480 27.36 -37.25 -18.59
C GLU A 480 27.81 -37.67 -19.98
N PHE A 481 26.87 -37.98 -20.86
CA PHE A 481 27.18 -38.53 -22.16
C PHE A 481 26.90 -37.54 -23.28
N VAL A 482 26.71 -36.26 -22.95
CA VAL A 482 26.57 -35.17 -23.90
C VAL A 482 27.62 -34.13 -23.53
N GLN A 483 28.67 -34.00 -24.33
CA GLN A 483 29.78 -33.16 -23.90
C GLN A 483 29.54 -31.69 -24.21
N ASN A 484 29.09 -31.37 -25.44
CA ASN A 484 29.08 -29.98 -25.86
C ASN A 484 27.96 -29.72 -26.88
N THR A 485 26.78 -30.28 -26.65
CA THR A 485 25.62 -30.09 -27.52
C THR A 485 24.37 -29.79 -26.69
N ALA A 486 23.55 -28.85 -27.18
CA ALA A 486 22.29 -28.59 -26.50
C ALA A 486 21.43 -29.85 -26.53
N TRP A 487 20.91 -30.23 -25.37
CA TRP A 487 20.28 -31.54 -25.23
C TRP A 487 19.10 -31.45 -24.28
N ALA A 488 18.01 -32.11 -24.65
CA ALA A 488 16.82 -32.23 -23.81
C ALA A 488 16.38 -33.69 -23.78
N HIS A 489 15.67 -34.02 -22.70
CA HIS A 489 15.28 -35.38 -22.34
C HIS A 489 13.82 -35.34 -21.92
N ILE A 490 12.96 -36.12 -22.58
CA ILE A 490 11.53 -36.11 -22.29
C ILE A 490 11.17 -37.48 -21.72
N ASP A 491 10.73 -37.51 -20.46
CA ASP A 491 10.41 -38.75 -19.77
C ASP A 491 8.90 -38.96 -19.87
N ILE A 492 8.51 -40.00 -20.61
CA ILE A 492 7.10 -40.27 -20.89
C ILE A 492 6.63 -41.53 -20.17
N ALA A 493 7.36 -41.97 -19.14
CA ALA A 493 7.01 -43.23 -18.48
C ALA A 493 5.60 -43.18 -17.90
N GLY A 494 5.16 -42.01 -17.43
CA GLY A 494 3.85 -41.94 -16.82
C GLY A 494 2.71 -41.63 -17.79
N VAL A 495 3.02 -41.09 -18.96
CA VAL A 495 1.99 -40.62 -19.88
C VAL A 495 1.81 -41.53 -21.08
N SER A 496 2.67 -42.53 -21.29
CA SER A 496 2.64 -43.26 -22.55
C SER A 496 1.37 -44.10 -22.71
N TRP A 497 0.94 -44.75 -21.65
CA TRP A 497 -0.17 -45.70 -21.66
C TRP A 497 -1.41 -45.06 -21.05
N ASN A 498 -2.54 -45.19 -21.76
CA ASN A 498 -3.86 -44.75 -21.29
C ASN A 498 -4.48 -45.91 -20.52
N PHE A 499 -4.36 -45.88 -19.18
CA PHE A 499 -4.84 -46.99 -18.36
C PHE A 499 -6.36 -47.12 -18.42
N LYS A 500 -7.08 -46.00 -18.56
CA LYS A 500 -8.53 -46.05 -18.60
C LYS A 500 -9.02 -46.77 -19.85
N ALA A 501 -8.44 -46.43 -21.00
CA ALA A 501 -8.86 -47.02 -22.25
C ALA A 501 -8.11 -48.31 -22.59
N ARG A 502 -7.10 -48.67 -21.79
CA ARG A 502 -6.29 -49.89 -22.02
C ARG A 502 -5.59 -49.87 -23.38
N LYS A 503 -5.02 -48.73 -23.75
CA LYS A 503 -4.37 -48.61 -25.04
C LYS A 503 -3.25 -47.58 -24.95
N PRO A 504 -2.31 -47.57 -25.90
CA PRO A 504 -1.29 -46.52 -25.92
C PRO A 504 -1.86 -45.18 -26.36
N LYS A 505 -1.13 -44.12 -26.06
CA LYS A 505 -1.48 -42.81 -26.60
C LYS A 505 -0.68 -42.44 -27.84
N GLY A 506 0.41 -43.14 -28.13
CA GLY A 506 1.35 -42.62 -29.11
C GLY A 506 1.87 -41.26 -28.76
N PHE A 507 2.03 -40.97 -27.46
CA PHE A 507 2.42 -39.66 -26.97
C PHE A 507 3.80 -39.27 -27.49
N GLY A 508 3.91 -38.02 -27.92
CA GLY A 508 5.17 -37.44 -28.35
C GLY A 508 5.31 -37.27 -29.84
N VAL A 509 4.58 -38.04 -30.65
CA VAL A 509 4.68 -37.89 -32.10
C VAL A 509 4.40 -36.45 -32.50
N ARG A 510 3.24 -35.93 -32.10
CA ARG A 510 2.89 -34.55 -32.48
C ARG A 510 3.87 -33.55 -31.86
N LEU A 511 4.30 -33.79 -30.61
CA LEU A 511 5.23 -32.88 -29.94
C LEU A 511 6.54 -32.74 -30.70
N LEU A 512 7.18 -33.87 -31.01
CA LEU A 512 8.45 -33.85 -31.72
C LEU A 512 8.29 -33.28 -33.13
N THR A 513 7.16 -33.57 -33.79
CA THR A 513 6.92 -33.06 -35.14
C THR A 513 6.74 -31.55 -35.15
N GLU A 514 5.93 -31.02 -34.22
CA GLU A 514 5.83 -29.56 -34.08
C GLU A 514 7.19 -28.96 -33.79
N PHE A 515 8.01 -29.68 -33.03
CA PHE A 515 9.34 -29.17 -32.69
C PHE A 515 10.19 -29.03 -33.94
N VAL A 516 10.16 -30.03 -34.82
CA VAL A 516 10.91 -29.97 -36.06
C VAL A 516 10.37 -28.89 -36.99
N LEU A 517 9.04 -28.83 -37.13
CA LEU A 517 8.45 -27.97 -38.15
C LEU A 517 8.65 -26.49 -37.86
N ASN A 518 8.29 -26.05 -36.65
CA ASN A 518 8.51 -24.68 -36.21
C ASN A 518 9.99 -24.33 -36.05
N ASP A 519 10.95 -25.15 -36.46
CA ASP A 519 12.36 -24.76 -36.40
C ASP A 519 12.87 -24.45 -37.80
N SER B 2 40.24 -72.84 -19.63
CA SER B 2 41.15 -71.69 -19.66
C SER B 2 40.62 -70.56 -20.54
N GLU B 3 40.04 -70.88 -21.68
CA GLU B 3 39.46 -69.85 -22.55
C GLU B 3 38.16 -69.32 -21.96
N VAL B 4 38.10 -68.01 -21.73
CA VAL B 4 36.93 -67.39 -21.12
C VAL B 4 35.85 -67.15 -22.16
N PRO B 5 34.68 -67.80 -22.08
CA PRO B 5 33.63 -67.55 -23.07
C PRO B 5 33.09 -66.13 -22.96
N GLN B 6 32.59 -65.63 -24.09
CA GLN B 6 32.06 -64.28 -24.20
C GLN B 6 30.70 -64.32 -24.88
N VAL B 7 29.79 -63.43 -24.45
CA VAL B 7 28.55 -63.25 -25.23
C VAL B 7 28.79 -62.32 -26.40
N VAL B 8 29.48 -61.22 -26.16
CA VAL B 8 29.91 -60.29 -27.20
C VAL B 8 31.39 -60.06 -27.03
N SER B 9 32.01 -59.54 -28.08
CA SER B 9 33.45 -59.38 -28.07
C SER B 9 33.95 -58.38 -27.03
N LEU B 10 33.07 -57.51 -26.52
CA LEU B 10 33.44 -56.55 -25.49
C LEU B 10 33.47 -57.15 -24.08
N ASP B 11 33.03 -58.39 -23.91
CA ASP B 11 33.08 -59.02 -22.60
C ASP B 11 34.52 -59.28 -22.18
N PRO B 12 34.90 -58.94 -20.96
CA PRO B 12 36.29 -59.16 -20.53
C PRO B 12 36.63 -60.63 -20.48
N THR B 13 37.90 -60.94 -20.72
CA THR B 13 38.38 -62.32 -20.65
C THR B 13 39.48 -62.52 -19.60
N SER B 14 39.75 -61.55 -18.73
CA SER B 14 40.64 -61.81 -17.61
C SER B 14 40.35 -60.83 -16.49
N ILE B 15 40.83 -61.15 -15.30
CA ILE B 15 40.76 -60.26 -14.15
C ILE B 15 42.01 -59.39 -14.18
N PRO B 16 41.89 -58.07 -14.30
CA PRO B 16 43.07 -57.22 -14.13
C PRO B 16 43.56 -57.33 -12.69
N ILE B 17 44.85 -57.58 -12.54
CA ILE B 17 45.43 -57.73 -11.21
C ILE B 17 46.69 -56.87 -11.15
N GLU B 18 46.81 -56.12 -10.07
CA GLU B 18 47.98 -55.29 -9.81
C GLU B 18 48.84 -56.05 -8.82
N TYR B 19 50.02 -56.51 -9.28
CA TYR B 19 50.92 -57.23 -8.39
C TYR B 19 51.91 -56.28 -7.71
N ASN B 20 52.69 -55.53 -8.51
CA ASN B 20 53.54 -54.50 -7.94
C ASN B 20 52.72 -53.24 -7.74
N THR B 21 52.43 -52.92 -6.50
CA THR B 21 51.66 -51.76 -6.13
C THR B 21 52.59 -50.65 -5.67
N PRO B 22 52.11 -49.41 -5.62
CA PRO B 22 52.96 -48.34 -5.08
C PRO B 22 53.45 -48.60 -3.66
N ILE B 23 52.68 -49.36 -2.86
CA ILE B 23 53.13 -49.73 -1.52
C ILE B 23 54.45 -50.47 -1.60
N HIS B 24 54.60 -51.37 -2.57
CA HIS B 24 55.86 -52.09 -2.72
C HIS B 24 57.01 -51.16 -3.03
N ASP B 25 56.75 -49.96 -3.56
CA ASP B 25 57.80 -49.00 -3.85
C ASP B 25 58.28 -48.24 -2.63
N ILE B 26 57.61 -48.37 -1.49
CA ILE B 26 57.98 -47.61 -0.29
C ILE B 26 59.17 -48.26 0.39
N LYS B 27 60.25 -47.51 0.54
CA LYS B 27 61.38 -47.96 1.34
C LYS B 27 61.11 -47.63 2.81
N VAL B 28 61.21 -48.65 3.65
CA VAL B 28 60.80 -48.55 5.05
C VAL B 28 62.02 -48.76 5.92
N GLN B 29 62.22 -47.87 6.88
CA GLN B 29 63.34 -47.94 7.81
C GLN B 29 62.81 -47.82 9.22
N VAL B 30 63.28 -48.69 10.10
CA VAL B 30 62.91 -48.66 11.52
C VAL B 30 64.13 -48.21 12.31
N TYR B 31 63.97 -47.14 13.09
CA TYR B 31 65.03 -46.58 13.92
C TYR B 31 64.61 -46.63 15.38
N ASP B 32 65.59 -46.73 16.27
CA ASP B 32 65.27 -46.75 17.69
C ASP B 32 65.07 -45.34 18.22
N ILE B 33 63.98 -45.15 18.95
CA ILE B 33 63.61 -43.84 19.46
C ILE B 33 64.60 -43.31 20.49
N LYS B 34 65.36 -44.20 21.16
CA LYS B 34 66.35 -43.74 22.13
C LYS B 34 67.46 -42.93 21.48
N GLY B 35 67.73 -43.15 20.19
CA GLY B 35 68.66 -42.29 19.48
C GLY B 35 68.14 -40.92 19.11
N GLY B 36 66.83 -40.67 19.25
CA GLY B 36 66.23 -39.41 18.88
C GLY B 36 65.76 -39.37 17.43
N CYS B 37 64.92 -38.37 17.13
CA CYS B 37 64.21 -38.26 15.86
C CYS B 37 64.80 -37.17 15.00
N ASN B 38 65.33 -37.55 13.83
CA ASN B 38 65.69 -36.56 12.82
C ASN B 38 64.43 -36.09 12.09
N VAL B 39 64.25 -34.78 12.00
CA VAL B 39 63.08 -34.17 11.36
C VAL B 39 63.59 -33.35 10.19
N GLU B 40 63.56 -33.95 8.99
CA GLU B 40 63.84 -33.21 7.77
C GLU B 40 62.62 -33.29 6.83
N GLU B 41 62.83 -33.74 5.60
CA GLU B 41 61.83 -33.64 4.55
C GLU B 41 60.55 -34.44 4.89
N GLY B 42 59.45 -34.04 4.27
CA GLY B 42 58.21 -34.79 4.33
C GLY B 42 57.32 -34.43 5.51
N LEU B 43 56.71 -35.44 6.13
CA LEU B 43 55.81 -35.23 7.26
C LEU B 43 56.18 -36.18 8.40
N THR B 44 56.25 -35.64 9.61
CA THR B 44 56.58 -36.45 10.79
C THR B 44 55.40 -36.45 11.74
N ILE B 45 54.85 -37.63 12.03
CA ILE B 45 53.67 -37.78 12.85
C ILE B 45 54.04 -38.50 14.14
N PHE B 46 53.62 -37.95 15.27
CA PHE B 46 53.79 -38.56 16.58
C PHE B 46 52.48 -39.21 17.00
N LEU B 47 52.57 -40.47 17.46
CA LEU B 47 51.41 -41.20 17.94
C LEU B 47 51.41 -41.04 19.45
N VAL B 48 50.49 -40.23 19.95
CA VAL B 48 50.53 -39.75 21.32
C VAL B 48 49.26 -40.15 22.02
N ASN B 49 49.40 -40.65 23.24
CA ASN B 49 48.28 -40.85 24.14
C ASN B 49 48.52 -40.06 25.42
N ASN B 50 47.58 -40.18 26.35
CA ASN B 50 47.75 -39.66 27.70
C ASN B 50 47.01 -40.63 28.61
N PRO B 51 47.73 -41.62 29.17
CA PRO B 51 47.06 -42.70 29.90
C PRO B 51 46.05 -42.24 30.95
N GLY B 52 44.81 -42.65 30.75
CA GLY B 52 43.73 -42.44 31.71
C GLY B 52 43.50 -41.01 32.12
N LYS B 53 43.53 -40.07 31.17
CA LYS B 53 43.38 -38.65 31.48
C LYS B 53 42.32 -38.02 30.59
N GLU B 54 41.28 -38.77 30.25
CA GLU B 54 40.14 -38.28 29.45
C GLU B 54 40.68 -37.81 28.12
N ASN B 55 40.50 -36.54 27.74
CA ASN B 55 41.13 -36.01 26.55
C ASN B 55 42.29 -35.11 26.97
N GLY B 56 43.26 -35.71 27.64
CA GLY B 56 44.38 -34.98 28.21
C GLY B 56 45.27 -34.35 27.16
N PRO B 57 46.14 -33.46 27.59
CA PRO B 57 46.96 -32.70 26.64
C PRO B 57 48.00 -33.56 25.95
N VAL B 58 48.52 -33.04 24.84
CA VAL B 58 49.59 -33.67 24.11
C VAL B 58 50.92 -33.35 24.78
N LYS B 59 51.72 -34.39 25.05
CA LYS B 59 53.08 -34.22 25.55
C LYS B 59 54.01 -35.11 24.75
N ILE B 60 54.96 -34.51 24.05
CA ILE B 60 55.88 -35.23 23.16
C ILE B 60 57.02 -35.80 24.01
N SER B 61 57.00 -37.12 24.21
CA SER B 61 57.98 -37.78 25.07
C SER B 61 59.37 -37.80 24.44
N SER B 62 59.47 -38.16 23.16
CA SER B 62 60.75 -38.55 22.57
C SER B 62 61.68 -37.34 22.40
N LYS B 63 62.96 -37.64 22.30
CA LYS B 63 63.95 -36.61 22.00
C LYS B 63 64.05 -36.38 20.49
N VAL B 64 64.20 -35.12 20.10
CA VAL B 64 64.18 -34.70 18.71
C VAL B 64 65.48 -33.96 18.43
N ASN B 65 66.28 -34.49 17.49
CA ASN B 65 67.64 -33.99 17.29
C ASN B 65 67.63 -32.70 16.49
N ASP B 66 66.80 -31.74 16.90
CA ASP B 66 66.69 -30.45 16.23
C ASP B 66 66.25 -29.42 17.25
N LYS B 67 67.07 -28.40 17.47
CA LYS B 67 66.78 -27.39 18.49
C LYS B 67 65.47 -26.67 18.19
N GLN B 68 65.30 -26.20 16.95
CA GLN B 68 64.10 -25.47 16.57
C GLN B 68 62.85 -26.34 16.78
N VAL B 69 62.80 -27.50 16.12
CA VAL B 69 61.65 -28.40 16.25
C VAL B 69 61.37 -28.72 17.73
N SER B 70 62.44 -28.99 18.49
CA SER B 70 62.26 -29.29 19.92
C SER B 70 61.56 -28.14 20.64
N GLU B 71 61.90 -26.90 20.31
CA GLU B 71 61.24 -25.76 20.95
C GLU B 71 59.78 -25.68 20.51
N PHE B 72 59.48 -25.96 19.23
CA PHE B 72 58.10 -26.01 18.80
C PHE B 72 57.30 -27.03 19.61
N LEU B 73 57.90 -28.20 19.89
CA LEU B 73 57.20 -29.28 20.56
C LEU B 73 57.28 -29.20 22.09
N LYS B 74 57.58 -28.02 22.63
CA LYS B 74 57.58 -27.83 24.08
C LYS B 74 56.18 -28.02 24.65
N ASP B 75 56.13 -28.52 25.88
CA ASP B 75 54.85 -28.82 26.53
C ASP B 75 53.91 -27.61 26.55
N GLU B 76 54.45 -26.40 26.73
CA GLU B 76 53.62 -25.21 26.72
C GLU B 76 52.92 -25.05 25.37
N ASN B 77 53.66 -25.21 24.27
CA ASN B 77 53.09 -25.06 22.95
C ASN B 77 52.10 -26.17 22.59
N MET B 78 52.22 -27.35 23.21
CA MET B 78 51.36 -28.48 22.87
C MET B 78 50.14 -28.62 23.76
N GLU B 79 50.04 -27.78 24.81
CA GLU B 79 49.03 -28.00 25.84
C GLU B 79 47.61 -27.77 25.32
N LYS B 80 47.46 -26.94 24.28
CA LYS B 80 46.13 -26.64 23.73
C LYS B 80 45.60 -27.76 22.85
N PHE B 81 46.40 -28.80 22.58
CA PHE B 81 45.98 -29.95 21.82
C PHE B 81 45.79 -31.13 22.75
N ASN B 82 44.82 -31.97 22.46
CA ASN B 82 44.56 -33.14 23.28
C ASN B 82 44.71 -34.42 22.48
N VAL B 83 44.64 -35.55 23.20
CA VAL B 83 44.97 -36.86 22.66
C VAL B 83 43.73 -37.68 22.31
N LYS B 84 42.56 -37.03 22.23
CA LYS B 84 41.33 -37.72 21.86
C LYS B 84 41.57 -38.65 20.69
N LEU B 85 41.18 -39.91 20.86
CA LEU B 85 41.44 -40.94 19.86
C LEU B 85 40.94 -40.53 18.49
N GLY B 86 41.86 -40.47 17.52
CA GLY B 86 41.52 -40.20 16.15
C GLY B 86 41.74 -38.76 15.70
N THR B 87 41.84 -37.81 16.63
CA THR B 87 42.12 -36.46 16.16
C THR B 87 43.56 -36.37 15.65
N SER B 88 43.84 -35.29 14.93
CA SER B 88 45.17 -35.03 14.44
C SER B 88 45.37 -33.54 14.24
N LYS B 89 46.63 -33.12 14.18
CA LYS B 89 46.97 -31.74 13.87
C LYS B 89 48.23 -31.72 13.01
N HIS B 90 48.33 -30.69 12.18
CA HIS B 90 49.48 -30.42 11.33
C HIS B 90 50.26 -29.23 11.88
N PHE B 91 51.59 -29.31 11.82
CA PHE B 91 52.45 -28.20 12.24
C PHE B 91 53.45 -27.87 11.14
N TYR B 92 53.82 -26.59 11.08
CA TYR B 92 54.76 -26.08 10.09
C TYR B 92 55.79 -25.20 10.78
N MET B 93 57.05 -25.33 10.39
CA MET B 93 58.13 -24.58 11.03
C MET B 93 59.42 -24.72 10.22
N PHE B 94 60.44 -23.97 10.65
CA PHE B 94 61.79 -24.04 10.09
C PHE B 94 62.68 -24.87 11.03
N ASN B 95 63.55 -25.70 10.44
CA ASN B 95 64.46 -26.50 11.25
C ASN B 95 65.81 -25.78 11.39
N ASP B 96 66.81 -26.49 11.92
CA ASP B 96 68.12 -25.90 12.16
C ASP B 96 68.87 -25.62 10.85
N ASN B 97 68.64 -26.45 9.83
CA ASN B 97 69.13 -26.17 8.49
C ASN B 97 68.30 -25.10 7.77
N LYS B 98 67.36 -24.46 8.47
CA LYS B 98 66.47 -23.46 7.90
C LYS B 98 65.64 -24.02 6.75
N ASN B 99 65.32 -25.31 6.81
CA ASN B 99 64.44 -25.94 5.84
C ASN B 99 63.03 -26.08 6.43
N SER B 100 62.02 -25.92 5.57
CA SER B 100 60.64 -26.16 5.96
C SER B 100 60.46 -27.63 6.34
N VAL B 101 59.79 -27.86 7.47
CA VAL B 101 59.40 -29.21 7.88
C VAL B 101 57.93 -29.20 8.28
N ALA B 102 57.22 -30.25 7.92
CA ALA B 102 55.87 -30.46 8.39
C ALA B 102 55.90 -31.52 9.48
N VAL B 103 55.20 -31.26 10.58
CA VAL B 103 55.15 -32.12 11.75
C VAL B 103 53.69 -32.20 12.19
N GLY B 104 53.36 -33.25 12.92
CA GLY B 104 52.00 -33.38 13.42
C GLY B 104 51.86 -34.54 14.36
N TYR B 105 50.61 -34.83 14.74
CA TYR B 105 50.37 -35.93 15.65
C TYR B 105 48.98 -36.50 15.43
N VAL B 106 48.81 -37.75 15.85
CA VAL B 106 47.50 -38.40 15.91
C VAL B 106 47.27 -38.87 17.33
N GLY B 107 46.13 -38.49 17.89
CA GLY B 107 45.78 -38.87 19.26
C GLY B 107 45.35 -40.32 19.35
N CYS B 108 45.90 -41.03 20.34
CA CYS B 108 45.59 -42.43 20.56
C CYS B 108 44.83 -42.66 21.86
N GLY B 109 44.14 -41.64 22.35
CA GLY B 109 43.25 -41.82 23.48
C GLY B 109 43.97 -41.93 24.81
N SER B 110 43.32 -42.61 25.77
CA SER B 110 43.79 -42.70 27.13
C SER B 110 44.05 -44.13 27.60
N VAL B 111 43.49 -45.14 26.94
CA VAL B 111 43.69 -46.51 27.36
C VAL B 111 45.13 -46.93 27.05
N ALA B 112 45.69 -47.78 27.91
CA ALA B 112 47.09 -48.17 27.76
C ALA B 112 47.30 -49.08 26.56
N ASP B 113 46.42 -50.06 26.37
CA ASP B 113 46.52 -51.02 25.27
C ASP B 113 45.40 -50.74 24.29
N LEU B 114 45.74 -50.48 23.04
CA LEU B 114 44.71 -50.13 22.08
C LEU B 114 44.19 -51.36 21.38
N SER B 115 42.90 -51.34 21.08
CA SER B 115 42.22 -52.43 20.42
C SER B 115 42.45 -52.42 18.90
N GLU B 116 42.17 -53.58 18.29
CA GLU B 116 42.12 -53.68 16.84
C GLU B 116 41.24 -52.60 16.23
N ALA B 117 40.08 -52.33 16.84
CA ALA B 117 39.21 -51.28 16.32
C ALA B 117 39.84 -49.90 16.51
N ASP B 118 40.46 -49.66 17.66
CA ASP B 118 41.04 -48.34 17.91
C ASP B 118 42.25 -48.08 17.02
N MET B 119 43.05 -49.12 16.78
CA MET B 119 44.23 -48.93 15.95
C MET B 119 43.83 -48.60 14.52
N LYS B 120 42.76 -49.24 14.04
CA LYS B 120 42.25 -48.88 12.72
C LYS B 120 41.85 -47.41 12.66
N ARG B 121 41.27 -46.89 13.74
CA ARG B 121 40.92 -45.48 13.78
C ARG B 121 42.16 -44.59 13.81
N VAL B 122 43.23 -45.04 14.45
CA VAL B 122 44.46 -44.27 14.43
C VAL B 122 45.03 -44.23 13.01
N VAL B 123 44.92 -45.35 12.29
CA VAL B 123 45.52 -45.44 10.97
C VAL B 123 44.70 -44.65 9.95
N LEU B 124 43.37 -44.68 10.07
CA LEU B 124 42.53 -43.91 9.16
C LEU B 124 42.80 -42.41 9.27
N SER B 125 42.96 -41.92 10.50
CA SER B 125 43.35 -40.53 10.69
C SER B 125 44.67 -40.24 10.00
N LEU B 126 45.63 -41.14 10.15
CA LEU B 126 46.93 -40.95 9.53
C LEU B 126 46.82 -40.97 8.00
N VAL B 127 46.04 -41.90 7.45
CA VAL B 127 45.83 -41.97 6.00
C VAL B 127 45.19 -40.67 5.51
N THR B 128 44.29 -40.09 6.31
CA THR B 128 43.66 -38.83 5.93
C THR B 128 44.70 -37.73 5.71
N MET B 129 45.75 -37.71 6.53
CA MET B 129 46.83 -36.74 6.34
C MET B 129 47.71 -37.07 5.14
N LEU B 130 47.69 -38.31 4.64
CA LEU B 130 48.43 -38.67 3.45
C LEU B 130 47.64 -38.38 2.17
N HIS B 131 46.32 -38.35 2.25
CA HIS B 131 45.51 -38.02 1.09
C HIS B 131 45.52 -36.52 0.85
N ASP B 132 45.44 -36.14 -0.42
CA ASP B 132 45.41 -34.74 -0.80
C ASP B 132 46.62 -33.98 -0.27
N ASN B 133 47.75 -34.65 -0.10
CA ASN B 133 49.00 -33.97 0.23
C ASN B 133 50.15 -34.68 -0.46
N LYS B 134 50.74 -34.05 -1.47
CA LYS B 134 51.82 -34.66 -2.24
C LYS B 134 53.09 -34.66 -1.39
N LEU B 135 53.41 -35.81 -0.80
CA LEU B 135 54.52 -35.98 0.13
C LEU B 135 55.49 -37.03 -0.38
N SER B 136 56.78 -36.75 -0.25
CA SER B 136 57.79 -37.74 -0.59
C SER B 136 58.03 -38.72 0.55
N LYS B 137 57.75 -38.33 1.80
CA LYS B 137 58.19 -39.14 2.92
C LYS B 137 57.26 -38.96 4.10
N LEU B 138 57.01 -40.05 4.82
CA LEU B 138 56.27 -40.00 6.07
C LEU B 138 57.12 -40.59 7.18
N THR B 139 57.12 -39.95 8.34
CA THR B 139 57.80 -40.49 9.50
C THR B 139 56.82 -40.63 10.65
N VAL B 140 56.79 -41.81 11.25
CA VAL B 140 55.85 -42.16 12.29
C VAL B 140 56.65 -42.39 13.58
N VAL B 141 56.33 -41.66 14.65
CA VAL B 141 57.04 -41.76 15.92
C VAL B 141 56.12 -42.41 16.93
N PHE B 142 56.43 -43.64 17.35
CA PHE B 142 55.59 -44.38 18.29
C PHE B 142 55.90 -43.94 19.71
N GLU B 143 55.12 -43.00 20.24
CA GLU B 143 55.18 -42.66 21.65
C GLU B 143 54.12 -43.38 22.46
N ILE B 144 53.55 -44.44 21.90
CA ILE B 144 52.68 -45.36 22.60
C ILE B 144 53.35 -46.72 22.58
N ASN B 145 52.83 -47.65 23.36
CA ASN B 145 53.40 -48.99 23.37
C ASN B 145 52.48 -49.95 22.62
N VAL B 146 53.09 -50.77 21.77
CA VAL B 146 52.39 -51.79 21.00
C VAL B 146 53.28 -53.01 20.95
N ASP B 147 52.68 -54.19 20.99
CA ASP B 147 53.49 -55.39 20.87
C ASP B 147 53.85 -55.63 19.41
N LYS B 148 54.59 -56.71 19.16
CA LYS B 148 55.05 -56.99 17.81
C LYS B 148 53.88 -57.24 16.86
N ASN B 149 52.82 -57.88 17.34
CA ASN B 149 51.69 -58.19 16.46
C ASN B 149 50.92 -56.92 16.10
N LEU B 150 50.70 -56.04 17.07
CA LEU B 150 49.95 -54.82 16.79
C LEU B 150 50.75 -53.86 15.92
N PHE B 151 52.08 -53.86 16.04
CA PHE B 151 52.89 -53.03 15.14
C PHE B 151 52.79 -53.53 13.71
N ARG B 152 52.90 -54.85 13.51
CA ARG B 152 52.62 -55.44 12.21
C ARG B 152 51.22 -55.08 11.72
N PHE B 153 50.22 -55.16 12.61
CA PHE B 153 48.85 -54.82 12.23
C PHE B 153 48.75 -53.35 11.82
N PHE B 154 49.44 -52.47 12.53
CA PHE B 154 49.48 -51.06 12.16
C PHE B 154 49.97 -50.91 10.73
N LEU B 155 51.07 -51.60 10.40
CA LEU B 155 51.67 -51.44 9.07
C LEU B 155 50.76 -52.03 8.00
N GLU B 156 50.30 -53.27 8.18
CA GLU B 156 49.36 -53.88 7.24
C GLU B 156 48.20 -52.95 6.94
N THR B 157 47.63 -52.37 7.99
CA THR B 157 46.44 -51.53 7.84
C THR B 157 46.77 -50.21 7.17
N LEU B 158 47.88 -49.59 7.54
CA LEU B 158 48.35 -48.40 6.84
C LEU B 158 48.45 -48.69 5.34
N PHE B 159 49.12 -49.79 4.98
CA PHE B 159 49.34 -50.13 3.59
C PHE B 159 48.01 -50.37 2.86
N TYR B 160 47.12 -51.12 3.49
CA TYR B 160 45.85 -51.47 2.86
C TYR B 160 44.96 -50.25 2.67
N GLU B 161 44.87 -49.38 3.68
CA GLU B 161 43.98 -48.24 3.53
C GLU B 161 44.59 -47.17 2.63
N TYR B 162 45.92 -47.11 2.56
CA TYR B 162 46.59 -46.15 1.71
C TYR B 162 46.36 -46.48 0.23
N MET B 163 46.41 -47.77 -0.10
CA MET B 163 46.31 -48.21 -1.48
C MET B 163 44.92 -47.91 -2.03
N THR B 164 44.86 -47.33 -3.21
CA THR B 164 43.60 -47.06 -3.91
C THR B 164 43.53 -47.90 -5.18
N ASP B 165 42.40 -48.57 -5.39
CA ASP B 165 42.20 -49.50 -6.50
C ASP B 165 41.63 -48.72 -7.68
N GLU B 166 42.43 -48.55 -8.73
CA GLU B 166 41.99 -47.83 -9.92
C GLU B 166 41.86 -48.73 -11.14
N ARG B 167 41.84 -50.06 -10.95
CA ARG B 167 41.80 -50.99 -12.06
C ARG B 167 40.65 -50.71 -13.02
N PHE B 168 39.54 -50.16 -12.52
CA PHE B 168 38.34 -50.01 -13.33
C PHE B 168 38.00 -48.54 -13.58
N LYS B 169 38.88 -47.63 -13.21
CA LYS B 169 38.76 -46.24 -13.66
C LYS B 169 39.29 -46.13 -15.09
N SER B 170 38.79 -45.13 -15.81
CA SER B 170 39.24 -44.84 -17.16
C SER B 170 39.33 -43.33 -17.36
N THR B 171 38.17 -42.67 -17.43
CA THR B 171 38.07 -41.21 -17.50
C THR B 171 38.01 -40.53 -16.14
N ASP B 172 38.08 -41.29 -15.04
CA ASP B 172 37.96 -40.73 -13.70
C ASP B 172 39.13 -41.16 -12.80
N LYS B 173 40.32 -41.34 -13.38
CA LYS B 173 41.51 -41.54 -12.55
C LYS B 173 41.84 -40.26 -11.80
N ASN B 174 42.25 -40.42 -10.54
CA ASN B 174 42.60 -39.27 -9.72
C ASN B 174 43.90 -38.65 -10.21
N VAL B 175 43.81 -37.43 -10.75
CA VAL B 175 44.97 -36.78 -11.35
C VAL B 175 46.00 -36.35 -10.31
N ASN B 176 45.62 -36.31 -9.03
CA ASN B 176 46.48 -35.80 -7.96
C ASN B 176 47.11 -36.89 -7.11
N MET B 177 47.06 -38.14 -7.56
CA MET B 177 47.44 -39.28 -6.73
C MET B 177 48.91 -39.60 -6.96
N GLU B 178 49.72 -39.38 -5.92
CA GLU B 178 51.10 -39.86 -5.91
C GLU B 178 51.48 -40.25 -4.50
N TYR B 179 52.06 -41.43 -4.37
CA TYR B 179 52.35 -42.05 -3.09
C TYR B 179 53.70 -41.59 -2.54
N ILE B 180 53.83 -41.67 -1.20
CA ILE B 180 55.14 -41.47 -0.58
C ILE B 180 56.10 -42.52 -1.11
N LYS B 181 57.40 -42.22 -1.04
CA LYS B 181 58.42 -43.17 -1.49
C LYS B 181 59.24 -43.73 -0.35
N HIS B 182 59.15 -43.14 0.84
CA HIS B 182 59.92 -43.55 2.01
C HIS B 182 59.02 -43.49 3.23
N LEU B 183 59.20 -44.46 4.13
CA LEU B 183 58.51 -44.46 5.41
C LEU B 183 59.54 -44.74 6.50
N GLY B 184 59.70 -43.82 7.42
CA GLY B 184 60.54 -44.02 8.59
C GLY B 184 59.69 -44.26 9.81
N VAL B 185 60.17 -45.11 10.71
CA VAL B 185 59.43 -45.47 11.91
C VAL B 185 60.37 -45.44 13.11
N TYR B 186 60.02 -44.65 14.12
CA TYR B 186 60.77 -44.58 15.37
C TYR B 186 59.99 -45.30 16.46
N ILE B 187 60.61 -46.32 17.05
CA ILE B 187 59.96 -47.15 18.04
C ILE B 187 61.00 -47.66 19.03
N ASN B 188 60.56 -47.88 20.26
CA ASN B 188 61.40 -48.49 21.29
C ASN B 188 61.71 -49.94 20.95
N ASN B 189 62.93 -50.38 21.29
N ASN B 189 62.93 -50.38 21.29
CA ASN B 189 63.39 -51.73 21.03
CA ASN B 189 63.38 -51.74 21.03
C ASN B 189 63.21 -52.07 19.54
C ASN B 189 63.21 -52.07 19.54
N ALA B 190 63.69 -51.15 18.70
CA ALA B 190 63.43 -51.24 17.26
C ALA B 190 63.95 -52.52 16.63
N ASP B 191 65.06 -53.06 17.15
CA ASP B 191 65.66 -54.23 16.52
C ASP B 191 64.69 -55.41 16.48
N THR B 192 63.81 -55.52 17.47
CA THR B 192 62.85 -56.63 17.47
C THR B 192 61.64 -56.39 16.58
N TYR B 193 61.41 -55.15 16.16
CA TYR B 193 60.28 -54.82 15.29
C TYR B 193 60.65 -54.85 13.82
N LYS B 194 61.95 -54.80 13.50
CA LYS B 194 62.38 -54.74 12.10
C LYS B 194 61.83 -55.90 11.30
N GLU B 195 61.77 -57.09 11.91
CA GLU B 195 61.34 -58.26 11.16
C GLU B 195 59.85 -58.25 10.85
N GLU B 196 59.07 -57.41 11.56
CA GLU B 196 57.66 -57.30 11.26
C GLU B 196 57.38 -56.54 9.96
N VAL B 197 58.35 -55.77 9.47
CA VAL B 197 58.10 -54.91 8.32
C VAL B 197 57.82 -55.73 7.07
N GLU B 198 58.71 -56.64 6.73
CA GLU B 198 58.49 -57.44 5.53
C GLU B 198 57.37 -58.44 5.73
N LYS B 199 57.14 -58.90 6.96
CA LYS B 199 55.99 -59.75 7.19
C LYS B 199 54.70 -58.96 6.95
N ALA B 200 54.67 -57.69 7.37
CA ALA B 200 53.52 -56.84 7.12
C ALA B 200 53.32 -56.59 5.62
N ARG B 201 54.42 -56.44 4.88
CA ARG B 201 54.32 -56.20 3.46
C ARG B 201 53.67 -57.37 2.74
N VAL B 202 54.06 -58.59 3.11
CA VAL B 202 53.45 -59.80 2.57
C VAL B 202 51.98 -59.89 2.96
N TYR B 203 51.67 -59.69 4.24
CA TYR B 203 50.29 -59.76 4.69
C TYR B 203 49.44 -58.71 4.02
N TYR B 204 49.99 -57.51 3.80
CA TYR B 204 49.22 -56.50 3.09
C TYR B 204 48.83 -57.00 1.71
N PHE B 205 49.79 -57.58 0.99
CA PHE B 205 49.47 -57.92 -0.39
C PHE B 205 48.57 -59.14 -0.48
N GLY B 206 48.67 -60.09 0.44
CA GLY B 206 47.72 -61.18 0.44
C GLY B 206 46.30 -60.67 0.63
N THR B 207 46.11 -59.73 1.54
CA THR B 207 44.81 -59.15 1.82
C THR B 207 44.35 -58.27 0.67
N TYR B 208 45.27 -57.48 0.10
CA TYR B 208 44.93 -56.61 -1.02
C TYR B 208 44.62 -57.43 -2.27
N TYR B 209 45.40 -58.50 -2.50
CA TYR B 209 45.13 -59.41 -3.60
C TYR B 209 43.74 -60.04 -3.50
N ALA B 210 43.37 -60.58 -2.34
CA ALA B 210 42.02 -61.09 -2.19
C ALA B 210 41.01 -59.98 -2.44
N SER B 211 41.29 -58.79 -1.93
CA SER B 211 40.43 -57.63 -2.14
C SER B 211 40.21 -57.34 -3.63
N GLN B 212 41.27 -57.42 -4.44
CA GLN B 212 41.16 -57.17 -5.88
C GLN B 212 40.26 -58.21 -6.57
N LEU B 213 40.40 -59.48 -6.19
CA LEU B 213 39.50 -60.50 -6.73
C LEU B 213 38.05 -60.23 -6.34
N ILE B 214 37.81 -59.88 -5.06
CA ILE B 214 36.45 -59.67 -4.57
C ILE B 214 35.81 -58.47 -5.28
N ALA B 215 36.52 -57.32 -5.29
CA ALA B 215 35.99 -56.10 -5.88
C ALA B 215 35.77 -56.23 -7.38
N ALA B 216 36.58 -57.02 -8.07
CA ALA B 216 36.40 -57.21 -9.50
C ALA B 216 34.99 -57.74 -9.78
N PRO B 217 34.21 -57.08 -10.63
CA PRO B 217 32.82 -57.49 -10.86
C PRO B 217 32.75 -58.86 -11.52
N SER B 218 31.52 -59.38 -11.54
CA SER B 218 31.28 -60.75 -11.94
C SER B 218 31.47 -60.97 -13.42
N ASN B 219 31.33 -59.91 -14.23
CA ASN B 219 31.63 -60.07 -15.64
C ASN B 219 33.13 -60.18 -15.88
N TYR B 220 33.94 -59.57 -15.02
CA TYR B 220 35.39 -59.75 -15.08
C TYR B 220 35.81 -61.03 -14.40
N CYS B 221 35.32 -61.26 -13.18
CA CYS B 221 35.70 -62.37 -12.33
C CYS B 221 34.61 -63.44 -12.40
N ASN B 222 34.87 -64.49 -13.17
CA ASN B 222 33.95 -65.60 -13.37
C ASN B 222 34.70 -66.88 -13.08
N PRO B 223 34.02 -68.05 -13.09
CA PRO B 223 34.74 -69.29 -12.73
C PRO B 223 35.98 -69.55 -13.58
N VAL B 224 35.92 -69.20 -14.87
CA VAL B 224 37.07 -69.46 -15.74
C VAL B 224 38.18 -68.45 -15.48
N SER B 225 37.84 -67.16 -15.44
CA SER B 225 38.87 -66.15 -15.22
C SER B 225 39.45 -66.21 -13.82
N LEU B 226 38.64 -66.55 -12.81
CA LEU B 226 39.17 -66.66 -11.46
C LEU B 226 40.12 -67.85 -11.33
N SER B 227 39.80 -68.98 -11.97
CA SER B 227 40.72 -70.10 -11.87
C SER B 227 41.98 -69.87 -12.72
N ASN B 228 41.87 -69.07 -13.81
CA ASN B 228 43.06 -68.68 -14.55
C ASN B 228 43.97 -67.83 -13.67
N ALA B 229 43.39 -66.91 -12.89
CA ALA B 229 44.19 -66.07 -12.00
C ALA B 229 44.89 -66.91 -10.94
N ALA B 230 44.18 -67.88 -10.35
CA ALA B 230 44.80 -68.80 -9.40
C ALA B 230 46.00 -69.53 -10.03
N VAL B 231 45.86 -69.98 -11.27
CA VAL B 231 46.97 -70.68 -11.93
C VAL B 231 48.16 -69.76 -12.07
N GLU B 232 47.92 -68.50 -12.50
CA GLU B 232 48.99 -67.53 -12.64
C GLU B 232 49.62 -67.20 -11.29
N LEU B 233 48.83 -67.17 -10.22
CA LEU B 233 49.40 -67.02 -8.88
C LEU B 233 50.27 -68.22 -8.53
N ALA B 234 49.77 -69.43 -8.78
CA ALA B 234 50.54 -70.63 -8.47
C ALA B 234 51.83 -70.67 -9.26
N GLN B 235 51.81 -70.17 -10.51
CA GLN B 235 53.03 -70.16 -11.31
C GLN B 235 54.05 -69.17 -10.75
N LYS B 236 53.62 -67.99 -10.30
CA LYS B 236 54.56 -67.03 -9.76
C LYS B 236 55.16 -67.50 -8.44
N LEU B 237 54.42 -68.29 -7.65
CA LEU B 237 54.89 -68.73 -6.36
C LEU B 237 55.57 -70.09 -6.40
N ASN B 238 55.56 -70.76 -7.57
CA ASN B 238 56.06 -72.13 -7.71
C ASN B 238 55.27 -73.10 -6.83
N LEU B 239 53.96 -72.92 -6.78
CA LEU B 239 53.09 -73.87 -6.13
C LEU B 239 52.66 -74.91 -7.16
N GLU B 240 52.49 -76.14 -6.71
CA GLU B 240 51.84 -77.16 -7.54
C GLU B 240 50.35 -76.83 -7.63
N TYR B 241 49.77 -77.10 -8.80
CA TYR B 241 48.41 -76.66 -9.06
C TYR B 241 47.70 -77.62 -9.99
N LYS B 242 46.39 -77.64 -9.88
CA LYS B 242 45.53 -78.49 -10.70
C LYS B 242 44.16 -77.84 -10.75
N ILE B 243 43.64 -77.60 -11.96
CA ILE B 243 42.28 -77.09 -12.15
C ILE B 243 41.46 -78.23 -12.73
N LEU B 244 40.49 -78.71 -11.96
CA LEU B 244 39.60 -79.75 -12.44
C LEU B 244 38.46 -79.12 -13.22
N GLY B 245 38.15 -79.69 -14.38
CA GLY B 245 37.05 -79.25 -15.20
C GLY B 245 35.90 -80.24 -15.15
N VAL B 246 34.85 -79.92 -15.91
CA VAL B 246 33.56 -80.62 -15.76
C VAL B 246 33.74 -82.12 -15.96
N LYS B 247 34.54 -82.52 -16.95
CA LYS B 247 34.71 -83.94 -17.23
C LYS B 247 35.31 -84.67 -16.04
N GLU B 248 36.35 -84.11 -15.44
CA GLU B 248 36.91 -84.73 -14.24
C GLU B 248 35.95 -84.62 -13.05
N LEU B 249 35.19 -83.54 -12.94
CA LEU B 249 34.26 -83.42 -11.82
C LEU B 249 33.11 -84.40 -11.97
N GLU B 250 32.73 -84.71 -13.21
CA GLU B 250 31.74 -85.75 -13.44
C GLU B 250 32.29 -87.12 -13.03
N GLU B 251 33.58 -87.39 -13.32
CA GLU B 251 34.19 -88.66 -12.94
C GLU B 251 34.34 -88.78 -11.43
N LEU B 252 34.53 -87.67 -10.73
CA LEU B 252 34.53 -87.69 -9.27
C LEU B 252 33.13 -87.61 -8.66
N LYS B 253 32.09 -87.48 -9.50
CA LYS B 253 30.69 -87.53 -9.10
C LYS B 253 30.31 -86.41 -8.13
N MET B 254 30.84 -85.21 -8.38
CA MET B 254 30.52 -84.04 -7.55
C MET B 254 29.20 -83.43 -8.03
N GLY B 255 28.12 -84.20 -7.80
CA GLY B 255 26.81 -83.79 -8.28
C GLY B 255 26.23 -82.58 -7.57
N ALA B 256 26.61 -82.34 -6.31
CA ALA B 256 26.08 -81.15 -5.64
C ALA B 256 26.70 -79.89 -6.23
N TYR B 257 28.03 -79.86 -6.30
CA TYR B 257 28.77 -78.75 -6.92
C TYR B 257 28.34 -78.51 -8.37
N LEU B 258 28.23 -79.59 -9.16
CA LEU B 258 27.91 -79.44 -10.57
C LEU B 258 26.49 -78.91 -10.78
N SER B 259 25.54 -79.29 -9.91
CA SER B 259 24.16 -78.83 -10.06
C SER B 259 24.07 -77.33 -9.90
N VAL B 260 24.86 -76.78 -8.97
CA VAL B 260 24.80 -75.34 -8.73
C VAL B 260 25.20 -74.60 -9.99
N GLY B 261 26.21 -75.09 -10.69
CA GLY B 261 26.70 -74.41 -11.87
C GLY B 261 25.98 -74.74 -13.17
N LYS B 262 24.90 -75.53 -13.14
CA LYS B 262 24.25 -75.96 -14.37
C LYS B 262 23.75 -74.76 -15.16
N GLY B 263 23.26 -73.74 -14.47
CA GLY B 263 22.63 -72.62 -15.16
C GLY B 263 23.57 -71.54 -15.66
N SER B 264 24.88 -71.70 -15.47
CA SER B 264 25.82 -70.66 -15.84
C SER B 264 26.40 -70.89 -17.24
N MET B 265 26.81 -69.80 -17.88
CA MET B 265 27.53 -69.92 -19.15
C MET B 265 29.00 -70.24 -18.95
N TYR B 266 29.46 -70.23 -17.71
CA TYR B 266 30.87 -70.43 -17.40
C TYR B 266 31.03 -71.83 -16.82
N PRO B 267 31.83 -72.70 -17.43
CA PRO B 267 32.05 -74.04 -16.87
C PRO B 267 32.58 -73.99 -15.44
N ASN B 268 32.12 -74.94 -14.62
CA ASN B 268 32.69 -75.12 -13.30
C ASN B 268 34.19 -75.39 -13.37
N LYS B 269 34.92 -74.89 -12.38
CA LYS B 269 36.37 -75.04 -12.32
C LYS B 269 36.78 -75.22 -10.86
N PHE B 270 37.30 -76.40 -10.52
CA PHE B 270 37.76 -76.70 -9.17
C PHE B 270 39.26 -76.38 -9.04
N ILE B 271 39.59 -75.47 -8.11
CA ILE B 271 40.97 -75.02 -7.93
C ILE B 271 41.63 -75.85 -6.84
N HIS B 272 42.81 -76.40 -7.13
CA HIS B 272 43.60 -77.16 -6.16
C HIS B 272 45.06 -76.75 -6.29
N LEU B 273 45.53 -75.91 -5.37
CA LEU B 273 46.94 -75.53 -5.26
C LEU B 273 47.54 -76.23 -4.06
N THR B 274 48.85 -76.45 -4.10
CA THR B 274 49.50 -77.10 -2.97
C THR B 274 50.84 -76.43 -2.67
N TYR B 275 51.07 -76.16 -1.39
CA TYR B 275 52.38 -75.79 -0.89
C TYR B 275 52.90 -76.92 -0.04
N LYS B 276 54.17 -77.28 -0.23
CA LYS B 276 54.77 -78.35 0.56
C LYS B 276 56.16 -77.94 1.01
N SER B 277 56.39 -77.96 2.32
CA SER B 277 57.71 -77.63 2.87
C SER B 277 58.76 -78.63 2.38
N LYS B 278 60.01 -78.18 2.35
CA LYS B 278 61.07 -79.02 1.79
C LYS B 278 61.43 -80.19 2.71
N GLY B 279 61.30 -80.04 4.02
CA GLY B 279 61.80 -81.07 4.92
C GLY B 279 60.80 -82.15 5.33
N ASP B 280 60.74 -82.45 6.63
CA ASP B 280 59.75 -83.37 7.16
C ASP B 280 58.40 -82.67 7.29
N VAL B 281 57.34 -83.36 6.91
CA VAL B 281 55.99 -82.79 6.91
C VAL B 281 55.26 -83.32 8.14
N LYS B 282 55.02 -82.44 9.11
CA LYS B 282 54.37 -82.83 10.35
C LYS B 282 52.86 -82.60 10.34
N LYS B 283 52.35 -81.71 9.49
CA LYS B 283 50.94 -81.35 9.53
C LYS B 283 50.44 -81.17 8.12
N LYS B 284 49.28 -81.74 7.81
CA LYS B 284 48.66 -81.58 6.51
C LYS B 284 47.33 -80.86 6.71
N ILE B 285 47.12 -79.79 5.94
CA ILE B 285 46.02 -78.86 6.13
C ILE B 285 45.34 -78.60 4.80
N ALA B 286 44.01 -78.70 4.78
CA ALA B 286 43.20 -78.28 3.63
C ALA B 286 42.46 -77.00 3.99
N LEU B 287 42.64 -75.97 3.18
CA LEU B 287 41.91 -74.70 3.27
C LEU B 287 40.93 -74.66 2.11
N VAL B 288 39.64 -74.49 2.42
CA VAL B 288 38.56 -74.58 1.44
C VAL B 288 37.81 -73.25 1.42
N GLY B 289 37.69 -72.64 0.24
CA GLY B 289 37.01 -71.37 0.07
C GLY B 289 35.75 -71.52 -0.77
N LYS B 290 34.66 -70.93 -0.28
CA LYS B 290 33.44 -70.84 -1.08
C LYS B 290 33.68 -69.92 -2.28
N GLY B 291 33.44 -70.42 -3.48
CA GLY B 291 33.82 -69.66 -4.67
C GLY B 291 32.73 -69.41 -5.69
N ILE B 292 31.68 -68.69 -5.30
CA ILE B 292 30.56 -68.38 -6.18
C ILE B 292 30.82 -67.00 -6.77
N THR B 293 31.06 -66.94 -8.08
CA THR B 293 31.53 -65.67 -8.61
C THR B 293 30.41 -64.67 -8.74
N PHE B 294 29.17 -65.14 -8.89
CA PHE B 294 27.99 -64.30 -8.75
C PHE B 294 26.87 -65.19 -8.21
N ASP B 295 26.12 -64.69 -7.24
CA ASP B 295 25.01 -65.44 -6.67
C ASP B 295 23.72 -64.69 -6.92
N SER B 296 23.02 -65.07 -7.99
CA SER B 296 21.70 -64.49 -8.25
C SER B 296 20.65 -65.05 -7.30
N GLY B 297 20.94 -66.19 -6.66
CA GLY B 297 19.95 -66.96 -5.96
C GLY B 297 19.40 -68.14 -6.75
N GLY B 298 19.52 -68.12 -8.08
CA GLY B 298 18.89 -69.16 -8.88
C GLY B 298 17.39 -68.89 -8.99
N TYR B 299 16.63 -69.95 -9.22
CA TYR B 299 15.18 -69.77 -9.29
C TYR B 299 14.59 -69.26 -7.98
N ASN B 300 15.29 -69.42 -6.85
CA ASN B 300 14.98 -68.65 -5.64
C ASN B 300 15.68 -67.29 -5.71
N LEU B 301 15.29 -66.51 -6.72
CA LEU B 301 15.97 -65.28 -7.06
C LEU B 301 16.02 -64.32 -5.88
N LYS B 302 17.16 -63.66 -5.70
CA LYS B 302 17.35 -62.65 -4.66
C LYS B 302 16.52 -61.42 -5.03
N ALA B 303 15.21 -61.53 -4.80
CA ALA B 303 14.29 -60.46 -5.14
C ALA B 303 13.62 -59.82 -3.94
N ALA B 304 13.86 -60.33 -2.72
CA ALA B 304 13.23 -59.71 -1.56
C ALA B 304 13.93 -58.39 -1.19
N PRO B 305 13.21 -57.46 -0.56
CA PRO B 305 13.84 -56.25 -0.04
C PRO B 305 15.04 -56.57 0.84
N GLY B 306 16.14 -55.85 0.60
CA GLY B 306 17.34 -56.10 1.37
C GLY B 306 18.05 -57.41 1.10
N SER B 307 17.79 -58.06 -0.05
CA SER B 307 18.61 -59.20 -0.42
C SER B 307 19.91 -58.78 -1.11
N MET B 308 20.05 -57.50 -1.49
CA MET B 308 21.31 -56.91 -1.95
C MET B 308 21.96 -57.69 -3.09
N ILE B 309 21.18 -57.92 -4.15
CA ILE B 309 21.68 -58.75 -5.23
C ILE B 309 22.88 -58.11 -5.92
N ASP B 310 23.02 -56.77 -5.86
CA ASP B 310 24.12 -56.11 -6.55
C ASP B 310 25.46 -56.26 -5.83
N LEU B 311 25.45 -56.77 -4.60
CA LEU B 311 26.66 -57.05 -3.83
C LEU B 311 27.23 -58.44 -4.09
N MET B 312 26.49 -59.30 -4.79
CA MET B 312 26.78 -60.73 -4.77
C MET B 312 28.03 -61.12 -5.57
N LYS B 313 28.72 -60.18 -6.23
CA LYS B 313 30.07 -60.47 -6.69
C LYS B 313 30.99 -60.87 -5.54
N PHE B 314 30.59 -60.56 -4.29
CA PHE B 314 31.42 -60.85 -3.11
C PHE B 314 31.21 -62.25 -2.67
N ASP B 315 30.43 -63.11 -3.28
CA ASP B 315 30.18 -64.44 -2.79
C ASP B 315 31.31 -65.42 -3.11
N MET B 316 32.43 -64.94 -3.66
CA MET B 316 33.65 -65.73 -3.74
C MET B 316 34.73 -65.23 -2.78
N SER B 317 34.33 -64.47 -1.75
CA SER B 317 35.27 -63.92 -0.78
C SER B 317 36.05 -65.02 -0.05
N GLY B 318 35.43 -66.17 0.17
CA GLY B 318 36.15 -67.26 0.82
C GLY B 318 37.24 -67.83 -0.05
N CYS B 319 36.95 -68.02 -1.34
CA CYS B 319 37.97 -68.40 -2.31
C CYS B 319 39.07 -67.34 -2.37
N ALA B 320 38.68 -66.06 -2.42
CA ALA B 320 39.68 -64.99 -2.46
C ALA B 320 40.60 -65.07 -1.25
N ALA B 321 40.04 -65.36 -0.06
CA ALA B 321 40.84 -65.44 1.16
C ALA B 321 41.80 -66.64 1.15
N VAL B 322 41.34 -67.78 0.64
CA VAL B 322 42.23 -68.94 0.52
C VAL B 322 43.37 -68.64 -0.46
N LEU B 323 43.08 -67.91 -1.55
CA LEU B 323 44.15 -67.57 -2.48
C LEU B 323 45.08 -66.48 -1.92
N GLY B 324 44.55 -65.55 -1.13
CA GLY B 324 45.41 -64.59 -0.46
C GLY B 324 46.37 -65.27 0.52
N CYS B 325 45.89 -66.31 1.17
CA CYS B 325 46.73 -67.08 2.10
C CYS B 325 47.79 -67.87 1.34
N ALA B 326 47.43 -68.37 0.15
CA ALA B 326 48.42 -69.08 -0.64
C ALA B 326 49.55 -68.16 -1.04
N TYR B 327 49.24 -66.87 -1.30
CA TYR B 327 50.31 -65.92 -1.56
C TYR B 327 51.22 -65.78 -0.35
N CYS B 328 50.64 -65.48 0.82
CA CYS B 328 51.47 -65.30 2.03
C CYS B 328 52.26 -66.56 2.35
N VAL B 329 51.58 -67.72 2.36
CA VAL B 329 52.26 -68.97 2.69
C VAL B 329 53.36 -69.26 1.67
N GLY B 330 53.04 -69.11 0.39
CA GLY B 330 54.02 -69.35 -0.65
C GLY B 330 55.17 -68.36 -0.66
N THR B 331 54.98 -67.20 -0.05
CA THR B 331 56.04 -66.21 0.04
C THR B 331 56.88 -66.42 1.30
N LEU B 332 56.22 -66.62 2.44
CA LEU B 332 56.95 -66.81 3.68
C LEU B 332 57.53 -68.22 3.82
N LYS B 333 57.07 -69.19 3.03
CA LYS B 333 57.64 -70.53 2.98
C LYS B 333 57.83 -71.17 4.35
N PRO B 334 56.77 -71.48 5.08
CA PRO B 334 56.91 -72.13 6.39
C PRO B 334 57.40 -73.57 6.25
N GLU B 335 58.01 -74.08 7.31
CA GLU B 335 58.50 -75.45 7.31
C GLU B 335 57.47 -76.39 7.93
N ASN B 336 57.68 -77.69 7.68
CA ASN B 336 56.99 -78.79 8.36
C ASN B 336 55.55 -79.01 7.92
N VAL B 337 55.08 -78.35 6.86
CA VAL B 337 53.65 -78.35 6.54
C VAL B 337 53.43 -78.63 5.05
N GLU B 338 52.28 -79.24 4.76
CA GLU B 338 51.75 -79.37 3.41
C GLU B 338 50.35 -78.77 3.39
N ILE B 339 50.15 -77.71 2.62
CA ILE B 339 48.87 -77.01 2.59
C ILE B 339 48.22 -77.18 1.22
N HIS B 340 46.95 -77.60 1.23
CA HIS B 340 46.12 -77.67 0.03
C HIS B 340 45.12 -76.53 0.04
N PHE B 341 45.10 -75.76 -1.04
CA PHE B 341 44.22 -74.60 -1.19
C PHE B 341 43.15 -74.94 -2.23
N LEU B 342 41.90 -75.03 -1.78
CA LEU B 342 40.83 -75.61 -2.57
C LEU B 342 39.68 -74.63 -2.72
N SER B 343 39.10 -74.59 -3.91
CA SER B 343 37.84 -73.88 -4.12
C SER B 343 37.06 -74.47 -5.27
N ALA B 344 35.82 -74.85 -4.99
CA ALA B 344 34.86 -75.29 -6.00
C ALA B 344 34.18 -74.04 -6.53
N VAL B 345 34.69 -73.53 -7.66
CA VAL B 345 34.31 -72.23 -8.19
C VAL B 345 33.21 -72.45 -9.22
N CYS B 346 32.14 -71.66 -9.14
CA CYS B 346 31.03 -71.73 -10.08
C CYS B 346 30.25 -70.43 -9.94
N GLU B 347 29.14 -70.33 -10.67
CA GLU B 347 28.27 -69.16 -10.71
C GLU B 347 26.82 -69.63 -10.68
N ASN B 348 25.97 -68.94 -9.87
CA ASN B 348 24.59 -69.36 -9.58
C ASN B 348 23.62 -68.47 -10.35
N MET B 349 23.02 -69.01 -11.41
CA MET B 349 22.28 -68.19 -12.37
C MET B 349 20.92 -68.80 -12.70
N VAL B 350 20.10 -67.98 -13.38
CA VAL B 350 18.75 -68.39 -13.83
C VAL B 350 18.79 -68.67 -15.32
N SER B 351 18.27 -69.82 -15.71
CA SER B 351 18.48 -70.32 -17.06
C SER B 351 17.54 -71.50 -17.27
N LYS B 352 17.39 -71.90 -18.54
CA LYS B 352 16.66 -73.14 -18.77
C LYS B 352 17.43 -74.34 -18.25
N ASN B 353 18.73 -74.20 -18.06
CA ASN B 353 19.55 -75.32 -17.62
C ASN B 353 19.80 -75.34 -16.11
N SER B 354 19.28 -74.36 -15.36
CA SER B 354 19.57 -74.26 -13.93
C SER B 354 18.95 -75.41 -13.14
N TYR B 355 19.53 -75.69 -11.97
CA TYR B 355 18.90 -76.65 -11.07
C TYR B 355 17.69 -76.00 -10.41
N ARG B 356 16.73 -76.83 -10.03
CA ARG B 356 15.44 -76.34 -9.57
C ARG B 356 15.23 -76.60 -8.08
N PRO B 357 14.45 -75.77 -7.40
CA PRO B 357 13.97 -76.11 -6.06
C PRO B 357 13.21 -77.42 -6.08
N GLY B 358 13.53 -78.31 -5.14
CA GLY B 358 12.98 -79.65 -5.10
C GLY B 358 13.83 -80.72 -5.76
N ASP B 359 14.77 -80.35 -6.64
CA ASP B 359 15.63 -81.34 -7.28
C ASP B 359 16.34 -82.17 -6.21
N ILE B 360 16.51 -83.46 -6.49
CA ILE B 360 17.31 -84.33 -5.65
C ILE B 360 18.62 -84.63 -6.37
N ILE B 361 19.72 -84.28 -5.73
CA ILE B 361 21.04 -84.38 -6.33
C ILE B 361 21.88 -85.28 -5.43
N THR B 362 22.98 -85.79 -5.99
CA THR B 362 23.82 -86.77 -5.30
C THR B 362 25.22 -86.20 -5.15
N ALA B 363 25.65 -86.04 -3.91
CA ALA B 363 27.01 -85.59 -3.63
C ALA B 363 28.02 -86.70 -3.95
N SER B 364 29.31 -86.32 -3.96
CA SER B 364 30.37 -87.27 -4.31
C SER B 364 30.62 -88.34 -3.23
N ASN B 365 30.12 -88.15 -2.00
CA ASN B 365 30.14 -89.23 -1.02
C ASN B 365 28.88 -90.08 -1.08
N GLY B 366 28.10 -89.96 -2.15
CA GLY B 366 26.90 -90.76 -2.33
C GLY B 366 25.65 -90.29 -1.60
N LYS B 367 25.72 -89.24 -0.78
CA LYS B 367 24.51 -88.77 -0.09
C LYS B 367 23.62 -88.00 -1.05
N THR B 368 22.33 -88.31 -1.02
CA THR B 368 21.36 -87.61 -1.85
C THR B 368 20.76 -86.43 -1.08
N ILE B 369 20.57 -85.32 -1.78
CA ILE B 369 20.22 -84.05 -1.18
C ILE B 369 18.96 -83.51 -1.84
N GLU B 370 17.95 -83.20 -1.03
CA GLU B 370 16.77 -82.53 -1.55
C GLU B 370 17.01 -81.04 -1.51
N VAL B 371 16.96 -80.39 -2.67
CA VAL B 371 17.19 -78.95 -2.72
C VAL B 371 15.90 -78.25 -2.31
N GLY B 372 15.95 -77.49 -1.23
CA GLY B 372 14.79 -76.74 -0.80
C GLY B 372 14.81 -75.30 -1.26
N ASN B 373 16.01 -74.79 -1.54
CA ASN B 373 16.17 -73.38 -1.89
C ASN B 373 17.46 -73.24 -2.70
N THR B 374 17.33 -72.86 -3.98
CA THR B 374 18.51 -72.75 -4.83
C THR B 374 19.47 -71.66 -4.36
N ASP B 375 19.05 -70.79 -3.45
CA ASP B 375 19.90 -69.72 -2.96
C ASP B 375 20.76 -70.16 -1.78
N ALA B 376 20.58 -71.37 -1.27
CA ALA B 376 21.54 -71.90 -0.32
C ALA B 376 22.58 -72.74 -1.06
N GLU B 377 23.15 -72.15 -2.10
CA GLU B 377 23.99 -72.93 -3.01
C GLU B 377 25.40 -73.14 -2.49
N GLY B 378 25.87 -72.29 -1.57
CA GLY B 378 27.23 -72.40 -1.08
C GLY B 378 27.50 -73.72 -0.39
N ARG B 379 26.58 -74.15 0.51
CA ARG B 379 26.77 -75.40 1.24
C ARG B 379 26.80 -76.62 0.31
N LEU B 380 26.18 -76.52 -0.87
CA LEU B 380 26.23 -77.62 -1.83
C LEU B 380 27.59 -77.70 -2.50
N THR B 381 28.18 -76.56 -2.85
CA THR B 381 29.51 -76.59 -3.41
C THR B 381 30.51 -77.01 -2.34
N LEU B 382 30.29 -76.57 -1.10
CA LEU B 382 31.20 -76.89 -0.02
C LEU B 382 31.15 -78.36 0.33
N ALA B 383 29.98 -78.99 0.22
CA ALA B 383 29.84 -80.41 0.50
C ALA B 383 30.81 -81.23 -0.35
N ASP B 384 30.81 -80.99 -1.66
CA ASP B 384 31.72 -81.74 -2.52
C ASP B 384 33.18 -81.33 -2.28
N ALA B 385 33.43 -80.05 -2.02
CA ALA B 385 34.79 -79.63 -1.73
C ALA B 385 35.31 -80.28 -0.45
N LEU B 386 34.45 -80.39 0.56
CA LEU B 386 34.82 -81.03 1.81
C LEU B 386 35.11 -82.51 1.61
N VAL B 387 34.29 -83.18 0.80
CA VAL B 387 34.51 -84.60 0.51
C VAL B 387 35.86 -84.77 -0.19
N TYR B 388 36.09 -83.98 -1.24
CA TYR B 388 37.39 -83.94 -1.90
C TYR B 388 38.52 -83.74 -0.89
N ALA B 389 38.36 -82.77 0.02
CA ALA B 389 39.43 -82.43 0.95
C ALA B 389 39.76 -83.60 1.89
N GLU B 390 38.73 -84.24 2.45
CA GLU B 390 39.01 -85.34 3.36
C GLU B 390 39.73 -86.50 2.67
N LYS B 391 39.52 -86.67 1.36
CA LYS B 391 40.20 -87.73 0.62
C LYS B 391 41.68 -87.45 0.46
N LEU B 392 42.11 -86.19 0.63
CA LEU B 392 43.53 -85.89 0.66
C LEU B 392 44.20 -86.42 1.93
N GLY B 393 43.43 -86.86 2.92
CA GLY B 393 43.99 -87.35 4.16
C GLY B 393 44.78 -86.31 4.94
N VAL B 394 44.13 -85.22 5.31
CA VAL B 394 44.78 -84.13 6.00
C VAL B 394 44.50 -84.24 7.49
N ASP B 395 45.23 -83.45 8.30
CA ASP B 395 44.96 -83.40 9.73
C ASP B 395 43.82 -82.43 10.06
N TYR B 396 43.82 -81.25 9.42
CA TYR B 396 42.78 -80.24 9.64
C TYR B 396 42.17 -79.83 8.31
N ILE B 397 40.86 -79.61 8.34
CA ILE B 397 40.10 -79.01 7.24
C ILE B 397 39.45 -77.75 7.79
N VAL B 398 39.79 -76.60 7.21
CA VAL B 398 39.15 -75.34 7.56
C VAL B 398 38.53 -74.77 6.30
N ASP B 399 37.23 -74.52 6.33
CA ASP B 399 36.56 -73.84 5.25
C ASP B 399 36.24 -72.42 5.68
N ILE B 400 36.20 -71.52 4.71
CA ILE B 400 35.86 -70.13 4.93
C ILE B 400 34.90 -69.71 3.82
N ALA B 401 33.82 -69.02 4.18
CA ALA B 401 32.70 -68.86 3.27
C ALA B 401 31.82 -67.70 3.71
N THR B 402 31.33 -66.94 2.71
CA THR B 402 30.24 -65.99 2.91
C THR B 402 28.94 -66.80 2.84
N LEU B 403 28.64 -67.52 3.92
CA LEU B 403 27.64 -68.56 3.79
C LEU B 403 26.22 -68.08 4.13
N THR B 404 26.00 -67.37 5.25
CA THR B 404 24.64 -67.06 5.67
C THR B 404 24.48 -65.59 6.02
N GLY B 405 23.43 -64.96 5.47
CA GLY B 405 23.09 -63.61 5.85
C GLY B 405 22.77 -63.45 7.33
N ALA B 406 22.36 -64.54 8.01
CA ALA B 406 22.02 -64.46 9.43
C ALA B 406 23.19 -63.98 10.29
N MET B 407 24.43 -64.15 9.83
CA MET B 407 25.57 -63.61 10.56
C MET B 407 25.39 -62.13 10.87
N LEU B 408 24.69 -61.39 10.00
CA LEU B 408 24.51 -59.96 10.26
C LEU B 408 23.68 -59.72 11.50
N TYR B 409 22.83 -60.69 11.87
CA TYR B 409 21.99 -60.59 13.06
C TYR B 409 22.62 -61.21 14.30
N SER B 410 23.73 -61.93 14.17
CA SER B 410 24.34 -62.55 15.35
C SER B 410 25.59 -61.78 15.77
N LEU B 411 26.62 -61.83 14.96
CA LEU B 411 27.85 -61.14 15.30
C LEU B 411 28.00 -59.80 14.60
N GLY B 412 27.30 -59.59 13.51
CA GLY B 412 27.39 -58.31 12.85
C GLY B 412 28.52 -58.23 11.85
N THR B 413 29.07 -57.04 11.66
CA THR B 413 30.01 -56.77 10.60
C THR B 413 31.46 -56.80 11.06
N SER B 414 31.72 -56.95 12.36
CA SER B 414 33.09 -56.92 12.84
C SER B 414 33.65 -58.30 13.17
N TYR B 415 32.82 -59.24 13.60
CA TYR B 415 33.31 -60.52 14.06
C TYR B 415 32.81 -61.62 13.15
N ALA B 416 33.72 -62.45 12.68
CA ALA B 416 33.34 -63.67 11.99
C ALA B 416 32.95 -64.73 13.02
N GLY B 417 32.09 -65.66 12.61
CA GLY B 417 31.74 -66.80 13.44
C GLY B 417 32.56 -68.01 13.02
N VAL B 418 32.97 -68.81 14.00
CA VAL B 418 33.63 -70.08 13.70
C VAL B 418 32.84 -71.22 14.34
N PHE B 419 32.62 -72.27 13.55
CA PHE B 419 31.95 -73.48 13.96
C PHE B 419 32.88 -74.66 13.71
N GLY B 420 32.71 -75.74 14.44
CA GLY B 420 33.62 -76.84 14.23
C GLY B 420 33.16 -78.08 14.94
N ASN B 421 33.83 -79.19 14.62
CA ASN B 421 33.64 -80.47 15.27
C ASN B 421 34.78 -80.86 16.19
N ASN B 422 35.70 -79.94 16.49
CA ASN B 422 36.93 -80.27 17.20
C ASN B 422 37.43 -79.05 17.96
N GLU B 423 37.51 -79.18 19.29
CA GLU B 423 37.79 -78.04 20.16
C GLU B 423 39.25 -77.57 20.05
N GLU B 424 40.20 -78.49 19.92
CA GLU B 424 41.59 -78.09 19.69
C GLU B 424 41.72 -77.26 18.41
N LEU B 425 41.09 -77.70 17.32
CA LEU B 425 41.16 -76.93 16.07
C LEU B 425 40.53 -75.56 16.25
N ILE B 426 39.37 -75.52 16.91
CA ILE B 426 38.71 -74.24 17.16
C ILE B 426 39.61 -73.32 17.97
N ASN B 427 40.22 -73.87 19.03
CA ASN B 427 41.09 -73.03 19.85
C ASN B 427 42.26 -72.49 19.02
N LYS B 428 42.81 -73.29 18.11
CA LYS B 428 43.86 -72.83 17.22
C LYS B 428 43.38 -71.67 16.35
N ILE B 429 42.17 -71.78 15.81
CA ILE B 429 41.58 -70.69 15.04
C ILE B 429 41.49 -69.44 15.89
N LEU B 430 40.99 -69.57 17.14
CA LEU B 430 40.81 -68.41 17.98
C LEU B 430 42.14 -67.76 18.33
N GLN B 431 43.14 -68.59 18.62
CA GLN B 431 44.50 -68.07 18.83
C GLN B 431 45.00 -67.35 17.58
N SER B 432 44.75 -67.90 16.38
CA SER B 432 45.15 -67.21 15.16
C SER B 432 44.42 -65.90 15.00
N SER B 433 43.20 -65.82 15.51
CA SER B 433 42.44 -64.57 15.47
C SER B 433 43.10 -63.51 16.34
N LYS B 434 43.56 -63.90 17.52
CA LYS B 434 44.30 -63.01 18.40
C LYS B 434 45.53 -62.42 17.70
N THR B 435 46.36 -63.28 17.11
CA THR B 435 47.65 -62.80 16.57
C THR B 435 47.53 -62.17 15.19
N SER B 436 46.48 -62.45 14.42
CA SER B 436 46.24 -61.76 13.15
C SER B 436 45.36 -60.52 13.34
N ASN B 437 44.76 -60.35 14.52
CA ASN B 437 43.85 -59.25 14.82
C ASN B 437 42.69 -59.17 13.84
N GLU B 438 42.25 -60.33 13.34
CA GLU B 438 40.99 -60.43 12.60
C GLU B 438 40.01 -61.17 13.49
N PRO B 439 38.98 -60.51 14.04
CA PRO B 439 38.22 -61.10 15.16
C PRO B 439 37.23 -62.18 14.73
N VAL B 440 37.26 -63.28 15.47
CA VAL B 440 36.34 -64.41 15.30
C VAL B 440 35.75 -64.77 16.65
N TRP B 441 34.52 -65.28 16.65
CA TRP B 441 33.83 -65.73 17.86
C TRP B 441 33.30 -67.13 17.64
N TRP B 442 33.57 -68.02 18.60
CA TRP B 442 33.11 -69.41 18.51
C TRP B 442 31.60 -69.50 18.70
N LEU B 443 30.90 -70.08 17.72
CA LEU B 443 29.46 -70.32 17.78
C LEU B 443 29.18 -71.82 17.77
N PRO B 444 28.08 -72.26 18.38
CA PRO B 444 27.86 -73.71 18.55
C PRO B 444 27.16 -74.33 17.36
N ILE B 445 27.49 -75.59 17.12
CA ILE B 445 26.71 -76.44 16.24
C ILE B 445 25.72 -77.18 17.10
N ILE B 446 24.45 -76.78 17.04
CA ILE B 446 23.42 -77.28 17.97
C ILE B 446 22.76 -78.50 17.33
N ASN B 447 23.07 -79.70 17.87
CA ASN B 447 22.62 -80.94 17.25
C ASN B 447 21.10 -81.15 17.31
N GLU B 448 20.41 -80.46 18.23
CA GLU B 448 18.96 -80.58 18.29
C GLU B 448 18.30 -80.20 16.97
N TYR B 449 18.90 -79.31 16.19
CA TYR B 449 18.32 -78.89 14.93
C TYR B 449 18.52 -79.90 13.80
N ARG B 450 19.41 -80.88 13.98
CA ARG B 450 19.73 -81.84 12.93
C ARG B 450 18.50 -82.55 12.39
N ALA B 451 17.48 -82.75 13.23
CA ALA B 451 16.28 -83.46 12.79
C ALA B 451 15.51 -82.69 11.71
N THR B 452 15.60 -81.37 11.69
CA THR B 452 14.90 -80.63 10.63
C THR B 452 15.60 -80.71 9.28
N LEU B 453 16.74 -81.39 9.19
CA LEU B 453 17.33 -81.69 7.89
C LEU B 453 16.98 -83.09 7.40
N ASN B 454 16.03 -83.76 8.06
CA ASN B 454 15.61 -85.10 7.66
C ASN B 454 14.64 -84.99 6.48
N SER B 455 14.96 -85.64 5.38
CA SER B 455 14.17 -85.53 4.16
C SER B 455 13.23 -86.74 4.07
N LYS B 456 12.01 -86.49 3.57
CA LYS B 456 11.11 -87.61 3.32
C LYS B 456 11.64 -88.54 2.23
N TYR B 457 12.32 -87.97 1.25
CA TYR B 457 12.71 -88.73 0.06
C TYR B 457 14.20 -88.88 -0.10
N ALA B 458 14.97 -87.84 0.16
CA ALA B 458 16.42 -87.92 0.03
C ALA B 458 17.08 -88.31 1.35
N ASP B 459 18.38 -88.52 1.30
CA ASP B 459 19.14 -88.78 2.51
C ASP B 459 19.09 -87.58 3.46
N ILE B 460 19.07 -86.38 2.93
CA ILE B 460 19.14 -85.17 3.75
C ILE B 460 18.55 -84.02 2.95
N ASN B 461 17.97 -83.06 3.66
CA ASN B 461 17.51 -81.79 3.08
C ASN B 461 18.67 -80.83 3.04
N GLN B 462 18.72 -80.03 1.97
CA GLN B 462 19.67 -78.92 1.94
C GLN B 462 19.40 -77.91 3.05
N ILE B 463 18.12 -77.61 3.33
CA ILE B 463 17.77 -76.52 4.26
C ILE B 463 16.73 -76.98 5.28
N SER B 464 16.64 -76.21 6.37
CA SER B 464 15.68 -76.51 7.41
C SER B 464 14.32 -75.94 7.06
N SER B 465 13.27 -76.70 7.39
CA SER B 465 11.93 -76.17 7.26
C SER B 465 11.61 -75.18 8.36
N SER B 466 11.97 -75.51 9.60
CA SER B 466 11.45 -74.79 10.76
C SER B 466 12.45 -73.89 11.47
N VAL B 467 13.75 -74.16 11.37
CA VAL B 467 14.74 -73.47 12.17
C VAL B 467 15.25 -72.22 11.43
N LYS B 468 15.22 -71.07 12.11
CA LYS B 468 15.68 -69.81 11.53
C LYS B 468 17.15 -69.51 11.86
N ALA B 469 17.79 -70.29 12.72
CA ALA B 469 19.21 -70.11 13.01
C ALA B 469 20.00 -70.76 11.87
N SER B 470 20.00 -70.07 10.74
CA SER B 470 20.45 -70.71 9.51
C SER B 470 21.96 -70.84 9.45
N SER B 471 22.70 -70.00 10.18
CA SER B 471 24.15 -70.18 10.26
C SER B 471 24.49 -71.51 10.91
N ILE B 472 23.72 -71.89 11.93
CA ILE B 472 23.91 -73.16 12.62
C ILE B 472 23.44 -74.32 11.74
N VAL B 473 22.27 -74.19 11.12
CA VAL B 473 21.76 -75.25 10.26
C VAL B 473 22.74 -75.52 9.12
N ALA B 474 23.31 -74.48 8.51
CA ALA B 474 24.25 -74.70 7.41
C ALA B 474 25.48 -75.46 7.90
N SER B 475 25.94 -75.16 9.12
CA SER B 475 27.07 -75.89 9.71
C SER B 475 26.71 -77.34 9.97
N LEU B 476 25.50 -77.60 10.48
CA LEU B 476 25.03 -78.97 10.61
C LEU B 476 25.09 -79.70 9.28
N PHE B 477 24.61 -79.05 8.21
CA PHE B 477 24.67 -79.64 6.87
C PHE B 477 26.11 -79.96 6.46
N LEU B 478 27.03 -78.99 6.59
CA LEU B 478 28.42 -79.22 6.21
C LEU B 478 29.03 -80.37 6.98
N LYS B 479 28.73 -80.44 8.28
CA LYS B 479 29.25 -81.50 9.14
C LYS B 479 28.93 -82.90 8.62
N GLU B 480 27.88 -83.06 7.80
CA GLU B 480 27.53 -84.37 7.25
C GLU B 480 28.46 -84.83 6.15
N PHE B 481 29.37 -83.98 5.68
CA PHE B 481 30.30 -84.32 4.62
C PHE B 481 31.74 -84.40 5.13
N VAL B 482 31.93 -84.44 6.45
CA VAL B 482 33.23 -84.68 7.08
C VAL B 482 33.04 -85.90 7.97
N GLN B 483 33.71 -87.01 7.62
CA GLN B 483 33.47 -88.25 8.33
C GLN B 483 34.32 -88.41 9.60
N ASN B 484 35.60 -88.04 9.54
CA ASN B 484 36.47 -88.39 10.66
C ASN B 484 37.72 -87.53 10.65
N THR B 485 37.57 -86.23 10.41
CA THR B 485 38.69 -85.31 10.36
C THR B 485 38.34 -84.09 11.17
N ALA B 486 39.32 -83.55 11.90
CA ALA B 486 39.08 -82.28 12.57
C ALA B 486 38.74 -81.20 11.53
N TRP B 487 37.63 -80.52 11.75
CA TRP B 487 37.10 -79.57 10.77
C TRP B 487 36.51 -78.37 11.48
N ALA B 488 36.78 -77.20 10.89
CA ALA B 488 36.20 -75.95 11.35
C ALA B 488 35.73 -75.16 10.13
N HIS B 489 34.74 -74.31 10.37
CA HIS B 489 34.03 -73.56 9.34
C HIS B 489 33.95 -72.11 9.80
N ILE B 490 34.41 -71.18 8.98
CA ILE B 490 34.41 -69.75 9.32
C ILE B 490 33.40 -69.05 8.41
N ASP B 491 32.31 -68.55 9.00
CA ASP B 491 31.27 -67.89 8.23
C ASP B 491 31.56 -66.39 8.21
N ILE B 492 31.87 -65.86 7.03
CA ILE B 492 32.31 -64.48 6.89
C ILE B 492 31.28 -63.64 6.14
N ALA B 493 30.04 -64.11 6.04
CA ALA B 493 29.05 -63.40 5.24
C ALA B 493 28.85 -61.98 5.73
N GLY B 494 28.93 -61.75 7.05
CA GLY B 494 28.70 -60.43 7.59
C GLY B 494 29.91 -59.51 7.64
N VAL B 495 31.14 -60.06 7.67
CA VAL B 495 32.33 -59.23 7.88
C VAL B 495 33.10 -58.97 6.59
N SER B 496 32.72 -59.55 5.47
CA SER B 496 33.64 -59.56 4.33
C SER B 496 33.61 -58.21 3.59
N TRP B 497 32.45 -57.59 3.48
CA TRP B 497 32.31 -56.31 2.81
C TRP B 497 32.29 -55.17 3.82
N ASN B 498 33.09 -54.14 3.55
CA ASN B 498 33.13 -52.92 4.36
C ASN B 498 32.13 -51.95 3.75
N PHE B 499 30.93 -51.89 4.36
CA PHE B 499 29.85 -51.08 3.79
C PHE B 499 30.12 -49.59 3.91
N LYS B 500 30.81 -49.16 4.97
CA LYS B 500 31.10 -47.73 5.11
C LYS B 500 32.06 -47.27 4.03
N ALA B 501 33.13 -48.01 3.78
CA ALA B 501 34.11 -47.62 2.78
C ALA B 501 33.79 -48.12 1.38
N ARG B 502 32.69 -48.85 1.21
CA ARG B 502 32.27 -49.39 -0.10
C ARG B 502 33.38 -50.22 -0.76
N LYS B 503 33.97 -51.15 0.01
CA LYS B 503 35.08 -51.91 -0.53
C LYS B 503 35.28 -53.19 0.27
N PRO B 504 35.85 -54.24 -0.32
CA PRO B 504 36.13 -55.46 0.45
C PRO B 504 37.14 -55.20 1.56
N LYS B 505 37.14 -56.09 2.54
CA LYS B 505 38.18 -56.07 3.56
C LYS B 505 39.31 -57.04 3.29
N GLY B 506 39.08 -58.07 2.49
CA GLY B 506 40.08 -59.11 2.35
C GLY B 506 40.14 -59.98 3.58
N PHE B 507 39.03 -60.07 4.31
CA PHE B 507 39.00 -60.72 5.61
C PHE B 507 39.33 -62.20 5.48
N GLY B 508 40.23 -62.67 6.33
CA GLY B 508 40.54 -64.07 6.42
C GLY B 508 41.96 -64.44 5.98
N VAL B 509 42.53 -63.67 5.04
CA VAL B 509 43.90 -63.95 4.59
C VAL B 509 44.84 -64.09 5.80
N ARG B 510 44.88 -63.06 6.65
CA ARG B 510 45.85 -63.03 7.74
C ARG B 510 45.52 -64.06 8.81
N LEU B 511 44.23 -64.23 9.11
CA LEU B 511 43.80 -65.31 10.00
C LEU B 511 44.32 -66.66 9.54
N LEU B 512 44.07 -67.01 8.27
CA LEU B 512 44.49 -68.34 7.81
C LEU B 512 46.00 -68.46 7.76
N THR B 513 46.71 -67.40 7.40
CA THR B 513 48.16 -67.48 7.36
C THR B 513 48.73 -67.67 8.77
N GLU B 514 48.25 -66.89 9.75
CA GLU B 514 48.72 -67.08 11.10
C GLU B 514 48.42 -68.49 11.60
N PHE B 515 47.25 -69.02 11.20
CA PHE B 515 46.95 -70.41 11.52
C PHE B 515 48.00 -71.36 10.95
N VAL B 516 48.28 -71.26 9.64
CA VAL B 516 49.30 -72.12 9.03
C VAL B 516 50.64 -71.93 9.71
N LEU B 517 51.01 -70.68 10.03
CA LEU B 517 52.35 -70.40 10.51
C LEU B 517 52.54 -70.89 11.95
N ASN B 518 51.59 -70.59 12.84
CA ASN B 518 51.72 -71.01 14.23
C ASN B 518 51.87 -72.53 14.37
N ASP B 519 51.25 -73.30 13.48
CA ASP B 519 51.49 -74.76 13.45
C ASP B 519 52.92 -75.09 13.00
N SER C 2 12.34 -89.30 -27.27
CA SER C 2 12.68 -90.40 -26.35
C SER C 2 13.93 -90.11 -25.51
N GLU C 3 15.01 -89.57 -26.08
CA GLU C 3 16.25 -89.35 -25.33
C GLU C 3 16.15 -88.08 -24.46
N VAL C 4 16.33 -88.24 -23.15
CA VAL C 4 16.27 -87.09 -22.24
C VAL C 4 17.53 -86.26 -22.40
N PRO C 5 17.43 -84.96 -22.70
CA PRO C 5 18.64 -84.11 -22.73
C PRO C 5 19.22 -83.92 -21.33
N GLN C 6 20.53 -83.71 -21.28
CA GLN C 6 21.25 -83.54 -20.01
C GLN C 6 22.12 -82.29 -20.10
N VAL C 7 22.33 -81.64 -18.97
CA VAL C 7 23.32 -80.56 -18.89
C VAL C 7 24.70 -81.11 -18.52
N VAL C 8 24.75 -81.96 -17.52
CA VAL C 8 25.95 -82.68 -17.15
C VAL C 8 25.60 -84.16 -17.14
N SER C 9 26.65 -84.99 -17.11
CA SER C 9 26.48 -86.44 -17.25
C SER C 9 25.81 -87.09 -16.03
N LEU C 10 25.78 -86.40 -14.89
CA LEU C 10 25.11 -86.94 -13.70
C LEU C 10 23.62 -86.67 -13.70
N ASP C 11 23.10 -85.89 -14.64
CA ASP C 11 21.66 -85.64 -14.72
C ASP C 11 20.92 -86.93 -15.06
N PRO C 12 19.81 -87.23 -14.37
CA PRO C 12 19.10 -88.48 -14.63
C PRO C 12 18.38 -88.45 -15.95
N THR C 13 18.25 -89.64 -16.55
CA THR C 13 17.57 -89.74 -17.84
C THR C 13 16.32 -90.60 -17.76
N SER C 14 15.88 -90.98 -16.58
CA SER C 14 14.61 -91.69 -16.44
C SER C 14 14.07 -91.47 -15.03
N ILE C 15 12.79 -91.70 -14.88
CA ILE C 15 12.14 -91.67 -13.57
C ILE C 15 12.24 -93.07 -12.96
N PRO C 16 12.90 -93.22 -11.81
CA PRO C 16 12.85 -94.53 -11.14
C PRO C 16 11.43 -94.83 -10.74
N ILE C 17 10.94 -96.02 -11.12
CA ILE C 17 9.57 -96.42 -10.88
C ILE C 17 9.56 -97.85 -10.32
N GLU C 18 8.93 -98.04 -9.16
CA GLU C 18 8.82 -99.37 -8.56
C GLU C 18 7.44 -99.94 -8.92
N TYR C 19 7.44 -100.99 -9.74
CA TYR C 19 6.21 -101.67 -10.14
C TYR C 19 5.86 -102.83 -9.18
N ASN C 20 6.80 -103.71 -8.89
CA ASN C 20 6.56 -104.82 -7.98
C ASN C 20 6.87 -104.36 -6.55
N THR C 21 5.88 -103.82 -5.87
CA THR C 21 6.09 -103.32 -4.53
C THR C 21 5.93 -104.44 -3.50
N PRO C 22 6.44 -104.23 -2.27
CA PRO C 22 6.15 -105.19 -1.18
C PRO C 22 4.66 -105.45 -0.97
N ILE C 23 3.82 -104.45 -1.19
CA ILE C 23 2.37 -104.68 -1.09
C ILE C 23 1.97 -105.83 -2.00
N HIS C 24 2.55 -105.92 -3.19
CA HIS C 24 2.14 -106.94 -4.14
C HIS C 24 2.54 -108.33 -3.69
N ASP C 25 3.49 -108.46 -2.77
CA ASP C 25 3.92 -109.75 -2.24
C ASP C 25 3.14 -110.19 -1.02
N ILE C 26 2.10 -109.47 -0.64
CA ILE C 26 1.29 -109.86 0.51
C ILE C 26 0.20 -110.81 0.02
N LYS C 27 0.20 -112.01 0.60
CA LYS C 27 -0.91 -112.94 0.40
C LYS C 27 -2.06 -112.52 1.30
N VAL C 28 -3.19 -112.19 0.69
CA VAL C 28 -4.36 -111.68 1.40
C VAL C 28 -5.43 -112.76 1.41
N GLN C 29 -5.92 -113.10 2.60
CA GLN C 29 -7.01 -114.06 2.78
C GLN C 29 -8.14 -113.40 3.56
N VAL C 30 -9.38 -113.69 3.16
CA VAL C 30 -10.55 -113.18 3.85
C VAL C 30 -11.34 -114.37 4.38
N TYR C 31 -11.71 -114.33 5.65
CA TYR C 31 -12.49 -115.38 6.26
C TYR C 31 -13.79 -114.81 6.83
N ASP C 32 -14.82 -115.64 6.90
CA ASP C 32 -16.04 -115.19 7.54
C ASP C 32 -15.86 -115.18 9.05
N ILE C 33 -16.32 -114.08 9.67
CA ILE C 33 -16.14 -113.89 11.10
C ILE C 33 -17.02 -114.82 11.92
N LYS C 34 -18.07 -115.40 11.32
CA LYS C 34 -18.95 -116.29 12.06
C LYS C 34 -18.35 -117.69 12.24
N GLY C 35 -17.19 -117.96 11.65
CA GLY C 35 -16.49 -119.20 11.91
C GLY C 35 -15.47 -119.12 13.03
N GLY C 36 -15.33 -117.97 13.65
CA GLY C 36 -14.33 -117.86 14.70
C GLY C 36 -12.96 -117.46 14.17
N CYS C 37 -12.20 -116.80 15.04
CA CYS C 37 -10.88 -116.25 14.68
C CYS C 37 -9.78 -117.15 15.22
N ASN C 38 -8.85 -117.53 14.36
CA ASN C 38 -7.66 -118.26 14.77
C ASN C 38 -6.53 -117.27 15.02
N VAL C 39 -5.94 -117.33 16.22
CA VAL C 39 -4.86 -116.45 16.59
C VAL C 39 -3.58 -117.25 16.76
N GLU C 40 -2.79 -117.36 15.70
CA GLU C 40 -1.62 -118.23 15.70
C GLU C 40 -0.30 -117.49 15.73
N GLU C 41 -0.19 -116.35 15.06
CA GLU C 41 1.11 -115.76 14.80
C GLU C 41 0.91 -114.29 14.42
N GLY C 42 2.03 -113.56 14.44
CA GLY C 42 2.04 -112.16 14.02
C GLY C 42 1.20 -111.29 14.94
N LEU C 43 0.56 -110.30 14.35
CA LEU C 43 -0.28 -109.37 15.09
C LEU C 43 -1.72 -109.53 14.63
N THR C 44 -2.64 -109.60 15.59
CA THR C 44 -4.07 -109.73 15.32
C THR C 44 -4.78 -108.52 15.92
N ILE C 45 -5.31 -107.64 15.07
CA ILE C 45 -5.89 -106.38 15.50
C ILE C 45 -7.40 -106.45 15.32
N PHE C 46 -8.12 -106.09 16.38
CA PHE C 46 -9.58 -106.02 16.37
C PHE C 46 -9.99 -104.58 16.13
N LEU C 47 -10.89 -104.37 15.18
CA LEU C 47 -11.46 -103.06 14.95
C LEU C 47 -12.78 -102.97 15.71
N VAL C 48 -12.85 -102.04 16.66
CA VAL C 48 -13.88 -102.09 17.71
C VAL C 48 -14.44 -100.69 17.94
N ASN C 49 -15.76 -100.57 17.93
CA ASN C 49 -16.44 -99.35 18.37
C ASN C 49 -17.30 -99.66 19.58
N ASN C 50 -18.03 -98.65 20.04
CA ASN C 50 -19.00 -98.79 21.13
C ASN C 50 -20.05 -97.72 20.88
N PRO C 51 -21.17 -98.08 20.24
CA PRO C 51 -22.12 -97.06 19.79
C PRO C 51 -22.77 -96.31 20.95
N GLY C 52 -23.01 -95.02 20.75
CA GLY C 52 -23.59 -94.18 21.78
C GLY C 52 -22.58 -93.73 22.80
N LYS C 53 -22.17 -94.65 23.68
CA LYS C 53 -21.24 -94.35 24.76
C LYS C 53 -19.91 -93.78 24.25
N GLU C 54 -19.75 -92.46 24.32
CA GLU C 54 -18.48 -91.84 23.93
C GLU C 54 -17.37 -92.32 24.86
N ASN C 55 -16.24 -92.69 24.27
CA ASN C 55 -15.12 -93.27 25.03
C ASN C 55 -15.59 -94.50 25.81
N GLY C 56 -16.43 -95.31 25.18
CA GLY C 56 -16.97 -96.47 25.82
C GLY C 56 -15.95 -97.58 25.94
N PRO C 57 -16.22 -98.57 26.78
CA PRO C 57 -15.27 -99.66 26.99
C PRO C 57 -15.17 -100.56 25.77
N VAL C 58 -13.98 -101.15 25.61
CA VAL C 58 -13.78 -102.17 24.57
C VAL C 58 -14.45 -103.47 24.98
N LYS C 59 -15.16 -104.09 24.04
CA LYS C 59 -15.71 -105.43 24.19
C LYS C 59 -15.49 -106.19 22.89
N ILE C 60 -14.92 -107.39 22.98
CA ILE C 60 -14.57 -108.17 21.80
C ILE C 60 -15.69 -109.16 21.51
N SER C 61 -16.47 -108.88 20.47
CA SER C 61 -17.67 -109.67 20.17
C SER C 61 -17.38 -110.94 19.38
N SER C 62 -16.25 -111.02 18.71
CA SER C 62 -16.02 -112.17 17.84
C SER C 62 -15.79 -113.43 18.65
N LYS C 63 -16.06 -114.57 18.03
CA LYS C 63 -15.66 -115.84 18.61
C LYS C 63 -14.20 -116.10 18.31
N VAL C 64 -13.41 -116.43 19.33
CA VAL C 64 -11.98 -116.68 19.17
C VAL C 64 -11.74 -118.16 19.42
N ASN C 65 -11.18 -118.84 18.41
CA ASN C 65 -10.96 -120.28 18.47
C ASN C 65 -9.63 -120.61 19.17
N ASP C 66 -9.52 -120.10 20.40
CA ASP C 66 -8.39 -120.41 21.26
C ASP C 66 -8.81 -120.07 22.68
N LYS C 67 -8.68 -121.03 23.58
CA LYS C 67 -9.18 -120.82 24.94
C LYS C 67 -8.37 -119.75 25.68
N GLN C 68 -7.04 -119.80 25.56
CA GLN C 68 -6.19 -118.83 26.25
C GLN C 68 -6.46 -117.40 25.78
N VAL C 69 -6.61 -117.19 24.47
CA VAL C 69 -6.84 -115.83 23.95
C VAL C 69 -8.28 -115.39 24.22
N SER C 70 -9.24 -116.31 24.10
CA SER C 70 -10.61 -115.99 24.51
C SER C 70 -10.65 -115.50 25.95
N GLU C 71 -9.88 -116.16 26.83
CA GLU C 71 -9.86 -115.74 28.23
C GLU C 71 -9.21 -114.37 28.39
N PHE C 72 -8.09 -114.11 27.68
CA PHE C 72 -7.42 -112.83 27.79
C PHE C 72 -8.36 -111.69 27.41
N LEU C 73 -9.20 -111.90 26.40
CA LEU C 73 -10.02 -110.85 25.80
C LEU C 73 -11.43 -110.77 26.40
N LYS C 74 -11.73 -111.52 27.45
CA LYS C 74 -13.06 -111.42 28.05
C LYS C 74 -13.29 -110.00 28.56
N ASP C 75 -14.57 -109.65 28.72
CA ASP C 75 -14.95 -108.26 28.97
C ASP C 75 -14.28 -107.71 30.24
N GLU C 76 -14.18 -108.54 31.29
CA GLU C 76 -13.52 -108.11 32.52
C GLU C 76 -12.14 -107.54 32.24
N ASN C 77 -11.36 -108.22 31.38
CA ASN C 77 -9.99 -107.78 31.09
C ASN C 77 -9.94 -106.57 30.18
N MET C 78 -10.90 -106.41 29.28
CA MET C 78 -10.88 -105.35 28.28
C MET C 78 -11.52 -104.06 28.76
N GLU C 79 -12.15 -104.07 29.95
CA GLU C 79 -12.95 -102.94 30.40
C GLU C 79 -12.11 -101.68 30.60
N LYS C 80 -10.84 -101.84 30.97
CA LYS C 80 -10.02 -100.65 31.21
C LYS C 80 -9.60 -99.93 29.92
N PHE C 81 -9.93 -100.45 28.75
CA PHE C 81 -9.58 -99.81 27.50
C PHE C 81 -10.83 -99.22 26.86
N ASN C 82 -10.67 -98.10 26.15
CA ASN C 82 -11.82 -97.44 25.54
C ASN C 82 -11.61 -97.28 24.03
N VAL C 83 -12.69 -96.88 23.36
CA VAL C 83 -12.79 -97.00 21.91
C VAL C 83 -12.56 -95.67 21.20
N LYS C 84 -12.10 -94.64 21.90
CA LYS C 84 -11.83 -93.35 21.28
C LYS C 84 -11.16 -93.53 19.92
N LEU C 85 -11.78 -92.95 18.89
CA LEU C 85 -11.31 -93.10 17.52
C LEU C 85 -9.81 -92.89 17.43
N GLY C 86 -9.12 -93.87 16.85
CA GLY C 86 -7.68 -93.78 16.64
C GLY C 86 -6.82 -94.25 17.79
N THR C 87 -7.41 -94.62 18.92
CA THR C 87 -6.61 -95.14 20.00
C THR C 87 -6.29 -96.60 19.71
N SER C 88 -5.21 -97.10 20.30
CA SER C 88 -4.83 -98.48 20.04
C SER C 88 -4.00 -99.00 21.20
N LYS C 89 -3.97 -100.34 21.31
CA LYS C 89 -3.18 -101.01 22.34
C LYS C 89 -2.67 -102.33 21.78
N HIS C 90 -1.58 -102.80 22.38
CA HIS C 90 -0.93 -104.06 22.09
C HIS C 90 -1.05 -104.98 23.29
N PHE C 91 -1.39 -106.25 23.06
CA PHE C 91 -1.37 -107.28 24.07
C PHE C 91 -0.39 -108.39 23.69
N TYR C 92 0.16 -109.07 24.70
CA TYR C 92 1.06 -110.19 24.53
C TYR C 92 0.61 -111.34 25.42
N MET C 93 0.49 -112.54 24.86
CA MET C 93 -0.01 -113.69 25.61
C MET C 93 0.43 -114.98 24.91
N PHE C 94 0.11 -116.12 25.52
CA PHE C 94 0.37 -117.43 24.94
C PHE C 94 -0.93 -118.09 24.54
N ASN C 95 -0.97 -118.70 23.37
CA ASN C 95 -2.21 -119.32 22.94
C ASN C 95 -2.25 -120.76 23.46
N ASP C 96 -3.18 -121.56 22.95
CA ASP C 96 -3.33 -122.92 23.45
C ASP C 96 -2.13 -123.79 23.09
N ASN C 97 -1.49 -123.53 21.94
CA ASN C 97 -0.29 -124.24 21.51
C ASN C 97 0.95 -123.86 22.29
N LYS C 98 0.83 -123.04 23.34
CA LYS C 98 1.96 -122.59 24.15
C LYS C 98 2.94 -121.75 23.32
N ASN C 99 2.44 -121.07 22.28
CA ASN C 99 3.19 -120.09 21.52
C ASN C 99 2.77 -118.68 21.94
N SER C 100 3.73 -117.75 21.89
CA SER C 100 3.42 -116.37 22.19
C SER C 100 2.80 -115.72 20.97
N VAL C 101 1.76 -114.90 21.21
CA VAL C 101 1.09 -114.18 20.14
C VAL C 101 0.90 -112.75 20.59
N ALA C 102 0.77 -111.87 19.60
CA ALA C 102 0.52 -110.45 19.82
C ALA C 102 -0.88 -110.14 19.29
N VAL C 103 -1.65 -109.41 20.09
CA VAL C 103 -3.04 -109.11 19.82
C VAL C 103 -3.26 -107.65 20.21
N GLY C 104 -4.26 -107.02 19.61
CA GLY C 104 -4.54 -105.65 19.97
C GLY C 104 -5.84 -105.18 19.33
N TYR C 105 -6.02 -103.86 19.37
CA TYR C 105 -7.25 -103.30 18.84
C TYR C 105 -6.98 -101.86 18.47
N VAL C 106 -7.81 -101.37 17.55
CA VAL C 106 -7.85 -99.95 17.19
C VAL C 106 -9.26 -99.46 17.44
N GLY C 107 -9.38 -98.38 18.20
CA GLY C 107 -10.68 -97.81 18.52
C GLY C 107 -11.25 -97.07 17.33
N CYS C 108 -12.52 -97.34 17.02
CA CYS C 108 -13.20 -96.68 15.91
C CYS C 108 -14.33 -95.78 16.41
N GLY C 109 -14.32 -95.43 17.69
CA GLY C 109 -15.21 -94.39 18.17
C GLY C 109 -16.61 -94.89 18.48
N SER C 110 -17.54 -93.94 18.45
CA SER C 110 -18.90 -94.19 18.89
C SER C 110 -19.94 -94.10 17.79
N VAL C 111 -19.61 -93.50 16.65
CA VAL C 111 -20.53 -93.37 15.53
C VAL C 111 -20.46 -94.65 14.69
N ALA C 112 -21.61 -95.27 14.45
CA ALA C 112 -21.67 -96.54 13.74
C ALA C 112 -21.39 -96.40 12.25
N ASP C 113 -21.22 -95.19 11.73
CA ASP C 113 -20.91 -94.96 10.33
C ASP C 113 -19.66 -94.10 10.24
N LEU C 114 -18.54 -94.70 9.86
CA LEU C 114 -17.27 -93.98 9.78
C LEU C 114 -17.19 -93.19 8.49
N SER C 115 -16.70 -91.96 8.60
CA SER C 115 -16.51 -91.14 7.41
C SER C 115 -15.19 -91.50 6.73
N GLU C 116 -15.04 -90.99 5.50
CA GLU C 116 -13.78 -91.03 4.79
C GLU C 116 -12.62 -90.67 5.71
N ALA C 117 -12.76 -89.54 6.43
CA ALA C 117 -11.66 -89.03 7.26
C ALA C 117 -11.47 -89.90 8.50
N ASP C 118 -12.57 -90.36 9.11
CA ASP C 118 -12.46 -91.19 10.29
C ASP C 118 -11.76 -92.52 9.98
N MET C 119 -12.06 -93.09 8.81
CA MET C 119 -11.43 -94.36 8.44
C MET C 119 -9.96 -94.18 8.13
N LYS C 120 -9.59 -93.03 7.56
CA LYS C 120 -8.18 -92.69 7.43
C LYS C 120 -7.50 -92.70 8.79
N ARG C 121 -8.14 -92.09 9.81
CA ARG C 121 -7.55 -92.09 11.15
C ARG C 121 -7.35 -93.51 11.65
N VAL C 122 -8.32 -94.40 11.39
CA VAL C 122 -8.20 -95.80 11.84
C VAL C 122 -7.00 -96.46 11.18
N VAL C 123 -6.85 -96.29 9.87
CA VAL C 123 -5.75 -96.93 9.16
C VAL C 123 -4.40 -96.40 9.66
N LEU C 124 -4.32 -95.09 9.91
CA LEU C 124 -3.05 -94.52 10.35
C LEU C 124 -2.64 -95.06 11.73
N SER C 125 -3.61 -95.29 12.61
CA SER C 125 -3.28 -95.92 13.89
C SER C 125 -2.80 -97.35 13.67
N LEU C 126 -3.50 -98.10 12.81
CA LEU C 126 -3.05 -99.45 12.45
C LEU C 126 -1.63 -99.44 11.91
N VAL C 127 -1.35 -98.52 11.00
CA VAL C 127 -0.01 -98.45 10.42
C VAL C 127 1.05 -98.11 11.48
N THR C 128 0.71 -97.31 12.51
CA THR C 128 1.72 -97.07 13.55
C THR C 128 2.09 -98.38 14.26
N MET C 129 1.17 -99.33 14.34
CA MET C 129 1.47 -100.61 14.95
C MET C 129 2.26 -101.51 14.03
N LEU C 130 2.29 -101.23 12.73
CA LEU C 130 3.05 -102.02 11.79
C LEU C 130 4.47 -101.50 11.62
N HIS C 131 4.67 -100.21 11.81
CA HIS C 131 6.00 -99.61 11.73
C HIS C 131 6.78 -99.90 13.00
N ASP C 132 8.11 -100.00 12.84
CA ASP C 132 9.04 -100.26 13.96
C ASP C 132 8.70 -101.56 14.66
N ASN C 133 8.13 -102.51 13.92
CA ASN C 133 7.81 -103.81 14.47
C ASN C 133 7.94 -104.82 13.33
N LYS C 134 8.97 -105.66 13.39
CA LYS C 134 9.27 -106.62 12.34
C LYS C 134 8.32 -107.82 12.47
N LEU C 135 7.24 -107.79 11.68
CA LEU C 135 6.15 -108.76 11.76
C LEU C 135 6.06 -109.51 10.44
N SER C 136 5.75 -110.80 10.52
CA SER C 136 5.56 -111.54 9.28
C SER C 136 4.11 -111.57 8.83
N LYS C 137 3.16 -111.30 9.73
CA LYS C 137 1.75 -111.48 9.41
C LYS C 137 0.91 -110.47 10.19
N LEU C 138 -0.13 -109.95 9.52
CA LEU C 138 -1.15 -109.13 10.15
C LEU C 138 -2.51 -109.76 9.92
N THR C 139 -3.33 -109.79 10.98
CA THR C 139 -4.73 -110.20 10.89
C THR C 139 -5.60 -109.05 11.40
N VAL C 140 -6.66 -108.72 10.65
CA VAL C 140 -7.59 -107.67 11.03
C VAL C 140 -8.98 -108.29 11.20
N VAL C 141 -9.61 -108.04 12.34
CA VAL C 141 -10.96 -108.53 12.62
C VAL C 141 -11.90 -107.34 12.64
N PHE C 142 -12.85 -107.33 11.69
CA PHE C 142 -13.80 -106.23 11.53
C PHE C 142 -14.99 -106.50 12.44
N GLU C 143 -15.02 -105.82 13.58
CA GLU C 143 -16.19 -105.79 14.45
C GLU C 143 -16.97 -104.49 14.31
N ILE C 144 -16.87 -103.85 13.14
CA ILE C 144 -17.61 -102.64 12.81
C ILE C 144 -18.31 -102.89 11.48
N ASN C 145 -19.29 -102.04 11.17
CA ASN C 145 -20.06 -102.18 9.94
C ASN C 145 -19.44 -101.30 8.85
N VAL C 146 -19.16 -101.89 7.70
CA VAL C 146 -18.63 -101.15 6.54
C VAL C 146 -19.28 -101.73 5.28
N ASP C 147 -19.74 -100.86 4.39
CA ASP C 147 -20.18 -101.35 3.09
C ASP C 147 -18.97 -101.79 2.25
N LYS C 148 -19.23 -102.18 1.00
CA LYS C 148 -18.16 -102.72 0.17
C LYS C 148 -17.13 -101.65 -0.22
N ASN C 149 -17.59 -100.46 -0.64
CA ASN C 149 -16.65 -99.42 -1.03
C ASN C 149 -15.78 -98.95 0.14
N LEU C 150 -16.28 -99.09 1.37
CA LEU C 150 -15.50 -98.64 2.51
C LEU C 150 -14.46 -99.69 2.91
N PHE C 151 -14.85 -100.97 2.81
CA PHE C 151 -13.87 -102.04 3.01
C PHE C 151 -12.76 -101.94 1.98
N ARG C 152 -13.12 -101.65 0.73
CA ARG C 152 -12.10 -101.40 -0.29
C ARG C 152 -11.23 -100.21 0.09
N PHE C 153 -11.86 -99.12 0.51
CA PHE C 153 -11.12 -97.93 0.88
C PHE C 153 -10.19 -98.21 2.05
N PHE C 154 -10.65 -99.01 3.02
CA PHE C 154 -9.77 -99.44 4.11
C PHE C 154 -8.49 -100.09 3.57
N LEU C 155 -8.64 -101.06 2.65
CA LEU C 155 -7.48 -101.79 2.14
C LEU C 155 -6.58 -100.88 1.31
N GLU C 156 -7.14 -100.19 0.30
CA GLU C 156 -6.35 -99.23 -0.50
C GLU C 156 -5.51 -98.33 0.39
N THR C 157 -6.16 -97.76 1.42
CA THR C 157 -5.49 -96.81 2.29
C THR C 157 -4.41 -97.47 3.13
N LEU C 158 -4.71 -98.65 3.68
CA LEU C 158 -3.70 -99.41 4.39
C LEU C 158 -2.49 -99.69 3.49
N PHE C 159 -2.74 -100.15 2.26
CA PHE C 159 -1.63 -100.41 1.33
C PHE C 159 -0.81 -99.15 1.05
N TYR C 160 -1.49 -98.06 0.70
CA TYR C 160 -0.80 -96.82 0.35
C TYR C 160 0.03 -96.31 1.52
N GLU C 161 -0.55 -96.28 2.73
CA GLU C 161 0.17 -95.69 3.85
C GLU C 161 1.29 -96.59 4.36
N TYR C 162 1.11 -97.91 4.24
CA TYR C 162 2.13 -98.86 4.68
C TYR C 162 3.39 -98.75 3.84
N MET C 163 3.24 -98.42 2.57
CA MET C 163 4.36 -98.38 1.65
C MET C 163 5.23 -97.15 1.93
N THR C 164 6.55 -97.34 1.86
CA THR C 164 7.52 -96.27 2.08
C THR C 164 8.35 -96.12 0.81
N ASP C 165 8.39 -94.91 0.24
CA ASP C 165 9.07 -94.66 -1.02
C ASP C 165 10.55 -94.36 -0.76
N GLU C 166 11.41 -95.33 -1.04
CA GLU C 166 12.84 -95.18 -0.82
C GLU C 166 13.63 -95.07 -2.12
N ARG C 167 12.98 -94.72 -3.23
CA ARG C 167 13.70 -94.63 -4.50
C ARG C 167 14.86 -93.65 -4.44
N PHE C 168 14.72 -92.56 -3.68
CA PHE C 168 15.76 -91.55 -3.67
C PHE C 168 16.63 -91.61 -2.43
N LYS C 169 16.45 -92.62 -1.60
CA LYS C 169 17.36 -92.89 -0.49
C LYS C 169 18.60 -93.60 -1.01
N SER C 170 19.75 -93.23 -0.44
CA SER C 170 21.02 -93.85 -0.85
C SER C 170 21.80 -94.32 0.37
N THR C 171 22.33 -93.38 1.15
CA THR C 171 23.00 -93.74 2.39
C THR C 171 22.09 -93.72 3.62
N ASP C 172 20.79 -93.41 3.48
CA ASP C 172 19.88 -93.34 4.62
C ASP C 172 18.62 -94.19 4.41
N LYS C 173 18.76 -95.33 3.74
CA LYS C 173 17.67 -96.30 3.71
C LYS C 173 17.40 -96.83 5.13
N ASN C 174 16.15 -97.20 5.38
CA ASN C 174 15.78 -97.78 6.67
C ASN C 174 16.30 -99.22 6.75
N VAL C 175 17.31 -99.46 7.60
CA VAL C 175 17.84 -100.81 7.74
C VAL C 175 16.86 -101.76 8.41
N ASN C 176 15.79 -101.24 9.02
CA ASN C 176 14.83 -102.07 9.75
C ASN C 176 13.54 -102.29 8.97
N MET C 177 13.49 -101.84 7.73
CA MET C 177 12.30 -101.94 6.88
C MET C 177 11.99 -103.40 6.56
N GLU C 178 10.94 -103.94 7.15
CA GLU C 178 10.48 -105.29 6.82
C GLU C 178 8.98 -105.22 6.68
N TYR C 179 8.45 -105.84 5.64
CA TYR C 179 7.02 -105.83 5.36
C TYR C 179 6.43 -107.19 5.69
N ILE C 180 5.20 -107.18 6.19
CA ILE C 180 4.43 -108.41 6.34
C ILE C 180 4.30 -109.09 4.98
N LYS C 181 4.22 -110.43 5.03
CA LYS C 181 4.00 -111.25 3.84
C LYS C 181 2.60 -111.86 3.81
N HIS C 182 1.82 -111.69 4.86
CA HIS C 182 0.50 -112.29 4.94
C HIS C 182 -0.43 -111.31 5.60
N LEU C 183 -1.62 -111.14 5.00
CA LEU C 183 -2.69 -110.34 5.58
C LEU C 183 -3.94 -111.20 5.67
N GLY C 184 -4.49 -111.32 6.87
CA GLY C 184 -5.73 -112.05 7.10
C GLY C 184 -6.82 -111.07 7.52
N VAL C 185 -8.03 -111.28 7.01
CA VAL C 185 -9.16 -110.39 7.28
C VAL C 185 -10.38 -111.22 7.67
N TYR C 186 -10.95 -110.93 8.82
CA TYR C 186 -12.17 -111.58 9.28
C TYR C 186 -13.29 -110.55 9.24
N ILE C 187 -14.38 -110.87 8.54
CA ILE C 187 -15.47 -109.92 8.39
C ILE C 187 -16.76 -110.71 8.22
N ASN C 188 -17.89 -110.08 8.57
CA ASN C 188 -19.19 -110.69 8.35
C ASN C 188 -19.50 -110.73 6.87
N ASN C 189 -20.12 -111.82 6.42
CA ASN C 189 -20.48 -112.03 5.01
C ASN C 189 -19.24 -111.93 4.11
N ALA C 190 -18.22 -112.74 4.42
CA ALA C 190 -16.92 -112.61 3.76
C ALA C 190 -17.02 -112.74 2.25
N ASP C 191 -17.87 -113.65 1.76
CA ASP C 191 -17.89 -113.95 0.34
C ASP C 191 -18.17 -112.70 -0.51
N THR C 192 -18.98 -111.78 -0.02
CA THR C 192 -19.28 -110.57 -0.78
C THR C 192 -18.13 -109.56 -0.77
N TYR C 193 -17.23 -109.62 0.21
CA TYR C 193 -16.11 -108.69 0.26
C TYR C 193 -14.86 -109.20 -0.44
N LYS C 194 -14.83 -110.49 -0.78
CA LYS C 194 -13.62 -111.06 -1.36
C LYS C 194 -13.25 -110.36 -2.66
N GLU C 195 -14.26 -110.00 -3.48
CA GLU C 195 -13.99 -109.36 -4.77
C GLU C 195 -13.31 -108.01 -4.62
N GLU C 196 -13.45 -107.37 -3.46
CA GLU C 196 -12.86 -106.06 -3.23
C GLU C 196 -11.36 -106.12 -3.05
N VAL C 197 -10.81 -107.29 -2.67
CA VAL C 197 -9.39 -107.37 -2.31
C VAL C 197 -8.51 -107.01 -3.51
N GLU C 198 -8.70 -107.67 -4.65
CA GLU C 198 -7.79 -107.40 -5.75
C GLU C 198 -8.10 -106.05 -6.40
N LYS C 199 -9.35 -105.61 -6.36
CA LYS C 199 -9.66 -104.24 -6.77
C LYS C 199 -8.91 -103.23 -5.93
N ALA C 200 -8.94 -103.39 -4.60
CA ALA C 200 -8.16 -102.53 -3.72
C ALA C 200 -6.68 -102.57 -4.09
N ARG C 201 -6.17 -103.73 -4.44
CA ARG C 201 -4.76 -103.80 -4.80
C ARG C 201 -4.49 -103.04 -6.09
N VAL C 202 -5.42 -103.11 -7.05
CA VAL C 202 -5.28 -102.36 -8.29
C VAL C 202 -5.36 -100.85 -8.00
N TYR C 203 -6.36 -100.46 -7.20
CA TYR C 203 -6.56 -99.05 -6.87
C TYR C 203 -5.40 -98.52 -6.07
N TYR C 204 -4.83 -99.35 -5.19
CA TYR C 204 -3.64 -98.92 -4.44
C TYR C 204 -2.48 -98.64 -5.37
N PHE C 205 -2.23 -99.52 -6.35
CA PHE C 205 -1.05 -99.28 -7.17
C PHE C 205 -1.24 -98.10 -8.11
N GLY C 206 -2.42 -97.94 -8.71
CA GLY C 206 -2.67 -96.76 -9.52
C GLY C 206 -2.41 -95.46 -8.78
N THR C 207 -2.92 -95.38 -7.53
CA THR C 207 -2.69 -94.22 -6.67
C THR C 207 -1.21 -94.06 -6.33
N TYR C 208 -0.55 -95.17 -6.01
CA TYR C 208 0.85 -95.15 -5.60
C TYR C 208 1.75 -94.85 -6.78
N TYR C 209 1.44 -95.42 -7.95
CA TYR C 209 2.15 -95.07 -9.16
C TYR C 209 2.07 -93.58 -9.44
N ALA C 210 0.88 -92.99 -9.26
CA ALA C 210 0.74 -91.55 -9.47
C ALA C 210 1.57 -90.78 -8.46
N SER C 211 1.55 -91.22 -7.20
CA SER C 211 2.34 -90.55 -6.17
C SER C 211 3.84 -90.67 -6.46
N GLN C 212 4.29 -91.80 -7.00
CA GLN C 212 5.70 -91.91 -7.41
C GLN C 212 6.07 -90.87 -8.46
N LEU C 213 5.22 -90.67 -9.47
CA LEU C 213 5.52 -89.66 -10.48
C LEU C 213 5.53 -88.25 -9.90
N ILE C 214 4.55 -87.93 -9.05
CA ILE C 214 4.49 -86.61 -8.42
C ILE C 214 5.70 -86.35 -7.54
N ALA C 215 6.03 -87.29 -6.64
CA ALA C 215 7.10 -87.06 -5.68
C ALA C 215 8.47 -86.96 -6.36
N ALA C 216 8.66 -87.66 -7.46
CA ALA C 216 9.86 -87.57 -8.26
C ALA C 216 10.18 -86.11 -8.59
N PRO C 217 11.36 -85.62 -8.23
CA PRO C 217 11.69 -84.21 -8.46
C PRO C 217 11.84 -83.90 -9.95
N SER C 218 11.86 -82.59 -10.20
CA SER C 218 11.78 -82.08 -11.56
C SER C 218 13.02 -82.43 -12.38
N ASN C 219 14.17 -82.70 -11.74
CA ASN C 219 15.33 -83.11 -12.51
C ASN C 219 15.24 -84.55 -12.98
N TYR C 220 14.46 -85.39 -12.30
CA TYR C 220 14.13 -86.76 -12.73
C TYR C 220 12.89 -86.80 -13.62
N CYS C 221 11.85 -86.05 -13.25
CA CYS C 221 10.53 -86.10 -13.87
C CYS C 221 10.36 -84.84 -14.71
N ASN C 222 10.73 -84.94 -15.98
CA ASN C 222 10.70 -83.78 -16.87
C ASN C 222 9.84 -84.19 -18.05
N PRO C 223 9.50 -83.29 -18.98
CA PRO C 223 8.53 -83.68 -20.03
C PRO C 223 8.93 -84.91 -20.83
N VAL C 224 10.23 -85.15 -21.00
CA VAL C 224 10.66 -86.30 -21.79
C VAL C 224 10.59 -87.59 -20.98
N SER C 225 11.12 -87.58 -19.76
CA SER C 225 11.08 -88.79 -18.95
C SER C 225 9.65 -89.15 -18.52
N LEU C 226 8.77 -88.16 -18.37
CA LEU C 226 7.38 -88.49 -18.04
C LEU C 226 6.68 -89.18 -19.21
N SER C 227 6.80 -88.61 -20.41
CA SER C 227 6.19 -89.26 -21.56
C SER C 227 6.82 -90.62 -21.86
N ASN C 228 8.12 -90.77 -21.60
CA ASN C 228 8.77 -92.08 -21.71
C ASN C 228 8.13 -93.11 -20.76
N ALA C 229 7.88 -92.71 -19.52
CA ALA C 229 7.25 -93.60 -18.56
C ALA C 229 5.83 -93.96 -18.98
N ALA C 230 5.06 -92.97 -19.46
CA ALA C 230 3.71 -93.23 -19.94
C ALA C 230 3.71 -94.26 -21.07
N VAL C 231 4.67 -94.18 -21.98
CA VAL C 231 4.81 -95.18 -23.04
C VAL C 231 5.08 -96.55 -22.45
N GLU C 232 6.01 -96.61 -21.50
CA GLU C 232 6.37 -97.89 -20.89
C GLU C 232 5.17 -98.49 -20.17
N LEU C 233 4.34 -97.63 -19.56
CA LEU C 233 3.10 -98.09 -18.94
C LEU C 233 2.13 -98.64 -19.99
N ALA C 234 1.97 -97.91 -21.09
CA ALA C 234 1.10 -98.36 -22.17
C ALA C 234 1.55 -99.73 -22.70
N GLN C 235 2.84 -99.93 -22.91
CA GLN C 235 3.32 -101.20 -23.41
C GLN C 235 3.00 -102.32 -22.43
N LYS C 236 3.25 -102.11 -21.14
CA LYS C 236 2.94 -103.13 -20.15
C LYS C 236 1.44 -103.44 -20.10
N LEU C 237 0.60 -102.44 -20.34
CA LEU C 237 -0.84 -102.64 -20.27
C LEU C 237 -1.47 -102.99 -21.61
N ASN C 238 -0.70 -102.99 -22.69
CA ASN C 238 -1.21 -103.20 -24.05
C ASN C 238 -2.25 -102.14 -24.43
N LEU C 239 -2.00 -100.90 -24.05
CA LEU C 239 -2.80 -99.77 -24.51
C LEU C 239 -2.21 -99.20 -25.80
N GLU C 240 -3.09 -98.69 -26.67
CA GLU C 240 -2.62 -97.86 -27.78
C GLU C 240 -1.96 -96.63 -27.20
N TYR C 241 -0.91 -96.14 -27.85
CA TYR C 241 -0.28 -94.92 -27.35
C TYR C 241 0.29 -94.12 -28.51
N LYS C 242 0.37 -92.82 -28.29
CA LYS C 242 0.97 -91.92 -29.25
C LYS C 242 1.55 -90.75 -28.45
N ILE C 243 2.79 -90.40 -28.72
CA ILE C 243 3.42 -89.22 -28.13
C ILE C 243 3.65 -88.22 -29.25
N LEU C 244 3.10 -87.03 -29.09
CA LEU C 244 3.21 -85.99 -30.10
C LEU C 244 4.37 -85.07 -29.73
N GLY C 245 5.29 -84.87 -30.67
CA GLY C 245 6.39 -83.97 -30.48
C GLY C 245 6.10 -82.60 -31.06
N VAL C 246 7.13 -81.75 -30.99
CA VAL C 246 6.95 -80.33 -31.30
C VAL C 246 6.51 -80.15 -32.75
N LYS C 247 7.15 -80.86 -33.68
CA LYS C 247 6.79 -80.67 -35.08
C LYS C 247 5.31 -81.02 -35.32
N GLU C 248 4.81 -82.08 -34.66
CA GLU C 248 3.40 -82.42 -34.82
C GLU C 248 2.50 -81.42 -34.09
N LEU C 249 2.96 -80.87 -32.97
CA LEU C 249 2.16 -79.88 -32.27
C LEU C 249 2.10 -78.57 -33.05
N GLU C 250 3.21 -78.19 -33.68
CA GLU C 250 3.19 -77.04 -34.58
C GLU C 250 2.16 -77.26 -35.69
N GLU C 251 2.18 -78.44 -36.32
CA GLU C 251 1.19 -78.76 -37.35
C GLU C 251 -0.22 -78.65 -36.80
N LEU C 252 -0.44 -79.08 -35.57
CA LEU C 252 -1.76 -78.95 -34.97
C LEU C 252 -2.05 -77.54 -34.47
N LYS C 253 -1.07 -76.62 -34.56
CA LYS C 253 -1.28 -75.21 -34.23
C LYS C 253 -1.59 -75.01 -32.74
N MET C 254 -0.97 -75.82 -31.89
CA MET C 254 -1.12 -75.70 -30.44
C MET C 254 -0.23 -74.56 -29.91
N GLY C 255 -0.61 -73.33 -30.27
CA GLY C 255 0.23 -72.19 -29.93
C GLY C 255 0.20 -71.81 -28.46
N ALA C 256 -0.88 -72.13 -27.77
CA ALA C 256 -0.94 -71.84 -26.34
C ALA C 256 -0.04 -72.81 -25.57
N TYR C 257 -0.22 -74.11 -25.81
CA TYR C 257 0.62 -75.12 -25.17
C TYR C 257 2.10 -74.89 -25.49
N LEU C 258 2.44 -74.63 -26.75
CA LEU C 258 3.85 -74.51 -27.14
C LEU C 258 4.50 -73.28 -26.53
N SER C 259 3.76 -72.21 -26.32
CA SER C 259 4.35 -71.00 -25.75
C SER C 259 4.83 -71.24 -24.33
N VAL C 260 4.05 -71.96 -23.54
CA VAL C 260 4.44 -72.26 -22.15
C VAL C 260 5.78 -73.00 -22.12
N GLY C 261 5.94 -74.01 -22.98
CA GLY C 261 7.18 -74.76 -22.97
C GLY C 261 8.35 -74.13 -23.68
N LYS C 262 8.19 -72.92 -24.23
CA LYS C 262 9.25 -72.32 -25.05
C LYS C 262 10.53 -72.14 -24.24
N GLY C 263 10.42 -71.75 -22.99
CA GLY C 263 11.61 -71.48 -22.22
C GLY C 263 12.35 -72.68 -21.68
N SER C 264 11.89 -73.91 -21.91
CA SER C 264 12.46 -75.09 -21.27
C SER C 264 13.49 -75.76 -22.18
N MET C 265 14.44 -76.48 -21.56
CA MET C 265 15.40 -77.32 -22.26
C MET C 265 14.80 -78.66 -22.66
N TYR C 266 13.58 -78.94 -22.25
CA TYR C 266 12.96 -80.20 -22.59
C TYR C 266 11.88 -79.94 -23.61
N PRO C 267 11.91 -80.63 -24.75
CA PRO C 267 10.84 -80.46 -25.73
C PRO C 267 9.49 -80.85 -25.14
N ASN C 268 8.46 -80.12 -25.56
CA ASN C 268 7.09 -80.45 -25.19
C ASN C 268 6.75 -81.86 -25.67
N LYS C 269 6.01 -82.61 -24.85
CA LYS C 269 5.56 -83.94 -25.23
C LYS C 269 4.10 -84.07 -24.83
N PHE C 270 3.25 -84.35 -25.79
CA PHE C 270 1.82 -84.55 -25.56
C PHE C 270 1.52 -86.05 -25.52
N ILE C 271 1.14 -86.54 -24.35
CA ILE C 271 0.84 -87.96 -24.14
C ILE C 271 -0.58 -88.25 -24.59
N HIS C 272 -0.75 -89.29 -25.39
CA HIS C 272 -2.08 -89.76 -25.79
C HIS C 272 -2.11 -91.29 -25.70
N LEU C 273 -2.75 -91.79 -24.64
CA LEU C 273 -2.99 -93.21 -24.42
C LEU C 273 -4.47 -93.53 -24.68
N THR C 274 -4.76 -94.76 -25.12
CA THR C 274 -6.15 -95.14 -25.39
C THR C 274 -6.43 -96.55 -24.91
N TYR C 275 -7.52 -96.71 -24.17
CA TYR C 275 -8.09 -98.02 -23.89
C TYR C 275 -9.40 -98.16 -24.65
N LYS C 276 -9.60 -99.28 -25.32
CA LYS C 276 -10.85 -99.55 -26.01
C LYS C 276 -11.35 -100.93 -25.64
N SER C 277 -12.54 -101.00 -25.07
CA SER C 277 -13.19 -102.28 -24.81
C SER C 277 -13.29 -103.10 -26.08
N LYS C 278 -13.19 -104.42 -25.92
CA LYS C 278 -13.55 -105.33 -27.00
C LYS C 278 -15.07 -105.33 -27.17
N GLY C 279 -15.54 -105.27 -28.41
CA GLY C 279 -16.97 -105.28 -28.63
C GLY C 279 -17.60 -103.90 -28.78
N ASP C 280 -18.82 -103.73 -28.26
CA ASP C 280 -19.59 -102.51 -28.51
C ASP C 280 -19.09 -101.37 -27.64
N VAL C 281 -18.83 -100.22 -28.25
CA VAL C 281 -18.39 -99.03 -27.52
C VAL C 281 -19.60 -98.11 -27.39
N LYS C 282 -20.10 -97.95 -26.16
CA LYS C 282 -21.24 -97.09 -25.92
C LYS C 282 -20.86 -95.69 -25.44
N LYS C 283 -19.79 -95.57 -24.66
CA LYS C 283 -19.34 -94.29 -24.10
C LYS C 283 -17.91 -94.03 -24.53
N LYS C 284 -17.63 -92.82 -25.01
CA LYS C 284 -16.28 -92.38 -25.32
C LYS C 284 -15.92 -91.23 -24.39
N ILE C 285 -14.73 -91.31 -23.79
CA ILE C 285 -14.35 -90.40 -22.71
C ILE C 285 -12.91 -89.97 -22.91
N ALA C 286 -12.66 -88.66 -22.82
CA ALA C 286 -11.32 -88.11 -22.73
C ALA C 286 -11.06 -87.63 -21.30
N LEU C 287 -10.01 -88.14 -20.68
CA LEU C 287 -9.50 -87.63 -19.41
C LEU C 287 -8.22 -86.85 -19.68
N VAL C 288 -8.20 -85.60 -19.21
CA VAL C 288 -7.14 -84.64 -19.50
C VAL C 288 -6.48 -84.25 -18.20
N GLY C 289 -5.17 -84.40 -18.12
CA GLY C 289 -4.42 -84.11 -16.90
C GLY C 289 -3.39 -83.02 -17.12
N LYS C 290 -3.43 -81.97 -16.29
CA LYS C 290 -2.40 -80.95 -16.40
C LYS C 290 -1.03 -81.55 -16.05
N GLY C 291 -0.08 -81.36 -16.95
CA GLY C 291 1.23 -81.93 -16.75
C GLY C 291 2.36 -80.93 -16.88
N ILE C 292 2.46 -80.01 -15.93
CA ILE C 292 3.61 -79.11 -15.82
C ILE C 292 4.58 -79.79 -14.86
N THR C 293 5.72 -80.22 -15.37
CA THR C 293 6.65 -80.98 -14.55
C THR C 293 7.41 -80.12 -13.56
N PHE C 294 7.57 -78.83 -13.84
CA PHE C 294 8.03 -77.85 -12.85
C PHE C 294 7.47 -76.49 -13.24
N ASP C 295 6.89 -75.81 -12.26
CA ASP C 295 6.31 -74.50 -12.49
C ASP C 295 7.10 -73.45 -11.72
N SER C 296 8.01 -72.77 -12.40
CA SER C 296 8.77 -71.68 -11.79
C SER C 296 7.95 -70.41 -11.71
N GLY C 297 6.86 -70.34 -12.49
CA GLY C 297 6.13 -69.10 -12.72
C GLY C 297 6.48 -68.41 -14.03
N GLY C 298 7.63 -68.76 -14.62
CA GLY C 298 8.10 -68.00 -15.77
C GLY C 298 8.52 -66.60 -15.32
N TYR C 299 8.42 -65.63 -16.24
CA TYR C 299 8.82 -64.27 -15.91
C TYR C 299 7.96 -63.66 -14.80
N ASN C 300 6.76 -64.19 -14.54
CA ASN C 300 6.04 -63.92 -13.30
C ASN C 300 6.48 -64.92 -12.22
N LEU C 301 7.76 -64.82 -11.90
CA LEU C 301 8.44 -65.81 -11.08
C LEU C 301 7.77 -65.95 -9.72
N LYS C 302 7.67 -67.20 -9.25
CA LYS C 302 7.10 -67.49 -7.93
C LYS C 302 8.11 -67.04 -6.88
N ALA C 303 8.15 -65.74 -6.63
CA ALA C 303 9.08 -65.17 -5.68
C ALA C 303 8.40 -64.53 -4.48
N ALA C 304 7.07 -64.44 -4.48
CA ALA C 304 6.35 -63.82 -3.38
C ALA C 304 6.34 -64.75 -2.17
N PRO C 305 6.36 -64.20 -0.96
CA PRO C 305 6.32 -65.05 0.24
C PRO C 305 5.08 -65.92 0.22
N GLY C 306 5.26 -67.20 0.55
CA GLY C 306 4.16 -68.14 0.48
C GLY C 306 3.87 -68.75 -0.88
N SER C 307 4.70 -68.50 -1.90
CA SER C 307 4.42 -69.09 -3.21
C SER C 307 4.95 -70.51 -3.34
N MET C 308 5.79 -70.98 -2.41
CA MET C 308 6.23 -72.37 -2.33
C MET C 308 6.76 -72.91 -3.66
N ILE C 309 7.70 -72.19 -4.26
CA ILE C 309 8.32 -72.66 -5.50
C ILE C 309 8.92 -74.05 -5.33
N ASP C 310 9.36 -74.40 -4.11
CA ASP C 310 10.02 -75.70 -3.95
C ASP C 310 9.02 -76.87 -4.00
N LEU C 311 7.73 -76.60 -4.00
CA LEU C 311 6.70 -77.60 -4.11
C LEU C 311 6.30 -77.91 -5.55
N MET C 312 6.75 -77.10 -6.51
CA MET C 312 6.14 -77.05 -7.84
C MET C 312 6.53 -78.20 -8.77
N LYS C 313 7.24 -79.21 -8.28
CA LYS C 313 7.26 -80.49 -8.97
C LYS C 313 5.90 -81.17 -9.01
N PHE C 314 4.97 -80.77 -8.13
CA PHE C 314 3.67 -81.44 -8.06
C PHE C 314 2.68 -80.88 -9.08
N ASP C 315 3.11 -79.98 -9.97
CA ASP C 315 2.20 -79.36 -10.92
C ASP C 315 1.84 -80.27 -12.08
N MET C 316 2.40 -81.48 -12.12
CA MET C 316 1.93 -82.53 -13.02
C MET C 316 1.04 -83.54 -12.30
N SER C 317 0.49 -83.19 -11.13
CA SER C 317 -0.35 -84.11 -10.36
C SER C 317 -1.54 -84.58 -11.18
N GLY C 318 -2.11 -83.70 -12.00
CA GLY C 318 -3.27 -84.10 -12.77
C GLY C 318 -2.91 -85.12 -13.83
N CYS C 319 -1.77 -84.93 -14.49
CA CYS C 319 -1.28 -85.91 -15.44
C CYS C 319 -1.00 -87.24 -14.76
N ALA C 320 -0.49 -87.20 -13.52
CA ALA C 320 -0.19 -88.44 -12.82
C ALA C 320 -1.45 -89.19 -12.46
N ALA C 321 -2.49 -88.48 -12.01
CA ALA C 321 -3.78 -89.13 -11.73
C ALA C 321 -4.32 -89.83 -12.97
N VAL C 322 -4.13 -89.22 -14.14
CA VAL C 322 -4.69 -89.77 -15.38
C VAL C 322 -3.90 -91.01 -15.80
N LEU C 323 -2.59 -91.01 -15.59
CA LEU C 323 -1.80 -92.20 -15.86
C LEU C 323 -2.10 -93.31 -14.85
N GLY C 324 -2.31 -92.96 -13.58
CA GLY C 324 -2.77 -93.96 -12.62
C GLY C 324 -4.12 -94.53 -12.99
N CYS C 325 -5.06 -93.67 -13.41
CA CYS C 325 -6.34 -94.18 -13.88
C CYS C 325 -6.15 -95.10 -15.09
N ALA C 326 -5.19 -94.77 -15.98
CA ALA C 326 -4.90 -95.65 -17.10
C ALA C 326 -4.44 -97.03 -16.63
N TYR C 327 -3.58 -97.08 -15.61
CA TYR C 327 -3.20 -98.38 -15.06
C TYR C 327 -4.43 -99.14 -14.59
N CYS C 328 -5.27 -98.51 -13.79
CA CYS C 328 -6.44 -99.20 -13.25
C CYS C 328 -7.39 -99.68 -14.37
N VAL C 329 -7.69 -98.81 -15.33
CA VAL C 329 -8.62 -99.19 -16.41
C VAL C 329 -8.00 -100.27 -17.29
N GLY C 330 -6.72 -100.10 -17.66
CA GLY C 330 -6.03 -101.13 -18.41
C GLY C 330 -5.94 -102.46 -17.68
N THR C 331 -5.99 -102.43 -16.35
CA THR C 331 -5.91 -103.65 -15.55
C THR C 331 -7.27 -104.30 -15.32
N LEU C 332 -8.30 -103.50 -15.03
CA LEU C 332 -9.63 -104.03 -14.75
C LEU C 332 -10.47 -104.26 -16.00
N LYS C 333 -10.09 -103.64 -17.12
CA LYS C 333 -10.68 -103.79 -18.46
C LYS C 333 -12.19 -103.69 -18.47
N PRO C 334 -12.76 -102.52 -18.19
CA PRO C 334 -14.21 -102.36 -18.30
C PRO C 334 -14.69 -102.60 -19.72
N GLU C 335 -15.96 -102.97 -19.83
CA GLU C 335 -16.60 -103.16 -21.12
C GLU C 335 -17.26 -101.87 -21.60
N ASN C 336 -17.58 -101.84 -22.88
CA ASN C 336 -18.49 -100.86 -23.50
C ASN C 336 -17.96 -99.44 -23.56
N VAL C 337 -16.65 -99.21 -23.37
CA VAL C 337 -16.15 -97.85 -23.28
C VAL C 337 -14.87 -97.70 -24.09
N GLU C 338 -14.64 -96.47 -24.55
CA GLU C 338 -13.38 -96.06 -25.13
C GLU C 338 -12.86 -94.87 -24.34
N ILE C 339 -11.64 -94.94 -23.86
CA ILE C 339 -11.09 -93.90 -23.00
C ILE C 339 -9.79 -93.40 -23.60
N HIS C 340 -9.68 -92.08 -23.75
CA HIS C 340 -8.45 -91.43 -24.12
C HIS C 340 -7.83 -90.76 -22.90
N PHE C 341 -6.57 -91.08 -22.63
CA PHE C 341 -5.82 -90.51 -21.52
C PHE C 341 -4.86 -89.46 -22.09
N LEU C 342 -5.14 -88.19 -21.83
CA LEU C 342 -4.46 -87.08 -22.48
C LEU C 342 -3.67 -86.22 -21.50
N SER C 343 -2.47 -85.81 -21.88
CA SER C 343 -1.74 -84.81 -21.11
C SER C 343 -0.79 -84.03 -21.99
N ALA C 344 -0.89 -82.70 -21.96
CA ALA C 344 0.03 -81.81 -22.66
C ALA C 344 1.19 -81.48 -21.72
N VAL C 345 2.26 -82.27 -21.77
CA VAL C 345 3.33 -82.15 -20.78
C VAL C 345 4.33 -81.09 -21.22
N CYS C 346 4.71 -80.20 -20.30
CA CYS C 346 5.81 -79.28 -20.52
C CYS C 346 6.27 -78.76 -19.15
N GLU C 347 7.29 -77.90 -19.19
CA GLU C 347 7.94 -77.31 -18.02
C GLU C 347 7.94 -75.79 -18.23
N ASN C 348 7.67 -75.02 -17.16
CA ASN C 348 7.49 -73.57 -17.23
C ASN C 348 8.72 -72.88 -16.62
N MET C 349 9.60 -72.33 -17.46
CA MET C 349 10.94 -71.92 -17.02
C MET C 349 11.23 -70.47 -17.38
N VAL C 350 12.35 -69.95 -16.86
CA VAL C 350 12.82 -68.60 -17.17
C VAL C 350 14.06 -68.67 -18.05
N SER C 351 14.03 -67.97 -19.18
CA SER C 351 15.07 -68.13 -20.18
C SER C 351 14.96 -66.99 -21.19
N LYS C 352 15.98 -66.86 -22.03
CA LYS C 352 15.87 -65.93 -23.15
C LYS C 352 14.78 -66.37 -24.09
N ASN C 353 14.42 -67.65 -24.08
CA ASN C 353 13.44 -68.20 -25.02
C ASN C 353 12.01 -68.25 -24.48
N SER C 354 11.78 -67.87 -23.21
CA SER C 354 10.47 -67.98 -22.57
C SER C 354 9.46 -67.00 -23.17
N TYR C 355 8.19 -67.36 -23.05
CA TYR C 355 7.13 -66.41 -23.41
CA TYR C 355 7.14 -66.41 -23.42
C TYR C 355 7.03 -65.32 -22.36
N ARG C 356 6.55 -64.16 -22.78
CA ARG C 356 6.58 -63.01 -21.89
C ARG C 356 5.17 -62.63 -21.47
N PRO C 357 5.03 -62.09 -20.25
CA PRO C 357 3.79 -61.41 -19.89
C PRO C 357 3.45 -60.41 -20.98
N GLY C 358 2.22 -60.47 -21.47
CA GLY C 358 1.76 -59.58 -22.52
C GLY C 358 1.82 -60.16 -23.92
N ASP C 359 2.50 -61.28 -24.13
CA ASP C 359 2.48 -61.89 -25.46
C ASP C 359 1.05 -62.22 -25.88
N ILE C 360 0.76 -62.12 -27.17
CA ILE C 360 -0.53 -62.61 -27.67
C ILE C 360 -0.27 -63.87 -28.46
N ILE C 361 -0.93 -64.96 -28.07
CA ILE C 361 -0.68 -66.26 -28.67
C ILE C 361 -1.99 -66.80 -29.21
N THR C 362 -1.88 -67.80 -30.10
CA THR C 362 -3.03 -68.34 -30.83
C THR C 362 -3.22 -69.81 -30.49
N ALA C 363 -4.38 -70.14 -29.95
CA ALA C 363 -4.72 -71.50 -29.60
C ALA C 363 -5.05 -72.30 -30.85
N SER C 364 -5.13 -73.63 -30.71
CA SER C 364 -5.41 -74.48 -31.86
C SER C 364 -6.83 -74.30 -32.40
N ASN C 365 -7.72 -73.61 -31.69
CA ASN C 365 -9.03 -73.29 -32.24
C ASN C 365 -9.10 -71.88 -32.80
N GLY C 366 -7.97 -71.27 -33.13
CA GLY C 366 -7.93 -69.98 -33.76
C GLY C 366 -8.10 -68.80 -32.84
N LYS C 367 -8.42 -69.01 -31.55
CA LYS C 367 -8.64 -67.90 -30.65
C LYS C 367 -7.30 -67.31 -30.22
N THR C 368 -7.20 -65.97 -30.26
CA THR C 368 -6.01 -65.29 -29.79
C THR C 368 -6.12 -64.96 -28.30
N ILE C 369 -5.02 -65.14 -27.57
CA ILE C 369 -5.02 -65.01 -26.11
C ILE C 369 -3.96 -64.00 -25.70
N GLU C 370 -4.35 -63.02 -24.89
CA GLU C 370 -3.39 -62.08 -24.31
C GLU C 370 -2.94 -62.63 -22.96
N VAL C 371 -1.67 -62.99 -22.87
CA VAL C 371 -1.04 -63.50 -21.66
C VAL C 371 -0.87 -62.35 -20.67
N GLY C 372 -1.56 -62.40 -19.54
CA GLY C 372 -1.37 -61.40 -18.51
C GLY C 372 -0.45 -61.81 -17.37
N ASN C 373 -0.19 -63.12 -17.23
CA ASN C 373 0.65 -63.63 -16.15
C ASN C 373 1.16 -65.00 -16.59
N THR C 374 2.50 -65.14 -16.71
CA THR C 374 3.08 -66.38 -17.19
C THR C 374 2.90 -67.52 -16.20
N ASP C 375 2.49 -67.23 -14.96
CA ASP C 375 2.24 -68.23 -13.94
C ASP C 375 0.82 -68.80 -14.00
N ALA C 376 -0.05 -68.28 -14.85
CA ALA C 376 -1.31 -68.94 -15.17
C ALA C 376 -1.15 -69.82 -16.40
N GLU C 377 -0.07 -70.61 -16.41
CA GLU C 377 0.31 -71.38 -17.58
C GLU C 377 -0.51 -72.65 -17.74
N GLY C 378 -1.00 -73.22 -16.64
CA GLY C 378 -1.78 -74.45 -16.74
C GLY C 378 -3.01 -74.32 -17.62
N ARG C 379 -3.73 -73.20 -17.53
CA ARG C 379 -4.94 -73.05 -18.34
C ARG C 379 -4.60 -72.90 -19.82
N LEU C 380 -3.38 -72.49 -20.14
CA LEU C 380 -2.95 -72.39 -21.53
C LEU C 380 -2.72 -73.77 -22.12
N THR C 381 -2.01 -74.63 -21.40
CA THR C 381 -1.77 -75.98 -21.90
C THR C 381 -3.07 -76.77 -21.98
N LEU C 382 -3.98 -76.55 -21.02
CA LEU C 382 -5.25 -77.25 -21.02
C LEU C 382 -6.13 -76.77 -22.17
N ALA C 383 -6.08 -75.47 -22.49
CA ALA C 383 -6.82 -74.95 -23.63
C ALA C 383 -6.59 -75.80 -24.88
N ASP C 384 -5.34 -75.93 -25.31
CA ASP C 384 -5.02 -76.75 -26.47
C ASP C 384 -5.35 -78.23 -26.25
N ALA C 385 -5.23 -78.73 -25.01
CA ALA C 385 -5.55 -80.12 -24.78
C ALA C 385 -7.06 -80.36 -24.84
N LEU C 386 -7.85 -79.39 -24.39
CA LEU C 386 -9.30 -79.51 -24.52
C LEU C 386 -9.72 -79.49 -25.99
N VAL C 387 -9.10 -78.62 -26.80
CA VAL C 387 -9.42 -78.58 -28.23
C VAL C 387 -9.10 -79.93 -28.87
N TYR C 388 -7.92 -80.47 -28.58
CA TYR C 388 -7.55 -81.81 -29.02
C TYR C 388 -8.60 -82.83 -28.62
N ALA C 389 -9.02 -82.82 -27.34
CA ALA C 389 -9.99 -83.80 -26.86
C ALA C 389 -11.33 -83.67 -27.59
N GLU C 390 -11.79 -82.45 -27.84
CA GLU C 390 -13.08 -82.35 -28.51
C GLU C 390 -13.00 -82.88 -29.94
N LYS C 391 -11.85 -82.73 -30.61
CA LYS C 391 -11.72 -83.27 -31.95
C LYS C 391 -11.74 -84.78 -31.96
N LEU C 392 -11.55 -85.43 -30.82
CA LEU C 392 -11.67 -86.88 -30.76
C LEU C 392 -13.12 -87.36 -30.87
N GLY C 393 -14.09 -86.48 -30.65
CA GLY C 393 -15.50 -86.86 -30.79
C GLY C 393 -16.03 -87.66 -29.63
N VAL C 394 -15.73 -87.25 -28.39
CA VAL C 394 -16.08 -88.02 -27.21
C VAL C 394 -17.40 -87.51 -26.65
N ASP C 395 -18.00 -88.32 -25.79
CA ASP C 395 -19.21 -87.93 -25.07
C ASP C 395 -18.91 -87.05 -23.87
N TYR C 396 -17.81 -87.31 -23.17
CA TYR C 396 -17.44 -86.58 -21.96
C TYR C 396 -15.98 -86.18 -22.03
N ILE C 397 -15.69 -84.95 -21.62
CA ILE C 397 -14.34 -84.49 -21.34
C ILE C 397 -14.29 -84.14 -19.86
N VAL C 398 -13.44 -84.83 -19.12
CA VAL C 398 -13.12 -84.47 -17.74
C VAL C 398 -11.64 -84.12 -17.68
N ASP C 399 -11.34 -82.94 -17.14
CA ASP C 399 -9.94 -82.57 -16.87
C ASP C 399 -9.72 -82.44 -15.37
N ILE C 400 -8.48 -82.68 -14.95
CA ILE C 400 -8.10 -82.65 -13.55
C ILE C 400 -6.74 -81.96 -13.49
N ALA C 401 -6.62 -80.95 -12.63
CA ALA C 401 -5.45 -80.07 -12.69
C ALA C 401 -5.20 -79.41 -11.33
N THR C 402 -3.91 -79.18 -11.04
CA THR C 402 -3.49 -78.34 -9.90
C THR C 402 -3.52 -76.88 -10.35
N LEU C 403 -4.74 -76.38 -10.60
CA LEU C 403 -4.87 -75.16 -11.39
C LEU C 403 -4.69 -73.90 -10.56
N THR C 404 -5.42 -73.73 -9.45
CA THR C 404 -5.42 -72.45 -8.73
C THR C 404 -5.07 -72.64 -7.26
N GLY C 405 -4.14 -71.81 -6.78
CA GLY C 405 -3.89 -71.77 -5.35
C GLY C 405 -5.06 -71.24 -4.55
N ALA C 406 -5.97 -70.51 -5.20
CA ALA C 406 -7.17 -70.07 -4.50
C ALA C 406 -8.00 -71.22 -3.94
N MET C 407 -7.74 -72.47 -4.32
CA MET C 407 -8.53 -73.57 -3.77
C MET C 407 -8.24 -73.75 -2.29
N LEU C 408 -7.02 -73.43 -1.86
CA LEU C 408 -6.68 -73.50 -0.45
C LEU C 408 -7.58 -72.62 0.40
N TYR C 409 -8.10 -71.53 -0.19
CA TYR C 409 -8.95 -70.57 0.52
C TYR C 409 -10.43 -70.83 0.35
N SER C 410 -10.82 -71.77 -0.51
CA SER C 410 -12.22 -72.03 -0.76
C SER C 410 -12.64 -73.37 -0.16
N LEU C 411 -11.98 -74.45 -0.55
CA LEU C 411 -12.28 -75.75 0.02
C LEU C 411 -11.16 -76.28 0.88
N GLY C 412 -9.95 -75.78 0.72
CA GLY C 412 -8.85 -76.22 1.55
C GLY C 412 -8.15 -77.46 1.05
N THR C 413 -7.66 -78.27 1.98
CA THR C 413 -6.77 -79.38 1.65
C THR C 413 -7.48 -80.72 1.58
N SER C 414 -8.79 -80.82 1.89
CA SER C 414 -9.46 -82.11 1.92
C SER C 414 -10.38 -82.37 0.73
N TYR C 415 -11.11 -81.38 0.23
CA TYR C 415 -12.08 -81.56 -0.85
C TYR C 415 -11.58 -80.90 -2.12
N ALA C 416 -11.67 -81.60 -3.24
CA ALA C 416 -11.43 -80.97 -4.53
C ALA C 416 -12.68 -80.22 -5.01
N GLY C 417 -12.47 -79.26 -5.90
CA GLY C 417 -13.56 -78.55 -6.54
C GLY C 417 -13.82 -79.11 -7.94
N VAL C 418 -15.10 -79.27 -8.28
CA VAL C 418 -15.50 -79.65 -9.63
C VAL C 418 -16.36 -78.53 -10.21
N PHE C 419 -16.02 -78.12 -11.43
CA PHE C 419 -16.76 -77.14 -12.20
C PHE C 419 -17.19 -77.82 -13.49
N GLY C 420 -18.18 -77.28 -14.18
CA GLY C 420 -18.55 -77.91 -15.44
C GLY C 420 -19.64 -77.17 -16.17
N ASN C 421 -19.91 -77.64 -17.39
CA ASN C 421 -20.94 -77.08 -18.26
C ASN C 421 -22.15 -78.00 -18.40
N ASN C 422 -22.25 -79.06 -17.57
CA ASN C 422 -23.26 -80.11 -17.76
C ASN C 422 -23.61 -80.75 -16.41
N GLU C 423 -24.89 -80.62 -16.02
CA GLU C 423 -25.33 -81.08 -14.69
C GLU C 423 -25.18 -82.56 -14.53
N GLU C 424 -25.56 -83.33 -15.55
CA GLU C 424 -25.49 -84.79 -15.51
C GLU C 424 -24.05 -85.26 -15.30
N LEU C 425 -23.10 -84.69 -16.06
CA LEU C 425 -21.70 -85.06 -15.88
C LEU C 425 -21.23 -84.75 -14.47
N ILE C 426 -21.57 -83.56 -13.95
CA ILE C 426 -21.14 -83.17 -12.62
C ILE C 426 -21.66 -84.16 -11.58
N ASN C 427 -22.92 -84.54 -11.70
CA ASN C 427 -23.49 -85.49 -10.74
C ASN C 427 -22.78 -86.84 -10.81
N LYS C 428 -22.42 -87.28 -12.02
CA LYS C 428 -21.63 -88.49 -12.15
C LYS C 428 -20.29 -88.37 -11.44
N ILE C 429 -19.68 -87.19 -11.46
CA ILE C 429 -18.43 -86.98 -10.74
C ILE C 429 -18.68 -87.03 -9.24
N LEU C 430 -19.72 -86.33 -8.79
CA LEU C 430 -20.08 -86.40 -7.38
C LEU C 430 -20.38 -87.84 -6.97
N GLN C 431 -21.11 -88.57 -7.82
CA GLN C 431 -21.41 -89.96 -7.48
C GLN C 431 -20.14 -90.77 -7.37
N SER C 432 -19.22 -90.59 -8.31
CA SER C 432 -17.92 -91.28 -8.24
C SER C 432 -17.10 -90.83 -7.04
N SER C 433 -17.22 -89.55 -6.68
CA SER C 433 -16.59 -89.07 -5.45
C SER C 433 -17.07 -89.89 -4.27
N LYS C 434 -18.36 -90.24 -4.27
CA LYS C 434 -18.92 -90.96 -3.13
C LYS C 434 -18.37 -92.39 -3.04
N THR C 435 -18.36 -93.09 -4.18
CA THR C 435 -17.95 -94.49 -4.13
C THR C 435 -16.44 -94.66 -4.10
N SER C 436 -15.67 -93.68 -4.58
CA SER C 436 -14.22 -93.70 -4.45
C SER C 436 -13.73 -93.17 -3.11
N ASN C 437 -14.58 -92.43 -2.39
CA ASN C 437 -14.24 -91.74 -1.15
C ASN C 437 -13.13 -90.72 -1.34
N GLU C 438 -13.03 -90.12 -2.53
CA GLU C 438 -12.14 -88.98 -2.74
C GLU C 438 -13.01 -87.73 -2.81
N PRO C 439 -13.01 -86.89 -1.78
CA PRO C 439 -14.09 -85.89 -1.64
C PRO C 439 -13.99 -84.75 -2.64
N VAL C 440 -15.15 -84.36 -3.16
CA VAL C 440 -15.25 -83.34 -4.20
C VAL C 440 -16.50 -82.51 -3.93
N TRP C 441 -16.41 -81.19 -4.16
CA TRP C 441 -17.54 -80.29 -3.95
C TRP C 441 -17.80 -79.46 -5.20
N TRP C 442 -19.07 -79.39 -5.61
CA TRP C 442 -19.43 -78.67 -6.83
C TRP C 442 -19.33 -77.16 -6.61
N LEU C 443 -18.61 -76.47 -7.50
CA LEU C 443 -18.45 -75.03 -7.44
C LEU C 443 -18.96 -74.39 -8.72
N PRO C 444 -19.48 -73.16 -8.66
CA PRO C 444 -20.15 -72.59 -9.84
C PRO C 444 -19.18 -71.96 -10.83
N ILE C 445 -19.59 -71.94 -12.09
CA ILE C 445 -18.95 -71.11 -13.10
C ILE C 445 -19.81 -69.86 -13.23
N ILE C 446 -19.36 -68.77 -12.64
CA ILE C 446 -20.17 -67.56 -12.51
C ILE C 446 -19.97 -66.73 -13.76
N ASN C 447 -21.00 -66.69 -14.61
CA ASN C 447 -20.84 -66.09 -15.93
C ASN C 447 -20.65 -64.59 -15.86
N GLU C 448 -21.09 -63.96 -14.76
CA GLU C 448 -20.97 -62.51 -14.67
C GLU C 448 -19.51 -62.06 -14.75
N TYR C 449 -18.58 -62.93 -14.35
CA TYR C 449 -17.16 -62.58 -14.40
C TYR C 449 -16.58 -62.68 -15.80
N ARG C 450 -17.31 -63.26 -16.75
CA ARG C 450 -16.73 -63.49 -18.08
C ARG C 450 -16.23 -62.19 -18.72
N ALA C 451 -16.90 -61.06 -18.45
CA ALA C 451 -16.52 -59.80 -19.09
C ALA C 451 -15.10 -59.37 -18.73
N THR C 452 -14.62 -59.74 -17.54
CA THR C 452 -13.28 -59.35 -17.16
C THR C 452 -12.21 -60.06 -17.98
N LEU C 453 -12.58 -61.09 -18.76
CA LEU C 453 -11.65 -61.71 -19.70
C LEU C 453 -11.73 -61.09 -21.10
N ASN C 454 -12.49 -60.01 -21.25
CA ASN C 454 -12.54 -59.33 -22.55
C ASN C 454 -11.24 -58.56 -22.75
N SER C 455 -10.50 -58.93 -23.79
CA SER C 455 -9.21 -58.29 -24.03
C SER C 455 -9.39 -57.14 -25.02
N LYS C 456 -8.57 -56.11 -24.85
CA LYS C 456 -8.61 -54.97 -25.77
C LYS C 456 -8.10 -55.34 -27.15
N TYR C 457 -7.10 -56.21 -27.23
CA TYR C 457 -6.42 -56.51 -28.48
C TYR C 457 -6.62 -57.94 -28.96
N ALA C 458 -6.69 -58.92 -28.06
CA ALA C 458 -6.88 -60.31 -28.44
C ALA C 458 -8.36 -60.66 -28.36
N ASP C 459 -8.68 -61.90 -28.74
CA ASP C 459 -10.04 -62.39 -28.53
C ASP C 459 -10.37 -62.54 -27.05
N ILE C 460 -9.38 -62.89 -26.21
CA ILE C 460 -9.65 -63.18 -24.82
C ILE C 460 -8.40 -62.94 -23.98
N ASN C 461 -8.61 -62.52 -22.73
CA ASN C 461 -7.55 -62.45 -21.74
C ASN C 461 -7.34 -63.81 -21.07
N GLN C 462 -6.09 -64.14 -20.81
CA GLN C 462 -5.75 -65.32 -20.03
C GLN C 462 -6.21 -65.18 -18.56
N ILE C 463 -6.13 -63.98 -17.99
CA ILE C 463 -6.44 -63.75 -16.59
C ILE C 463 -7.38 -62.56 -16.44
N SER C 464 -8.06 -62.53 -15.29
CA SER C 464 -8.82 -61.35 -14.90
C SER C 464 -7.89 -60.36 -14.23
N SER C 465 -8.11 -59.07 -14.49
CA SER C 465 -7.40 -58.07 -13.69
C SER C 465 -8.23 -57.55 -12.51
N SER C 466 -9.53 -57.90 -12.41
CA SER C 466 -10.33 -57.43 -11.29
C SER C 466 -10.87 -58.55 -10.38
N VAL C 467 -11.24 -59.70 -10.93
CA VAL C 467 -11.84 -60.75 -10.10
C VAL C 467 -10.74 -61.53 -9.37
N LYS C 468 -10.86 -61.60 -8.04
CA LYS C 468 -9.92 -62.37 -7.23
C LYS C 468 -10.31 -63.83 -7.10
N ALA C 469 -11.45 -64.25 -7.65
CA ALA C 469 -11.93 -65.61 -7.57
C ALA C 469 -11.33 -66.41 -8.73
N SER C 470 -10.06 -66.77 -8.57
CA SER C 470 -9.26 -67.28 -9.69
C SER C 470 -9.71 -68.66 -10.15
N SER C 471 -10.20 -69.50 -9.23
CA SER C 471 -10.65 -70.82 -9.65
C SER C 471 -11.84 -70.72 -10.58
N ILE C 472 -12.69 -69.71 -10.37
CA ILE C 472 -13.85 -69.55 -11.22
C ILE C 472 -13.45 -68.92 -12.55
N VAL C 473 -12.66 -67.83 -12.49
CA VAL C 473 -12.15 -67.22 -13.72
C VAL C 473 -11.41 -68.25 -14.57
N ALA C 474 -10.57 -69.09 -13.95
CA ALA C 474 -9.85 -70.09 -14.73
C ALA C 474 -10.83 -71.07 -15.39
N SER C 475 -11.91 -71.43 -14.68
CA SER C 475 -12.94 -72.28 -15.28
C SER C 475 -13.62 -71.59 -16.45
N LEU C 476 -13.95 -70.30 -16.30
CA LEU C 476 -14.55 -69.56 -17.40
C LEU C 476 -13.63 -69.53 -18.61
N PHE C 477 -12.32 -69.42 -18.36
CA PHE C 477 -11.36 -69.46 -19.46
C PHE C 477 -11.40 -70.81 -20.18
N LEU C 478 -11.33 -71.90 -19.43
CA LEU C 478 -11.29 -73.22 -20.05
C LEU C 478 -12.56 -73.50 -20.84
N LYS C 479 -13.72 -73.02 -20.34
CA LYS C 479 -14.98 -73.21 -21.05
C LYS C 479 -14.93 -72.69 -22.49
N GLU C 480 -14.17 -71.63 -22.75
CA GLU C 480 -14.07 -71.08 -24.09
C GLU C 480 -13.38 -72.04 -25.06
N PHE C 481 -12.88 -73.19 -24.59
CA PHE C 481 -12.21 -74.12 -25.45
C PHE C 481 -12.93 -75.46 -25.55
N VAL C 482 -14.18 -75.53 -25.10
CA VAL C 482 -15.06 -76.65 -25.34
C VAL C 482 -16.31 -76.07 -25.97
N GLN C 483 -16.62 -76.50 -27.19
CA GLN C 483 -17.68 -75.86 -27.97
C GLN C 483 -19.04 -76.51 -27.75
N ASN C 484 -19.12 -77.84 -27.77
CA ASN C 484 -20.40 -78.51 -27.72
C ASN C 484 -20.27 -79.93 -27.19
N THR C 485 -19.65 -80.09 -26.03
CA THR C 485 -19.41 -81.38 -25.41
C THR C 485 -19.54 -81.20 -23.91
N ALA C 486 -20.13 -82.19 -23.25
CA ALA C 486 -20.22 -82.15 -21.80
C ALA C 486 -18.80 -82.18 -21.21
N TRP C 487 -18.49 -81.21 -20.37
CA TRP C 487 -17.13 -81.08 -19.85
C TRP C 487 -17.19 -80.78 -18.35
N ALA C 488 -16.27 -81.38 -17.58
CA ALA C 488 -16.11 -81.02 -16.18
C ALA C 488 -14.63 -80.85 -15.84
N HIS C 489 -14.36 -79.98 -14.87
CA HIS C 489 -13.01 -79.57 -14.50
C HIS C 489 -12.86 -79.78 -13.01
N ILE C 490 -11.89 -80.60 -12.62
CA ILE C 490 -11.61 -80.95 -11.23
C ILE C 490 -10.31 -80.25 -10.83
N ASP C 491 -10.42 -79.25 -9.95
CA ASP C 491 -9.25 -78.48 -9.52
C ASP C 491 -8.74 -79.12 -8.24
N ILE C 492 -7.54 -79.72 -8.31
CA ILE C 492 -6.97 -80.45 -7.19
C ILE C 492 -5.76 -79.71 -6.59
N ALA C 493 -5.66 -78.39 -6.83
CA ALA C 493 -4.45 -77.69 -6.39
C ALA C 493 -4.31 -77.70 -4.88
N GLY C 494 -5.41 -77.79 -4.15
CA GLY C 494 -5.34 -77.73 -2.70
C GLY C 494 -5.20 -79.09 -2.05
N VAL C 495 -5.71 -80.14 -2.70
CA VAL C 495 -5.79 -81.46 -2.09
C VAL C 495 -4.69 -82.41 -2.53
N SER C 496 -3.90 -82.03 -3.54
CA SER C 496 -2.96 -82.97 -4.13
C SER C 496 -1.81 -83.33 -3.18
N TRP C 497 -1.25 -82.35 -2.49
CA TRP C 497 -0.11 -82.56 -1.60
C TRP C 497 -0.58 -82.72 -0.16
N ASN C 498 -0.06 -83.73 0.52
CA ASN C 498 -0.37 -83.97 1.93
C ASN C 498 0.74 -83.32 2.74
N PHE C 499 0.47 -82.10 3.23
CA PHE C 499 1.52 -81.32 3.87
C PHE C 499 1.95 -81.91 5.21
N LYS C 500 1.06 -82.61 5.93
CA LYS C 500 1.48 -83.16 7.21
C LYS C 500 2.39 -84.37 7.03
N ALA C 501 2.07 -85.28 6.11
CA ALA C 501 2.96 -86.41 5.89
C ALA C 501 4.08 -86.07 4.91
N ARG C 502 4.04 -84.89 4.28
CA ARG C 502 5.12 -84.43 3.39
C ARG C 502 5.28 -85.34 2.17
N LYS C 503 4.17 -85.62 1.50
CA LYS C 503 4.17 -86.58 0.40
C LYS C 503 2.88 -86.41 -0.41
N PRO C 504 2.86 -86.86 -1.66
CA PRO C 504 1.64 -86.73 -2.48
C PRO C 504 0.55 -87.66 -2.00
N LYS C 505 -0.70 -87.29 -2.33
CA LYS C 505 -1.82 -88.18 -2.07
C LYS C 505 -2.13 -89.09 -3.24
N GLY C 506 -1.71 -88.74 -4.45
CA GLY C 506 -2.16 -89.49 -5.60
C GLY C 506 -3.62 -89.24 -5.89
N PHE C 507 -4.12 -88.07 -5.51
CA PHE C 507 -5.55 -87.80 -5.51
C PHE C 507 -6.11 -87.81 -6.92
N GLY C 508 -7.30 -88.40 -7.09
CA GLY C 508 -7.99 -88.41 -8.36
C GLY C 508 -7.99 -89.74 -9.08
N VAL C 509 -7.04 -90.63 -8.78
CA VAL C 509 -6.94 -91.90 -9.52
C VAL C 509 -8.19 -92.73 -9.32
N ARG C 510 -8.62 -92.89 -8.06
CA ARG C 510 -9.77 -93.73 -7.79
C ARG C 510 -11.06 -93.03 -8.22
N LEU C 511 -11.15 -91.71 -8.02
CA LEU C 511 -12.27 -90.93 -8.50
C LEU C 511 -12.48 -91.12 -10.00
N LEU C 512 -11.42 -90.95 -10.80
CA LEU C 512 -11.56 -91.14 -12.24
C LEU C 512 -11.85 -92.60 -12.59
N THR C 513 -11.20 -93.55 -11.93
CA THR C 513 -11.45 -94.95 -12.25
C THR C 513 -12.89 -95.34 -11.92
N GLU C 514 -13.42 -94.87 -10.79
CA GLU C 514 -14.81 -95.15 -10.47
C GLU C 514 -15.75 -94.47 -11.47
N PHE C 515 -15.39 -93.27 -11.91
CA PHE C 515 -16.18 -92.58 -12.93
C PHE C 515 -16.27 -93.43 -14.20
N VAL C 516 -15.14 -93.92 -14.68
CA VAL C 516 -15.12 -94.73 -15.89
C VAL C 516 -15.90 -96.03 -15.67
N LEU C 517 -15.72 -96.68 -14.51
CA LEU C 517 -16.33 -97.99 -14.27
C LEU C 517 -17.84 -97.90 -14.12
N ASN C 518 -18.32 -96.85 -13.47
CA ASN C 518 -19.76 -96.73 -13.27
C ASN C 518 -20.47 -96.35 -14.56
N ASP C 519 -19.80 -95.62 -15.46
CA ASP C 519 -20.39 -95.31 -16.76
C ASP C 519 -20.38 -96.52 -17.70
N ALA C 520 -19.45 -97.46 -17.48
CA ALA C 520 -19.43 -98.72 -18.22
C ALA C 520 -20.52 -99.68 -17.77
N LEU C 521 -20.87 -99.67 -16.48
CA LEU C 521 -21.91 -100.55 -15.95
C LEU C 521 -23.29 -99.94 -16.19
N ALA D 1 -34.11 -44.73 22.87
CA ALA D 1 -32.96 -43.89 22.54
C ALA D 1 -31.94 -43.81 23.68
N SER D 2 -30.66 -43.93 23.34
CA SER D 2 -29.54 -43.58 24.20
C SER D 2 -28.84 -42.37 23.61
N GLU D 3 -28.10 -41.67 24.45
CA GLU D 3 -27.32 -40.52 24.00
C GLU D 3 -26.05 -41.00 23.32
N VAL D 4 -25.79 -40.48 22.13
CA VAL D 4 -24.55 -40.79 21.44
C VAL D 4 -23.40 -39.96 22.01
N PRO D 5 -22.36 -40.59 22.56
CA PRO D 5 -21.21 -39.80 23.04
C PRO D 5 -20.53 -39.07 21.91
N GLN D 6 -19.91 -37.95 22.26
CA GLN D 6 -19.25 -37.08 21.30
C GLN D 6 -17.86 -36.73 21.80
N VAL D 7 -16.89 -36.67 20.89
CA VAL D 7 -15.57 -36.17 21.25
C VAL D 7 -15.54 -34.65 21.14
N VAL D 8 -16.05 -34.13 20.03
CA VAL D 8 -16.24 -32.70 19.83
C VAL D 8 -17.71 -32.45 19.54
N SER D 9 -18.13 -31.22 19.77
CA SER D 9 -19.52 -30.84 19.55
C SER D 9 -19.94 -30.97 18.09
N LEU D 10 -19.00 -31.05 17.15
CA LEU D 10 -19.34 -31.24 15.76
C LEU D 10 -19.60 -32.70 15.41
N ASP D 11 -19.31 -33.64 16.30
CA ASP D 11 -19.58 -35.04 16.02
C ASP D 11 -21.09 -35.28 15.90
N PRO D 12 -21.54 -36.01 14.91
CA PRO D 12 -22.99 -36.21 14.72
C PRO D 12 -23.59 -37.20 15.71
N THR D 13 -24.86 -37.01 16.02
CA THR D 13 -25.53 -37.80 17.03
C THR D 13 -26.67 -38.65 16.48
N SER D 14 -26.83 -38.72 15.16
CA SER D 14 -27.77 -39.67 14.60
C SER D 14 -27.39 -39.96 13.16
N ILE D 15 -27.91 -41.06 12.64
CA ILE D 15 -27.82 -41.40 11.24
C ILE D 15 -28.95 -40.72 10.50
N PRO D 16 -28.68 -39.88 9.50
CA PRO D 16 -29.78 -39.36 8.66
C PRO D 16 -30.37 -40.47 7.82
N ILE D 17 -31.71 -40.55 7.80
CA ILE D 17 -32.44 -41.60 7.07
C ILE D 17 -33.52 -40.94 6.20
N GLU D 18 -33.62 -41.38 4.95
CA GLU D 18 -34.72 -40.99 4.10
C GLU D 18 -35.71 -42.14 4.00
N TYR D 19 -36.94 -41.92 4.46
CA TYR D 19 -38.02 -42.86 4.29
C TYR D 19 -38.87 -42.54 3.07
N ASN D 20 -39.29 -41.29 2.92
CA ASN D 20 -40.02 -40.83 1.73
C ASN D 20 -39.01 -40.50 0.64
N THR D 21 -39.00 -41.30 -0.41
CA THR D 21 -38.09 -41.14 -1.53
C THR D 21 -38.89 -40.87 -2.79
N PRO D 22 -38.26 -40.30 -3.82
CA PRO D 22 -38.98 -40.08 -5.08
C PRO D 22 -39.57 -41.35 -5.67
N ILE D 23 -38.95 -42.51 -5.42
CA ILE D 23 -39.44 -43.77 -5.95
C ILE D 23 -40.88 -44.02 -5.50
N HIS D 24 -41.20 -43.65 -4.26
CA HIS D 24 -42.52 -43.91 -3.72
C HIS D 24 -43.59 -43.09 -4.41
N ASP D 25 -43.23 -41.99 -5.04
CA ASP D 25 -44.18 -41.15 -5.76
C ASP D 25 -44.33 -41.51 -7.23
N ILE D 26 -43.71 -42.59 -7.69
CA ILE D 26 -43.85 -43.01 -9.09
C ILE D 26 -45.09 -43.87 -9.20
N LYS D 27 -46.05 -43.44 -10.03
CA LYS D 27 -47.21 -44.25 -10.35
C LYS D 27 -46.84 -45.26 -11.45
N VAL D 28 -47.14 -46.53 -11.21
CA VAL D 28 -46.78 -47.62 -12.13
C VAL D 28 -48.04 -48.17 -12.76
N GLN D 29 -48.03 -48.34 -14.08
CA GLN D 29 -49.12 -48.98 -14.81
C GLN D 29 -48.55 -50.12 -15.65
N VAL D 30 -49.25 -51.25 -15.70
CA VAL D 30 -48.80 -52.40 -16.47
C VAL D 30 -49.84 -52.70 -17.55
N TYR D 31 -49.41 -52.64 -18.81
CA TYR D 31 -50.30 -52.85 -19.95
C TYR D 31 -49.89 -54.12 -20.67
N ASP D 32 -50.87 -54.79 -21.26
CA ASP D 32 -50.56 -55.97 -22.04
C ASP D 32 -50.00 -55.53 -23.39
N ILE D 33 -48.87 -56.12 -23.77
CA ILE D 33 -48.20 -55.75 -25.00
C ILE D 33 -48.94 -56.21 -26.24
N LYS D 34 -49.94 -57.08 -26.10
CA LYS D 34 -50.66 -57.55 -27.28
C LYS D 34 -51.53 -56.48 -27.90
N GLY D 35 -51.91 -55.46 -27.12
CA GLY D 35 -52.73 -54.38 -27.66
C GLY D 35 -52.00 -53.25 -28.37
N GLY D 36 -50.67 -53.29 -28.46
CA GLY D 36 -49.92 -52.19 -29.00
C GLY D 36 -49.60 -51.12 -27.96
N CYS D 37 -48.76 -50.17 -28.35
CA CYS D 37 -48.14 -49.23 -27.42
C CYS D 37 -48.51 -47.80 -27.75
N ASN D 38 -48.75 -47.00 -26.71
CA ASN D 38 -48.99 -45.58 -26.85
C ASN D 38 -47.70 -44.82 -26.52
N VAL D 39 -47.23 -44.05 -27.48
CA VAL D 39 -45.96 -43.34 -27.36
C VAL D 39 -46.22 -41.85 -27.35
N GLU D 40 -47.09 -41.40 -26.45
CA GLU D 40 -47.52 -40.00 -26.47
C GLU D 40 -46.78 -39.11 -25.48
N GLU D 41 -46.10 -39.68 -24.49
CA GLU D 41 -45.52 -38.87 -23.42
C GLU D 41 -44.18 -39.43 -22.97
N GLY D 42 -43.20 -38.54 -22.76
CA GLY D 42 -41.95 -38.87 -22.11
C GLY D 42 -41.07 -39.84 -22.91
N LEU D 43 -40.34 -40.67 -22.17
CA LEU D 43 -39.31 -41.55 -22.72
C LEU D 43 -39.85 -42.98 -22.84
N THR D 44 -39.80 -43.54 -24.05
CA THR D 44 -40.18 -44.92 -24.30
C THR D 44 -38.96 -45.72 -24.71
N ILE D 45 -38.70 -46.83 -24.02
CA ILE D 45 -37.54 -47.67 -24.29
C ILE D 45 -38.03 -49.09 -24.55
N PHE D 46 -37.62 -49.65 -25.69
CA PHE D 46 -37.89 -51.04 -26.04
C PHE D 46 -36.73 -51.93 -25.59
N LEU D 47 -37.05 -53.04 -24.93
CA LEU D 47 -36.06 -54.06 -24.59
C LEU D 47 -36.08 -55.13 -25.68
N VAL D 48 -35.00 -55.20 -26.46
CA VAL D 48 -34.94 -56.01 -27.66
C VAL D 48 -33.73 -56.93 -27.62
N ASN D 49 -33.91 -58.16 -28.08
CA ASN D 49 -32.79 -59.06 -28.29
C ASN D 49 -32.78 -59.51 -29.74
N ASN D 50 -31.83 -60.39 -30.07
CA ASN D 50 -31.78 -61.01 -31.39
C ASN D 50 -31.22 -62.41 -31.19
N PRO D 51 -32.09 -63.40 -30.95
CA PRO D 51 -31.59 -64.76 -30.70
C PRO D 51 -30.93 -65.33 -31.95
N GLY D 52 -29.87 -66.10 -31.74
CA GLY D 52 -29.06 -66.55 -32.84
C GLY D 52 -27.96 -65.57 -33.23
N LYS D 53 -28.33 -64.50 -33.95
CA LYS D 53 -27.35 -63.55 -34.46
C LYS D 53 -26.71 -62.70 -33.37
N GLU D 54 -25.54 -63.12 -32.85
CA GLU D 54 -24.86 -62.40 -31.79
C GLU D 54 -24.51 -60.98 -32.23
N ASN D 55 -24.87 -60.00 -31.39
CA ASN D 55 -24.78 -58.58 -31.71
C ASN D 55 -25.55 -58.22 -32.99
N GLY D 56 -26.62 -58.96 -33.28
CA GLY D 56 -27.44 -58.71 -34.46
C GLY D 56 -28.19 -57.39 -34.41
N PRO D 57 -28.85 -57.05 -35.51
CA PRO D 57 -29.53 -55.75 -35.59
C PRO D 57 -30.74 -55.68 -34.67
N VAL D 58 -31.11 -54.44 -34.35
CA VAL D 58 -32.33 -54.17 -33.61
C VAL D 58 -33.52 -54.25 -34.56
N LYS D 59 -34.58 -54.91 -34.11
CA LYS D 59 -35.85 -54.97 -34.83
C LYS D 59 -36.94 -54.83 -33.79
N ILE D 60 -37.90 -53.94 -34.03
CA ILE D 60 -38.98 -53.64 -33.08
C ILE D 60 -40.26 -54.24 -33.62
N SER D 61 -40.90 -55.07 -32.80
CA SER D 61 -42.10 -55.78 -33.25
C SER D 61 -43.39 -55.03 -32.91
N SER D 62 -43.49 -54.49 -31.70
CA SER D 62 -44.74 -53.88 -31.25
C SER D 62 -45.22 -52.80 -32.21
N LYS D 63 -46.53 -52.75 -32.39
CA LYS D 63 -47.17 -51.64 -33.07
C LYS D 63 -47.34 -50.48 -32.09
N VAL D 64 -47.07 -49.27 -32.55
CA VAL D 64 -47.21 -48.08 -31.73
C VAL D 64 -48.24 -47.18 -32.38
N ASN D 65 -49.06 -46.52 -31.57
CA ASN D 65 -50.19 -45.75 -32.09
C ASN D 65 -49.80 -44.29 -32.37
N ASP D 66 -48.68 -44.13 -33.07
CA ASP D 66 -48.21 -42.81 -33.50
C ASP D 66 -47.47 -43.00 -34.82
N LYS D 67 -47.80 -42.16 -35.80
CA LYS D 67 -47.22 -42.31 -37.14
C LYS D 67 -45.77 -41.86 -37.16
N GLN D 68 -45.47 -40.77 -36.45
CA GLN D 68 -44.10 -40.28 -36.40
C GLN D 68 -43.16 -41.32 -35.79
N VAL D 69 -43.56 -41.92 -34.68
CA VAL D 69 -42.66 -42.87 -34.04
C VAL D 69 -42.63 -44.19 -34.81
N SER D 70 -43.74 -44.57 -35.45
CA SER D 70 -43.73 -45.77 -36.28
C SER D 70 -42.67 -45.67 -37.35
N GLU D 71 -42.60 -44.53 -38.03
CA GLU D 71 -41.57 -44.33 -39.05
C GLU D 71 -40.18 -44.41 -38.45
N PHE D 72 -39.97 -43.81 -37.28
CA PHE D 72 -38.66 -43.86 -36.65
C PHE D 72 -38.27 -45.29 -36.32
N LEU D 73 -39.24 -46.11 -35.92
CA LEU D 73 -38.98 -47.48 -35.48
C LEU D 73 -38.92 -48.48 -36.61
N LYS D 74 -39.04 -48.06 -37.86
CA LYS D 74 -39.05 -48.98 -38.99
C LYS D 74 -37.75 -49.78 -39.07
N ASP D 75 -37.83 -50.97 -39.68
CA ASP D 75 -36.69 -51.89 -39.69
C ASP D 75 -35.44 -51.24 -40.26
N GLU D 76 -35.60 -50.47 -41.35
CA GLU D 76 -34.47 -49.85 -42.03
C GLU D 76 -33.71 -48.88 -41.11
N ASN D 77 -34.42 -48.24 -40.16
CA ASN D 77 -33.73 -47.33 -39.24
C ASN D 77 -33.09 -48.08 -38.08
N MET D 78 -33.81 -49.05 -37.51
CA MET D 78 -33.34 -49.73 -36.33
C MET D 78 -32.17 -50.67 -36.61
N GLU D 79 -32.01 -51.11 -37.86
CA GLU D 79 -30.96 -52.08 -38.14
C GLU D 79 -29.57 -51.45 -38.14
N LYS D 80 -29.48 -50.12 -38.12
CA LYS D 80 -28.18 -49.47 -37.92
C LYS D 80 -27.68 -49.65 -36.49
N PHE D 81 -28.51 -50.18 -35.61
CA PHE D 81 -28.22 -50.40 -34.21
C PHE D 81 -28.17 -51.90 -33.92
N ASN D 82 -27.49 -52.28 -32.85
CA ASN D 82 -27.36 -53.68 -32.51
C ASN D 82 -27.72 -53.93 -31.05
N VAL D 83 -27.92 -55.22 -30.74
CA VAL D 83 -28.51 -55.65 -29.49
C VAL D 83 -27.47 -56.09 -28.48
N LYS D 84 -26.19 -55.77 -28.67
CA LYS D 84 -25.18 -56.19 -27.69
C LYS D 84 -25.61 -55.74 -26.31
N LEU D 85 -25.46 -56.64 -25.33
CA LEU D 85 -26.12 -56.45 -24.05
C LEU D 85 -25.67 -55.14 -23.38
N GLY D 86 -26.65 -54.30 -23.02
CA GLY D 86 -26.38 -53.03 -22.40
C GLY D 86 -26.18 -51.87 -23.36
N THR D 87 -26.05 -52.10 -24.65
CA THR D 87 -25.97 -51.02 -25.62
C THR D 87 -27.32 -50.31 -25.76
N SER D 88 -27.31 -48.99 -25.80
CA SER D 88 -28.55 -48.24 -25.92
C SER D 88 -28.36 -47.03 -26.83
N LYS D 89 -29.48 -46.60 -27.41
CA LYS D 89 -29.63 -45.34 -28.12
C LYS D 89 -31.01 -44.82 -27.79
N HIS D 90 -31.17 -43.48 -27.75
CA HIS D 90 -32.50 -42.90 -27.69
C HIS D 90 -32.47 -41.53 -28.37
N PHE D 91 -33.62 -41.15 -28.95
CA PHE D 91 -33.73 -39.98 -29.79
C PHE D 91 -34.92 -39.15 -29.36
N TYR D 92 -34.76 -37.83 -29.36
CA TYR D 92 -35.86 -36.92 -29.13
C TYR D 92 -36.50 -36.55 -30.46
N MET D 93 -37.84 -36.48 -30.46
CA MET D 93 -38.59 -36.23 -31.67
C MET D 93 -39.96 -35.67 -31.27
N PHE D 94 -40.68 -35.17 -32.28
CA PHE D 94 -42.05 -34.74 -32.09
C PHE D 94 -42.98 -35.86 -32.53
N ASN D 95 -44.03 -36.10 -31.75
CA ASN D 95 -45.03 -37.11 -32.12
C ASN D 95 -46.13 -36.47 -32.95
N ASP D 96 -47.20 -37.23 -33.23
CA ASP D 96 -48.25 -36.76 -34.14
C ASP D 96 -48.92 -35.49 -33.61
N ASN D 97 -48.98 -35.32 -32.29
CA ASN D 97 -49.57 -34.14 -31.68
C ASN D 97 -48.55 -33.01 -31.47
N LYS D 98 -47.40 -33.08 -32.12
CA LYS D 98 -46.36 -32.07 -31.98
C LYS D 98 -45.90 -31.91 -30.52
N ASN D 99 -46.02 -32.97 -29.73
CA ASN D 99 -45.43 -33.04 -28.39
C ASN D 99 -44.06 -33.69 -28.46
N SER D 100 -43.16 -33.21 -27.61
CA SER D 100 -41.81 -33.75 -27.56
C SER D 100 -41.81 -35.07 -26.79
N VAL D 101 -41.30 -36.13 -27.42
CA VAL D 101 -41.15 -37.43 -26.79
C VAL D 101 -39.75 -37.94 -27.09
N ALA D 102 -39.32 -38.96 -26.35
CA ALA D 102 -38.05 -39.59 -26.62
C ALA D 102 -38.27 -41.09 -26.75
N VAL D 103 -37.61 -41.69 -27.72
CA VAL D 103 -37.78 -43.10 -28.04
C VAL D 103 -36.41 -43.76 -28.17
N GLY D 104 -36.28 -44.95 -27.60
CA GLY D 104 -35.02 -45.65 -27.70
C GLY D 104 -35.17 -47.12 -27.41
N TYR D 105 -34.03 -47.76 -27.14
CA TYR D 105 -33.99 -49.19 -26.89
C TYR D 105 -32.79 -49.47 -25.99
N VAL D 106 -32.82 -50.64 -25.34
CA VAL D 106 -31.64 -51.20 -24.68
C VAL D 106 -31.44 -52.61 -25.22
N GLY D 107 -30.22 -52.90 -25.68
CA GLY D 107 -29.91 -54.23 -26.16
C GLY D 107 -29.93 -55.25 -25.02
N CYS D 108 -30.52 -56.41 -25.29
CA CYS D 108 -30.60 -57.48 -24.30
C CYS D 108 -29.87 -58.72 -24.77
N GLY D 109 -28.95 -58.58 -25.72
CA GLY D 109 -28.09 -59.67 -26.13
C GLY D 109 -28.79 -60.61 -27.10
N SER D 110 -28.35 -61.86 -27.09
CA SER D 110 -28.81 -62.87 -28.02
C SER D 110 -29.22 -64.17 -27.34
N VAL D 111 -29.20 -64.22 -26.02
CA VAL D 111 -29.65 -65.38 -25.26
C VAL D 111 -31.06 -65.10 -24.76
N ALA D 112 -31.97 -66.06 -24.97
CA ALA D 112 -33.39 -65.79 -24.76
C ALA D 112 -33.71 -65.59 -23.28
N ASP D 113 -32.96 -66.21 -22.38
CA ASP D 113 -33.25 -66.16 -20.95
C ASP D 113 -32.15 -65.37 -20.24
N LEU D 114 -32.52 -64.22 -19.68
CA LEU D 114 -31.56 -63.35 -19.01
C LEU D 114 -31.29 -63.80 -17.59
N SER D 115 -30.02 -63.81 -17.21
CA SER D 115 -29.67 -63.96 -15.81
C SER D 115 -29.97 -62.67 -15.07
N GLU D 116 -29.90 -62.75 -13.74
CA GLU D 116 -29.99 -61.54 -12.94
C GLU D 116 -28.84 -60.59 -13.25
N ALA D 117 -27.65 -61.14 -13.52
CA ALA D 117 -26.53 -60.26 -13.88
C ALA D 117 -26.81 -59.54 -15.19
N ASP D 118 -27.38 -60.25 -16.17
CA ASP D 118 -27.72 -59.61 -17.42
C ASP D 118 -28.77 -58.53 -17.23
N MET D 119 -29.83 -58.87 -16.48
CA MET D 119 -30.91 -57.92 -16.20
C MET D 119 -30.38 -56.67 -15.50
N LYS D 120 -29.39 -56.82 -14.64
CA LYS D 120 -28.78 -55.66 -14.00
C LYS D 120 -28.05 -54.79 -15.02
N ARG D 121 -27.41 -55.40 -16.02
CA ARG D 121 -26.77 -54.58 -17.05
C ARG D 121 -27.81 -53.82 -17.85
N VAL D 122 -28.94 -54.46 -18.16
CA VAL D 122 -30.01 -53.77 -18.88
C VAL D 122 -30.49 -52.57 -18.07
N VAL D 123 -30.73 -52.77 -16.77
CA VAL D 123 -31.23 -51.69 -15.93
C VAL D 123 -30.20 -50.57 -15.82
N LEU D 124 -28.93 -50.92 -15.68
CA LEU D 124 -27.89 -49.89 -15.59
C LEU D 124 -27.89 -49.00 -16.83
N SER D 125 -28.09 -49.59 -18.00
CA SER D 125 -28.19 -48.78 -19.21
C SER D 125 -29.42 -47.88 -19.14
N LEU D 126 -30.53 -48.41 -18.66
CA LEU D 126 -31.75 -47.61 -18.57
C LEU D 126 -31.59 -46.47 -17.58
N VAL D 127 -30.94 -46.75 -16.44
CA VAL D 127 -30.77 -45.74 -15.42
C VAL D 127 -29.85 -44.62 -15.90
N THR D 128 -28.85 -44.95 -16.72
CA THR D 128 -27.99 -43.92 -17.30
C THR D 128 -28.80 -42.94 -18.13
N MET D 129 -29.81 -43.44 -18.86
CA MET D 129 -30.67 -42.54 -19.62
C MET D 129 -31.52 -41.69 -18.70
N LEU D 130 -31.95 -42.26 -17.58
CA LEU D 130 -32.84 -41.55 -16.67
C LEU D 130 -32.09 -40.45 -15.91
N HIS D 131 -30.79 -40.65 -15.63
CA HIS D 131 -30.01 -39.62 -14.95
C HIS D 131 -29.68 -38.43 -15.85
N ASP D 132 -29.97 -38.52 -17.15
CA ASP D 132 -29.94 -37.37 -18.05
C ASP D 132 -31.33 -37.02 -18.60
N ASN D 133 -32.40 -37.45 -17.96
CA ASN D 133 -33.77 -37.25 -18.44
C ASN D 133 -34.50 -36.27 -17.55
N LYS D 134 -35.25 -35.36 -18.17
CA LYS D 134 -36.11 -34.46 -17.44
C LYS D 134 -37.58 -34.60 -17.82
N LEU D 135 -37.93 -35.62 -18.60
CA LEU D 135 -39.35 -35.76 -18.91
C LEU D 135 -40.02 -36.65 -17.86
N SER D 136 -41.35 -36.61 -17.87
CA SER D 136 -42.16 -36.95 -16.71
C SER D 136 -42.49 -38.43 -16.59
N LYS D 137 -42.37 -39.18 -17.68
CA LYS D 137 -42.79 -40.56 -17.73
C LYS D 137 -41.69 -41.39 -18.37
N LEU D 138 -41.53 -42.62 -17.89
CA LEU D 138 -40.80 -43.66 -18.60
C LEU D 138 -41.77 -44.78 -18.96
N THR D 139 -41.69 -45.26 -20.19
CA THR D 139 -42.43 -46.45 -20.61
C THR D 139 -41.44 -47.49 -21.08
N VAL D 140 -41.53 -48.69 -20.53
CA VAL D 140 -40.63 -49.78 -20.86
C VAL D 140 -41.44 -50.87 -21.57
N VAL D 141 -41.06 -51.20 -22.79
CA VAL D 141 -41.75 -52.19 -23.59
C VAL D 141 -40.90 -53.45 -23.61
N PHE D 142 -41.44 -54.55 -23.07
CA PHE D 142 -40.72 -55.83 -22.96
C PHE D 142 -40.95 -56.64 -24.23
N GLU D 143 -40.06 -56.50 -25.20
CA GLU D 143 -40.00 -57.43 -26.33
C GLU D 143 -39.01 -58.56 -26.06
N ILE D 144 -38.92 -58.97 -24.80
CA ILE D 144 -38.13 -60.10 -24.35
C ILE D 144 -38.99 -60.84 -23.33
N ASN D 145 -38.59 -62.06 -23.00
CA ASN D 145 -39.37 -62.94 -22.15
C ASN D 145 -38.78 -63.01 -20.75
N VAL D 146 -39.52 -62.51 -19.75
CA VAL D 146 -39.11 -62.57 -18.36
C VAL D 146 -40.24 -63.14 -17.52
N ASP D 147 -39.88 -63.95 -16.52
CA ASP D 147 -40.89 -64.50 -15.64
C ASP D 147 -41.23 -63.50 -14.53
N LYS D 148 -42.14 -63.91 -13.62
CA LYS D 148 -42.67 -62.97 -12.63
C LYS D 148 -41.60 -62.52 -11.65
N ASN D 149 -40.77 -63.45 -11.15
CA ASN D 149 -39.74 -63.06 -10.20
C ASN D 149 -38.69 -62.17 -10.86
N LEU D 150 -38.38 -62.41 -12.13
CA LEU D 150 -37.41 -61.58 -12.82
C LEU D 150 -37.99 -60.21 -13.13
N PHE D 151 -39.28 -60.15 -13.45
CA PHE D 151 -39.91 -58.84 -13.64
C PHE D 151 -39.88 -58.03 -12.36
N ARG D 152 -40.20 -58.65 -11.21
CA ARG D 152 -40.05 -57.93 -9.95
C ARG D 152 -38.61 -57.50 -9.69
N PHE D 153 -37.64 -58.39 -9.97
CA PHE D 153 -36.23 -58.02 -9.83
C PHE D 153 -35.90 -56.81 -10.69
N PHE D 154 -36.40 -56.77 -11.93
CA PHE D 154 -36.17 -55.62 -12.79
C PHE D 154 -36.65 -54.33 -12.13
N LEU D 155 -37.87 -54.34 -11.58
CA LEU D 155 -38.42 -53.14 -10.92
C LEU D 155 -37.59 -52.74 -9.70
N GLU D 156 -37.31 -53.68 -8.81
CA GLU D 156 -36.53 -53.38 -7.61
C GLU D 156 -35.18 -52.79 -7.97
N THR D 157 -34.51 -53.42 -8.93
CA THR D 157 -33.18 -52.99 -9.32
C THR D 157 -33.24 -51.60 -9.95
N LEU D 158 -34.22 -51.39 -10.83
CA LEU D 158 -34.42 -50.07 -11.42
C LEU D 158 -34.62 -49.01 -10.34
N PHE D 159 -35.54 -49.29 -9.40
CA PHE D 159 -35.79 -48.35 -8.31
C PHE D 159 -34.53 -48.09 -7.51
N TYR D 160 -33.84 -49.15 -7.11
CA TYR D 160 -32.65 -49.02 -6.28
C TYR D 160 -31.55 -48.25 -7.01
N GLU D 161 -31.29 -48.60 -8.27
CA GLU D 161 -30.18 -47.95 -8.99
C GLU D 161 -30.52 -46.53 -9.38
N TYR D 162 -31.80 -46.24 -9.65
CA TYR D 162 -32.24 -44.90 -10.02
C TYR D 162 -32.07 -43.92 -8.86
N MET D 163 -32.43 -44.35 -7.65
CA MET D 163 -32.39 -43.52 -6.45
C MET D 163 -30.93 -43.16 -6.10
N THR D 164 -30.71 -41.89 -5.75
CA THR D 164 -29.39 -41.36 -5.45
C THR D 164 -29.35 -40.85 -4.01
N ASP D 165 -28.35 -41.29 -3.27
CA ASP D 165 -28.24 -41.00 -1.84
C ASP D 165 -27.44 -39.71 -1.67
N GLU D 166 -28.13 -38.63 -1.34
CA GLU D 166 -27.50 -37.33 -1.22
C GLU D 166 -27.48 -36.80 0.22
N ARG D 167 -27.64 -37.70 1.19
CA ARG D 167 -27.71 -37.28 2.60
C ARG D 167 -26.45 -36.54 3.05
N PHE D 168 -25.29 -36.85 2.48
CA PHE D 168 -24.04 -36.27 2.93
C PHE D 168 -23.48 -35.23 1.97
N LYS D 169 -24.26 -34.82 0.98
CA LYS D 169 -23.93 -33.70 0.10
C LYS D 169 -24.46 -32.40 0.69
N SER D 170 -23.78 -31.29 0.38
CA SER D 170 -24.21 -29.99 0.93
C SER D 170 -24.84 -29.06 -0.09
N ASN D 174 -29.37 -33.67 -9.13
CA ASN D 174 -28.68 -33.17 -10.32
C ASN D 174 -29.58 -32.20 -11.08
N VAL D 175 -28.94 -31.26 -11.77
CA VAL D 175 -29.63 -30.26 -12.58
C VAL D 175 -29.70 -30.74 -14.03
N ASN D 176 -29.29 -31.98 -14.26
CA ASN D 176 -29.40 -32.63 -15.57
C ASN D 176 -30.41 -33.77 -15.55
N MET D 177 -31.28 -33.81 -14.54
CA MET D 177 -32.34 -34.81 -14.47
C MET D 177 -33.45 -34.30 -13.55
N GLU D 178 -34.51 -35.10 -13.45
CA GLU D 178 -35.61 -34.89 -12.55
C GLU D 178 -36.42 -36.16 -12.44
N TYR D 179 -36.75 -36.61 -11.23
CA TYR D 179 -37.37 -37.93 -11.05
C TYR D 179 -38.71 -38.00 -11.77
N ILE D 180 -38.91 -39.11 -12.50
CA ILE D 180 -40.17 -39.36 -13.16
C ILE D 180 -41.29 -39.53 -12.12
N LYS D 181 -42.50 -39.17 -12.52
CA LYS D 181 -43.67 -39.40 -11.70
C LYS D 181 -44.53 -40.57 -12.19
N HIS D 182 -44.19 -41.17 -13.34
CA HIS D 182 -45.01 -42.22 -13.96
C HIS D 182 -44.11 -43.25 -14.64
N LEU D 183 -44.41 -44.51 -14.41
CA LEU D 183 -43.73 -45.63 -15.04
C LEU D 183 -44.79 -46.50 -15.72
N GLY D 184 -44.69 -46.64 -17.03
CA GLY D 184 -45.54 -47.54 -17.80
C GLY D 184 -44.73 -48.74 -18.26
N VAL D 185 -45.36 -49.91 -18.23
CA VAL D 185 -44.74 -51.17 -18.62
C VAL D 185 -45.68 -51.90 -19.58
N TYR D 186 -45.19 -52.25 -20.77
CA TYR D 186 -45.89 -53.14 -21.67
C TYR D 186 -45.18 -54.49 -21.66
N ILE D 187 -45.92 -55.54 -21.32
CA ILE D 187 -45.36 -56.88 -21.20
C ILE D 187 -46.48 -57.89 -21.45
N ASN D 188 -46.09 -59.11 -21.83
CA ASN D 188 -47.07 -60.14 -22.13
C ASN D 188 -47.71 -60.68 -20.86
N ASN D 189 -49.01 -60.92 -20.90
CA ASN D 189 -49.78 -61.31 -19.72
C ASN D 189 -49.61 -60.29 -18.60
N ALA D 190 -49.89 -59.02 -18.91
CA ALA D 190 -49.73 -57.95 -17.93
C ALA D 190 -50.47 -58.26 -16.63
N ASP D 191 -51.64 -58.90 -16.72
CA ASP D 191 -52.46 -59.05 -15.52
C ASP D 191 -51.77 -59.90 -14.46
N THR D 192 -50.98 -60.90 -14.86
CA THR D 192 -50.28 -61.72 -13.89
C THR D 192 -49.14 -60.96 -13.20
N TYR D 193 -48.54 -59.97 -13.88
CA TYR D 193 -47.39 -59.26 -13.37
C TYR D 193 -47.76 -58.11 -12.46
N LYS D 194 -49.01 -57.64 -12.51
CA LYS D 194 -49.39 -56.43 -11.77
C LYS D 194 -49.11 -56.56 -10.27
N GLU D 195 -49.34 -57.76 -9.71
CA GLU D 195 -49.15 -57.98 -8.27
C GLU D 195 -47.70 -57.86 -7.82
N GLU D 196 -46.73 -57.88 -8.75
CA GLU D 196 -45.34 -57.72 -8.38
C GLU D 196 -44.95 -56.28 -8.07
N VAL D 197 -45.70 -55.29 -8.58
CA VAL D 197 -45.24 -53.91 -8.59
C VAL D 197 -45.09 -53.39 -7.17
N GLU D 198 -46.13 -53.53 -6.36
CA GLU D 198 -46.01 -53.04 -4.98
C GLU D 198 -45.14 -53.95 -4.13
N LYS D 199 -44.99 -55.21 -4.50
CA LYS D 199 -43.99 -56.02 -3.82
C LYS D 199 -42.58 -55.50 -4.12
N ALA D 200 -42.30 -55.20 -5.39
CA ALA D 200 -41.02 -54.62 -5.76
C ALA D 200 -40.77 -53.31 -5.04
N ARG D 201 -41.81 -52.48 -4.88
CA ARG D 201 -41.61 -51.23 -4.20
C ARG D 201 -41.26 -51.45 -2.72
N VAL D 202 -41.81 -52.50 -2.11
CA VAL D 202 -41.43 -52.79 -0.72
C VAL D 202 -40.01 -53.33 -0.67
N TYR D 203 -39.67 -54.23 -1.59
CA TYR D 203 -38.32 -54.80 -1.61
C TYR D 203 -37.29 -53.73 -1.88
N TYR D 204 -37.63 -52.74 -2.71
CA TYR D 204 -36.71 -51.67 -3.01
C TYR D 204 -36.36 -50.91 -1.75
N PHE D 205 -37.36 -50.51 -0.96
CA PHE D 205 -37.02 -49.68 0.19
C PHE D 205 -36.33 -50.48 1.27
N GLY D 206 -36.71 -51.76 1.45
CA GLY D 206 -35.93 -52.62 2.34
C GLY D 206 -34.45 -52.61 1.98
N THR D 207 -34.15 -52.78 0.69
CA THR D 207 -32.79 -52.77 0.18
C THR D 207 -32.16 -51.39 0.28
N TYR D 208 -32.90 -50.34 -0.12
CA TYR D 208 -32.36 -48.99 -0.03
C TYR D 208 -32.07 -48.61 1.42
N TYR D 209 -32.94 -49.01 2.34
CA TYR D 209 -32.75 -48.65 3.75
C TYR D 209 -31.50 -49.32 4.31
N ALA D 210 -31.33 -50.63 4.06
CA ALA D 210 -30.08 -51.28 4.44
C ALA D 210 -28.88 -50.54 3.82
N SER D 211 -29.01 -50.22 2.54
CA SER D 211 -27.99 -49.46 1.82
C SER D 211 -27.64 -48.16 2.54
N GLN D 212 -28.64 -47.52 3.16
CA GLN D 212 -28.38 -46.24 3.78
C GLN D 212 -27.57 -46.39 5.07
N LEU D 213 -27.85 -47.43 5.85
CA LEU D 213 -27.11 -47.66 7.08
C LEU D 213 -25.67 -48.09 6.78
N ILE D 214 -25.49 -48.87 5.71
CA ILE D 214 -24.15 -49.31 5.33
C ILE D 214 -23.33 -48.12 4.87
N ALA D 215 -23.88 -47.33 3.95
CA ALA D 215 -23.10 -46.23 3.39
C ALA D 215 -22.84 -45.16 4.43
N ALA D 216 -23.68 -45.09 5.46
CA ALA D 216 -23.47 -44.15 6.55
C ALA D 216 -22.10 -44.37 7.15
N PRO D 217 -21.22 -43.37 7.17
CA PRO D 217 -19.89 -43.56 7.73
C PRO D 217 -19.93 -43.79 9.23
N SER D 218 -18.80 -44.29 9.75
CA SER D 218 -18.78 -44.76 11.13
C SER D 218 -18.80 -43.63 12.16
N ASN D 219 -18.57 -42.36 11.78
CA ASN D 219 -18.87 -41.29 12.72
C ASN D 219 -20.36 -40.98 12.78
N TYR D 220 -21.12 -41.30 11.73
CA TYR D 220 -22.58 -41.21 11.80
C TYR D 220 -23.21 -42.47 12.37
N CYS D 221 -22.76 -43.63 11.90
CA CYS D 221 -23.38 -44.92 12.19
C CYS D 221 -22.49 -45.69 13.16
N ASN D 222 -22.77 -45.57 14.45
CA ASN D 222 -22.01 -46.20 15.52
C ASN D 222 -22.98 -47.10 16.31
N PRO D 223 -22.51 -47.86 17.28
CA PRO D 223 -23.43 -48.77 18.00
C PRO D 223 -24.66 -48.09 18.60
N VAL D 224 -24.50 -46.88 19.15
CA VAL D 224 -25.61 -46.17 19.78
C VAL D 224 -26.56 -45.58 18.73
N SER D 225 -26.01 -44.97 17.67
CA SER D 225 -26.90 -44.37 16.67
C SER D 225 -27.55 -45.42 15.79
N LEU D 226 -26.87 -46.55 15.55
CA LEU D 226 -27.50 -47.60 14.75
C LEU D 226 -28.63 -48.29 15.51
N SER D 227 -28.49 -48.43 16.83
CA SER D 227 -29.57 -49.05 17.59
C SER D 227 -30.73 -48.08 17.78
N ASN D 228 -30.43 -46.79 17.91
CA ASN D 228 -31.49 -45.78 17.92
C ASN D 228 -32.30 -45.81 16.62
N ALA D 229 -31.62 -45.99 15.48
CA ALA D 229 -32.34 -46.12 14.22
C ALA D 229 -33.22 -47.36 14.21
N ALA D 230 -32.71 -48.47 14.77
CA ALA D 230 -33.49 -49.70 14.82
C ALA D 230 -34.75 -49.54 15.67
N VAL D 231 -34.66 -48.79 16.77
CA VAL D 231 -35.82 -48.49 17.61
C VAL D 231 -36.85 -47.68 16.84
N GLU D 232 -36.39 -46.67 16.08
CA GLU D 232 -37.29 -45.80 15.35
C GLU D 232 -37.97 -46.57 14.22
N LEU D 233 -37.22 -47.43 13.53
CA LEU D 233 -37.83 -48.30 12.52
C LEU D 233 -38.90 -49.18 13.15
N ALA D 234 -38.58 -49.79 14.29
CA ALA D 234 -39.52 -50.66 14.99
C ALA D 234 -40.77 -49.90 15.40
N GLN D 235 -40.61 -48.67 15.90
CA GLN D 235 -41.76 -47.85 16.28
C GLN D 235 -42.64 -47.54 15.06
N LYS D 236 -42.02 -47.30 13.90
CA LYS D 236 -42.81 -47.00 12.71
C LYS D 236 -43.55 -48.21 12.18
N LEU D 237 -43.06 -49.41 12.45
CA LEU D 237 -43.65 -50.63 11.94
C LEU D 237 -44.52 -51.34 12.96
N ASN D 238 -44.58 -50.85 14.20
CA ASN D 238 -45.27 -51.51 15.30
C ASN D 238 -44.69 -52.90 15.58
N LEU D 239 -43.37 -53.00 15.52
CA LEU D 239 -42.68 -54.19 16.00
C LEU D 239 -42.35 -54.02 17.47
N GLU D 240 -42.28 -55.14 18.19
CA GLU D 240 -41.76 -55.11 19.55
C GLU D 240 -40.24 -55.00 19.48
N TYR D 241 -39.67 -54.21 20.39
CA TYR D 241 -38.24 -53.97 20.35
C TYR D 241 -37.69 -53.99 21.77
N LYS D 242 -36.41 -54.31 21.86
CA LYS D 242 -35.66 -54.23 23.10
C LYS D 242 -34.20 -54.00 22.73
N ILE D 243 -33.55 -53.05 23.39
CA ILE D 243 -32.14 -52.81 23.21
C ILE D 243 -31.45 -53.14 24.53
N LEU D 244 -30.52 -54.07 24.49
CA LEU D 244 -29.82 -54.52 25.67
C LEU D 244 -28.53 -53.71 25.79
N GLY D 245 -28.33 -53.10 26.96
CA GLY D 245 -27.13 -52.36 27.25
C GLY D 245 -26.09 -53.20 27.97
N VAL D 246 -25.01 -52.54 28.39
CA VAL D 246 -23.84 -53.25 28.89
C VAL D 246 -24.16 -54.01 30.18
N LYS D 247 -24.91 -53.40 31.09
CA LYS D 247 -25.26 -54.08 32.34
C LYS D 247 -26.04 -55.36 32.06
N GLU D 248 -27.04 -55.29 31.16
CA GLU D 248 -27.79 -56.48 30.81
C GLU D 248 -26.90 -57.49 30.07
N LEU D 249 -25.98 -57.02 29.22
CA LEU D 249 -25.09 -57.95 28.53
C LEU D 249 -24.11 -58.62 29.49
N GLU D 250 -23.56 -57.85 30.45
CA GLU D 250 -22.74 -58.45 31.50
C GLU D 250 -23.55 -59.45 32.31
N GLU D 251 -24.79 -59.11 32.64
CA GLU D 251 -25.66 -60.02 33.37
C GLU D 251 -25.89 -61.32 32.59
N LEU D 252 -26.01 -61.23 31.26
CA LEU D 252 -26.15 -62.41 30.43
C LEU D 252 -24.83 -63.11 30.14
N LYS D 253 -23.71 -62.57 30.67
CA LYS D 253 -22.40 -63.20 30.58
C LYS D 253 -21.87 -63.26 29.13
N MET D 254 -22.17 -62.23 28.33
CA MET D 254 -21.75 -62.24 26.92
C MET D 254 -20.32 -61.72 26.82
N GLY D 255 -19.38 -62.55 27.30
CA GLY D 255 -18.00 -62.11 27.39
C GLY D 255 -17.30 -62.06 26.05
N ALA D 256 -17.70 -62.89 25.10
CA ALA D 256 -17.10 -62.82 23.77
C ALA D 256 -17.47 -61.51 23.07
N TYR D 257 -18.74 -61.13 23.13
CA TYR D 257 -19.22 -59.94 22.41
C TYR D 257 -18.77 -58.67 23.12
N LEU D 258 -18.86 -58.65 24.46
CA LEU D 258 -18.38 -57.51 25.22
C LEU D 258 -16.88 -57.29 25.03
N SER D 259 -16.11 -58.36 24.86
CA SER D 259 -14.66 -58.19 24.72
C SER D 259 -14.31 -57.42 23.45
N VAL D 260 -15.04 -57.68 22.35
CA VAL D 260 -14.78 -57.00 21.08
C VAL D 260 -14.98 -55.49 21.23
N GLY D 261 -15.99 -55.09 22.00
CA GLY D 261 -16.29 -53.68 22.13
C GLY D 261 -15.53 -52.94 23.23
N LYS D 262 -14.65 -53.64 23.96
CA LYS D 262 -13.97 -53.02 25.09
C LYS D 262 -13.23 -51.75 24.68
N GLY D 263 -12.57 -51.78 23.52
CA GLY D 263 -11.76 -50.67 23.08
C GLY D 263 -12.50 -49.48 22.50
N SER D 264 -13.83 -49.53 22.38
CA SER D 264 -14.58 -48.48 21.71
C SER D 264 -15.10 -47.46 22.72
N MET D 265 -15.24 -46.23 22.25
CA MET D 265 -15.89 -45.16 23.02
C MET D 265 -17.41 -45.27 23.00
N TYR D 266 -17.97 -46.15 22.18
CA TYR D 266 -19.41 -46.36 22.12
C TYR D 266 -19.78 -47.64 22.85
N PRO D 267 -20.72 -47.59 23.77
CA PRO D 267 -21.13 -48.81 24.47
C PRO D 267 -21.80 -49.80 23.54
N ASN D 268 -21.59 -51.10 23.82
CA ASN D 268 -22.24 -52.14 23.04
C ASN D 268 -23.76 -52.03 23.16
N LYS D 269 -24.46 -52.34 22.07
CA LYS D 269 -25.91 -52.36 22.03
C LYS D 269 -26.36 -53.59 21.26
N PHE D 270 -27.18 -54.41 21.90
CA PHE D 270 -27.73 -55.61 21.29
C PHE D 270 -29.18 -55.32 20.87
N ILE D 271 -29.43 -55.38 19.55
CA ILE D 271 -30.73 -55.08 18.97
C ILE D 271 -31.55 -56.35 18.90
N HIS D 272 -32.78 -56.29 19.41
CA HIS D 272 -33.75 -57.40 19.37
C HIS D 272 -35.10 -56.82 18.99
N LEU D 273 -35.51 -57.04 17.74
CA LEU D 273 -36.82 -56.67 17.25
C LEU D 273 -37.62 -57.94 17.01
N THR D 274 -38.94 -57.85 17.17
CA THR D 274 -39.79 -59.02 17.02
C THR D 274 -41.02 -58.68 16.19
N TYR D 275 -41.25 -59.44 15.14
CA TYR D 275 -42.52 -59.43 14.43
C TYR D 275 -43.28 -60.68 14.84
N LYS D 276 -44.53 -60.51 15.26
CA LYS D 276 -45.40 -61.63 15.57
C LYS D 276 -46.71 -61.50 14.81
N SER D 277 -47.08 -62.56 14.11
CA SER D 277 -48.34 -62.60 13.37
C SER D 277 -49.54 -62.56 14.32
N LYS D 278 -50.66 -62.07 13.79
CA LYS D 278 -51.89 -62.05 14.58
C LYS D 278 -52.48 -63.45 14.71
N GLY D 279 -52.39 -64.26 13.66
CA GLY D 279 -52.84 -65.63 13.74
C GLY D 279 -51.99 -66.48 14.67
N ASP D 280 -52.31 -67.77 14.69
CA ASP D 280 -51.50 -68.72 15.46
C ASP D 280 -50.09 -68.75 14.90
N VAL D 281 -49.10 -68.88 15.78
CA VAL D 281 -47.71 -68.93 15.36
C VAL D 281 -47.35 -70.39 15.09
N LYS D 282 -46.98 -70.68 13.84
CA LYS D 282 -46.58 -72.01 13.42
C LYS D 282 -45.09 -72.16 13.17
N LYS D 283 -44.36 -71.05 13.05
CA LYS D 283 -42.92 -71.11 12.80
C LYS D 283 -42.24 -69.92 13.46
N LYS D 284 -41.15 -70.20 14.15
CA LYS D 284 -40.35 -69.20 14.85
C LYS D 284 -38.96 -69.19 14.25
N ILE D 285 -38.49 -68.01 13.84
CA ILE D 285 -37.23 -67.82 13.13
C ILE D 285 -36.45 -66.70 13.79
N ALA D 286 -35.14 -66.90 13.96
CA ALA D 286 -34.23 -65.84 14.39
C ALA D 286 -33.31 -65.49 13.24
N LEU D 287 -33.28 -64.22 12.86
CA LEU D 287 -32.36 -63.69 11.84
C LEU D 287 -31.31 -62.87 12.57
N VAL D 288 -30.04 -63.20 12.37
CA VAL D 288 -28.93 -62.66 13.14
C VAL D 288 -27.96 -61.98 12.18
N GLY D 289 -27.68 -60.71 12.41
CA GLY D 289 -26.81 -59.98 11.51
C GLY D 289 -25.58 -59.49 12.23
N LYS D 290 -24.40 -59.71 11.65
CA LYS D 290 -23.17 -59.15 12.17
C LYS D 290 -23.23 -57.64 12.12
N GLY D 291 -23.02 -56.99 13.25
CA GLY D 291 -23.09 -55.55 13.29
C GLY D 291 -21.86 -54.88 13.85
N ILE D 292 -20.76 -54.91 13.11
CA ILE D 292 -19.55 -54.17 13.46
C ILE D 292 -19.62 -52.85 12.72
N THR D 293 -19.82 -51.75 13.46
CA THR D 293 -20.01 -50.48 12.78
C THR D 293 -18.69 -49.92 12.27
N PHE D 294 -17.58 -50.32 12.86
CA PHE D 294 -16.30 -50.09 12.20
C PHE D 294 -15.32 -51.14 12.68
N ASP D 295 -14.67 -51.77 11.72
CA ASP D 295 -13.69 -52.80 11.99
C ASP D 295 -12.32 -52.22 11.68
N SER D 296 -11.63 -51.73 12.69
CA SER D 296 -10.24 -51.35 12.50
C SER D 296 -9.30 -52.55 12.43
N GLY D 297 -9.76 -53.70 12.90
CA GLY D 297 -8.91 -54.84 13.15
C GLY D 297 -8.48 -54.98 14.60
N GLY D 298 -8.65 -53.94 15.40
CA GLY D 298 -8.10 -54.03 16.74
C GLY D 298 -6.58 -54.06 16.69
N TYR D 299 -5.98 -54.70 17.68
CA TYR D 299 -4.52 -54.73 17.74
C TYR D 299 -3.93 -55.51 16.57
N ASN D 300 -4.66 -56.46 15.99
CA ASN D 300 -4.33 -56.99 14.66
C ASN D 300 -4.83 -56.02 13.58
N LEU D 301 -4.25 -54.83 13.60
CA LEU D 301 -4.71 -53.73 12.77
C LEU D 301 -4.68 -54.10 11.28
N LYS D 302 -5.69 -53.66 10.53
CA LYS D 302 -5.70 -53.79 9.07
C LYS D 302 -4.68 -52.84 8.46
N ALA D 303 -3.42 -53.25 8.49
CA ALA D 303 -2.34 -52.46 7.92
C ALA D 303 -1.72 -53.10 6.69
N ALA D 304 -2.10 -54.32 6.36
CA ALA D 304 -1.52 -54.98 5.20
C ALA D 304 -2.07 -54.37 3.93
N PRO D 305 -1.27 -54.34 2.85
CA PRO D 305 -1.82 -53.92 1.56
C PRO D 305 -2.98 -54.82 1.18
N GLY D 306 -4.04 -54.21 0.64
CA GLY D 306 -5.24 -54.93 0.29
C GLY D 306 -6.26 -55.09 1.41
N SER D 307 -5.94 -54.73 2.66
CA SER D 307 -6.92 -54.98 3.72
C SER D 307 -8.05 -53.95 3.73
N MET D 308 -7.89 -52.84 3.00
CA MET D 308 -8.91 -51.83 2.74
C MET D 308 -9.63 -51.39 4.02
N ILE D 309 -8.85 -50.83 4.93
CA ILE D 309 -9.42 -50.36 6.18
C ILE D 309 -10.49 -49.31 5.91
N ASP D 310 -10.41 -48.59 4.79
CA ASP D 310 -11.39 -47.54 4.53
C ASP D 310 -12.76 -48.07 4.15
N LEU D 311 -12.90 -49.34 3.82
CA LEU D 311 -14.20 -49.93 3.53
C LEU D 311 -14.96 -50.35 4.78
N MET D 312 -14.31 -50.40 5.93
CA MET D 312 -14.79 -51.21 7.04
C MET D 312 -15.97 -50.61 7.78
N LYS D 313 -16.51 -49.47 7.34
CA LYS D 313 -17.87 -49.11 7.74
C LYS D 313 -18.88 -50.13 7.25
N PHE D 314 -18.54 -50.92 6.24
CA PHE D 314 -19.48 -51.90 5.69
C PHE D 314 -19.59 -53.18 6.51
N ASP D 315 -18.89 -53.29 7.65
CA ASP D 315 -18.90 -54.53 8.43
C ASP D 315 -20.18 -54.73 9.26
N MET D 316 -21.14 -53.82 9.18
CA MET D 316 -22.46 -54.05 9.73
CA MET D 316 -22.47 -54.04 9.73
C MET D 316 -23.50 -54.35 8.64
N SER D 317 -23.03 -54.78 7.46
CA SER D 317 -23.94 -55.08 6.35
C SER D 317 -24.92 -56.17 6.73
N GLY D 318 -24.50 -57.15 7.53
CA GLY D 318 -25.43 -58.18 7.94
C GLY D 318 -26.54 -57.62 8.80
N CYS D 319 -26.18 -56.79 9.77
CA CYS D 319 -27.20 -56.10 10.59
C CYS D 319 -28.12 -55.27 9.70
N ALA D 320 -27.57 -54.51 8.77
CA ALA D 320 -28.40 -53.71 7.88
C ALA D 320 -29.39 -54.58 7.09
N ALA D 321 -28.91 -55.72 6.57
CA ALA D 321 -29.78 -56.65 5.84
C ALA D 321 -30.91 -57.16 6.72
N VAL D 322 -30.63 -57.42 8.00
CA VAL D 322 -31.68 -57.90 8.89
C VAL D 322 -32.67 -56.78 9.20
N LEU D 323 -32.18 -55.55 9.40
CA LEU D 323 -33.11 -54.45 9.63
C LEU D 323 -33.91 -54.15 8.37
N GLY D 324 -33.30 -54.27 7.19
CA GLY D 324 -34.05 -54.09 5.98
C GLY D 324 -35.14 -55.14 5.86
N CYS D 325 -34.83 -56.37 6.27
CA CYS D 325 -35.81 -57.43 6.24
C CYS D 325 -36.97 -57.12 7.18
N ALA D 326 -36.66 -56.63 8.39
CA ALA D 326 -37.71 -56.25 9.32
C ALA D 326 -38.65 -55.24 8.68
N TYR D 327 -38.10 -54.29 7.92
CA TYR D 327 -38.97 -53.37 7.19
C TYR D 327 -39.91 -54.14 6.27
N CYS D 328 -39.37 -55.00 5.41
CA CYS D 328 -40.20 -55.75 4.46
C CYS D 328 -41.23 -56.61 5.18
N VAL D 329 -40.80 -57.34 6.21
CA VAL D 329 -41.70 -58.22 6.93
C VAL D 329 -42.76 -57.41 7.67
N GLY D 330 -42.36 -56.32 8.31
CA GLY D 330 -43.29 -55.46 9.01
C GLY D 330 -44.32 -54.81 8.11
N THR D 331 -43.99 -54.68 6.82
CA THR D 331 -44.89 -54.06 5.87
C THR D 331 -45.78 -55.08 5.18
N LEU D 332 -45.23 -56.23 4.80
CA LEU D 332 -46.00 -57.24 4.10
C LEU D 332 -46.81 -58.13 5.03
N LYS D 333 -46.45 -58.15 6.33
CA LYS D 333 -47.16 -58.83 7.41
C LYS D 333 -47.54 -60.28 7.09
N PRO D 334 -46.56 -61.19 6.94
CA PRO D 334 -46.90 -62.60 6.77
C PRO D 334 -47.62 -63.17 7.98
N GLU D 335 -48.35 -64.26 7.74
CA GLU D 335 -49.12 -64.94 8.78
C GLU D 335 -48.37 -66.13 9.34
N ASN D 336 -48.76 -66.53 10.55
CA ASN D 336 -48.36 -67.78 11.18
C ASN D 336 -46.88 -67.86 11.52
N VAL D 337 -46.19 -66.74 11.62
CA VAL D 337 -44.75 -66.72 11.83
C VAL D 337 -44.42 -65.72 12.93
N GLU D 338 -43.38 -66.04 13.71
CA GLU D 338 -42.75 -65.11 14.64
C GLU D 338 -41.28 -64.99 14.28
N ILE D 339 -40.84 -63.79 13.92
CA ILE D 339 -39.45 -63.57 13.50
C ILE D 339 -38.78 -62.63 14.48
N HIS D 340 -37.60 -63.04 14.97
CA HIS D 340 -36.73 -62.22 15.80
C HIS D 340 -35.59 -61.65 14.96
N PHE D 341 -35.35 -60.36 15.08
CA PHE D 341 -34.30 -59.66 14.35
C PHE D 341 -33.24 -59.27 15.37
N LEU D 342 -32.05 -59.87 15.24
CA LEU D 342 -31.02 -59.84 16.26
C LEU D 342 -29.73 -59.29 15.69
N SER D 343 -29.08 -58.40 16.44
CA SER D 343 -27.72 -57.96 16.09
C SER D 343 -26.97 -57.50 17.33
N ALA D 344 -25.82 -58.13 17.59
CA ALA D 344 -24.90 -57.66 18.63
C ALA D 344 -24.01 -56.59 18.02
N VAL D 345 -24.40 -55.32 18.20
CA VAL D 345 -23.72 -54.18 17.59
C VAL D 345 -22.58 -53.69 18.48
N CYS D 346 -21.41 -53.50 17.89
CA CYS D 346 -20.29 -52.90 18.59
C CYS D 346 -19.30 -52.40 17.55
N GLU D 347 -18.17 -51.86 18.05
CA GLU D 347 -17.12 -51.26 17.24
C GLU D 347 -15.77 -51.82 17.66
N ASN D 348 -14.92 -52.18 16.67
CA ASN D 348 -13.64 -52.86 16.91
C ASN D 348 -12.50 -51.86 16.74
N MET D 349 -11.92 -51.41 17.87
CA MET D 349 -11.01 -50.27 17.90
C MET D 349 -9.70 -50.58 18.63
N VAL D 350 -8.75 -49.67 18.47
CA VAL D 350 -7.43 -49.77 19.08
C VAL D 350 -7.35 -48.76 20.21
N SER D 351 -6.96 -49.23 21.39
CA SER D 351 -7.16 -48.45 22.60
C SER D 351 -6.39 -49.11 23.72
N LYS D 352 -6.08 -48.32 24.75
CA LYS D 352 -5.60 -48.95 25.98
C LYS D 352 -6.61 -49.92 26.56
N ASN D 353 -7.90 -49.80 26.22
CA ASN D 353 -8.92 -50.65 26.81
C ASN D 353 -9.26 -51.87 25.96
N SER D 354 -8.69 -51.99 24.76
CA SER D 354 -9.08 -53.04 23.81
C SER D 354 -8.66 -54.44 24.30
N TYR D 355 -9.38 -55.46 23.82
CA TYR D 355 -8.92 -56.81 24.04
CA TYR D 355 -8.91 -56.81 24.04
C TYR D 355 -7.64 -57.05 23.24
N ARG D 356 -6.84 -58.04 23.70
CA ARG D 356 -5.57 -58.25 23.03
C ARG D 356 -5.53 -59.59 22.34
N PRO D 357 -4.73 -59.72 21.26
CA PRO D 357 -4.43 -61.05 20.72
C PRO D 357 -3.92 -61.93 21.85
N GLY D 358 -4.40 -63.17 21.92
CA GLY D 358 -4.04 -64.07 22.98
C GLY D 358 -4.96 -64.07 24.18
N ASP D 359 -5.78 -63.04 24.38
CA ASP D 359 -6.71 -63.06 25.51
C ASP D 359 -7.60 -64.30 25.47
N ILE D 360 -7.97 -64.79 26.65
CA ILE D 360 -8.93 -65.89 26.77
C ILE D 360 -10.18 -65.33 27.41
N ILE D 361 -11.30 -65.42 26.68
CA ILE D 361 -12.57 -64.81 27.04
C ILE D 361 -13.60 -65.94 27.13
N THR D 362 -14.72 -65.65 27.81
CA THR D 362 -15.72 -66.67 28.05
C THR D 362 -17.04 -66.26 27.43
N ALA D 363 -17.58 -67.12 26.57
CA ALA D 363 -18.88 -66.87 25.96
C ALA D 363 -20.00 -67.18 26.95
N SER D 364 -21.21 -66.80 26.57
CA SER D 364 -22.37 -66.93 27.45
C SER D 364 -22.84 -68.35 27.62
N ASN D 365 -22.42 -69.29 26.79
CA ASN D 365 -22.73 -70.70 27.04
C ASN D 365 -21.66 -71.40 27.88
N GLY D 366 -20.70 -70.65 28.39
CA GLY D 366 -19.65 -71.20 29.22
C GLY D 366 -18.35 -71.51 28.51
N LYS D 367 -18.34 -71.57 27.17
CA LYS D 367 -17.13 -71.98 26.47
C LYS D 367 -16.07 -70.90 26.55
N THR D 368 -14.83 -71.30 26.84
CA THR D 368 -13.73 -70.35 26.81
C THR D 368 -13.07 -70.35 25.44
N ILE D 369 -12.67 -69.17 24.99
CA ILE D 369 -12.15 -68.93 23.65
C ILE D 369 -10.81 -68.22 23.75
N GLU D 370 -9.79 -68.78 23.12
CA GLU D 370 -8.49 -68.15 23.02
C GLU D 370 -8.45 -67.29 21.75
N VAL D 371 -8.26 -65.99 21.92
CA VAL D 371 -8.25 -65.05 20.79
C VAL D 371 -6.91 -65.16 20.07
N GLY D 372 -6.96 -65.48 18.79
CA GLY D 372 -5.73 -65.63 18.03
C GLY D 372 -5.47 -64.40 17.20
N ASN D 373 -6.56 -63.72 16.84
CA ASN D 373 -6.47 -62.56 15.97
C ASN D 373 -7.63 -61.63 16.27
N THR D 374 -7.34 -60.41 16.71
CA THR D 374 -8.44 -59.53 17.09
C THR D 374 -9.27 -59.08 15.89
N ASP D 375 -8.79 -59.29 14.66
CA ASP D 375 -9.58 -58.94 13.47
C ASP D 375 -10.59 -60.03 13.12
N ALA D 376 -10.56 -61.18 13.78
CA ALA D 376 -11.62 -62.17 13.64
C ALA D 376 -12.70 -61.92 14.71
N GLU D 377 -13.12 -60.66 14.83
CA GLU D 377 -14.06 -60.26 15.88
C GLU D 377 -15.50 -60.65 15.56
N GLY D 378 -15.85 -60.76 14.28
CA GLY D 378 -17.23 -61.00 13.93
C GLY D 378 -17.78 -62.30 14.49
N ARG D 379 -17.00 -63.37 14.37
CA ARG D 379 -17.44 -64.66 14.90
C ARG D 379 -17.55 -64.64 16.41
N LEU D 380 -16.82 -63.74 17.09
CA LEU D 380 -16.97 -63.60 18.54
C LEU D 380 -18.31 -63.00 18.90
N THR D 381 -18.73 -61.94 18.18
CA THR D 381 -20.00 -61.31 18.51
C THR D 381 -21.16 -62.23 18.09
N LEU D 382 -21.01 -62.88 16.94
CA LEU D 382 -22.00 -63.87 16.51
C LEU D 382 -22.10 -65.05 17.46
N ALA D 383 -20.98 -65.43 18.11
CA ALA D 383 -21.06 -66.56 19.03
C ALA D 383 -22.05 -66.28 20.15
N ASP D 384 -21.97 -65.09 20.76
CA ASP D 384 -22.91 -64.75 21.83
C ASP D 384 -24.30 -64.47 21.27
N ALA D 385 -24.40 -63.92 20.06
CA ALA D 385 -25.72 -63.71 19.46
C ALA D 385 -26.42 -65.03 19.17
N LEU D 386 -25.65 -66.06 18.78
CA LEU D 386 -26.27 -67.34 18.45
C LEU D 386 -26.76 -68.03 19.71
N VAL D 387 -25.98 -67.97 20.78
CA VAL D 387 -26.42 -68.50 22.06
C VAL D 387 -27.71 -67.80 22.49
N TYR D 388 -27.77 -66.48 22.31
CA TYR D 388 -29.00 -65.75 22.62
C TYR D 388 -30.17 -66.22 21.76
N ALA D 389 -29.93 -66.43 20.45
CA ALA D 389 -31.01 -66.80 19.55
C ALA D 389 -31.57 -68.18 19.87
N GLU D 390 -30.70 -69.15 20.16
CA GLU D 390 -31.19 -70.49 20.48
C GLU D 390 -32.02 -70.49 21.76
N LYS D 391 -31.71 -69.60 22.70
CA LYS D 391 -32.51 -69.50 23.92
C LYS D 391 -33.92 -69.02 23.64
N LEU D 392 -34.17 -68.38 22.50
CA LEU D 392 -35.53 -67.96 22.16
C LEU D 392 -36.42 -69.12 21.73
N GLY D 393 -35.87 -70.33 21.62
CA GLY D 393 -36.64 -71.49 21.18
C GLY D 393 -37.25 -71.36 19.81
N VAL D 394 -36.43 -71.29 18.77
CA VAL D 394 -36.90 -71.07 17.41
C VAL D 394 -36.71 -72.34 16.60
N ASP D 395 -37.38 -72.40 15.47
CA ASP D 395 -37.22 -73.55 14.59
C ASP D 395 -36.00 -73.41 13.71
N TYR D 396 -35.67 -72.18 13.31
CA TYR D 396 -34.57 -71.88 12.39
C TYR D 396 -33.79 -70.70 12.91
N ILE D 397 -32.47 -70.77 12.80
CA ILE D 397 -31.60 -69.61 12.99
C ILE D 397 -30.82 -69.41 11.71
N VAL D 398 -30.94 -68.23 11.11
CA VAL D 398 -30.15 -67.84 9.95
C VAL D 398 -29.34 -66.60 10.34
N ASP D 399 -28.02 -66.67 10.19
CA ASP D 399 -27.17 -65.51 10.41
C ASP D 399 -26.60 -65.06 9.07
N ILE D 400 -26.30 -63.77 8.97
CA ILE D 400 -25.79 -63.16 7.76
C ILE D 400 -24.72 -62.15 8.16
N ALA D 401 -23.56 -62.19 7.49
CA ALA D 401 -22.40 -61.48 8.02
C ALA D 401 -21.32 -61.31 6.95
N THR D 402 -20.67 -60.14 6.96
CA THR D 402 -19.43 -59.93 6.22
C THR D 402 -18.30 -60.59 7.02
N LEU D 403 -18.19 -61.91 6.91
CA LEU D 403 -17.36 -62.56 7.91
C LEU D 403 -15.91 -62.75 7.47
N THR D 404 -15.65 -63.32 6.30
CA THR D 404 -14.30 -63.74 5.95
C THR D 404 -13.87 -63.13 4.62
N GLY D 405 -12.69 -62.50 4.61
CA GLY D 405 -12.12 -62.00 3.38
C GLY D 405 -11.91 -63.07 2.33
N ALA D 406 -11.81 -64.34 2.75
CA ALA D 406 -11.58 -65.44 1.82
C ALA D 406 -12.72 -65.62 0.82
N MET D 407 -13.93 -65.11 1.12
CA MET D 407 -15.03 -65.26 0.17
C MET D 407 -14.68 -64.65 -1.19
N LEU D 408 -13.87 -63.59 -1.19
CA LEU D 408 -13.43 -62.97 -2.42
C LEU D 408 -12.60 -63.94 -3.26
N TYR D 409 -11.95 -64.90 -2.62
CA TYR D 409 -11.12 -65.84 -3.36
C TYR D 409 -11.86 -67.12 -3.71
N SER D 410 -13.02 -67.38 -3.10
CA SER D 410 -13.79 -68.57 -3.43
C SER D 410 -14.93 -68.26 -4.40
N LEU D 411 -15.89 -67.46 -3.98
CA LEU D 411 -17.06 -67.20 -4.80
C LEU D 411 -17.04 -65.83 -5.44
N GLY D 412 -16.29 -64.89 -4.88
CA GLY D 412 -16.09 -63.60 -5.53
C GLY D 412 -17.08 -62.55 -5.07
N THR D 413 -17.40 -61.63 -5.97
CA THR D 413 -18.21 -60.47 -5.63
C THR D 413 -19.68 -60.62 -6.00
N SER D 414 -20.11 -61.73 -6.62
CA SER D 414 -21.50 -61.87 -7.04
C SER D 414 -22.31 -62.85 -6.21
N TYR D 415 -21.71 -63.96 -5.79
CA TYR D 415 -22.42 -65.02 -5.10
C TYR D 415 -21.98 -65.08 -3.65
N ALA D 416 -22.92 -65.03 -2.73
CA ALA D 416 -22.60 -65.32 -1.33
C ALA D 416 -22.53 -66.82 -1.13
N GLY D 417 -21.88 -67.22 -0.04
CA GLY D 417 -21.82 -68.61 0.34
C GLY D 417 -22.74 -68.83 1.52
N VAL D 418 -23.36 -70.01 1.58
CA VAL D 418 -24.15 -70.42 2.73
C VAL D 418 -23.59 -71.74 3.23
N PHE D 419 -23.39 -71.84 4.55
CA PHE D 419 -22.99 -73.04 5.25
C PHE D 419 -24.08 -73.37 6.27
N GLY D 420 -24.16 -74.61 6.71
CA GLY D 420 -25.17 -74.88 7.72
C GLY D 420 -25.04 -76.26 8.32
N ASN D 421 -25.96 -76.57 9.23
CA ASN D 421 -26.00 -77.86 9.90
C ASN D 421 -27.26 -78.66 9.57
N ASN D 422 -28.06 -78.18 8.62
CA ASN D 422 -29.35 -78.79 8.31
C ASN D 422 -29.63 -78.60 6.83
N GLU D 423 -29.73 -79.70 6.10
CA GLU D 423 -29.83 -79.62 4.64
C GLU D 423 -31.16 -79.04 4.21
N GLU D 424 -32.24 -79.35 4.93
CA GLU D 424 -33.54 -78.74 4.62
C GLU D 424 -33.49 -77.23 4.72
N LEU D 425 -32.88 -76.71 5.78
CA LEU D 425 -32.76 -75.26 5.90
C LEU D 425 -31.91 -74.69 4.77
N ILE D 426 -30.77 -75.33 4.48
CA ILE D 426 -29.94 -74.86 3.38
C ILE D 426 -30.72 -74.85 2.07
N ASN D 427 -31.50 -75.91 1.79
CA ASN D 427 -32.28 -75.93 0.56
C ASN D 427 -33.32 -74.82 0.55
N LYS D 428 -33.89 -74.49 1.69
CA LYS D 428 -34.85 -73.39 1.73
C LYS D 428 -34.17 -72.06 1.40
N ILE D 429 -32.94 -71.87 1.90
CA ILE D 429 -32.17 -70.69 1.55
C ILE D 429 -31.86 -70.69 0.06
N LEU D 430 -31.50 -71.85 -0.49
CA LEU D 430 -31.19 -71.90 -1.91
C LEU D 430 -32.42 -71.52 -2.74
N GLN D 431 -33.61 -71.95 -2.29
CA GLN D 431 -34.83 -71.60 -3.02
C GLN D 431 -35.13 -70.11 -2.90
N SER D 432 -34.96 -69.53 -1.70
CA SER D 432 -35.13 -68.09 -1.55
C SER D 432 -34.15 -67.32 -2.43
N SER D 433 -32.94 -67.86 -2.56
CA SER D 433 -31.97 -67.22 -3.42
C SER D 433 -32.46 -67.18 -4.87
N LYS D 434 -33.16 -68.23 -5.30
CA LYS D 434 -33.60 -68.30 -6.70
C LYS D 434 -34.77 -67.35 -6.97
N THR D 435 -35.72 -67.24 -6.03
CA THR D 435 -36.86 -66.36 -6.27
C THR D 435 -36.56 -64.90 -5.96
N SER D 436 -35.62 -64.61 -5.05
CA SER D 436 -35.19 -63.24 -4.81
C SER D 436 -34.20 -62.77 -5.86
N ASN D 437 -33.59 -63.69 -6.60
CA ASN D 437 -32.52 -63.38 -7.53
C ASN D 437 -31.31 -62.73 -6.84
N GLU D 438 -31.07 -63.05 -5.56
CA GLU D 438 -29.83 -62.73 -4.87
C GLU D 438 -29.00 -64.00 -4.78
N PRO D 439 -27.90 -64.12 -5.52
CA PRO D 439 -27.27 -65.44 -5.74
C PRO D 439 -26.47 -65.94 -4.55
N VAL D 440 -26.67 -67.22 -4.22
CA VAL D 440 -26.02 -67.89 -3.10
C VAL D 440 -25.57 -69.27 -3.58
N TRP D 441 -24.50 -69.78 -2.96
CA TRP D 441 -23.99 -71.10 -3.27
C TRP D 441 -23.68 -71.84 -1.98
N TRP D 442 -24.10 -73.10 -1.93
CA TRP D 442 -23.84 -73.95 -0.78
C TRP D 442 -22.37 -74.36 -0.75
N LEU D 443 -21.72 -74.12 0.40
CA LEU D 443 -20.35 -74.51 0.70
C LEU D 443 -20.32 -75.45 1.91
N PRO D 444 -19.37 -76.39 1.94
CA PRO D 444 -19.35 -77.38 3.03
C PRO D 444 -18.74 -76.82 4.30
N ILE D 445 -19.24 -77.35 5.42
CA ILE D 445 -18.55 -77.31 6.70
C ILE D 445 -17.80 -78.63 6.82
N ILE D 446 -16.48 -78.61 6.64
CA ILE D 446 -15.70 -79.84 6.57
C ILE D 446 -15.17 -80.17 7.96
N ASN D 447 -15.70 -81.24 8.56
CA ASN D 447 -15.43 -81.57 9.96
C ASN D 447 -13.97 -81.94 10.19
N GLU D 448 -13.27 -82.44 9.15
CA GLU D 448 -11.87 -82.77 9.30
C GLU D 448 -11.04 -81.58 9.74
N TYR D 449 -11.50 -80.35 9.46
CA TYR D 449 -10.76 -79.16 9.86
C TYR D 449 -10.99 -78.77 11.32
N ARG D 450 -11.97 -79.38 12.00
CA ARG D 450 -12.38 -78.95 13.33
C ARG D 450 -11.22 -78.98 14.33
N ALA D 451 -10.30 -79.93 14.16
CA ALA D 451 -9.21 -80.10 15.12
C ALA D 451 -8.25 -78.91 15.16
N THR D 452 -8.16 -78.10 14.09
CA THR D 452 -7.31 -76.93 14.21
C THR D 452 -7.86 -75.92 15.20
N LEU D 453 -9.14 -76.05 15.60
CA LEU D 453 -9.71 -75.16 16.59
C LEU D 453 -9.47 -75.63 18.03
N ASN D 454 -8.74 -76.74 18.24
CA ASN D 454 -8.48 -77.30 19.58
C ASN D 454 -7.35 -76.53 20.26
N SER D 455 -7.72 -75.63 21.18
CA SER D 455 -6.77 -74.80 21.90
C SER D 455 -6.05 -75.59 22.99
N LYS D 456 -4.76 -75.26 23.19
CA LYS D 456 -3.99 -75.86 24.27
C LYS D 456 -4.56 -75.48 25.65
N TYR D 457 -5.12 -74.27 25.78
CA TYR D 457 -5.49 -73.73 27.09
C TYR D 457 -6.98 -73.48 27.25
N ALA D 458 -7.64 -72.94 26.23
CA ALA D 458 -9.06 -72.67 26.31
C ALA D 458 -9.84 -73.86 25.74
N ASP D 459 -11.18 -73.82 25.84
CA ASP D 459 -12.00 -74.88 25.23
C ASP D 459 -11.82 -74.92 23.72
N ILE D 460 -11.69 -73.76 23.08
CA ILE D 460 -11.62 -73.70 21.63
C ILE D 460 -10.81 -72.49 21.21
N ASN D 461 -10.15 -72.60 20.06
CA ASN D 461 -9.50 -71.50 19.38
C ASN D 461 -10.52 -70.66 18.60
N GLN D 462 -10.26 -69.36 18.57
CA GLN D 462 -11.05 -68.47 17.72
C GLN D 462 -10.72 -68.67 16.24
N ILE D 463 -9.44 -68.92 15.92
CA ILE D 463 -8.98 -69.06 14.53
C ILE D 463 -8.04 -70.26 14.41
N SER D 464 -7.80 -70.64 13.17
CA SER D 464 -6.80 -71.63 12.86
C SER D 464 -5.44 -70.97 12.73
N SER D 465 -4.40 -71.71 13.11
CA SER D 465 -3.04 -71.26 12.80
C SER D 465 -2.65 -71.63 11.37
N SER D 466 -3.02 -72.83 10.93
CA SER D 466 -2.59 -73.36 9.64
C SER D 466 -3.64 -73.24 8.54
N VAL D 467 -4.84 -73.79 8.75
CA VAL D 467 -5.86 -73.95 7.68
C VAL D 467 -6.20 -72.61 7.03
N LYS D 468 -6.00 -72.55 5.70
CA LYS D 468 -6.26 -71.34 4.94
C LYS D 468 -7.73 -71.21 4.52
N ALA D 469 -8.53 -72.27 4.64
CA ALA D 469 -9.94 -72.21 4.27
C ALA D 469 -10.73 -71.52 5.39
N SER D 470 -10.48 -70.22 5.55
CA SER D 470 -10.94 -69.56 6.77
C SER D 470 -12.46 -69.43 6.82
N SER D 471 -13.13 -69.38 5.67
CA SER D 471 -14.59 -69.31 5.71
C SER D 471 -15.19 -70.60 6.23
N ILE D 472 -14.58 -71.74 5.91
CA ILE D 472 -15.07 -73.00 6.46
C ILE D 472 -14.71 -73.10 7.94
N VAL D 473 -13.52 -72.63 8.30
CA VAL D 473 -13.11 -72.67 9.70
C VAL D 473 -14.02 -71.78 10.55
N ALA D 474 -14.33 -70.57 10.06
CA ALA D 474 -15.22 -69.68 10.82
C ALA D 474 -16.57 -70.33 11.02
N SER D 475 -17.04 -71.09 10.03
CA SER D 475 -18.31 -71.79 10.13
C SER D 475 -18.25 -72.89 11.17
N LEU D 476 -17.13 -73.61 11.23
CA LEU D 476 -16.93 -74.60 12.28
C LEU D 476 -16.94 -73.95 13.66
N PHE D 477 -16.32 -72.77 13.78
CA PHE D 477 -16.35 -72.06 15.04
C PHE D 477 -17.79 -71.72 15.44
N LEU D 478 -18.53 -71.10 14.51
CA LEU D 478 -19.88 -70.65 14.85
C LEU D 478 -20.79 -71.82 15.18
N LYS D 479 -20.58 -72.96 14.52
CA LYS D 479 -21.42 -74.12 14.76
C LYS D 479 -21.31 -74.61 16.20
N GLU D 480 -20.18 -74.36 16.87
CA GLU D 480 -20.02 -74.72 18.28
C GLU D 480 -20.97 -73.98 19.19
N PHE D 481 -21.67 -72.97 18.69
CA PHE D 481 -22.57 -72.19 19.52
C PHE D 481 -24.03 -72.40 19.16
N VAL D 482 -24.35 -73.45 18.40
CA VAL D 482 -25.71 -73.89 18.15
C VAL D 482 -25.79 -75.36 18.52
N GLN D 483 -26.47 -75.66 19.62
CA GLN D 483 -26.45 -77.04 20.13
C GLN D 483 -27.44 -77.94 19.41
N ASN D 484 -28.69 -77.48 19.21
CA ASN D 484 -29.74 -78.41 18.76
C ASN D 484 -30.82 -77.69 17.94
N THR D 485 -30.42 -76.79 17.04
CA THR D 485 -31.38 -76.07 16.24
C THR D 485 -30.88 -76.01 14.80
N ALA D 486 -31.79 -76.12 13.84
CA ALA D 486 -31.42 -75.94 12.45
C ALA D 486 -30.85 -74.53 12.27
N TRP D 487 -29.60 -74.46 11.79
CA TRP D 487 -28.91 -73.20 11.63
C TRP D 487 -28.22 -73.12 10.27
N ALA D 488 -28.28 -71.93 9.65
CA ALA D 488 -27.48 -71.63 8.47
C ALA D 488 -26.82 -70.28 8.63
N HIS D 489 -25.75 -70.08 7.87
CA HIS D 489 -24.88 -68.92 8.01
C HIS D 489 -24.49 -68.45 6.62
N ILE D 490 -24.82 -67.20 6.30
CA ILE D 490 -24.64 -66.62 4.98
C ILE D 490 -23.49 -65.63 5.09
N ASP D 491 -22.37 -65.93 4.42
CA ASP D 491 -21.19 -65.08 4.47
C ASP D 491 -21.20 -64.16 3.25
N ILE D 492 -21.47 -62.87 3.49
CA ILE D 492 -21.64 -61.92 2.41
C ILE D 492 -20.44 -60.97 2.29
N ALA D 493 -19.28 -61.34 2.87
CA ALA D 493 -18.12 -60.44 2.87
C ALA D 493 -17.68 -60.07 1.47
N GLY D 494 -17.84 -60.97 0.50
CA GLY D 494 -17.40 -60.67 -0.85
C GLY D 494 -18.41 -59.88 -1.65
N VAL D 495 -19.71 -60.02 -1.36
CA VAL D 495 -20.76 -59.55 -2.25
C VAL D 495 -21.45 -58.31 -1.73
N SER D 496 -21.05 -57.81 -0.56
CA SER D 496 -21.83 -56.76 0.06
C SER D 496 -21.61 -55.40 -0.59
N TRP D 497 -20.39 -55.11 -1.01
CA TRP D 497 -20.05 -53.79 -1.53
C TRP D 497 -19.93 -53.83 -3.05
N ASN D 498 -20.49 -52.81 -3.70
CA ASN D 498 -20.43 -52.70 -5.16
C ASN D 498 -19.22 -51.82 -5.52
N PHE D 499 -18.10 -52.46 -5.86
CA PHE D 499 -16.85 -51.73 -6.03
C PHE D 499 -16.86 -50.86 -7.30
N LYS D 500 -17.40 -51.38 -8.40
CA LYS D 500 -17.45 -50.57 -9.61
C LYS D 500 -18.26 -49.29 -9.38
N ALA D 501 -19.36 -49.37 -8.62
CA ALA D 501 -20.24 -48.21 -8.41
C ALA D 501 -19.97 -47.46 -7.12
N ARG D 502 -19.08 -47.96 -6.26
CA ARG D 502 -18.68 -47.26 -5.04
C ARG D 502 -19.85 -47.11 -4.05
N LYS D 503 -20.66 -48.15 -3.91
CA LYS D 503 -21.83 -48.07 -3.03
C LYS D 503 -22.19 -49.46 -2.55
N PRO D 504 -23.04 -49.57 -1.51
CA PRO D 504 -23.49 -50.89 -1.06
C PRO D 504 -24.47 -51.50 -2.04
N LYS D 505 -24.63 -52.82 -1.94
CA LYS D 505 -25.70 -53.50 -2.64
C LYS D 505 -26.97 -53.69 -1.80
N GLY D 506 -26.90 -53.52 -0.48
CA GLY D 506 -28.01 -53.94 0.35
C GLY D 506 -28.30 -55.42 0.22
N PHE D 507 -27.25 -56.22 -0.01
CA PHE D 507 -27.41 -57.65 -0.27
C PHE D 507 -27.99 -58.34 0.95
N GLY D 508 -28.96 -59.23 0.72
CA GLY D 508 -29.51 -60.05 1.77
C GLY D 508 -30.95 -59.74 2.13
N VAL D 509 -31.38 -58.49 1.96
CA VAL D 509 -32.73 -58.08 2.36
C VAL D 509 -33.79 -58.92 1.63
N ARG D 510 -33.68 -59.03 0.32
CA ARG D 510 -34.71 -59.76 -0.41
C ARG D 510 -34.56 -61.26 -0.24
N LEU D 511 -33.33 -61.74 -0.07
CA LEU D 511 -33.09 -63.15 0.24
C LEU D 511 -33.83 -63.55 1.51
N LEU D 512 -33.61 -62.80 2.59
CA LEU D 512 -34.19 -63.14 3.89
C LEU D 512 -35.70 -62.96 3.89
N THR D 513 -36.21 -61.93 3.21
CA THR D 513 -37.65 -61.72 3.17
C THR D 513 -38.35 -62.86 2.43
N GLU D 514 -37.85 -63.19 1.24
CA GLU D 514 -38.36 -64.34 0.50
C GLU D 514 -38.33 -65.60 1.35
N PHE D 515 -37.22 -65.83 2.06
CA PHE D 515 -37.15 -66.97 2.97
C PHE D 515 -38.29 -66.94 3.97
N VAL D 516 -38.53 -65.78 4.56
CA VAL D 516 -39.56 -65.70 5.60
C VAL D 516 -40.95 -65.83 4.98
N LEU D 517 -41.15 -65.23 3.80
CA LEU D 517 -42.49 -65.14 3.23
C LEU D 517 -42.96 -66.47 2.70
N ASN D 518 -42.12 -67.18 1.96
CA ASN D 518 -42.50 -68.39 1.25
C ASN D 518 -42.20 -69.66 2.06
N ASP D 519 -42.01 -69.53 3.37
CA ASP D 519 -41.76 -70.67 4.26
C ASP D 519 -42.45 -70.46 5.62
N SER E 2 -3.06 -52.22 43.86
CA SER E 2 -3.33 -53.62 44.19
C SER E 2 -4.71 -54.13 43.72
N GLU E 3 -5.65 -53.24 43.46
CA GLU E 3 -6.91 -53.68 42.84
C GLU E 3 -6.82 -53.56 41.32
N VAL E 4 -7.29 -54.61 40.64
CA VAL E 4 -7.11 -54.72 39.20
C VAL E 4 -8.20 -53.92 38.50
N PRO E 5 -7.85 -52.90 37.71
CA PRO E 5 -8.89 -52.16 36.99
C PRO E 5 -9.55 -53.04 35.93
N GLN E 6 -10.86 -52.82 35.70
CA GLN E 6 -11.63 -53.57 34.72
C GLN E 6 -12.34 -52.64 33.74
N VAL E 7 -12.41 -53.04 32.48
CA VAL E 7 -13.23 -52.33 31.52
C VAL E 7 -14.70 -52.77 31.63
N VAL E 8 -14.94 -54.08 31.58
CA VAL E 8 -16.26 -54.65 31.83
C VAL E 8 -16.15 -55.55 33.05
N SER E 9 -17.31 -55.83 33.65
CA SER E 9 -17.35 -56.58 34.90
C SER E 9 -16.93 -58.04 34.74
N LEU E 10 -16.89 -58.55 33.51
CA LEU E 10 -16.41 -59.90 33.26
C LEU E 10 -14.89 -59.97 33.14
N ASP E 11 -14.19 -58.86 33.16
CA ASP E 11 -12.72 -58.89 33.08
C ASP E 11 -12.14 -59.55 34.33
N PRO E 12 -11.24 -60.53 34.18
CA PRO E 12 -10.65 -61.16 35.36
C PRO E 12 -9.82 -60.18 36.18
N THR E 13 -9.71 -60.46 37.47
CA THR E 13 -8.99 -59.58 38.41
C THR E 13 -7.89 -60.30 39.16
N SER E 14 -7.57 -61.53 38.77
CA SER E 14 -6.45 -62.23 39.36
C SER E 14 -6.00 -63.32 38.39
N ILE E 15 -4.76 -63.75 38.54
CA ILE E 15 -4.24 -64.89 37.79
C ILE E 15 -4.58 -66.15 38.58
N PRO E 16 -5.28 -67.11 37.99
CA PRO E 16 -5.43 -68.40 38.65
C PRO E 16 -4.09 -69.12 38.68
N ILE E 17 -3.79 -69.72 39.83
CA ILE E 17 -2.52 -70.39 40.10
C ILE E 17 -2.83 -71.70 40.80
N GLU E 18 -2.29 -72.80 40.30
CA GLU E 18 -2.38 -74.07 41.01
C GLU E 18 -1.05 -74.31 41.73
N TYR E 19 -1.10 -74.40 43.06
CA TYR E 19 0.08 -74.71 43.84
C TYR E 19 0.18 -76.20 44.12
N ASN E 20 -0.92 -76.82 44.57
CA ASN E 20 -0.95 -78.26 44.80
C ASN E 20 -1.25 -78.95 43.47
N THR E 21 -0.24 -79.57 42.88
CA THR E 21 -0.44 -80.30 41.64
C THR E 21 -0.43 -81.80 41.90
N PRO E 22 -1.02 -82.59 41.00
CA PRO E 22 -0.91 -84.05 41.16
C PRO E 22 0.51 -84.57 41.20
N ILE E 23 1.48 -83.87 40.59
CA ILE E 23 2.88 -84.29 40.69
C ILE E 23 3.29 -84.37 42.15
N HIS E 24 2.76 -83.50 43.00
CA HIS E 24 3.16 -83.50 44.40
C HIS E 24 2.61 -84.70 45.16
N ASP E 25 1.63 -85.41 44.63
CA ASP E 25 1.12 -86.62 45.27
C ASP E 25 1.85 -87.88 44.83
N ILE E 26 2.82 -87.79 43.92
CA ILE E 26 3.48 -89.00 43.43
C ILE E 26 4.56 -89.40 44.42
N LYS E 27 4.49 -90.65 44.91
CA LYS E 27 5.53 -91.19 45.77
C LYS E 27 6.61 -91.85 44.90
N VAL E 28 7.84 -91.42 45.08
CA VAL E 28 8.95 -91.82 44.22
C VAL E 28 9.92 -92.66 45.03
N GLN E 29 10.17 -93.87 44.54
CA GLN E 29 11.15 -94.79 45.11
C GLN E 29 12.26 -95.03 44.10
N VAL E 30 13.50 -95.03 44.58
CA VAL E 30 14.65 -95.32 43.72
C VAL E 30 15.29 -96.61 44.21
N TYR E 31 15.44 -97.58 43.31
CA TYR E 31 15.98 -98.90 43.65
C TYR E 31 17.27 -99.16 42.89
N ASP E 32 18.16 -99.93 43.50
CA ASP E 32 19.34 -100.32 42.74
C ASP E 32 18.97 -101.44 41.77
N ILE E 33 19.44 -101.31 40.54
CA ILE E 33 19.16 -102.29 39.51
C ILE E 33 19.70 -103.67 39.88
N LYS E 34 20.76 -103.70 40.69
CA LYS E 34 21.33 -104.97 41.15
C LYS E 34 20.36 -105.61 42.14
N GLY E 35 20.14 -106.91 41.97
CA GLY E 35 19.06 -107.60 42.64
C GLY E 35 17.90 -107.92 41.72
N GLY E 36 17.86 -107.33 40.53
CA GLY E 36 16.77 -107.54 39.62
C GLY E 36 15.64 -106.54 39.84
N CYS E 37 14.73 -106.51 38.87
CA CYS E 37 13.56 -105.62 38.91
C CYS E 37 12.32 -106.46 39.09
N ASN E 38 11.45 -106.02 40.00
CA ASN E 38 10.12 -106.60 40.15
C ASN E 38 9.14 -105.91 39.22
N VAL E 39 8.25 -106.69 38.63
CA VAL E 39 7.24 -106.16 37.70
C VAL E 39 5.91 -106.64 38.24
N GLU E 40 5.31 -105.84 39.12
CA GLU E 40 4.10 -106.24 39.82
C GLU E 40 2.84 -105.57 39.29
N GLU E 41 2.92 -104.33 38.80
CA GLU E 41 1.73 -103.59 38.39
C GLU E 41 2.14 -102.40 37.54
N GLY E 42 1.12 -101.72 37.01
CA GLY E 42 1.31 -100.50 36.23
C GLY E 42 2.17 -100.72 35.01
N LEU E 43 2.87 -99.66 34.62
CA LEU E 43 3.67 -99.61 33.40
C LEU E 43 5.14 -99.67 33.78
N THR E 44 5.91 -100.52 33.10
CA THR E 44 7.35 -100.61 33.32
C THR E 44 8.03 -100.31 31.99
N ILE E 45 8.87 -99.28 31.96
CA ILE E 45 9.54 -98.85 30.73
C ILE E 45 11.05 -98.96 30.92
N PHE E 46 11.71 -99.69 30.03
CA PHE E 46 13.16 -99.75 29.97
C PHE E 46 13.69 -98.67 29.04
N LEU E 47 14.67 -97.89 29.51
CA LEU E 47 15.38 -96.92 28.68
C LEU E 47 16.62 -97.60 28.12
N VAL E 48 16.64 -97.77 26.80
CA VAL E 48 17.58 -98.67 26.14
C VAL E 48 18.23 -97.94 24.97
N ASN E 49 19.55 -98.10 24.84
CA ASN E 49 20.27 -97.63 23.68
C ASN E 49 20.96 -98.81 23.00
N ASN E 50 21.70 -98.53 21.93
CA ASN E 50 22.54 -99.53 21.28
C ASN E 50 23.76 -98.82 20.73
N PRO E 51 24.85 -98.76 21.50
CA PRO E 51 25.97 -97.89 21.10
C PRO E 51 26.60 -98.34 19.79
N GLY E 52 26.83 -97.37 18.92
CA GLY E 52 27.40 -97.66 17.60
C GLY E 52 26.42 -98.09 16.51
N LYS E 53 25.57 -99.09 16.81
CA LYS E 53 24.62 -99.63 15.84
C LYS E 53 23.41 -98.71 15.76
N GLU E 54 23.47 -97.75 14.83
CA GLU E 54 22.43 -96.74 14.72
C GLU E 54 21.11 -97.39 14.35
N ASN E 55 20.06 -97.03 15.10
CA ASN E 55 18.76 -97.70 15.03
C ASN E 55 18.88 -99.21 15.21
N GLY E 56 19.84 -99.66 16.01
CA GLY E 56 20.02 -101.06 16.27
C GLY E 56 18.86 -101.65 17.06
N PRO E 57 18.97 -102.96 17.33
CA PRO E 57 17.88 -103.67 18.02
C PRO E 57 17.82 -103.36 19.51
N VAL E 58 16.62 -103.52 20.07
CA VAL E 58 16.44 -103.43 21.51
C VAL E 58 16.98 -104.70 22.16
N LYS E 59 17.78 -104.54 23.20
CA LYS E 59 18.22 -105.66 24.02
C LYS E 59 18.16 -105.22 25.47
N ILE E 60 17.42 -105.97 26.29
CA ILE E 60 17.28 -105.68 27.70
C ILE E 60 18.38 -106.40 28.45
N SER E 61 19.18 -105.66 29.21
CA SER E 61 20.23 -106.24 30.04
C SER E 61 19.76 -106.65 31.44
N SER E 62 18.80 -105.93 32.03
CA SER E 62 18.41 -106.16 33.43
C SER E 62 17.68 -107.48 33.64
N LYS E 63 18.00 -108.15 34.75
CA LYS E 63 17.21 -109.29 35.20
C LYS E 63 15.87 -108.84 35.75
N VAL E 64 14.82 -109.57 35.41
CA VAL E 64 13.46 -109.27 35.87
C VAL E 64 12.96 -110.47 36.66
N ASN E 65 12.51 -110.21 37.89
CA ASN E 65 12.10 -111.28 38.79
C ASN E 65 10.65 -111.72 38.55
N ASP E 66 10.23 -111.72 37.29
CA ASP E 66 8.95 -112.27 36.87
C ASP E 66 9.21 -113.10 35.62
N LYS E 67 8.76 -114.35 35.64
CA LYS E 67 9.07 -115.26 34.54
C LYS E 67 8.24 -115.00 33.28
N GLN E 68 6.97 -114.59 33.42
CA GLN E 68 6.21 -114.19 32.24
C GLN E 68 6.83 -112.98 31.57
N VAL E 69 7.16 -111.95 32.34
CA VAL E 69 7.73 -110.75 31.74
C VAL E 69 9.14 -111.03 31.22
N SER E 70 9.92 -111.82 31.96
CA SER E 70 11.23 -112.21 31.46
C SER E 70 11.15 -112.86 30.09
N GLU E 71 10.13 -113.69 29.87
CA GLU E 71 9.97 -114.32 28.56
C GLU E 71 9.65 -113.27 27.50
N PHE E 72 8.77 -112.34 27.80
CA PHE E 72 8.45 -111.27 26.86
C PHE E 72 9.71 -110.48 26.50
N LEU E 73 10.61 -110.30 27.47
CA LEU E 73 11.79 -109.48 27.31
C LEU E 73 13.00 -110.22 26.73
N LYS E 74 12.80 -111.43 26.22
CA LYS E 74 13.93 -112.17 25.68
C LYS E 74 14.39 -111.57 24.35
N ASP E 75 15.69 -111.75 24.07
CA ASP E 75 16.36 -111.14 22.91
C ASP E 75 15.58 -111.34 21.61
N GLU E 76 15.10 -112.56 21.36
CA GLU E 76 14.38 -112.83 20.12
C GLU E 76 13.17 -111.93 19.95
N ASN E 77 12.48 -111.57 21.03
CA ASN E 77 11.31 -110.68 20.91
C ASN E 77 11.72 -109.21 20.80
N MET E 78 12.67 -108.77 21.60
CA MET E 78 12.99 -107.33 21.63
C MET E 78 13.71 -106.88 20.38
N GLU E 79 14.43 -107.78 19.69
CA GLU E 79 15.13 -107.38 18.48
C GLU E 79 14.20 -107.07 17.31
N LYS E 80 12.90 -107.32 17.45
CA LYS E 80 11.94 -106.82 16.46
C LYS E 80 11.69 -105.32 16.60
N PHE E 81 12.14 -104.70 17.69
CA PHE E 81 12.05 -103.26 17.96
C PHE E 81 13.45 -102.66 17.88
N ASN E 82 13.53 -101.33 17.69
CA ASN E 82 14.82 -100.65 17.53
C ASN E 82 14.91 -99.40 18.43
N VAL E 83 16.15 -98.90 18.60
CA VAL E 83 16.49 -97.90 19.62
C VAL E 83 16.47 -96.47 19.08
N LYS E 84 16.01 -96.25 17.84
CA LYS E 84 15.90 -94.89 17.32
C LYS E 84 15.31 -93.94 18.37
N LEU E 85 15.98 -92.82 18.60
CA LEU E 85 15.66 -91.93 19.71
C LEU E 85 14.18 -91.56 19.74
N GLY E 86 13.52 -91.87 20.86
CA GLY E 86 12.11 -91.57 21.01
C GLY E 86 11.16 -92.64 20.52
N THR E 87 11.63 -93.60 19.72
CA THR E 87 10.76 -94.73 19.34
C THR E 87 10.35 -95.52 20.57
N SER E 88 9.08 -95.91 20.63
CA SER E 88 8.62 -96.64 21.80
C SER E 88 7.57 -97.68 21.43
N LYS E 89 7.52 -98.76 22.22
CA LYS E 89 6.46 -99.76 22.18
C LYS E 89 6.16 -100.20 23.61
N HIS E 90 4.90 -100.56 23.88
CA HIS E 90 4.53 -101.17 25.15
C HIS E 90 3.34 -102.12 24.97
N PHE E 91 3.39 -103.23 25.71
CA PHE E 91 2.44 -104.33 25.61
C PHE E 91 1.81 -104.59 26.98
N TYR E 92 0.51 -104.88 26.98
CA TYR E 92 -0.19 -105.42 28.15
C TYR E 92 -0.14 -106.94 28.15
N MET E 93 0.00 -107.52 29.35
CA MET E 93 0.17 -108.95 29.55
C MET E 93 -0.04 -109.26 31.03
N PHE E 94 -0.22 -110.54 31.31
CA PHE E 94 -0.31 -111.01 32.69
C PHE E 94 1.07 -111.42 33.18
N ASN E 95 1.40 -111.04 34.42
CA ASN E 95 2.65 -111.44 35.02
C ASN E 95 2.43 -112.77 35.74
N ASP E 96 3.42 -113.20 36.55
CA ASP E 96 3.32 -114.50 37.21
C ASP E 96 2.11 -114.60 38.11
N ASN E 97 1.64 -113.47 38.67
CA ASN E 97 0.50 -113.49 39.59
C ASN E 97 -0.84 -113.32 38.87
N LYS E 98 -0.87 -113.50 37.54
CA LYS E 98 -2.04 -113.20 36.73
C LYS E 98 -2.57 -111.78 36.99
N ASN E 99 -1.66 -110.84 37.28
CA ASN E 99 -2.02 -109.43 37.37
C ASN E 99 -1.65 -108.72 36.07
N SER E 100 -2.54 -107.84 35.62
CA SER E 100 -2.28 -107.09 34.39
C SER E 100 -1.15 -106.09 34.61
N VAL E 101 -0.14 -106.16 33.75
CA VAL E 101 0.97 -105.23 33.76
C VAL E 101 1.19 -104.79 32.32
N ALA E 102 1.82 -103.64 32.16
CA ALA E 102 2.23 -103.18 30.84
C ALA E 102 3.74 -102.95 30.85
N VAL E 103 4.41 -103.47 29.83
CA VAL E 103 5.87 -103.48 29.77
C VAL E 103 6.31 -102.98 28.40
N GLY E 104 7.32 -102.12 28.37
CA GLY E 104 7.79 -101.60 27.10
C GLY E 104 9.09 -100.85 27.27
N TYR E 105 9.43 -100.04 26.26
CA TYR E 105 10.74 -99.40 26.23
C TYR E 105 10.62 -98.03 25.55
N VAL E 106 11.61 -97.17 25.81
CA VAL E 106 11.87 -95.99 24.99
C VAL E 106 13.28 -96.09 24.43
N GLY E 107 13.41 -95.89 23.11
CA GLY E 107 14.71 -95.92 22.48
C GLY E 107 15.52 -94.69 22.84
N CYS E 108 16.76 -94.90 23.24
CA CYS E 108 17.65 -93.80 23.56
C CYS E 108 18.77 -93.65 22.55
N GLY E 109 18.57 -94.16 21.34
CA GLY E 109 19.53 -93.94 20.27
C GLY E 109 20.77 -94.80 20.40
N SER E 110 21.83 -94.36 19.72
CA SER E 110 23.11 -95.06 19.70
C SER E 110 24.25 -94.23 20.30
N VAL E 111 23.96 -93.12 20.97
CA VAL E 111 24.99 -92.30 21.58
C VAL E 111 25.01 -92.61 23.08
N ALA E 112 26.22 -92.75 23.63
CA ALA E 112 26.37 -93.13 25.03
C ALA E 112 25.87 -92.03 25.97
N ASP E 113 26.29 -90.80 25.74
CA ASP E 113 25.91 -89.68 26.59
C ASP E 113 24.76 -88.92 25.94
N LEU E 114 23.62 -88.90 26.61
CA LEU E 114 22.47 -88.16 26.10
C LEU E 114 22.62 -86.69 26.41
N SER E 115 22.40 -85.84 25.42
CA SER E 115 22.28 -84.42 25.68
C SER E 115 20.93 -84.12 26.32
N GLU E 116 20.78 -82.90 26.83
CA GLU E 116 19.50 -82.51 27.41
C GLU E 116 18.39 -82.54 26.36
N ALA E 117 18.75 -82.31 25.10
CA ALA E 117 17.77 -82.38 24.02
C ALA E 117 17.34 -83.83 23.77
N ASP E 118 18.30 -84.75 23.69
CA ASP E 118 17.99 -86.17 23.59
C ASP E 118 17.07 -86.60 24.73
N MET E 119 17.38 -86.18 25.96
CA MET E 119 16.62 -86.64 27.11
C MET E 119 15.20 -86.06 27.11
N LYS E 120 15.02 -84.83 26.64
CA LYS E 120 13.65 -84.32 26.50
C LYS E 120 12.85 -85.17 25.53
N ARG E 121 13.48 -85.63 24.45
CA ARG E 121 12.74 -86.45 23.49
C ARG E 121 12.43 -87.82 24.09
N VAL E 122 13.36 -88.39 24.86
CA VAL E 122 13.04 -89.62 25.58
C VAL E 122 11.83 -89.39 26.48
N VAL E 123 11.86 -88.33 27.28
CA VAL E 123 10.80 -88.08 28.25
C VAL E 123 9.49 -87.85 27.54
N LEU E 124 9.50 -87.03 26.47
CA LEU E 124 8.29 -86.81 25.71
C LEU E 124 7.68 -88.12 25.27
N SER E 125 8.51 -89.07 24.85
CA SER E 125 7.98 -90.36 24.44
C SER E 125 7.36 -91.10 25.63
N LEU E 126 7.96 -90.93 26.81
CA LEU E 126 7.42 -91.52 28.02
C LEU E 126 6.07 -90.91 28.38
N VAL E 127 5.94 -89.58 28.27
CA VAL E 127 4.72 -88.91 28.67
C VAL E 127 3.55 -89.27 27.76
N THR E 128 3.81 -89.49 26.47
CA THR E 128 2.77 -89.92 25.55
C THR E 128 2.11 -91.21 26.03
N MET E 129 2.91 -92.19 26.46
CA MET E 129 2.32 -93.38 27.07
C MET E 129 1.58 -93.05 28.37
N LEU E 130 2.10 -92.11 29.16
CA LEU E 130 1.43 -91.80 30.42
C LEU E 130 0.07 -91.15 30.19
N HIS E 131 -0.07 -90.39 29.10
CA HIS E 131 -1.32 -89.72 28.80
C HIS E 131 -2.32 -90.63 28.10
N ASP E 132 -1.89 -91.79 27.62
CA ASP E 132 -2.78 -92.70 26.92
C ASP E 132 -3.12 -93.93 27.74
N ASN E 133 -2.68 -93.98 29.00
CA ASN E 133 -2.88 -95.16 29.81
C ASN E 133 -3.32 -94.72 31.21
N LYS E 134 -4.35 -95.37 31.75
CA LYS E 134 -4.78 -95.11 33.12
C LYS E 134 -3.96 -96.04 34.02
N LEU E 135 -3.08 -95.47 34.83
CA LEU E 135 -2.07 -96.25 35.54
C LEU E 135 -1.92 -95.73 36.96
N SER E 136 -1.92 -96.63 37.95
CA SER E 136 -1.54 -96.18 39.27
C SER E 136 -0.03 -95.98 39.41
N LYS E 137 0.76 -96.62 38.56
CA LYS E 137 2.21 -96.66 38.79
C LYS E 137 3.00 -96.73 37.50
N LEU E 138 4.07 -95.92 37.43
CA LEU E 138 5.08 -96.04 36.39
C LEU E 138 6.41 -96.44 37.03
N THR E 139 7.09 -97.40 36.39
CA THR E 139 8.41 -97.83 36.79
C THR E 139 9.35 -97.62 35.62
N VAL E 140 10.48 -97.00 35.87
CA VAL E 140 11.45 -96.69 34.83
C VAL E 140 12.75 -97.39 35.17
N VAL E 141 13.28 -98.16 34.22
CA VAL E 141 14.54 -98.87 34.39
C VAL E 141 15.59 -98.21 33.50
N PHE E 142 16.63 -97.65 34.11
CA PHE E 142 17.71 -96.98 33.39
C PHE E 142 18.77 -98.00 32.98
N GLU E 143 18.76 -98.40 31.71
CA GLU E 143 19.83 -99.18 31.13
C GLU E 143 20.74 -98.32 30.25
N ILE E 144 20.83 -97.05 30.59
CA ILE E 144 21.68 -96.06 29.93
C ILE E 144 22.45 -95.39 31.06
N ASN E 145 23.53 -94.71 30.70
CA ASN E 145 24.32 -93.99 31.70
C ASN E 145 23.88 -92.54 31.80
N VAL E 146 23.75 -92.08 33.03
CA VAL E 146 23.21 -90.76 33.34
C VAL E 146 23.84 -90.31 34.66
N ASP E 147 24.40 -89.10 34.70
CA ASP E 147 24.94 -88.61 35.95
C ASP E 147 23.84 -87.99 36.82
N LYS E 148 24.21 -87.53 38.02
CA LYS E 148 23.23 -87.04 38.99
C LYS E 148 22.43 -85.86 38.43
N ASN E 149 23.10 -84.92 37.77
CA ASN E 149 22.38 -83.76 37.23
C ASN E 149 21.43 -84.16 36.11
N LEU E 150 21.85 -85.08 35.25
CA LEU E 150 20.97 -85.47 34.16
C LEU E 150 19.83 -86.35 34.66
N PHE E 151 20.03 -87.09 35.74
CA PHE E 151 18.92 -87.81 36.37
C PHE E 151 17.89 -86.83 36.93
N ARG E 152 18.34 -85.82 37.67
CA ARG E 152 17.40 -84.83 38.19
C ARG E 152 16.62 -84.16 37.06
N PHE E 153 17.33 -83.81 35.98
CA PHE E 153 16.68 -83.20 34.82
C PHE E 153 15.64 -84.13 34.21
N PHE E 154 15.91 -85.44 34.18
CA PHE E 154 14.90 -86.40 33.70
C PHE E 154 13.63 -86.28 34.53
N LEU E 155 13.75 -86.25 35.85
CA LEU E 155 12.60 -86.16 36.73
C LEU E 155 11.87 -84.84 36.56
N GLU E 156 12.59 -83.72 36.61
CA GLU E 156 12.00 -82.39 36.40
C GLU E 156 11.17 -82.34 35.13
N THR E 157 11.82 -82.70 34.01
CA THR E 157 11.16 -82.71 32.71
C THR E 157 9.96 -83.65 32.69
N LEU E 158 10.12 -84.87 33.20
CA LEU E 158 8.99 -85.78 33.29
C LEU E 158 7.82 -85.11 34.01
N PHE E 159 8.07 -84.59 35.21
CA PHE E 159 7.02 -83.93 35.99
C PHE E 159 6.40 -82.77 35.22
N TYR E 160 7.24 -81.93 34.61
CA TYR E 160 6.75 -80.73 33.94
C TYR E 160 5.93 -81.07 32.70
N GLU E 161 6.43 -82.01 31.88
CA GLU E 161 5.70 -82.37 30.66
C GLU E 161 4.46 -83.20 30.98
N TYR E 162 4.49 -83.98 32.07
CA TYR E 162 3.33 -84.78 32.47
C TYR E 162 2.17 -83.89 32.90
N MET E 163 2.46 -82.88 33.73
CA MET E 163 1.45 -81.94 34.20
C MET E 163 0.77 -81.23 33.02
N THR E 164 -0.56 -81.18 33.03
CA THR E 164 -1.30 -80.44 31.99
C THR E 164 -2.07 -79.30 32.64
N ASP E 165 -1.95 -78.11 32.05
CA ASP E 165 -2.50 -76.88 32.60
C ASP E 165 -3.94 -76.71 32.12
N GLU E 166 -4.90 -76.86 33.05
CA GLU E 166 -6.32 -76.82 32.76
C GLU E 166 -7.00 -75.59 33.36
N ARG E 167 -6.23 -74.58 33.72
CA ARG E 167 -6.81 -73.44 34.41
C ARG E 167 -7.86 -72.73 33.58
N PHE E 168 -7.75 -72.78 32.25
CA PHE E 168 -8.66 -72.03 31.41
C PHE E 168 -9.64 -72.91 30.66
N LYS E 169 -9.64 -74.21 30.93
CA LYS E 169 -10.66 -75.11 30.41
C LYS E 169 -11.95 -74.94 31.19
N SER E 170 -13.07 -75.15 30.50
CA SER E 170 -14.38 -74.97 31.08
C SER E 170 -15.42 -75.82 30.36
N GLU E 178 -6.73 -88.84 35.61
CA GLU E 178 -6.13 -89.78 36.57
C GLU E 178 -4.60 -89.90 36.42
N TYR E 179 -3.87 -89.27 37.33
CA TYR E 179 -2.41 -89.28 37.38
C TYR E 179 -1.89 -90.49 38.15
N ILE E 180 -0.68 -90.93 37.79
CA ILE E 180 -0.06 -92.01 38.55
C ILE E 180 0.13 -91.55 40.00
N LYS E 181 0.15 -92.50 40.91
CA LYS E 181 0.42 -92.18 42.29
C LYS E 181 1.76 -92.68 42.77
N HIS E 182 2.40 -93.56 42.00
CA HIS E 182 3.70 -94.13 42.35
C HIS E 182 4.63 -94.07 41.15
N LEU E 183 5.89 -93.75 41.43
CA LEU E 183 6.96 -93.74 40.45
C LEU E 183 8.11 -94.53 41.03
N GLY E 184 8.52 -95.59 40.35
CA GLY E 184 9.68 -96.38 40.73
C GLY E 184 10.78 -96.18 39.71
N VAL E 185 12.03 -96.14 40.19
CA VAL E 185 13.19 -95.94 39.33
C VAL E 185 14.23 -97.00 39.66
N TYR E 186 14.56 -97.84 38.70
CA TYR E 186 15.70 -98.75 38.84
C TYR E 186 16.89 -98.13 38.12
N ILE E 187 17.98 -97.94 38.86
CA ILE E 187 19.19 -97.33 38.32
C ILE E 187 20.38 -97.87 39.10
N ASN E 188 21.51 -98.02 38.40
CA ASN E 188 22.71 -98.51 39.06
C ASN E 188 23.23 -97.48 40.04
N ASN E 189 23.67 -97.94 41.21
CA ASN E 189 24.23 -97.05 42.23
C ASN E 189 23.14 -96.10 42.75
N ALA E 190 21.99 -96.67 43.07
CA ALA E 190 20.77 -95.88 43.32
C ALA E 190 20.91 -94.93 44.49
N ASP E 191 21.77 -95.26 45.47
CA ASP E 191 21.85 -94.41 46.65
C ASP E 191 22.36 -93.02 46.32
N THR E 192 23.26 -92.90 45.34
CA THR E 192 23.77 -91.59 44.98
C THR E 192 22.70 -90.70 44.32
N TYR E 193 21.58 -91.27 43.86
CA TYR E 193 20.59 -90.50 43.12
C TYR E 193 19.40 -90.07 43.96
N LYS E 194 19.21 -90.64 45.14
CA LYS E 194 17.98 -90.42 45.87
C LYS E 194 17.81 -88.96 46.28
N GLU E 195 18.91 -88.29 46.61
CA GLU E 195 18.80 -86.89 47.04
C GLU E 195 18.33 -85.99 45.91
N GLU E 196 18.49 -86.43 44.66
CA GLU E 196 18.02 -85.63 43.52
C GLU E 196 16.51 -85.57 43.44
N VAL E 197 15.81 -86.50 44.10
CA VAL E 197 14.38 -86.66 43.86
C VAL E 197 13.62 -85.44 44.35
N GLU E 198 13.80 -85.06 45.61
CA GLU E 198 13.01 -83.94 46.10
C GLU E 198 13.55 -82.61 45.62
N LYS E 199 14.82 -82.55 45.23
CA LYS E 199 15.29 -81.37 44.52
C LYS E 199 14.55 -81.24 43.19
N ALA E 200 14.41 -82.36 42.46
CA ALA E 200 13.67 -82.35 41.19
C ALA E 200 12.24 -81.86 41.38
N ARG E 201 11.61 -82.23 42.48
CA ARG E 201 10.24 -81.81 42.73
C ARG E 201 10.14 -80.28 42.86
N VAL E 202 11.06 -79.69 43.62
CA VAL E 202 11.11 -78.24 43.77
C VAL E 202 11.42 -77.57 42.44
N TYR E 203 12.45 -78.01 41.74
CA TYR E 203 12.77 -77.41 40.44
C TYR E 203 11.58 -77.54 39.50
N TYR E 204 10.86 -78.67 39.55
CA TYR E 204 9.69 -78.83 38.70
C TYR E 204 8.65 -77.75 38.99
N PHE E 205 8.36 -77.48 40.27
CA PHE E 205 7.28 -76.54 40.52
C PHE E 205 7.69 -75.11 40.22
N GLY E 206 8.91 -74.73 40.55
CA GLY E 206 9.39 -73.41 40.16
C GLY E 206 9.32 -73.20 38.65
N THR E 207 9.63 -74.24 37.89
CA THR E 207 9.49 -74.16 36.43
C THR E 207 8.02 -74.12 36.02
N TYR E 208 7.20 -74.95 36.67
CA TYR E 208 5.78 -75.01 36.33
C TYR E 208 5.07 -73.72 36.73
N TYR E 209 5.49 -73.15 37.86
CA TYR E 209 4.93 -71.88 38.30
C TYR E 209 5.23 -70.77 37.30
N ALA E 210 6.50 -70.64 36.89
CA ALA E 210 6.84 -69.73 35.80
C ALA E 210 5.96 -69.96 34.57
N SER E 211 5.79 -71.21 34.18
CA SER E 211 4.92 -71.56 33.05
C SER E 211 3.50 -71.01 33.22
N GLN E 212 2.95 -71.14 34.44
CA GLN E 212 1.59 -70.70 34.68
C GLN E 212 1.45 -69.19 34.45
N LEU E 213 2.42 -68.42 34.93
CA LEU E 213 2.39 -66.98 34.70
C LEU E 213 2.57 -66.65 33.21
N ILE E 214 3.46 -67.36 32.52
CA ILE E 214 3.66 -67.06 31.12
C ILE E 214 2.41 -67.41 30.31
N ALA E 215 1.90 -68.64 30.48
CA ALA E 215 0.75 -69.09 29.69
C ALA E 215 -0.49 -68.26 29.98
N ALA E 216 -0.60 -67.72 31.20
CA ALA E 216 -1.74 -66.87 31.55
C ALA E 216 -1.83 -65.71 30.56
N PRO E 217 -2.97 -65.54 29.89
CA PRO E 217 -3.11 -64.48 28.89
C PRO E 217 -3.09 -63.10 29.52
N SER E 218 -2.92 -62.11 28.65
CA SER E 218 -2.64 -60.76 29.12
C SER E 218 -3.86 -60.11 29.77
N ASN E 219 -5.08 -60.59 29.48
CA ASN E 219 -6.22 -60.09 30.24
C ASN E 219 -6.29 -60.70 31.64
N TYR E 220 -5.62 -61.83 31.88
CA TYR E 220 -5.54 -62.36 33.24
C TYR E 220 -4.28 -61.89 33.95
N CYS E 221 -3.16 -61.88 33.23
CA CYS E 221 -1.85 -61.54 33.76
C CYS E 221 -1.51 -60.14 33.27
N ASN E 222 -1.79 -59.13 34.10
CA ASN E 222 -1.47 -57.75 33.78
C ASN E 222 -0.56 -57.23 34.89
N PRO E 223 -0.03 -56.01 34.80
CA PRO E 223 0.94 -55.59 35.82
C PRO E 223 0.39 -55.62 37.24
N VAL E 224 -0.91 -55.38 37.42
CA VAL E 224 -1.45 -55.39 38.77
C VAL E 224 -1.59 -56.81 39.25
N SER E 225 -2.21 -57.68 38.44
CA SER E 225 -2.43 -59.03 38.94
C SER E 225 -1.13 -59.80 39.05
N LEU E 226 -0.12 -59.48 38.23
CA LEU E 226 1.16 -60.19 38.33
C LEU E 226 1.91 -59.80 39.60
N SER E 227 1.93 -58.52 39.95
CA SER E 227 2.57 -58.14 41.22
C SER E 227 1.79 -58.67 42.42
N ASN E 228 0.45 -58.72 42.32
CA ASN E 228 -0.32 -59.34 43.40
C ASN E 228 0.04 -60.81 43.54
N ALA E 229 0.26 -61.49 42.40
CA ALA E 229 0.71 -62.88 42.43
C ALA E 229 2.04 -62.99 43.16
N ALA E 230 2.95 -62.05 42.89
CA ALA E 230 4.27 -62.10 43.51
C ALA E 230 4.20 -61.89 45.01
N VAL E 231 3.34 -60.99 45.47
CA VAL E 231 3.15 -60.81 46.90
C VAL E 231 2.60 -62.09 47.54
N GLU E 232 1.64 -62.74 46.87
CA GLU E 232 1.07 -63.98 47.41
C GLU E 232 2.16 -65.06 47.55
N LEU E 233 3.04 -65.18 46.56
CA LEU E 233 4.14 -66.12 46.65
C LEU E 233 5.09 -65.76 47.79
N ALA E 234 5.43 -64.47 47.89
CA ALA E 234 6.39 -64.04 48.91
C ALA E 234 5.85 -64.31 50.30
N GLN E 235 4.53 -64.13 50.47
CA GLN E 235 3.91 -64.42 51.75
C GLN E 235 3.98 -65.91 52.08
N LYS E 236 3.70 -66.76 51.10
CA LYS E 236 3.77 -68.20 51.34
C LYS E 236 5.18 -68.69 51.62
N LEU E 237 6.22 -67.95 51.24
CA LEU E 237 7.60 -68.37 51.44
C LEU E 237 8.32 -67.57 52.51
N ASN E 238 7.65 -66.60 53.12
CA ASN E 238 8.26 -65.71 54.12
C ASN E 238 9.42 -64.91 53.56
N LEU E 239 9.32 -64.54 52.29
CA LEU E 239 10.21 -63.55 51.72
C LEU E 239 9.72 -62.17 52.08
N GLU E 240 10.65 -61.23 52.26
CA GLU E 240 10.26 -59.84 52.30
C GLU E 240 9.82 -59.42 50.91
N TYR E 241 8.94 -58.43 50.83
CA TYR E 241 8.43 -58.00 49.55
C TYR E 241 8.09 -56.51 49.60
N LYS E 242 8.18 -55.87 48.44
CA LYS E 242 7.89 -54.46 48.28
C LYS E 242 7.39 -54.27 46.85
N ILE E 243 6.21 -53.70 46.68
CA ILE E 243 5.69 -53.34 45.36
C ILE E 243 5.74 -51.83 45.24
N LEU E 244 6.48 -51.33 44.24
CA LEU E 244 6.57 -49.90 44.03
C LEU E 244 5.54 -49.48 42.99
N GLY E 245 4.70 -48.52 43.35
CA GLY E 245 3.70 -47.96 42.47
C GLY E 245 4.13 -46.63 41.86
N VAL E 246 3.24 -46.09 41.03
CA VAL E 246 3.60 -45.00 40.12
C VAL E 246 4.19 -43.81 40.89
N LYS E 247 3.58 -43.45 42.03
CA LYS E 247 4.06 -42.28 42.78
C LYS E 247 5.49 -42.49 43.25
N GLU E 248 5.79 -43.67 43.84
CA GLU E 248 7.17 -43.97 44.24
C GLU E 248 8.09 -43.98 43.03
N LEU E 249 7.66 -44.61 41.94
CA LEU E 249 8.50 -44.66 40.74
C LEU E 249 8.82 -43.26 40.24
N GLU E 250 7.85 -42.34 40.31
CA GLU E 250 8.11 -40.96 39.91
C GLU E 250 9.15 -40.31 40.84
N GLU E 251 9.03 -40.54 42.15
CA GLU E 251 10.04 -40.02 43.08
C GLU E 251 11.44 -40.53 42.75
N LEU E 252 11.54 -41.78 42.30
CA LEU E 252 12.81 -42.36 41.91
C LEU E 252 13.23 -41.97 40.49
N LYS E 253 12.41 -41.19 39.80
CA LYS E 253 12.72 -40.65 38.46
C LYS E 253 12.97 -41.75 37.44
N MET E 254 12.15 -42.82 37.49
CA MET E 254 12.27 -43.95 36.56
C MET E 254 11.54 -43.61 35.25
N GLY E 255 12.14 -42.66 34.51
CA GLY E 255 11.45 -42.12 33.35
C GLY E 255 11.44 -43.02 32.14
N ALA E 256 12.43 -43.90 32.01
CA ALA E 256 12.42 -44.85 30.90
C ALA E 256 11.34 -45.89 31.10
N TYR E 257 11.27 -46.45 32.30
CA TYR E 257 10.28 -47.46 32.64
C TYR E 257 8.87 -46.87 32.64
N LEU E 258 8.68 -45.69 33.21
CA LEU E 258 7.33 -45.14 33.26
C LEU E 258 6.82 -44.76 31.88
N SER E 259 7.71 -44.40 30.95
CA SER E 259 7.29 -43.99 29.62
C SER E 259 6.70 -45.16 28.84
N VAL E 260 7.23 -46.36 29.05
CA VAL E 260 6.72 -47.55 28.37
C VAL E 260 5.29 -47.86 28.81
N GLY E 261 5.02 -47.74 30.11
CA GLY E 261 3.68 -48.03 30.62
C GLY E 261 2.65 -46.94 30.44
N LYS E 262 3.03 -45.78 29.89
CA LYS E 262 2.11 -44.64 29.84
C LYS E 262 0.81 -44.97 29.11
N GLY E 263 0.87 -45.79 28.07
CA GLY E 263 -0.29 -46.11 27.28
C GLY E 263 -1.14 -47.25 27.80
N SER E 264 -0.86 -47.80 28.97
CA SER E 264 -1.63 -48.92 29.52
C SER E 264 -2.75 -48.40 30.43
N MET E 265 -3.83 -49.17 30.50
CA MET E 265 -4.82 -48.94 31.54
C MET E 265 -4.37 -49.50 32.89
N TYR E 266 -3.28 -50.27 32.92
CA TYR E 266 -2.79 -50.81 34.19
C TYR E 266 -1.61 -50.01 34.69
N PRO E 267 -1.65 -49.52 35.93
CA PRO E 267 -0.49 -48.78 36.47
C PRO E 267 0.74 -49.66 36.54
N ASN E 268 1.90 -49.05 36.29
CA ASN E 268 3.18 -49.74 36.45
C ASN E 268 3.31 -50.25 37.88
N LYS E 269 3.86 -51.46 38.03
CA LYS E 269 4.15 -52.04 39.33
C LYS E 269 5.55 -52.65 39.28
N PHE E 270 6.38 -52.27 40.25
CA PHE E 270 7.76 -52.75 40.34
C PHE E 270 7.87 -53.74 41.47
N ILE E 271 8.16 -55.01 41.12
CA ILE E 271 8.28 -56.09 42.08
C ILE E 271 9.69 -56.13 42.65
N HIS E 272 9.79 -56.10 43.99
CA HIS E 272 11.07 -56.25 44.70
C HIS E 272 10.86 -57.25 45.84
N LEU E 273 11.29 -58.49 45.63
CA LEU E 273 11.29 -59.56 46.62
C LEU E 273 12.71 -59.79 47.14
N THR E 274 12.84 -60.15 48.41
CA THR E 274 14.16 -60.42 48.98
C THR E 274 14.17 -61.71 49.78
N TYR E 275 15.13 -62.56 49.47
CA TYR E 275 15.51 -63.69 50.31
C TYR E 275 16.78 -63.32 51.04
N LYS E 276 16.83 -63.62 52.34
CA LYS E 276 18.06 -63.39 53.10
C LYS E 276 18.35 -64.60 53.97
N SER E 277 19.56 -65.17 53.84
CA SER E 277 19.95 -66.32 54.64
C SER E 277 20.04 -65.95 56.11
N LYS E 278 19.88 -66.97 56.97
CA LYS E 278 19.89 -66.75 58.41
C LYS E 278 21.27 -66.36 58.93
N GLY E 279 22.33 -66.95 58.37
CA GLY E 279 23.68 -66.70 58.84
C GLY E 279 24.22 -65.33 58.44
N ASP E 280 25.54 -65.27 58.28
CA ASP E 280 26.16 -64.07 57.76
C ASP E 280 26.03 -64.05 56.24
N VAL E 281 25.76 -62.87 55.69
CA VAL E 281 25.60 -62.69 54.26
C VAL E 281 26.97 -62.47 53.64
N LYS E 282 27.42 -63.40 52.81
CA LYS E 282 28.72 -63.28 52.15
C LYS E 282 28.63 -62.85 50.69
N LYS E 283 27.48 -63.05 50.03
CA LYS E 283 27.27 -62.66 48.65
C LYS E 283 25.87 -62.07 48.50
N LYS E 284 25.79 -60.94 47.82
CA LYS E 284 24.55 -60.25 47.51
C LYS E 284 24.34 -60.30 46.00
N ILE E 285 23.15 -60.73 45.57
CA ILE E 285 22.82 -60.95 44.16
C ILE E 285 21.48 -60.27 43.87
N ALA E 286 21.40 -59.59 42.73
CA ALA E 286 20.14 -59.09 42.20
C ALA E 286 19.82 -59.85 40.93
N LEU E 287 18.66 -60.49 40.90
CA LEU E 287 18.12 -61.16 39.72
C LEU E 287 17.02 -60.29 39.13
N VAL E 288 17.20 -59.82 37.90
CA VAL E 288 16.32 -58.86 37.26
C VAL E 288 15.61 -59.51 36.07
N GLY E 289 14.29 -59.43 36.03
CA GLY E 289 13.50 -60.04 34.97
C GLY E 289 12.68 -59.03 34.21
N LYS E 290 12.68 -59.16 32.88
CA LYS E 290 11.86 -58.30 32.04
C LYS E 290 10.39 -58.69 32.21
N GLY E 291 9.53 -57.69 32.43
CA GLY E 291 8.17 -57.99 32.81
C GLY E 291 7.12 -57.25 32.01
N ILE E 292 7.11 -57.45 30.71
CA ILE E 292 6.12 -56.83 29.83
C ILE E 292 4.97 -57.81 29.70
N THR E 293 3.82 -57.49 30.29
CA THR E 293 2.76 -58.49 30.35
C THR E 293 2.04 -58.63 29.01
N PHE E 294 2.09 -57.60 28.17
CA PHE E 294 1.72 -57.73 26.77
C PHE E 294 2.45 -56.66 25.99
N ASP E 295 3.09 -57.06 24.90
CA ASP E 295 3.89 -56.15 24.09
C ASP E 295 3.21 -56.06 22.72
N SER E 296 2.41 -55.01 22.52
CA SER E 296 1.83 -54.76 21.20
C SER E 296 2.85 -54.15 20.25
N GLY E 297 4.00 -53.72 20.76
CA GLY E 297 4.93 -52.90 20.02
C GLY E 297 4.75 -51.41 20.23
N GLY E 298 3.60 -50.99 20.74
CA GLY E 298 3.33 -49.57 20.83
C GLY E 298 3.06 -49.02 19.44
N TYR E 299 3.38 -47.74 19.25
CA TYR E 299 3.10 -47.11 17.96
C TYR E 299 3.89 -47.74 16.83
N ASN E 300 5.08 -48.30 17.13
CA ASN E 300 5.72 -49.28 16.23
C ASN E 300 5.04 -50.64 16.43
N LEU E 301 3.81 -50.72 15.94
CA LEU E 301 2.94 -51.85 16.20
C LEU E 301 3.47 -53.10 15.53
N LYS E 302 3.31 -54.25 16.21
CA LYS E 302 3.74 -55.54 15.65
C LYS E 302 2.73 -55.93 14.58
N ALA E 303 2.94 -55.39 13.38
CA ALA E 303 2.04 -55.57 12.28
C ALA E 303 2.69 -56.20 11.05
N ALA E 304 4.02 -56.33 11.06
CA ALA E 304 4.70 -56.96 9.94
C ALA E 304 4.47 -58.47 9.97
N PRO E 305 4.49 -59.13 8.81
CA PRO E 305 4.36 -60.60 8.79
C PRO E 305 5.49 -61.26 9.58
N GLY E 306 5.11 -62.20 10.45
CA GLY E 306 6.08 -62.87 11.30
C GLY E 306 6.35 -62.24 12.65
N SER E 307 5.74 -61.10 12.97
CA SER E 307 5.98 -60.46 14.25
C SER E 307 5.20 -61.13 15.38
N MET E 308 4.25 -61.98 15.06
CA MET E 308 3.55 -62.87 15.99
C MET E 308 3.02 -62.12 17.21
N ILE E 309 2.17 -61.11 16.96
CA ILE E 309 1.64 -60.33 18.07
C ILE E 309 0.87 -61.23 19.05
N ASP E 310 0.28 -62.33 18.56
CA ASP E 310 -0.53 -63.21 19.38
C ASP E 310 0.26 -63.98 20.43
N LEU E 311 1.60 -63.97 20.36
CA LEU E 311 2.47 -64.63 21.32
C LEU E 311 2.89 -63.73 22.47
N MET E 312 2.57 -62.44 22.40
CA MET E 312 3.31 -61.46 23.18
C MET E 312 2.86 -61.38 24.66
N LYS E 313 1.98 -62.26 25.12
CA LYS E 313 1.87 -62.51 26.56
C LYS E 313 3.17 -63.07 27.13
N PHE E 314 4.02 -63.66 26.30
CA PHE E 314 5.26 -64.27 26.78
C PHE E 314 6.35 -63.26 27.08
N ASP E 315 6.12 -61.96 26.82
CA ASP E 315 7.20 -60.99 27.05
C ASP E 315 7.44 -60.72 28.53
N MET E 316 6.72 -61.37 29.45
CA MET E 316 7.08 -61.33 30.87
C MET E 316 7.77 -62.60 31.32
N SER E 317 8.30 -63.37 30.37
CA SER E 317 8.93 -64.65 30.69
C SER E 317 10.12 -64.50 31.62
N GLY E 318 10.84 -63.37 31.54
CA GLY E 318 11.98 -63.18 32.40
C GLY E 318 11.56 -62.89 33.82
N CYS E 319 10.51 -62.08 33.98
CA CYS E 319 9.94 -61.90 35.29
C CYS E 319 9.52 -63.24 35.87
N ALA E 320 8.80 -64.04 35.09
CA ALA E 320 8.31 -65.33 35.59
C ALA E 320 9.46 -66.25 36.00
N ALA E 321 10.57 -66.24 35.26
CA ALA E 321 11.72 -67.05 35.64
C ALA E 321 12.32 -66.58 36.96
N VAL E 322 12.32 -65.27 37.20
CA VAL E 322 12.88 -64.76 38.45
C VAL E 322 11.97 -65.13 39.62
N LEU E 323 10.65 -65.14 39.39
CA LEU E 323 9.72 -65.51 40.44
C LEU E 323 9.75 -67.02 40.69
N GLY E 324 9.84 -67.82 39.63
CA GLY E 324 10.05 -69.25 39.83
C GLY E 324 11.35 -69.53 40.57
N CYS E 325 12.40 -68.74 40.28
CA CYS E 325 13.62 -68.88 41.06
C CYS E 325 13.37 -68.55 42.53
N ALA E 326 12.58 -67.50 42.81
CA ALA E 326 12.29 -67.15 44.19
C ALA E 326 11.59 -68.30 44.91
N TYR E 327 10.71 -69.03 44.21
CA TYR E 327 10.11 -70.20 44.84
C TYR E 327 11.19 -71.21 45.20
N CYS E 328 12.11 -71.46 44.28
CA CYS E 328 13.11 -72.49 44.52
C CYS E 328 14.02 -72.12 45.68
N VAL E 329 14.51 -70.87 45.72
CA VAL E 329 15.44 -70.50 46.79
C VAL E 329 14.70 -70.31 48.10
N GLY E 330 13.46 -69.82 48.06
CA GLY E 330 12.71 -69.69 49.29
C GLY E 330 12.40 -71.03 49.93
N THR E 331 12.36 -72.08 49.11
CA THR E 331 12.07 -73.44 49.55
C THR E 331 13.33 -74.18 49.99
N LEU E 332 14.40 -74.07 49.21
CA LEU E 332 15.63 -74.79 49.49
C LEU E 332 16.53 -74.05 50.47
N LYS E 333 16.31 -72.75 50.64
CA LYS E 333 16.95 -71.89 51.64
C LYS E 333 18.47 -71.98 51.63
N PRO E 334 19.12 -71.49 50.58
CA PRO E 334 20.58 -71.44 50.58
C PRO E 334 21.12 -70.61 51.72
N GLU E 335 22.35 -70.89 52.10
CA GLU E 335 22.98 -70.18 53.21
C GLU E 335 23.95 -69.12 52.69
N ASN E 336 24.14 -68.08 53.50
CA ASN E 336 25.16 -67.06 53.32
C ASN E 336 24.91 -66.15 52.13
N VAL E 337 23.66 -66.01 51.67
CA VAL E 337 23.37 -65.16 50.52
C VAL E 337 22.22 -64.22 50.84
N GLU E 338 22.20 -63.11 50.11
CA GLU E 338 21.05 -62.22 50.04
C GLU E 338 20.68 -62.04 48.59
N ILE E 339 19.46 -62.43 48.22
CA ILE E 339 19.03 -62.39 46.83
C ILE E 339 17.83 -61.49 46.70
N HIS E 340 17.92 -60.52 45.81
CA HIS E 340 16.85 -59.60 45.45
C HIS E 340 16.24 -60.02 44.12
N PHE E 341 14.94 -60.19 44.09
CA PHE E 341 14.21 -60.60 42.89
C PHE E 341 13.42 -59.39 42.38
N LEU E 342 13.81 -58.87 41.23
CA LEU E 342 13.27 -57.60 40.74
C LEU E 342 12.60 -57.76 39.38
N SER E 343 11.53 -56.98 39.19
CA SER E 343 10.96 -56.82 37.85
C SER E 343 10.20 -55.51 37.75
N ALA E 344 10.50 -54.77 36.69
CA ALA E 344 9.74 -53.56 36.36
C ALA E 344 8.60 -53.99 35.44
N VAL E 345 7.41 -54.18 36.03
CA VAL E 345 6.30 -54.74 35.27
C VAL E 345 5.45 -53.63 34.69
N CYS E 346 5.07 -53.78 33.42
CA CYS E 346 4.16 -52.86 32.75
C CYS E 346 3.64 -53.51 31.48
N GLU E 347 2.87 -52.75 30.70
CA GLU E 347 2.23 -53.22 29.47
C GLU E 347 2.45 -52.18 28.37
N ASN E 348 2.83 -52.62 27.16
CA ASN E 348 3.19 -51.72 26.06
C ASN E 348 2.02 -51.65 25.06
N MET E 349 1.26 -50.55 25.11
CA MET E 349 -0.03 -50.48 24.43
C MET E 349 -0.10 -49.25 23.53
N VAL E 350 -1.13 -49.22 22.67
CA VAL E 350 -1.37 -48.10 21.77
C VAL E 350 -2.55 -47.26 22.29
N SER E 351 -2.33 -45.97 22.41
CA SER E 351 -3.25 -45.10 23.12
C SER E 351 -2.91 -43.65 22.79
N LYS E 352 -3.86 -42.76 23.06
CA LYS E 352 -3.53 -41.34 23.07
C LYS E 352 -2.45 -41.03 24.11
N ASN E 353 -2.33 -41.84 25.14
CA ASN E 353 -1.36 -41.58 26.21
C ASN E 353 0.00 -42.23 25.99
N SER E 354 0.20 -42.93 24.87
CA SER E 354 1.41 -43.72 24.70
C SER E 354 2.62 -42.85 24.44
N TYR E 355 3.79 -43.36 24.79
CA TYR E 355 5.00 -42.74 24.32
C TYR E 355 5.16 -42.97 22.82
N ARG E 356 5.87 -42.05 22.16
CA ARG E 356 5.94 -42.00 20.71
C ARG E 356 7.35 -42.25 20.22
N PRO E 357 7.50 -42.79 19.01
CA PRO E 357 8.81 -42.79 18.36
C PRO E 357 9.34 -41.36 18.29
N GLY E 358 10.62 -41.20 18.65
CA GLY E 358 11.27 -39.91 18.69
C GLY E 358 11.35 -39.29 20.08
N ASP E 359 10.48 -39.70 21.00
CA ASP E 359 10.44 -39.07 22.31
C ASP E 359 11.81 -39.14 22.96
N ILE E 360 12.18 -38.10 23.69
CA ILE E 360 13.37 -38.17 24.53
C ILE E 360 12.89 -38.25 25.96
N ILE E 361 13.40 -39.26 26.67
CA ILE E 361 12.99 -39.58 28.03
C ILE E 361 14.25 -39.68 28.88
N THR E 362 14.07 -39.59 30.19
CA THR E 362 15.20 -39.49 31.11
C THR E 362 15.17 -40.65 32.10
N ALA E 363 16.26 -41.42 32.15
CA ALA E 363 16.33 -42.57 33.03
C ALA E 363 16.72 -42.12 34.45
N SER E 364 16.62 -43.05 35.40
CA SER E 364 16.80 -42.69 36.81
C SER E 364 18.24 -42.32 37.14
N ASN E 365 19.20 -42.69 36.29
CA ASN E 365 20.57 -42.22 36.49
C ASN E 365 20.84 -40.91 35.75
N GLY E 366 19.80 -40.26 35.25
CA GLY E 366 19.93 -38.98 34.59
C GLY E 366 20.27 -39.03 33.12
N LYS E 367 20.48 -40.22 32.54
CA LYS E 367 20.79 -40.32 31.11
C LYS E 367 19.55 -40.06 30.27
N THR E 368 19.67 -39.19 29.27
CA THR E 368 18.57 -38.96 28.34
C THR E 368 18.68 -39.95 27.19
N ILE E 369 17.53 -40.48 26.77
CA ILE E 369 17.45 -41.52 25.76
C ILE E 369 16.53 -41.06 24.64
N GLU E 370 16.97 -41.20 23.41
CA GLU E 370 16.10 -40.95 22.26
C GLU E 370 15.50 -42.28 21.83
N VAL E 371 14.17 -42.34 21.85
CA VAL E 371 13.43 -43.54 21.47
C VAL E 371 13.40 -43.63 19.94
N GLY E 372 13.92 -44.72 19.40
CA GLY E 372 13.85 -44.94 17.95
C GLY E 372 12.74 -45.87 17.51
N ASN E 373 12.33 -46.75 18.41
CA ASN E 373 11.29 -47.73 18.11
C ASN E 373 10.60 -48.09 19.41
N THR E 374 9.30 -47.77 19.54
CA THR E 374 8.59 -48.09 20.78
C THR E 374 8.51 -49.59 21.04
N ASP E 375 8.88 -50.44 20.07
CA ASP E 375 8.91 -51.89 20.26
C ASP E 375 10.23 -52.37 20.88
N ALA E 376 11.21 -51.51 21.07
CA ALA E 376 12.38 -51.88 21.87
C ALA E 376 12.20 -51.37 23.30
N GLU E 377 11.05 -51.75 23.88
CA GLU E 377 10.65 -51.21 25.18
C GLU E 377 11.30 -51.97 26.32
N GLY E 378 11.82 -53.16 26.05
CA GLY E 378 12.34 -53.97 27.13
C GLY E 378 13.63 -53.43 27.70
N ARG E 379 14.53 -52.92 26.83
CA ARG E 379 15.76 -52.33 27.33
C ARG E 379 15.48 -51.06 28.13
N LEU E 380 14.38 -50.36 27.84
CA LEU E 380 14.04 -49.17 28.62
C LEU E 380 13.63 -49.53 30.04
N THR E 381 12.75 -50.52 30.19
CA THR E 381 12.37 -50.93 31.54
C THR E 381 13.55 -51.51 32.29
N LEU E 382 14.36 -52.34 31.60
CA LEU E 382 15.55 -52.88 32.24
C LEU E 382 16.57 -51.80 32.59
N ALA E 383 16.63 -50.72 31.81
CA ALA E 383 17.54 -49.64 32.15
C ALA E 383 17.29 -49.15 33.57
N ASP E 384 16.04 -48.84 33.90
CA ASP E 384 15.74 -48.33 35.23
C ASP E 384 15.84 -49.44 36.27
N ALA E 385 15.47 -50.67 35.92
CA ALA E 385 15.61 -51.78 36.86
C ALA E 385 17.09 -52.04 37.18
N LEU E 386 17.98 -51.91 36.17
CA LEU E 386 19.42 -52.08 36.38
C LEU E 386 19.98 -51.00 37.30
N VAL E 387 19.52 -49.75 37.14
CA VAL E 387 19.94 -48.66 38.03
C VAL E 387 19.46 -48.91 39.45
N TYR E 388 18.20 -49.33 39.60
CA TYR E 388 17.69 -49.73 40.92
C TYR E 388 18.56 -50.84 41.52
N ALA E 389 18.89 -51.85 40.72
CA ALA E 389 19.65 -52.99 41.23
C ALA E 389 21.03 -52.57 41.72
N GLU E 390 21.77 -51.79 40.91
CA GLU E 390 23.10 -51.41 41.34
C GLU E 390 23.07 -50.60 42.64
N LYS E 391 22.06 -49.73 42.81
CA LYS E 391 21.91 -48.99 44.06
C LYS E 391 21.72 -49.88 45.29
N LEU E 392 21.44 -51.18 45.12
CA LEU E 392 21.30 -52.08 46.25
C LEU E 392 22.63 -52.54 46.83
N GLY E 393 23.74 -52.30 46.15
CA GLY E 393 25.04 -52.72 46.66
C GLY E 393 25.32 -54.20 46.55
N VAL E 394 24.99 -54.81 45.42
CA VAL E 394 25.13 -56.26 45.30
C VAL E 394 26.47 -56.59 44.67
N ASP E 395 26.87 -57.87 44.76
CA ASP E 395 28.08 -58.35 44.10
C ASP E 395 27.84 -58.72 42.64
N TYR E 396 26.65 -59.25 42.33
CA TYR E 396 26.32 -59.64 40.96
C TYR E 396 24.93 -59.14 40.61
N ILE E 397 24.76 -58.74 39.35
CA ILE E 397 23.45 -58.48 38.76
C ILE E 397 23.32 -59.37 37.54
N VAL E 398 22.24 -60.13 37.48
CA VAL E 398 21.92 -60.98 36.34
C VAL E 398 20.52 -60.62 35.90
N ASP E 399 20.36 -60.22 34.64
CA ASP E 399 19.02 -60.03 34.11
C ASP E 399 18.73 -61.12 33.10
N ILE E 400 17.44 -61.45 32.97
CA ILE E 400 16.96 -62.44 32.03
C ILE E 400 15.70 -61.88 31.37
N ALA E 401 15.61 -61.97 30.04
CA ALA E 401 14.70 -61.12 29.30
C ALA E 401 14.48 -61.68 27.91
N THR E 402 13.21 -61.64 27.47
CA THR E 402 12.84 -61.91 26.07
C THR E 402 13.10 -60.64 25.24
N LEU E 403 14.39 -60.34 25.06
CA LEU E 403 14.75 -59.00 24.61
C LEU E 403 14.72 -58.82 23.09
N THR E 404 15.39 -59.66 22.32
CA THR E 404 15.59 -59.37 20.89
C THR E 404 15.20 -60.55 20.03
N GLY E 405 14.32 -60.30 19.05
CA GLY E 405 13.96 -61.32 18.08
C GLY E 405 15.13 -61.85 17.26
N ALA E 406 16.22 -61.08 17.17
CA ALA E 406 17.41 -61.54 16.48
C ALA E 406 17.95 -62.85 17.05
N MET E 407 17.65 -63.15 18.32
CA MET E 407 18.12 -64.41 18.91
C MET E 407 17.66 -65.60 18.08
N LEU E 408 16.51 -65.50 17.43
CA LEU E 408 16.06 -66.61 16.59
C LEU E 408 17.00 -66.84 15.42
N TYR E 409 17.75 -65.82 15.01
CA TYR E 409 18.62 -65.94 13.85
C TYR E 409 20.05 -66.32 14.23
N SER E 410 20.43 -66.14 15.50
CA SER E 410 21.77 -66.48 15.95
C SER E 410 21.81 -67.88 16.56
N LEU E 411 21.23 -68.05 17.75
CA LEU E 411 21.27 -69.33 18.45
C LEU E 411 20.01 -70.17 18.25
N GLY E 412 18.91 -69.58 17.84
CA GLY E 412 17.73 -70.36 17.56
C GLY E 412 16.82 -70.51 18.75
N THR E 413 16.10 -71.64 18.82
CA THR E 413 15.11 -71.88 19.85
C THR E 413 15.62 -72.74 21.00
N SER E 414 16.85 -73.24 20.94
CA SER E 414 17.35 -74.16 21.97
C SER E 414 18.30 -73.51 22.96
N TYR E 415 19.23 -72.68 22.50
CA TYR E 415 20.26 -72.10 23.37
C TYR E 415 19.94 -70.63 23.57
N ALA E 416 19.88 -70.20 24.83
CA ALA E 416 19.83 -68.78 25.14
C ALA E 416 21.22 -68.18 25.00
N GLY E 417 21.30 -66.86 24.93
CA GLY E 417 22.57 -66.17 24.81
C GLY E 417 22.85 -65.40 26.11
N VAL E 418 24.12 -65.39 26.52
CA VAL E 418 24.52 -64.62 27.69
C VAL E 418 25.57 -63.61 27.26
N PHE E 419 25.33 -62.34 27.60
CA PHE E 419 26.24 -61.23 27.45
C PHE E 419 26.62 -60.75 28.85
N GLY E 420 27.75 -60.07 28.96
CA GLY E 420 28.14 -59.60 30.28
C GLY E 420 29.37 -58.73 30.22
N ASN E 421 29.65 -58.06 31.35
CA ASN E 421 30.83 -57.20 31.48
C ASN E 421 31.90 -57.82 32.38
N ASN E 422 31.78 -59.12 32.70
CA ASN E 422 32.68 -59.70 33.70
C ASN E 422 32.82 -61.18 33.40
N GLU E 423 34.02 -61.60 33.01
CA GLU E 423 34.23 -62.97 32.57
C GLU E 423 33.98 -63.98 33.68
N GLU E 424 34.32 -63.64 34.93
CA GLU E 424 34.09 -64.59 36.01
C GLU E 424 32.60 -64.87 36.21
N LEU E 425 31.76 -63.83 36.16
CA LEU E 425 30.32 -64.02 36.30
C LEU E 425 29.75 -64.82 35.14
N ILE E 426 30.24 -64.56 33.91
CA ILE E 426 29.79 -65.31 32.74
C ILE E 426 30.10 -66.80 32.91
N ASN E 427 31.35 -67.13 33.27
CA ASN E 427 31.69 -68.53 33.45
C ASN E 427 30.85 -69.18 34.54
N LYS E 428 30.45 -68.40 35.54
CA LYS E 428 29.55 -68.93 36.56
C LYS E 428 28.19 -69.24 35.96
N ILE E 429 27.66 -68.32 35.15
CA ILE E 429 26.42 -68.61 34.42
C ILE E 429 26.57 -69.86 33.57
N LEU E 430 27.69 -69.97 32.83
CA LEU E 430 27.89 -71.11 31.95
C LEU E 430 27.98 -72.41 32.73
N GLN E 431 28.62 -72.39 33.90
CA GLN E 431 28.63 -73.58 34.75
C GLN E 431 27.21 -73.92 35.24
N SER E 432 26.42 -72.91 35.63
CA SER E 432 25.03 -73.15 36.00
C SER E 432 24.23 -73.75 34.86
N SER E 433 24.54 -73.35 33.62
CA SER E 433 23.87 -73.95 32.47
C SER E 433 24.19 -75.44 32.38
N LYS E 434 25.45 -75.79 32.62
CA LYS E 434 25.89 -77.17 32.58
C LYS E 434 25.17 -78.01 33.62
N THR E 435 25.12 -77.54 34.89
CA THR E 435 24.50 -78.34 35.94
C THR E 435 22.98 -78.33 35.89
N SER E 436 22.36 -77.28 35.38
CA SER E 436 20.90 -77.24 35.29
C SER E 436 20.37 -77.88 34.00
N ASN E 437 21.25 -78.12 33.04
CA ASN E 437 20.88 -78.61 31.72
C ASN E 437 19.92 -77.68 30.99
N GLU E 438 20.01 -76.37 31.25
CA GLU E 438 19.32 -75.34 30.45
C GLU E 438 20.37 -74.62 29.61
N PRO E 439 20.47 -74.92 28.31
CA PRO E 439 21.67 -74.52 27.55
C PRO E 439 21.76 -73.01 27.32
N VAL E 440 22.98 -72.50 27.46
CA VAL E 440 23.29 -71.09 27.24
C VAL E 440 24.61 -71.01 26.46
N TRP E 441 24.77 -69.97 25.65
CA TRP E 441 26.01 -69.76 24.92
C TRP E 441 26.46 -68.31 25.07
N TRP E 442 27.73 -68.14 25.34
CA TRP E 442 28.32 -66.82 25.56
C TRP E 442 28.50 -66.10 24.22
N LEU E 443 27.89 -64.93 24.09
CA LEU E 443 27.97 -64.04 22.94
C LEU E 443 28.67 -62.74 23.33
N PRO E 444 29.35 -62.08 22.39
CA PRO E 444 30.19 -60.94 22.76
C PRO E 444 29.45 -59.61 22.78
N ILE E 445 29.93 -58.70 23.61
CA ILE E 445 29.54 -57.31 23.53
C ILE E 445 30.62 -56.59 22.73
N ILE E 446 30.33 -56.32 21.46
CA ILE E 446 31.35 -55.82 20.53
C ILE E 446 31.35 -54.29 20.58
N ASN E 447 32.38 -53.75 21.23
CA ASN E 447 32.46 -52.33 21.53
C ASN E 447 32.50 -51.48 20.26
N GLU E 448 32.96 -52.04 19.15
CA GLU E 448 32.96 -51.30 17.90
C GLU E 448 31.58 -50.80 17.50
N TYR E 449 30.50 -51.45 17.96
CA TYR E 449 29.17 -51.01 17.58
C TYR E 449 28.62 -49.90 18.48
N ARG E 450 29.35 -49.55 19.54
CA ARG E 450 28.83 -48.58 20.51
C ARG E 450 28.56 -47.22 19.87
N ALA E 451 29.37 -46.82 18.89
CA ALA E 451 29.18 -45.50 18.29
C ALA E 451 27.82 -45.35 17.61
N THR E 452 27.15 -46.45 17.25
CA THR E 452 25.86 -46.32 16.61
C THR E 452 24.75 -45.93 17.58
N LEU E 453 25.02 -45.91 18.89
CA LEU E 453 24.06 -45.43 19.87
C LEU E 453 24.30 -43.98 20.29
N ASN E 454 25.20 -43.26 19.60
CA ASN E 454 25.46 -41.86 19.90
C ASN E 454 24.36 -40.99 19.29
N SER E 455 23.39 -40.58 20.11
CA SER E 455 22.30 -39.73 19.65
C SER E 455 22.82 -38.36 19.24
N LYS E 456 22.20 -37.79 18.20
CA LYS E 456 22.46 -36.40 17.85
C LYS E 456 22.02 -35.45 18.95
N TYR E 457 20.89 -35.73 19.61
CA TYR E 457 20.25 -34.82 20.55
C TYR E 457 20.30 -35.27 22.00
N ALA E 458 20.06 -36.55 22.28
CA ALA E 458 20.07 -37.06 23.64
C ALA E 458 21.44 -37.67 23.96
N ASP E 459 21.61 -38.13 25.21
CA ASP E 459 22.90 -38.73 25.58
C ASP E 459 23.15 -39.99 24.78
N ILE E 460 22.10 -40.78 24.53
CA ILE E 460 22.25 -42.08 23.90
C ILE E 460 20.96 -42.44 23.17
N ASN E 461 21.12 -43.17 22.08
CA ASN E 461 20.01 -43.77 21.35
C ASN E 461 19.56 -45.05 22.05
N GLN E 462 18.26 -45.31 21.97
CA GLN E 462 17.70 -46.60 22.37
C GLN E 462 18.11 -47.69 21.40
N ILE E 463 17.98 -47.45 20.09
CA ILE E 463 18.27 -48.45 19.07
C ILE E 463 19.33 -47.92 18.12
N SER E 464 19.98 -48.85 17.43
CA SER E 464 20.72 -48.54 16.22
C SER E 464 19.76 -48.40 15.04
N SER E 465 20.02 -47.43 14.17
CA SER E 465 19.25 -47.33 12.95
C SER E 465 19.88 -48.10 11.79
N SER E 466 21.03 -48.73 12.01
CA SER E 466 21.74 -49.40 10.91
C SER E 466 22.20 -50.81 11.28
N VAL E 467 22.86 -50.96 12.42
CA VAL E 467 23.43 -52.25 12.80
C VAL E 467 22.32 -53.27 13.07
N LYS E 468 22.40 -54.42 12.38
CA LYS E 468 21.40 -55.47 12.51
C LYS E 468 21.69 -56.47 13.62
N ALA E 469 22.91 -56.51 14.15
CA ALA E 469 23.19 -57.37 15.29
C ALA E 469 22.50 -56.81 16.51
N SER E 470 21.17 -56.93 16.58
CA SER E 470 20.45 -56.18 17.58
C SER E 470 20.56 -56.79 18.98
N SER E 471 20.83 -58.10 19.09
CA SER E 471 21.11 -58.67 20.42
C SER E 471 22.36 -58.05 21.03
N ILE E 472 23.34 -57.71 20.20
CA ILE E 472 24.57 -57.09 20.70
C ILE E 472 24.34 -55.60 20.98
N VAL E 473 23.64 -54.90 20.09
CA VAL E 473 23.37 -53.49 20.35
C VAL E 473 22.57 -53.31 21.62
N ALA E 474 21.56 -54.16 21.83
CA ALA E 474 20.76 -54.07 23.04
C ALA E 474 21.61 -54.28 24.28
N SER E 475 22.59 -55.20 24.22
CA SER E 475 23.50 -55.39 25.35
C SER E 475 24.36 -54.14 25.58
N LEU E 476 24.87 -53.54 24.51
CA LEU E 476 25.62 -52.29 24.65
C LEU E 476 24.76 -51.23 25.31
N PHE E 477 23.48 -51.22 25.02
CA PHE E 477 22.59 -50.27 25.65
C PHE E 477 22.49 -50.53 27.15
N LEU E 478 22.18 -51.78 27.53
CA LEU E 478 22.04 -52.12 28.94
C LEU E 478 23.34 -51.91 29.71
N LYS E 479 24.49 -52.10 29.05
CA LYS E 479 25.77 -51.91 29.74
C LYS E 479 25.94 -50.47 30.23
N GLU E 480 25.31 -49.51 29.56
CA GLU E 480 25.41 -48.11 29.97
C GLU E 480 24.71 -47.81 31.28
N PHE E 481 23.92 -48.75 31.82
CA PHE E 481 23.19 -48.52 33.06
C PHE E 481 23.73 -49.34 34.21
N VAL E 482 24.88 -50.00 34.02
CA VAL E 482 25.64 -50.64 35.09
C VAL E 482 27.00 -49.94 35.16
N GLN E 483 27.27 -49.28 36.28
CA GLN E 483 28.48 -48.47 36.35
C GLN E 483 29.69 -49.25 36.85
N ASN E 484 29.54 -50.08 37.88
CA ASN E 484 30.70 -50.71 38.48
C ASN E 484 30.36 -52.00 39.20
N THR E 485 29.54 -52.84 38.60
CA THR E 485 29.16 -54.09 39.22
C THR E 485 29.23 -55.19 38.17
N ALA E 486 29.64 -56.38 38.57
CA ALA E 486 29.62 -57.51 37.66
C ALA E 486 28.19 -57.78 37.21
N TRP E 487 27.98 -57.74 35.90
CA TRP E 487 26.65 -57.84 35.35
C TRP E 487 26.65 -58.77 34.15
N ALA E 488 25.59 -59.58 34.05
CA ALA E 488 25.37 -60.47 32.93
C ALA E 488 23.90 -60.39 32.56
N HIS E 489 23.66 -60.58 31.27
CA HIS E 489 22.36 -60.45 30.63
C HIS E 489 22.10 -61.73 29.86
N ILE E 490 20.95 -62.37 30.10
CA ILE E 490 20.58 -63.61 29.43
C ILE E 490 19.39 -63.34 28.51
N ASP E 491 19.59 -63.47 27.20
CA ASP E 491 18.53 -63.19 26.22
C ASP E 491 17.79 -64.48 25.87
N ILE E 492 16.54 -64.59 26.29
CA ILE E 492 15.74 -65.80 26.16
C ILE E 492 14.59 -65.63 25.16
N ALA E 493 14.63 -64.59 24.33
CA ALA E 493 13.55 -64.33 23.39
C ALA E 493 13.33 -65.50 22.46
N GLY E 494 14.38 -66.24 22.10
CA GLY E 494 14.26 -67.38 21.21
C GLY E 494 13.88 -68.70 21.88
N VAL E 495 14.24 -68.86 23.16
CA VAL E 495 14.07 -70.15 23.81
C VAL E 495 12.86 -70.24 24.72
N SER E 496 12.16 -69.13 24.96
CA SER E 496 11.17 -69.17 26.05
C SER E 496 9.91 -69.94 25.66
N TRP E 497 9.48 -69.87 24.41
CA TRP E 497 8.25 -70.52 23.99
C TRP E 497 8.57 -71.81 23.25
N ASN E 498 7.87 -72.89 23.62
CA ASN E 498 7.96 -74.20 22.97
C ASN E 498 6.93 -74.22 21.84
N PHE E 499 7.37 -73.84 20.63
CA PHE E 499 6.42 -73.66 19.53
C PHE E 499 5.76 -74.97 19.15
N LYS E 500 6.53 -76.07 19.14
CA LYS E 500 5.97 -77.35 18.73
C LYS E 500 4.87 -77.82 19.67
N ALA E 501 5.08 -77.65 20.99
CA ALA E 501 4.12 -78.08 22.00
C ALA E 501 3.12 -76.99 22.37
N ARG E 502 3.27 -75.79 21.82
CA ARG E 502 2.30 -74.70 22.02
C ARG E 502 2.17 -74.33 23.50
N LYS E 503 3.31 -74.14 24.17
CA LYS E 503 3.28 -73.88 25.61
C LYS E 503 4.64 -73.32 26.03
N PRO E 504 4.71 -72.68 27.20
CA PRO E 504 6.00 -72.16 27.66
C PRO E 504 6.95 -73.28 28.04
N LYS E 505 8.24 -72.91 28.18
CA LYS E 505 9.22 -73.79 28.78
C LYS E 505 9.52 -73.48 30.24
N GLY E 506 9.18 -72.29 30.71
CA GLY E 506 9.66 -71.86 32.02
C GLY E 506 11.16 -71.77 32.07
N PHE E 507 11.78 -71.45 30.93
CA PHE E 507 13.22 -71.46 30.79
C PHE E 507 13.85 -70.47 31.76
N GLY E 508 14.91 -70.91 32.43
CA GLY E 508 15.74 -70.04 33.24
C GLY E 508 15.55 -70.22 34.73
N VAL E 509 14.44 -70.79 35.18
CA VAL E 509 14.24 -70.99 36.62
C VAL E 509 15.36 -71.84 37.19
N ARG E 510 15.57 -73.02 36.62
CA ARG E 510 16.60 -73.93 37.14
C ARG E 510 17.99 -73.38 36.93
N LEU E 511 18.19 -72.64 35.83
CA LEU E 511 19.46 -71.99 35.55
C LEU E 511 19.83 -70.99 36.64
N LEU E 512 18.90 -70.13 37.02
CA LEU E 512 19.20 -69.13 38.04
C LEU E 512 19.32 -69.77 39.41
N THR E 513 18.50 -70.78 39.71
CA THR E 513 18.60 -71.42 41.01
C THR E 513 19.95 -72.11 41.18
N GLU E 514 20.42 -72.82 40.15
CA GLU E 514 21.75 -73.42 40.21
C GLU E 514 22.83 -72.35 40.40
N PHE E 515 22.69 -71.22 39.74
CA PHE E 515 23.61 -70.11 39.94
C PHE E 515 23.62 -69.66 41.40
N VAL E 516 22.44 -69.52 41.99
CA VAL E 516 22.33 -69.08 43.38
C VAL E 516 22.85 -70.16 44.33
N LEU E 517 22.46 -71.41 44.11
CA LEU E 517 22.76 -72.46 45.10
C LEU E 517 24.24 -72.82 45.13
N ASN E 518 24.90 -72.72 43.98
CA ASN E 518 26.22 -73.33 43.83
C ASN E 518 27.29 -72.27 43.73
N SER F 2 -1.46 -21.99 28.26
CA SER F 2 -2.26 -23.11 28.78
C SER F 2 -1.40 -24.15 29.50
N GLU F 3 -2.04 -24.93 30.36
CA GLU F 3 -1.34 -26.01 31.06
C GLU F 3 -1.21 -27.22 30.13
N VAL F 4 0.00 -27.76 30.04
CA VAL F 4 0.26 -28.94 29.23
C VAL F 4 -0.20 -30.16 30.02
N PRO F 5 -1.14 -30.97 29.51
CA PRO F 5 -1.50 -32.19 30.23
C PRO F 5 -0.33 -33.17 30.25
N GLN F 6 -0.25 -33.95 31.34
CA GLN F 6 0.78 -34.94 31.57
C GLN F 6 0.14 -36.29 31.89
N VAL F 7 0.75 -37.37 31.38
CA VAL F 7 0.36 -38.70 31.83
C VAL F 7 1.04 -39.03 33.16
N VAL F 8 2.36 -38.80 33.26
CA VAL F 8 3.08 -38.92 34.51
C VAL F 8 3.82 -37.62 34.78
N SER F 9 4.25 -37.45 36.03
CA SER F 9 4.86 -36.20 36.45
C SER F 9 6.19 -35.94 35.76
N LEU F 10 6.85 -36.97 35.23
CA LEU F 10 8.07 -36.78 34.49
C LEU F 10 7.83 -36.26 33.08
N ASP F 11 6.59 -36.20 32.62
CA ASP F 11 6.30 -35.71 31.27
C ASP F 11 6.65 -34.21 31.16
N PRO F 12 7.44 -33.81 30.16
CA PRO F 12 7.82 -32.40 30.02
C PRO F 12 6.61 -31.50 29.77
N THR F 13 6.69 -30.25 30.28
CA THR F 13 5.61 -29.29 30.13
C THR F 13 5.99 -28.04 29.34
N SER F 14 7.17 -27.98 28.76
CA SER F 14 7.46 -26.90 27.82
C SER F 14 8.56 -27.34 26.89
N ILE F 15 8.66 -26.65 25.76
CA ILE F 15 9.81 -26.80 24.88
C ILE F 15 10.97 -25.96 25.39
N PRO F 16 12.13 -26.53 25.75
CA PRO F 16 13.27 -25.68 26.07
C PRO F 16 13.71 -24.97 24.80
N ILE F 17 13.98 -23.67 24.93
CA ILE F 17 14.42 -22.85 23.82
C ILE F 17 15.66 -22.10 24.24
N GLU F 18 16.65 -22.04 23.38
CA GLU F 18 17.79 -21.14 23.56
C GLU F 18 17.57 -19.92 22.68
N TYR F 19 17.41 -18.76 23.31
CA TYR F 19 17.37 -17.52 22.55
C TYR F 19 18.75 -16.91 22.40
N ASN F 20 19.53 -16.86 23.48
CA ASN F 20 20.84 -16.21 23.48
C ASN F 20 21.90 -17.27 23.23
N THR F 21 22.41 -17.30 22.01
CA THR F 21 23.31 -18.34 21.58
C THR F 21 24.72 -17.81 21.42
N PRO F 22 25.74 -18.67 21.54
CA PRO F 22 27.13 -18.22 21.33
C PRO F 22 27.33 -17.49 20.02
N ILE F 23 26.54 -17.80 18.98
CA ILE F 23 26.65 -17.08 17.72
C ILE F 23 26.45 -15.59 17.93
N HIS F 24 25.53 -15.23 18.83
CA HIS F 24 25.22 -13.82 19.03
C HIS F 24 26.35 -13.07 19.69
N ASP F 25 27.32 -13.78 20.27
CA ASP F 25 28.48 -13.14 20.88
C ASP F 25 29.64 -12.95 19.91
N ILE F 26 29.54 -13.44 18.68
CA ILE F 26 30.64 -13.33 17.73
C ILE F 26 30.62 -11.92 17.12
N LYS F 27 31.74 -11.21 17.26
CA LYS F 27 31.91 -9.88 16.69
C LYS F 27 32.46 -10.03 15.26
N VAL F 28 31.75 -9.48 14.28
CA VAL F 28 32.06 -9.68 12.86
C VAL F 28 32.65 -8.40 12.28
N GLN F 29 33.77 -8.52 11.57
CA GLN F 29 34.42 -7.39 10.91
C GLN F 29 34.78 -7.76 9.47
N VAL F 30 34.46 -6.86 8.54
CA VAL F 30 34.62 -7.08 7.11
C VAL F 30 35.68 -6.11 6.58
N TYR F 31 36.71 -6.64 5.93
CA TYR F 31 37.84 -5.86 5.44
C TYR F 31 38.04 -6.04 3.94
N ASP F 32 38.57 -5.01 3.29
CA ASP F 32 38.89 -5.12 1.89
C ASP F 32 40.19 -5.91 1.70
N ILE F 33 40.28 -6.61 0.57
CA ILE F 33 41.46 -7.43 0.30
C ILE F 33 42.62 -6.57 -0.16
N LYS F 34 42.34 -5.46 -0.85
CA LYS F 34 43.39 -4.63 -1.43
C LYS F 34 44.47 -4.29 -0.41
N GLY F 35 44.06 -4.08 0.85
CA GLY F 35 45.01 -3.71 1.88
C GLY F 35 45.93 -4.83 2.35
N GLY F 36 45.67 -6.06 1.95
CA GLY F 36 46.39 -7.19 2.50
C GLY F 36 45.79 -7.66 3.81
N CYS F 37 46.12 -8.90 4.16
CA CYS F 37 45.49 -9.59 5.29
C CYS F 37 46.47 -9.66 6.45
N ASN F 38 45.99 -9.34 7.64
CA ASN F 38 46.76 -9.50 8.86
C ASN F 38 46.50 -10.86 9.47
N VAL F 39 47.56 -11.55 9.83
CA VAL F 39 47.48 -12.91 10.37
C VAL F 39 48.13 -12.85 11.76
N GLU F 40 47.35 -12.46 12.76
CA GLU F 40 47.89 -12.21 14.09
C GLU F 40 47.38 -13.20 15.14
N GLU F 41 46.23 -13.84 14.92
CA GLU F 41 45.71 -14.77 15.91
C GLU F 41 44.67 -15.69 15.26
N GLY F 42 44.29 -16.71 16.02
CA GLY F 42 43.30 -17.69 15.63
C GLY F 42 43.64 -18.38 14.32
N LEU F 43 42.59 -18.76 13.60
CA LEU F 43 42.65 -19.50 12.34
C LEU F 43 42.27 -18.58 11.20
N THR F 44 42.99 -18.72 10.08
CA THR F 44 42.77 -17.92 8.88
C THR F 44 42.62 -18.88 7.71
N ILE F 45 41.50 -18.81 7.02
CA ILE F 45 41.17 -19.75 5.95
C ILE F 45 41.02 -18.99 4.63
N PHE F 46 41.67 -19.46 3.58
CA PHE F 46 41.55 -18.90 2.25
C PHE F 46 40.59 -19.74 1.42
N LEU F 47 39.54 -19.10 0.89
CA LEU F 47 38.62 -19.75 -0.03
C LEU F 47 39.18 -19.57 -1.44
N VAL F 48 39.68 -20.66 -2.03
CA VAL F 48 40.40 -20.57 -3.28
C VAL F 48 39.86 -21.61 -4.27
N ASN F 49 39.74 -21.21 -5.52
CA ASN F 49 39.35 -22.11 -6.61
C ASN F 49 40.48 -22.19 -7.63
N ASN F 50 40.18 -22.81 -8.78
CA ASN F 50 41.13 -22.94 -9.89
C ASN F 50 40.34 -23.20 -11.17
N PRO F 51 39.93 -22.16 -11.91
CA PRO F 51 39.11 -22.28 -13.13
C PRO F 51 39.86 -22.81 -14.36
N LYS F 53 42.27 -25.55 -14.50
CA LYS F 53 42.50 -26.98 -14.28
C LYS F 53 41.55 -27.57 -13.23
N GLU F 54 40.88 -28.68 -13.58
CA GLU F 54 39.92 -29.31 -12.70
C GLU F 54 40.65 -30.00 -11.54
N ASN F 55 40.29 -29.62 -10.31
CA ASN F 55 40.97 -30.09 -9.10
C ASN F 55 42.48 -29.82 -9.17
N GLY F 56 42.85 -28.71 -9.79
CA GLY F 56 44.23 -28.33 -9.89
C GLY F 56 44.75 -27.80 -8.57
N PRO F 57 45.94 -27.20 -8.59
CA PRO F 57 46.61 -26.88 -7.34
C PRO F 57 46.10 -25.60 -6.69
N VAL F 58 46.35 -25.49 -5.39
CA VAL F 58 46.07 -24.29 -4.62
C VAL F 58 47.13 -23.24 -4.92
N LYS F 59 46.69 -22.03 -5.26
CA LYS F 59 47.58 -20.88 -5.37
C LYS F 59 46.91 -19.69 -4.71
N ILE F 60 47.62 -19.07 -3.76
CA ILE F 60 47.10 -17.93 -3.00
C ILE F 60 47.48 -16.66 -3.73
N SER F 61 46.52 -15.76 -3.89
CA SER F 61 46.77 -14.48 -4.56
C SER F 61 46.80 -13.28 -3.62
N SER F 62 46.10 -13.34 -2.49
CA SER F 62 46.06 -12.23 -1.56
C SER F 62 47.44 -11.97 -0.96
N LYS F 63 47.69 -10.72 -0.58
CA LYS F 63 48.91 -10.39 0.14
C LYS F 63 48.68 -10.54 1.64
N VAL F 64 49.68 -11.07 2.33
CA VAL F 64 49.61 -11.30 3.77
C VAL F 64 50.76 -10.52 4.41
N ASN F 65 50.41 -9.70 5.41
CA ASN F 65 51.37 -8.79 6.06
C ASN F 65 52.11 -9.50 7.20
N ASP F 66 52.81 -10.57 6.86
CA ASP F 66 53.55 -11.36 7.84
C ASP F 66 54.53 -12.24 7.08
N LYS F 67 55.83 -12.06 7.35
CA LYS F 67 56.84 -12.71 6.53
C LYS F 67 56.74 -14.23 6.66
N GLN F 68 56.45 -14.73 7.87
CA GLN F 68 56.44 -16.17 8.08
C GLN F 68 55.26 -16.84 7.38
N VAL F 69 54.06 -16.30 7.59
CA VAL F 69 52.88 -16.89 6.94
C VAL F 69 53.00 -16.76 5.43
N SER F 70 53.52 -15.63 4.94
CA SER F 70 53.73 -15.46 3.50
C SER F 70 54.61 -16.58 2.95
N GLU F 71 55.68 -16.92 3.66
CA GLU F 71 56.53 -18.01 3.21
C GLU F 71 55.77 -19.33 3.17
N PHE F 72 54.91 -19.56 4.16
CA PHE F 72 54.12 -20.78 4.19
C PHE F 72 53.22 -20.88 2.96
N LEU F 73 52.72 -19.74 2.48
CA LEU F 73 51.73 -19.68 1.41
C LEU F 73 52.36 -19.52 0.03
N LYS F 74 53.68 -19.58 -0.08
CA LYS F 74 54.31 -19.46 -1.39
C LYS F 74 53.85 -20.60 -2.29
N ASP F 75 53.92 -20.35 -3.60
CA ASP F 75 53.27 -21.24 -4.56
C ASP F 75 53.84 -22.65 -4.51
N GLU F 76 55.13 -22.79 -4.17
CA GLU F 76 55.76 -24.10 -4.19
C GLU F 76 55.21 -25.02 -3.10
N ASN F 77 54.82 -24.45 -1.95
CA ASN F 77 54.19 -25.23 -0.90
C ASN F 77 52.75 -25.56 -1.26
N MET F 78 51.99 -24.55 -1.67
CA MET F 78 50.55 -24.73 -1.83
C MET F 78 50.22 -25.63 -3.01
N GLU F 79 51.11 -25.70 -4.02
CA GLU F 79 50.92 -26.61 -5.14
C GLU F 79 50.75 -28.06 -4.67
N LYS F 80 51.31 -28.41 -3.52
CA LYS F 80 51.09 -29.75 -2.97
C LYS F 80 49.64 -30.02 -2.59
N PHE F 81 48.79 -28.99 -2.57
CA PHE F 81 47.37 -29.13 -2.25
C PHE F 81 46.52 -28.78 -3.47
N ASN F 82 45.25 -29.22 -3.45
CA ASN F 82 44.36 -29.06 -4.60
C ASN F 82 43.03 -28.48 -4.16
N VAL F 83 42.25 -28.00 -5.14
CA VAL F 83 41.07 -27.16 -4.88
C VAL F 83 39.77 -27.94 -4.97
N LYS F 84 39.83 -29.27 -5.09
CA LYS F 84 38.61 -30.08 -5.12
C LYS F 84 37.63 -29.62 -4.04
N LEU F 85 36.37 -29.49 -4.43
CA LEU F 85 35.36 -28.81 -3.61
C LEU F 85 35.25 -29.44 -2.23
N GLY F 86 35.50 -28.64 -1.20
CA GLY F 86 35.40 -29.11 0.17
C GLY F 86 36.66 -29.70 0.76
N THR F 87 37.71 -29.89 -0.04
CA THR F 87 38.99 -30.34 0.52
C THR F 87 39.66 -29.20 1.26
N SER F 88 40.26 -29.51 2.39
CA SER F 88 40.86 -28.48 3.23
C SER F 88 42.11 -29.02 3.90
N LYS F 89 43.03 -28.11 4.19
CA LYS F 89 44.17 -28.37 5.04
C LYS F 89 44.41 -27.13 5.89
N HIS F 90 44.89 -27.33 7.12
CA HIS F 90 45.32 -26.19 7.92
C HIS F 90 46.46 -26.60 8.84
N PHE F 91 47.42 -25.69 8.99
CA PHE F 91 48.64 -25.93 9.74
C PHE F 91 48.76 -24.90 10.85
N TYR F 92 49.32 -25.32 11.98
CA TYR F 92 49.68 -24.41 13.07
C TYR F 92 51.14 -23.99 12.96
N MET F 93 51.39 -22.72 13.25
CA MET F 93 52.73 -22.18 13.07
C MET F 93 52.85 -20.89 13.86
N PHE F 94 54.10 -20.43 14.02
CA PHE F 94 54.38 -19.17 14.67
C PHE F 94 54.50 -18.08 13.62
N ASN F 95 53.96 -16.90 13.92
CA ASN F 95 54.03 -15.78 12.99
C ASN F 95 55.22 -14.87 13.35
N ASP F 96 55.24 -13.66 12.79
CA ASP F 96 56.42 -12.79 12.93
C ASP F 96 56.63 -12.37 14.38
N ASN F 97 55.57 -12.24 15.17
CA ASN F 97 55.70 -11.89 16.58
C ASN F 97 55.74 -13.11 17.48
N LYS F 98 56.21 -14.26 16.96
CA LYS F 98 56.35 -15.50 17.72
C LYS F 98 55.03 -15.94 18.35
N ASN F 99 53.91 -15.58 17.72
CA ASN F 99 52.59 -15.97 18.17
C ASN F 99 52.08 -17.17 17.37
N SER F 100 51.30 -18.02 18.03
CA SER F 100 50.79 -19.23 17.39
C SER F 100 49.58 -18.90 16.53
N VAL F 101 49.65 -19.23 15.24
CA VAL F 101 48.54 -19.02 14.31
C VAL F 101 48.31 -20.28 13.50
N ALA F 102 47.05 -20.49 13.10
CA ALA F 102 46.69 -21.56 12.19
C ALA F 102 46.29 -20.96 10.84
N VAL F 103 46.78 -21.57 9.76
CA VAL F 103 46.55 -21.07 8.41
C VAL F 103 46.16 -22.24 7.51
N GLY F 104 45.17 -22.01 6.66
CA GLY F 104 44.66 -23.10 5.86
C GLY F 104 43.81 -22.59 4.72
N TYR F 105 43.21 -23.53 4.01
CA TYR F 105 42.39 -23.19 2.86
C TYR F 105 41.22 -24.17 2.79
N VAL F 106 40.17 -23.76 2.09
CA VAL F 106 39.13 -24.67 1.66
C VAL F 106 39.01 -24.59 0.14
N GLY F 107 39.00 -25.76 -0.52
CA GLY F 107 38.89 -25.81 -1.97
C GLY F 107 37.47 -25.50 -2.42
N CYS F 108 37.35 -24.60 -3.40
CA CYS F 108 36.06 -24.24 -3.97
C CYS F 108 35.91 -24.70 -5.41
N GLY F 109 36.69 -25.67 -5.85
CA GLY F 109 36.46 -26.28 -7.14
C GLY F 109 37.03 -25.46 -8.30
N SER F 110 36.42 -25.66 -9.47
CA SER F 110 36.85 -25.02 -10.70
C SER F 110 35.78 -24.18 -11.36
N VAL F 111 34.57 -24.12 -10.82
CA VAL F 111 33.48 -23.33 -11.37
C VAL F 111 33.56 -21.92 -10.80
N ALA F 112 33.39 -20.91 -11.66
CA ALA F 112 33.48 -19.53 -11.19
C ALA F 112 32.32 -19.18 -10.26
N ASP F 113 31.11 -19.62 -10.60
CA ASP F 113 29.91 -19.30 -9.82
C ASP F 113 29.58 -20.47 -8.92
N LEU F 114 29.65 -20.26 -7.62
CA LEU F 114 29.29 -21.31 -6.67
C LEU F 114 27.79 -21.35 -6.49
N SER F 115 27.22 -22.56 -6.56
CA SER F 115 25.82 -22.74 -6.22
C SER F 115 25.62 -22.77 -4.70
N GLU F 116 24.37 -22.74 -4.28
CA GLU F 116 24.06 -22.84 -2.86
C GLU F 116 24.55 -24.18 -2.31
N ALA F 117 24.47 -25.24 -3.11
CA ALA F 117 24.93 -26.56 -2.69
C ALA F 117 26.43 -26.60 -2.51
N ASP F 118 27.18 -26.05 -3.47
CA ASP F 118 28.63 -25.98 -3.34
C ASP F 118 29.02 -25.16 -2.11
N MET F 119 28.42 -23.98 -1.96
CA MET F 119 28.76 -23.12 -0.85
C MET F 119 28.51 -23.82 0.48
N LYS F 120 27.42 -24.59 0.58
CA LYS F 120 27.18 -25.42 1.76
C LYS F 120 28.33 -26.38 1.99
N ARG F 121 28.86 -26.99 0.92
CA ARG F 121 29.99 -27.90 1.07
C ARG F 121 31.23 -27.17 1.54
N VAL F 122 31.46 -25.96 1.02
CA VAL F 122 32.55 -25.13 1.53
C VAL F 122 32.38 -24.88 3.02
N VAL F 123 31.17 -24.46 3.42
CA VAL F 123 30.91 -24.11 4.82
C VAL F 123 31.15 -25.31 5.73
N LEU F 124 30.72 -26.50 5.33
CA LEU F 124 30.84 -27.68 6.18
C LEU F 124 32.30 -28.01 6.48
N SER F 125 33.17 -27.84 5.49
CA SER F 125 34.58 -28.07 5.71
C SER F 125 35.15 -27.03 6.68
N LEU F 126 34.74 -25.78 6.52
CA LEU F 126 35.11 -24.75 7.49
C LEU F 126 34.68 -25.15 8.90
N VAL F 127 33.40 -25.52 9.06
CA VAL F 127 32.84 -25.81 10.37
C VAL F 127 33.50 -27.03 10.99
N THR F 128 33.89 -28.01 10.16
CA THR F 128 34.63 -29.16 10.65
C THR F 128 35.93 -28.73 11.35
N MET F 129 36.65 -27.79 10.74
CA MET F 129 37.85 -27.27 11.40
C MET F 129 37.51 -26.51 12.67
N LEU F 130 36.40 -25.77 12.65
CA LEU F 130 36.00 -25.01 13.83
C LEU F 130 35.66 -25.92 14.98
N HIS F 131 35.04 -27.07 14.70
CA HIS F 131 34.63 -28.00 15.74
C HIS F 131 35.80 -28.76 16.32
N ASP F 132 36.95 -28.75 15.65
CA ASP F 132 38.10 -29.52 16.11
C ASP F 132 39.22 -28.66 16.67
N ASN F 133 39.04 -27.34 16.74
CA ASN F 133 40.10 -26.42 17.14
C ASN F 133 39.56 -25.44 18.19
N LYS F 134 40.32 -25.27 19.28
CA LYS F 134 40.03 -24.22 20.27
C LYS F 134 40.61 -22.91 19.73
N LEU F 135 39.73 -22.01 19.33
CA LEU F 135 40.10 -20.77 18.67
C LEU F 135 39.40 -19.61 19.34
N SER F 136 40.03 -18.44 19.30
CA SER F 136 39.31 -17.24 19.67
C SER F 136 38.80 -16.48 18.45
N LYS F 137 39.39 -16.72 17.28
CA LYS F 137 39.10 -15.91 16.11
C LYS F 137 39.15 -16.78 14.87
N LEU F 138 38.19 -16.55 13.96
CA LEU F 138 38.24 -17.09 12.62
C LEU F 138 38.33 -15.93 11.65
N THR F 139 39.19 -16.08 10.64
CA THR F 139 39.30 -15.10 9.58
C THR F 139 39.20 -15.84 8.25
N VAL F 140 38.31 -15.36 7.38
CA VAL F 140 38.04 -15.98 6.09
C VAL F 140 38.43 -14.98 5.01
N VAL F 141 39.22 -15.43 4.04
CA VAL F 141 39.68 -14.58 2.94
C VAL F 141 39.04 -15.07 1.66
N PHE F 142 38.15 -14.25 1.09
CA PHE F 142 37.42 -14.64 -0.13
C PHE F 142 38.32 -14.38 -1.32
N GLU F 143 38.96 -15.44 -1.84
CA GLU F 143 39.64 -15.39 -3.11
C GLU F 143 38.79 -15.97 -4.22
N ILE F 144 37.49 -15.77 -4.12
CA ILE F 144 36.50 -16.14 -5.11
C ILE F 144 35.49 -15.00 -5.19
N ASN F 145 34.65 -15.03 -6.22
CA ASN F 145 33.62 -14.01 -6.41
C ASN F 145 32.27 -14.54 -5.93
N VAL F 146 31.63 -13.79 -5.04
CA VAL F 146 30.30 -14.11 -4.55
C VAL F 146 29.48 -12.82 -4.52
N ASP F 147 28.21 -12.91 -4.88
CA ASP F 147 27.39 -11.71 -4.83
C ASP F 147 26.91 -11.50 -3.39
N LYS F 148 26.16 -10.41 -3.18
CA LYS F 148 25.77 -10.04 -1.82
C LYS F 148 24.90 -11.12 -1.18
N ASN F 149 23.95 -11.68 -1.94
CA ASN F 149 23.06 -12.68 -1.36
C ASN F 149 23.84 -13.95 -1.01
N LEU F 150 24.68 -14.40 -1.94
CA LEU F 150 25.51 -15.57 -1.68
C LEU F 150 26.44 -15.34 -0.49
N PHE F 151 26.94 -14.10 -0.32
CA PHE F 151 27.78 -13.81 0.84
C PHE F 151 26.98 -13.90 2.13
N ARG F 152 25.78 -13.33 2.15
CA ARG F 152 24.94 -13.47 3.34
C ARG F 152 24.61 -14.93 3.59
N PHE F 153 24.33 -15.67 2.51
CA PHE F 153 24.06 -17.10 2.64
C PHE F 153 25.23 -17.84 3.29
N PHE F 154 26.47 -17.49 2.89
CA PHE F 154 27.64 -18.08 3.52
C PHE F 154 27.64 -17.81 5.02
N LEU F 155 27.28 -16.58 5.41
CA LEU F 155 27.29 -16.23 6.84
C LEU F 155 26.22 -17.00 7.61
N GLU F 156 24.98 -17.00 7.09
CA GLU F 156 23.88 -17.75 7.72
C GLU F 156 24.21 -19.23 7.87
N THR F 157 24.72 -19.83 6.80
CA THR F 157 25.02 -21.27 6.84
C THR F 157 26.14 -21.58 7.81
N LEU F 158 27.20 -20.75 7.84
CA LEU F 158 28.27 -20.92 8.82
C LEU F 158 27.72 -20.83 10.25
N PHE F 159 26.95 -19.77 10.55
CA PHE F 159 26.35 -19.63 11.87
C PHE F 159 25.49 -20.84 12.21
N TYR F 160 24.66 -21.28 11.28
CA TYR F 160 23.72 -22.35 11.57
C TYR F 160 24.43 -23.69 11.78
N GLU F 161 25.40 -24.01 10.94
CA GLU F 161 26.09 -25.29 11.06
C GLU F 161 27.06 -25.30 12.22
N TYR F 162 27.56 -24.14 12.63
CA TYR F 162 28.51 -24.07 13.74
C TYR F 162 27.81 -24.32 15.06
N MET F 163 26.57 -23.85 15.19
CA MET F 163 25.85 -23.99 16.44
C MET F 163 25.48 -25.45 16.69
N THR F 164 25.63 -25.89 17.94
CA THR F 164 25.29 -27.26 18.33
C THR F 164 24.17 -27.24 19.38
N ASP F 165 23.08 -27.95 19.08
CA ASP F 165 21.89 -27.95 19.93
C ASP F 165 22.06 -28.99 21.03
N GLU F 166 22.32 -28.52 22.26
CA GLU F 166 22.59 -29.42 23.38
C GLU F 166 21.46 -29.46 24.41
N ARG F 167 20.26 -29.01 24.04
CA ARG F 167 19.16 -28.87 25.00
C ARG F 167 18.79 -30.18 25.68
N PHE F 168 18.95 -31.30 24.99
CA PHE F 168 18.50 -32.59 25.53
C PHE F 168 19.67 -33.46 25.99
N LYS F 169 20.87 -32.89 26.09
CA LYS F 169 22.01 -33.56 26.68
C LYS F 169 21.99 -33.35 28.19
N SER F 170 22.73 -34.19 28.90
CA SER F 170 22.82 -34.09 30.37
C SER F 170 24.20 -33.60 30.85
N GLU F 178 33.59 -22.13 24.38
CA GLU F 178 34.15 -23.05 23.41
C GLU F 178 34.12 -22.46 21.98
N TYR F 179 33.27 -21.44 21.79
CA TYR F 179 33.05 -20.80 20.48
C TYR F 179 33.99 -19.62 20.27
N ILE F 180 34.29 -19.36 19.01
CA ILE F 180 35.07 -18.17 18.67
C ILE F 180 34.33 -16.92 19.14
N LYS F 181 35.09 -15.85 19.39
CA LYS F 181 34.51 -14.57 19.74
C LYS F 181 34.64 -13.52 18.65
N HIS F 182 35.39 -13.79 17.59
CA HIS F 182 35.56 -12.83 16.53
C HIS F 182 35.57 -13.54 15.19
N LEU F 183 34.90 -12.95 14.22
CA LEU F 183 34.93 -13.41 12.84
C LEU F 183 35.46 -12.26 11.99
N GLY F 184 36.53 -12.52 11.24
CA GLY F 184 37.07 -11.59 10.28
C GLY F 184 36.80 -12.08 8.87
N VAL F 185 36.41 -11.17 7.99
CA VAL F 185 36.16 -11.48 6.60
C VAL F 185 36.95 -10.50 5.73
N TYR F 186 37.75 -11.03 4.81
CA TYR F 186 38.43 -10.23 3.80
C TYR F 186 37.78 -10.46 2.46
N ILE F 187 37.35 -9.38 1.79
CA ILE F 187 36.59 -9.50 0.56
C ILE F 187 36.80 -8.26 -0.29
N ASN F 188 36.80 -8.46 -1.61
CA ASN F 188 36.81 -7.33 -2.54
C ASN F 188 35.53 -6.53 -2.40
N ASN F 189 35.67 -5.20 -2.36
CA ASN F 189 34.54 -4.28 -2.19
C ASN F 189 33.83 -4.51 -0.87
N ALA F 190 34.62 -4.52 0.21
CA ALA F 190 34.12 -4.87 1.53
C ALA F 190 32.93 -4.03 1.96
N ASP F 191 32.85 -2.78 1.51
CA ASP F 191 31.79 -1.90 1.97
C ASP F 191 30.42 -2.32 1.44
N THR F 192 30.37 -2.99 0.30
CA THR F 192 29.07 -3.37 -0.22
C THR F 192 28.49 -4.59 0.48
N TYR F 193 29.28 -5.28 1.30
CA TYR F 193 28.89 -6.50 1.97
C TYR F 193 28.52 -6.31 3.44
N LYS F 194 28.86 -5.17 4.03
CA LYS F 194 28.74 -5.00 5.49
C LYS F 194 27.29 -5.03 5.96
N GLU F 195 26.34 -4.56 5.15
CA GLU F 195 24.95 -4.62 5.58
C GLU F 195 24.41 -6.05 5.62
N GLU F 196 25.04 -6.98 4.91
CA GLU F 196 24.56 -8.36 4.96
C GLU F 196 24.85 -9.03 6.29
N VAL F 197 25.76 -8.47 7.09
CA VAL F 197 26.28 -9.21 8.25
C VAL F 197 25.20 -9.39 9.30
N GLU F 198 24.57 -8.30 9.75
CA GLU F 198 23.55 -8.46 10.78
C GLU F 198 22.24 -9.02 10.22
N LYS F 199 21.98 -8.86 8.93
CA LYS F 199 20.84 -9.59 8.35
C LYS F 199 21.08 -11.09 8.42
N ALA F 200 22.30 -11.53 8.09
CA ALA F 200 22.63 -12.96 8.24
C ALA F 200 22.41 -13.43 9.67
N ARG F 201 22.79 -12.60 10.64
CA ARG F 201 22.63 -13.00 12.04
C ARG F 201 21.16 -13.19 12.38
N VAL F 202 20.29 -12.33 11.83
CA VAL F 202 18.87 -12.50 12.07
C VAL F 202 18.37 -13.74 11.34
N TYR F 203 18.76 -13.90 10.07
CA TYR F 203 18.30 -15.04 9.29
C TYR F 203 18.74 -16.35 9.92
N TYR F 204 19.98 -16.39 10.42
CA TYR F 204 20.44 -17.56 11.16
C TYR F 204 19.52 -17.89 12.31
N PHE F 205 19.09 -16.88 13.08
CA PHE F 205 18.38 -17.25 14.29
C PHE F 205 16.96 -17.71 14.00
N GLY F 206 16.26 -17.03 13.09
CA GLY F 206 14.96 -17.54 12.67
C GLY F 206 15.04 -18.97 12.19
N THR F 207 16.12 -19.30 11.44
CA THR F 207 16.34 -20.66 10.98
C THR F 207 16.67 -21.60 12.14
N TYR F 208 17.53 -21.15 13.06
CA TYR F 208 17.89 -22.00 14.19
C TYR F 208 16.75 -22.17 15.17
N TYR F 209 15.91 -21.14 15.32
CA TYR F 209 14.73 -21.25 16.17
C TYR F 209 13.73 -22.22 15.55
N ALA F 210 13.47 -22.11 14.24
CA ALA F 210 12.67 -23.12 13.56
C ALA F 210 13.19 -24.51 13.83
N SER F 211 14.51 -24.69 13.72
CA SER F 211 15.14 -25.98 13.88
C SER F 211 15.04 -26.50 15.31
N GLN F 212 15.02 -25.59 16.30
CA GLN F 212 14.84 -26.02 17.68
C GLN F 212 13.46 -26.61 17.90
N LEU F 213 12.42 -25.98 17.33
CA LEU F 213 11.06 -26.51 17.43
C LEU F 213 10.94 -27.86 16.73
N ILE F 214 11.52 -27.99 15.54
CA ILE F 214 11.40 -29.23 14.80
C ILE F 214 12.14 -30.37 15.51
N ALA F 215 13.38 -30.12 15.95
CA ALA F 215 14.16 -31.17 16.59
C ALA F 215 13.58 -31.56 17.94
N ALA F 216 12.89 -30.65 18.61
CA ALA F 216 12.21 -30.96 19.87
C ALA F 216 11.27 -32.15 19.68
N PRO F 217 11.42 -33.23 20.43
CA PRO F 217 10.56 -34.40 20.25
C PRO F 217 9.11 -34.12 20.63
N SER F 218 8.26 -35.08 20.29
CA SER F 218 6.82 -34.89 20.37
C SER F 218 6.30 -34.89 21.80
N ASN F 219 7.05 -35.44 22.75
CA ASN F 219 6.62 -35.30 24.14
C ASN F 219 6.92 -33.91 24.69
N TYR F 220 7.98 -33.23 24.21
CA TYR F 220 8.21 -31.82 24.56
C TYR F 220 7.37 -30.88 23.70
N CYS F 221 7.27 -31.16 22.41
CA CYS F 221 6.64 -30.26 21.44
C CYS F 221 5.30 -30.90 21.07
N ASN F 222 4.24 -30.44 21.72
CA ASN F 222 2.88 -30.88 21.51
C ASN F 222 2.04 -29.63 21.24
N PRO F 223 0.78 -29.79 20.80
CA PRO F 223 0.02 -28.60 20.39
C PRO F 223 -0.06 -27.52 21.46
N VAL F 224 -0.09 -27.91 22.72
CA VAL F 224 -0.19 -26.95 23.80
C VAL F 224 1.12 -26.22 24.00
N SER F 225 2.21 -26.97 24.23
CA SER F 225 3.50 -26.35 24.49
C SER F 225 4.04 -25.61 23.29
N LEU F 226 3.62 -25.97 22.07
CA LEU F 226 4.06 -25.23 20.89
C LEU F 226 3.29 -23.93 20.74
N SER F 227 2.00 -23.92 21.06
CA SER F 227 1.31 -22.63 21.03
C SER F 227 1.80 -21.73 22.16
N ASN F 228 2.17 -22.31 23.31
CA ASN F 228 2.78 -21.50 24.38
C ASN F 228 4.10 -20.90 23.92
N ALA F 229 4.91 -21.68 23.21
CA ALA F 229 6.18 -21.15 22.68
C ALA F 229 5.93 -19.99 21.73
N ALA F 230 4.89 -20.08 20.90
CA ALA F 230 4.61 -19.01 19.96
C ALA F 230 4.16 -17.74 20.68
N VAL F 231 3.38 -17.90 21.75
CA VAL F 231 2.96 -16.74 22.55
C VAL F 231 4.18 -16.02 23.11
N GLU F 232 5.09 -16.77 23.73
CA GLU F 232 6.30 -16.17 24.30
C GLU F 232 7.10 -15.46 23.21
N LEU F 233 7.19 -16.07 22.02
CA LEU F 233 7.89 -15.43 20.91
C LEU F 233 7.23 -14.11 20.55
N ALA F 234 5.90 -14.10 20.46
CA ALA F 234 5.19 -12.90 20.04
C ALA F 234 5.36 -11.78 21.08
N GLN F 235 5.33 -12.15 22.36
CA GLN F 235 5.52 -11.16 23.41
C GLN F 235 6.90 -10.52 23.32
N LYS F 236 7.92 -11.32 23.00
CA LYS F 236 9.28 -10.79 22.88
C LYS F 236 9.43 -9.88 21.66
N LEU F 237 8.64 -10.09 20.62
CA LEU F 237 8.71 -9.28 19.40
C LEU F 237 7.64 -8.22 19.33
N ASN F 238 6.77 -8.12 20.35
CA ASN F 238 5.65 -7.19 20.33
C ASN F 238 4.74 -7.41 19.11
N LEU F 239 4.49 -8.67 18.78
CA LEU F 239 3.51 -9.01 17.77
C LEU F 239 2.17 -9.25 18.43
N GLU F 240 1.10 -8.90 17.72
CA GLU F 240 -0.22 -9.27 18.20
C GLU F 240 -0.35 -10.79 18.12
N TYR F 241 -1.05 -11.39 19.09
CA TYR F 241 -1.12 -12.84 19.11
C TYR F 241 -2.48 -13.29 19.64
N LYS F 242 -2.92 -14.43 19.14
CA LYS F 242 -4.22 -15.00 19.49
C LYS F 242 -4.10 -16.51 19.35
N ILE F 243 -4.48 -17.25 20.39
CA ILE F 243 -4.50 -18.71 20.35
C ILE F 243 -5.96 -19.17 20.43
N LEU F 244 -6.44 -19.86 19.40
CA LEU F 244 -7.81 -20.36 19.41
C LEU F 244 -7.84 -21.78 20.00
N GLY F 245 -8.75 -21.99 20.96
CA GLY F 245 -8.95 -23.29 21.55
C GLY F 245 -10.16 -24.01 20.95
N VAL F 246 -10.41 -25.20 21.50
CA VAL F 246 -11.43 -26.09 20.94
C VAL F 246 -12.81 -25.44 20.96
N LYS F 247 -13.14 -24.74 22.04
CA LYS F 247 -14.43 -24.07 22.10
C LYS F 247 -14.60 -23.10 20.92
N GLU F 248 -13.63 -22.20 20.72
CA GLU F 248 -13.71 -21.26 19.61
C GLU F 248 -13.64 -21.95 18.26
N LEU F 249 -12.88 -23.04 18.15
CA LEU F 249 -12.79 -23.75 16.87
C LEU F 249 -14.11 -24.45 16.54
N GLU F 250 -14.81 -24.94 17.56
CA GLU F 250 -16.15 -25.50 17.35
C GLU F 250 -17.12 -24.42 16.87
N GLU F 251 -17.02 -23.20 17.42
CA GLU F 251 -17.88 -22.10 17.00
C GLU F 251 -17.66 -21.76 15.53
N LEU F 252 -16.41 -21.76 15.10
CA LEU F 252 -16.07 -21.51 13.70
C LEU F 252 -16.30 -22.73 12.81
N LYS F 253 -16.69 -23.87 13.41
CA LYS F 253 -17.06 -25.08 12.67
C LYS F 253 -15.92 -25.63 11.84
N MET F 254 -14.70 -25.62 12.40
CA MET F 254 -13.52 -26.16 11.74
C MET F 254 -13.44 -27.66 11.96
N GLY F 255 -14.34 -28.37 11.28
CA GLY F 255 -14.50 -29.79 11.53
C GLY F 255 -13.41 -30.66 10.93
N ALA F 256 -12.83 -30.25 9.81
CA ALA F 256 -11.72 -31.02 9.27
C ALA F 256 -10.57 -31.02 10.26
N TYR F 257 -10.14 -29.82 10.66
CA TYR F 257 -9.05 -29.68 11.63
C TYR F 257 -9.38 -30.36 12.97
N LEU F 258 -10.59 -30.13 13.51
CA LEU F 258 -10.92 -30.72 14.81
C LEU F 258 -10.99 -32.24 14.74
N SER F 259 -11.33 -32.79 13.58
CA SER F 259 -11.40 -34.25 13.45
C SER F 259 -10.02 -34.88 13.57
N VAL F 260 -9.01 -34.25 12.98
CA VAL F 260 -7.66 -34.79 13.01
C VAL F 260 -7.17 -34.92 14.44
N GLY F 261 -7.52 -33.96 15.29
CA GLY F 261 -7.05 -33.94 16.66
C GLY F 261 -7.86 -34.73 17.65
N LYS F 262 -8.96 -35.35 17.22
CA LYS F 262 -9.86 -36.01 18.15
C LYS F 262 -9.15 -37.07 18.98
N GLY F 263 -8.19 -37.78 18.40
CA GLY F 263 -7.62 -38.89 19.14
C GLY F 263 -6.43 -38.54 19.99
N SER F 264 -6.08 -37.26 20.11
CA SER F 264 -4.91 -36.82 20.85
C SER F 264 -5.31 -36.41 22.26
N MET F 265 -4.41 -36.65 23.20
CA MET F 265 -4.61 -36.18 24.57
C MET F 265 -4.40 -34.67 24.69
N TYR F 266 -3.85 -34.03 23.67
CA TYR F 266 -3.57 -32.60 23.68
C TYR F 266 -4.66 -31.84 22.92
N PRO F 267 -5.32 -30.86 23.51
CA PRO F 267 -6.34 -30.11 22.75
C PRO F 267 -5.71 -29.40 21.56
N ASN F 268 -6.48 -29.31 20.47
CA ASN F 268 -6.09 -28.50 19.33
C ASN F 268 -5.82 -27.07 19.77
N LYS F 269 -4.79 -26.46 19.20
CA LYS F 269 -4.49 -25.06 19.40
C LYS F 269 -4.19 -24.45 18.05
N PHE F 270 -4.93 -23.40 17.69
CA PHE F 270 -4.74 -22.71 16.43
C PHE F 270 -4.01 -21.40 16.69
N ILE F 271 -2.78 -21.26 16.13
CA ILE F 271 -1.92 -20.10 16.35
C ILE F 271 -2.21 -19.01 15.33
N HIS F 272 -2.29 -17.76 15.81
CA HIS F 272 -2.48 -16.59 14.95
C HIS F 272 -1.64 -15.44 15.51
N LEU F 273 -0.54 -15.11 14.84
CA LEU F 273 0.23 -13.90 15.12
C LEU F 273 0.06 -12.91 13.99
N THR F 274 0.23 -11.63 14.31
CA THR F 274 0.12 -10.56 13.31
C THR F 274 1.21 -9.53 13.52
N TYR F 275 1.91 -9.22 12.43
CA TYR F 275 2.82 -8.09 12.35
C TYR F 275 2.16 -7.00 11.52
N LYS F 276 2.10 -5.79 12.06
CA LYS F 276 1.57 -4.64 11.34
C LYS F 276 2.71 -3.65 11.13
N SER F 277 2.84 -3.17 9.90
CA SER F 277 3.91 -2.23 9.59
C SER F 277 3.53 -0.84 10.06
N LYS F 278 4.56 -0.06 10.37
CA LYS F 278 4.38 1.38 10.40
C LYS F 278 4.10 1.86 8.99
N GLY F 279 3.18 2.80 8.88
CA GLY F 279 2.89 3.42 7.60
C GLY F 279 1.84 2.67 6.82
N ASP F 280 1.53 3.25 5.66
CA ASP F 280 0.52 2.73 4.76
C ASP F 280 0.76 1.25 4.49
N VAL F 281 -0.25 0.43 4.72
CA VAL F 281 -0.14 -1.00 4.45
C VAL F 281 -0.52 -1.20 3.00
N LYS F 282 0.46 -1.58 2.19
CA LYS F 282 0.26 -1.80 0.76
C LYS F 282 0.03 -3.27 0.41
N LYS F 283 0.31 -4.20 1.32
CA LYS F 283 0.14 -5.62 1.04
C LYS F 283 -0.22 -6.35 2.31
N LYS F 284 -1.17 -7.24 2.26
CA LYS F 284 -1.46 -8.09 3.37
C LYS F 284 -1.32 -9.51 3.00
N ILE F 285 -0.56 -10.28 3.77
CA ILE F 285 -0.15 -11.62 3.51
C ILE F 285 -0.51 -12.49 4.69
N ALA F 286 -0.95 -13.71 4.40
CA ALA F 286 -1.17 -14.74 5.42
C ALA F 286 -0.23 -15.89 5.11
N LEU F 287 0.63 -16.21 6.07
CA LEU F 287 1.55 -17.33 5.95
C LEU F 287 0.99 -18.48 6.79
N VAL F 288 0.79 -19.63 6.18
CA VAL F 288 0.10 -20.74 6.80
C VAL F 288 1.06 -21.92 6.92
N GLY F 289 1.34 -22.37 8.14
CA GLY F 289 2.24 -23.48 8.39
C GLY F 289 1.49 -24.71 8.87
N LYS F 290 1.82 -25.86 8.28
CA LYS F 290 1.27 -27.12 8.76
C LYS F 290 1.91 -27.46 10.12
N GLY F 291 1.07 -27.79 11.10
CA GLY F 291 1.59 -28.04 12.43
C GLY F 291 1.12 -29.32 13.10
N ILE F 292 1.46 -30.47 12.51
CA ILE F 292 1.23 -31.77 13.14
C ILE F 292 2.45 -32.07 14.03
N THR F 293 2.25 -32.02 15.35
CA THR F 293 3.40 -32.20 16.23
C THR F 293 3.84 -33.65 16.32
N PHE F 294 2.97 -34.59 15.96
CA PHE F 294 3.40 -35.96 15.71
C PHE F 294 2.37 -36.62 14.81
N ASP F 295 2.84 -37.26 13.76
CA ASP F 295 1.96 -37.86 12.79
C ASP F 295 2.23 -39.35 12.82
N SER F 296 1.44 -40.07 13.63
CA SER F 296 1.50 -41.52 13.65
C SER F 296 0.85 -42.13 12.42
N GLY F 297 0.04 -41.37 11.69
CA GLY F 297 -0.79 -41.89 10.64
C GLY F 297 -2.24 -42.10 11.06
N GLY F 298 -2.51 -42.18 12.36
CA GLY F 298 -3.86 -42.51 12.78
C GLY F 298 -4.16 -43.96 12.46
N TYR F 299 -5.45 -44.28 12.29
CA TYR F 299 -5.80 -45.67 12.05
C TYR F 299 -5.12 -46.22 10.79
N ASN F 300 -4.84 -45.36 9.81
CA ASN F 300 -3.93 -45.68 8.70
C ASN F 300 -2.49 -45.54 9.21
N LEU F 301 -2.13 -46.44 10.11
CA LEU F 301 -0.90 -46.31 10.86
C LEU F 301 0.33 -46.41 9.95
N LYS F 302 1.37 -45.66 10.29
CA LYS F 302 2.64 -45.72 9.57
C LYS F 302 3.39 -46.99 9.99
N ALA F 303 2.96 -48.13 9.43
CA ALA F 303 3.56 -49.44 9.69
C ALA F 303 4.31 -50.01 8.49
N ALA F 304 4.21 -49.37 7.34
CA ALA F 304 4.80 -49.91 6.13
C ALA F 304 6.32 -49.71 6.15
N PRO F 305 7.06 -50.62 5.53
CA PRO F 305 8.50 -50.40 5.35
C PRO F 305 8.77 -49.02 4.75
N GLY F 306 9.71 -48.30 5.37
CA GLY F 306 10.10 -47.00 4.88
C GLY F 306 9.18 -45.85 5.24
N SER F 307 8.14 -46.08 6.02
CA SER F 307 7.25 -44.98 6.38
C SER F 307 7.81 -44.10 7.50
N MET F 308 8.88 -44.55 8.18
CA MET F 308 9.71 -43.72 9.05
C MET F 308 8.91 -42.97 10.12
N ILE F 309 8.10 -43.71 10.88
CA ILE F 309 7.30 -43.09 11.94
C ILE F 309 8.18 -42.35 12.95
N ASP F 310 9.41 -42.81 13.17
CA ASP F 310 10.29 -42.16 14.13
C ASP F 310 10.74 -40.75 13.71
N LEU F 311 10.43 -40.33 12.48
CA LEU F 311 10.77 -38.98 12.03
C LEU F 311 9.64 -37.98 12.24
N MET F 312 8.44 -38.44 12.59
CA MET F 312 7.25 -37.63 12.37
C MET F 312 7.04 -36.55 13.43
N LYS F 313 7.98 -36.36 14.36
CA LYS F 313 8.05 -35.08 15.05
C LYS F 313 8.30 -33.92 14.07
N PHE F 314 8.75 -34.20 12.84
CA PHE F 314 9.06 -33.17 11.87
C PHE F 314 7.84 -32.70 11.10
N ASP F 315 6.68 -33.26 11.36
CA ASP F 315 5.50 -32.91 10.58
C ASP F 315 4.95 -31.52 10.95
N MET F 316 5.63 -30.78 11.83
CA MET F 316 5.27 -29.40 12.10
C MET F 316 6.33 -28.43 11.58
N SER F 317 7.18 -28.92 10.67
CA SER F 317 8.22 -28.11 10.06
C SER F 317 7.66 -26.87 9.40
N GLY F 318 6.42 -26.94 8.92
CA GLY F 318 5.86 -25.78 8.24
C GLY F 318 5.50 -24.69 9.23
N CYS F 319 4.81 -25.07 10.30
CA CYS F 319 4.57 -24.13 11.40
C CYS F 319 5.87 -23.51 11.89
N ALA F 320 6.90 -24.32 12.08
CA ALA F 320 8.17 -23.80 12.61
C ALA F 320 8.78 -22.78 11.66
N ALA F 321 8.72 -23.06 10.35
CA ALA F 321 9.20 -22.10 9.36
C ALA F 321 8.43 -20.80 9.46
N VAL F 322 7.12 -20.90 9.72
CA VAL F 322 6.30 -19.71 9.80
C VAL F 322 6.62 -18.90 11.06
N LEU F 323 6.96 -19.57 12.16
CA LEU F 323 7.34 -18.84 13.38
C LEU F 323 8.76 -18.30 13.29
N GLY F 324 9.66 -18.99 12.61
CA GLY F 324 10.98 -18.44 12.38
C GLY F 324 10.93 -17.20 11.50
N CYS F 325 10.02 -17.20 10.51
CA CYS F 325 9.77 -16.01 9.71
C CYS F 325 9.22 -14.87 10.57
N ALA F 326 8.35 -15.19 11.54
CA ALA F 326 7.86 -14.15 12.44
C ALA F 326 9.02 -13.49 13.18
N TYR F 327 9.97 -14.30 13.68
CA TYR F 327 11.14 -13.73 14.32
C TYR F 327 11.86 -12.77 13.39
N CYS F 328 12.15 -13.21 12.16
CA CYS F 328 12.91 -12.36 11.24
C CYS F 328 12.13 -11.11 10.88
N VAL F 329 10.84 -11.25 10.57
CA VAL F 329 10.01 -10.11 10.22
C VAL F 329 9.87 -9.16 11.41
N GLY F 330 9.60 -9.70 12.60
CA GLY F 330 9.49 -8.86 13.78
C GLY F 330 10.78 -8.15 14.14
N THR F 331 11.92 -8.72 13.76
CA THR F 331 13.21 -8.14 14.09
C THR F 331 13.67 -7.12 13.06
N LEU F 332 13.48 -7.42 11.77
CA LEU F 332 13.91 -6.50 10.72
C LEU F 332 12.89 -5.42 10.44
N LYS F 333 11.63 -5.66 10.80
CA LYS F 333 10.56 -4.68 10.70
C LYS F 333 10.38 -4.06 9.30
N PRO F 334 10.09 -4.89 8.29
CA PRO F 334 9.81 -4.35 6.97
C PRO F 334 8.59 -3.44 7.04
N GLU F 335 8.51 -2.51 6.10
CA GLU F 335 7.45 -1.51 6.09
C GLU F 335 6.41 -1.84 5.04
N ASN F 336 5.27 -1.17 5.18
CA ASN F 336 4.14 -1.19 4.24
C ASN F 336 3.54 -2.58 4.05
N VAL F 337 3.70 -3.47 5.01
CA VAL F 337 3.18 -4.83 4.89
C VAL F 337 2.45 -5.21 6.18
N GLU F 338 1.41 -6.02 6.04
CA GLU F 338 0.76 -6.64 7.18
C GLU F 338 0.79 -8.14 6.99
N ILE F 339 1.28 -8.86 7.99
CA ILE F 339 1.49 -10.30 7.87
C ILE F 339 0.81 -11.02 9.04
N HIS F 340 0.02 -12.03 8.69
CA HIS F 340 -0.56 -12.97 9.65
C HIS F 340 0.20 -14.29 9.56
N PHE F 341 0.59 -14.81 10.71
CA PHE F 341 1.31 -16.08 10.79
C PHE F 341 0.33 -17.08 11.44
N LEU F 342 -0.13 -18.06 10.66
CA LEU F 342 -1.20 -18.95 11.08
C LEU F 342 -0.71 -20.38 11.18
N SER F 343 -1.22 -21.13 12.17
CA SER F 343 -1.01 -22.57 12.14
C SER F 343 -2.10 -23.30 12.92
N ALA F 344 -2.68 -24.33 12.30
CA ALA F 344 -3.68 -25.19 12.94
C ALA F 344 -2.93 -26.38 13.54
N VAL F 345 -2.49 -26.24 14.79
CA VAL F 345 -1.64 -27.23 15.43
C VAL F 345 -2.49 -28.32 16.09
N CYS F 346 -2.09 -29.57 15.90
CA CYS F 346 -2.73 -30.72 16.55
C CYS F 346 -1.80 -31.92 16.39
N GLU F 347 -2.28 -33.08 16.85
CA GLU F 347 -1.48 -34.31 16.87
C GLU F 347 -2.37 -35.46 16.42
N ASN F 348 -1.85 -36.28 15.49
CA ASN F 348 -2.62 -37.34 14.81
C ASN F 348 -2.30 -38.69 15.46
N MET F 349 -3.25 -39.21 16.25
CA MET F 349 -2.98 -40.33 17.15
C MET F 349 -4.00 -41.45 16.98
N VAL F 350 -3.69 -42.60 17.58
CA VAL F 350 -4.55 -43.78 17.56
C VAL F 350 -5.22 -43.91 18.91
N SER F 351 -6.55 -43.98 18.90
CA SER F 351 -7.28 -43.90 20.15
C SER F 351 -8.70 -44.39 19.90
N LYS F 352 -9.44 -44.62 20.98
CA LYS F 352 -10.87 -44.86 20.83
C LYS F 352 -11.60 -43.63 20.28
N ASN F 353 -11.04 -42.44 20.47
CA ASN F 353 -11.65 -41.17 20.08
C ASN F 353 -11.18 -40.67 18.71
N SER F 354 -10.35 -41.43 18.01
CA SER F 354 -9.76 -40.95 16.75
C SER F 354 -10.80 -40.95 15.62
N TYR F 355 -10.58 -40.11 14.61
CA TYR F 355 -11.38 -40.22 13.39
CA TYR F 355 -11.40 -40.23 13.42
C TYR F 355 -11.00 -41.47 12.64
N ARG F 356 -11.93 -41.97 11.85
CA ARG F 356 -11.75 -43.24 11.18
C ARG F 356 -11.61 -43.08 9.67
N PRO F 357 -10.91 -44.00 9.02
CA PRO F 357 -11.04 -44.13 7.56
C PRO F 357 -12.53 -44.25 7.20
N GLY F 358 -12.97 -43.44 6.23
CA GLY F 358 -14.35 -43.44 5.79
C GLY F 358 -15.26 -42.42 6.46
N ASP F 359 -14.87 -41.85 7.59
CA ASP F 359 -15.66 -40.79 8.19
C ASP F 359 -15.90 -39.67 7.16
N ILE F 360 -17.05 -39.02 7.27
CA ILE F 360 -17.37 -37.86 6.47
C ILE F 360 -17.42 -36.67 7.42
N ILE F 361 -16.56 -35.69 7.19
CA ILE F 361 -16.43 -34.54 8.07
C ILE F 361 -16.83 -33.30 7.29
N THR F 362 -17.07 -32.21 8.02
CA THR F 362 -17.55 -30.97 7.42
C THR F 362 -16.56 -29.85 7.69
N ALA F 363 -16.04 -29.24 6.63
CA ALA F 363 -15.09 -28.16 6.78
C ALA F 363 -15.80 -26.84 7.12
N SER F 364 -15.02 -25.84 7.48
CA SER F 364 -15.62 -24.60 7.98
C SER F 364 -16.27 -23.77 6.88
N ASN F 365 -16.09 -24.10 5.60
CA ASN F 365 -16.87 -23.45 4.55
C ASN F 365 -18.10 -24.27 4.13
N GLY F 366 -18.45 -25.33 4.87
CA GLY F 366 -19.61 -26.14 4.55
C GLY F 366 -19.34 -27.35 3.67
N LYS F 367 -18.12 -27.53 3.17
CA LYS F 367 -17.84 -28.64 2.26
C LYS F 367 -17.65 -29.93 3.04
N THR F 368 -18.38 -30.97 2.66
CA THR F 368 -18.19 -32.26 3.30
C THR F 368 -17.06 -33.02 2.60
N ILE F 369 -16.30 -33.77 3.39
CA ILE F 369 -15.08 -34.44 2.96
C ILE F 369 -15.16 -35.90 3.39
N GLU F 370 -15.05 -36.81 2.44
CA GLU F 370 -14.94 -38.24 2.75
C GLU F 370 -13.48 -38.56 3.04
N VAL F 371 -13.19 -39.02 4.26
CA VAL F 371 -11.82 -39.37 4.64
C VAL F 371 -11.49 -40.73 4.05
N GLY F 372 -10.47 -40.79 3.20
CA GLY F 372 -10.04 -42.04 2.61
C GLY F 372 -8.84 -42.63 3.30
N ASN F 373 -8.04 -41.78 3.94
CA ASN F 373 -6.83 -42.21 4.61
C ASN F 373 -6.51 -41.23 5.73
N THR F 374 -6.51 -41.70 6.98
CA THR F 374 -6.28 -40.82 8.11
C THR F 374 -4.85 -40.30 8.19
N ASP F 375 -3.94 -40.81 7.36
CA ASP F 375 -2.58 -40.32 7.27
C ASP F 375 -2.44 -39.17 6.27
N ALA F 376 -3.49 -38.83 5.55
CA ALA F 376 -3.50 -37.59 4.78
C ALA F 376 -4.14 -36.47 5.59
N GLU F 377 -3.71 -36.35 6.86
CA GLU F 377 -4.31 -35.41 7.82
C GLU F 377 -3.87 -33.98 7.58
N GLY F 378 -2.70 -33.76 6.97
CA GLY F 378 -2.20 -32.40 6.84
C GLY F 378 -3.10 -31.53 6.00
N ARG F 379 -3.66 -32.10 4.92
CA ARG F 379 -4.53 -31.32 4.05
C ARG F 379 -5.86 -31.02 4.69
N LEU F 380 -6.29 -31.82 5.67
CA LEU F 380 -7.51 -31.51 6.40
C LEU F 380 -7.31 -30.32 7.32
N THR F 381 -6.18 -30.26 8.01
CA THR F 381 -5.95 -29.12 8.89
C THR F 381 -5.66 -27.86 8.08
N LEU F 382 -4.97 -28.01 6.93
CA LEU F 382 -4.70 -26.86 6.09
C LEU F 382 -5.97 -26.31 5.46
N ALA F 383 -6.94 -27.17 5.15
CA ALA F 383 -8.20 -26.70 4.58
C ALA F 383 -8.92 -25.72 5.50
N ASP F 384 -9.06 -26.08 6.78
CA ASP F 384 -9.70 -25.14 7.69
C ASP F 384 -8.84 -23.92 7.92
N ALA F 385 -7.51 -24.06 7.85
CA ALA F 385 -6.63 -22.91 8.01
C ALA F 385 -6.73 -21.95 6.84
N LEU F 386 -6.97 -22.49 5.63
CA LEU F 386 -7.08 -21.64 4.45
C LEU F 386 -8.40 -20.87 4.44
N VAL F 387 -9.47 -21.48 4.94
CA VAL F 387 -10.75 -20.78 5.03
C VAL F 387 -10.67 -19.65 6.05
N TYR F 388 -9.99 -19.91 7.16
CA TYR F 388 -9.69 -18.87 8.13
C TYR F 388 -8.89 -17.73 7.50
N ALA F 389 -7.85 -18.08 6.72
CA ALA F 389 -6.97 -17.08 6.16
C ALA F 389 -7.66 -16.24 5.10
N GLU F 390 -8.47 -16.85 4.24
CA GLU F 390 -9.13 -16.06 3.20
C GLU F 390 -10.12 -15.07 3.81
N LYS F 391 -10.65 -15.38 4.99
CA LYS F 391 -11.57 -14.49 5.68
C LYS F 391 -10.85 -13.28 6.27
N LEU F 392 -9.52 -13.30 6.33
CA LEU F 392 -8.76 -12.14 6.78
C LEU F 392 -8.69 -11.06 5.70
N GLY F 393 -9.06 -11.38 4.47
CA GLY F 393 -8.98 -10.43 3.39
C GLY F 393 -7.55 -10.04 3.05
N VAL F 394 -6.68 -11.03 2.87
CA VAL F 394 -5.30 -10.76 2.50
C VAL F 394 -5.20 -10.74 0.98
N ASP F 395 -4.08 -10.23 0.47
CA ASP F 395 -3.82 -10.26 -0.97
C ASP F 395 -3.18 -11.58 -1.39
N TYR F 396 -2.36 -12.17 -0.53
CA TYR F 396 -1.64 -13.39 -0.82
C TYR F 396 -1.83 -14.36 0.34
N ILE F 397 -2.04 -15.63 0.02
CA ILE F 397 -1.94 -16.71 0.99
C ILE F 397 -0.82 -17.63 0.53
N VAL F 398 0.15 -17.90 1.40
CA VAL F 398 1.21 -18.83 1.11
C VAL F 398 1.22 -19.85 2.24
N ASP F 399 1.09 -21.12 1.90
CA ASP F 399 1.17 -22.16 2.92
C ASP F 399 2.41 -23.01 2.67
N ILE F 400 2.99 -23.50 3.74
CA ILE F 400 4.22 -24.29 3.68
C ILE F 400 4.02 -25.50 4.59
N ALA F 401 4.38 -26.69 4.08
CA ALA F 401 3.91 -27.93 4.69
C ALA F 401 4.71 -29.15 4.24
N THR F 402 5.00 -30.04 5.20
CA THR F 402 5.52 -31.37 4.92
C THR F 402 4.32 -32.25 4.56
N LEU F 403 3.80 -32.02 3.35
CA LEU F 403 2.50 -32.55 2.99
C LEU F 403 2.55 -33.95 2.39
N THR F 404 3.35 -34.20 1.36
CA THR F 404 3.28 -35.51 0.71
C THR F 404 4.66 -36.14 0.56
N GLY F 405 4.76 -37.41 0.94
CA GLY F 405 6.01 -38.13 0.76
C GLY F 405 6.43 -38.27 -0.69
N ALA F 406 5.50 -38.06 -1.63
CA ALA F 406 5.84 -38.18 -3.04
C ALA F 406 6.89 -37.15 -3.47
N MET F 407 7.07 -36.08 -2.70
CA MET F 407 8.10 -35.10 -3.04
C MET F 407 9.47 -35.76 -3.14
N LEU F 408 9.73 -36.75 -2.28
CA LEU F 408 11.01 -37.43 -2.32
C LEU F 408 11.28 -38.05 -3.68
N TYR F 409 10.22 -38.42 -4.42
CA TYR F 409 10.37 -39.05 -5.72
C TYR F 409 10.25 -38.05 -6.88
N SER F 410 9.84 -36.83 -6.61
CA SER F 410 9.81 -35.85 -7.69
C SER F 410 11.02 -34.95 -7.60
N LEU F 411 11.07 -34.05 -6.62
CA LEU F 411 12.21 -33.13 -6.54
C LEU F 411 13.29 -33.59 -5.57
N GLY F 412 12.98 -34.48 -4.62
CA GLY F 412 14.02 -35.01 -3.79
C GLY F 412 14.22 -34.26 -2.48
N THR F 413 15.45 -34.30 -1.97
CA THR F 413 15.76 -33.72 -0.67
C THR F 413 16.34 -32.31 -0.76
N SER F 414 16.59 -31.78 -1.96
CA SER F 414 17.23 -30.48 -2.09
C SER F 414 16.29 -29.34 -2.49
N TYR F 415 15.33 -29.58 -3.38
CA TYR F 415 14.46 -28.52 -3.89
C TYR F 415 13.04 -28.76 -3.40
N ALA F 416 12.39 -27.72 -2.88
CA ALA F 416 10.99 -27.82 -2.51
C ALA F 416 10.11 -27.53 -3.71
N GLY F 417 8.86 -28.01 -3.66
CA GLY F 417 7.90 -27.75 -4.70
C GLY F 417 6.94 -26.64 -4.31
N VAL F 418 6.62 -25.78 -5.27
CA VAL F 418 5.60 -24.75 -5.09
C VAL F 418 4.52 -24.96 -6.15
N PHE F 419 3.28 -24.98 -5.71
CA PHE F 419 2.08 -25.06 -6.54
C PHE F 419 1.20 -23.87 -6.22
N GLY F 420 0.49 -23.36 -7.22
CA GLY F 420 -0.43 -22.29 -6.88
C GLY F 420 -1.47 -22.03 -7.95
N ASN F 421 -2.33 -21.05 -7.64
CA ASN F 421 -3.40 -20.62 -8.53
C ASN F 421 -3.12 -19.25 -9.17
N ASN F 422 -1.91 -18.71 -9.02
CA ASN F 422 -1.62 -17.34 -9.46
C ASN F 422 -0.17 -17.28 -9.91
N GLU F 423 0.02 -17.05 -11.21
CA GLU F 423 1.38 -17.06 -11.77
C GLU F 423 2.23 -15.96 -11.17
N GLU F 424 1.66 -14.76 -10.99
CA GLU F 424 2.44 -13.65 -10.43
C GLU F 424 2.94 -13.97 -9.03
N LEU F 425 2.09 -14.57 -8.18
CA LEU F 425 2.53 -14.97 -6.85
C LEU F 425 3.57 -16.08 -6.91
N ILE F 426 3.36 -17.08 -7.76
CA ILE F 426 4.36 -18.13 -7.93
C ILE F 426 5.70 -17.51 -8.35
N ASN F 427 5.66 -16.52 -9.23
CA ASN F 427 6.90 -15.92 -9.67
C ASN F 427 7.60 -15.16 -8.54
N LYS F 428 6.84 -14.54 -7.64
CA LYS F 428 7.46 -13.87 -6.50
C LYS F 428 8.15 -14.88 -5.58
N ILE F 429 7.53 -16.05 -5.37
CA ILE F 429 8.17 -17.11 -4.59
C ILE F 429 9.45 -17.57 -5.26
N LEU F 430 9.42 -17.78 -6.59
CA LEU F 430 10.62 -18.22 -7.29
C LEU F 430 11.73 -17.18 -7.15
N GLN F 431 11.38 -15.90 -7.24
CA GLN F 431 12.36 -14.83 -7.05
C GLN F 431 12.92 -14.83 -5.62
N SER F 432 12.05 -15.01 -4.63
CA SER F 432 12.49 -15.13 -3.23
C SER F 432 13.40 -16.35 -3.04
N SER F 433 13.18 -17.41 -3.82
CA SER F 433 14.05 -18.57 -3.70
C SER F 433 15.45 -18.25 -4.20
N LYS F 434 15.54 -17.44 -5.26
CA LYS F 434 16.85 -17.04 -5.77
C LYS F 434 17.61 -16.19 -4.76
N THR F 435 16.94 -15.21 -4.12
CA THR F 435 17.69 -14.35 -3.21
C THR F 435 17.88 -14.96 -1.83
N SER F 436 16.96 -15.81 -1.36
CA SER F 436 17.20 -16.50 -0.11
C SER F 436 18.19 -17.66 -0.27
N ASN F 437 18.38 -18.13 -1.50
CA ASN F 437 19.15 -19.33 -1.81
C ASN F 437 18.59 -20.58 -1.12
N GLU F 438 17.26 -20.64 -0.93
CA GLU F 438 16.56 -21.85 -0.56
C GLU F 438 15.83 -22.35 -1.82
N PRO F 439 16.25 -23.45 -2.42
CA PRO F 439 15.78 -23.79 -3.78
C PRO F 439 14.36 -24.34 -3.81
N VAL F 440 13.56 -23.78 -4.72
CA VAL F 440 12.16 -24.13 -4.96
C VAL F 440 11.97 -24.32 -6.46
N TRP F 441 11.05 -25.22 -6.85
CA TRP F 441 10.74 -25.47 -8.25
C TRP F 441 9.22 -25.52 -8.46
N TRP F 442 8.75 -24.81 -9.49
CA TRP F 442 7.32 -24.70 -9.75
C TRP F 442 6.77 -26.01 -10.30
N LEU F 443 5.80 -26.59 -9.62
CA LEU F 443 5.14 -27.78 -10.08
C LEU F 443 3.67 -27.48 -10.39
N PRO F 444 3.09 -28.13 -11.38
CA PRO F 444 1.75 -27.74 -11.85
C PRO F 444 0.63 -28.31 -11.00
N ILE F 445 -0.49 -27.60 -11.02
CA ILE F 445 -1.77 -28.14 -10.57
C ILE F 445 -2.52 -28.59 -11.82
N ILE F 446 -2.58 -29.90 -12.05
CA ILE F 446 -3.16 -30.47 -13.27
C ILE F 446 -4.67 -30.69 -13.08
N ASN F 447 -5.49 -29.89 -13.76
CA ASN F 447 -6.93 -29.90 -13.52
C ASN F 447 -7.59 -31.19 -13.95
N GLU F 448 -6.99 -31.90 -14.92
CA GLU F 448 -7.57 -33.15 -15.37
C GLU F 448 -7.65 -34.21 -14.26
N TYR F 449 -6.90 -34.05 -13.17
CA TYR F 449 -6.99 -34.99 -12.06
C TYR F 449 -8.07 -34.61 -11.04
N ARG F 450 -8.71 -33.45 -11.20
CA ARG F 450 -9.71 -33.01 -10.22
C ARG F 450 -10.82 -34.04 -10.06
N ALA F 451 -11.20 -34.71 -11.14
CA ALA F 451 -12.34 -35.62 -11.05
C ALA F 451 -12.08 -36.81 -10.13
N THR F 452 -10.82 -37.14 -9.85
CA THR F 452 -10.51 -38.21 -8.92
C THR F 452 -10.93 -37.91 -7.49
N LEU F 453 -11.29 -36.66 -7.18
CA LEU F 453 -11.75 -36.29 -5.86
C LEU F 453 -13.27 -36.21 -5.77
N ASN F 454 -13.97 -36.68 -6.79
CA ASN F 454 -15.44 -36.63 -6.81
C ASN F 454 -15.99 -37.77 -5.96
N SER F 455 -16.37 -37.47 -4.72
CA SER F 455 -16.87 -38.49 -3.83
C SER F 455 -18.29 -38.91 -4.19
N LYS F 456 -18.58 -40.19 -4.01
CA LYS F 456 -19.93 -40.69 -4.25
C LYS F 456 -20.93 -40.11 -3.25
N TYR F 457 -20.49 -39.83 -2.01
CA TYR F 457 -21.38 -39.44 -0.92
C TYR F 457 -21.14 -38.03 -0.39
N ALA F 458 -19.89 -37.59 -0.28
CA ALA F 458 -19.57 -36.27 0.24
C ALA F 458 -19.34 -35.31 -0.90
N ASP F 459 -19.20 -34.03 -0.56
CA ASP F 459 -18.89 -33.03 -1.60
C ASP F 459 -17.57 -33.35 -2.30
N ILE F 460 -16.59 -33.86 -1.56
CA ILE F 460 -15.25 -34.09 -2.12
C ILE F 460 -14.58 -35.21 -1.33
N ASN F 461 -13.70 -35.94 -2.01
CA ASN F 461 -12.78 -36.89 -1.39
C ASN F 461 -11.53 -36.18 -0.89
N GLN F 462 -11.03 -36.66 0.27
CA GLN F 462 -9.76 -36.20 0.79
C GLN F 462 -8.59 -36.67 -0.07
N ILE F 463 -8.65 -37.91 -0.58
CA ILE F 463 -7.56 -38.48 -1.35
C ILE F 463 -8.11 -39.10 -2.62
N SER F 464 -7.21 -39.32 -3.57
CA SER F 464 -7.51 -40.16 -4.71
C SER F 464 -7.28 -41.62 -4.36
N SER F 465 -8.08 -42.50 -4.95
CA SER F 465 -7.82 -43.92 -4.81
C SER F 465 -7.01 -44.49 -5.96
N SER F 466 -6.79 -43.72 -7.02
CA SER F 466 -6.06 -44.21 -8.18
C SER F 466 -4.81 -43.39 -8.49
N VAL F 467 -4.93 -42.06 -8.64
CA VAL F 467 -3.81 -41.22 -9.08
C VAL F 467 -2.68 -41.27 -8.08
N LYS F 468 -1.47 -41.59 -8.56
CA LYS F 468 -0.30 -41.67 -7.69
C LYS F 468 0.46 -40.34 -7.60
N ALA F 469 0.07 -39.34 -8.38
CA ALA F 469 0.72 -38.03 -8.30
C ALA F 469 0.16 -37.30 -7.07
N SER F 470 0.58 -37.79 -5.90
CA SER F 470 -0.06 -37.39 -4.64
C SER F 470 0.14 -35.91 -4.36
N SER F 471 1.30 -35.36 -4.71
CA SER F 471 1.53 -33.96 -4.37
C SER F 471 0.63 -33.05 -5.19
N ILE F 472 0.27 -33.48 -6.40
CA ILE F 472 -0.62 -32.70 -7.24
C ILE F 472 -2.05 -32.83 -6.76
N VAL F 473 -2.46 -34.06 -6.41
CA VAL F 473 -3.82 -34.27 -5.91
C VAL F 473 -4.04 -33.48 -4.62
N ALA F 474 -3.04 -33.48 -3.74
CA ALA F 474 -3.15 -32.71 -2.50
C ALA F 474 -3.32 -31.22 -2.80
N SER F 475 -2.60 -30.71 -3.80
CA SER F 475 -2.76 -29.31 -4.19
C SER F 475 -4.14 -29.04 -4.78
N LEU F 476 -4.69 -29.97 -5.55
CA LEU F 476 -6.03 -29.80 -6.09
C LEU F 476 -7.07 -29.76 -4.98
N PHE F 477 -6.81 -30.48 -3.89
CA PHE F 477 -7.72 -30.49 -2.76
C PHE F 477 -7.64 -29.18 -2.00
N LEU F 478 -6.40 -28.75 -1.67
CA LEU F 478 -6.19 -27.47 -1.02
C LEU F 478 -6.84 -26.33 -1.81
N LYS F 479 -6.69 -26.37 -3.14
CA LYS F 479 -7.18 -25.27 -3.97
C LYS F 479 -8.69 -25.10 -3.85
N GLU F 480 -9.41 -26.15 -3.47
CA GLU F 480 -10.86 -26.07 -3.32
C GLU F 480 -11.29 -25.21 -2.13
N PHE F 481 -10.36 -24.86 -1.25
CA PHE F 481 -10.65 -24.10 -0.05
C PHE F 481 -10.13 -22.65 -0.14
N VAL F 482 -9.75 -22.20 -1.34
CA VAL F 482 -9.43 -20.80 -1.60
C VAL F 482 -10.33 -20.36 -2.75
N GLN F 483 -11.26 -19.46 -2.48
CA GLN F 483 -12.24 -19.08 -3.49
C GLN F 483 -11.73 -17.98 -4.43
N ASN F 484 -11.26 -16.87 -3.88
CA ASN F 484 -11.01 -15.67 -4.68
C ASN F 484 -9.75 -14.93 -4.19
N THR F 485 -8.67 -15.67 -3.92
CA THR F 485 -7.44 -15.06 -3.44
C THR F 485 -6.24 -15.73 -4.08
N ALA F 486 -5.23 -14.94 -4.43
CA ALA F 486 -3.95 -15.49 -4.88
C ALA F 486 -3.32 -16.36 -3.79
N TRP F 487 -2.98 -17.59 -4.16
CA TRP F 487 -2.60 -18.60 -3.20
C TRP F 487 -1.45 -19.43 -3.77
N ALA F 488 -0.50 -19.80 -2.91
CA ALA F 488 0.57 -20.69 -3.33
C ALA F 488 0.89 -21.63 -2.17
N HIS F 489 1.44 -22.79 -2.52
CA HIS F 489 1.58 -23.91 -1.59
C HIS F 489 2.98 -24.50 -1.76
N ILE F 490 3.75 -24.54 -0.67
CA ILE F 490 5.14 -24.98 -0.70
C ILE F 490 5.22 -26.32 0.03
N ASP F 491 5.49 -27.38 -0.71
CA ASP F 491 5.55 -28.72 -0.15
C ASP F 491 7.01 -28.99 0.21
N ILE F 492 7.30 -29.04 1.51
CA ILE F 492 8.66 -29.22 2.02
C ILE F 492 8.86 -30.62 2.61
N ALA F 493 8.00 -31.57 2.26
CA ALA F 493 8.10 -32.92 2.82
C ALA F 493 9.46 -33.58 2.50
N GLY F 494 10.03 -33.33 1.32
CA GLY F 494 11.29 -33.97 0.98
C GLY F 494 12.50 -33.27 1.55
N VAL F 495 12.34 -32.01 1.93
CA VAL F 495 13.43 -31.06 2.01
C VAL F 495 13.69 -30.62 3.44
N SER F 496 12.81 -30.94 4.36
CA SER F 496 12.84 -30.38 5.69
C SER F 496 13.95 -30.99 6.54
N TRP F 497 14.14 -32.30 6.46
CA TRP F 497 15.08 -33.00 7.33
C TRP F 497 16.39 -33.27 6.62
N ASN F 498 17.50 -33.03 7.32
CA ASN F 498 18.85 -33.30 6.81
C ASN F 498 19.26 -34.70 7.24
N PHE F 499 19.04 -35.68 6.38
CA PHE F 499 19.26 -37.08 6.78
C PHE F 499 20.72 -37.39 7.03
N LYS F 500 21.64 -36.80 6.27
CA LYS F 500 23.05 -37.08 6.52
C LYS F 500 23.51 -36.49 7.86
N ALA F 501 23.07 -35.28 8.20
CA ALA F 501 23.50 -34.62 9.43
C ALA F 501 22.60 -34.94 10.62
N ARG F 502 21.49 -35.63 10.39
CA ARG F 502 20.56 -36.08 11.42
C ARG F 502 19.96 -34.90 12.20
N LYS F 503 19.46 -33.91 11.46
CA LYS F 503 18.92 -32.72 12.10
C LYS F 503 18.00 -31.99 11.12
N PRO F 504 17.11 -31.11 11.60
CA PRO F 504 16.31 -30.30 10.69
C PRO F 504 17.16 -29.32 9.90
N LYS F 505 16.62 -28.85 8.79
CA LYS F 505 17.24 -27.77 8.04
C LYS F 505 16.71 -26.39 8.42
N GLY F 506 15.57 -26.30 9.09
CA GLY F 506 14.90 -25.02 9.25
C GLY F 506 14.48 -24.42 7.93
N PHE F 507 14.17 -25.25 6.94
CA PHE F 507 13.90 -24.80 5.58
C PHE F 507 12.65 -23.93 5.53
N GLY F 508 12.74 -22.82 4.81
CA GLY F 508 11.59 -22.00 4.51
C GLY F 508 11.56 -20.68 5.25
N VAL F 509 12.28 -20.56 6.36
CA VAL F 509 12.32 -19.28 7.07
C VAL F 509 12.87 -18.20 6.16
N ARG F 510 14.05 -18.43 5.61
CA ARG F 510 14.70 -17.39 4.82
C ARG F 510 13.95 -17.13 3.53
N LEU F 511 13.36 -18.18 2.93
CA LEU F 511 12.51 -18.03 1.76
C LEU F 511 11.31 -17.13 2.05
N LEU F 512 10.62 -17.38 3.16
CA LEU F 512 9.42 -16.60 3.45
C LEU F 512 9.77 -15.16 3.82
N THR F 513 10.86 -14.98 4.57
CA THR F 513 11.27 -13.63 4.93
C THR F 513 11.67 -12.83 3.69
N GLU F 514 12.43 -13.44 2.78
CA GLU F 514 12.78 -12.73 1.55
C GLU F 514 11.53 -12.39 0.76
N PHE F 515 10.54 -13.27 0.78
CA PHE F 515 9.29 -12.98 0.09
C PHE F 515 8.61 -11.76 0.67
N VAL F 516 8.56 -11.67 2.00
CA VAL F 516 7.94 -10.53 2.66
C VAL F 516 8.74 -9.25 2.38
N LEU F 517 10.05 -9.29 2.60
CA LEU F 517 10.90 -8.10 2.46
C LEU F 517 10.92 -7.56 1.03
N ASN F 518 10.94 -8.45 0.03
CA ASN F 518 10.93 -7.99 -1.36
C ASN F 518 9.55 -7.53 -1.85
N ASP F 519 8.53 -7.54 -1.00
CA ASP F 519 7.15 -7.08 -1.29
C ASP F 519 6.39 -7.99 -2.28
N ALA G 1 5.04 58.36 -46.88
CA ALA G 1 4.13 57.75 -45.92
C ALA G 1 4.70 56.40 -45.47
N SER G 2 4.38 56.00 -44.25
CA SER G 2 4.98 54.84 -43.61
C SER G 2 3.92 53.80 -43.27
N GLU G 3 4.35 52.54 -43.22
CA GLU G 3 3.46 51.45 -42.82
C GLU G 3 3.18 51.53 -41.33
N VAL G 4 1.91 51.40 -40.96
CA VAL G 4 1.48 51.35 -39.58
C VAL G 4 1.67 49.93 -39.04
N PRO G 5 2.48 49.72 -38.00
CA PRO G 5 2.63 48.36 -37.48
C PRO G 5 1.35 47.90 -36.81
N GLN G 6 1.18 46.57 -36.77
CA GLN G 6 -0.02 45.94 -36.26
C GLN G 6 0.37 44.80 -35.35
N VAL G 7 -0.40 44.62 -34.27
CA VAL G 7 -0.24 43.41 -33.47
C VAL G 7 -1.09 42.28 -34.04
N VAL G 8 -2.34 42.58 -34.37
CA VAL G 8 -3.20 41.64 -35.05
C VAL G 8 -3.71 42.31 -36.32
N SER G 9 -4.15 41.48 -37.25
CA SER G 9 -4.54 41.98 -38.56
C SER G 9 -5.77 42.88 -38.49
N LEU G 10 -6.55 42.79 -37.41
CA LEU G 10 -7.71 43.66 -37.22
C LEU G 10 -7.35 45.04 -36.69
N ASP G 11 -6.09 45.27 -36.41
CA ASP G 11 -5.66 46.57 -35.94
C ASP G 11 -5.74 47.57 -37.08
N PRO G 12 -6.38 48.73 -36.89
CA PRO G 12 -6.51 49.70 -37.98
C PRO G 12 -5.17 50.31 -38.39
N THR G 13 -5.09 50.67 -39.66
CA THR G 13 -3.85 51.18 -40.26
C THR G 13 -4.00 52.60 -40.80
N SER G 14 -5.12 53.27 -40.53
CA SER G 14 -5.20 54.70 -40.85
C SER G 14 -6.27 55.36 -39.99
N ILE G 15 -6.18 56.67 -39.88
CA ILE G 15 -7.24 57.45 -39.24
C ILE G 15 -8.35 57.72 -40.27
N PRO G 16 -9.59 57.29 -40.06
CA PRO G 16 -10.66 57.68 -40.97
C PRO G 16 -10.91 59.18 -40.84
N ILE G 17 -10.96 59.87 -41.97
CA ILE G 17 -11.13 61.31 -41.99
C ILE G 17 -12.19 61.68 -43.02
N GLU G 18 -13.11 62.54 -42.61
CA GLU G 18 -14.19 63.02 -43.46
C GLU G 18 -13.82 64.43 -43.91
N TYR G 19 -13.48 64.58 -45.19
CA TYR G 19 -13.13 65.87 -45.77
C TYR G 19 -14.34 66.60 -46.33
N ASN G 20 -15.14 65.92 -47.15
CA ASN G 20 -16.34 66.50 -47.75
C ASN G 20 -17.51 66.30 -46.79
N THR G 21 -17.75 67.31 -45.91
CA THR G 21 -18.81 67.16 -44.93
C THR G 21 -20.11 67.76 -45.43
N PRO G 22 -21.25 67.35 -44.85
CA PRO G 22 -22.54 67.98 -45.22
C PRO G 22 -22.52 69.49 -45.15
N ILE G 23 -21.85 70.07 -44.14
CA ILE G 23 -21.68 71.53 -44.07
C ILE G 23 -21.19 72.09 -45.41
N HIS G 24 -20.26 71.39 -46.06
CA HIS G 24 -19.68 71.89 -47.30
C HIS G 24 -20.66 71.86 -48.46
N ASP G 25 -21.76 71.15 -48.34
CA ASP G 25 -22.79 71.19 -49.36
C ASP G 25 -23.84 72.27 -49.12
N ILE G 26 -23.91 72.87 -47.93
CA ILE G 26 -24.90 73.91 -47.68
C ILE G 26 -24.59 75.13 -48.54
N LYS G 27 -25.61 75.62 -49.24
CA LYS G 27 -25.51 76.89 -49.95
C LYS G 27 -25.94 78.02 -49.02
N VAL G 28 -25.06 79.00 -48.83
CA VAL G 28 -25.30 80.12 -47.92
C VAL G 28 -25.59 81.36 -48.75
N GLN G 29 -26.73 81.99 -48.47
CA GLN G 29 -27.10 83.27 -49.06
C GLN G 29 -27.28 84.27 -47.92
N VAL G 30 -26.74 85.48 -48.10
CA VAL G 30 -26.88 86.55 -47.12
C VAL G 30 -27.70 87.68 -47.74
N TYR G 31 -28.73 88.13 -47.03
CA TYR G 31 -29.58 89.22 -47.50
C TYR G 31 -29.63 90.35 -46.49
N ASP G 32 -29.80 91.57 -47.00
CA ASP G 32 -29.96 92.73 -46.15
C ASP G 32 -31.38 92.79 -45.57
N ILE G 33 -31.46 93.07 -44.27
CA ILE G 33 -32.76 93.12 -43.59
C ILE G 33 -33.64 94.24 -44.16
N LYS G 34 -33.03 95.31 -44.66
CA LYS G 34 -33.80 96.45 -45.15
C LYS G 34 -34.81 96.04 -46.22
N GLY G 35 -34.50 95.01 -47.01
CA GLY G 35 -35.37 94.51 -48.05
C GLY G 35 -36.51 93.60 -47.62
N GLY G 36 -36.59 93.25 -46.34
CA GLY G 36 -37.65 92.39 -45.84
C GLY G 36 -37.31 90.92 -45.99
N CYS G 37 -37.93 90.11 -45.12
CA CYS G 37 -37.70 88.67 -45.09
C CYS G 37 -38.76 87.93 -45.88
N ASN G 38 -38.32 87.11 -46.84
CA ASN G 38 -39.23 86.15 -47.46
C ASN G 38 -39.32 84.91 -46.58
N VAL G 39 -40.54 84.50 -46.26
CA VAL G 39 -40.77 83.36 -45.39
C VAL G 39 -41.35 82.23 -46.24
N GLU G 40 -40.54 81.21 -46.51
CA GLU G 40 -41.04 80.06 -47.24
C GLU G 40 -40.57 78.77 -46.60
N GLU G 41 -39.99 77.86 -47.38
CA GLU G 41 -39.83 76.49 -46.90
C GLU G 41 -38.73 76.41 -45.82
N GLY G 42 -38.63 75.24 -45.21
CA GLY G 42 -37.68 75.06 -44.13
C GLY G 42 -38.17 75.72 -42.86
N LEU G 43 -37.24 76.29 -42.11
CA LEU G 43 -37.52 76.91 -40.83
C LEU G 43 -36.86 78.28 -40.79
N THR G 44 -37.62 79.30 -40.38
CA THR G 44 -37.11 80.66 -40.30
C THR G 44 -37.03 81.06 -38.83
N ILE G 45 -35.82 81.33 -38.34
CA ILE G 45 -35.58 81.62 -36.92
C ILE G 45 -35.17 83.08 -36.78
N PHE G 46 -35.89 83.81 -35.93
CA PHE G 46 -35.48 85.15 -35.55
C PHE G 46 -34.61 85.10 -34.29
N LEU G 47 -33.47 85.80 -34.32
CA LEU G 47 -32.66 86.00 -33.12
C LEU G 47 -33.06 87.35 -32.49
N VAL G 48 -33.62 87.30 -31.27
CA VAL G 48 -34.27 88.46 -30.68
C VAL G 48 -33.79 88.65 -29.24
N ASN G 49 -33.56 89.91 -28.88
CA ASN G 49 -33.23 90.28 -27.50
C ASN G 49 -34.20 91.35 -27.04
N ASN G 50 -34.02 91.81 -25.79
CA ASN G 50 -34.80 92.91 -25.24
C ASN G 50 -33.88 93.66 -24.29
N PRO G 51 -33.09 94.61 -24.80
CA PRO G 51 -32.11 95.31 -23.98
C PRO G 51 -32.68 95.92 -22.70
N GLY G 52 -32.13 95.52 -21.57
CA GLY G 52 -32.52 96.07 -20.28
C GLY G 52 -33.53 95.21 -19.53
N LYS G 53 -34.62 94.83 -20.20
CA LYS G 53 -35.68 94.07 -19.55
C LYS G 53 -35.27 92.61 -19.43
N GLU G 54 -35.02 92.15 -18.20
CA GLU G 54 -34.71 90.76 -17.98
C GLU G 54 -35.94 89.90 -18.28
N ASN G 55 -35.77 88.93 -19.19
CA ASN G 55 -36.88 88.08 -19.62
C ASN G 55 -38.03 88.90 -20.18
N GLY G 56 -37.70 90.00 -20.85
CA GLY G 56 -38.68 90.86 -21.48
C GLY G 56 -39.39 90.19 -22.63
N PRO G 57 -40.40 90.85 -23.18
CA PRO G 57 -41.21 90.23 -24.24
C PRO G 57 -40.51 90.23 -25.60
N VAL G 58 -40.93 89.27 -26.42
CA VAL G 58 -40.45 89.12 -27.79
C VAL G 58 -41.14 90.15 -28.68
N LYS G 59 -40.36 90.89 -29.44
CA LYS G 59 -40.88 91.77 -30.48
C LYS G 59 -40.06 91.58 -31.74
N ILE G 60 -40.74 91.38 -32.87
CA ILE G 60 -40.08 91.20 -34.17
C ILE G 60 -40.06 92.54 -34.89
N SER G 61 -38.87 93.06 -35.15
CA SER G 61 -38.77 94.37 -35.78
C SER G 61 -38.61 94.31 -37.29
N SER G 62 -38.08 93.22 -37.84
CA SER G 62 -37.79 93.15 -39.27
C SER G 62 -39.07 93.22 -40.11
N LYS G 63 -38.94 93.78 -41.31
CA LYS G 63 -40.01 93.71 -42.29
C LYS G 63 -40.12 92.27 -42.80
N VAL G 64 -41.34 91.74 -42.80
CA VAL G 64 -41.62 90.42 -43.34
C VAL G 64 -42.53 90.59 -44.55
N ASN G 65 -42.04 90.15 -45.71
CA ASN G 65 -42.76 90.31 -46.97
C ASN G 65 -43.85 89.25 -47.11
N ASP G 66 -44.82 89.33 -46.21
CA ASP G 66 -45.95 88.42 -46.20
C ASP G 66 -46.96 88.91 -45.18
N LYS G 67 -48.20 89.13 -45.64
CA LYS G 67 -49.21 89.72 -44.77
C LYS G 67 -49.64 88.73 -43.69
N GLN G 68 -49.82 87.46 -44.05
CA GLN G 68 -50.22 86.46 -43.06
C GLN G 68 -49.17 86.32 -41.97
N VAL G 69 -47.90 86.17 -42.36
CA VAL G 69 -46.84 85.98 -41.39
C VAL G 69 -46.64 87.25 -40.56
N SER G 70 -46.77 88.43 -41.18
CA SER G 70 -46.69 89.69 -40.44
C SER G 70 -47.77 89.79 -39.39
N GLU G 71 -49.00 89.41 -39.74
CA GLU G 71 -50.06 89.41 -38.73
C GLU G 71 -49.74 88.43 -37.61
N PHE G 72 -49.25 87.25 -37.95
CA PHE G 72 -48.90 86.25 -36.91
C PHE G 72 -47.85 86.81 -35.95
N LEU G 73 -46.85 87.52 -36.46
CA LEU G 73 -45.72 87.96 -35.68
C LEU G 73 -45.91 89.34 -35.05
N LYS G 74 -47.14 89.84 -35.02
CA LYS G 74 -47.31 91.17 -34.46
C LYS G 74 -47.04 91.16 -32.95
N ASP G 75 -46.75 92.35 -32.42
CA ASP G 75 -46.39 92.48 -31.02
C ASP G 75 -47.38 91.76 -30.10
N GLU G 76 -48.67 91.99 -30.31
CA GLU G 76 -49.67 91.43 -29.40
C GLU G 76 -49.66 89.91 -29.40
N ASN G 77 -49.28 89.30 -30.53
CA ASN G 77 -49.19 87.83 -30.55
C ASN G 77 -47.91 87.35 -29.90
N MET G 78 -46.83 88.13 -29.99
CA MET G 78 -45.53 87.72 -29.48
C MET G 78 -45.34 88.03 -28.00
N GLU G 79 -46.09 88.99 -27.44
CA GLU G 79 -45.83 89.44 -26.07
C GLU G 79 -45.95 88.32 -25.05
N LYS G 80 -46.64 87.23 -25.39
CA LYS G 80 -46.72 86.09 -24.49
C LYS G 80 -45.41 85.29 -24.42
N PHE G 81 -44.44 85.57 -25.27
CA PHE G 81 -43.15 84.89 -25.26
C PHE G 81 -42.06 85.83 -24.77
N ASN G 82 -41.06 85.31 -24.06
CA ASN G 82 -39.96 86.16 -23.61
C ASN G 82 -38.65 85.79 -24.28
N VAL G 83 -37.65 86.65 -24.04
CA VAL G 83 -36.38 86.61 -24.76
C VAL G 83 -35.28 85.90 -23.98
N LYS G 84 -35.64 85.22 -22.88
CA LYS G 84 -34.67 84.54 -22.03
C LYS G 84 -33.61 83.80 -22.85
N LEU G 85 -32.35 84.01 -22.49
CA LEU G 85 -31.24 83.47 -23.26
C LEU G 85 -31.35 81.96 -23.40
N GLY G 86 -31.35 81.47 -24.64
CA GLY G 86 -31.46 80.06 -24.92
C GLY G 86 -32.87 79.52 -25.06
N THR G 87 -33.88 80.32 -24.71
CA THR G 87 -35.27 79.93 -24.95
C THR G 87 -35.55 79.92 -26.45
N SER G 88 -36.49 79.08 -26.87
CA SER G 88 -36.93 79.05 -28.25
C SER G 88 -38.37 78.56 -28.32
N LYS G 89 -39.04 78.87 -29.44
CA LYS G 89 -40.39 78.42 -29.73
C LYS G 89 -40.52 78.16 -31.22
N HIS G 90 -41.38 77.21 -31.59
CA HIS G 90 -41.73 76.97 -32.98
C HIS G 90 -43.14 77.50 -33.26
N PHE G 91 -43.32 78.11 -34.43
CA PHE G 91 -44.60 78.60 -34.88
C PHE G 91 -44.97 77.92 -36.21
N TYR G 92 -46.25 77.73 -36.44
CA TYR G 92 -46.72 77.11 -37.67
C TYR G 92 -47.91 77.92 -38.21
N MET G 93 -47.90 78.18 -39.52
CA MET G 93 -48.90 79.05 -40.12
C MET G 93 -48.90 78.87 -41.64
N PHE G 94 -49.89 79.48 -42.29
CA PHE G 94 -49.97 79.50 -43.74
C PHE G 94 -49.58 80.88 -44.26
N ASN G 95 -48.79 80.92 -45.32
CA ASN G 95 -48.35 82.21 -45.82
C ASN G 95 -49.36 82.70 -46.86
N ASP G 96 -49.01 83.75 -47.61
CA ASP G 96 -49.92 84.37 -48.57
C ASP G 96 -50.20 83.49 -49.78
N ASN G 97 -49.32 82.55 -50.09
CA ASN G 97 -49.52 81.64 -51.21
C ASN G 97 -50.14 80.33 -50.78
N LYS G 98 -50.71 80.29 -49.58
CA LYS G 98 -51.43 79.14 -49.03
C LYS G 98 -50.52 77.97 -48.75
N ASN G 99 -49.23 78.21 -48.56
CA ASN G 99 -48.28 77.18 -48.17
C ASN G 99 -47.99 77.33 -46.69
N SER G 100 -47.94 76.20 -45.99
CA SER G 100 -47.59 76.24 -44.58
C SER G 100 -46.10 76.51 -44.41
N VAL G 101 -45.77 77.28 -43.39
CA VAL G 101 -44.39 77.65 -43.10
C VAL G 101 -44.14 77.48 -41.63
N ALA G 102 -42.88 77.15 -41.29
CA ALA G 102 -42.44 77.01 -39.92
C ALA G 102 -41.54 78.20 -39.59
N VAL G 103 -41.89 78.90 -38.51
CA VAL G 103 -41.15 80.06 -38.04
C VAL G 103 -40.83 79.79 -36.58
N GLY G 104 -39.89 80.55 -36.04
CA GLY G 104 -39.57 80.44 -34.63
C GLY G 104 -38.64 81.57 -34.23
N TYR G 105 -38.24 81.53 -32.97
CA TYR G 105 -37.25 82.48 -32.49
C TYR G 105 -36.37 81.81 -31.46
N VAL G 106 -35.18 82.36 -31.27
CA VAL G 106 -34.30 82.01 -30.17
C VAL G 106 -34.03 83.27 -29.36
N GLY G 107 -34.13 83.16 -28.04
CA GLY G 107 -33.93 84.32 -27.17
C GLY G 107 -32.46 84.59 -26.93
N CYS G 108 -32.06 85.84 -27.12
CA CYS G 108 -30.69 86.26 -26.89
C CYS G 108 -30.53 87.12 -25.63
N GLY G 109 -31.53 87.13 -24.75
CA GLY G 109 -31.33 87.71 -23.43
C GLY G 109 -31.56 89.22 -23.43
N SER G 110 -30.92 89.87 -22.45
CA SER G 110 -31.13 91.30 -22.22
C SER G 110 -29.88 92.14 -22.42
N VAL G 111 -28.71 91.54 -22.44
CA VAL G 111 -27.46 92.30 -22.56
C VAL G 111 -27.22 92.60 -24.03
N ALA G 112 -26.78 93.84 -24.31
CA ALA G 112 -26.55 94.24 -25.71
C ALA G 112 -25.38 93.51 -26.31
N ASP G 113 -24.29 93.36 -25.57
CA ASP G 113 -23.12 92.68 -26.12
C ASP G 113 -23.08 91.17 -25.83
N LEU G 114 -23.41 90.34 -26.83
CA LEU G 114 -23.35 88.90 -26.60
C LEU G 114 -21.87 88.48 -26.46
N SER G 115 -21.56 87.79 -25.37
CA SER G 115 -20.23 87.24 -25.24
C SER G 115 -20.10 85.95 -26.03
N GLU G 116 -18.86 85.49 -26.17
CA GLU G 116 -18.61 84.23 -26.86
C GLU G 116 -19.42 83.10 -26.25
N ALA G 117 -19.45 83.02 -24.91
CA ALA G 117 -20.18 81.94 -24.25
C ALA G 117 -21.69 82.13 -24.39
N ASP G 118 -22.18 83.36 -24.40
CA ASP G 118 -23.61 83.57 -24.63
C ASP G 118 -23.97 83.18 -26.06
N MET G 119 -23.18 83.63 -27.02
CA MET G 119 -23.44 83.31 -28.41
C MET G 119 -23.47 81.80 -28.62
N LYS G 120 -22.60 81.07 -27.91
CA LYS G 120 -22.56 79.62 -28.00
C LYS G 120 -23.86 78.99 -27.50
N ARG G 121 -24.44 79.56 -26.44
CA ARG G 121 -25.71 79.03 -25.96
C ARG G 121 -26.85 79.32 -26.93
N VAL G 122 -26.82 80.48 -27.58
CA VAL G 122 -27.79 80.73 -28.64
C VAL G 122 -27.67 79.68 -29.73
N VAL G 123 -26.43 79.35 -30.12
CA VAL G 123 -26.23 78.42 -31.23
C VAL G 123 -26.75 77.03 -30.84
N LEU G 124 -26.39 76.56 -29.64
CA LEU G 124 -26.88 75.27 -29.17
C LEU G 124 -28.41 75.21 -29.14
N SER G 125 -29.08 76.33 -28.84
CA SER G 125 -30.53 76.37 -28.95
C SER G 125 -30.98 76.18 -30.40
N LEU G 126 -30.35 76.90 -31.32
CA LEU G 126 -30.64 76.75 -32.74
C LEU G 126 -30.46 75.32 -33.18
N VAL G 127 -29.38 74.66 -32.74
CA VAL G 127 -29.07 73.32 -33.23
C VAL G 127 -30.12 72.31 -32.75
N THR G 128 -30.64 72.46 -31.53
CA THR G 128 -31.71 71.54 -31.11
C THR G 128 -32.96 71.69 -31.95
N MET G 129 -33.19 72.85 -32.57
CA MET G 129 -34.27 72.96 -33.53
C MET G 129 -33.92 72.31 -34.86
N LEU G 130 -32.63 72.22 -35.18
CA LEU G 130 -32.20 71.54 -36.40
C LEU G 130 -32.26 70.02 -36.25
N HIS G 131 -31.98 69.51 -35.05
CA HIS G 131 -31.92 68.07 -34.83
C HIS G 131 -33.32 67.50 -34.69
N ASP G 132 -33.49 66.27 -35.17
CA ASP G 132 -34.75 65.55 -35.11
C ASP G 132 -35.87 66.27 -35.88
N ASN G 133 -35.46 67.07 -36.87
CA ASN G 133 -36.40 67.74 -37.77
C ASN G 133 -35.80 67.69 -39.18
N LYS G 134 -36.35 66.83 -40.04
CA LYS G 134 -35.85 66.73 -41.41
C LYS G 134 -36.17 67.98 -42.23
N LEU G 135 -35.24 68.93 -42.27
CA LEU G 135 -35.41 70.23 -42.91
C LEU G 135 -34.49 70.36 -44.11
N SER G 136 -34.96 71.03 -45.16
CA SER G 136 -34.12 71.31 -46.32
C SER G 136 -33.48 72.69 -46.27
N LYS G 137 -34.03 73.62 -45.49
CA LYS G 137 -33.52 74.98 -45.43
C LYS G 137 -33.64 75.52 -44.01
N LEU G 138 -32.67 76.34 -43.59
CA LEU G 138 -32.80 77.16 -42.39
C LEU G 138 -32.57 78.61 -42.79
N THR G 139 -33.33 79.52 -42.19
CA THR G 139 -33.15 80.94 -42.43
C THR G 139 -33.03 81.64 -41.08
N VAL G 140 -31.99 82.45 -40.89
CA VAL G 140 -31.72 83.11 -39.61
C VAL G 140 -31.76 84.62 -39.80
N VAL G 141 -32.61 85.30 -39.02
CA VAL G 141 -32.75 86.75 -39.06
C VAL G 141 -32.10 87.32 -37.81
N PHE G 142 -31.04 88.10 -37.98
CA PHE G 142 -30.40 88.76 -36.84
C PHE G 142 -31.17 90.02 -36.50
N GLU G 143 -31.85 90.02 -35.35
CA GLU G 143 -32.41 91.23 -34.78
C GLU G 143 -31.62 91.64 -33.54
N ILE G 144 -30.35 91.23 -33.54
CA ILE G 144 -29.37 91.56 -32.51
C ILE G 144 -28.17 92.13 -33.24
N ASN G 145 -27.30 92.80 -32.49
CA ASN G 145 -26.15 93.47 -33.05
C ASN G 145 -24.91 92.62 -32.82
N VAL G 146 -24.26 92.21 -33.89
CA VAL G 146 -23.02 91.44 -33.82
C VAL G 146 -22.01 92.11 -34.75
N ASP G 147 -20.77 92.21 -34.30
CA ASP G 147 -19.74 92.67 -35.21
C ASP G 147 -19.30 91.55 -36.15
N LYS G 148 -18.47 91.91 -37.12
CA LYS G 148 -18.02 90.97 -38.15
C LYS G 148 -17.46 89.70 -37.55
N ASN G 149 -16.62 89.81 -36.52
CA ASN G 149 -16.00 88.64 -35.92
C ASN G 149 -17.02 87.79 -35.20
N LEU G 150 -18.00 88.43 -34.55
CA LEU G 150 -19.02 87.66 -33.85
C LEU G 150 -19.96 86.97 -34.82
N PHE G 151 -20.26 87.63 -35.95
CA PHE G 151 -21.07 86.99 -36.98
C PHE G 151 -20.37 85.73 -37.49
N ARG G 152 -19.05 85.84 -37.77
CA ARG G 152 -18.30 84.66 -38.19
C ARG G 152 -18.33 83.58 -37.11
N PHE G 153 -18.16 83.97 -35.85
CA PHE G 153 -18.15 83.00 -34.76
C PHE G 153 -19.47 82.24 -34.70
N PHE G 154 -20.58 82.94 -34.93
CA PHE G 154 -21.89 82.30 -35.00
C PHE G 154 -21.92 81.21 -36.07
N LEU G 155 -21.40 81.52 -37.26
CA LEU G 155 -21.44 80.55 -38.35
C LEU G 155 -20.53 79.37 -38.09
N GLU G 156 -19.29 79.63 -37.65
CA GLU G 156 -18.36 78.55 -37.31
C GLU G 156 -18.94 77.62 -36.26
N THR G 157 -19.54 78.19 -35.23
CA THR G 157 -20.09 77.42 -34.13
C THR G 157 -21.30 76.62 -34.60
N LEU G 158 -22.18 77.25 -35.39
CA LEU G 158 -23.29 76.53 -35.98
C LEU G 158 -22.81 75.33 -36.76
N PHE G 159 -21.88 75.55 -37.72
CA PHE G 159 -21.38 74.46 -38.53
C PHE G 159 -20.77 73.36 -37.66
N TYR G 160 -19.94 73.74 -36.68
CA TYR G 160 -19.26 72.74 -35.84
C TYR G 160 -20.26 71.90 -35.06
N GLU G 161 -21.22 72.53 -34.39
CA GLU G 161 -22.10 71.81 -33.48
C GLU G 161 -23.17 71.05 -34.23
N TYR G 162 -23.53 71.50 -35.44
CA TYR G 162 -24.49 70.78 -36.26
C TYR G 162 -23.92 69.45 -36.76
N MET G 163 -22.64 69.43 -37.15
CA MET G 163 -22.00 68.22 -37.62
C MET G 163 -22.01 67.14 -36.54
N THR G 164 -22.28 65.90 -36.95
CA THR G 164 -22.19 64.73 -36.08
C THR G 164 -21.17 63.76 -36.66
N ASP G 165 -20.20 63.35 -35.84
CA ASP G 165 -19.12 62.46 -36.26
C ASP G 165 -19.55 61.00 -36.10
N GLU G 166 -19.76 60.32 -37.23
CA GLU G 166 -20.22 58.94 -37.24
C GLU G 166 -19.15 57.97 -37.75
N ARG G 167 -17.88 58.40 -37.76
CA ARG G 167 -16.83 57.59 -38.34
C ARG G 167 -16.72 56.23 -37.67
N PHE G 168 -16.97 56.17 -36.37
CA PHE G 168 -16.75 54.93 -35.65
C PHE G 168 -18.05 54.21 -35.35
N LYS G 169 -19.18 54.73 -35.83
CA LYS G 169 -20.44 54.02 -35.78
C LYS G 169 -20.44 52.89 -36.79
N SER G 170 -21.10 51.80 -36.45
CA SER G 170 -21.22 50.70 -37.39
C SER G 170 -22.66 50.21 -37.39
N THR G 171 -23.09 49.64 -36.28
CA THR G 171 -24.47 49.18 -36.18
C THR G 171 -25.40 50.25 -35.61
N ASP G 172 -24.88 51.42 -35.24
CA ASP G 172 -25.65 52.40 -34.48
C ASP G 172 -25.69 53.77 -35.16
N LYS G 173 -25.55 53.80 -36.49
CA LYS G 173 -25.73 55.08 -37.18
C LYS G 173 -27.17 55.57 -37.00
N ASN G 174 -27.31 56.89 -36.95
CA ASN G 174 -28.61 57.54 -36.84
C ASN G 174 -29.34 57.45 -38.18
N VAL G 175 -30.42 56.67 -38.22
CA VAL G 175 -31.19 56.46 -39.45
C VAL G 175 -31.89 57.73 -39.94
N ASN G 176 -32.16 58.69 -39.06
CA ASN G 176 -32.86 59.91 -39.44
C ASN G 176 -31.92 61.08 -39.74
N MET G 177 -30.61 60.85 -39.71
CA MET G 177 -29.62 61.89 -39.97
C MET G 177 -29.75 62.48 -41.37
N GLU G 178 -30.16 63.74 -41.48
CA GLU G 178 -30.05 64.45 -42.74
C GLU G 178 -29.95 65.94 -42.47
N TYR G 179 -29.24 66.64 -43.36
CA TYR G 179 -28.78 67.99 -43.14
C TYR G 179 -29.47 68.97 -44.09
N ILE G 180 -29.65 70.21 -43.64
CA ILE G 180 -30.18 71.23 -44.52
C ILE G 180 -29.27 71.39 -45.72
N LYS G 181 -29.84 71.81 -46.84
CA LYS G 181 -29.06 72.09 -48.03
C LYS G 181 -28.83 73.57 -48.25
N HIS G 182 -29.57 74.43 -47.57
CA HIS G 182 -29.56 75.86 -47.82
C HIS G 182 -29.64 76.60 -46.50
N LEU G 183 -28.83 77.65 -46.38
CA LEU G 183 -28.86 78.50 -45.19
C LEU G 183 -28.93 79.95 -45.65
N GLY G 184 -30.01 80.64 -45.30
CA GLY G 184 -30.14 82.04 -45.56
C GLY G 184 -29.94 82.84 -44.28
N VAL G 185 -29.34 84.02 -44.43
CA VAL G 185 -29.05 84.90 -43.31
C VAL G 185 -29.52 86.30 -43.68
N TYR G 186 -30.39 86.87 -42.85
CA TYR G 186 -30.87 88.24 -42.96
C TYR G 186 -30.20 89.05 -41.88
N ILE G 187 -29.49 90.10 -42.28
CA ILE G 187 -28.77 90.93 -41.31
C ILE G 187 -28.68 92.34 -41.88
N ASN G 188 -28.57 93.32 -40.99
CA ASN G 188 -28.36 94.69 -41.42
C ASN G 188 -26.93 94.87 -41.94
N ASN G 189 -26.80 95.64 -43.03
CA ASN G 189 -25.52 95.88 -43.70
C ASN G 189 -24.87 94.58 -44.17
N ALA G 190 -25.63 93.83 -44.98
CA ALA G 190 -25.23 92.47 -45.32
C ALA G 190 -23.94 92.43 -46.13
N ASP G 191 -23.72 93.42 -47.00
CA ASP G 191 -22.53 93.38 -47.84
C ASP G 191 -21.25 93.37 -47.03
N THR G 192 -21.25 93.95 -45.83
CA THR G 192 -20.03 93.92 -45.03
C THR G 192 -19.85 92.62 -44.27
N TYR G 193 -20.87 91.76 -44.23
CA TYR G 193 -20.81 90.48 -43.55
C TYR G 193 -20.60 89.29 -44.48
N LYS G 194 -20.83 89.48 -45.78
CA LYS G 194 -20.69 88.39 -46.75
C LYS G 194 -19.29 87.79 -46.74
N GLU G 195 -18.27 88.64 -46.59
CA GLU G 195 -16.90 88.13 -46.61
C GLU G 195 -16.64 87.13 -45.49
N GLU G 196 -17.42 87.18 -44.40
CA GLU G 196 -17.21 86.27 -43.28
C GLU G 196 -17.66 84.85 -43.58
N VAL G 197 -18.49 84.65 -44.60
CA VAL G 197 -19.16 83.37 -44.77
C VAL G 197 -18.18 82.27 -45.14
N GLU G 198 -17.35 82.50 -46.17
CA GLU G 198 -16.42 81.45 -46.53
C GLU G 198 -15.23 81.38 -45.57
N LYS G 199 -14.88 82.48 -44.89
CA LYS G 199 -13.90 82.36 -43.82
C LYS G 199 -14.44 81.42 -42.72
N ALA G 200 -15.71 81.56 -42.37
CA ALA G 200 -16.30 80.72 -41.33
C ALA G 200 -16.30 79.25 -41.73
N ARG G 201 -16.58 78.97 -43.00
CA ARG G 201 -16.60 77.58 -43.45
C ARG G 201 -15.19 76.99 -43.46
N VAL G 202 -14.19 77.81 -43.76
CA VAL G 202 -12.81 77.34 -43.68
C VAL G 202 -12.42 77.13 -42.21
N TYR G 203 -12.72 78.12 -41.36
CA TYR G 203 -12.44 78.01 -39.93
C TYR G 203 -13.16 76.82 -39.32
N TYR G 204 -14.43 76.61 -39.68
CA TYR G 204 -15.15 75.45 -39.18
C TYR G 204 -14.44 74.15 -39.52
N PHE G 205 -13.97 74.00 -40.77
CA PHE G 205 -13.41 72.69 -41.09
C PHE G 205 -12.02 72.48 -40.49
N GLY G 206 -11.20 73.51 -40.39
CA GLY G 206 -9.95 73.36 -39.67
C GLY G 206 -10.20 72.93 -38.23
N THR G 207 -11.22 73.50 -37.61
CA THR G 207 -11.57 73.11 -36.25
C THR G 207 -12.12 71.68 -36.22
N TYR G 208 -13.00 71.35 -37.16
CA TYR G 208 -13.60 70.03 -37.17
C TYR G 208 -12.59 68.96 -37.55
N TYR G 209 -11.63 69.29 -38.40
CA TYR G 209 -10.58 68.34 -38.74
C TYR G 209 -9.73 68.03 -37.53
N ALA G 210 -9.26 69.08 -36.84
CA ALA G 210 -8.58 68.87 -35.56
C ALA G 210 -9.42 67.98 -34.65
N SER G 211 -10.70 68.30 -34.51
CA SER G 211 -11.62 67.52 -33.69
C SER G 211 -11.62 66.03 -34.09
N GLN G 212 -11.66 65.74 -35.40
CA GLN G 212 -11.67 64.36 -35.85
C GLN G 212 -10.40 63.61 -35.43
N LEU G 213 -9.27 64.31 -35.41
CA LEU G 213 -8.02 63.66 -35.04
C LEU G 213 -7.96 63.41 -33.54
N ILE G 214 -8.44 64.36 -32.74
CA ILE G 214 -8.41 64.16 -31.29
C ILE G 214 -9.34 63.03 -30.90
N ALA G 215 -10.58 63.06 -31.40
CA ALA G 215 -11.56 62.04 -31.07
C ALA G 215 -11.15 60.67 -31.57
N ALA G 216 -10.33 60.62 -32.62
CA ALA G 216 -9.83 59.32 -33.06
C ALA G 216 -9.09 58.65 -31.92
N PRO G 217 -9.50 57.44 -31.53
CA PRO G 217 -8.82 56.71 -30.43
C PRO G 217 -7.38 56.36 -30.79
N SER G 218 -6.63 55.96 -29.78
CA SER G 218 -5.19 55.82 -29.93
C SER G 218 -4.78 54.58 -30.72
N ASN G 219 -5.65 53.59 -30.86
CA ASN G 219 -5.35 52.50 -31.78
C ASN G 219 -5.55 52.90 -33.24
N TYR G 220 -6.41 53.90 -33.51
CA TYR G 220 -6.53 54.45 -34.86
C TYR G 220 -5.49 55.52 -35.10
N CYS G 221 -5.34 56.45 -34.15
CA CYS G 221 -4.47 57.60 -34.25
C CYS G 221 -3.24 57.34 -33.39
N ASN G 222 -2.14 56.97 -34.05
CA ASN G 222 -0.86 56.64 -33.44
C ASN G 222 0.20 57.47 -34.16
N PRO G 223 1.48 57.45 -33.74
CA PRO G 223 2.48 58.33 -34.40
C PRO G 223 2.63 58.13 -35.91
N VAL G 224 2.52 56.90 -36.39
CA VAL G 224 2.67 56.64 -37.82
C VAL G 224 1.43 57.10 -38.58
N SER G 225 0.23 56.71 -38.14
CA SER G 225 -0.97 57.10 -38.87
C SER G 225 -1.25 58.60 -38.77
N LEU G 226 -0.90 59.24 -37.64
CA LEU G 226 -1.10 60.68 -37.56
C LEU G 226 -0.15 61.43 -38.48
N SER G 227 1.11 60.98 -38.56
CA SER G 227 2.05 61.60 -39.49
C SER G 227 1.64 61.29 -40.93
N ASN G 228 1.18 60.06 -41.21
CA ASN G 228 0.61 59.79 -42.53
C ASN G 228 -0.52 60.75 -42.86
N ALA G 229 -1.40 61.01 -41.89
CA ALA G 229 -2.53 61.90 -42.15
C ALA G 229 -2.07 63.32 -42.42
N ALA G 230 -0.99 63.77 -41.76
CA ALA G 230 -0.45 65.10 -42.03
C ALA G 230 0.13 65.16 -43.44
N VAL G 231 0.73 64.07 -43.92
CA VAL G 231 1.26 64.05 -45.28
C VAL G 231 0.13 64.20 -46.28
N GLU G 232 -0.97 63.48 -46.06
CA GLU G 232 -2.09 63.56 -46.99
C GLU G 232 -2.68 64.97 -46.98
N LEU G 233 -2.75 65.61 -45.80
CA LEU G 233 -3.24 66.97 -45.72
C LEU G 233 -2.33 67.93 -46.49
N ALA G 234 -1.02 67.78 -46.30
CA ALA G 234 -0.06 68.61 -47.04
C ALA G 234 -0.16 68.37 -48.55
N GLN G 235 -0.32 67.12 -48.95
CA GLN G 235 -0.48 66.83 -50.38
C GLN G 235 -1.74 67.48 -50.95
N LYS G 236 -2.82 67.54 -50.18
CA LYS G 236 -4.07 68.14 -50.68
C LYS G 236 -3.99 69.66 -50.76
N LEU G 237 -3.24 70.30 -49.88
CA LEU G 237 -3.15 71.75 -49.83
C LEU G 237 -1.94 72.29 -50.58
N ASN G 238 -1.06 71.40 -51.06
CA ASN G 238 0.17 71.83 -51.72
C ASN G 238 1.12 72.51 -50.75
N LEU G 239 1.23 71.97 -49.54
CA LEU G 239 2.26 72.41 -48.61
C LEU G 239 3.51 71.55 -48.77
N GLU G 240 4.65 72.12 -48.40
CA GLU G 240 5.85 71.30 -48.32
C GLU G 240 5.79 70.51 -47.03
N TYR G 241 6.47 69.38 -47.01
CA TYR G 241 6.38 68.54 -45.83
C TYR G 241 7.62 67.68 -45.72
N LYS G 242 7.85 67.22 -44.51
CA LYS G 242 8.97 66.34 -44.22
C LYS G 242 8.62 65.65 -42.91
N ILE G 243 8.65 64.32 -42.91
CA ILE G 243 8.46 63.49 -41.72
C ILE G 243 9.82 62.92 -41.37
N LEU G 244 10.35 63.27 -40.21
CA LEU G 244 11.61 62.71 -39.76
C LEU G 244 11.34 61.46 -38.94
N GLY G 245 12.09 60.38 -39.25
CA GLY G 245 12.00 59.15 -38.52
C GLY G 245 13.14 59.00 -37.52
N VAL G 246 13.18 57.82 -36.88
CA VAL G 246 14.09 57.60 -35.76
C VAL G 246 15.52 57.92 -36.15
N LYS G 247 15.97 57.37 -37.29
CA LYS G 247 17.37 57.55 -37.68
C LYS G 247 17.73 59.02 -37.88
N GLU G 248 16.86 59.78 -38.55
CA GLU G 248 17.14 61.21 -38.67
C GLU G 248 17.08 61.90 -37.31
N LEU G 249 16.20 61.46 -36.41
CA LEU G 249 16.10 62.09 -35.10
C LEU G 249 17.33 61.76 -34.26
N GLU G 250 17.85 60.54 -34.40
CA GLU G 250 19.10 60.18 -33.76
C GLU G 250 20.24 61.08 -34.25
N GLU G 251 20.27 61.33 -35.57
CA GLU G 251 21.28 62.20 -36.17
C GLU G 251 21.22 63.59 -35.60
N LEU G 252 20.02 64.11 -35.33
CA LEU G 252 19.85 65.42 -34.74
C LEU G 252 19.95 65.39 -33.23
N LYS G 253 20.18 64.21 -32.65
CA LYS G 253 20.45 64.07 -31.22
C LYS G 253 19.28 64.54 -30.36
N MET G 254 18.05 64.23 -30.80
CA MET G 254 16.84 64.57 -30.05
C MET G 254 16.58 63.57 -28.92
N GLY G 255 17.50 63.55 -27.97
CA GLY G 255 17.44 62.53 -26.94
C GLY G 255 16.23 62.62 -26.03
N ALA G 256 15.74 63.82 -25.74
CA ALA G 256 14.61 63.93 -24.84
C ALA G 256 13.35 63.36 -25.49
N TYR G 257 13.05 63.83 -26.70
CA TYR G 257 11.95 63.33 -27.51
C TYR G 257 12.06 61.83 -27.77
N LEU G 258 13.25 61.33 -28.13
CA LEU G 258 13.36 59.91 -28.41
C LEU G 258 13.16 59.06 -27.15
N SER G 259 13.64 59.55 -26.00
CA SER G 259 13.46 58.81 -24.76
C SER G 259 11.99 58.55 -24.46
N VAL G 260 11.13 59.54 -24.73
CA VAL G 260 9.72 59.42 -24.42
C VAL G 260 9.08 58.29 -25.20
N GLY G 261 9.43 58.15 -26.48
CA GLY G 261 8.82 57.14 -27.32
C GLY G 261 9.46 55.77 -27.29
N LYS G 262 10.57 55.62 -26.56
CA LYS G 262 11.31 54.36 -26.51
C LYS G 262 10.41 53.17 -26.23
N GLY G 263 9.43 53.34 -25.34
CA GLY G 263 8.60 52.24 -24.90
C GLY G 263 7.42 51.92 -25.78
N SER G 264 7.31 52.59 -26.94
CA SER G 264 6.15 52.44 -27.81
C SER G 264 6.47 51.48 -28.95
N MET G 265 5.45 50.74 -29.38
CA MET G 265 5.57 49.93 -30.59
C MET G 265 5.56 50.77 -31.85
N TYR G 266 5.09 52.03 -31.79
CA TYR G 266 5.06 52.91 -32.97
C TYR G 266 6.29 53.80 -32.97
N PRO G 267 7.08 53.80 -34.06
CA PRO G 267 8.26 54.67 -34.12
C PRO G 267 7.89 56.14 -34.03
N ASN G 268 8.79 56.93 -33.45
CA ASN G 268 8.60 58.38 -33.42
C ASN G 268 8.54 58.94 -34.83
N LYS G 269 7.68 59.94 -35.02
CA LYS G 269 7.55 60.66 -36.28
C LYS G 269 7.47 62.15 -36.00
N PHE G 270 8.43 62.91 -36.48
CA PHE G 270 8.44 64.36 -36.33
C PHE G 270 7.87 65.00 -37.59
N ILE G 271 6.75 65.73 -37.45
CA ILE G 271 6.04 66.36 -38.55
C ILE G 271 6.58 67.76 -38.78
N HIS G 272 6.84 68.09 -40.05
CA HIS G 272 7.29 69.44 -40.43
C HIS G 272 6.59 69.81 -41.73
N LEU G 273 5.51 70.59 -41.62
CA LEU G 273 4.86 71.18 -42.78
C LEU G 273 5.29 72.63 -42.91
N THR G 274 5.33 73.12 -44.15
CA THR G 274 5.67 74.51 -44.40
C THR G 274 4.70 75.12 -45.40
N TYR G 275 4.20 76.29 -45.08
CA TYR G 275 3.58 77.19 -46.01
C TYR G 275 4.53 78.36 -46.26
N LYS G 276 4.71 78.76 -47.52
CA LYS G 276 5.42 80.00 -47.82
C LYS G 276 4.65 80.77 -48.87
N SER G 277 4.49 82.07 -48.64
CA SER G 277 3.77 82.94 -49.57
C SER G 277 4.55 83.13 -50.86
N LYS G 278 3.82 83.53 -51.91
CA LYS G 278 4.44 83.64 -53.23
C LYS G 278 5.37 84.84 -53.32
N GLY G 279 5.05 85.94 -52.64
CA GLY G 279 5.82 87.17 -52.76
C GLY G 279 7.03 87.24 -51.85
N ASP G 280 7.34 88.46 -51.40
CA ASP G 280 8.43 88.68 -50.46
C ASP G 280 7.97 88.29 -49.06
N VAL G 281 8.81 87.53 -48.37
CA VAL G 281 8.48 87.03 -47.05
C VAL G 281 8.91 88.08 -46.03
N LYS G 282 7.97 88.56 -45.23
CA LYS G 282 8.26 89.60 -44.25
C LYS G 282 8.14 89.12 -42.81
N LYS G 283 7.73 87.86 -42.60
CA LYS G 283 7.63 87.32 -41.24
C LYS G 283 7.69 85.80 -41.34
N LYS G 284 8.48 85.17 -40.47
CA LYS G 284 8.56 83.72 -40.39
C LYS G 284 8.11 83.26 -39.02
N ILE G 285 7.18 82.31 -38.99
CA ILE G 285 6.58 81.83 -37.75
C ILE G 285 6.72 80.32 -37.64
N ALA G 286 7.01 79.82 -36.44
CA ALA G 286 6.96 78.40 -36.16
C ALA G 286 5.84 78.12 -35.17
N LEU G 287 4.88 77.27 -35.57
CA LEU G 287 3.80 76.80 -34.70
C LEU G 287 4.12 75.37 -34.28
N VAL G 288 4.19 75.12 -32.97
CA VAL G 288 4.62 73.84 -32.42
C VAL G 288 3.47 73.25 -31.59
N GLY G 289 3.06 72.03 -31.93
CA GLY G 289 1.99 71.37 -31.19
C GLY G 289 2.47 70.11 -30.49
N LYS G 290 2.10 69.94 -29.22
CA LYS G 290 2.39 68.69 -28.53
C LYS G 290 1.57 67.57 -29.13
N GLY G 291 2.25 66.46 -29.46
CA GLY G 291 1.61 65.35 -30.16
C GLY G 291 1.81 64.00 -29.53
N ILE G 292 1.33 63.83 -28.30
CA ILE G 292 1.36 62.54 -27.61
C ILE G 292 0.05 61.83 -27.92
N THR G 293 0.12 60.77 -28.76
CA THR G 293 -1.10 60.14 -29.27
C THR G 293 -1.76 59.25 -28.21
N PHE G 294 -1.00 58.73 -27.26
CA PHE G 294 -1.56 58.23 -26.02
C PHE G 294 -0.57 58.46 -24.89
N ASP G 295 -1.08 58.95 -23.77
CA ASP G 295 -0.25 59.18 -22.59
C ASP G 295 -0.74 58.27 -21.47
N SER G 296 -0.08 57.12 -21.31
CA SER G 296 -0.38 56.28 -20.16
C SER G 296 0.25 56.80 -18.88
N GLY G 297 1.15 57.78 -18.99
CA GLY G 297 1.99 58.19 -17.90
C GLY G 297 3.36 57.53 -17.87
N GLY G 298 3.54 56.43 -18.61
CA GLY G 298 4.79 55.69 -18.51
C GLY G 298 4.87 54.93 -17.19
N TYR G 299 6.10 54.72 -16.70
CA TYR G 299 6.25 54.05 -15.42
C TYR G 299 5.63 54.85 -14.28
N ASN G 300 5.48 56.16 -14.43
CA ASN G 300 4.63 56.96 -13.53
C ASN G 300 3.20 56.86 -14.08
N LEU G 301 2.68 55.64 -13.99
CA LEU G 301 1.42 55.30 -14.66
C LEU G 301 0.30 56.17 -14.12
N LYS G 302 -0.60 56.60 -15.01
CA LYS G 302 -1.76 57.36 -14.60
C LYS G 302 -2.72 56.42 -13.89
N ALA G 303 -2.52 56.23 -12.58
CA ALA G 303 -3.31 55.31 -11.80
C ALA G 303 -3.92 55.97 -10.56
N ALA G 304 -3.70 57.23 -10.37
CA ALA G 304 -4.33 57.90 -9.24
C ALA G 304 -5.78 58.19 -9.58
N PRO G 305 -6.66 58.17 -8.58
CA PRO G 305 -8.07 58.52 -8.84
C PRO G 305 -8.16 59.95 -9.38
N GLY G 306 -9.01 60.14 -10.39
CA GLY G 306 -9.08 61.42 -11.08
C GLY G 306 -8.04 61.63 -12.17
N SER G 307 -7.12 60.69 -12.40
CA SER G 307 -6.13 60.90 -13.44
C SER G 307 -6.66 60.63 -14.83
N MET G 308 -7.83 60.03 -14.94
CA MET G 308 -8.57 59.84 -16.21
C MET G 308 -7.68 59.34 -17.35
N ILE G 309 -7.07 58.16 -17.21
CA ILE G 309 -6.25 57.62 -18.27
C ILE G 309 -7.03 57.40 -19.56
N ASP G 310 -8.33 57.14 -19.46
CA ASP G 310 -9.14 56.88 -20.66
C ASP G 310 -9.39 58.12 -21.52
N LEU G 311 -9.06 59.31 -21.04
CA LEU G 311 -9.16 60.50 -21.86
C LEU G 311 -7.91 60.76 -22.72
N MET G 312 -6.82 60.02 -22.51
CA MET G 312 -5.50 60.49 -22.91
C MET G 312 -5.18 60.32 -24.40
N LYS G 313 -6.11 59.80 -25.21
CA LYS G 313 -5.99 60.00 -26.66
C LYS G 313 -5.97 61.48 -27.03
N PHE G 314 -6.40 62.36 -26.13
CA PHE G 314 -6.51 63.78 -26.44
C PHE G 314 -5.23 64.54 -26.20
N ASP G 315 -4.16 63.86 -25.79
CA ASP G 315 -2.90 64.50 -25.50
C ASP G 315 -2.14 64.92 -26.78
N MET G 316 -2.75 64.75 -27.96
CA MET G 316 -2.21 65.32 -29.20
C MET G 316 -3.08 66.49 -29.72
N SER G 317 -3.95 67.04 -28.85
CA SER G 317 -4.81 68.16 -29.22
C SER G 317 -4.00 69.34 -29.75
N GLY G 318 -2.84 69.58 -29.17
CA GLY G 318 -1.98 70.66 -29.69
C GLY G 318 -1.55 70.41 -31.12
N CYS G 319 -0.97 69.23 -31.38
CA CYS G 319 -0.63 68.87 -32.75
C CYS G 319 -1.87 68.97 -33.65
N ALA G 320 -3.03 68.56 -33.13
CA ALA G 320 -4.24 68.66 -33.95
C ALA G 320 -4.56 70.11 -34.28
N ALA G 321 -4.45 71.01 -33.30
CA ALA G 321 -4.69 72.43 -33.58
C ALA G 321 -3.70 72.96 -34.60
N VAL G 322 -2.43 72.54 -34.52
CA VAL G 322 -1.46 73.07 -35.47
C VAL G 322 -1.73 72.57 -36.89
N LEU G 323 -2.21 71.32 -37.03
CA LEU G 323 -2.59 70.81 -38.36
C LEU G 323 -3.89 71.46 -38.85
N GLY G 324 -4.85 71.68 -37.95
CA GLY G 324 -6.04 72.44 -38.34
C GLY G 324 -5.69 73.83 -38.83
N CYS G 325 -4.79 74.50 -38.12
CA CYS G 325 -4.29 75.79 -38.59
C CYS G 325 -3.64 75.67 -39.97
N ALA G 326 -2.94 74.56 -40.23
CA ALA G 326 -2.32 74.37 -41.54
C ALA G 326 -3.37 74.27 -42.63
N TYR G 327 -4.49 73.61 -42.35
CA TYR G 327 -5.58 73.59 -43.32
C TYR G 327 -6.07 75.00 -43.61
N CYS G 328 -6.28 75.81 -42.57
CA CYS G 328 -6.82 77.15 -42.77
C CYS G 328 -5.84 78.03 -43.53
N VAL G 329 -4.56 77.97 -43.19
CA VAL G 329 -3.55 78.82 -43.82
C VAL G 329 -3.32 78.38 -45.27
N GLY G 330 -3.17 77.07 -45.49
CA GLY G 330 -3.00 76.57 -46.85
C GLY G 330 -4.18 76.85 -47.74
N THR G 331 -5.35 77.13 -47.15
CA THR G 331 -6.57 77.36 -47.91
C THR G 331 -6.77 78.85 -48.16
N LEU G 332 -6.62 79.66 -47.12
CA LEU G 332 -6.78 81.11 -47.23
C LEU G 332 -5.57 81.76 -47.87
N LYS G 333 -4.42 81.14 -47.80
CA LYS G 333 -3.19 81.58 -48.48
C LYS G 333 -2.80 83.02 -48.18
N PRO G 334 -2.51 83.35 -46.92
CA PRO G 334 -2.01 84.69 -46.59
C PRO G 334 -0.70 85.01 -47.29
N GLU G 335 -0.46 86.30 -47.47
CA GLU G 335 0.71 86.82 -48.17
C GLU G 335 1.78 87.26 -47.17
N ASN G 336 3.00 87.38 -47.68
CA ASN G 336 4.15 87.95 -46.98
C ASN G 336 4.59 87.16 -45.76
N VAL G 337 4.27 85.87 -45.68
CA VAL G 337 4.61 85.13 -44.47
C VAL G 337 5.06 83.72 -44.84
N GLU G 338 5.88 83.13 -43.97
CA GLU G 338 6.28 81.74 -44.06
C GLU G 338 5.98 81.07 -42.72
N ILE G 339 5.18 80.01 -42.74
CA ILE G 339 4.75 79.33 -41.52
C ILE G 339 5.25 77.89 -41.54
N HIS G 340 5.89 77.48 -40.44
CA HIS G 340 6.29 76.10 -40.20
C HIS G 340 5.37 75.50 -39.15
N PHE G 341 4.81 74.32 -39.44
CA PHE G 341 3.92 73.59 -38.56
C PHE G 341 4.68 72.35 -38.11
N LEU G 342 4.97 72.27 -36.81
CA LEU G 342 5.87 71.28 -36.25
C LEU G 342 5.12 70.45 -35.21
N SER G 343 5.44 69.15 -35.14
CA SER G 343 4.99 68.35 -34.00
C SER G 343 5.90 67.15 -33.82
N ALA G 344 6.39 66.96 -32.60
CA ALA G 344 7.19 65.79 -32.26
C ALA G 344 6.24 64.71 -31.75
N VAL G 345 5.71 63.90 -32.66
CA VAL G 345 4.67 62.93 -32.35
C VAL G 345 5.30 61.66 -31.80
N CYS G 346 4.74 61.16 -30.69
CA CYS G 346 5.12 59.86 -30.15
C CYS G 346 4.03 59.40 -29.19
N GLU G 347 4.27 58.24 -28.55
CA GLU G 347 3.33 57.62 -27.62
C GLU G 347 4.08 57.30 -26.32
N ASN G 348 3.44 57.51 -25.17
CA ASN G 348 4.09 57.33 -23.85
C ASN G 348 3.58 56.06 -23.17
N MET G 349 4.36 54.97 -23.25
CA MET G 349 3.85 53.65 -22.90
C MET G 349 4.73 52.96 -21.86
N VAL G 350 4.25 51.82 -21.36
CA VAL G 350 4.97 51.03 -20.38
C VAL G 350 5.50 49.78 -21.06
N SER G 351 6.81 49.53 -20.89
CA SER G 351 7.49 48.48 -21.64
C SER G 351 8.80 48.16 -20.95
N LYS G 352 9.37 47.01 -21.30
CA LYS G 352 10.77 46.76 -20.95
C LYS G 352 11.70 47.81 -21.55
N ASN G 353 11.25 48.49 -22.62
CA ASN G 353 12.06 49.44 -23.36
C ASN G 353 11.82 50.90 -22.97
N SER G 354 10.85 51.18 -22.12
CA SER G 354 10.50 52.56 -21.77
C SER G 354 11.61 53.20 -20.97
N TYR G 355 11.65 54.54 -21.04
CA TYR G 355 12.55 55.30 -20.20
C TYR G 355 12.07 55.28 -18.75
N ARG G 356 13.02 55.48 -17.83
CA ARG G 356 12.69 55.29 -16.44
C ARG G 356 12.67 56.61 -15.65
N PRO G 357 11.89 56.68 -14.58
CA PRO G 357 12.08 57.77 -13.61
C PRO G 357 13.53 57.78 -13.13
N GLY G 358 14.14 58.98 -13.10
CA GLY G 358 15.53 59.09 -12.77
C GLY G 358 16.52 59.00 -13.92
N ASP G 359 16.10 58.57 -15.12
CA ASP G 359 17.03 58.55 -16.24
C ASP G 359 17.53 59.96 -16.57
N ILE G 360 18.79 60.07 -16.94
CA ILE G 360 19.36 61.35 -17.39
C ILE G 360 19.52 61.28 -18.90
N ILE G 361 18.94 62.25 -19.58
CA ILE G 361 18.86 62.22 -21.04
C ILE G 361 19.38 63.55 -21.57
N THR G 362 19.89 63.53 -22.80
CA THR G 362 20.50 64.71 -23.38
C THR G 362 19.61 65.22 -24.52
N ALA G 363 19.15 66.46 -24.39
CA ALA G 363 18.38 67.11 -25.45
C ALA G 363 19.30 67.51 -26.60
N SER G 364 18.69 67.97 -27.70
CA SER G 364 19.45 68.27 -28.92
C SER G 364 20.31 69.53 -28.80
N ASN G 365 20.12 70.35 -27.77
CA ASN G 365 21.02 71.48 -27.56
C ASN G 365 22.11 71.15 -26.55
N GLY G 366 22.23 69.87 -26.16
CA GLY G 366 23.25 69.44 -25.22
C GLY G 366 22.89 69.53 -23.75
N LYS G 367 21.78 70.16 -23.39
CA LYS G 367 21.37 70.20 -21.98
C LYS G 367 20.99 68.80 -21.48
N THR G 368 21.67 68.31 -20.43
CA THR G 368 21.27 67.04 -19.82
C THR G 368 20.08 67.27 -18.87
N ILE G 369 19.13 66.33 -18.90
CA ILE G 369 17.89 66.48 -18.16
C ILE G 369 17.69 65.25 -17.28
N GLU G 370 17.47 65.49 -15.98
CA GLU G 370 17.13 64.43 -15.04
C GLU G 370 15.62 64.24 -14.99
N VAL G 371 15.15 63.06 -15.39
CA VAL G 371 13.73 62.75 -15.41
C VAL G 371 13.27 62.42 -13.99
N GLY G 372 12.29 63.17 -13.48
CA GLY G 372 11.75 62.88 -12.17
C GLY G 372 10.40 62.21 -12.22
N ASN G 373 9.70 62.35 -13.36
CA ASN G 373 8.36 61.77 -13.52
C ASN G 373 8.12 61.53 -15.00
N THR G 374 7.96 60.26 -15.40
CA THR G 374 7.75 59.98 -16.81
C THR G 374 6.41 60.50 -17.34
N ASP G 375 5.48 60.84 -16.47
CA ASP G 375 4.24 61.44 -16.93
C ASP G 375 4.40 62.91 -17.26
N ALA G 376 5.57 63.50 -17.05
CA ALA G 376 5.78 64.86 -17.57
C ALA G 376 6.50 64.81 -18.91
N GLU G 377 6.00 63.99 -19.84
CA GLU G 377 6.72 63.73 -21.09
C GLU G 377 6.54 64.84 -22.13
N GLY G 378 5.39 65.52 -22.11
CA GLY G 378 5.12 66.57 -23.10
C GLY G 378 6.20 67.62 -23.15
N ARG G 379 6.68 68.09 -22.00
CA ARG G 379 7.73 69.12 -22.01
C ARG G 379 9.05 68.58 -22.53
N LEU G 380 9.27 67.26 -22.44
CA LEU G 380 10.49 66.68 -22.98
C LEU G 380 10.46 66.70 -24.50
N THR G 381 9.33 66.30 -25.08
CA THR G 381 9.19 66.28 -26.52
C THR G 381 9.17 67.70 -27.08
N LEU G 382 8.60 68.64 -26.33
CA LEU G 382 8.56 70.01 -26.80
C LEU G 382 9.92 70.66 -26.72
N ALA G 383 10.75 70.23 -25.76
CA ALA G 383 12.11 70.77 -25.67
C ALA G 383 12.88 70.54 -26.97
N ASP G 384 12.83 69.31 -27.50
CA ASP G 384 13.56 69.04 -28.73
C ASP G 384 12.90 69.72 -29.92
N ALA G 385 11.57 69.88 -29.90
CA ALA G 385 10.90 70.58 -30.98
C ALA G 385 11.21 72.07 -30.96
N LEU G 386 11.36 72.65 -29.77
CA LEU G 386 11.68 74.07 -29.65
C LEU G 386 13.08 74.36 -30.15
N VAL G 387 14.04 73.48 -29.83
CA VAL G 387 15.40 73.63 -30.36
C VAL G 387 15.39 73.56 -31.88
N TYR G 388 14.65 72.59 -32.42
CA TYR G 388 14.52 72.44 -33.86
C TYR G 388 13.89 73.68 -34.49
N ALA G 389 12.80 74.18 -33.89
CA ALA G 389 12.14 75.38 -34.38
C ALA G 389 13.08 76.58 -34.42
N GLU G 390 13.90 76.76 -33.38
CA GLU G 390 14.74 77.94 -33.34
C GLU G 390 15.87 77.87 -34.36
N LYS G 391 16.36 76.66 -34.66
CA LYS G 391 17.33 76.52 -35.75
C LYS G 391 16.73 76.84 -37.12
N LEU G 392 15.41 77.02 -37.21
CA LEU G 392 14.84 77.43 -38.48
C LEU G 392 15.03 78.90 -38.76
N GLY G 393 15.27 79.71 -37.74
CA GLY G 393 15.50 81.14 -37.91
C GLY G 393 14.21 81.91 -38.12
N VAL G 394 13.27 81.78 -37.19
CA VAL G 394 11.96 82.39 -37.33
C VAL G 394 11.90 83.64 -36.46
N ASP G 395 10.84 84.43 -36.64
CA ASP G 395 10.66 85.60 -35.80
C ASP G 395 9.85 85.30 -34.54
N TYR G 396 8.86 84.41 -34.62
CA TYR G 396 8.10 83.95 -33.47
C TYR G 396 8.03 82.44 -33.45
N ILE G 397 8.22 81.86 -32.27
CA ILE G 397 7.83 80.49 -31.98
C ILE G 397 6.63 80.52 -31.04
N VAL G 398 5.58 79.80 -31.41
CA VAL G 398 4.41 79.60 -30.57
C VAL G 398 4.17 78.11 -30.44
N ASP G 399 4.06 77.62 -29.21
CA ASP G 399 3.70 76.23 -29.02
C ASP G 399 2.34 76.15 -28.35
N ILE G 400 1.62 75.06 -28.60
CA ILE G 400 0.31 74.83 -28.01
C ILE G 400 0.25 73.37 -27.57
N ALA G 401 -0.17 73.12 -26.34
CA ALA G 401 0.01 71.80 -25.73
C ALA G 401 -0.98 71.60 -24.59
N THR G 402 -1.52 70.37 -24.50
CA THR G 402 -2.21 69.94 -23.29
C THR G 402 -1.16 69.52 -22.26
N LEU G 403 -0.47 70.51 -21.70
CA LEU G 403 0.74 70.25 -20.94
C LEU G 403 0.47 69.86 -19.47
N THR G 404 -0.31 70.64 -18.72
CA THR G 404 -0.40 70.43 -17.28
C THR G 404 -1.84 70.38 -16.80
N GLY G 405 -2.17 69.34 -16.05
CA GLY G 405 -3.51 69.23 -15.46
C GLY G 405 -3.84 70.34 -14.49
N ALA G 406 -2.83 71.08 -14.02
CA ALA G 406 -3.09 72.19 -13.12
C ALA G 406 -3.88 73.31 -13.77
N MET G 407 -3.96 73.34 -15.11
CA MET G 407 -4.78 74.34 -15.79
C MET G 407 -6.24 74.24 -15.35
N LEU G 408 -6.70 73.04 -15.03
CA LEU G 408 -8.08 72.89 -14.57
C LEU G 408 -8.32 73.56 -13.23
N TYR G 409 -7.26 73.77 -12.42
CA TYR G 409 -7.39 74.46 -11.14
C TYR G 409 -7.17 75.96 -11.23
N SER G 410 -6.47 76.43 -12.28
CA SER G 410 -6.19 77.85 -12.46
C SER G 410 -7.28 78.52 -13.29
N LEU G 411 -7.39 78.14 -14.56
CA LEU G 411 -8.34 78.79 -15.45
C LEU G 411 -9.56 77.93 -15.75
N GLY G 412 -9.47 76.63 -15.55
CA GLY G 412 -10.62 75.78 -15.75
C GLY G 412 -10.77 75.29 -17.17
N THR G 413 -12.01 75.09 -17.59
CA THR G 413 -12.33 74.45 -18.86
C THR G 413 -12.65 75.44 -19.99
N SER G 414 -12.67 76.74 -19.71
CA SER G 414 -13.12 77.73 -20.70
CA SER G 414 -13.11 77.69 -20.72
C SER G 414 -12.01 78.60 -21.25
N TYR G 415 -11.03 78.98 -20.43
CA TYR G 415 -9.94 79.84 -20.86
C TYR G 415 -8.63 79.06 -20.89
N ALA G 416 -7.90 79.19 -22.00
CA ALA G 416 -6.55 78.66 -22.07
C ALA G 416 -5.57 79.68 -21.48
N GLY G 417 -4.42 79.20 -21.01
CA GLY G 417 -3.37 80.08 -20.50
C GLY G 417 -2.23 80.24 -21.50
N VAL G 418 -1.71 81.46 -21.62
CA VAL G 418 -0.54 81.73 -22.44
C VAL G 418 0.59 82.25 -21.56
N PHE G 419 1.80 81.70 -21.76
CA PHE G 419 3.03 82.11 -21.11
C PHE G 419 4.02 82.52 -22.19
N GLY G 420 4.98 83.37 -21.87
CA GLY G 420 5.95 83.73 -22.88
C GLY G 420 7.16 84.47 -22.34
N ASN G 421 8.14 84.66 -23.22
CA ASN G 421 9.34 85.42 -22.93
C ASN G 421 9.33 86.80 -23.59
N ASN G 422 8.22 87.21 -24.21
CA ASN G 422 8.19 88.41 -25.05
C ASN G 422 6.79 89.03 -25.02
N GLU G 423 6.69 90.25 -24.46
CA GLU G 423 5.40 90.89 -24.24
C GLU G 423 4.67 91.21 -25.55
N GLU G 424 5.38 91.65 -26.59
CA GLU G 424 4.71 91.94 -27.86
C GLU G 424 4.06 90.69 -28.47
N LEU G 425 4.77 89.56 -28.43
CA LEU G 425 4.19 88.30 -28.91
C LEU G 425 2.99 87.89 -28.06
N ILE G 426 3.11 87.97 -26.73
CA ILE G 426 1.96 87.66 -25.88
C ILE G 426 0.77 88.56 -26.23
N ASN G 427 1.01 89.86 -26.41
CA ASN G 427 -0.08 90.76 -26.75
C ASN G 427 -0.66 90.44 -28.13
N LYS G 428 0.15 89.92 -29.06
CA LYS G 428 -0.40 89.49 -30.34
C LYS G 428 -1.31 88.27 -30.18
N ILE G 429 -0.93 87.33 -29.33
CA ILE G 429 -1.79 86.17 -29.03
C ILE G 429 -3.10 86.63 -28.41
N LEU G 430 -3.03 87.55 -27.44
CA LEU G 430 -4.25 88.01 -26.78
C LEU G 430 -5.13 88.73 -27.76
N GLN G 431 -4.52 89.44 -28.71
CA GLN G 431 -5.30 90.11 -29.74
C GLN G 431 -6.02 89.09 -30.62
N SER G 432 -5.33 88.02 -31.00
CA SER G 432 -5.96 86.95 -31.79
C SER G 432 -7.03 86.23 -31.01
N SER G 433 -6.86 86.13 -29.68
CA SER G 433 -7.90 85.59 -28.83
C SER G 433 -9.19 86.37 -28.98
N LYS G 434 -9.09 87.70 -29.00
CA LYS G 434 -10.30 88.52 -29.08
C LYS G 434 -10.97 88.36 -30.45
N THR G 435 -10.19 88.29 -31.53
CA THR G 435 -10.82 88.21 -32.85
C THR G 435 -11.25 86.79 -33.23
N SER G 436 -10.59 85.77 -32.68
CA SER G 436 -11.05 84.41 -32.95
C SER G 436 -12.14 83.97 -31.99
N ASN G 437 -12.35 84.72 -30.91
CA ASN G 437 -13.28 84.36 -29.83
C ASN G 437 -12.96 82.98 -29.22
N GLU G 438 -11.67 82.64 -29.18
CA GLU G 438 -11.16 81.52 -28.37
C GLU G 438 -10.44 82.09 -27.16
N PRO G 439 -11.02 82.02 -25.96
CA PRO G 439 -10.50 82.81 -24.83
C PRO G 439 -9.17 82.29 -24.31
N VAL G 440 -8.26 83.24 -24.02
CA VAL G 440 -6.92 82.98 -23.52
C VAL G 440 -6.60 84.03 -22.46
N TRP G 441 -5.80 83.65 -21.46
CA TRP G 441 -5.44 84.56 -20.37
C TRP G 441 -3.95 84.52 -20.10
N TRP G 442 -3.33 85.69 -20.02
CA TRP G 442 -1.89 85.77 -19.80
C TRP G 442 -1.55 85.35 -18.38
N LEU G 443 -0.71 84.33 -18.25
CA LEU G 443 -0.19 83.85 -16.98
C LEU G 443 1.31 84.09 -16.87
N PRO G 444 1.83 84.26 -15.65
CA PRO G 444 3.25 84.62 -15.51
C PRO G 444 4.19 83.43 -15.56
N ILE G 445 5.41 83.71 -16.01
CA ILE G 445 6.54 82.80 -15.82
C ILE G 445 7.35 83.37 -14.65
N ILE G 446 7.19 82.76 -13.48
CA ILE G 446 7.72 83.30 -12.24
C ILE G 446 9.16 82.80 -12.05
N ASN G 447 10.13 83.69 -12.22
CA ASN G 447 11.53 83.27 -12.24
C ASN G 447 12.01 82.75 -10.90
N GLU G 448 11.33 83.12 -9.81
CA GLU G 448 11.72 82.63 -8.50
C GLU G 448 11.65 81.11 -8.40
N TYR G 449 10.81 80.46 -9.22
CA TYR G 449 10.69 79.00 -9.12
C TYR G 449 11.83 78.27 -9.82
N ARG G 450 12.64 78.97 -10.62
CA ARG G 450 13.60 78.32 -11.51
C ARG G 450 14.58 77.45 -10.75
N ALA G 451 14.98 77.89 -9.57
CA ALA G 451 16.00 77.15 -8.83
C ALA G 451 15.51 75.78 -8.35
N THR G 452 14.20 75.54 -8.25
CA THR G 452 13.74 74.19 -7.96
C THR G 452 13.95 73.24 -9.13
N LEU G 453 14.36 73.74 -10.29
CA LEU G 453 14.74 72.91 -11.41
C LEU G 453 16.23 72.65 -11.47
N ASN G 454 16.98 73.04 -10.44
CA ASN G 454 18.42 72.79 -10.40
C ASN G 454 18.66 71.33 -10.01
N SER G 455 19.24 70.56 -10.92
CA SER G 455 19.50 69.16 -10.65
C SER G 455 20.86 69.00 -9.97
N LYS G 456 20.95 68.05 -9.05
CA LYS G 456 22.24 67.78 -8.41
C LYS G 456 23.24 67.18 -9.41
N TYR G 457 22.77 66.42 -10.39
CA TYR G 457 23.63 65.67 -11.31
C TYR G 457 23.56 66.13 -12.76
N ALA G 458 22.36 66.42 -13.28
CA ALA G 458 22.21 66.85 -14.66
C ALA G 458 22.23 68.39 -14.74
N ASP G 459 22.21 68.90 -15.97
CA ASP G 459 22.07 70.35 -16.15
C ASP G 459 20.77 70.88 -15.54
N ILE G 460 19.69 70.11 -15.62
CA ILE G 460 18.38 70.62 -15.21
C ILE G 460 17.47 69.43 -14.87
N ASN G 461 16.59 69.65 -13.90
CA ASN G 461 15.50 68.73 -13.61
C ASN G 461 14.35 68.93 -14.58
N GLN G 462 13.70 67.82 -14.95
CA GLN G 462 12.47 67.91 -15.72
C GLN G 462 11.30 68.46 -14.89
N ILE G 463 11.23 68.12 -13.61
CA ILE G 463 10.12 68.57 -12.76
C ILE G 463 10.67 69.19 -11.49
N SER G 464 9.80 69.97 -10.85
CA SER G 464 10.08 70.54 -9.53
C SER G 464 9.78 69.54 -8.43
N SER G 465 10.57 69.60 -7.36
CA SER G 465 10.30 68.74 -6.21
C SER G 465 9.36 69.41 -5.20
N SER G 466 9.40 70.74 -5.09
CA SER G 466 8.64 71.47 -4.09
C SER G 466 7.43 72.22 -4.66
N VAL G 467 7.55 72.78 -5.86
CA VAL G 467 6.58 73.74 -6.37
C VAL G 467 5.41 73.01 -7.02
N LYS G 468 4.20 73.23 -6.50
CA LYS G 468 2.99 72.65 -7.07
C LYS G 468 2.40 73.45 -8.22
N ALA G 469 2.93 74.65 -8.48
CA ALA G 469 2.43 75.50 -9.56
C ALA G 469 2.98 74.98 -10.88
N SER G 470 2.47 73.84 -11.30
CA SER G 470 3.17 73.04 -12.31
C SER G 470 3.08 73.63 -13.71
N SER G 471 2.04 74.42 -14.00
CA SER G 471 1.96 75.04 -15.32
C SER G 471 3.05 76.08 -15.49
N ILE G 472 3.38 76.77 -14.39
CA ILE G 472 4.46 77.74 -14.41
C ILE G 472 5.80 77.03 -14.45
N VAL G 473 5.96 75.99 -13.62
CA VAL G 473 7.21 75.22 -13.65
C VAL G 473 7.46 74.66 -15.05
N ALA G 474 6.44 74.08 -15.69
CA ALA G 474 6.63 73.58 -17.05
C ALA G 474 7.04 74.70 -18.01
N SER G 475 6.46 75.89 -17.85
CA SER G 475 6.84 77.01 -18.70
C SER G 475 8.29 77.42 -18.47
N LEU G 476 8.76 77.33 -17.22
CA LEU G 476 10.16 77.63 -16.91
C LEU G 476 11.09 76.64 -17.59
N PHE G 477 10.70 75.36 -17.58
CA PHE G 477 11.52 74.33 -18.22
C PHE G 477 11.66 74.60 -19.72
N LEU G 478 10.52 74.77 -20.41
CA LEU G 478 10.53 75.03 -21.85
C LEU G 478 11.35 76.25 -22.20
N LYS G 479 11.20 77.33 -21.41
CA LYS G 479 11.97 78.54 -21.66
C LYS G 479 13.46 78.27 -21.80
N GLU G 480 13.99 77.28 -21.07
CA GLU G 480 15.41 76.94 -21.17
C GLU G 480 15.83 76.49 -22.56
N PHE G 481 14.89 76.24 -23.46
CA PHE G 481 15.22 75.68 -24.76
C PHE G 481 14.96 76.66 -25.92
N VAL G 482 14.66 77.91 -25.59
CA VAL G 482 14.55 78.99 -26.58
C VAL G 482 15.59 80.02 -26.16
N GLN G 483 16.64 80.15 -26.97
CA GLN G 483 17.78 80.98 -26.57
C GLN G 483 17.53 82.45 -26.88
N ASN G 484 17.09 82.77 -28.10
CA ASN G 484 17.11 84.17 -28.51
C ASN G 484 15.93 84.55 -29.41
N THR G 485 14.80 83.87 -29.26
CA THR G 485 13.64 84.10 -30.12
C THR G 485 12.41 84.41 -29.27
N ALA G 486 11.61 85.36 -29.73
CA ALA G 486 10.30 85.59 -29.11
C ALA G 486 9.50 84.29 -29.14
N TRP G 487 8.95 83.91 -27.99
CA TRP G 487 8.29 82.61 -27.85
C TRP G 487 7.11 82.74 -26.92
N ALA G 488 6.00 82.08 -27.29
CA ALA G 488 4.86 81.94 -26.39
C ALA G 488 4.38 80.49 -26.39
N HIS G 489 3.76 80.12 -25.27
CA HIS G 489 3.35 78.75 -25.00
C HIS G 489 1.91 78.80 -24.53
N ILE G 490 1.03 78.01 -25.13
CA ILE G 490 -0.40 78.04 -24.84
C ILE G 490 -0.78 76.68 -24.26
N ASP G 491 -1.13 76.68 -22.97
CA ASP G 491 -1.47 75.44 -22.27
C ASP G 491 -2.97 75.22 -22.41
N ILE G 492 -3.37 74.19 -23.15
CA ILE G 492 -4.77 73.93 -23.43
C ILE G 492 -5.26 72.67 -22.72
N ALA G 493 -4.52 72.18 -21.71
CA ALA G 493 -4.92 70.94 -21.02
C ALA G 493 -6.30 71.06 -20.41
N GLY G 494 -6.73 72.27 -20.09
CA GLY G 494 -8.03 72.42 -19.45
C GLY G 494 -9.17 72.64 -20.40
N VAL G 495 -8.89 73.18 -21.59
CA VAL G 495 -9.95 73.60 -22.51
C VAL G 495 -10.15 72.67 -23.69
N SER G 496 -9.30 71.66 -23.88
CA SER G 496 -9.33 70.92 -25.14
C SER G 496 -10.58 70.05 -25.25
N TRP G 497 -10.98 69.40 -24.16
CA TRP G 497 -12.09 68.45 -24.17
C TRP G 497 -13.33 69.11 -23.58
N ASN G 498 -14.44 69.00 -24.30
CA ASN G 498 -15.78 69.43 -23.86
C ASN G 498 -16.41 68.28 -23.09
N PHE G 499 -16.35 68.35 -21.76
CA PHE G 499 -16.80 67.23 -20.95
C PHE G 499 -18.31 67.09 -20.92
N LYS G 500 -19.04 68.20 -21.09
CA LYS G 500 -20.50 68.09 -21.09
C LYS G 500 -20.99 67.36 -22.34
N ALA G 501 -20.46 67.73 -23.51
CA ALA G 501 -20.87 67.16 -24.79
C ALA G 501 -20.10 65.90 -25.17
N ARG G 502 -19.08 65.52 -24.41
CA ARG G 502 -18.32 64.28 -24.61
C ARG G 502 -17.56 64.28 -25.93
N LYS G 503 -16.95 65.41 -26.28
CA LYS G 503 -16.27 65.53 -27.56
C LYS G 503 -15.20 66.60 -27.45
N PRO G 504 -14.23 66.62 -28.36
CA PRO G 504 -13.21 67.68 -28.32
C PRO G 504 -13.77 68.97 -28.90
N LYS G 505 -13.08 70.07 -28.62
CA LYS G 505 -13.46 71.36 -29.19
C LYS G 505 -12.63 71.75 -30.40
N GLY G 506 -11.53 71.06 -30.68
CA GLY G 506 -10.59 71.57 -31.66
C GLY G 506 -10.08 72.95 -31.29
N PHE G 507 -9.94 73.22 -29.99
CA PHE G 507 -9.53 74.53 -29.50
C PHE G 507 -8.15 74.90 -30.05
N GLY G 508 -8.03 76.13 -30.54
CA GLY G 508 -6.76 76.68 -30.92
C GLY G 508 -6.59 76.90 -32.40
N VAL G 509 -7.32 76.16 -33.24
CA VAL G 509 -7.20 76.35 -34.68
C VAL G 509 -7.48 77.80 -35.04
N ARG G 510 -8.62 78.33 -34.60
CA ARG G 510 -8.98 79.69 -35.00
C ARG G 510 -8.05 80.71 -34.36
N LEU G 511 -7.57 80.45 -33.16
CA LEU G 511 -6.64 81.36 -32.50
C LEU G 511 -5.35 81.50 -33.29
N LEU G 512 -4.76 80.36 -33.66
CA LEU G 512 -3.48 80.39 -34.37
C LEU G 512 -3.63 80.99 -35.76
N THR G 513 -4.72 80.67 -36.44
CA THR G 513 -4.93 81.20 -37.79
C THR G 513 -5.12 82.71 -37.76
N GLU G 514 -5.95 83.21 -36.84
CA GLU G 514 -6.06 84.67 -36.66
C GLU G 514 -4.70 85.28 -36.37
N PHE G 515 -3.89 84.60 -35.56
CA PHE G 515 -2.55 85.09 -35.26
C PHE G 515 -1.73 85.20 -36.54
N VAL G 516 -1.74 84.15 -37.37
CA VAL G 516 -0.99 84.15 -38.63
C VAL G 516 -1.52 85.24 -39.57
N LEU G 517 -2.85 85.27 -39.77
CA LEU G 517 -3.46 86.12 -40.79
C LEU G 517 -3.33 87.60 -40.45
N ASN G 518 -3.56 87.97 -39.21
CA ASN G 518 -3.47 89.37 -38.82
C ASN G 518 -2.04 89.80 -38.60
N ASP G 519 -1.09 89.02 -39.10
CA ASP G 519 0.30 89.40 -39.11
C ASP G 519 0.79 89.50 -40.56
N SER H 2 27.98 41.23 -22.21
CA SER H 2 29.01 42.30 -22.23
C SER H 2 28.67 43.45 -23.20
N GLU H 3 27.98 43.19 -24.29
CA GLU H 3 27.50 44.30 -25.13
C GLU H 3 26.17 44.82 -24.57
N VAL H 4 26.12 46.13 -24.28
CA VAL H 4 24.93 46.74 -23.67
C VAL H 4 23.86 46.94 -24.74
N PRO H 5 22.70 46.32 -24.63
CA PRO H 5 21.68 46.52 -25.66
C PRO H 5 21.10 47.92 -25.58
N GLN H 6 20.67 48.43 -26.73
CA GLN H 6 20.15 49.78 -26.83
C GLN H 6 18.78 49.74 -27.48
N VAL H 7 17.92 50.67 -27.09
CA VAL H 7 16.69 50.90 -27.86
C VAL H 7 16.94 51.89 -28.99
N VAL H 8 17.66 52.98 -28.71
CA VAL H 8 18.05 53.94 -29.73
C VAL H 8 19.55 54.16 -29.57
N SER H 9 20.15 54.72 -30.62
CA SER H 9 21.61 54.88 -30.62
C SER H 9 22.11 55.89 -29.61
N LEU H 10 21.23 56.76 -29.10
CA LEU H 10 21.57 57.71 -28.06
C LEU H 10 21.57 57.10 -26.66
N ASP H 11 21.18 55.85 -26.53
CA ASP H 11 21.20 55.21 -25.21
C ASP H 11 22.64 54.88 -24.81
N PRO H 12 23.04 55.23 -23.59
CA PRO H 12 24.44 54.98 -23.16
C PRO H 12 24.77 53.49 -23.10
N THR H 13 26.05 53.19 -23.35
CA THR H 13 26.54 51.81 -23.30
C THR H 13 27.57 51.59 -22.19
N SER H 14 27.80 52.56 -21.33
CA SER H 14 28.64 52.28 -20.18
C SER H 14 28.36 53.31 -19.11
N ILE H 15 28.84 53.02 -17.90
CA ILE H 15 28.78 53.96 -16.79
C ILE H 15 30.04 54.81 -16.85
N PRO H 16 29.94 56.13 -16.92
CA PRO H 16 31.13 56.96 -16.76
C PRO H 16 31.60 56.92 -15.32
N ILE H 17 32.88 56.62 -15.12
CA ILE H 17 33.47 56.50 -13.80
C ILE H 17 34.73 57.35 -13.76
N GLU H 18 34.85 58.15 -12.71
CA GLU H 18 36.06 58.92 -12.45
C GLU H 18 36.89 58.13 -11.46
N TYR H 19 38.07 57.68 -11.90
CA TYR H 19 39.00 56.93 -11.06
C TYR H 19 40.01 57.85 -10.39
N ASN H 20 40.74 58.64 -11.17
CA ASN H 20 41.61 59.68 -10.61
C ASN H 20 40.78 60.91 -10.33
N THR H 21 40.44 61.13 -9.08
CA THR H 21 39.67 62.30 -8.68
C THR H 21 40.60 63.42 -8.24
N PRO H 22 40.13 64.66 -8.25
CA PRO H 22 40.94 65.77 -7.70
C PRO H 22 41.40 65.54 -6.27
N ILE H 23 40.69 64.74 -5.48
CA ILE H 23 41.17 64.39 -4.14
C ILE H 23 42.51 63.68 -4.23
N HIS H 24 42.67 62.81 -5.22
CA HIS H 24 43.92 62.06 -5.39
C HIS H 24 45.10 62.95 -5.73
N ASP H 25 44.86 64.20 -6.15
CA ASP H 25 45.96 65.11 -6.45
C ASP H 25 46.33 65.99 -5.27
N ILE H 26 45.68 65.81 -4.12
CA ILE H 26 46.00 66.57 -2.92
C ILE H 26 47.18 65.90 -2.23
N LYS H 27 48.31 66.61 -2.15
CA LYS H 27 49.44 66.15 -1.36
C LYS H 27 49.17 66.47 0.11
N VAL H 28 49.09 65.43 0.93
CA VAL H 28 48.74 65.56 2.34
C VAL H 28 49.99 65.35 3.16
N GLN H 29 50.20 66.18 4.17
CA GLN H 29 51.32 66.11 5.10
C GLN H 29 50.86 66.27 6.53
N VAL H 30 51.35 65.44 7.43
CA VAL H 30 51.01 65.53 8.84
C VAL H 30 52.25 66.01 9.59
N TYR H 31 52.07 66.98 10.47
CA TYR H 31 53.13 67.56 11.29
C TYR H 31 52.73 67.43 12.76
N ASP H 32 53.73 67.31 13.63
CA ASP H 32 53.42 67.28 15.06
C ASP H 32 53.23 68.69 15.58
N ILE H 33 52.08 68.92 16.21
CA ILE H 33 51.68 70.24 16.68
C ILE H 33 52.69 70.80 17.67
N LYS H 34 53.42 69.93 18.38
CA LYS H 34 54.41 70.36 19.36
C LYS H 34 55.47 71.23 18.73
N GLY H 35 55.79 71.01 17.47
CA GLY H 35 56.76 71.86 16.81
C GLY H 35 56.24 73.23 16.39
N GLY H 36 54.97 73.54 16.65
CA GLY H 36 54.38 74.81 16.24
C GLY H 36 53.91 74.80 14.80
N CYS H 37 53.00 75.73 14.49
CA CYS H 37 52.37 75.83 13.18
C CYS H 37 53.01 76.94 12.35
N ASN H 38 53.40 76.63 11.13
CA ASN H 38 53.87 77.62 10.18
C ASN H 38 52.68 78.09 9.33
N VAL H 39 52.35 79.38 9.43
CA VAL H 39 51.18 79.97 8.79
C VAL H 39 51.67 80.86 7.66
N GLU H 40 51.66 80.34 6.43
CA GLU H 40 52.34 81.08 5.37
C GLU H 40 51.45 81.34 4.16
N GLU H 41 50.49 80.46 3.89
CA GLU H 41 49.80 80.54 2.60
C GLU H 41 48.52 79.74 2.65
N GLY H 42 47.53 80.19 1.89
CA GLY H 42 46.28 79.48 1.77
C GLY H 42 45.34 79.79 2.91
N LEU H 43 44.67 78.76 3.44
CA LEU H 43 43.76 78.93 4.56
C LEU H 43 44.14 77.94 5.66
N THR H 44 44.35 78.45 6.87
CA THR H 44 44.72 77.66 8.04
C THR H 44 43.56 77.68 9.03
N ILE H 45 43.05 76.49 9.39
CA ILE H 45 41.86 76.36 10.23
C ILE H 45 42.20 75.61 11.51
N PHE H 46 41.84 76.20 12.65
CA PHE H 46 41.98 75.57 13.96
C PHE H 46 40.65 74.96 14.37
N LEU H 47 40.66 73.68 14.73
CA LEU H 47 39.47 73.01 15.27
C LEU H 47 39.51 73.18 16.79
N VAL H 48 38.62 74.01 17.32
CA VAL H 48 38.64 74.38 18.72
C VAL H 48 37.36 73.88 19.39
N ASN H 49 37.49 73.42 20.63
CA ASN H 49 36.37 73.25 21.54
C ASN H 49 36.64 74.06 22.80
N ASN H 50 35.71 73.97 23.74
CA ASN H 50 35.88 74.50 25.09
C ASN H 50 35.16 73.53 26.01
N PRO H 51 35.86 72.53 26.52
CA PRO H 51 35.17 71.38 27.13
C PRO H 51 34.26 71.75 28.30
N GLY H 52 34.42 72.94 28.87
CA GLY H 52 33.62 73.30 30.03
C GLY H 52 32.27 73.89 29.71
N LYS H 53 32.24 75.16 29.36
CA LYS H 53 31.05 76.00 29.50
C LYS H 53 30.39 76.24 28.14
N GLU H 54 29.28 75.54 27.90
CA GLU H 54 28.33 75.82 26.81
C GLU H 54 28.98 76.30 25.53
N ASN H 55 28.69 77.55 25.17
CA ASN H 55 29.30 78.18 23.99
C ASN H 55 30.40 79.14 24.42
N GLY H 56 31.45 78.56 25.02
CA GLY H 56 32.52 79.32 25.61
C GLY H 56 33.43 79.94 24.57
N PRO H 57 34.33 80.82 25.01
CA PRO H 57 35.21 81.52 24.06
C PRO H 57 36.19 80.57 23.39
N VAL H 58 36.64 80.95 22.21
CA VAL H 58 37.70 80.20 21.55
C VAL H 58 39.04 80.66 22.10
N LYS H 59 39.92 79.70 22.35
CA LYS H 59 41.27 79.97 22.83
C LYS H 59 42.21 79.06 22.04
N ILE H 60 43.20 79.66 21.39
CA ILE H 60 44.12 78.90 20.54
C ILE H 60 45.23 78.32 21.40
N SER H 61 45.25 77.00 21.53
CA SER H 61 46.25 76.33 22.36
C SER H 61 47.63 76.31 21.71
N SER H 62 47.70 76.02 20.41
CA SER H 62 48.97 75.66 19.79
C SER H 62 49.91 76.85 19.68
N LYS H 63 51.20 76.54 19.60
CA LYS H 63 52.21 77.56 19.34
C LYS H 63 52.26 77.85 17.84
N VAL H 64 52.28 79.13 17.50
CA VAL H 64 52.30 79.57 16.09
C VAL H 64 53.65 80.22 15.83
N ASN H 65 54.39 79.68 14.87
CA ASN H 65 55.76 80.14 14.64
C ASN H 65 55.76 81.42 13.81
N ASP H 66 54.96 82.40 14.26
CA ASP H 66 54.86 83.69 13.60
C ASP H 66 54.43 84.71 14.64
N LYS H 67 55.29 85.69 14.90
CA LYS H 67 54.97 86.72 15.90
C LYS H 67 53.68 87.47 15.53
N GLN H 68 53.51 87.78 14.24
CA GLN H 68 52.32 88.51 13.81
C GLN H 68 51.04 87.70 14.04
N VAL H 69 51.00 86.47 13.52
CA VAL H 69 49.80 85.65 13.68
C VAL H 69 49.56 85.32 15.15
N SER H 70 50.63 85.05 15.90
CA SER H 70 50.50 84.80 17.34
C SER H 70 49.81 85.95 18.03
N GLU H 71 50.24 87.19 17.72
CA GLU H 71 49.60 88.36 18.31
C GLU H 71 48.12 88.44 17.92
N PHE H 72 47.81 88.16 16.65
CA PHE H 72 46.42 88.17 16.20
C PHE H 72 45.58 87.20 17.02
N LEU H 73 46.09 85.98 17.22
CA LEU H 73 45.35 84.91 17.88
C LEU H 73 45.43 84.97 19.41
N LYS H 74 45.71 86.14 19.97
CA LYS H 74 45.74 86.30 21.41
C LYS H 74 44.37 86.07 22.02
N ASP H 75 44.35 85.71 23.29
CA ASP H 75 43.10 85.33 23.96
C ASP H 75 42.10 86.50 23.97
N GLU H 76 42.59 87.73 24.19
CA GLU H 76 41.69 88.86 24.22
C GLU H 76 41.02 89.06 22.87
N ASN H 77 41.76 88.81 21.79
CA ASN H 77 41.25 89.01 20.44
C ASN H 77 40.23 87.94 20.03
N MET H 78 40.26 86.77 20.66
CA MET H 78 39.36 85.67 20.30
C MET H 78 38.13 85.55 21.21
N GLU H 79 38.05 86.35 22.28
CA GLU H 79 36.97 86.16 23.26
C GLU H 79 35.59 86.47 22.69
N LYS H 80 35.49 87.31 21.64
CA LYS H 80 34.18 87.61 21.06
C LYS H 80 33.63 86.46 20.21
N PHE H 81 34.45 85.46 19.91
CA PHE H 81 34.03 84.26 19.22
C PHE H 81 33.87 83.10 20.19
N ASN H 82 32.94 82.21 19.87
CA ASN H 82 32.66 81.09 20.73
C ASN H 82 32.72 79.80 19.91
N VAL H 83 32.60 78.65 20.59
CA VAL H 83 32.99 77.36 20.03
C VAL H 83 31.78 76.52 19.62
N LYS H 84 30.59 77.13 19.54
CA LYS H 84 29.36 76.38 19.19
C LYS H 84 29.66 75.42 18.01
N LEU H 85 29.22 74.17 18.18
CA LEU H 85 29.47 73.16 17.11
C LEU H 85 28.94 73.64 15.75
N GLY H 86 29.80 73.59 14.74
CA GLY H 86 29.43 73.94 13.39
C GLY H 86 29.80 75.36 12.98
N THR H 87 30.00 76.24 13.94
CA THR H 87 30.32 77.60 13.56
C THR H 87 31.77 77.72 13.12
N SER H 88 32.02 78.82 12.42
CA SER H 88 33.34 79.07 11.87
C SER H 88 33.48 80.56 11.58
N LYS H 89 34.73 81.00 11.49
CA LYS H 89 35.07 82.39 11.23
C LYS H 89 36.32 82.45 10.37
N HIS H 90 36.43 83.53 9.58
CA HIS H 90 37.58 83.80 8.74
C HIS H 90 38.35 85.01 9.25
N PHE H 91 39.67 84.92 9.23
CA PHE H 91 40.54 86.03 9.61
C PHE H 91 41.53 86.31 8.49
N TYR H 92 41.95 87.57 8.40
CA TYR H 92 42.88 88.03 7.38
C TYR H 92 43.91 88.93 8.04
N MET H 93 45.18 88.78 7.65
CA MET H 93 46.26 89.48 8.33
C MET H 93 47.55 89.32 7.52
N PHE H 94 48.58 90.04 7.96
CA PHE H 94 49.92 89.96 7.39
C PHE H 94 50.85 89.24 8.36
N ASN H 95 51.67 88.32 7.84
CA ASN H 95 52.54 87.52 8.68
C ASN H 95 53.89 88.23 8.88
N ASP H 96 54.85 87.50 9.46
CA ASP H 96 56.17 88.08 9.72
C ASP H 96 56.91 88.43 8.43
N ASN H 97 56.70 87.65 7.36
CA ASN H 97 57.25 87.96 6.05
C ASN H 97 56.45 89.01 5.30
N LYS H 98 55.49 89.67 5.96
CA LYS H 98 54.64 90.68 5.36
C LYS H 98 53.85 90.14 4.17
N ASN H 99 53.63 88.83 4.12
CA ASN H 99 52.67 88.23 3.20
C ASN H 99 51.31 88.15 3.87
N SER H 100 50.26 88.37 3.08
CA SER H 100 48.91 88.22 3.58
C SER H 100 48.56 86.73 3.69
N VAL H 101 48.02 86.34 4.84
CA VAL H 101 47.58 84.97 5.10
C VAL H 101 46.14 84.99 5.56
N ALA H 102 45.43 83.91 5.29
CA ALA H 102 44.06 83.73 5.77
C ALA H 102 44.02 82.63 6.83
N VAL H 103 43.25 82.87 7.89
CA VAL H 103 43.23 82.04 9.09
C VAL H 103 41.77 81.95 9.58
N GLY H 104 41.44 80.87 10.26
CA GLY H 104 40.11 80.77 10.83
C GLY H 104 39.96 79.60 11.77
N TYR H 105 38.73 79.36 12.18
CA TYR H 105 38.46 78.24 13.08
C TYR H 105 37.09 77.66 12.77
N VAL H 106 36.88 76.44 13.26
CA VAL H 106 35.57 75.79 13.28
C VAL H 106 35.30 75.34 14.71
N GLY H 107 34.11 75.66 15.22
CA GLY H 107 33.75 75.32 16.58
C GLY H 107 33.33 73.87 16.70
N CYS H 108 33.95 73.15 17.63
CA CYS H 108 33.68 71.73 17.86
C CYS H 108 32.89 71.50 19.14
N GLY H 109 32.17 72.50 19.63
CA GLY H 109 31.31 72.32 20.78
C GLY H 109 32.05 72.26 22.10
N SER H 110 31.39 71.64 23.09
CA SER H 110 31.91 71.56 24.44
C SER H 110 32.01 70.13 24.97
N VAL H 111 31.52 69.13 24.25
CA VAL H 111 31.69 67.74 24.66
C VAL H 111 33.12 67.32 24.37
N ALA H 112 33.72 66.58 25.30
CA ALA H 112 35.12 66.20 25.16
C ALA H 112 35.33 65.20 24.02
N ASP H 113 34.33 64.38 23.72
CA ASP H 113 34.43 63.34 22.70
C ASP H 113 33.32 63.51 21.69
N LEU H 114 33.68 63.71 20.43
CA LEU H 114 32.71 63.96 19.36
C LEU H 114 32.19 62.66 18.76
N SER H 115 30.88 62.60 18.53
CA SER H 115 30.33 61.49 17.76
C SER H 115 30.63 61.68 16.27
N GLU H 116 30.40 60.61 15.50
CA GLU H 116 30.52 60.72 14.06
C GLU H 116 29.50 61.71 13.48
N ALA H 117 28.30 61.79 14.09
CA ALA H 117 27.34 62.80 13.67
C ALA H 117 27.91 64.20 13.90
N ASP H 118 28.47 64.45 15.10
CA ASP H 118 29.09 65.74 15.37
C ASP H 118 30.27 66.00 14.44
N MET H 119 31.08 64.97 14.19
CA MET H 119 32.26 65.16 13.35
C MET H 119 31.87 65.50 11.93
N LYS H 120 30.76 64.93 11.46
CA LYS H 120 30.27 65.29 10.13
C LYS H 120 29.91 66.77 10.07
N ARG H 121 29.31 67.29 11.14
CA ARG H 121 28.93 68.70 11.15
C ARG H 121 30.16 69.59 11.09
N VAL H 122 31.22 69.23 11.82
CA VAL H 122 32.47 69.99 11.72
C VAL H 122 33.00 69.97 10.30
N VAL H 123 33.03 68.79 9.69
CA VAL H 123 33.59 68.65 8.36
C VAL H 123 32.78 69.44 7.36
N LEU H 124 31.45 69.41 7.48
CA LEU H 124 30.58 70.17 6.58
C LEU H 124 30.85 71.65 6.69
N SER H 125 31.03 72.16 7.93
CA SER H 125 31.37 73.57 8.10
C SER H 125 32.70 73.89 7.44
N LEU H 126 33.67 72.98 7.58
CA LEU H 126 34.95 73.15 6.91
C LEU H 126 34.78 73.23 5.40
N VAL H 127 34.02 72.30 4.82
CA VAL H 127 33.82 72.28 3.37
C VAL H 127 33.12 73.55 2.90
N THR H 128 32.25 74.11 3.73
CA THR H 128 31.63 75.40 3.42
C THR H 128 32.70 76.47 3.17
N MET H 129 33.80 76.43 3.91
CA MET H 129 34.88 77.39 3.74
C MET H 129 35.77 77.10 2.53
N LEU H 130 35.75 75.87 2.02
CA LEU H 130 36.49 75.53 0.80
C LEU H 130 35.71 75.82 -0.47
N HIS H 131 34.38 75.72 -0.42
CA HIS H 131 33.56 76.06 -1.57
C HIS H 131 33.57 77.57 -1.80
N ASP H 132 33.55 77.97 -3.06
CA ASP H 132 33.59 79.38 -3.46
C ASP H 132 34.72 80.14 -2.78
N ASN H 133 35.85 79.47 -2.59
CA ASN H 133 37.11 80.14 -2.26
C ASN H 133 38.23 79.43 -3.00
N LYS H 134 38.83 80.10 -3.97
CA LYS H 134 39.91 79.53 -4.79
C LYS H 134 41.18 79.53 -3.96
N LEU H 135 41.45 78.39 -3.32
CA LEU H 135 42.59 78.23 -2.42
C LEU H 135 43.51 77.17 -2.98
N SER H 136 44.82 77.38 -2.80
CA SER H 136 45.81 76.39 -3.20
C SER H 136 46.11 75.40 -2.08
N LYS H 137 45.92 75.80 -0.82
CA LYS H 137 46.35 74.98 0.30
C LYS H 137 45.40 75.17 1.46
N LEU H 138 45.09 74.07 2.13
CA LEU H 138 44.39 74.12 3.41
C LEU H 138 45.27 73.51 4.47
N THR H 139 45.28 74.12 5.64
CA THR H 139 45.98 73.59 6.80
C THR H 139 44.96 73.45 7.92
N VAL H 140 44.93 72.29 8.55
CA VAL H 140 43.98 72.02 9.62
C VAL H 140 44.75 71.73 10.91
N VAL H 141 44.54 72.56 11.92
CA VAL H 141 45.25 72.43 13.20
C VAL H 141 44.28 71.82 14.21
N PHE H 142 44.59 70.62 14.66
CA PHE H 142 43.75 69.92 15.63
C PHE H 142 44.07 70.42 17.03
N GLU H 143 43.10 71.06 17.67
CA GLU H 143 43.18 71.40 19.08
C GLU H 143 42.09 70.69 19.84
N ILE H 144 41.62 69.59 19.28
CA ILE H 144 40.68 68.69 19.92
C ILE H 144 41.39 67.34 20.03
N ASN H 145 40.79 66.41 20.77
CA ASN H 145 41.38 65.09 20.94
C ASN H 145 40.53 64.10 20.15
N VAL H 146 41.16 63.39 19.22
CA VAL H 146 40.46 62.39 18.41
C VAL H 146 41.35 61.15 18.32
N ASP H 147 40.71 59.97 18.36
CA ASP H 147 41.46 58.74 18.23
C ASP H 147 41.83 58.49 16.76
N LYS H 148 42.54 57.40 16.50
CA LYS H 148 43.03 57.14 15.15
C LYS H 148 41.87 56.89 14.18
N ASN H 149 40.84 56.18 14.64
CA ASN H 149 39.70 55.92 13.79
C ASN H 149 38.93 57.19 13.51
N LEU H 150 38.78 58.05 14.51
CA LEU H 150 38.03 59.28 14.26
C LEU H 150 38.82 60.21 13.35
N PHE H 151 40.15 60.26 13.50
CA PHE H 151 40.96 61.07 12.60
C PHE H 151 40.82 60.59 11.15
N ARG H 152 40.94 59.28 10.93
CA ARG H 152 40.66 58.72 9.61
C ARG H 152 39.25 59.08 9.15
N PHE H 153 38.25 58.97 10.03
CA PHE H 153 36.89 59.33 9.68
C PHE H 153 36.81 60.79 9.23
N PHE H 154 37.54 61.67 9.93
CA PHE H 154 37.53 63.08 9.55
C PHE H 154 38.00 63.26 8.12
N LEU H 155 39.13 62.63 7.76
CA LEU H 155 39.71 62.79 6.44
C LEU H 155 38.82 62.17 5.36
N GLU H 156 38.34 60.94 5.58
CA GLU H 156 37.42 60.32 4.64
C GLU H 156 36.21 61.21 4.38
N THR H 157 35.66 61.79 5.43
CA THR H 157 34.47 62.61 5.25
C THR H 157 34.80 63.91 4.53
N LEU H 158 35.90 64.56 4.91
CA LEU H 158 36.37 65.71 4.16
C LEU H 158 36.51 65.38 2.68
N PHE H 159 37.21 64.28 2.37
CA PHE H 159 37.44 63.92 0.98
C PHE H 159 36.11 63.71 0.24
N TYR H 160 35.22 62.92 0.85
CA TYR H 160 33.96 62.59 0.21
C TYR H 160 33.09 63.82 0.00
N GLU H 161 32.94 64.64 1.04
CA GLU H 161 32.04 65.79 0.93
C GLU H 161 32.64 66.91 0.09
N TYR H 162 33.96 67.03 0.05
CA TYR H 162 34.61 68.01 -0.82
C TYR H 162 34.36 67.70 -2.29
N MET H 163 34.45 66.43 -2.66
CA MET H 163 34.38 66.01 -4.05
C MET H 163 32.99 66.25 -4.63
N THR H 164 32.93 66.76 -5.86
CA THR H 164 31.66 67.08 -6.53
C THR H 164 31.55 66.30 -7.84
N ASP H 165 30.47 65.54 -7.98
CA ASP H 165 30.29 64.61 -9.10
C ASP H 165 29.66 65.36 -10.28
N GLU H 166 30.41 65.52 -11.36
CA GLU H 166 29.97 66.28 -12.53
C GLU H 166 29.88 65.43 -13.79
N ARG H 167 29.89 64.10 -13.65
CA ARG H 167 29.89 63.25 -14.83
C ARG H 167 28.69 63.50 -15.72
N PHE H 168 27.58 63.99 -15.16
CA PHE H 168 26.37 64.15 -15.94
C PHE H 168 26.04 65.62 -16.19
N LYS H 169 26.93 66.54 -15.83
CA LYS H 169 26.83 67.91 -16.29
C LYS H 169 27.39 68.05 -17.70
N SER H 170 26.88 69.03 -18.44
CA SER H 170 27.48 69.33 -19.73
C SER H 170 27.47 70.83 -19.98
N THR H 171 26.31 71.48 -19.85
CA THR H 171 26.22 72.94 -20.01
C THR H 171 26.17 73.72 -18.70
N ASP H 172 25.95 73.06 -17.55
CA ASP H 172 25.93 73.79 -16.28
C ASP H 172 27.02 73.29 -15.35
N LYS H 173 28.25 73.17 -15.87
CA LYS H 173 29.39 72.67 -15.12
C LYS H 173 29.93 73.70 -14.13
N ASN H 174 30.94 73.25 -13.37
CA ASN H 174 31.87 74.02 -12.55
C ASN H 174 31.65 75.52 -12.46
N VAL H 175 31.88 76.20 -13.59
CA VAL H 175 32.04 77.63 -13.72
C VAL H 175 33.41 78.01 -13.13
N ASN H 176 33.51 78.02 -11.80
CA ASN H 176 34.72 78.46 -11.12
C ASN H 176 35.08 77.49 -9.98
N MET H 177 35.06 76.19 -10.27
CA MET H 177 35.34 75.16 -9.27
C MET H 177 36.76 74.64 -9.46
N GLU H 178 37.59 74.83 -8.45
CA GLU H 178 38.93 74.26 -8.43
C GLU H 178 39.26 73.80 -7.01
N TYR H 179 40.10 72.78 -6.92
CA TYR H 179 40.38 72.10 -5.67
C TYR H 179 41.74 72.51 -5.12
N ILE H 180 41.89 72.40 -3.80
CA ILE H 180 43.21 72.61 -3.20
C ILE H 180 44.17 71.56 -3.75
N LYS H 181 45.46 71.91 -3.76
CA LYS H 181 46.50 70.98 -4.15
C LYS H 181 47.30 70.45 -2.97
N HIS H 182 47.19 71.08 -1.81
CA HIS H 182 47.91 70.65 -0.62
C HIS H 182 47.02 70.68 0.61
N LEU H 183 47.20 69.70 1.48
CA LEU H 183 46.54 69.66 2.78
C LEU H 183 47.59 69.39 3.85
N GLY H 184 47.78 70.34 4.76
CA GLY H 184 48.62 70.14 5.93
C GLY H 184 47.76 69.93 7.18
N VAL H 185 48.18 68.98 8.02
CA VAL H 185 47.48 68.64 9.26
C VAL H 185 48.46 68.72 10.42
N TYR H 186 48.09 69.45 11.48
CA TYR H 186 48.87 69.51 12.71
C TYR H 186 48.09 68.82 13.81
N ILE H 187 48.67 67.76 14.39
CA ILE H 187 48.02 66.98 15.43
C ILE H 187 49.07 66.50 16.44
N ASN H 188 48.61 66.26 17.67
CA ASN H 188 49.45 65.61 18.67
C ASN H 188 49.78 64.18 18.27
N ASN H 189 50.98 63.74 18.65
CA ASN H 189 51.44 62.37 18.36
C ASN H 189 51.27 62.05 16.88
N ALA H 190 51.71 62.98 16.03
CA ALA H 190 51.44 62.91 14.60
C ALA H 190 51.93 61.60 14.00
N ASP H 191 53.00 61.02 14.54
CA ASP H 191 53.55 59.79 13.98
C ASP H 191 52.56 58.64 14.05
N THR H 192 51.71 58.60 15.09
CA THR H 192 50.71 57.54 15.15
C THR H 192 49.54 57.78 14.21
N TYR H 193 49.49 58.91 13.51
CA TYR H 193 48.36 59.23 12.64
C TYR H 193 48.71 59.23 11.16
N LYS H 194 50.00 59.26 10.82
CA LYS H 194 50.39 59.28 9.41
C LYS H 194 49.89 58.05 8.65
N GLU H 195 49.83 56.90 9.31
CA GLU H 195 49.33 55.69 8.66
C GLU H 195 47.86 55.78 8.29
N GLU H 196 47.11 56.67 8.95
CA GLU H 196 45.69 56.81 8.65
C GLU H 196 45.42 57.59 7.38
N VAL H 197 46.41 58.34 6.87
CA VAL H 197 46.16 59.24 5.75
C VAL H 197 45.83 58.45 4.48
N GLU H 198 46.68 57.48 4.13
CA GLU H 198 46.40 56.76 2.88
C GLU H 198 45.31 55.71 3.05
N LYS H 199 45.10 55.20 4.27
CA LYS H 199 43.92 54.37 4.51
C LYS H 199 42.64 55.19 4.29
N ALA H 200 42.62 56.44 4.77
CA ALA H 200 41.50 57.33 4.51
C ALA H 200 41.31 57.56 3.02
N ARG H 201 42.41 57.74 2.29
CA ARG H 201 42.30 58.01 0.86
C ARG H 201 41.69 56.82 0.14
N VAL H 202 42.08 55.61 0.54
CA VAL H 202 41.52 54.39 -0.04
C VAL H 202 40.05 54.23 0.35
N TYR H 203 39.76 54.40 1.64
CA TYR H 203 38.38 54.30 2.11
C TYR H 203 37.50 55.35 1.45
N TYR H 204 38.01 56.58 1.30
CA TYR H 204 37.26 57.60 0.60
C TYR H 204 36.90 57.14 -0.81
N PHE H 205 37.85 56.53 -1.53
CA PHE H 205 37.51 56.23 -2.91
C PHE H 205 36.61 55.02 -3.04
N GLY H 206 36.73 54.02 -2.16
CA GLY H 206 35.76 52.94 -2.16
C GLY H 206 34.33 53.46 -2.00
N THR H 207 34.14 54.37 -1.05
CA THR H 207 32.86 55.02 -0.82
C THR H 207 32.44 55.86 -2.01
N TYR H 208 33.36 56.69 -2.52
CA TYR H 208 33.01 57.55 -3.64
C TYR H 208 32.71 56.75 -4.89
N TYR H 209 33.40 55.63 -5.07
CA TYR H 209 33.14 54.77 -6.21
C TYR H 209 31.76 54.09 -6.08
N ALA H 210 31.39 53.64 -4.89
CA ALA H 210 30.04 53.12 -4.70
C ALA H 210 28.99 54.18 -5.02
N SER H 211 29.19 55.40 -4.52
CA SER H 211 28.21 56.45 -4.78
C SER H 211 28.15 56.82 -6.25
N GLN H 212 29.25 56.67 -6.98
CA GLN H 212 29.23 56.94 -8.41
C GLN H 212 28.32 55.96 -9.14
N LEU H 213 28.42 54.66 -8.78
CA LEU H 213 27.53 53.66 -9.36
C LEU H 213 26.08 53.91 -8.96
N ILE H 214 25.84 54.25 -7.68
CA ILE H 214 24.47 54.47 -7.20
C ILE H 214 23.86 55.71 -7.85
N ALA H 215 24.62 56.81 -7.89
CA ALA H 215 24.11 58.04 -8.49
C ALA H 215 23.87 57.88 -9.98
N ALA H 216 24.62 57.00 -10.63
CA ALA H 216 24.46 56.81 -12.07
C ALA H 216 23.04 56.33 -12.36
N PRO H 217 22.31 57.01 -13.24
CA PRO H 217 20.90 56.68 -13.45
C PRO H 217 20.75 55.35 -14.17
N SER H 218 19.52 54.82 -14.10
CA SER H 218 19.27 53.46 -14.57
C SER H 218 19.46 53.27 -16.07
N ASN H 219 19.39 54.34 -16.87
CA ASN H 219 19.72 54.17 -18.29
C ASN H 219 21.22 54.02 -18.51
N TYR H 220 22.05 54.56 -17.61
CA TYR H 220 23.50 54.36 -17.69
C TYR H 220 23.95 53.09 -16.96
N CYS H 221 23.42 52.89 -15.75
CA CYS H 221 23.74 51.74 -14.87
C CYS H 221 22.63 50.69 -15.01
N ASN H 222 22.88 49.69 -15.83
CA ASN H 222 21.96 48.58 -16.04
C ASN H 222 22.75 47.31 -15.74
N PRO H 223 22.14 46.11 -15.75
CA PRO H 223 22.91 44.92 -15.35
C PRO H 223 24.11 44.64 -16.23
N VAL H 224 24.05 44.95 -17.52
CA VAL H 224 25.19 44.69 -18.39
C VAL H 224 26.28 45.71 -18.14
N SER H 225 25.91 46.99 -18.09
CA SER H 225 26.95 48.00 -17.87
C SER H 225 27.53 47.90 -16.47
N LEU H 226 26.71 47.56 -15.46
CA LEU H 226 27.23 47.44 -14.10
C LEU H 226 28.18 46.26 -13.96
N SER H 227 27.85 45.12 -14.58
CA SER H 227 28.79 43.99 -14.53
C SER H 227 30.03 44.25 -15.37
N ASN H 228 29.92 45.06 -16.43
CA ASN H 228 31.11 45.48 -17.17
C ASN H 228 32.02 46.34 -16.30
N ALA H 229 31.42 47.26 -15.52
CA ALA H 229 32.23 48.07 -14.62
C ALA H 229 32.95 47.19 -13.62
N ALA H 230 32.27 46.18 -13.07
CA ALA H 230 32.88 45.27 -12.10
C ALA H 230 34.08 44.53 -12.67
N VAL H 231 34.00 44.12 -13.94
CA VAL H 231 35.13 43.45 -14.59
C VAL H 231 36.32 44.39 -14.72
N GLU H 232 36.04 45.62 -15.14
CA GLU H 232 37.10 46.62 -15.28
C GLU H 232 37.70 46.95 -13.92
N LEU H 233 36.88 46.96 -12.86
CA LEU H 233 37.41 47.11 -11.51
C LEU H 233 38.31 45.94 -11.16
N ALA H 234 37.85 44.72 -11.42
CA ALA H 234 38.63 43.54 -11.08
C ALA H 234 39.93 43.50 -11.87
N GLN H 235 39.89 43.98 -13.12
CA GLN H 235 41.09 44.01 -13.94
C GLN H 235 42.12 44.98 -13.38
N LYS H 236 41.67 46.18 -12.97
CA LYS H 236 42.62 47.14 -12.42
C LYS H 236 43.21 46.68 -11.10
N LEU H 237 42.51 45.81 -10.36
CA LEU H 237 42.94 45.39 -9.03
C LEU H 237 43.63 44.04 -9.04
N ASN H 238 43.65 43.34 -10.19
CA ASN H 238 44.19 41.98 -10.30
C ASN H 238 43.39 40.98 -9.46
N LEU H 239 42.07 41.20 -9.40
CA LEU H 239 41.16 40.27 -8.74
C LEU H 239 40.70 39.23 -9.74
N GLU H 240 40.58 37.98 -9.28
CA GLU H 240 39.89 36.97 -10.07
C GLU H 240 38.43 37.38 -10.24
N TYR H 241 37.84 37.04 -11.39
CA TYR H 241 36.49 37.51 -11.67
C TYR H 241 35.77 36.56 -12.61
N LYS H 242 34.45 36.62 -12.57
CA LYS H 242 33.63 35.78 -13.41
C LYS H 242 32.22 36.37 -13.44
N ILE H 243 31.69 36.56 -14.63
CA ILE H 243 30.32 37.06 -14.82
C ILE H 243 29.49 35.91 -15.35
N LEU H 244 28.44 35.54 -14.63
CA LEU H 244 27.59 34.45 -15.04
C LEU H 244 26.43 35.03 -15.82
N GLY H 245 26.22 34.52 -17.04
CA GLY H 245 25.13 34.94 -17.88
C GLY H 245 23.96 33.99 -17.78
N VAL H 246 22.94 34.27 -18.59
CA VAL H 246 21.65 33.60 -18.44
C VAL H 246 21.79 32.09 -18.61
N LYS H 247 22.63 31.66 -19.55
CA LYS H 247 22.74 30.23 -19.82
C LYS H 247 23.35 29.48 -18.64
N GLU H 248 24.40 30.04 -18.03
CA GLU H 248 24.96 29.38 -16.85
C GLU H 248 24.02 29.52 -15.64
N LEU H 249 23.27 30.62 -15.56
CA LEU H 249 22.31 30.77 -14.46
C LEU H 249 21.16 29.78 -14.60
N GLU H 250 20.70 29.51 -15.82
CA GLU H 250 19.70 28.46 -16.03
C GLU H 250 20.23 27.10 -15.62
N GLU H 251 21.52 26.82 -15.90
CA GLU H 251 22.10 25.54 -15.53
C GLU H 251 22.27 25.42 -14.02
N LEU H 252 22.49 26.53 -13.32
CA LEU H 252 22.54 26.49 -11.87
C LEU H 252 21.16 26.54 -11.24
N LYS H 253 20.09 26.58 -12.04
CA LYS H 253 18.71 26.48 -11.58
C LYS H 253 18.28 27.69 -10.72
N MET H 254 18.81 28.87 -11.03
CA MET H 254 18.50 30.09 -10.28
C MET H 254 17.16 30.70 -10.73
N GLY H 255 16.10 29.92 -10.51
CA GLY H 255 14.78 30.35 -10.96
C GLY H 255 14.24 31.55 -10.22
N ALA H 256 14.63 31.75 -8.95
CA ALA H 256 14.15 32.94 -8.25
C ALA H 256 14.76 34.20 -8.85
N TYR H 257 16.09 34.20 -9.00
CA TYR H 257 16.82 35.29 -9.64
C TYR H 257 16.36 35.53 -11.08
N LEU H 258 16.28 34.47 -11.88
CA LEU H 258 15.92 34.65 -13.28
C LEU H 258 14.51 35.20 -13.44
N SER H 259 13.59 34.84 -12.54
CA SER H 259 12.21 35.32 -12.65
C SER H 259 12.15 36.83 -12.52
N VAL H 260 12.96 37.40 -11.63
CA VAL H 260 12.91 38.85 -11.41
C VAL H 260 13.27 39.58 -12.69
N GLY H 261 14.25 39.07 -13.44
CA GLY H 261 14.75 39.74 -14.62
C GLY H 261 13.99 39.46 -15.91
N LYS H 262 12.99 38.58 -15.86
CA LYS H 262 12.29 38.17 -17.09
C LYS H 262 11.78 39.38 -17.85
N GLY H 263 11.23 40.38 -17.16
CA GLY H 263 10.64 41.52 -17.80
C GLY H 263 11.60 42.54 -18.35
N SER H 264 12.91 42.36 -18.15
CA SER H 264 13.87 43.37 -18.50
C SER H 264 14.45 43.16 -19.91
N MET H 265 14.82 44.26 -20.56
CA MET H 265 15.58 44.17 -21.79
C MET H 265 17.04 43.84 -21.55
N TYR H 266 17.52 43.90 -20.31
CA TYR H 266 18.91 43.60 -20.03
C TYR H 266 19.03 42.19 -19.48
N PRO H 267 19.84 41.33 -20.09
CA PRO H 267 20.09 40.01 -19.50
C PRO H 267 20.65 40.12 -18.10
N ASN H 268 20.19 39.24 -17.21
CA ASN H 268 20.76 39.11 -15.88
C ASN H 268 22.27 38.86 -15.98
N LYS H 269 23.04 39.44 -15.05
CA LYS H 269 24.47 39.15 -14.93
C LYS H 269 24.82 38.98 -13.46
N PHE H 270 25.34 37.81 -13.10
CA PHE H 270 25.78 37.54 -11.73
C PHE H 270 27.27 37.85 -11.62
N ILE H 271 27.63 38.76 -10.71
CA ILE H 271 29.01 39.18 -10.52
C ILE H 271 29.67 38.30 -9.47
N HIS H 272 30.89 37.81 -9.76
CA HIS H 272 31.66 37.04 -8.79
C HIS H 272 33.13 37.45 -8.91
N LEU H 273 33.56 38.35 -8.04
CA LEU H 273 34.95 38.74 -7.89
C LEU H 273 35.54 37.96 -6.71
N THR H 274 36.85 37.75 -6.73
CA THR H 274 37.49 37.08 -5.61
C THR H 274 38.84 37.71 -5.29
N TYR H 275 39.08 37.98 -4.02
CA TYR H 275 40.39 38.33 -3.49
C TYR H 275 40.90 37.17 -2.67
N LYS H 276 42.18 36.86 -2.81
CA LYS H 276 42.78 35.74 -2.10
C LYS H 276 44.17 36.13 -1.65
N SER H 277 44.41 36.10 -0.33
CA SER H 277 45.73 36.45 0.19
C SER H 277 46.79 35.47 -0.32
N LYS H 278 48.05 35.89 -0.23
CA LYS H 278 49.13 35.03 -0.71
C LYS H 278 49.38 33.86 0.24
N GLY H 279 49.31 34.10 1.55
CA GLY H 279 49.79 33.10 2.49
C GLY H 279 48.80 32.00 2.84
N ASP H 280 48.81 31.57 4.11
CA ASP H 280 47.75 30.70 4.59
C ASP H 280 46.43 31.45 4.57
N VAL H 281 45.36 30.76 4.19
CA VAL H 281 44.02 31.33 4.20
C VAL H 281 43.33 30.84 5.47
N LYS H 282 43.12 31.74 6.42
CA LYS H 282 42.47 31.40 7.68
C LYS H 282 40.96 31.64 7.67
N LYS H 283 40.45 32.50 6.80
CA LYS H 283 39.04 32.83 6.83
C LYS H 283 38.52 33.05 5.41
N LYS H 284 37.37 32.48 5.13
CA LYS H 284 36.72 32.60 3.84
C LYS H 284 35.38 33.28 4.05
N ILE H 285 35.17 34.38 3.34
CA ILE H 285 34.02 35.26 3.56
C ILE H 285 33.35 35.53 2.21
N ALA H 286 32.04 35.42 2.17
CA ALA H 286 31.24 35.84 1.02
C ALA H 286 30.50 37.11 1.39
N LEU H 287 30.72 38.16 0.62
CA LEU H 287 29.99 39.41 0.73
C LEU H 287 29.01 39.47 -0.43
N VAL H 288 27.71 39.58 -0.12
CA VAL H 288 26.64 39.54 -1.12
C VAL H 288 25.93 40.89 -1.14
N GLY H 289 25.80 41.48 -2.32
CA GLY H 289 25.14 42.78 -2.49
C GLY H 289 23.86 42.67 -3.29
N LYS H 290 22.82 43.35 -2.82
CA LYS H 290 21.59 43.39 -3.63
C LYS H 290 21.79 44.32 -4.83
N GLY H 291 21.56 43.81 -6.03
CA GLY H 291 21.88 44.60 -7.20
C GLY H 291 20.76 44.80 -8.20
N ILE H 292 19.69 45.46 -7.78
CA ILE H 292 18.57 45.77 -8.67
C ILE H 292 18.82 47.16 -9.22
N THR H 293 19.13 47.25 -10.53
CA THR H 293 19.60 48.51 -11.08
C THR H 293 18.48 49.50 -11.26
N PHE H 294 17.27 49.01 -11.46
CA PHE H 294 16.07 49.85 -11.35
C PHE H 294 14.96 48.96 -10.80
N ASP H 295 14.21 49.47 -9.83
CA ASP H 295 13.08 48.71 -9.28
C ASP H 295 11.78 49.46 -9.55
N SER H 296 11.07 49.04 -10.59
CA SER H 296 9.78 49.64 -10.90
C SER H 296 8.68 49.16 -9.96
N GLY H 297 8.89 48.04 -9.29
CA GLY H 297 7.84 47.31 -8.63
C GLY H 297 7.37 46.11 -9.41
N GLY H 298 7.58 46.11 -10.74
CA GLY H 298 6.97 45.05 -11.52
C GLY H 298 5.47 45.31 -11.59
N TYR H 299 4.71 44.24 -11.81
CA TYR H 299 3.26 44.40 -11.92
C TYR H 299 2.65 44.93 -10.63
N ASN H 300 3.30 44.69 -9.47
CA ASN H 300 3.02 45.46 -8.26
C ASN H 300 3.74 46.82 -8.33
N LEU H 301 3.34 47.63 -9.31
CA LEU H 301 4.04 48.88 -9.63
C LEU H 301 4.13 49.82 -8.43
N LYS H 302 5.25 50.54 -8.31
CA LYS H 302 5.41 51.57 -7.28
C LYS H 302 4.58 52.79 -7.67
N ALA H 303 3.28 52.68 -7.42
CA ALA H 303 2.33 53.73 -7.77
C ALA H 303 1.64 54.36 -6.56
N ALA H 304 1.87 53.84 -5.35
CA ALA H 304 1.24 54.43 -4.18
C ALA H 304 1.92 55.75 -3.81
N PRO H 305 1.16 56.67 -3.20
CA PRO H 305 1.77 57.89 -2.66
C PRO H 305 2.95 57.58 -1.75
N GLY H 306 4.08 58.23 -2.04
CA GLY H 306 5.27 58.06 -1.24
C GLY H 306 6.14 56.84 -1.55
N SER H 307 5.90 56.13 -2.66
CA SER H 307 6.76 54.99 -2.96
C SER H 307 8.05 55.39 -3.66
N MET H 308 8.18 56.65 -4.07
CA MET H 308 9.43 57.27 -4.57
C MET H 308 10.09 56.46 -5.69
N ILE H 309 9.31 56.16 -6.73
CA ILE H 309 9.83 55.36 -7.82
C ILE H 309 11.02 56.02 -8.49
N ASP H 310 11.03 57.37 -8.52
CA ASP H 310 12.13 58.09 -9.18
C ASP H 310 13.47 57.95 -8.46
N LEU H 311 13.49 57.36 -7.26
CA LEU H 311 14.72 57.13 -6.52
C LEU H 311 15.28 55.73 -6.73
N MET H 312 14.56 54.87 -7.44
CA MET H 312 14.85 53.45 -7.42
C MET H 312 16.09 53.03 -8.21
N LYS H 313 16.84 53.99 -8.78
CA LYS H 313 18.18 53.63 -9.24
C LYS H 313 19.08 53.24 -8.06
N PHE H 314 18.70 53.62 -6.83
CA PHE H 314 19.49 53.32 -5.64
CA PHE H 314 19.52 53.31 -5.67
C PHE H 314 19.35 51.87 -5.17
N ASP H 315 18.54 51.06 -5.85
CA ASP H 315 18.30 49.70 -5.38
C ASP H 315 19.45 48.74 -5.67
N MET H 316 20.57 49.21 -6.23
CA MET H 316 21.80 48.41 -6.30
C MET H 316 22.87 48.95 -5.35
N SER H 317 22.46 49.70 -4.31
CA SER H 317 23.42 50.21 -3.34
C SER H 317 24.17 49.09 -2.63
N GLY H 318 23.52 47.95 -2.44
CA GLY H 318 24.22 46.83 -1.82
C GLY H 318 25.34 46.32 -2.72
N CYS H 319 25.04 46.15 -4.00
CA CYS H 319 26.07 45.77 -4.96
C CYS H 319 27.16 46.82 -5.03
N ALA H 320 26.78 48.10 -5.03
CA ALA H 320 27.76 49.17 -5.04
C ALA H 320 28.72 49.06 -3.86
N ALA H 321 28.17 48.80 -2.67
CA ALA H 321 28.97 48.73 -1.45
C ALA H 321 29.92 47.52 -1.47
N VAL H 322 29.46 46.39 -1.99
CA VAL H 322 30.35 45.24 -2.12
C VAL H 322 31.49 45.55 -3.09
N LEU H 323 31.19 46.17 -4.23
CA LEU H 323 32.23 46.52 -5.20
C LEU H 323 33.16 47.58 -4.64
N GLY H 324 32.61 48.58 -3.94
CA GLY H 324 33.45 49.54 -3.23
C GLY H 324 34.41 48.84 -2.29
N CYS H 325 33.92 47.83 -1.58
CA CYS H 325 34.77 47.13 -0.63
C CYS H 325 35.83 46.30 -1.34
N ALA H 326 35.47 45.71 -2.49
CA ALA H 326 36.47 45.03 -3.32
C ALA H 326 37.61 45.96 -3.68
N TYR H 327 37.29 47.24 -3.96
CA TYR H 327 38.37 48.18 -4.25
C TYR H 327 39.28 48.33 -3.04
N CYS H 328 38.70 48.56 -1.85
CA CYS H 328 39.51 48.76 -0.64
C CYS H 328 40.32 47.51 -0.31
N VAL H 329 39.69 46.34 -0.39
CA VAL H 329 40.35 45.09 -0.01
C VAL H 329 41.47 44.77 -1.00
N GLY H 330 41.19 44.92 -2.29
CA GLY H 330 42.21 44.70 -3.30
C GLY H 330 43.31 45.74 -3.28
N THR H 331 43.05 46.92 -2.73
CA THR H 331 44.10 47.93 -2.60
C THR H 331 44.95 47.67 -1.37
N LEU H 332 44.31 47.46 -0.21
CA LEU H 332 45.04 47.26 1.05
C LEU H 332 45.61 45.85 1.20
N LYS H 333 45.16 44.89 0.40
CA LYS H 333 45.71 43.53 0.32
C LYS H 333 45.90 42.89 1.69
N PRO H 334 44.82 42.58 2.42
CA PRO H 334 44.99 41.95 3.74
C PRO H 334 45.47 40.52 3.59
N GLU H 335 46.14 40.05 4.64
CA GLU H 335 46.61 38.67 4.72
C GLU H 335 45.54 37.74 5.31
N ASN H 336 45.73 36.44 5.07
CA ASN H 336 45.00 35.33 5.72
C ASN H 336 43.53 35.22 5.33
N VAL H 337 43.07 35.87 4.25
CA VAL H 337 41.65 35.83 3.92
C VAL H 337 41.45 35.49 2.45
N GLU H 338 40.27 34.94 2.17
CA GLU H 338 39.76 34.80 0.81
C GLU H 338 38.36 35.40 0.82
N ILE H 339 38.14 36.41 0.00
CA ILE H 339 36.88 37.14 0.01
C ILE H 339 36.21 36.99 -1.36
N HIS H 340 34.96 36.55 -1.35
CA HIS H 340 34.14 36.47 -2.55
C HIS H 340 33.15 37.63 -2.55
N PHE H 341 33.14 38.38 -3.64
CA PHE H 341 32.30 39.57 -3.80
C PHE H 341 31.23 39.20 -4.82
N LEU H 342 29.98 39.08 -4.35
CA LEU H 342 28.90 38.49 -5.13
C LEU H 342 27.78 39.50 -5.34
N SER H 343 27.20 39.51 -6.54
CA SER H 343 25.94 40.22 -6.74
C SER H 343 25.14 39.61 -7.88
N ALA H 344 23.84 39.45 -7.63
CA ALA H 344 22.89 38.95 -8.61
C ALA H 344 22.17 40.16 -9.18
N VAL H 345 22.65 40.65 -10.32
CA VAL H 345 22.27 41.95 -10.86
C VAL H 345 21.19 41.76 -11.91
N CYS H 346 20.13 42.54 -11.80
CA CYS H 346 19.03 42.48 -12.74
C CYS H 346 18.20 43.74 -12.57
N GLU H 347 17.17 43.86 -13.38
CA GLU H 347 16.26 44.99 -13.38
C GLU H 347 14.81 44.49 -13.27
N ASN H 348 13.96 45.20 -12.50
CA ASN H 348 12.58 44.77 -12.18
C ASN H 348 11.60 45.63 -12.96
N MET H 349 11.10 45.11 -14.09
CA MET H 349 10.37 45.92 -15.04
C MET H 349 8.97 45.37 -15.30
N VAL H 350 8.14 46.18 -15.98
CA VAL H 350 6.79 45.81 -16.36
C VAL H 350 6.79 45.53 -17.86
N SER H 351 6.32 44.34 -18.23
CA SER H 351 6.49 43.87 -19.59
C SER H 351 5.55 42.70 -19.81
N LYS H 352 5.37 42.33 -21.08
CA LYS H 352 4.66 41.10 -21.38
C LYS H 352 5.41 39.88 -20.87
N ASN H 353 6.70 40.01 -20.67
CA ASN H 353 7.54 38.92 -20.25
C ASN H 353 7.79 38.89 -18.74
N SER H 354 7.35 39.91 -17.99
CA SER H 354 7.61 39.97 -16.54
C SER H 354 7.00 38.77 -15.81
N TYR H 355 7.58 38.44 -14.67
CA TYR H 355 6.89 37.51 -13.78
C TYR H 355 5.70 38.21 -13.13
N ARG H 356 4.73 37.39 -12.68
CA ARG H 356 3.45 37.89 -12.19
C ARG H 356 3.23 37.55 -10.71
N PRO H 357 2.47 38.39 -9.99
CA PRO H 357 2.02 38.01 -8.64
C PRO H 357 1.27 36.69 -8.69
N GLY H 358 1.53 35.84 -7.70
CA GLY H 358 0.98 34.50 -7.69
C GLY H 358 1.83 33.43 -8.35
N ASP H 359 2.76 33.80 -9.24
CA ASP H 359 3.63 32.81 -9.87
C ASP H 359 4.36 31.99 -8.80
N ILE H 360 4.55 30.71 -9.07
CA ILE H 360 5.39 29.88 -8.22
C ILE H 360 6.67 29.57 -8.97
N ILE H 361 7.80 29.92 -8.37
CA ILE H 361 9.11 29.77 -8.98
C ILE H 361 9.94 28.84 -8.10
N THR H 362 10.99 28.28 -8.68
CA THR H 362 11.85 27.33 -7.97
C THR H 362 13.24 27.93 -7.80
N ALA H 363 13.68 28.07 -6.55
CA ALA H 363 15.03 28.51 -6.25
C ALA H 363 16.03 27.39 -6.53
N SER H 364 17.31 27.75 -6.56
CA SER H 364 18.38 26.82 -6.90
C SER H 364 18.63 25.76 -5.82
N ASN H 365 18.04 25.90 -4.63
CA ASN H 365 18.12 24.83 -3.65
C ASN H 365 16.90 23.93 -3.69
N GLY H 366 16.08 24.04 -4.74
CA GLY H 366 14.88 23.24 -4.89
C GLY H 366 13.64 23.77 -4.20
N LYS H 367 13.76 24.78 -3.36
CA LYS H 367 12.58 25.31 -2.66
C LYS H 367 11.70 26.07 -3.64
N THR H 368 10.40 25.78 -3.60
CA THR H 368 9.42 26.46 -4.43
C THR H 368 8.81 27.63 -3.65
N ILE H 369 8.54 28.71 -4.37
CA ILE H 369 8.23 30.00 -3.76
C ILE H 369 7.01 30.58 -4.46
N GLU H 370 5.99 30.94 -3.68
CA GLU H 370 4.82 31.64 -4.20
C GLU H 370 5.07 33.14 -4.14
N VAL H 371 5.04 33.79 -5.29
CA VAL H 371 5.24 35.23 -5.35
C VAL H 371 3.97 35.94 -4.90
N GLY H 372 4.07 36.73 -3.86
CA GLY H 372 2.90 37.42 -3.38
C GLY H 372 2.89 38.85 -3.85
N ASN H 373 4.07 39.37 -4.18
CA ASN H 373 4.22 40.77 -4.57
C ASN H 373 5.52 40.92 -5.35
N THR H 374 5.42 41.31 -6.62
CA THR H 374 6.58 41.40 -7.48
C THR H 374 7.56 42.49 -7.03
N ASP H 375 7.17 43.34 -6.09
CA ASP H 375 8.01 44.42 -5.61
C ASP H 375 8.85 43.98 -4.42
N ALA H 376 8.69 42.75 -3.95
CA ALA H 376 9.63 42.20 -2.99
C ALA H 376 10.65 41.32 -3.70
N GLU H 377 11.23 41.90 -4.76
CA GLU H 377 12.11 41.15 -5.65
C GLU H 377 13.52 40.99 -5.07
N GLY H 378 13.93 41.86 -4.16
CA GLY H 378 15.28 41.77 -3.64
C GLY H 378 15.56 40.44 -2.97
N ARG H 379 14.62 39.97 -2.13
CA ARG H 379 14.82 38.73 -1.38
C ARG H 379 14.84 37.50 -2.31
N LEU H 380 14.17 37.59 -3.46
CA LEU H 380 14.24 36.52 -4.46
C LEU H 380 15.63 36.46 -5.11
N THR H 381 16.19 37.62 -5.48
CA THR H 381 17.55 37.58 -6.04
C THR H 381 18.56 37.13 -4.99
N LEU H 382 18.41 37.63 -3.75
CA LEU H 382 19.35 37.28 -2.69
C LEU H 382 19.26 35.80 -2.32
N ALA H 383 18.05 35.23 -2.37
CA ALA H 383 17.87 33.80 -2.07
C ALA H 383 18.77 32.93 -2.94
N ASP H 384 18.77 33.19 -4.24
CA ASP H 384 19.66 32.45 -5.11
C ASP H 384 21.11 32.86 -4.93
N ALA H 385 21.35 34.13 -4.62
CA ALA H 385 22.72 34.55 -4.36
C ALA H 385 23.27 33.90 -3.09
N LEU H 386 22.40 33.69 -2.09
CA LEU H 386 22.86 33.08 -0.84
C LEU H 386 23.14 31.60 -1.03
N VAL H 387 22.35 30.94 -1.88
CA VAL H 387 22.57 29.53 -2.14
C VAL H 387 23.91 29.34 -2.85
N TYR H 388 24.17 30.17 -3.85
CA TYR H 388 25.48 30.21 -4.49
C TYR H 388 26.60 30.44 -3.48
N ALA H 389 26.38 31.33 -2.51
CA ALA H 389 27.46 31.72 -1.60
C ALA H 389 27.81 30.60 -0.63
N GLU H 390 26.80 29.90 -0.12
CA GLU H 390 27.06 28.79 0.79
C GLU H 390 27.79 27.64 0.07
N LYS H 391 27.51 27.45 -1.22
CA LYS H 391 28.21 26.44 -2.01
C LYS H 391 29.70 26.73 -2.15
N LEU H 392 30.11 27.99 -1.99
CA LEU H 392 31.53 28.30 -2.02
C LEU H 392 32.27 27.71 -0.81
N GLY H 393 31.57 27.36 0.26
CA GLY H 393 32.22 26.83 1.46
C GLY H 393 32.92 27.88 2.29
N VAL H 394 32.20 28.91 2.75
CA VAL H 394 32.79 30.03 3.46
C VAL H 394 32.47 29.93 4.96
N ASP H 395 33.24 30.67 5.76
CA ASP H 395 32.98 30.74 7.19
C ASP H 395 31.86 31.73 7.52
N TYR H 396 31.79 32.84 6.77
CA TYR H 396 30.85 33.92 7.02
C TYR H 396 30.20 34.32 5.70
N ILE H 397 28.88 34.47 5.71
CA ILE H 397 28.15 35.12 4.62
C ILE H 397 27.54 36.41 5.18
N VAL H 398 27.87 37.54 4.58
CA VAL H 398 27.27 38.82 4.95
C VAL H 398 26.61 39.43 3.72
N ASP H 399 25.30 39.64 3.77
CA ASP H 399 24.64 40.34 2.68
C ASP H 399 24.33 41.77 3.08
N ILE H 400 24.20 42.64 2.08
CA ILE H 400 23.89 44.04 2.30
C ILE H 400 22.96 44.50 1.17
N ALA H 401 21.89 45.22 1.52
CA ALA H 401 20.75 45.34 0.62
C ALA H 401 19.83 46.46 1.09
N THR H 402 19.34 47.26 0.13
CA THR H 402 18.22 48.17 0.38
C THR H 402 16.93 47.34 0.29
N LEU H 403 16.69 46.54 1.35
CA LEU H 403 15.68 45.51 1.23
C LEU H 403 14.27 46.04 1.51
N THR H 404 14.05 46.72 2.63
CA THR H 404 12.68 47.03 3.05
C THR H 404 12.52 48.49 3.43
N GLY H 405 11.48 49.13 2.86
CA GLY H 405 11.17 50.50 3.22
C GLY H 405 10.82 50.68 4.69
N ALA H 406 10.42 49.61 5.37
CA ALA H 406 10.07 49.70 6.79
C ALA H 406 11.24 50.10 7.67
N MET H 407 12.48 50.02 7.18
CA MET H 407 13.61 50.50 7.99
C MET H 407 13.49 52.00 8.28
N LEU H 408 12.81 52.77 7.42
CA LEU H 408 12.65 54.20 7.69
C LEU H 408 11.82 54.43 8.95
N TYR H 409 10.94 53.49 9.28
CA TYR H 409 10.06 53.58 10.43
C TYR H 409 10.67 52.94 11.68
N SER H 410 11.76 52.18 11.55
CA SER H 410 12.38 51.55 12.72
C SER H 410 13.64 52.27 13.15
N LEU H 411 14.62 52.38 12.26
CA LEU H 411 15.86 53.03 12.60
C LEU H 411 16.08 54.34 11.87
N GLY H 412 15.32 54.61 10.81
CA GLY H 412 15.43 55.89 10.13
C GLY H 412 16.59 55.95 9.15
N THR H 413 17.13 57.15 9.00
CA THR H 413 18.11 57.43 7.96
C THR H 413 19.54 57.40 8.46
N SER H 414 19.78 57.21 9.74
CA SER H 414 21.14 57.24 10.23
C SER H 414 21.70 55.85 10.56
N TYR H 415 20.89 54.93 11.10
CA TYR H 415 21.40 53.62 11.47
C TYR H 415 20.89 52.55 10.53
N ALA H 416 21.78 51.68 10.09
CA ALA H 416 21.33 50.51 9.37
C ALA H 416 20.92 49.43 10.37
N GLY H 417 20.15 48.46 9.90
CA GLY H 417 19.79 47.31 10.72
C GLY H 417 20.59 46.09 10.31
N VAL H 418 21.01 45.30 11.29
CA VAL H 418 21.67 44.03 10.99
C VAL H 418 20.88 42.89 11.63
N PHE H 419 20.73 41.81 10.89
CA PHE H 419 20.03 40.61 11.35
C PHE H 419 20.96 39.44 11.08
N GLY H 420 20.76 38.32 11.77
CA GLY H 420 21.61 37.18 11.47
C GLY H 420 21.23 35.96 12.29
N ASN H 421 21.95 34.87 12.02
CA ASN H 421 21.73 33.58 12.67
C ASN H 421 22.89 33.17 13.58
N ASN H 422 23.75 34.12 13.97
CA ASN H 422 25.01 33.77 14.64
C ASN H 422 25.49 35.00 15.41
N GLU H 423 25.49 34.90 16.75
CA GLU H 423 25.78 36.06 17.59
C GLU H 423 27.22 36.54 17.42
N GLU H 424 28.18 35.61 17.27
CA GLU H 424 29.56 36.01 17.08
C GLU H 424 29.74 36.84 15.81
N LEU H 425 29.14 36.38 14.70
CA LEU H 425 29.20 37.17 13.47
C LEU H 425 28.56 38.54 13.66
N ILE H 426 27.40 38.59 14.31
CA ILE H 426 26.71 39.86 14.50
C ILE H 426 27.59 40.82 15.29
N ASN H 427 28.20 40.31 16.37
CA ASN H 427 29.08 41.14 17.18
C ASN H 427 30.27 41.65 16.37
N LYS H 428 30.77 40.84 15.44
CA LYS H 428 31.84 41.30 14.55
C LYS H 428 31.36 42.49 13.71
N ILE H 429 30.18 42.37 13.12
CA ILE H 429 29.59 43.49 12.39
C ILE H 429 29.49 44.73 13.28
N LEU H 430 28.97 44.56 14.50
CA LEU H 430 28.82 45.72 15.38
C LEU H 430 30.18 46.32 15.74
N GLN H 431 31.19 45.47 15.91
CA GLN H 431 32.53 46.02 16.15
C GLN H 431 33.04 46.80 14.94
N SER H 432 32.80 46.30 13.73
CA SER H 432 33.23 47.03 12.52
C SER H 432 32.48 48.34 12.37
N SER H 433 31.21 48.34 12.79
CA SER H 433 30.43 49.58 12.83
C SER H 433 31.12 50.63 13.67
N LYS H 434 31.63 50.23 14.83
CA LYS H 434 32.31 51.16 15.74
C LYS H 434 33.58 51.72 15.10
N THR H 435 34.41 50.86 14.52
CA THR H 435 35.69 51.31 13.95
C THR H 435 35.54 51.98 12.60
N SER H 436 34.49 51.66 11.83
CA SER H 436 34.24 52.33 10.56
C SER H 436 33.41 53.59 10.73
N ASN H 437 32.81 53.77 11.90
CA ASN H 437 31.90 54.87 12.19
C ASN H 437 30.74 54.91 11.21
N GLU H 438 30.30 53.74 10.74
CA GLU H 438 29.05 53.64 10.01
C GLU H 438 28.04 52.95 10.93
N PRO H 439 27.08 53.70 11.47
CA PRO H 439 26.25 53.18 12.58
C PRO H 439 25.31 52.06 12.17
N VAL H 440 25.29 50.99 12.96
CA VAL H 440 24.42 49.84 12.71
C VAL H 440 23.84 49.39 14.04
N TRP H 441 22.60 48.89 14.00
CA TRP H 441 21.92 48.45 15.21
C TRP H 441 21.36 47.05 15.00
N TRP H 442 21.55 46.20 16.00
CA TRP H 442 21.14 44.81 15.89
C TRP H 442 19.63 44.67 16.12
N LEU H 443 18.95 44.00 15.19
CA LEU H 443 17.51 43.75 15.20
C LEU H 443 17.24 42.24 15.14
N PRO H 444 16.13 41.78 15.73
CA PRO H 444 15.92 40.35 15.87
C PRO H 444 15.20 39.71 14.69
N ILE H 445 15.53 38.44 14.47
CA ILE H 445 14.75 37.60 13.55
C ILE H 445 13.75 36.85 14.43
N ILE H 446 12.50 37.32 14.43
CA ILE H 446 11.47 36.81 15.35
C ILE H 446 10.79 35.62 14.70
N ASN H 447 11.13 34.40 15.18
CA ASN H 447 10.67 33.15 14.59
C ASN H 447 9.15 32.96 14.66
N GLU H 448 8.49 33.61 15.62
CA GLU H 448 7.03 33.52 15.68
C GLU H 448 6.37 33.94 14.38
N TYR H 449 7.02 34.81 13.59
CA TYR H 449 6.41 35.27 12.35
C TYR H 449 6.56 34.28 11.21
N ARG H 450 7.43 33.28 11.37
CA ARG H 450 7.75 32.35 10.28
C ARG H 450 6.52 31.62 9.76
N ALA H 451 5.53 31.39 10.60
CA ALA H 451 4.34 30.68 10.14
C ALA H 451 3.58 31.46 9.08
N THR H 452 3.72 32.78 9.08
CA THR H 452 3.02 33.55 8.07
C THR H 452 3.62 33.38 6.68
N LEU H 453 4.80 32.76 6.57
CA LEU H 453 5.37 32.39 5.29
C LEU H 453 4.97 30.98 4.84
N ASN H 454 4.04 30.32 5.55
CA ASN H 454 3.57 29.01 5.13
C ASN H 454 2.65 29.14 3.92
N SER H 455 3.06 28.61 2.78
CA SER H 455 2.25 28.68 1.57
C SER H 455 1.34 27.46 1.49
N LYS H 456 0.11 27.68 1.00
CA LYS H 456 -0.78 26.56 0.73
C LYS H 456 -0.23 25.64 -0.36
N TYR H 457 0.41 26.22 -1.39
CA TYR H 457 0.78 25.48 -2.60
C TYR H 457 2.28 25.30 -2.75
N ALA H 458 3.06 26.35 -2.59
CA ALA H 458 4.51 26.28 -2.68
C ALA H 458 5.12 25.85 -1.35
N ASP H 459 6.45 25.67 -1.34
CA ASP H 459 7.14 25.38 -0.09
C ASP H 459 7.10 26.55 0.86
N ILE H 460 7.02 27.79 0.32
CA ILE H 460 7.14 28.98 1.17
C ILE H 460 6.60 30.17 0.38
N ASN H 461 6.04 31.13 1.10
CA ASN H 461 5.63 32.42 0.55
C ASN H 461 6.80 33.39 0.54
N GLN H 462 6.83 34.21 -0.50
CA GLN H 462 7.77 35.32 -0.56
C GLN H 462 7.45 36.36 0.52
N ILE H 463 6.17 36.63 0.78
CA ILE H 463 5.78 37.72 1.67
C ILE H 463 4.76 37.24 2.70
N SER H 464 4.66 38.01 3.77
CA SER H 464 3.70 37.69 4.82
C SER H 464 2.32 38.18 4.42
N SER H 465 1.32 37.35 4.72
CA SER H 465 -0.07 37.79 4.63
C SER H 465 -0.36 38.90 5.64
N SER H 466 0.10 38.72 6.89
CA SER H 466 -0.44 39.47 8.00
C SER H 466 0.55 40.30 8.79
N VAL H 467 1.85 40.07 8.68
CA VAL H 467 2.83 40.71 9.55
C VAL H 467 3.37 41.96 8.85
N LYS H 468 3.27 43.11 9.52
CA LYS H 468 3.75 44.37 8.95
C LYS H 468 5.23 44.63 9.24
N ALA H 469 5.84 43.91 10.18
CA ALA H 469 7.26 44.06 10.44
C ALA H 469 8.07 43.48 9.28
N SER H 470 8.00 44.14 8.13
CA SER H 470 8.45 43.50 6.89
C SER H 470 9.97 43.31 6.85
N SER H 471 10.74 44.14 7.56
CA SER H 471 12.20 43.92 7.63
C SER H 471 12.51 42.61 8.33
N ILE H 472 11.72 42.25 9.35
CA ILE H 472 11.94 40.99 10.04
C ILE H 472 11.48 39.83 9.18
N VAL H 473 10.32 39.98 8.51
CA VAL H 473 9.81 38.89 7.67
C VAL H 473 10.77 38.59 6.52
N ALA H 474 11.33 39.62 5.90
CA ALA H 474 12.29 39.39 4.81
C ALA H 474 13.53 38.68 5.32
N SER H 475 13.96 39.00 6.55
CA SER H 475 15.07 38.28 7.17
C SER H 475 14.74 36.81 7.41
N LEU H 476 13.52 36.53 7.87
CA LEU H 476 13.10 35.14 8.02
C LEU H 476 13.11 34.40 6.68
N PHE H 477 12.66 35.08 5.61
CA PHE H 477 12.69 34.47 4.28
C PHE H 477 14.12 34.13 3.85
N LEU H 478 15.04 35.10 3.97
CA LEU H 478 16.43 34.87 3.56
C LEU H 478 17.05 33.73 4.35
N LYS H 479 16.72 33.63 5.64
CA LYS H 479 17.26 32.59 6.49
C LYS H 479 16.97 31.17 5.96
N GLU H 480 15.87 30.99 5.22
CA GLU H 480 15.57 29.70 4.61
C GLU H 480 16.58 29.28 3.55
N PHE H 481 17.44 30.18 3.10
CA PHE H 481 18.36 29.88 2.03
C PHE H 481 19.81 29.78 2.51
N VAL H 482 20.04 29.86 3.82
CA VAL H 482 21.33 29.56 4.42
C VAL H 482 21.13 28.34 5.33
N GLN H 483 21.78 27.23 4.98
CA GLN H 483 21.46 25.99 5.68
C GLN H 483 22.31 25.76 6.92
N ASN H 484 23.61 26.07 6.86
CA ASN H 484 24.50 25.73 7.96
C ASN H 484 25.75 26.59 7.96
N THR H 485 25.59 27.90 7.84
CA THR H 485 26.73 28.80 7.77
C THR H 485 26.38 30.06 8.53
N ALA H 486 27.36 30.59 9.27
CA ALA H 486 27.16 31.88 9.91
C ALA H 486 26.80 32.93 8.86
N TRP H 487 25.69 33.64 9.08
CA TRP H 487 25.14 34.56 8.10
C TRP H 487 24.57 35.77 8.83
N ALA H 488 24.83 36.96 8.29
CA ALA H 488 24.16 38.16 8.75
C ALA H 488 23.72 38.99 7.55
N HIS H 489 22.79 39.90 7.81
CA HIS H 489 22.07 40.60 6.75
C HIS H 489 21.92 42.04 7.19
N ILE H 490 22.44 42.97 6.38
CA ILE H 490 22.42 44.40 6.70
C ILE H 490 21.44 45.10 5.77
N ASP H 491 20.35 45.63 6.32
CA ASP H 491 19.31 46.31 5.55
C ASP H 491 19.61 47.81 5.58
N ILE H 492 19.99 48.35 4.42
CA ILE H 492 20.38 49.75 4.31
C ILE H 492 19.34 50.56 3.55
N ALA H 493 18.11 50.06 3.45
CA ALA H 493 17.09 50.79 2.69
C ALA H 493 16.89 52.20 3.21
N GLY H 494 17.06 52.42 4.52
CA GLY H 494 16.87 53.74 5.07
C GLY H 494 18.07 54.66 5.02
N VAL H 495 19.29 54.10 5.04
CA VAL H 495 20.50 54.92 5.23
C VAL H 495 21.28 55.17 3.96
N SER H 496 20.91 54.59 2.84
CA SER H 496 21.79 54.60 1.69
C SER H 496 21.76 55.93 0.94
N TRP H 497 20.62 56.62 0.93
CA TRP H 497 20.45 57.86 0.23
C TRP H 497 20.39 59.03 1.20
N ASN H 498 21.20 60.05 0.93
CA ASN H 498 21.24 61.29 1.72
C ASN H 498 20.21 62.23 1.13
N PHE H 499 19.02 62.27 1.73
CA PHE H 499 17.93 63.10 1.20
C PHE H 499 18.23 64.59 1.35
N LYS H 500 18.88 64.98 2.43
CA LYS H 500 19.21 66.39 2.59
C LYS H 500 20.11 66.84 1.44
N ALA H 501 21.18 66.10 1.18
CA ALA H 501 22.18 66.50 0.18
C ALA H 501 21.84 66.01 -1.22
N ARG H 502 20.80 65.20 -1.37
CA ARG H 502 20.34 64.72 -2.69
C ARG H 502 21.40 63.86 -3.37
N LYS H 503 22.09 63.02 -2.61
CA LYS H 503 23.14 62.20 -3.18
C LYS H 503 23.30 60.93 -2.37
N PRO H 504 23.92 59.89 -2.93
CA PRO H 504 24.19 58.68 -2.14
C PRO H 504 25.19 58.96 -1.03
N LYS H 505 25.16 58.10 -0.02
CA LYS H 505 26.22 58.09 0.99
C LYS H 505 27.33 57.11 0.66
N GLY H 506 27.08 56.11 -0.18
CA GLY H 506 28.03 55.02 -0.35
C GLY H 506 28.12 54.17 0.91
N PHE H 507 26.98 53.99 1.60
CA PHE H 507 26.99 53.39 2.93
C PHE H 507 27.41 51.93 2.87
N GLY H 508 28.30 51.52 3.77
CA GLY H 508 28.65 50.13 3.93
C GLY H 508 30.01 49.76 3.39
N VAL H 509 30.59 50.56 2.49
CA VAL H 509 31.95 50.28 2.02
C VAL H 509 32.91 50.14 3.21
N ARG H 510 32.98 51.17 4.04
CA ARG H 510 33.94 51.16 5.14
C ARG H 510 33.58 50.14 6.21
N LEU H 511 32.28 49.91 6.43
CA LEU H 511 31.85 48.90 7.38
C LEU H 511 32.33 47.51 6.95
N LEU H 512 32.08 47.14 5.69
CA LEU H 512 32.49 45.84 5.20
C LEU H 512 34.00 45.69 5.17
N THR H 513 34.72 46.77 4.81
CA THR H 513 36.18 46.68 4.75
C THR H 513 36.78 46.49 6.14
N GLU H 514 36.29 47.25 7.13
CA GLU H 514 36.78 47.06 8.49
C GLU H 514 36.50 45.64 8.97
N PHE H 515 35.34 45.10 8.57
CA PHE H 515 35.00 43.73 8.92
C PHE H 515 36.02 42.74 8.37
N VAL H 516 36.36 42.87 7.10
CA VAL H 516 37.36 41.99 6.48
C VAL H 516 38.70 42.16 7.16
N LEU H 517 39.12 43.41 7.37
CA LEU H 517 40.47 43.66 7.87
C LEU H 517 40.63 43.16 9.30
N ASN H 518 39.71 43.54 10.19
CA ASN H 518 39.83 43.12 11.58
C ASN H 518 39.80 41.59 11.72
N ASP H 519 39.08 40.91 10.83
CA ASP H 519 39.08 39.46 10.86
C ASP H 519 40.37 38.86 10.33
N ALA H 520 41.11 39.62 9.50
CA ALA H 520 42.40 39.22 8.95
C ALA H 520 43.58 39.46 9.89
N LEU H 521 43.41 40.27 10.93
CA LEU H 521 44.51 40.62 11.83
C LEU H 521 44.81 39.47 12.79
N SER I 2 0.23 25.26 -29.82
CA SER I 2 0.47 24.07 -29.01
C SER I 2 1.80 24.12 -28.25
N GLU I 3 2.82 24.80 -28.79
CA GLU I 3 4.10 24.93 -28.10
C GLU I 3 4.07 26.15 -27.16
N VAL I 4 4.38 25.91 -25.89
CA VAL I 4 4.31 27.00 -24.89
C VAL I 4 5.55 27.86 -24.98
N PRO I 5 5.42 29.17 -25.24
CA PRO I 5 6.60 30.05 -25.27
C PRO I 5 7.18 30.26 -23.88
N GLN I 6 8.50 30.44 -23.83
CA GLN I 6 9.23 30.64 -22.58
C GLN I 6 10.10 31.89 -22.68
N VAL I 7 10.36 32.52 -21.54
CA VAL I 7 11.34 33.61 -21.47
C VAL I 7 12.72 33.05 -21.07
N VAL I 8 12.74 32.15 -20.10
CA VAL I 8 13.96 31.45 -19.72
C VAL I 8 13.65 29.96 -19.75
N SER I 9 14.71 29.16 -19.82
CA SER I 9 14.51 27.71 -19.90
C SER I 9 13.90 27.12 -18.63
N LEU I 10 13.84 27.87 -17.53
CA LEU I 10 13.19 27.40 -16.32
C LEU I 10 11.68 27.61 -16.32
N ASP I 11 11.15 28.39 -17.26
CA ASP I 11 9.71 28.62 -17.32
C ASP I 11 8.99 27.31 -17.63
N PRO I 12 7.87 27.02 -16.95
CA PRO I 12 7.16 25.75 -17.20
C PRO I 12 6.46 25.76 -18.54
N THR I 13 6.29 24.56 -19.10
CA THR I 13 5.64 24.38 -20.40
C THR I 13 4.32 23.62 -20.33
N SER I 14 3.85 23.24 -19.14
CA SER I 14 2.58 22.54 -19.03
C SER I 14 2.05 22.72 -17.62
N ILE I 15 0.75 22.50 -17.46
CA ILE I 15 0.12 22.51 -16.14
C ILE I 15 0.23 21.12 -15.54
N PRO I 16 0.89 20.93 -14.40
CA PRO I 16 0.84 19.62 -13.75
C PRO I 16 -0.60 19.31 -13.33
N ILE I 17 -1.08 18.14 -13.74
CA ILE I 17 -2.45 17.72 -13.52
C ILE I 17 -2.43 16.31 -12.96
N GLU I 18 -3.06 16.11 -11.80
CA GLU I 18 -3.20 14.80 -11.20
C GLU I 18 -4.56 14.25 -11.53
N TYR I 19 -4.61 13.15 -12.27
CA TYR I 19 -5.85 12.47 -12.63
C TYR I 19 -6.16 11.30 -11.70
N ASN I 20 -5.18 10.45 -11.43
CA ASN I 20 -5.36 9.34 -10.50
C ASN I 20 -5.03 9.83 -9.10
N THR I 21 -6.05 10.39 -8.43
CA THR I 21 -5.88 10.91 -7.08
C THR I 21 -6.02 9.81 -6.05
N PRO I 22 -5.49 10.01 -4.84
CA PRO I 22 -5.76 9.06 -3.76
C PRO I 22 -7.25 8.76 -3.57
N ILE I 23 -8.12 9.73 -3.83
CA ILE I 23 -9.56 9.50 -3.69
C ILE I 23 -10.00 8.37 -4.60
N HIS I 24 -9.40 8.26 -5.79
CA HIS I 24 -9.84 7.21 -6.72
C HIS I 24 -9.43 5.81 -6.28
N ASP I 25 -8.55 5.67 -5.28
CA ASP I 25 -8.16 4.36 -4.78
C ASP I 25 -8.95 3.95 -3.54
N ILE I 26 -10.01 4.67 -3.21
CA ILE I 26 -10.81 4.34 -2.04
C ILE I 26 -11.92 3.38 -2.44
N LYS I 27 -11.90 2.19 -1.86
CA LYS I 27 -12.96 1.23 -2.10
C LYS I 27 -14.15 1.61 -1.22
N VAL I 28 -15.27 1.96 -1.85
CA VAL I 28 -16.44 2.48 -1.13
C VAL I 28 -17.50 1.39 -1.12
N GLN I 29 -18.10 1.16 0.05
CA GLN I 29 -19.18 0.19 0.21
C GLN I 29 -20.32 0.83 1.00
N VAL I 30 -21.55 0.61 0.56
CA VAL I 30 -22.74 1.11 1.24
C VAL I 30 -23.52 -0.09 1.76
N TYR I 31 -23.97 -0.01 3.01
CA TYR I 31 -24.72 -1.07 3.67
C TYR I 31 -25.97 -0.48 4.28
N ASP I 32 -27.02 -1.30 4.36
CA ASP I 32 -28.25 -0.83 4.98
C ASP I 32 -28.11 -0.87 6.49
N ILE I 33 -28.49 0.25 7.14
CA ILE I 33 -28.36 0.35 8.58
C ILE I 33 -29.20 -0.69 9.31
N LYS I 34 -30.23 -1.25 8.64
CA LYS I 34 -31.08 -2.27 9.27
C LYS I 34 -30.30 -3.53 9.65
N GLY I 35 -29.21 -3.82 8.96
CA GLY I 35 -28.47 -5.02 9.26
C GLY I 35 -27.47 -4.88 10.40
N GLY I 36 -27.35 -3.69 10.98
CA GLY I 36 -26.40 -3.45 12.05
C GLY I 36 -25.02 -3.08 11.53
N CYS I 37 -24.24 -2.44 12.42
CA CYS I 37 -22.93 -1.90 12.10
C CYS I 37 -21.84 -2.81 12.62
N ASN I 38 -20.99 -3.30 11.73
CA ASN I 38 -19.79 -4.03 12.13
C ASN I 38 -18.66 -3.03 12.43
N VAL I 39 -18.07 -3.14 13.62
CA VAL I 39 -17.02 -2.21 14.06
C VAL I 39 -15.78 -3.05 14.28
N GLU I 40 -14.88 -3.07 13.29
CA GLU I 40 -13.75 -3.98 13.37
C GLU I 40 -12.39 -3.36 13.11
N GLU I 41 -12.31 -2.19 12.49
CA GLU I 41 -11.00 -1.61 12.16
C GLU I 41 -11.19 -0.16 11.76
N GLY I 42 -10.08 0.59 11.76
CA GLY I 42 -10.11 1.96 11.33
C GLY I 42 -10.91 2.82 12.30
N LEU I 43 -11.50 3.87 11.76
CA LEU I 43 -12.28 4.80 12.55
C LEU I 43 -13.74 4.73 12.11
N THR I 44 -14.66 4.65 13.08
CA THR I 44 -16.09 4.59 12.80
C THR I 44 -16.79 5.81 13.40
N ILE I 45 -17.42 6.61 12.54
CA ILE I 45 -18.02 7.88 12.93
C ILE I 45 -19.53 7.79 12.76
N PHE I 46 -20.26 8.09 13.84
CA PHE I 46 -21.70 8.25 13.79
C PHE I 46 -22.05 9.72 13.59
N LEU I 47 -22.89 9.99 12.59
CA LEU I 47 -23.42 11.33 12.36
C LEU I 47 -24.75 11.42 13.11
N VAL I 48 -24.80 12.26 14.14
CA VAL I 48 -25.89 12.25 15.09
C VAL I 48 -26.42 13.65 15.30
N ASN I 49 -27.74 13.76 15.44
CA ASN I 49 -28.39 15.01 15.81
C ASN I 49 -29.31 14.73 16.98
N ASN I 50 -30.06 15.78 17.39
CA ASN I 50 -31.06 15.64 18.44
C ASN I 50 -32.13 16.67 18.16
N PRO I 51 -33.21 16.26 17.48
CA PRO I 51 -34.26 17.21 17.09
C PRO I 51 -34.89 17.87 18.32
N GLY I 52 -35.00 19.19 18.25
CA GLY I 52 -35.62 19.96 19.32
C GLY I 52 -34.62 20.51 20.32
N LYS I 53 -33.94 19.62 21.04
CA LYS I 53 -33.03 20.03 22.10
C LYS I 53 -31.75 20.63 21.52
N GLU I 54 -31.60 21.94 21.63
CA GLU I 54 -30.35 22.59 21.26
C GLU I 54 -29.24 22.10 22.20
N ASN I 55 -28.14 21.63 21.63
CA ASN I 55 -27.03 21.06 22.40
C ASN I 55 -27.48 19.88 23.24
N GLY I 56 -28.45 19.13 22.73
CA GLY I 56 -28.95 17.97 23.43
C GLY I 56 -27.94 16.83 23.46
N PRO I 57 -28.25 15.78 24.23
CA PRO I 57 -27.29 14.69 24.41
C PRO I 57 -27.14 13.82 23.16
N VAL I 58 -26.03 13.09 23.13
CA VAL I 58 -25.74 12.12 22.09
C VAL I 58 -26.39 10.80 22.44
N LYS I 59 -27.15 10.23 21.51
CA LYS I 59 -27.70 8.88 21.68
C LYS I 59 -27.54 8.14 20.36
N ILE I 60 -27.00 6.93 20.44
CA ILE I 60 -26.66 6.14 19.26
C ILE I 60 -27.78 5.13 19.03
N SER I 61 -28.52 5.31 17.94
CA SER I 61 -29.72 4.53 17.65
C SER I 61 -29.46 3.32 16.76
N SER I 62 -28.40 3.32 15.96
CA SER I 62 -28.12 2.17 15.11
C SER I 62 -27.79 0.96 15.96
N LYS I 63 -28.20 -0.20 15.48
CA LYS I 63 -27.74 -1.44 16.09
C LYS I 63 -26.27 -1.65 15.75
N VAL I 64 -25.46 -1.95 16.76
CA VAL I 64 -24.05 -2.25 16.59
C VAL I 64 -23.86 -3.74 16.86
N ASN I 65 -23.30 -4.47 15.90
CA ASN I 65 -23.12 -5.92 16.00
C ASN I 65 -21.84 -6.28 16.77
N ASP I 66 -21.75 -5.78 18.00
CA ASP I 66 -20.58 -6.03 18.83
C ASP I 66 -20.96 -5.69 20.25
N LYS I 67 -20.92 -6.69 21.13
CA LYS I 67 -21.39 -6.46 22.50
C LYS I 67 -20.55 -5.41 23.19
N GLN I 68 -19.22 -5.47 23.02
CA GLN I 68 -18.34 -4.52 23.69
C GLN I 68 -18.55 -3.10 23.18
N VAL I 69 -18.73 -2.91 21.86
CA VAL I 69 -18.94 -1.56 21.35
C VAL I 69 -20.33 -1.05 21.68
N SER I 70 -21.35 -1.93 21.56
CA SER I 70 -22.70 -1.53 21.98
C SER I 70 -22.69 -1.04 23.42
N GLU I 71 -21.93 -1.71 24.28
CA GLU I 71 -21.86 -1.32 25.68
C GLU I 71 -21.18 0.05 25.85
N PHE I 72 -20.08 0.26 25.13
CA PHE I 72 -19.42 1.56 25.19
C PHE I 72 -20.39 2.67 24.79
N LEU I 73 -21.24 2.40 23.80
CA LEU I 73 -22.12 3.40 23.22
C LEU I 73 -23.50 3.45 23.89
N LYS I 74 -23.66 2.85 25.06
CA LYS I 74 -24.92 2.97 25.80
C LYS I 74 -25.25 4.43 26.04
N ASP I 75 -26.55 4.72 26.12
CA ASP I 75 -26.98 6.09 26.40
C ASP I 75 -26.30 6.64 27.65
N GLU I 76 -26.14 5.79 28.67
CA GLU I 76 -25.51 6.21 29.92
C GLU I 76 -24.10 6.74 29.69
N ASN I 77 -23.33 6.10 28.80
CA ASN I 77 -21.96 6.56 28.57
C ASN I 77 -21.88 7.77 27.66
N MET I 78 -22.86 7.91 26.76
CA MET I 78 -22.84 8.95 25.74
C MET I 78 -23.45 10.25 26.21
N GLU I 79 -24.06 10.26 27.41
CA GLU I 79 -24.84 11.41 27.86
C GLU I 79 -23.99 12.65 28.12
N LYS I 80 -22.68 12.47 28.41
CA LYS I 80 -21.84 13.64 28.64
C LYS I 80 -21.48 14.38 27.36
N PHE I 81 -21.83 13.85 26.20
CA PHE I 81 -21.51 14.48 24.93
C PHE I 81 -22.78 15.05 24.30
N ASN I 82 -22.65 16.19 23.65
CA ASN I 82 -23.80 16.84 23.01
C ASN I 82 -23.59 16.96 21.50
N VAL I 83 -24.66 17.33 20.81
CA VAL I 83 -24.74 17.23 19.36
C VAL I 83 -24.49 18.57 18.67
N LYS I 84 -23.92 19.55 19.37
CA LYS I 84 -23.74 20.86 18.76
C LYS I 84 -23.05 20.75 17.40
N LEU I 85 -23.64 21.41 16.40
CA LEU I 85 -23.23 21.29 15.00
C LEU I 85 -21.73 21.46 14.84
N GLY I 86 -21.08 20.43 14.29
CA GLY I 86 -19.66 20.47 14.00
C GLY I 86 -18.74 20.00 15.10
N THR I 87 -19.28 19.64 16.27
CA THR I 87 -18.39 19.14 17.29
C THR I 87 -18.13 17.65 17.06
N SER I 88 -17.05 17.15 17.65
CA SER I 88 -16.67 15.77 17.43
C SER I 88 -15.92 15.25 18.65
N LYS I 89 -15.89 13.92 18.77
CA LYS I 89 -15.17 13.24 19.83
C LYS I 89 -14.67 11.91 19.30
N HIS I 90 -13.53 11.48 19.81
CA HIS I 90 -12.92 10.19 19.48
C HIS I 90 -13.07 9.25 20.67
N PHE I 91 -13.30 7.99 20.39
CA PHE I 91 -13.36 6.94 21.40
C PHE I 91 -12.38 5.84 21.05
N TYR I 92 -11.87 5.18 22.08
CA TYR I 92 -10.97 4.05 21.92
C TYR I 92 -11.44 2.92 22.82
N MET I 93 -11.57 1.72 22.28
CA MET I 93 -12.04 0.57 23.04
C MET I 93 -11.59 -0.71 22.34
N PHE I 94 -11.83 -1.84 22.99
CA PHE I 94 -11.60 -3.16 22.42
C PHE I 94 -12.92 -3.82 22.06
N ASN I 95 -12.97 -4.49 20.91
CA ASN I 95 -14.22 -5.08 20.47
C ASN I 95 -14.26 -6.57 20.86
N ASP I 96 -15.26 -7.28 20.34
CA ASP I 96 -15.49 -8.67 20.77
C ASP I 96 -14.37 -9.59 20.31
N ASN I 97 -13.68 -9.25 19.22
CA ASN I 97 -12.51 -9.99 18.80
C ASN I 97 -11.25 -9.57 19.54
N LYS I 98 -11.38 -8.71 20.54
CA LYS I 98 -10.27 -8.22 21.35
C LYS I 98 -9.27 -7.43 20.50
N ASN I 99 -9.76 -6.78 19.44
CA ASN I 99 -8.98 -5.84 18.66
C ASN I 99 -9.40 -4.42 19.03
N SER I 100 -8.41 -3.54 19.17
CA SER I 100 -8.72 -2.14 19.44
C SER I 100 -9.39 -1.53 18.21
N VAL I 101 -10.37 -0.68 18.46
CA VAL I 101 -11.06 0.06 17.42
C VAL I 101 -11.23 1.50 17.89
N ALA I 102 -11.32 2.40 16.92
CA ALA I 102 -11.59 3.81 17.17
C ALA I 102 -12.99 4.12 16.68
N VAL I 103 -13.80 4.70 17.56
CA VAL I 103 -15.15 5.11 17.27
C VAL I 103 -15.23 6.59 17.62
N GLY I 104 -16.26 7.25 17.10
CA GLY I 104 -16.52 8.63 17.47
C GLY I 104 -17.79 9.12 16.82
N TYR I 105 -17.99 10.42 16.87
CA TYR I 105 -19.20 10.97 16.28
C TYR I 105 -18.96 12.41 15.86
N VAL I 106 -19.81 12.91 14.97
CA VAL I 106 -19.83 14.33 14.62
C VAL I 106 -21.24 14.84 14.89
N GLY I 107 -21.31 15.95 15.62
CA GLY I 107 -22.61 16.54 15.93
C GLY I 107 -23.21 17.24 14.71
N CYS I 108 -24.48 16.95 14.45
CA CYS I 108 -25.21 17.57 13.35
C CYS I 108 -26.31 18.51 13.84
N GLY I 109 -26.34 18.81 15.14
CA GLY I 109 -27.20 19.87 15.64
C GLY I 109 -28.61 19.44 15.96
N SER I 110 -29.54 20.39 15.91
CA SER I 110 -30.92 20.15 16.34
C SER I 110 -31.94 20.32 15.24
N VAL I 111 -31.55 20.81 14.07
CA VAL I 111 -32.44 20.99 12.93
C VAL I 111 -32.51 19.69 12.15
N ALA I 112 -33.73 19.21 11.89
CA ALA I 112 -33.92 17.90 11.25
C ALA I 112 -33.45 17.86 9.81
N ASP I 113 -33.26 19.01 9.17
CA ASP I 113 -32.86 19.06 7.76
C ASP I 113 -31.69 20.03 7.62
N LEU I 114 -30.58 19.53 7.09
CA LEU I 114 -29.33 20.28 7.05
C LEU I 114 -29.22 21.12 5.78
N SER I 115 -28.76 22.35 5.93
CA SER I 115 -28.47 23.18 4.78
C SER I 115 -27.10 22.83 4.19
N GLU I 116 -26.92 23.20 2.93
CA GLU I 116 -25.64 23.07 2.24
C GLU I 116 -24.48 23.50 3.13
N ALA I 117 -24.63 24.64 3.82
CA ALA I 117 -23.55 25.17 4.65
C ALA I 117 -23.41 24.41 5.96
N ASP I 118 -24.51 23.86 6.50
CA ASP I 118 -24.40 23.02 7.68
C ASP I 118 -23.71 21.70 7.37
N MET I 119 -24.06 21.07 6.24
CA MET I 119 -23.42 19.81 5.89
C MET I 119 -21.94 19.99 5.63
N LYS I 120 -21.57 21.11 5.00
CA LYS I 120 -20.16 21.41 4.83
C LYS I 120 -19.46 21.50 6.19
N ARG I 121 -20.10 22.10 7.19
CA ARG I 121 -19.46 22.19 8.50
C ARG I 121 -19.26 20.80 9.09
N VAL I 122 -20.22 19.90 8.86
CA VAL I 122 -20.12 18.53 9.35
C VAL I 122 -18.99 17.79 8.65
N VAL I 123 -18.78 18.06 7.38
CA VAL I 123 -17.72 17.36 6.66
C VAL I 123 -16.36 17.88 7.09
N LEU I 124 -16.24 19.20 7.27
CA LEU I 124 -14.97 19.78 7.72
C LEU I 124 -14.56 19.23 9.08
N SER I 125 -15.52 19.00 9.98
CA SER I 125 -15.15 18.41 11.26
C SER I 125 -14.71 16.97 11.08
N LEU I 126 -15.44 16.20 10.27
CA LEU I 126 -15.03 14.85 9.92
C LEU I 126 -13.63 14.83 9.32
N VAL I 127 -13.33 15.76 8.42
CA VAL I 127 -11.99 15.78 7.82
C VAL I 127 -10.93 16.07 8.88
N THR I 128 -11.23 16.91 9.88
CA THR I 128 -10.22 17.14 10.92
C THR I 128 -9.87 15.84 11.61
N MET I 129 -10.80 14.89 11.65
CA MET I 129 -10.54 13.59 12.26
C MET I 129 -9.73 12.68 11.37
N LEU I 130 -9.72 12.92 10.05
CA LEU I 130 -8.89 12.14 9.15
C LEU I 130 -7.49 12.72 9.03
N HIS I 131 -7.32 14.02 9.24
CA HIS I 131 -6.01 14.65 9.13
C HIS I 131 -5.18 14.34 10.36
N ASP I 132 -3.88 14.10 10.16
CA ASP I 132 -2.93 13.85 11.24
C ASP I 132 -3.26 12.56 12.00
N ASN I 133 -3.90 11.60 11.32
CA ASN I 133 -4.21 10.31 11.95
C ASN I 133 -4.10 9.26 10.85
N LYS I 134 -3.10 8.40 10.94
CA LYS I 134 -2.84 7.44 9.88
C LYS I 134 -3.82 6.28 10.02
N LEU I 135 -4.94 6.39 9.30
CA LEU I 135 -6.01 5.40 9.25
C LEU I 135 -6.04 4.70 7.90
N SER I 136 -6.40 3.43 7.92
CA SER I 136 -6.59 2.68 6.69
C SER I 136 -8.04 2.67 6.23
N LYS I 137 -9.00 2.87 7.14
CA LYS I 137 -10.41 2.71 6.82
C LYS I 137 -11.23 3.71 7.60
N LEU I 138 -12.24 4.27 6.93
CA LEU I 138 -13.27 5.08 7.56
C LEU I 138 -14.63 4.46 7.30
N THR I 139 -15.45 4.43 8.34
CA THR I 139 -16.85 4.03 8.26
C THR I 139 -17.67 5.17 8.80
N VAL I 140 -18.68 5.59 8.05
CA VAL I 140 -19.58 6.67 8.43
C VAL I 140 -20.97 6.06 8.57
N VAL I 141 -21.63 6.33 9.70
CA VAL I 141 -22.94 5.80 10.00
C VAL I 141 -23.92 6.96 10.03
N PHE I 142 -24.89 6.95 9.11
CA PHE I 142 -25.85 8.05 8.96
C PHE I 142 -27.02 7.79 9.90
N GLU I 143 -27.06 8.51 11.02
CA GLU I 143 -28.21 8.52 11.93
C GLU I 143 -29.01 9.82 11.82
N ILE I 144 -28.77 10.57 10.74
CA ILE I 144 -29.59 11.71 10.37
C ILE I 144 -30.30 11.34 9.07
N ASN I 145 -31.27 12.16 8.69
CA ASN I 145 -32.01 11.95 7.45
C ASN I 145 -31.46 12.87 6.36
N VAL I 146 -31.09 12.30 5.22
CA VAL I 146 -30.63 13.10 4.09
C VAL I 146 -31.22 12.52 2.82
N ASP I 147 -31.61 13.39 1.89
CA ASP I 147 -32.07 12.93 0.58
C ASP I 147 -30.87 12.45 -0.25
N LYS I 148 -31.17 11.95 -1.46
CA LYS I 148 -30.12 11.43 -2.32
C LYS I 148 -29.13 12.52 -2.74
N ASN I 149 -29.63 13.70 -3.10
CA ASN I 149 -28.73 14.78 -3.51
C ASN I 149 -27.84 15.25 -2.36
N LEU I 150 -28.38 15.31 -1.15
CA LEU I 150 -27.58 15.75 -0.02
C LEU I 150 -26.55 14.70 0.36
N PHE I 151 -26.89 13.42 0.21
CA PHE I 151 -25.92 12.36 0.48
C PHE I 151 -24.79 12.37 -0.53
N ARG I 152 -25.10 12.65 -1.81
CA ARG I 152 -24.06 12.81 -2.80
C ARG I 152 -23.21 14.03 -2.48
N PHE I 153 -23.86 15.14 -2.11
CA PHE I 153 -23.11 16.33 -1.73
C PHE I 153 -22.15 16.02 -0.60
N PHE I 154 -22.60 15.24 0.39
CA PHE I 154 -21.71 14.83 1.48
C PHE I 154 -20.43 14.17 0.96
N LEU I 155 -20.56 13.19 0.06
CA LEU I 155 -19.40 12.46 -0.43
C LEU I 155 -18.50 13.35 -1.29
N GLU I 156 -19.07 14.14 -2.20
CA GLU I 156 -18.27 15.04 -3.02
C GLU I 156 -17.46 15.98 -2.15
N THR I 157 -18.11 16.55 -1.13
CA THR I 157 -17.43 17.47 -0.22
C THR I 157 -16.37 16.75 0.59
N LEU I 158 -16.68 15.56 1.11
CA LEU I 158 -15.67 14.80 1.82
C LEU I 158 -14.45 14.55 0.94
N PHE I 159 -14.66 13.98 -0.25
CA PHE I 159 -13.56 13.74 -1.18
C PHE I 159 -12.76 15.01 -1.45
N TYR I 160 -13.44 16.09 -1.78
CA TYR I 160 -12.78 17.32 -2.17
C TYR I 160 -11.97 17.91 -1.02
N GLU I 161 -12.58 18.02 0.16
CA GLU I 161 -11.90 18.59 1.32
C GLU I 161 -10.79 17.69 1.86
N TYR I 162 -10.96 16.36 1.73
CA TYR I 162 -9.92 15.41 2.14
C TYR I 162 -8.67 15.54 1.28
N MET I 163 -8.81 15.85 0.00
CA MET I 163 -7.69 15.83 -0.93
C MET I 163 -6.77 17.03 -0.71
N THR I 164 -5.45 16.79 -0.75
CA THR I 164 -4.46 17.84 -0.58
C THR I 164 -3.62 17.99 -1.84
N ASP I 165 -3.52 19.22 -2.34
CA ASP I 165 -2.85 19.53 -3.60
C ASP I 165 -1.37 19.82 -3.32
N GLU I 166 -0.50 18.89 -3.69
CA GLU I 166 0.93 19.00 -3.44
C GLU I 166 1.73 19.13 -4.74
N ARG I 167 1.07 19.51 -5.84
CA ARG I 167 1.75 19.58 -7.13
C ARG I 167 2.94 20.54 -7.10
N PHE I 168 2.87 21.60 -6.29
CA PHE I 168 3.90 22.62 -6.26
C PHE I 168 4.74 22.56 -4.99
N LYS I 169 4.56 21.54 -4.16
CA LYS I 169 5.48 21.26 -3.07
C LYS I 169 6.73 20.57 -3.61
N SER I 170 7.88 20.91 -3.05
CA SER I 170 9.12 20.25 -3.43
C SER I 170 9.87 19.80 -2.19
N THR I 171 10.40 20.75 -1.44
CA THR I 171 11.08 20.42 -0.18
C THR I 171 10.14 20.36 1.03
N ASP I 172 8.84 20.66 0.86
CA ASP I 172 7.91 20.78 1.98
C ASP I 172 6.66 19.93 1.79
N LYS I 173 6.79 18.78 1.12
CA LYS I 173 5.67 17.84 1.10
C LYS I 173 5.40 17.35 2.52
N ASN I 174 4.14 17.07 2.81
CA ASN I 174 3.75 16.55 4.12
C ASN I 174 4.18 15.10 4.21
N VAL I 175 5.28 14.84 4.92
CA VAL I 175 5.83 13.50 5.06
C VAL I 175 4.87 12.53 5.74
N ASN I 176 3.84 13.02 6.42
CA ASN I 176 2.87 12.18 7.12
C ASN I 176 1.58 11.98 6.33
N MET I 177 1.52 12.43 5.07
CA MET I 177 0.29 12.32 4.29
C MET I 177 0.02 10.86 3.98
N GLU I 178 -1.04 10.30 4.56
CA GLU I 178 -1.51 8.98 4.19
C GLU I 178 -3.04 9.02 4.10
N TYR I 179 -3.60 8.34 3.11
CA TYR I 179 -5.03 8.37 2.83
C TYR I 179 -5.66 7.02 3.13
N ILE I 180 -6.92 7.05 3.59
CA ILE I 180 -7.66 5.82 3.80
C ILE I 180 -7.80 5.06 2.46
N LYS I 181 -7.77 3.74 2.53
CA LYS I 181 -8.02 2.92 1.35
C LYS I 181 -9.45 2.39 1.29
N HIS I 182 -10.24 2.59 2.34
CA HIS I 182 -11.55 1.98 2.44
C HIS I 182 -12.51 2.96 3.07
N LEU I 183 -13.70 3.10 2.48
CA LEU I 183 -14.76 3.93 3.04
C LEU I 183 -16.03 3.09 3.11
N GLY I 184 -16.59 2.96 4.30
CA GLY I 184 -17.83 2.24 4.51
C GLY I 184 -18.91 3.21 4.96
N VAL I 185 -20.12 3.01 4.45
CA VAL I 185 -21.23 3.92 4.72
C VAL I 185 -22.45 3.11 5.11
N TYR I 186 -23.01 3.41 6.27
CA TYR I 186 -24.25 2.77 6.73
C TYR I 186 -25.37 3.80 6.65
N ILE I 187 -26.46 3.44 5.99
CA ILE I 187 -27.56 4.39 5.78
C ILE I 187 -28.83 3.60 5.52
N ASN I 188 -29.97 4.18 5.93
CA ASN I 188 -31.28 3.59 5.71
C ASN I 188 -31.62 3.58 4.22
N ASN I 189 -32.39 2.58 3.79
CA ASN I 189 -32.72 2.33 2.38
C ASN I 189 -31.48 2.47 1.52
N ALA I 190 -30.45 1.69 1.87
CA ALA I 190 -29.13 1.87 1.26
C ALA I 190 -29.17 1.66 -0.25
N ASP I 191 -30.12 0.89 -0.76
CA ASP I 191 -30.15 0.56 -2.18
C ASP I 191 -30.36 1.80 -3.04
N THR I 192 -31.16 2.76 -2.56
CA THR I 192 -31.43 3.94 -3.38
C THR I 192 -30.27 4.92 -3.40
N TYR I 193 -29.37 4.85 -2.41
CA TYR I 193 -28.23 5.75 -2.36
C TYR I 193 -27.01 5.21 -3.10
N LYS I 194 -26.97 3.90 -3.38
CA LYS I 194 -25.77 3.29 -3.94
C LYS I 194 -25.34 3.93 -5.25
N GLU I 195 -26.31 4.32 -6.09
CA GLU I 195 -25.94 4.93 -7.37
C GLU I 195 -25.31 6.32 -7.20
N GLU I 196 -25.45 6.93 -6.03
CA GLU I 196 -24.87 8.25 -5.78
C GLU I 196 -23.37 8.20 -5.58
N VAL I 197 -22.82 7.04 -5.21
CA VAL I 197 -21.40 6.95 -4.89
C VAL I 197 -20.56 7.32 -6.09
N GLU I 198 -20.75 6.63 -7.22
CA GLU I 198 -19.85 6.89 -8.34
C GLU I 198 -20.18 8.18 -9.05
N LYS I 199 -21.42 8.67 -8.95
CA LYS I 199 -21.69 10.04 -9.38
C LYS I 199 -20.88 11.03 -8.55
N ALA I 200 -20.92 10.85 -7.22
CA ALA I 200 -20.14 11.71 -6.33
C ALA I 200 -18.67 11.69 -6.67
N ARG I 201 -18.14 10.51 -7.01
CA ARG I 201 -16.74 10.43 -7.38
C ARG I 201 -16.48 11.22 -8.65
N VAL I 202 -17.39 11.12 -9.62
CA VAL I 202 -17.25 11.88 -10.87
C VAL I 202 -17.40 13.38 -10.63
N TYR I 203 -18.39 13.76 -9.82
CA TYR I 203 -18.58 15.17 -9.49
C TYR I 203 -17.40 15.73 -8.73
N TYR I 204 -16.89 14.94 -7.77
CA TYR I 204 -15.69 15.34 -7.05
C TYR I 204 -14.55 15.64 -8.01
N PHE I 205 -14.22 14.68 -8.90
CA PHE I 205 -13.03 14.90 -9.71
C PHE I 205 -13.21 16.07 -10.66
N GLY I 206 -14.40 16.24 -11.24
CA GLY I 206 -14.65 17.40 -12.07
C GLY I 206 -14.39 18.70 -11.33
N THR I 207 -14.85 18.78 -10.08
CA THR I 207 -14.60 19.96 -9.25
C THR I 207 -13.12 20.10 -8.89
N TYR I 208 -12.48 18.98 -8.52
CA TYR I 208 -11.07 19.02 -8.15
C TYR I 208 -10.19 19.36 -9.36
N TYR I 209 -10.55 18.83 -10.53
CA TYR I 209 -9.89 19.17 -11.77
C TYR I 209 -10.00 20.67 -12.04
N ALA I 210 -11.21 21.23 -11.93
CA ALA I 210 -11.35 22.68 -12.05
C ALA I 210 -10.46 23.40 -11.06
N SER I 211 -10.42 22.89 -9.82
CA SER I 211 -9.62 23.50 -8.76
C SER I 211 -8.13 23.51 -9.12
N GLN I 212 -7.63 22.39 -9.67
CA GLN I 212 -6.23 22.30 -10.05
C GLN I 212 -5.85 23.34 -11.09
N LEU I 213 -6.74 23.59 -12.06
CA LEU I 213 -6.46 24.57 -13.08
C LEU I 213 -6.45 25.99 -12.50
N ILE I 214 -7.40 26.28 -11.60
CA ILE I 214 -7.46 27.62 -11.00
C ILE I 214 -6.23 27.89 -10.12
N ALA I 215 -5.89 26.94 -9.25
CA ALA I 215 -4.80 27.17 -8.29
C ALA I 215 -3.42 27.17 -8.94
N ALA I 216 -3.29 26.55 -10.11
CA ALA I 216 -2.09 26.62 -10.92
C ALA I 216 -1.75 28.09 -11.21
N PRO I 217 -0.58 28.57 -10.83
CA PRO I 217 -0.24 29.97 -11.06
C PRO I 217 -0.12 30.30 -12.54
N SER I 218 -0.11 31.62 -12.80
CA SER I 218 -0.20 32.08 -14.18
C SER I 218 1.03 31.74 -15.00
N ASN I 219 2.17 31.46 -14.37
CA ASN I 219 3.34 31.02 -15.13
C ASN I 219 3.25 29.56 -15.53
N TYR I 220 2.45 28.75 -14.84
CA TYR I 220 2.15 27.40 -15.28
C TYR I 220 0.93 27.35 -16.21
N CYS I 221 -0.09 28.14 -15.89
CA CYS I 221 -1.41 28.07 -16.54
C CYS I 221 -1.58 29.35 -17.35
N ASN I 222 -1.29 29.27 -18.63
CA ASN I 222 -1.32 30.40 -19.56
C ASN I 222 -2.20 29.95 -20.71
N PRO I 223 -2.55 30.86 -21.63
CA PRO I 223 -3.51 30.47 -22.70
C PRO I 223 -3.09 29.26 -23.49
N VAL I 224 -1.79 29.03 -23.69
CA VAL I 224 -1.36 27.89 -24.49
C VAL I 224 -1.43 26.59 -23.68
N SER I 225 -0.88 26.61 -22.47
CA SER I 225 -0.90 25.42 -21.63
C SER I 225 -2.31 25.06 -21.16
N LEU I 226 -3.19 26.05 -20.97
CA LEU I 226 -4.57 25.74 -20.63
C LEU I 226 -5.29 25.08 -21.79
N SER I 227 -5.11 25.59 -23.01
CA SER I 227 -5.82 24.97 -24.13
C SER I 227 -5.23 23.59 -24.42
N ASN I 228 -3.94 23.40 -24.13
CA ASN I 228 -3.31 22.11 -24.30
C ASN I 228 -3.87 21.09 -23.33
N ALA I 229 -4.03 21.49 -22.06
CA ALA I 229 -4.69 20.62 -21.09
C ALA I 229 -6.10 20.26 -21.54
N ALA I 230 -6.85 21.22 -22.07
CA ALA I 230 -8.22 20.94 -22.53
C ALA I 230 -8.24 19.89 -23.65
N VAL I 231 -7.33 19.99 -24.60
CA VAL I 231 -7.23 18.99 -25.67
C VAL I 231 -6.95 17.62 -25.07
N GLU I 232 -6.02 17.56 -24.10
CA GLU I 232 -5.67 16.30 -23.45
C GLU I 232 -6.86 15.72 -22.71
N LEU I 233 -7.65 16.56 -22.03
CA LEU I 233 -8.89 16.08 -21.41
C LEU I 233 -9.84 15.52 -22.46
N ALA I 234 -10.00 16.23 -23.58
CA ALA I 234 -10.92 15.79 -24.63
C ALA I 234 -10.49 14.45 -25.21
N GLN I 235 -9.20 14.26 -25.43
CA GLN I 235 -8.71 12.98 -25.95
C GLN I 235 -9.02 11.84 -24.99
N LYS I 236 -8.86 12.07 -23.68
CA LYS I 236 -9.16 11.01 -22.71
C LYS I 236 -10.64 10.70 -22.64
N LEU I 237 -11.49 11.69 -22.90
CA LEU I 237 -12.94 11.52 -22.86
C LEU I 237 -13.53 11.19 -24.23
N ASN I 238 -12.70 11.18 -25.27
CA ASN I 238 -13.14 11.09 -26.66
C ASN I 238 -14.24 12.10 -26.97
N LEU I 239 -13.97 13.35 -26.58
CA LEU I 239 -14.75 14.48 -27.04
C LEU I 239 -14.14 14.97 -28.34
N GLU I 240 -14.99 15.43 -29.25
CA GLU I 240 -14.50 16.19 -30.38
C GLU I 240 -13.99 17.53 -29.87
N TYR I 241 -12.96 18.08 -30.51
CA TYR I 241 -12.34 19.30 -30.00
C TYR I 241 -11.74 20.12 -31.13
N LYS I 242 -11.70 21.42 -30.90
CA LYS I 242 -11.14 22.41 -31.84
C LYS I 242 -10.47 23.50 -31.02
N ILE I 243 -9.20 23.80 -31.31
CA ILE I 243 -8.54 24.97 -30.76
C ILE I 243 -8.36 25.97 -31.89
N LEU I 244 -8.97 27.13 -31.74
CA LEU I 244 -8.87 28.19 -32.72
C LEU I 244 -7.71 29.09 -32.33
N GLY I 245 -6.77 29.29 -33.25
CA GLY I 245 -5.66 30.18 -33.05
C GLY I 245 -5.89 31.55 -33.65
N VAL I 246 -4.84 32.37 -33.61
CA VAL I 246 -4.99 33.80 -33.90
C VAL I 246 -5.43 34.03 -35.34
N LYS I 247 -4.84 33.33 -36.31
CA LYS I 247 -5.23 33.58 -37.69
C LYS I 247 -6.71 33.24 -37.91
N GLU I 248 -7.18 32.13 -37.33
CA GLU I 248 -8.59 31.80 -37.45
C GLU I 248 -9.45 32.78 -36.68
N LEU I 249 -8.97 33.27 -35.54
CA LEU I 249 -9.75 34.26 -34.82
C LEU I 249 -9.83 35.57 -35.60
N GLU I 250 -8.77 35.89 -36.35
CA GLU I 250 -8.78 37.07 -37.21
C GLU I 250 -9.80 36.90 -38.34
N GLU I 251 -9.82 35.72 -38.98
CA GLU I 251 -10.82 35.44 -40.00
C GLU I 251 -12.24 35.64 -39.46
N LEU I 252 -12.49 35.19 -38.23
CA LEU I 252 -13.83 35.35 -37.67
C LEU I 252 -14.07 36.75 -37.11
N LYS I 253 -13.08 37.64 -37.16
CA LYS I 253 -13.23 39.06 -36.80
C LYS I 253 -13.55 39.26 -35.31
N MET I 254 -12.89 38.47 -34.47
CA MET I 254 -13.06 38.57 -33.02
C MET I 254 -12.18 39.68 -32.46
N GLY I 255 -12.53 40.92 -32.80
CA GLY I 255 -11.67 42.05 -32.42
C GLY I 255 -11.71 42.39 -30.96
N ALA I 256 -12.81 42.07 -30.28
CA ALA I 256 -12.90 42.37 -28.86
C ALA I 256 -11.99 41.44 -28.08
N TYR I 257 -12.11 40.14 -28.34
CA TYR I 257 -11.30 39.12 -27.70
C TYR I 257 -9.82 39.31 -28.03
N LEU I 258 -9.49 39.49 -29.31
CA LEU I 258 -8.10 39.63 -29.70
C LEU I 258 -7.47 40.89 -29.11
N SER I 259 -8.25 41.95 -28.88
CA SER I 259 -7.64 43.16 -28.35
C SER I 259 -7.19 42.98 -26.91
N VAL I 260 -7.94 42.21 -26.12
CA VAL I 260 -7.55 41.96 -24.74
C VAL I 260 -6.22 41.22 -24.68
N GLY I 261 -6.00 40.28 -25.60
CA GLY I 261 -4.79 39.47 -25.59
C GLY I 261 -3.58 40.08 -26.27
N LYS I 262 -3.75 41.21 -26.98
CA LYS I 262 -2.65 41.82 -27.73
C LYS I 262 -1.41 42.04 -26.87
N GLY I 263 -1.61 42.39 -25.61
CA GLY I 263 -0.44 42.70 -24.81
C GLY I 263 0.30 41.51 -24.23
N SER I 264 -0.11 40.29 -24.54
CA SER I 264 0.43 39.09 -23.91
C SER I 264 1.53 38.48 -24.75
N MET I 265 2.49 37.80 -24.08
CA MET I 265 3.43 36.95 -24.80
C MET I 265 2.82 35.63 -25.23
N TYR I 266 1.64 35.29 -24.71
CA TYR I 266 1.02 34.03 -25.08
C TYR I 266 -0.05 34.29 -26.11
N PRO I 267 -0.09 33.57 -27.22
CA PRO I 267 -1.16 33.79 -28.21
C PRO I 267 -2.52 33.41 -27.65
N ASN I 268 -3.56 34.11 -28.10
CA ASN I 268 -4.92 33.73 -27.75
C ASN I 268 -5.21 32.33 -28.25
N LYS I 269 -5.88 31.53 -27.41
CA LYS I 269 -6.35 30.21 -27.80
C LYS I 269 -7.83 30.11 -27.44
N PHE I 270 -8.67 29.78 -28.42
CA PHE I 270 -10.10 29.62 -28.21
C PHE I 270 -10.44 28.14 -28.15
N ILE I 271 -10.96 27.69 -27.00
CA ILE I 271 -11.25 26.27 -26.76
C ILE I 271 -12.67 25.98 -27.20
N HIS I 272 -12.86 24.88 -27.93
CA HIS I 272 -14.19 24.43 -28.33
C HIS I 272 -14.21 22.90 -28.26
N LEU I 273 -14.81 22.39 -27.19
CA LEU I 273 -15.07 20.97 -26.99
C LEU I 273 -16.56 20.70 -27.27
N THR I 274 -16.86 19.50 -27.78
CA THR I 274 -18.25 19.17 -28.08
C THR I 274 -18.56 17.75 -27.61
N TYR I 275 -19.63 17.61 -26.81
CA TYR I 275 -20.15 16.29 -26.46
C TYR I 275 -21.46 16.10 -27.22
N LYS I 276 -21.61 14.93 -27.85
CA LYS I 276 -22.84 14.63 -28.57
C LYS I 276 -23.34 13.24 -28.21
N SER I 277 -24.57 13.16 -27.70
CA SER I 277 -25.15 11.85 -27.47
C SER I 277 -25.25 11.09 -28.78
N LYS I 278 -25.03 9.77 -28.73
CA LYS I 278 -25.49 8.91 -29.80
C LYS I 278 -27.02 8.85 -29.76
N GLY I 279 -27.65 8.92 -30.92
CA GLY I 279 -29.09 8.97 -30.98
C GLY I 279 -29.61 10.35 -31.30
N ASP I 280 -30.89 10.56 -30.99
CA ASP I 280 -31.55 11.82 -31.30
C ASP I 280 -31.13 12.91 -30.33
N VAL I 281 -30.91 14.10 -30.86
CA VAL I 281 -30.45 15.24 -30.09
C VAL I 281 -31.64 16.17 -29.88
N LYS I 282 -32.16 16.21 -28.67
CA LYS I 282 -33.31 17.07 -28.42
C LYS I 282 -32.91 18.48 -28.02
N LYS I 283 -31.77 18.65 -27.36
CA LYS I 283 -31.37 19.94 -26.82
C LYS I 283 -29.92 20.23 -27.17
N LYS I 284 -29.65 21.45 -27.63
CA LYS I 284 -28.29 21.92 -27.91
C LYS I 284 -27.98 23.08 -26.97
N ILE I 285 -26.86 22.97 -26.28
CA ILE I 285 -26.45 23.91 -25.24
C ILE I 285 -25.01 24.34 -25.51
N ALA I 286 -24.75 25.63 -25.30
CA ALA I 286 -23.38 26.14 -25.29
C ALA I 286 -23.07 26.63 -23.88
N LEU I 287 -22.02 26.09 -23.30
CA LEU I 287 -21.48 26.57 -22.04
C LEU I 287 -20.23 27.39 -22.32
N VAL I 288 -20.23 28.66 -21.89
CA VAL I 288 -19.14 29.58 -22.15
C VAL I 288 -18.50 29.97 -20.82
N GLY I 289 -17.18 29.82 -20.73
CA GLY I 289 -16.46 30.18 -19.52
C GLY I 289 -15.45 31.27 -19.75
N LYS I 290 -15.41 32.26 -18.87
CA LYS I 290 -14.39 33.29 -18.96
C LYS I 290 -13.02 32.70 -18.67
N GLY I 291 -12.06 32.94 -19.57
CA GLY I 291 -10.75 32.33 -19.42
C GLY I 291 -9.58 33.28 -19.48
N ILE I 292 -9.47 34.15 -18.49
CA ILE I 292 -8.34 35.07 -18.37
C ILE I 292 -7.33 34.42 -17.43
N THR I 293 -6.21 33.96 -17.97
CA THR I 293 -5.28 33.17 -17.15
C THR I 293 -4.51 34.06 -16.17
N PHE I 294 -4.31 35.34 -16.50
CA PHE I 294 -3.88 36.31 -15.49
C PHE I 294 -4.47 37.66 -15.85
N ASP I 295 -5.02 38.35 -14.86
CA ASP I 295 -5.62 39.67 -15.09
C ASP I 295 -4.85 40.74 -14.33
N SER I 296 -3.91 41.39 -15.00
CA SER I 296 -3.18 42.51 -14.40
C SER I 296 -4.03 43.76 -14.34
N GLY I 297 -5.07 43.84 -15.17
CA GLY I 297 -5.82 45.04 -15.41
C GLY I 297 -5.47 45.73 -16.71
N GLY I 298 -4.28 45.45 -17.27
CA GLY I 298 -3.81 46.22 -18.41
C GLY I 298 -3.40 47.62 -17.94
N TYR I 299 -3.52 48.59 -18.84
CA TYR I 299 -3.09 49.95 -18.48
C TYR I 299 -3.91 50.55 -17.35
N ASN I 300 -5.14 50.07 -17.14
CA ASN I 300 -5.88 50.31 -15.88
C ASN I 300 -5.41 49.27 -14.86
N LEU I 301 -4.12 49.39 -14.49
CA LEU I 301 -3.46 48.39 -13.67
C LEU I 301 -4.17 48.24 -12.33
N LYS I 302 -4.23 46.99 -11.84
CA LYS I 302 -4.78 46.70 -10.53
C LYS I 302 -3.82 47.18 -9.46
N ALA I 303 -3.76 48.49 -9.29
CA ALA I 303 -2.88 49.10 -8.32
C ALA I 303 -3.60 49.63 -7.09
N ALA I 304 -4.92 49.80 -7.15
CA ALA I 304 -5.65 50.40 -6.04
C ALA I 304 -5.59 49.49 -4.81
N PRO I 305 -5.55 50.08 -3.61
CA PRO I 305 -5.62 49.25 -2.40
C PRO I 305 -6.89 48.39 -2.44
N GLY I 306 -6.74 47.11 -2.11
CA GLY I 306 -7.85 46.18 -2.16
C GLY I 306 -8.07 45.46 -3.47
N SER I 307 -7.29 45.76 -4.52
CA SER I 307 -7.55 45.17 -5.83
C SER I 307 -7.05 43.74 -5.95
N MET I 308 -6.20 43.27 -5.03
CA MET I 308 -5.77 41.87 -4.93
C MET I 308 -5.23 41.32 -6.25
N ILE I 309 -4.23 42.00 -6.83
CA ILE I 309 -3.66 41.52 -8.08
C ILE I 309 -3.09 40.11 -7.92
N ASP I 310 -2.68 39.74 -6.71
CA ASP I 310 -2.04 38.45 -6.50
C ASP I 310 -3.01 37.29 -6.57
N LEU I 311 -4.31 37.55 -6.54
CA LEU I 311 -5.32 36.51 -6.68
C LEU I 311 -5.68 36.25 -8.14
N MET I 312 -5.20 37.07 -9.07
CA MET I 312 -5.82 37.17 -10.38
C MET I 312 -5.48 36.01 -11.31
N LYS I 313 -4.71 35.02 -10.86
CA LYS I 313 -4.70 33.72 -11.53
C LYS I 313 -6.07 33.04 -11.53
N PHE I 314 -7.00 33.46 -10.65
CA PHE I 314 -8.30 32.83 -10.59
C PHE I 314 -9.26 33.34 -11.66
N ASP I 315 -8.82 34.22 -12.56
CA ASP I 315 -9.74 34.86 -13.49
C ASP I 315 -10.11 33.96 -14.66
N MET I 316 -9.66 32.71 -14.66
CA MET I 316 -10.09 31.69 -15.61
C MET I 316 -10.98 30.65 -14.93
N SER I 317 -11.52 30.97 -13.75
CA SER I 317 -12.35 30.03 -13.01
C SER I 317 -13.53 29.58 -13.83
N GLY I 318 -14.13 30.50 -14.58
CA GLY I 318 -15.25 30.14 -15.40
C GLY I 318 -14.88 29.08 -16.42
N CYS I 319 -13.74 29.29 -17.10
CA CYS I 319 -13.26 28.30 -18.04
C CYS I 319 -13.03 26.98 -17.34
N ALA I 320 -12.44 27.03 -16.15
CA ALA I 320 -12.18 25.82 -15.38
C ALA I 320 -13.46 25.10 -15.04
N ALA I 321 -14.52 25.84 -14.70
CA ALA I 321 -15.79 25.18 -14.37
C ALA I 321 -16.35 24.46 -15.59
N VAL I 322 -16.17 25.05 -16.78
CA VAL I 322 -16.69 24.47 -18.01
C VAL I 322 -15.92 23.21 -18.39
N LEU I 323 -14.59 23.21 -18.19
CA LEU I 323 -13.81 22.01 -18.47
C LEU I 323 -14.11 20.90 -17.44
N GLY I 324 -14.26 21.28 -16.15
CA GLY I 324 -14.78 20.34 -15.17
C GLY I 324 -16.14 19.75 -15.55
N CYS I 325 -17.06 20.57 -16.03
CA CYS I 325 -18.33 20.03 -16.48
C CYS I 325 -18.13 19.08 -17.67
N ALA I 326 -17.21 19.41 -18.60
CA ALA I 326 -16.94 18.50 -19.71
C ALA I 326 -16.43 17.15 -19.23
N TYR I 327 -15.55 17.14 -18.23
CA TYR I 327 -15.17 15.87 -17.62
C TYR I 327 -16.40 15.11 -17.14
N CYS I 328 -17.28 15.78 -16.38
CA CYS I 328 -18.44 15.08 -15.83
C CYS I 328 -19.36 14.56 -16.93
N VAL I 329 -19.63 15.41 -17.93
CA VAL I 329 -20.62 15.08 -18.97
C VAL I 329 -20.09 13.97 -19.87
N GLY I 330 -18.81 14.05 -20.24
CA GLY I 330 -18.17 13.02 -21.02
C GLY I 330 -17.94 11.73 -20.28
N THR I 331 -17.98 11.75 -18.94
CA THR I 331 -17.87 10.52 -18.17
C THR I 331 -19.23 9.87 -17.98
N LEU I 332 -20.25 10.66 -17.62
CA LEU I 332 -21.59 10.16 -17.36
C LEU I 332 -22.41 9.96 -18.63
N LYS I 333 -22.06 10.63 -19.73
CA LYS I 333 -22.65 10.44 -21.06
C LYS I 333 -24.17 10.51 -21.05
N PRO I 334 -24.77 11.67 -20.80
CA PRO I 334 -26.21 11.78 -20.91
C PRO I 334 -26.68 11.59 -22.35
N GLU I 335 -27.96 11.22 -22.49
CA GLU I 335 -28.58 11.08 -23.80
C GLU I 335 -29.25 12.38 -24.22
N ASN I 336 -29.66 12.44 -25.49
CA ASN I 336 -30.55 13.45 -26.04
C ASN I 336 -29.97 14.86 -26.11
N VAL I 337 -28.65 15.04 -25.93
CA VAL I 337 -28.09 16.38 -25.86
C VAL I 337 -26.86 16.53 -26.74
N GLU I 338 -26.62 17.78 -27.14
CA GLU I 338 -25.37 18.20 -27.73
C GLU I 338 -24.89 19.39 -26.91
N ILE I 339 -23.67 19.30 -26.37
CA ILE I 339 -23.13 20.35 -25.52
C ILE I 339 -21.82 20.85 -26.12
N HIS I 340 -21.71 22.15 -26.27
CA HIS I 340 -20.46 22.79 -26.67
C HIS I 340 -19.87 23.46 -25.44
N PHE I 341 -18.56 23.24 -25.22
CA PHE I 341 -17.83 23.81 -24.10
C PHE I 341 -16.83 24.82 -24.67
N LEU I 342 -17.08 26.11 -24.42
CA LEU I 342 -16.35 27.19 -25.08
C LEU I 342 -15.59 28.05 -24.06
N SER I 343 -14.40 28.50 -24.45
CA SER I 343 -13.69 29.52 -23.69
C SER I 343 -12.72 30.25 -24.59
N ALA I 344 -12.81 31.57 -24.57
CA ALA I 344 -11.88 32.46 -25.25
C ALA I 344 -10.74 32.76 -24.27
N VAL I 345 -9.68 31.97 -24.33
CA VAL I 345 -8.61 32.05 -23.33
C VAL I 345 -7.58 33.10 -23.76
N CYS I 346 -7.20 33.97 -22.83
CA CYS I 346 -6.14 34.95 -23.08
C CYS I 346 -5.66 35.50 -21.74
N GLU I 347 -4.65 36.37 -21.81
CA GLU I 347 -4.02 37.00 -20.65
C GLU I 347 -4.04 38.52 -20.83
N ASN I 348 -4.38 39.25 -19.76
CA ASN I 348 -4.54 40.71 -19.82
C ASN I 348 -3.30 41.37 -19.21
N MET I 349 -2.37 41.83 -20.06
CA MET I 349 -1.04 42.25 -19.63
C MET I 349 -0.76 43.69 -20.02
N VAL I 350 0.37 44.20 -19.49
CA VAL I 350 0.88 45.55 -19.75
C VAL I 350 2.13 45.45 -20.61
N SER I 351 2.11 46.10 -21.77
CA SER I 351 3.11 45.92 -22.81
C SER I 351 3.07 47.12 -23.74
N LYS I 352 4.14 47.28 -24.53
CA LYS I 352 4.06 48.19 -25.66
C LYS I 352 2.93 47.79 -26.60
N ASN I 353 2.51 46.53 -26.58
CA ASN I 353 1.52 46.03 -27.54
C ASN I 353 0.08 45.99 -27.01
N SER I 354 -0.16 46.35 -25.75
CA SER I 354 -1.48 46.17 -25.15
C SER I 354 -2.50 47.12 -25.78
N TYR I 355 -3.76 46.76 -25.68
CA TYR I 355 -4.81 47.70 -26.02
C TYR I 355 -4.91 48.79 -24.95
N ARG I 356 -5.46 49.94 -25.34
CA ARG I 356 -5.41 51.12 -24.47
C ARG I 356 -6.81 51.53 -24.04
N PRO I 357 -6.93 52.13 -22.85
CA PRO I 357 -8.14 52.87 -22.51
C PRO I 357 -8.41 53.87 -23.61
N GLY I 358 -9.67 53.93 -24.04
CA GLY I 358 -10.05 54.79 -25.12
C GLY I 358 -10.13 54.12 -26.47
N ASP I 359 -9.47 52.98 -26.66
CA ASP I 359 -9.48 52.34 -27.97
C ASP I 359 -10.91 51.98 -28.39
N ILE I 360 -11.19 52.07 -29.69
CA ILE I 360 -12.44 51.58 -30.23
C ILE I 360 -12.16 50.32 -31.03
N ILE I 361 -12.85 49.24 -30.68
CA ILE I 361 -12.59 47.92 -31.26
C ILE I 361 -13.89 47.37 -31.83
N THR I 362 -13.77 46.41 -32.75
CA THR I 362 -14.92 45.87 -33.47
C THR I 362 -15.12 44.40 -33.16
N ALA I 363 -16.27 44.08 -32.56
CA ALA I 363 -16.65 42.70 -32.24
C ALA I 363 -17.00 41.92 -33.50
N SER I 364 -17.02 40.59 -33.36
CA SER I 364 -17.32 39.70 -34.48
C SER I 364 -18.73 39.87 -35.03
N ASN I 365 -19.64 40.53 -34.32
CA ASN I 365 -20.93 40.86 -34.91
C ASN I 365 -20.97 42.27 -35.49
N GLY I 366 -19.81 42.94 -35.61
CA GLY I 366 -19.75 44.24 -36.25
C GLY I 366 -20.02 45.42 -35.34
N LYS I 367 -20.39 45.19 -34.08
CA LYS I 367 -20.59 46.31 -33.16
C LYS I 367 -19.24 46.89 -32.76
N THR I 368 -19.12 48.21 -32.83
CA THR I 368 -17.94 48.88 -32.32
C THR I 368 -18.14 49.18 -30.85
N ILE I 369 -17.04 49.06 -30.09
CA ILE I 369 -17.04 49.15 -28.64
C ILE I 369 -15.97 50.15 -28.24
N GLU I 370 -16.32 51.13 -27.41
CA GLU I 370 -15.35 52.07 -26.88
C GLU I 370 -14.88 51.59 -25.50
N VAL I 371 -13.58 51.35 -25.38
CA VAL I 371 -12.99 50.85 -24.15
C VAL I 371 -12.85 51.99 -23.15
N GLY I 372 -13.48 51.84 -21.98
CA GLY I 372 -13.37 52.83 -20.94
C GLY I 372 -12.41 52.42 -19.84
N ASN I 373 -12.09 51.12 -19.77
CA ASN I 373 -11.29 50.56 -18.69
C ASN I 373 -10.83 49.19 -19.14
N THR I 374 -9.51 49.00 -19.28
CA THR I 374 -8.95 47.75 -19.79
C THR I 374 -9.08 46.61 -18.80
N ASP I 375 -9.43 46.91 -17.55
CA ASP I 375 -9.69 45.90 -16.52
C ASP I 375 -11.12 45.36 -16.58
N ALA I 376 -12.01 45.92 -17.40
CA ALA I 376 -13.28 45.27 -17.72
C ALA I 376 -13.14 44.47 -19.01
N GLU I 377 -12.15 43.56 -19.00
CA GLU I 377 -11.75 42.80 -20.19
C GLU I 377 -12.52 41.50 -20.34
N GLY I 378 -13.03 40.93 -19.24
CA GLY I 378 -13.81 39.71 -19.33
C GLY I 378 -15.01 39.88 -20.24
N ARG I 379 -15.73 40.99 -20.12
CA ARG I 379 -16.94 41.16 -20.93
C ARG I 379 -16.58 41.31 -22.41
N LEU I 380 -15.37 41.76 -22.72
CA LEU I 380 -14.96 41.88 -24.12
C LEU I 380 -14.73 40.50 -24.73
N THR I 381 -14.01 39.63 -24.02
CA THR I 381 -13.78 38.31 -24.57
C THR I 381 -15.06 37.50 -24.64
N LEU I 382 -15.92 37.65 -23.62
CA LEU I 382 -17.19 36.93 -23.61
C LEU I 382 -18.08 37.39 -24.76
N ALA I 383 -18.02 38.68 -25.10
CA ALA I 383 -18.80 39.19 -26.23
C ALA I 383 -18.53 38.39 -27.49
N ASP I 384 -17.25 38.23 -27.87
CA ASP I 384 -16.94 37.44 -29.04
C ASP I 384 -17.28 35.96 -28.83
N ALA I 385 -17.18 35.46 -27.61
CA ALA I 385 -17.51 34.05 -27.42
C ALA I 385 -19.03 33.81 -27.45
N LEU I 386 -19.83 34.82 -27.11
CA LEU I 386 -21.27 34.69 -27.20
C LEU I 386 -21.72 34.74 -28.66
N VAL I 387 -21.11 35.62 -29.46
CA VAL I 387 -21.43 35.65 -30.89
C VAL I 387 -21.11 34.31 -31.53
N TYR I 388 -19.95 33.73 -31.18
CA TYR I 388 -19.57 32.40 -31.65
C TYR I 388 -20.59 31.35 -31.20
N ALA I 389 -20.99 31.38 -29.93
CA ALA I 389 -21.96 30.41 -29.41
C ALA I 389 -23.31 30.52 -30.12
N GLU I 390 -23.83 31.74 -30.30
CA GLU I 390 -25.13 31.86 -30.96
C GLU I 390 -25.06 31.36 -32.40
N LYS I 391 -23.92 31.54 -33.07
CA LYS I 391 -23.73 31.04 -34.42
C LYS I 391 -23.70 29.52 -34.47
N LEU I 392 -23.41 28.84 -33.36
CA LEU I 392 -23.51 27.38 -33.36
C LEU I 392 -24.96 26.89 -33.46
N GLY I 393 -25.95 27.76 -33.28
CA GLY I 393 -27.35 27.35 -33.37
C GLY I 393 -27.87 26.54 -32.19
N VAL I 394 -27.72 27.04 -30.97
CA VAL I 394 -28.09 26.27 -29.80
C VAL I 394 -29.44 26.75 -29.26
N ASP I 395 -30.03 25.94 -28.38
CA ASP I 395 -31.26 26.32 -27.68
C ASP I 395 -30.98 27.21 -26.48
N TYR I 396 -29.95 26.90 -25.68
CA TYR I 396 -29.54 27.71 -24.54
C TYR I 396 -28.07 28.07 -24.63
N ILE I 397 -27.74 29.26 -24.11
CA ILE I 397 -26.36 29.68 -23.90
C ILE I 397 -26.23 30.07 -22.43
N VAL I 398 -25.31 29.42 -21.73
CA VAL I 398 -25.01 29.77 -20.35
C VAL I 398 -23.52 30.12 -20.29
N ASP I 399 -23.22 31.34 -19.86
CA ASP I 399 -21.85 31.72 -19.54
C ASP I 399 -21.67 31.80 -18.02
N ILE I 400 -20.44 31.57 -17.59
CA ILE I 400 -20.06 31.57 -16.18
C ILE I 400 -18.73 32.29 -16.10
N ALA I 401 -18.60 33.25 -15.19
CA ALA I 401 -17.42 34.11 -15.25
C ALA I 401 -17.15 34.81 -13.92
N THR I 402 -15.87 35.00 -13.60
CA THR I 402 -15.49 35.87 -12.48
C THR I 402 -15.49 37.31 -12.97
N LEU I 403 -16.68 37.84 -13.19
CA LEU I 403 -16.78 39.05 -14.00
C LEU I 403 -16.60 40.33 -13.18
N THR I 404 -17.35 40.52 -12.10
CA THR I 404 -17.34 41.80 -11.39
C THR I 404 -17.08 41.63 -9.90
N GLY I 405 -16.15 42.43 -9.38
CA GLY I 405 -15.90 42.40 -7.96
C GLY I 405 -17.07 42.92 -7.14
N ALA I 406 -17.99 43.64 -7.77
CA ALA I 406 -19.16 44.11 -7.04
C ALA I 406 -20.01 42.95 -6.51
N MET I 407 -19.77 41.71 -6.96
CA MET I 407 -20.53 40.59 -6.41
C MET I 407 -20.23 40.39 -4.93
N LEU I 408 -19.03 40.79 -4.48
CA LEU I 408 -18.68 40.71 -3.07
C LEU I 408 -19.59 41.60 -2.23
N TYR I 409 -20.14 42.65 -2.84
CA TYR I 409 -20.96 43.62 -2.13
C TYR I 409 -22.44 43.34 -2.25
N SER I 410 -22.85 42.46 -3.16
CA SER I 410 -24.26 42.14 -3.33
C SER I 410 -24.61 40.81 -2.66
N LEU I 411 -23.97 39.73 -3.08
CA LEU I 411 -24.25 38.42 -2.51
C LEU I 411 -23.11 37.85 -1.68
N GLY I 412 -21.87 38.32 -1.89
CA GLY I 412 -20.76 37.92 -1.06
C GLY I 412 -20.06 36.64 -1.51
N THR I 413 -19.62 35.83 -0.54
CA THR I 413 -18.75 34.70 -0.83
C THR I 413 -19.48 33.37 -1.03
N SER I 414 -20.77 33.28 -0.74
CA SER I 414 -21.48 32.00 -0.78
C SER I 414 -22.39 31.83 -1.99
N TYR I 415 -23.11 32.87 -2.39
CA TYR I 415 -24.09 32.74 -3.45
C TYR I 415 -23.57 33.41 -4.71
N ALA I 416 -23.59 32.70 -5.83
CA ALA I 416 -23.38 33.33 -7.12
C ALA I 416 -24.66 34.03 -7.60
N GLY I 417 -24.49 35.02 -8.45
CA GLY I 417 -25.62 35.69 -9.08
C GLY I 417 -25.85 35.15 -10.48
N VAL I 418 -27.11 35.00 -10.87
CA VAL I 418 -27.44 34.65 -12.24
C VAL I 418 -28.32 35.75 -12.82
N PHE I 419 -27.99 36.17 -14.04
CA PHE I 419 -28.74 37.14 -14.83
C PHE I 419 -29.17 36.44 -16.09
N GLY I 420 -30.19 36.96 -16.77
CA GLY I 420 -30.52 36.34 -18.04
C GLY I 420 -31.65 37.05 -18.75
N ASN I 421 -31.86 36.63 -20.00
CA ASN I 421 -32.89 37.19 -20.85
C ASN I 421 -34.12 36.30 -20.95
N ASN I 422 -34.20 35.23 -20.17
CA ASN I 422 -35.20 34.18 -20.36
C ASN I 422 -35.54 33.53 -19.03
N GLU I 423 -36.81 33.62 -18.61
CA GLU I 423 -37.20 33.17 -17.28
C GLU I 423 -37.12 31.66 -17.13
N GLU I 424 -37.54 30.91 -18.16
CA GLU I 424 -37.45 29.45 -18.09
C GLU I 424 -36.01 28.99 -17.92
N LEU I 425 -35.07 29.57 -18.68
CA LEU I 425 -33.67 29.24 -18.51
C LEU I 425 -33.22 29.51 -17.09
N ILE I 426 -33.53 30.71 -16.58
CA ILE I 426 -33.13 31.07 -15.22
C ILE I 426 -33.70 30.09 -14.20
N ASN I 427 -34.96 29.70 -14.36
CA ASN I 427 -35.55 28.75 -13.42
C ASN I 427 -34.83 27.40 -13.46
N LYS I 428 -34.38 26.99 -14.65
CA LYS I 428 -33.60 25.76 -14.76
C LYS I 428 -32.27 25.88 -14.01
N ILE I 429 -31.62 27.04 -14.08
CA ILE I 429 -30.38 27.23 -13.34
C ILE I 429 -30.66 27.21 -11.85
N LEU I 430 -31.74 27.86 -11.43
CA LEU I 430 -32.08 27.84 -10.02
C LEU I 430 -32.40 26.42 -9.57
N GLN I 431 -33.07 25.65 -10.42
CA GLN I 431 -33.36 24.27 -10.05
C GLN I 431 -32.07 23.45 -9.93
N SER I 432 -31.13 23.65 -10.86
CA SER I 432 -29.85 22.94 -10.78
C SER I 432 -29.04 23.38 -9.56
N SER I 433 -29.11 24.66 -9.22
CA SER I 433 -28.50 25.16 -8.00
C SER I 433 -28.98 24.35 -6.80
N LYS I 434 -30.26 24.01 -6.78
CA LYS I 434 -30.83 23.28 -5.63
C LYS I 434 -30.34 21.83 -5.61
N THR I 435 -30.39 21.14 -6.74
CA THR I 435 -29.96 19.76 -6.76
C THR I 435 -28.45 19.58 -6.73
N SER I 436 -27.67 20.58 -7.12
CA SER I 436 -26.22 20.49 -6.99
C SER I 436 -25.73 21.03 -5.65
N ASN I 437 -26.58 21.76 -4.91
CA ASN I 437 -26.20 22.42 -3.67
C ASN I 437 -25.08 23.44 -3.88
N GLU I 438 -25.03 24.03 -5.08
CA GLU I 438 -24.13 25.15 -5.34
C GLU I 438 -25.01 26.40 -5.40
N PRO I 439 -25.01 27.24 -4.37
CA PRO I 439 -26.07 28.25 -4.22
C PRO I 439 -25.96 29.40 -5.20
N VAL I 440 -27.11 29.82 -5.72
CA VAL I 440 -27.19 30.86 -6.74
C VAL I 440 -28.41 31.73 -6.47
N TRP I 441 -28.30 33.04 -6.71
CA TRP I 441 -29.45 33.94 -6.58
C TRP I 441 -29.70 34.72 -7.86
N TRP I 442 -30.98 34.86 -8.23
CA TRP I 442 -31.38 35.55 -9.45
C TRP I 442 -31.36 37.07 -9.21
N LEU I 443 -30.61 37.81 -10.03
CA LEU I 443 -30.48 39.25 -9.99
C LEU I 443 -30.97 39.86 -11.30
N PRO I 444 -31.51 41.07 -11.26
CA PRO I 444 -32.17 41.62 -12.45
C PRO I 444 -31.19 42.27 -13.42
N ILE I 445 -31.58 42.30 -14.68
CA ILE I 445 -30.92 43.11 -15.69
C ILE I 445 -31.78 44.36 -15.85
N ILE I 446 -31.29 45.49 -15.33
CA ILE I 446 -32.13 46.67 -15.18
C ILE I 446 -31.97 47.51 -16.42
N ASN I 447 -33.01 47.54 -17.27
CA ASN I 447 -32.84 48.16 -18.58
C ASN I 447 -32.66 49.67 -18.48
N GLU I 448 -33.06 50.28 -17.37
CA GLU I 448 -32.90 51.72 -17.24
C GLU I 448 -31.43 52.13 -17.30
N TYR I 449 -30.51 51.25 -16.88
CA TYR I 449 -29.09 51.59 -16.93
C TYR I 449 -28.51 51.47 -18.34
N ARG I 450 -29.26 50.94 -19.31
CA ARG I 450 -28.71 50.72 -20.64
C ARG I 450 -28.19 52.01 -21.26
N ALA I 451 -28.89 53.13 -21.03
CA ALA I 451 -28.51 54.38 -21.70
C ALA I 451 -27.12 54.86 -21.30
N THR I 452 -26.63 54.48 -20.11
CA THR I 452 -25.28 54.87 -19.74
C THR I 452 -24.21 54.17 -20.57
N LEU I 453 -24.57 53.13 -21.33
CA LEU I 453 -23.66 52.49 -22.26
C LEU I 453 -23.73 53.09 -23.65
N ASN I 454 -24.40 54.23 -23.82
CA ASN I 454 -24.45 54.91 -25.12
C ASN I 454 -23.16 55.69 -25.33
N SER I 455 -22.43 55.36 -26.39
CA SER I 455 -21.15 55.99 -26.68
C SER I 455 -21.35 57.13 -27.66
N LYS I 456 -20.56 58.20 -27.50
CA LYS I 456 -20.65 59.34 -28.41
C LYS I 456 -20.14 58.97 -29.80
N TYR I 457 -19.16 58.09 -29.86
CA TYR I 457 -18.47 57.73 -31.11
C TYR I 457 -18.71 56.28 -31.51
N ALA I 458 -18.59 55.32 -30.60
CA ALA I 458 -18.75 53.92 -30.98
C ALA I 458 -20.24 53.52 -30.94
N ASP I 459 -20.53 52.28 -31.36
CA ASP I 459 -21.90 51.78 -31.18
C ASP I 459 -22.27 51.69 -29.70
N ILE I 460 -21.32 51.27 -28.84
CA ILE I 460 -21.64 51.03 -27.44
C ILE I 460 -20.40 51.20 -26.60
N ASN I 461 -20.59 51.66 -25.36
CA ASN I 461 -19.55 51.72 -24.35
C ASN I 461 -19.35 50.36 -23.69
N GLN I 462 -18.10 50.05 -23.40
CA GLN I 462 -17.76 48.87 -22.63
C GLN I 462 -18.21 49.01 -21.17
N ILE I 463 -18.08 50.20 -20.59
CA ILE I 463 -18.43 50.42 -19.18
C ILE I 463 -19.30 51.64 -19.04
N SER I 464 -20.02 51.70 -17.90
CA SER I 464 -20.73 52.91 -17.51
C SER I 464 -19.78 53.86 -16.80
N SER I 465 -19.97 55.15 -17.04
CA SER I 465 -19.26 56.16 -16.25
C SER I 465 -20.08 56.67 -15.06
N SER I 466 -21.37 56.34 -14.98
CA SER I 466 -22.19 56.83 -13.87
C SER I 466 -22.74 55.73 -12.97
N VAL I 467 -23.08 54.56 -13.49
CA VAL I 467 -23.76 53.53 -12.71
C VAL I 467 -22.73 52.69 -11.98
N LYS I 468 -22.86 52.59 -10.66
CA LYS I 468 -21.95 51.81 -9.83
C LYS I 468 -22.37 50.35 -9.68
N ALA I 469 -23.57 49.96 -10.15
CA ALA I 469 -24.05 48.58 -10.10
C ALA I 469 -23.41 47.80 -11.26
N SER I 470 -22.11 47.55 -11.12
CA SER I 470 -21.33 47.12 -12.26
C SER I 470 -21.65 45.67 -12.68
N SER I 471 -22.11 44.83 -11.76
CA SER I 471 -22.52 43.47 -12.14
C SER I 471 -23.73 43.49 -13.07
N ILE I 472 -24.61 44.48 -12.91
CA ILE I 472 -25.78 44.62 -13.76
C ILE I 472 -25.39 45.26 -15.09
N VAL I 473 -24.56 46.32 -15.04
CA VAL I 473 -24.10 46.93 -16.29
C VAL I 473 -23.38 45.91 -17.16
N ALA I 474 -22.51 45.07 -16.56
CA ALA I 474 -21.81 44.06 -17.35
C ALA I 474 -22.78 43.14 -18.06
N SER I 475 -23.90 42.81 -17.40
CA SER I 475 -24.91 41.94 -17.98
C SER I 475 -25.66 42.62 -19.12
N LEU I 476 -25.99 43.91 -18.97
CA LEU I 476 -26.58 44.66 -20.08
C LEU I 476 -25.65 44.65 -21.28
N PHE I 477 -24.35 44.76 -21.03
CA PHE I 477 -23.37 44.74 -22.11
C PHE I 477 -23.41 43.40 -22.84
N LEU I 478 -23.27 42.31 -22.09
CA LEU I 478 -23.25 40.98 -22.70
C LEU I 478 -24.53 40.71 -23.47
N LYS I 479 -25.66 41.21 -22.97
CA LYS I 479 -26.94 40.97 -23.63
C LYS I 479 -26.97 41.52 -25.05
N GLU I 480 -26.21 42.60 -25.32
CA GLU I 480 -26.10 43.12 -26.67
C GLU I 480 -25.44 42.15 -27.63
N PHE I 481 -24.80 41.09 -27.16
CA PHE I 481 -24.15 40.12 -28.02
C PHE I 481 -24.90 38.80 -28.11
N VAL I 482 -26.16 38.77 -27.67
CA VAL I 482 -27.07 37.66 -27.90
C VAL I 482 -28.31 38.24 -28.56
N GLN I 483 -28.56 37.81 -29.80
CA GLN I 483 -29.62 38.43 -30.58
C GLN I 483 -30.98 37.80 -30.33
N ASN I 484 -31.04 36.46 -30.24
CA ASN I 484 -32.32 35.78 -30.28
C ASN I 484 -32.24 34.37 -29.72
N THR I 485 -31.52 34.20 -28.61
CA THR I 485 -31.34 32.90 -27.98
C THR I 485 -31.51 33.07 -26.48
N ALA I 486 -32.18 32.12 -25.84
CA ALA I 486 -32.25 32.14 -24.38
C ALA I 486 -30.84 32.09 -23.81
N TRP I 487 -30.53 33.02 -22.92
CA TRP I 487 -29.17 33.14 -22.39
C TRP I 487 -29.22 33.46 -20.90
N ALA I 488 -28.31 32.86 -20.13
CA ALA I 488 -28.11 33.28 -18.75
C ALA I 488 -26.62 33.38 -18.44
N HIS I 489 -26.31 34.25 -17.48
CA HIS I 489 -24.95 34.64 -17.12
C HIS I 489 -24.78 34.44 -15.63
N ILE I 490 -23.78 33.66 -15.23
CA ILE I 490 -23.52 33.32 -13.82
C ILE I 490 -22.21 33.99 -13.43
N ASP I 491 -22.30 34.95 -12.53
CA ASP I 491 -21.16 35.75 -12.09
C ASP I 491 -20.65 35.14 -10.78
N ILE I 492 -19.47 34.53 -10.85
CA ILE I 492 -18.88 33.80 -9.74
C ILE I 492 -17.68 34.56 -9.16
N ALA I 493 -17.58 35.87 -9.43
CA ALA I 493 -16.38 36.58 -8.99
C ALA I 493 -16.21 36.53 -7.47
N GLY I 494 -17.30 36.45 -6.70
CA GLY I 494 -17.19 36.46 -5.26
C GLY I 494 -17.12 35.11 -4.58
N VAL I 495 -17.63 34.06 -5.25
CA VAL I 495 -17.70 32.73 -4.64
C VAL I 495 -16.58 31.81 -5.11
N SER I 496 -15.84 32.18 -6.15
CA SER I 496 -14.88 31.25 -6.73
C SER I 496 -13.78 30.86 -5.75
N TRP I 497 -13.31 31.80 -4.95
CA TRP I 497 -12.15 31.55 -4.12
C TRP I 497 -12.56 31.43 -2.66
N ASN I 498 -12.09 30.37 -2.01
CA ASN I 498 -12.33 30.14 -0.59
C ASN I 498 -11.21 30.85 0.18
N PHE I 499 -11.48 32.08 0.62
CA PHE I 499 -10.44 32.88 1.26
C PHE I 499 -10.01 32.30 2.59
N LYS I 500 -10.94 31.69 3.35
CA LYS I 500 -10.58 31.12 4.65
C LYS I 500 -9.61 29.96 4.49
N ALA I 501 -9.88 29.05 3.55
CA ALA I 501 -9.01 27.91 3.31
C ALA I 501 -7.87 28.21 2.32
N ARG I 502 -7.84 29.39 1.71
CA ARG I 502 -6.78 29.80 0.79
C ARG I 502 -6.64 28.85 -0.41
N LYS I 503 -7.76 28.53 -1.05
CA LYS I 503 -7.77 27.61 -2.20
C LYS I 503 -9.04 27.86 -3.02
N PRO I 504 -9.08 27.38 -4.26
CA PRO I 504 -10.31 27.52 -5.05
C PRO I 504 -11.40 26.58 -4.56
N LYS I 505 -12.64 26.91 -4.95
CA LYS I 505 -13.75 26.00 -4.72
C LYS I 505 -14.06 25.11 -5.91
N GLY I 506 -13.67 25.50 -7.12
CA GLY I 506 -14.17 24.78 -8.27
C GLY I 506 -15.66 25.01 -8.45
N PHE I 507 -16.16 26.15 -7.98
CA PHE I 507 -17.58 26.45 -8.05
C PHE I 507 -18.09 26.39 -9.48
N GLY I 508 -19.23 25.72 -9.67
CA GLY I 508 -19.91 25.74 -10.94
C GLY I 508 -19.88 24.43 -11.69
N VAL I 509 -18.93 23.53 -11.40
CA VAL I 509 -18.88 22.28 -12.16
C VAL I 509 -20.17 21.47 -11.94
N ARG I 510 -20.54 21.28 -10.67
CA ARG I 510 -21.73 20.49 -10.33
C ARG I 510 -23.02 21.18 -10.76
N LEU I 511 -23.09 22.51 -10.62
CA LEU I 511 -24.21 23.29 -11.12
C LEU I 511 -24.43 23.08 -12.62
N LEU I 512 -23.37 23.26 -13.42
CA LEU I 512 -23.49 23.09 -14.86
C LEU I 512 -23.83 21.66 -15.21
N THR I 513 -23.20 20.68 -14.55
CA THR I 513 -23.48 19.28 -14.90
C THR I 513 -24.91 18.91 -14.57
N GLU I 514 -25.40 19.31 -13.40
CA GLU I 514 -26.79 19.09 -13.06
C GLU I 514 -27.71 19.75 -14.07
N PHE I 515 -27.38 20.97 -14.49
CA PHE I 515 -28.15 21.64 -15.53
C PHE I 515 -28.18 20.81 -16.81
N VAL I 516 -27.04 20.29 -17.25
CA VAL I 516 -27.05 19.47 -18.46
C VAL I 516 -27.83 18.17 -18.22
N LEU I 517 -27.60 17.51 -17.07
CA LEU I 517 -28.24 16.21 -16.82
C LEU I 517 -29.75 16.35 -16.71
N ASN I 518 -30.25 17.38 -16.02
CA ASN I 518 -31.68 17.48 -15.78
C ASN I 518 -32.44 17.85 -17.03
N ASP I 519 -31.76 18.38 -18.06
CA ASP I 519 -32.36 18.68 -19.36
C ASP I 519 -32.28 17.52 -20.34
N ALA I 520 -31.45 16.51 -20.03
CA ALA I 520 -31.33 15.30 -20.85
C ALA I 520 -32.38 14.25 -20.50
N LEU I 521 -33.15 14.43 -19.42
CA LEU I 521 -34.12 13.46 -18.95
C LEU I 521 -35.53 13.93 -19.26
N HIS I 522 -36.41 12.98 -19.59
CA HIS I 522 -37.82 13.26 -19.85
C HIS I 522 -38.60 13.55 -18.57
N HIS I 523 -39.60 12.71 -18.22
CA HIS I 523 -40.39 12.92 -16.99
C HIS I 523 -41.33 11.76 -16.65
N HIS I 524 -42.46 11.62 -17.37
CA HIS I 524 -43.50 10.65 -16.95
C HIS I 524 -43.60 9.38 -17.75
N ALA J 1 -45.91 69.13 20.65
CA ALA J 1 -44.90 70.00 20.04
C ALA J 1 -43.85 70.43 21.07
N SER J 2 -42.59 70.09 20.79
CA SER J 2 -41.45 70.49 21.61
C SER J 2 -40.77 71.71 20.99
N GLU J 3 -40.04 72.43 21.82
CA GLU J 3 -39.34 73.61 21.37
C GLU J 3 -38.02 73.21 20.70
N VAL J 4 -37.80 73.72 19.49
CA VAL J 4 -36.54 73.48 18.78
C VAL J 4 -35.41 74.31 19.39
N PRO J 5 -34.33 73.68 19.88
CA PRO J 5 -33.20 74.47 20.37
C PRO J 5 -32.46 75.14 19.22
N GLN J 6 -31.96 76.34 19.48
CA GLN J 6 -31.20 77.12 18.54
C GLN J 6 -29.81 77.39 19.11
N VAL J 7 -28.81 77.54 18.24
CA VAL J 7 -27.51 78.04 18.69
C VAL J 7 -27.46 79.56 18.57
N VAL J 8 -28.06 80.10 17.52
CA VAL J 8 -28.24 81.55 17.36
C VAL J 8 -29.68 81.78 16.95
N SER J 9 -30.15 83.01 17.19
CA SER J 9 -31.56 83.33 16.96
C SER J 9 -31.95 83.19 15.50
N LEU J 10 -31.00 83.21 14.56
CA LEU J 10 -31.27 83.00 13.15
C LEU J 10 -31.51 81.54 12.80
N ASP J 11 -31.30 80.60 13.72
CA ASP J 11 -31.53 79.19 13.42
C ASP J 11 -33.02 78.90 13.27
N PRO J 12 -33.43 78.15 12.25
CA PRO J 12 -34.87 77.92 12.05
C PRO J 12 -35.43 76.99 13.10
N THR J 13 -36.72 77.19 13.44
CA THR J 13 -37.39 76.40 14.46
C THR J 13 -38.55 75.56 13.93
N SER J 14 -38.70 75.44 12.60
CA SER J 14 -39.70 74.55 12.06
C SER J 14 -39.36 74.25 10.61
N ILE J 15 -39.97 73.18 10.10
CA ILE J 15 -39.82 72.78 8.70
C ILE J 15 -40.95 73.44 7.91
N PRO J 16 -40.65 74.30 6.94
CA PRO J 16 -41.72 74.85 6.10
C PRO J 16 -42.31 73.75 5.23
N ILE J 17 -43.63 73.63 5.25
CA ILE J 17 -44.33 72.59 4.51
C ILE J 17 -45.40 73.25 3.65
N GLU J 18 -45.49 72.84 2.39
CA GLU J 18 -46.58 73.22 1.50
C GLU J 18 -47.59 72.09 1.45
N TYR J 19 -48.81 72.38 1.91
CA TYR J 19 -49.89 71.42 1.78
C TYR J 19 -50.73 71.68 0.56
N ASN J 20 -51.13 72.93 0.36
CA ASN J 20 -51.89 73.34 -0.81
C ASN J 20 -50.92 73.66 -1.95
N THR J 21 -50.85 72.80 -2.94
CA THR J 21 -49.97 73.04 -4.07
C THR J 21 -50.79 73.36 -5.31
N PRO J 22 -50.18 73.95 -6.33
CA PRO J 22 -50.93 74.21 -7.58
C PRO J 22 -51.49 72.94 -8.19
N ILE J 23 -50.84 71.80 -7.97
CA ILE J 23 -51.34 70.53 -8.51
C ILE J 23 -52.77 70.27 -8.03
N HIS J 24 -53.07 70.67 -6.80
CA HIS J 24 -54.39 70.44 -6.27
C HIS J 24 -55.45 71.30 -6.95
N ASP J 25 -55.06 72.32 -7.71
CA ASP J 25 -56.03 73.15 -8.41
C ASP J 25 -56.28 72.73 -9.85
N ILE J 26 -55.61 71.69 -10.33
CA ILE J 26 -55.80 71.21 -11.69
C ILE J 26 -57.09 70.39 -11.78
N LYS J 27 -58.03 70.81 -12.64
CA LYS J 27 -59.18 69.99 -12.98
C LYS J 27 -58.79 68.96 -14.05
N VAL J 28 -59.06 67.69 -13.78
CA VAL J 28 -58.70 66.59 -14.67
C VAL J 28 -59.96 66.03 -15.32
N GLN J 29 -59.96 65.92 -16.65
CA GLN J 29 -61.03 65.25 -17.40
C GLN J 29 -60.45 64.15 -18.26
N VAL J 30 -61.12 63.00 -18.28
CA VAL J 30 -60.71 61.84 -19.07
C VAL J 30 -61.79 61.57 -20.12
N TYR J 31 -61.38 61.53 -21.39
CA TYR J 31 -62.27 61.35 -22.52
C TYR J 31 -61.87 60.08 -23.27
N ASP J 32 -62.85 59.45 -23.92
CA ASP J 32 -62.52 58.30 -24.73
C ASP J 32 -61.90 58.76 -26.05
N ILE J 33 -60.83 58.08 -26.43
CA ILE J 33 -60.14 58.43 -27.66
C ILE J 33 -60.87 57.94 -28.90
N LYS J 34 -61.88 57.07 -28.75
CA LYS J 34 -62.64 56.60 -29.91
C LYS J 34 -63.55 57.68 -30.47
N GLY J 35 -63.86 58.73 -29.71
CA GLY J 35 -64.69 59.79 -30.24
C GLY J 35 -63.98 60.92 -30.96
N GLY J 36 -62.66 60.92 -31.02
CA GLY J 36 -61.94 62.04 -31.60
C GLY J 36 -61.66 63.13 -30.58
N CYS J 37 -60.69 63.97 -30.91
CA CYS J 37 -60.12 64.94 -29.98
C CYS J 37 -60.47 66.37 -30.35
N ASN J 38 -60.72 67.19 -29.34
CA ASN J 38 -60.92 68.61 -29.56
C ASN J 38 -59.67 69.38 -29.14
N VAL J 39 -59.14 70.16 -30.07
CA VAL J 39 -57.96 71.00 -29.86
C VAL J 39 -58.45 72.44 -29.77
N GLU J 40 -59.14 72.77 -28.69
CA GLU J 40 -59.72 74.10 -28.55
C GLU J 40 -58.78 75.08 -27.88
N GLU J 41 -58.02 74.59 -26.89
CA GLU J 41 -57.36 75.46 -25.94
C GLU J 41 -56.02 74.86 -25.54
N GLY J 42 -55.08 75.73 -25.18
CA GLY J 42 -53.87 75.29 -24.53
C GLY J 42 -52.95 74.44 -25.39
N LEU J 43 -52.22 73.56 -24.73
CA LEU J 43 -51.23 72.69 -25.33
C LEU J 43 -51.80 71.28 -25.44
N THR J 44 -51.73 70.69 -26.62
CA THR J 44 -52.13 69.30 -26.83
C THR J 44 -50.90 68.51 -27.27
N ILE J 45 -50.60 67.43 -26.56
CA ILE J 45 -49.45 66.61 -26.89
C ILE J 45 -49.94 65.19 -27.15
N PHE J 46 -49.52 64.63 -28.27
CA PHE J 46 -49.81 63.25 -28.61
C PHE J 46 -48.64 62.36 -28.16
N LEU J 47 -48.98 61.29 -27.46
CA LEU J 47 -48.00 60.29 -27.09
C LEU J 47 -48.03 59.20 -28.17
N VAL J 48 -46.97 59.11 -28.97
CA VAL J 48 -46.96 58.22 -30.14
C VAL J 48 -45.74 57.32 -30.11
N ASN J 49 -45.91 56.11 -30.64
CA ASN J 49 -44.79 55.20 -30.84
C ASN J 49 -44.84 54.70 -32.28
N ASN J 50 -43.92 53.78 -32.60
CA ASN J 50 -43.84 53.18 -33.93
C ASN J 50 -43.26 51.80 -33.74
N PRO J 51 -44.10 50.81 -33.47
CA PRO J 51 -43.58 49.47 -33.19
C PRO J 51 -42.91 48.88 -34.43
N GLY J 52 -41.83 48.15 -34.19
CA GLY J 52 -41.02 47.67 -35.30
C GLY J 52 -39.98 48.67 -35.72
N LYS J 53 -40.41 49.73 -36.43
CA LYS J 53 -39.50 50.72 -37.01
C LYS J 53 -38.85 51.54 -35.90
N GLU J 54 -37.62 51.16 -35.51
CA GLU J 54 -36.90 51.85 -34.44
C GLU J 54 -36.51 53.26 -34.85
N ASN J 55 -36.81 54.23 -33.99
CA ASN J 55 -36.71 55.65 -34.30
C ASN J 55 -37.47 55.98 -35.58
N GLY J 56 -38.57 55.27 -35.84
CA GLY J 56 -39.38 55.50 -37.02
C GLY J 56 -40.13 56.81 -36.98
N PRO J 57 -40.80 57.15 -38.07
CA PRO J 57 -41.49 58.44 -38.14
C PRO J 57 -42.69 58.53 -37.20
N VAL J 58 -42.97 59.77 -36.78
CA VAL J 58 -44.21 60.07 -36.08
C VAL J 58 -45.37 60.00 -37.06
N LYS J 59 -46.49 59.41 -36.63
CA LYS J 59 -47.73 59.44 -37.39
C LYS J 59 -48.88 59.52 -36.39
N ILE J 60 -49.82 60.43 -36.59
CA ILE J 60 -50.90 60.68 -35.64
C ILE J 60 -52.20 60.12 -36.24
N SER J 61 -52.85 59.22 -35.50
CA SER J 61 -54.05 58.57 -36.01
C SER J 61 -55.35 59.29 -35.64
N SER J 62 -55.39 59.96 -34.49
CA SER J 62 -56.65 60.47 -33.98
C SER J 62 -57.25 61.52 -34.90
N LYS J 63 -58.57 61.48 -35.03
CA LYS J 63 -59.30 62.58 -35.63
C LYS J 63 -59.32 63.76 -34.67
N VAL J 64 -58.98 64.94 -35.14
CA VAL J 64 -59.14 66.16 -34.36
C VAL J 64 -60.13 67.06 -35.06
N ASN J 65 -60.96 67.75 -34.28
CA ASN J 65 -62.12 68.47 -34.81
C ASN J 65 -61.80 69.92 -35.11
N ASP J 66 -60.65 70.14 -35.72
CA ASP J 66 -60.18 71.47 -36.10
C ASP J 66 -59.41 71.34 -37.40
N LYS J 67 -59.84 72.08 -38.42
CA LYS J 67 -59.24 71.95 -39.75
C LYS J 67 -57.77 72.37 -39.75
N GLN J 68 -57.44 73.44 -39.03
CA GLN J 68 -56.05 73.91 -39.00
C GLN J 68 -55.12 72.88 -38.38
N VAL J 69 -55.48 72.36 -37.21
CA VAL J 69 -54.63 71.38 -36.55
C VAL J 69 -54.58 70.07 -37.33
N SER J 70 -55.69 69.70 -37.99
CA SER J 70 -55.69 68.51 -38.84
C SER J 70 -54.65 68.62 -39.94
N GLU J 71 -54.56 69.79 -40.57
CA GLU J 71 -53.55 69.99 -41.61
C GLU J 71 -52.16 69.90 -41.02
N PHE J 72 -51.93 70.53 -39.86
CA PHE J 72 -50.62 70.43 -39.22
C PHE J 72 -50.25 68.97 -38.92
N LEU J 73 -51.22 68.13 -38.59
CA LEU J 73 -50.98 66.75 -38.16
C LEU J 73 -50.98 65.75 -39.31
N LYS J 74 -51.06 66.22 -40.56
CA LYS J 74 -51.03 65.30 -41.69
C LYS J 74 -49.70 64.54 -41.75
N ASP J 75 -49.74 63.36 -42.36
CA ASP J 75 -48.62 62.44 -42.30
C ASP J 75 -47.35 63.01 -42.95
N GLU J 76 -47.51 63.81 -44.01
CA GLU J 76 -46.32 64.39 -44.66
C GLU J 76 -45.61 65.38 -43.74
N ASN J 77 -46.32 66.02 -42.81
CA ASN J 77 -45.67 66.91 -41.85
C ASN J 77 -45.02 66.13 -40.72
N MET J 78 -45.76 65.15 -40.15
CA MET J 78 -45.26 64.51 -38.96
C MET J 78 -44.10 63.57 -39.25
N GLU J 79 -43.98 63.08 -40.49
CA GLU J 79 -42.93 62.11 -40.79
C GLU J 79 -41.54 62.73 -40.76
N LYS J 80 -41.46 64.05 -40.62
CA LYS J 80 -40.20 64.76 -40.43
C LYS J 80 -39.68 64.65 -39.01
N PHE J 81 -40.51 64.15 -38.09
CA PHE J 81 -40.14 63.88 -36.71
C PHE J 81 -40.15 62.37 -36.49
N ASN J 82 -39.49 61.94 -35.40
CA ASN J 82 -39.36 60.52 -35.11
C ASN J 82 -39.67 60.22 -33.64
N VAL J 83 -39.92 58.94 -33.36
CA VAL J 83 -40.51 58.52 -32.09
C VAL J 83 -39.48 58.12 -31.04
N LYS J 84 -38.19 58.40 -31.28
CA LYS J 84 -37.15 58.04 -30.30
C LYS J 84 -37.56 58.51 -28.91
N LEU J 85 -37.45 57.62 -27.92
CA LEU J 85 -38.09 57.80 -26.62
C LEU J 85 -37.68 59.12 -25.96
N GLY J 86 -38.66 59.96 -25.63
CA GLY J 86 -38.41 61.24 -25.01
C GLY J 86 -38.19 62.41 -25.97
N THR J 87 -37.94 62.15 -27.25
CA THR J 87 -37.90 63.22 -28.24
C THR J 87 -39.26 63.92 -28.35
N SER J 88 -39.23 65.24 -28.46
CA SER J 88 -40.47 65.99 -28.52
C SER J 88 -40.31 67.20 -29.42
N LYS J 89 -41.43 67.61 -30.00
CA LYS J 89 -41.56 68.86 -30.75
C LYS J 89 -42.94 69.43 -30.42
N HIS J 90 -43.06 70.76 -30.45
CA HIS J 90 -44.37 71.36 -30.35
C HIS J 90 -44.34 72.74 -31.00
N PHE J 91 -45.50 73.14 -31.53
CA PHE J 91 -45.65 74.32 -32.36
C PHE J 91 -46.84 75.15 -31.89
N TYR J 92 -46.68 76.47 -31.92
CA TYR J 92 -47.80 77.38 -31.68
C TYR J 92 -48.43 77.74 -33.02
N MET J 93 -49.76 77.82 -33.04
CA MET J 93 -50.50 78.08 -34.28
C MET J 93 -51.89 78.58 -33.91
N PHE J 94 -52.60 79.11 -34.89
CA PHE J 94 -53.98 79.54 -34.70
C PHE J 94 -54.93 78.44 -35.12
N ASN J 95 -56.00 78.24 -34.33
CA ASN J 95 -56.95 77.21 -34.65
C ASN J 95 -58.08 77.79 -35.51
N ASP J 96 -59.09 76.97 -35.80
CA ASP J 96 -60.18 77.40 -36.68
C ASP J 96 -60.84 78.68 -36.20
N ASN J 97 -60.84 78.94 -34.88
CA ASN J 97 -61.46 80.12 -34.32
C ASN J 97 -60.47 81.26 -34.11
N LYS J 98 -59.30 81.18 -34.73
CA LYS J 98 -58.25 82.18 -34.56
C LYS J 98 -57.80 82.30 -33.09
N ASN J 99 -57.94 81.22 -32.32
CA ASN J 99 -57.42 81.14 -30.97
C ASN J 99 -56.03 80.52 -30.98
N SER J 100 -55.16 81.03 -30.11
CA SER J 100 -53.79 80.52 -30.05
C SER J 100 -53.74 79.19 -29.32
N VAL J 101 -53.15 78.19 -29.97
CA VAL J 101 -53.01 76.84 -29.43
C VAL J 101 -51.60 76.35 -29.72
N ALA J 102 -51.15 75.36 -28.95
CA ALA J 102 -49.88 74.71 -29.22
C ALA J 102 -50.13 73.21 -29.33
N VAL J 103 -49.43 72.56 -30.28
CA VAL J 103 -49.67 71.17 -30.63
C VAL J 103 -48.33 70.47 -30.81
N GLY J 104 -48.20 69.27 -30.27
CA GLY J 104 -46.98 68.53 -30.44
C GLY J 104 -47.11 67.08 -30.06
N TYR J 105 -45.96 66.45 -29.81
CA TYR J 105 -45.92 65.05 -29.49
C TYR J 105 -44.71 64.76 -28.60
N VAL J 106 -44.76 63.64 -27.89
CA VAL J 106 -43.59 63.04 -27.25
C VAL J 106 -43.39 61.65 -27.85
N GLY J 107 -42.15 61.35 -28.23
CA GLY J 107 -41.85 60.02 -28.75
C GLY J 107 -41.85 58.97 -27.65
N CYS J 108 -42.48 57.83 -27.91
CA CYS J 108 -42.55 56.75 -26.94
C CYS J 108 -41.84 55.49 -27.44
N GLY J 109 -40.89 55.62 -28.37
CA GLY J 109 -40.06 54.50 -28.76
C GLY J 109 -40.74 53.55 -29.74
N SER J 110 -40.28 52.29 -29.73
CA SER J 110 -40.76 51.28 -30.66
C SER J 110 -41.21 50.02 -29.95
N VAL J 111 -41.29 50.02 -28.62
CA VAL J 111 -41.71 48.87 -27.85
C VAL J 111 -43.12 49.13 -27.34
N ALA J 112 -44.03 48.18 -27.58
CA ALA J 112 -45.43 48.44 -27.27
C ALA J 112 -45.67 48.62 -25.77
N ASP J 113 -44.85 48.02 -24.92
CA ASP J 113 -45.07 48.04 -23.48
C ASP J 113 -44.02 48.91 -22.82
N LEU J 114 -44.48 50.00 -22.20
CA LEU J 114 -43.59 50.94 -21.52
C LEU J 114 -43.37 50.52 -20.08
N SER J 115 -42.11 50.44 -19.67
CA SER J 115 -41.78 50.29 -18.26
C SER J 115 -41.98 51.60 -17.53
N GLU J 116 -41.90 51.53 -16.20
CA GLU J 116 -41.91 52.75 -15.40
C GLU J 116 -40.75 53.67 -15.81
N ALA J 117 -39.61 53.09 -16.15
CA ALA J 117 -38.46 53.93 -16.51
C ALA J 117 -38.70 54.66 -17.83
N ASP J 118 -39.36 53.99 -18.78
CA ASP J 118 -39.68 54.67 -20.04
C ASP J 118 -40.73 55.75 -19.81
N MET J 119 -41.76 55.45 -19.03
CA MET J 119 -42.81 56.43 -18.75
C MET J 119 -42.26 57.67 -18.04
N LYS J 120 -41.26 57.51 -17.16
CA LYS J 120 -40.62 58.68 -16.55
C LYS J 120 -39.93 59.54 -17.60
N ARG J 121 -39.30 58.90 -18.59
CA ARG J 121 -38.68 59.66 -19.67
C ARG J 121 -39.73 60.43 -20.46
N VAL J 122 -40.86 59.80 -20.75
CA VAL J 122 -41.94 60.50 -21.45
C VAL J 122 -42.43 61.67 -20.61
N VAL J 123 -42.73 61.43 -19.34
CA VAL J 123 -43.25 62.48 -18.48
C VAL J 123 -42.26 63.62 -18.38
N LEU J 124 -40.96 63.31 -18.28
CA LEU J 124 -39.94 64.36 -18.12
C LEU J 124 -39.91 65.28 -19.34
N SER J 125 -40.03 64.70 -20.53
CA SER J 125 -40.08 65.51 -21.74
C SER J 125 -41.34 66.37 -21.76
N LEU J 126 -42.45 65.82 -21.26
CA LEU J 126 -43.66 66.61 -21.12
C LEU J 126 -43.47 67.73 -20.10
N VAL J 127 -42.84 67.44 -18.96
CA VAL J 127 -42.66 68.49 -17.95
C VAL J 127 -41.78 69.61 -18.47
N THR J 128 -40.79 69.27 -19.31
CA THR J 128 -39.93 70.32 -19.87
C THR J 128 -40.74 71.31 -20.69
N MET J 129 -41.73 70.83 -21.45
CA MET J 129 -42.60 71.73 -22.20
C MET J 129 -43.47 72.54 -21.26
N LEU J 130 -43.98 71.92 -20.19
CA LEU J 130 -44.82 72.64 -19.24
C LEU J 130 -44.05 73.75 -18.54
N HIS J 131 -42.75 73.55 -18.31
CA HIS J 131 -41.99 74.58 -17.62
C HIS J 131 -41.62 75.73 -18.55
N ASP J 132 -42.03 75.65 -19.83
CA ASP J 132 -41.96 76.75 -20.76
C ASP J 132 -43.34 77.15 -21.29
N ASN J 133 -44.41 76.71 -20.65
CA ASN J 133 -45.77 76.95 -21.14
C ASN J 133 -46.48 77.88 -20.18
N LYS J 134 -47.06 78.95 -20.72
CA LYS J 134 -47.97 79.81 -19.98
C LYS J 134 -49.43 79.54 -20.32
N LEU J 135 -49.73 78.50 -21.07
CA LEU J 135 -51.13 78.27 -21.42
C LEU J 135 -51.88 77.63 -20.24
N SER J 136 -53.20 77.68 -20.33
CA SER J 136 -54.08 77.34 -19.22
C SER J 136 -54.40 75.86 -19.13
N LYS J 137 -54.14 75.11 -20.20
CA LYS J 137 -54.61 73.74 -20.28
C LYS J 137 -53.56 72.89 -20.99
N LEU J 138 -53.36 71.68 -20.48
CA LEU J 138 -52.58 70.64 -21.14
C LEU J 138 -53.53 69.51 -21.51
N THR J 139 -53.42 69.00 -22.74
CA THR J 139 -54.20 67.83 -23.15
C THR J 139 -53.25 66.77 -23.65
N VAL J 140 -53.38 65.56 -23.13
CA VAL J 140 -52.52 64.43 -23.50
C VAL J 140 -53.36 63.37 -24.20
N VAL J 141 -52.99 63.02 -25.43
CA VAL J 141 -53.68 62.01 -26.22
C VAL J 141 -52.84 60.74 -26.21
N PHE J 142 -53.36 59.67 -25.61
CA PHE J 142 -52.62 58.41 -25.52
C PHE J 142 -52.87 57.61 -26.79
N GLU J 143 -51.96 57.73 -27.75
CA GLU J 143 -51.94 56.81 -28.89
C GLU J 143 -50.98 55.65 -28.64
N ILE J 144 -50.93 55.24 -27.37
CA ILE J 144 -50.10 54.14 -26.91
C ILE J 144 -50.98 53.35 -25.93
N ASN J 145 -50.59 52.12 -25.65
CA ASN J 145 -51.36 51.27 -24.76
C ASN J 145 -50.74 51.31 -23.37
N VAL J 146 -51.52 51.74 -22.36
CA VAL J 146 -51.10 51.67 -20.96
C VAL J 146 -52.25 51.08 -20.14
N ASP J 147 -51.90 50.27 -19.14
CA ASP J 147 -52.90 49.71 -18.25
C ASP J 147 -53.24 50.71 -17.15
N LYS J 148 -54.13 50.29 -16.24
CA LYS J 148 -54.65 51.20 -15.22
C LYS J 148 -53.55 51.69 -14.29
N ASN J 149 -52.69 50.77 -13.81
CA ASN J 149 -51.68 51.17 -12.84
C ASN J 149 -50.65 52.09 -13.49
N LEU J 150 -50.27 51.80 -14.74
CA LEU J 150 -49.30 52.64 -15.43
C LEU J 150 -49.88 54.01 -15.73
N PHE J 151 -51.18 54.09 -16.04
CA PHE J 151 -51.79 55.40 -16.24
C PHE J 151 -51.80 56.22 -14.96
N ARG J 152 -52.13 55.58 -13.83
CA ARG J 152 -52.00 56.27 -12.55
C ARG J 152 -50.56 56.71 -12.30
N PHE J 153 -49.60 55.82 -12.58
CA PHE J 153 -48.20 56.21 -12.44
C PHE J 153 -47.87 57.40 -13.34
N PHE J 154 -48.45 57.47 -14.54
CA PHE J 154 -48.19 58.61 -15.41
C PHE J 154 -48.60 59.91 -14.74
N LEU J 155 -49.81 59.94 -14.16
CA LEU J 155 -50.34 61.14 -13.51
C LEU J 155 -49.55 61.51 -12.27
N GLU J 156 -49.28 60.54 -11.38
CA GLU J 156 -48.49 60.80 -10.19
C GLU J 156 -47.14 61.40 -10.55
N THR J 157 -46.45 60.77 -11.51
CA THR J 157 -45.15 61.23 -11.94
C THR J 157 -45.23 62.62 -12.57
N LEU J 158 -46.21 62.83 -13.44
CA LEU J 158 -46.43 64.14 -14.04
C LEU J 158 -46.66 65.20 -12.97
N PHE J 159 -47.56 64.91 -12.03
CA PHE J 159 -47.82 65.85 -10.95
C PHE J 159 -46.56 66.12 -10.13
N TYR J 160 -45.84 65.05 -9.77
CA TYR J 160 -44.68 65.20 -8.88
C TYR J 160 -43.55 65.96 -9.58
N GLU J 161 -43.28 65.67 -10.85
CA GLU J 161 -42.18 66.33 -11.54
C GLU J 161 -42.53 67.76 -11.91
N TYR J 162 -43.80 68.03 -12.16
CA TYR J 162 -44.26 69.37 -12.51
C TYR J 162 -44.07 70.32 -11.33
N MET J 163 -44.45 69.89 -10.14
CA MET J 163 -44.36 70.71 -8.95
C MET J 163 -42.90 71.07 -8.67
N THR J 164 -42.64 72.34 -8.37
CA THR J 164 -41.31 72.82 -8.06
C THR J 164 -41.28 73.35 -6.63
N ASP J 165 -40.27 72.93 -5.86
CA ASP J 165 -40.15 73.26 -4.45
C ASP J 165 -39.39 74.57 -4.31
N GLU J 166 -40.09 75.63 -3.95
CA GLU J 166 -39.48 76.95 -3.81
C GLU J 166 -39.39 77.42 -2.37
N ARG J 167 -39.49 76.50 -1.41
CA ARG J 167 -39.57 76.87 0.00
C ARG J 167 -38.33 77.63 0.48
N PHE J 168 -37.17 77.37 -0.10
CA PHE J 168 -35.94 77.96 0.37
C PHE J 168 -35.40 79.03 -0.57
N LYS J 169 -36.17 79.42 -1.57
CA LYS J 169 -35.84 80.55 -2.43
C LYS J 169 -36.34 81.82 -1.80
N SER J 170 -35.58 82.92 -1.99
CA SER J 170 -35.99 84.20 -1.40
C SER J 170 -36.87 84.98 -2.36
N MET J 177 -43.26 80.36 -16.84
CA MET J 177 -44.52 79.62 -16.93
C MET J 177 -45.58 80.11 -15.92
N GLU J 178 -46.78 79.52 -16.03
CA GLU J 178 -47.78 79.52 -14.97
C GLU J 178 -48.41 78.14 -14.96
N TYR J 179 -48.75 77.65 -13.76
CA TYR J 179 -49.31 76.31 -13.63
C TYR J 179 -50.62 76.19 -14.39
N ILE J 180 -50.79 75.09 -15.12
CA ILE J 180 -52.05 74.84 -15.80
C ILE J 180 -53.17 74.74 -14.77
N LYS J 181 -54.39 75.05 -15.20
CA LYS J 181 -55.57 74.83 -14.39
C LYS J 181 -56.40 73.67 -14.88
N HIS J 182 -56.04 73.07 -16.01
CA HIS J 182 -56.82 71.98 -16.59
C HIS J 182 -55.91 70.98 -17.24
N LEU J 183 -56.23 69.70 -17.04
CA LEU J 183 -55.56 68.59 -17.69
C LEU J 183 -56.62 67.73 -18.36
N GLY J 184 -56.55 67.61 -19.68
CA GLY J 184 -57.42 66.71 -20.43
C GLY J 184 -56.63 65.50 -20.86
N VAL J 185 -57.23 64.33 -20.70
CA VAL J 185 -56.63 63.07 -21.11
C VAL J 185 -57.58 62.37 -22.08
N TYR J 186 -57.09 62.02 -23.26
CA TYR J 186 -57.81 61.16 -24.19
C TYR J 186 -57.14 59.80 -24.19
N ILE J 187 -57.93 58.74 -24.00
CA ILE J 187 -57.39 57.40 -23.84
C ILE J 187 -58.49 56.39 -24.10
N ASN J 188 -58.10 55.20 -24.55
CA ASN J 188 -59.07 54.16 -24.82
C ASN J 188 -59.62 53.63 -23.50
N ASN J 189 -60.94 53.38 -23.46
CA ASN J 189 -61.64 52.91 -22.26
C ASN J 189 -61.55 53.95 -21.14
N ALA J 190 -61.88 55.20 -21.49
CA ALA J 190 -61.73 56.29 -20.54
C ALA J 190 -62.43 56.01 -19.22
N ASP J 191 -63.54 55.28 -19.25
CA ASP J 191 -64.34 55.13 -18.03
C ASP J 191 -63.60 54.32 -16.97
N THR J 192 -62.89 53.26 -17.37
CA THR J 192 -62.14 52.47 -16.40
C THR J 192 -60.98 53.24 -15.76
N TYR J 193 -60.48 54.29 -16.40
CA TYR J 193 -59.32 55.04 -15.93
C TYR J 193 -59.69 56.19 -15.02
N LYS J 194 -60.97 56.59 -14.99
CA LYS J 194 -61.36 57.79 -14.24
C LYS J 194 -61.06 57.64 -12.74
N GLU J 195 -61.24 56.43 -12.18
CA GLU J 195 -61.04 56.25 -10.75
C GLU J 195 -59.58 56.42 -10.34
N GLU J 196 -58.65 56.32 -11.29
CA GLU J 196 -57.24 56.46 -10.95
C GLU J 196 -56.83 57.90 -10.70
N VAL J 197 -57.63 58.87 -11.15
CA VAL J 197 -57.23 60.29 -11.11
C VAL J 197 -57.04 60.76 -9.67
N GLU J 198 -58.09 60.62 -8.84
CA GLU J 198 -57.96 61.14 -7.49
C GLU J 198 -57.06 60.27 -6.63
N LYS J 199 -56.92 59.00 -6.96
CA LYS J 199 -55.89 58.20 -6.31
C LYS J 199 -54.52 58.75 -6.66
N ALA J 200 -54.30 59.04 -7.94
CA ALA J 200 -53.05 59.64 -8.37
C ALA J 200 -52.77 60.93 -7.61
N ARG J 201 -53.80 61.77 -7.43
CA ARG J 201 -53.54 63.03 -6.76
C ARG J 201 -53.20 62.81 -5.29
N VAL J 202 -53.77 61.78 -4.65
CA VAL J 202 -53.38 61.48 -3.27
C VAL J 202 -51.96 60.93 -3.23
N TYR J 203 -51.62 60.03 -4.15
CA TYR J 203 -50.29 59.45 -4.17
C TYR J 203 -49.24 60.51 -4.46
N TYR J 204 -49.58 61.44 -5.35
CA TYR J 204 -48.72 62.59 -5.61
C TYR J 204 -48.34 63.29 -4.32
N PHE J 205 -49.32 63.71 -3.53
CA PHE J 205 -48.97 64.57 -2.40
C PHE J 205 -48.25 63.80 -1.31
N GLY J 206 -48.64 62.53 -1.08
CA GLY J 206 -47.88 61.71 -0.15
C GLY J 206 -46.42 61.65 -0.53
N THR J 207 -46.14 61.46 -1.83
CA THR J 207 -44.77 61.45 -2.33
C THR J 207 -44.15 62.84 -2.24
N TYR J 208 -44.89 63.88 -2.64
CA TYR J 208 -44.35 65.24 -2.58
C TYR J 208 -44.06 65.65 -1.15
N TYR J 209 -44.97 65.35 -0.22
CA TYR J 209 -44.76 65.67 1.19
C TYR J 209 -43.50 65.01 1.72
N ALA J 210 -43.33 63.71 1.44
CA ALA J 210 -42.10 63.04 1.83
C ALA J 210 -40.90 63.74 1.24
N SER J 211 -40.98 64.05 -0.06
CA SER J 211 -39.94 64.81 -0.75
C SER J 211 -39.57 66.10 -0.01
N GLN J 212 -40.58 66.82 0.49
CA GLN J 212 -40.33 68.08 1.18
C GLN J 212 -39.55 67.88 2.47
N LEU J 213 -39.80 66.79 3.19
CA LEU J 213 -39.07 66.52 4.43
C LEU J 213 -37.62 66.12 4.14
N ILE J 214 -37.43 65.27 3.12
CA ILE J 214 -36.08 64.86 2.74
C ILE J 214 -35.28 66.07 2.27
N ALA J 215 -35.80 66.81 1.29
CA ALA J 215 -35.08 67.97 0.76
C ALA J 215 -34.78 69.01 1.83
N ALA J 216 -35.67 69.16 2.81
CA ALA J 216 -35.45 70.10 3.90
C ALA J 216 -34.09 69.85 4.57
N PRO J 217 -33.22 70.85 4.64
CA PRO J 217 -31.87 70.63 5.19
C PRO J 217 -31.89 70.35 6.70
N SER J 218 -30.75 69.83 7.18
CA SER J 218 -30.67 69.36 8.56
C SER J 218 -30.74 70.49 9.59
N ASN J 219 -30.55 71.75 9.21
CA ASN J 219 -30.81 72.83 10.16
C ASN J 219 -32.29 73.19 10.22
N TYR J 220 -33.05 72.88 9.18
CA TYR J 220 -34.50 73.00 9.25
C TYR J 220 -35.14 71.73 9.80
N CYS J 221 -34.66 70.58 9.34
CA CYS J 221 -35.28 69.29 9.63
C CYS J 221 -34.37 68.52 10.58
N ASN J 222 -34.65 68.64 11.89
CA ASN J 222 -33.91 67.99 12.96
C ASN J 222 -34.89 67.10 13.75
N PRO J 223 -34.46 66.34 14.76
CA PRO J 223 -35.42 65.44 15.44
C PRO J 223 -36.61 66.17 16.05
N VAL J 224 -36.39 67.37 16.57
CA VAL J 224 -37.49 68.11 17.18
C VAL J 224 -38.48 68.58 16.11
N SER J 225 -37.97 69.20 15.03
CA SER J 225 -38.88 69.80 14.07
C SER J 225 -39.57 68.75 13.21
N LEU J 226 -38.93 67.61 13.01
CA LEU J 226 -39.56 66.55 12.20
C LEU J 226 -40.67 65.87 12.99
N SER J 227 -40.48 65.67 14.30
CA SER J 227 -41.56 65.10 15.09
C SER J 227 -42.69 66.10 15.28
N ASN J 228 -42.36 67.40 15.34
CA ASN J 228 -43.40 68.42 15.31
C ASN J 228 -44.19 68.33 14.02
N ALA J 229 -43.52 68.14 12.88
CA ALA J 229 -44.25 68.05 11.62
C ALA J 229 -45.15 66.81 11.60
N ALA J 230 -44.62 65.66 12.06
CA ALA J 230 -45.43 64.46 12.14
C ALA J 230 -46.69 64.69 12.98
N VAL J 231 -46.56 65.45 14.07
CA VAL J 231 -47.73 65.73 14.91
C VAL J 231 -48.74 66.58 14.18
N GLU J 232 -48.28 67.63 13.50
CA GLU J 232 -49.19 68.47 12.72
C GLU J 232 -49.86 67.67 11.61
N LEU J 233 -49.16 66.72 11.01
CA LEU J 233 -49.79 65.88 10.01
C LEU J 233 -50.87 65.00 10.64
N ALA J 234 -50.56 64.38 11.78
CA ALA J 234 -51.52 63.53 12.48
C ALA J 234 -52.76 64.31 12.86
N GLN J 235 -52.59 65.56 13.27
CA GLN J 235 -53.73 66.38 13.65
C GLN J 235 -54.59 66.70 12.44
N LYS J 236 -53.97 66.98 11.29
CA LYS J 236 -54.74 67.30 10.09
C LYS J 236 -55.52 66.09 9.58
N LEU J 237 -54.95 64.89 9.71
CA LEU J 237 -55.60 63.68 9.25
C LEU J 237 -56.43 63.03 10.33
N ASN J 238 -56.38 63.56 11.55
CA ASN J 238 -57.06 63.00 12.70
C ASN J 238 -56.61 61.57 12.98
N LEU J 239 -55.29 61.37 12.95
CA LEU J 239 -54.67 60.14 13.43
C LEU J 239 -54.32 60.28 14.91
N GLU J 240 -54.25 59.15 15.60
CA GLU J 240 -53.67 59.17 16.94
C GLU J 240 -52.16 59.35 16.83
N TYR J 241 -51.59 60.05 17.80
CA TYR J 241 -50.15 60.29 17.78
C TYR J 241 -49.61 60.28 19.19
N LYS J 242 -48.31 60.03 19.27
CA LYS J 242 -47.57 60.01 20.52
C LYS J 242 -46.09 60.20 20.18
N ILE J 243 -45.47 61.22 20.76
CA ILE J 243 -44.03 61.43 20.61
C ILE J 243 -43.37 61.06 21.93
N LEU J 244 -42.48 60.08 21.88
CA LEU J 244 -41.76 59.61 23.05
C LEU J 244 -40.44 60.39 23.16
N GLY J 245 -40.21 60.99 24.33
CA GLY J 245 -39.01 61.74 24.58
C GLY J 245 -38.00 60.94 25.38
N VAL J 246 -36.91 61.63 25.75
CA VAL J 246 -35.74 60.93 26.28
C VAL J 246 -36.06 60.21 27.58
N LYS J 247 -36.86 60.82 28.45
CA LYS J 247 -37.18 60.19 29.73
C LYS J 247 -37.98 58.91 29.53
N GLU J 248 -39.01 58.96 28.67
CA GLU J 248 -39.74 57.73 28.36
C GLU J 248 -38.84 56.73 27.61
N LEU J 249 -37.97 57.23 26.74
CA LEU J 249 -37.08 56.33 26.01
C LEU J 249 -36.14 55.62 26.97
N GLU J 250 -35.66 56.34 27.98
CA GLU J 250 -34.81 55.72 29.00
C GLU J 250 -35.59 54.67 29.80
N GLU J 251 -36.84 54.97 30.12
CA GLU J 251 -37.69 54.00 30.83
C GLU J 251 -37.86 52.72 30.03
N LEU J 252 -37.99 52.86 28.71
CA LEU J 252 -38.11 51.70 27.84
C LEU J 252 -36.78 51.01 27.55
N LYS J 253 -35.67 51.60 28.04
CA LYS J 253 -34.32 51.03 27.95
C LYS J 253 -33.84 50.89 26.52
N MET J 254 -34.14 51.89 25.67
CA MET J 254 -33.70 51.88 24.28
C MET J 254 -32.26 52.40 24.18
N GLY J 255 -31.32 51.58 24.64
CA GLY J 255 -29.94 52.02 24.74
C GLY J 255 -29.23 52.15 23.41
N ALA J 256 -29.62 51.34 22.42
CA ALA J 256 -28.98 51.47 21.11
C ALA J 256 -29.39 52.79 20.44
N TYR J 257 -30.71 53.06 20.39
CA TYR J 257 -31.22 54.29 19.79
C TYR J 257 -30.69 55.52 20.52
N LEU J 258 -30.76 55.54 21.85
CA LEU J 258 -30.28 56.69 22.60
C LEU J 258 -28.78 56.89 22.45
N SER J 259 -28.02 55.80 22.30
CA SER J 259 -26.57 55.94 22.12
C SER J 259 -26.24 56.74 20.86
N VAL J 260 -26.97 56.50 19.78
CA VAL J 260 -26.67 57.18 18.52
C VAL J 260 -26.89 58.68 18.65
N GLY J 261 -27.92 59.08 19.41
CA GLY J 261 -28.29 60.48 19.55
C GLY J 261 -27.51 61.25 20.59
N LYS J 262 -26.64 60.58 21.36
CA LYS J 262 -25.97 61.23 22.47
C LYS J 262 -25.22 62.46 22.03
N GLY J 263 -24.58 62.40 20.87
CA GLY J 263 -23.73 63.48 20.42
C GLY J 263 -24.44 64.70 19.85
N SER J 264 -25.76 64.68 19.80
CA SER J 264 -26.55 65.72 19.17
C SER J 264 -27.05 66.75 20.17
N MET J 265 -27.23 67.98 19.70
CA MET J 265 -27.88 69.04 20.46
C MET J 265 -29.39 68.93 20.42
N TYR J 266 -29.95 68.02 19.61
CA TYR J 266 -31.38 67.85 19.52
C TYR J 266 -31.78 66.57 20.24
N PRO J 267 -32.67 66.63 21.21
CA PRO J 267 -33.12 65.41 21.89
C PRO J 267 -33.75 64.42 20.91
N ASN J 268 -33.51 63.13 21.16
CA ASN J 268 -34.21 62.06 20.43
C ASN J 268 -35.73 62.21 20.57
N LYS J 269 -36.45 62.00 19.47
CA LYS J 269 -37.91 61.98 19.45
C LYS J 269 -38.36 60.73 18.70
N PHE J 270 -39.20 59.94 19.34
CA PHE J 270 -39.68 58.70 18.73
C PHE J 270 -41.12 58.90 18.29
N ILE J 271 -41.36 58.83 16.98
CA ILE J 271 -42.66 59.13 16.40
C ILE J 271 -43.49 57.84 16.35
N HIS J 272 -44.69 57.89 16.94
CA HIS J 272 -45.66 56.80 16.86
C HIS J 272 -47.01 57.41 16.49
N LEU J 273 -47.42 57.19 15.24
CA LEU J 273 -48.75 57.54 14.75
C LEU J 273 -49.54 56.27 14.49
N THR J 274 -50.87 56.37 14.57
CA THR J 274 -51.73 55.21 14.37
C THR J 274 -52.96 55.61 13.57
N TYR J 275 -53.26 54.80 12.55
CA TYR J 275 -54.53 54.81 11.86
C TYR J 275 -55.26 53.52 12.24
N LYS J 276 -56.54 53.65 12.61
CA LYS J 276 -57.36 52.49 12.93
C LYS J 276 -58.69 52.63 12.22
N SER J 277 -59.05 51.63 11.41
CA SER J 277 -60.29 51.66 10.66
C SER J 277 -61.49 51.72 11.59
N LYS J 278 -62.60 52.25 11.05
CA LYS J 278 -63.85 52.32 11.81
C LYS J 278 -64.38 50.92 12.11
N GLY J 279 -64.38 50.04 11.13
CA GLY J 279 -64.91 48.71 11.32
C GLY J 279 -63.99 47.82 12.15
N ASP J 280 -64.30 46.53 12.11
CA ASP J 280 -63.49 45.53 12.82
C ASP J 280 -62.07 45.51 12.26
N VAL J 281 -61.08 45.33 13.13
CA VAL J 281 -59.69 45.32 12.72
C VAL J 281 -59.28 43.86 12.49
N LYS J 282 -58.98 43.52 11.25
CA LYS J 282 -58.59 42.17 10.88
C LYS J 282 -57.09 42.02 10.61
N LYS J 283 -56.36 43.12 10.47
CA LYS J 283 -54.94 43.06 10.19
C LYS J 283 -54.24 44.24 10.85
N LYS J 284 -53.12 43.96 11.53
CA LYS J 284 -52.34 44.96 12.24
C LYS J 284 -50.96 45.04 11.62
N ILE J 285 -50.55 46.25 11.25
CA ILE J 285 -49.31 46.48 10.51
C ILE J 285 -48.52 47.58 11.22
N ALA J 286 -47.21 47.39 11.36
CA ALA J 286 -46.30 48.46 11.77
C ALA J 286 -45.36 48.78 10.62
N LEU J 287 -45.30 50.06 10.24
CA LEU J 287 -44.34 50.54 9.26
C LEU J 287 -43.27 51.34 9.98
N VAL J 288 -42.02 51.01 9.76
CA VAL J 288 -40.90 51.51 10.56
C VAL J 288 -39.92 52.20 9.63
N GLY J 289 -39.66 53.47 9.89
CA GLY J 289 -38.80 54.21 9.00
C GLY J 289 -37.55 54.66 9.71
N LYS J 290 -36.39 54.51 9.09
CA LYS J 290 -35.16 55.06 9.66
C LYS J 290 -35.19 56.59 9.56
N GLY J 291 -34.96 57.26 10.69
CA GLY J 291 -35.05 58.70 10.74
C GLY J 291 -33.81 59.38 11.27
N ILE J 292 -32.72 59.35 10.51
CA ILE J 292 -31.50 60.07 10.87
C ILE J 292 -31.52 61.40 10.14
N THR J 293 -31.77 62.49 10.86
CA THR J 293 -31.96 63.76 10.19
C THR J 293 -30.66 64.35 9.68
N PHE J 294 -29.52 63.93 10.24
CA PHE J 294 -28.26 64.20 9.58
C PHE J 294 -27.29 63.12 9.98
N ASP J 295 -26.53 62.59 9.02
CA ASP J 295 -25.62 61.51 9.33
C ASP J 295 -24.20 61.97 9.05
N SER J 296 -23.53 62.47 10.08
CA SER J 296 -22.11 62.81 9.91
C SER J 296 -21.23 61.58 9.85
N GLY J 297 -21.71 60.44 10.36
CA GLY J 297 -20.90 59.28 10.59
C GLY J 297 -20.44 59.14 12.02
N GLY J 298 -20.59 60.20 12.83
CA GLY J 298 -20.04 60.18 14.17
C GLY J 298 -18.52 60.13 14.13
N TYR J 299 -17.92 59.56 15.18
CA TYR J 299 -16.46 59.51 15.22
C TYR J 299 -15.88 58.70 14.05
N ASN J 300 -16.67 57.82 13.43
CA ASN J 300 -16.31 57.22 12.13
C ASN J 300 -16.78 58.16 11.01
N LEU J 301 -16.15 59.33 10.97
CA LEU J 301 -16.66 60.46 10.23
C LEU J 301 -16.60 60.20 8.72
N LYS J 302 -17.62 60.65 8.00
CA LYS J 302 -17.70 60.46 6.55
C LYS J 302 -16.72 61.42 5.90
N ALA J 303 -15.44 61.03 5.90
CA ALA J 303 -14.36 61.79 5.31
C ALA J 303 -13.71 61.10 4.11
N ALA J 304 -14.08 59.87 3.79
CA ALA J 304 -13.47 59.20 2.65
C ALA J 304 -14.06 59.76 1.35
N PRO J 305 -13.29 59.72 0.26
CA PRO J 305 -13.82 60.17 -1.03
C PRO J 305 -15.02 59.32 -1.43
N GLY J 306 -16.05 59.98 -1.97
CA GLY J 306 -17.29 59.32 -2.33
C GLY J 306 -18.29 59.14 -1.21
N SER J 307 -17.94 59.45 0.05
CA SER J 307 -18.89 59.20 1.14
C SER J 307 -20.02 60.23 1.16
N MET J 308 -19.87 61.34 0.42
CA MET J 308 -20.93 62.30 0.12
C MET J 308 -21.63 62.78 1.38
N ILE J 309 -20.84 63.40 2.27
CA ILE J 309 -21.40 63.89 3.51
C ILE J 309 -22.42 65.00 3.25
N ASP J 310 -22.26 65.78 2.18
CA ASP J 310 -23.24 66.83 1.93
C ASP J 310 -24.64 66.29 1.60
N LEU J 311 -24.77 65.00 1.33
CA LEU J 311 -26.06 64.40 0.99
C LEU J 311 -26.84 63.91 2.22
N MET J 312 -26.21 63.86 3.39
CA MET J 312 -26.71 63.00 4.47
C MET J 312 -27.95 63.53 5.17
N LYS J 313 -28.47 64.71 4.78
CA LYS J 313 -29.83 65.06 5.19
C LYS J 313 -30.87 64.05 4.72
N PHE J 314 -30.56 63.24 3.71
CA PHE J 314 -31.52 62.28 3.17
C PHE J 314 -31.62 61.00 4.00
N ASP J 315 -30.83 60.86 5.07
CA ASP J 315 -30.87 59.66 5.90
C ASP J 315 -32.15 59.54 6.74
N MET J 316 -33.10 60.49 6.62
CA MET J 316 -34.44 60.30 7.19
C MET J 316 -35.46 60.03 6.10
N SER J 317 -35.00 59.50 4.95
CA SER J 317 -35.87 59.21 3.82
C SER J 317 -36.89 58.13 4.15
N GLY J 318 -36.49 57.14 4.94
CA GLY J 318 -37.42 56.08 5.29
C GLY J 318 -38.50 56.58 6.22
N CYS J 319 -38.13 57.44 7.16
CA CYS J 319 -39.12 58.12 7.98
C CYS J 319 -40.07 58.95 7.11
N ALA J 320 -39.51 59.73 6.17
CA ALA J 320 -40.36 60.52 5.28
C ALA J 320 -41.29 59.64 4.47
N ALA J 321 -40.83 58.46 4.04
CA ALA J 321 -41.71 57.55 3.30
C ALA J 321 -42.86 57.03 4.16
N VAL J 322 -42.57 56.72 5.43
CA VAL J 322 -43.61 56.26 6.34
C VAL J 322 -44.63 57.36 6.61
N LEU J 323 -44.17 58.62 6.76
CA LEU J 323 -45.10 59.72 7.02
C LEU J 323 -45.90 60.07 5.77
N GLY J 324 -45.29 59.97 4.59
CA GLY J 324 -46.07 60.20 3.39
C GLY J 324 -47.10 59.10 3.18
N CYS J 325 -46.76 57.87 3.57
CA CYS J 325 -47.75 56.80 3.54
C CYS J 325 -48.88 57.07 4.52
N ALA J 326 -48.56 57.65 5.68
CA ALA J 326 -49.62 58.02 6.63
C ALA J 326 -50.56 59.06 6.03
N TYR J 327 -50.02 60.03 5.29
CA TYR J 327 -50.87 60.92 4.52
C TYR J 327 -51.83 60.13 3.63
N CYS J 328 -51.31 59.18 2.85
CA CYS J 328 -52.16 58.48 1.88
C CYS J 328 -53.21 57.63 2.58
N VAL J 329 -52.79 56.88 3.59
CA VAL J 329 -53.72 56.02 4.35
C VAL J 329 -54.72 56.86 5.12
N GLY J 330 -54.24 57.93 5.77
CA GLY J 330 -55.14 58.82 6.48
C GLY J 330 -56.20 59.42 5.59
N THR J 331 -55.90 59.60 4.29
CA THR J 331 -56.80 60.21 3.33
C THR J 331 -57.70 59.19 2.65
N LEU J 332 -57.12 58.08 2.20
CA LEU J 332 -57.92 57.06 1.52
C LEU J 332 -58.76 56.25 2.50
N LYS J 333 -58.31 56.16 3.76
CA LYS J 333 -59.05 55.46 4.82
C LYS J 333 -59.40 54.02 4.48
N PRO J 334 -58.43 53.11 4.46
CA PRO J 334 -58.77 51.69 4.26
C PRO J 334 -59.57 51.11 5.43
N GLU J 335 -60.24 50.00 5.14
CA GLU J 335 -61.09 49.31 6.10
C GLU J 335 -60.36 48.12 6.71
N ASN J 336 -60.84 47.72 7.90
CA ASN J 336 -60.43 46.47 8.54
C ASN J 336 -58.94 46.39 8.85
N VAL J 337 -58.30 47.51 9.15
CA VAL J 337 -56.86 47.49 9.36
C VAL J 337 -56.47 48.55 10.39
N GLU J 338 -55.44 48.22 11.18
CA GLU J 338 -54.79 49.15 12.09
C GLU J 338 -53.31 49.24 11.71
N ILE J 339 -52.84 50.46 11.42
CA ILE J 339 -51.46 50.67 10.98
C ILE J 339 -50.78 51.63 11.94
N HIS J 340 -49.62 51.23 12.42
CA HIS J 340 -48.74 52.07 13.23
C HIS J 340 -47.58 52.56 12.36
N PHE J 341 -47.35 53.87 12.39
CA PHE J 341 -46.28 54.50 11.65
C PHE J 341 -45.22 54.92 12.65
N LEU J 342 -44.03 54.33 12.54
CA LEU J 342 -43.02 54.40 13.59
C LEU J 342 -41.69 54.88 13.04
N SER J 343 -41.02 55.77 13.80
CA SER J 343 -39.65 56.20 13.45
C SER J 343 -38.88 56.64 14.70
N ALA J 344 -37.72 56.03 14.91
CA ALA J 344 -36.82 56.47 15.98
C ALA J 344 -35.92 57.57 15.42
N VAL J 345 -36.33 58.83 15.61
CA VAL J 345 -35.63 59.95 14.99
C VAL J 345 -34.50 60.46 15.89
N CYS J 346 -33.32 60.66 15.30
CA CYS J 346 -32.20 61.27 15.99
C CYS J 346 -31.22 61.80 14.96
N GLU J 347 -30.08 62.29 15.46
CA GLU J 347 -29.02 62.90 14.66
C GLU J 347 -27.68 62.28 15.08
N ASN J 348 -26.80 62.03 14.11
CA ASN J 348 -25.53 61.34 14.36
C ASN J 348 -24.41 62.36 14.20
N MET J 349 -23.84 62.81 15.31
CA MET J 349 -22.92 63.95 15.31
C MET J 349 -21.64 63.63 16.07
N VAL J 350 -20.67 64.54 15.95
CA VAL J 350 -19.37 64.39 16.58
C VAL J 350 -19.33 65.38 17.72
N SER J 351 -19.08 64.87 18.92
CA SER J 351 -19.22 65.67 20.12
C SER J 351 -18.37 65.04 21.19
N LYS J 352 -18.07 65.82 22.24
CA LYS J 352 -17.54 65.20 23.44
C LYS J 352 -18.54 64.19 24.01
N ASN J 353 -19.81 64.29 23.62
CA ASN J 353 -20.87 63.46 24.17
C ASN J 353 -21.23 62.25 23.29
N SER J 354 -20.66 62.16 22.09
CA SER J 354 -21.03 61.11 21.15
C SER J 354 -20.66 59.72 21.65
N TYR J 355 -21.38 58.71 21.17
CA TYR J 355 -20.90 57.35 21.39
C TYR J 355 -19.66 57.11 20.53
N ARG J 356 -18.86 56.12 20.97
CA ARG J 356 -17.52 55.86 20.49
C ARG J 356 -17.43 54.51 19.81
N PRO J 357 -16.62 54.39 18.76
CA PRO J 357 -16.25 53.07 18.25
C PRO J 357 -15.77 52.17 19.38
N GLY J 358 -16.31 50.95 19.42
CA GLY J 358 -15.97 50.02 20.46
C GLY J 358 -16.90 50.00 21.66
N ASP J 359 -17.74 51.04 21.83
CA ASP J 359 -18.66 51.06 22.97
C ASP J 359 -19.58 49.83 22.94
N ILE J 360 -19.91 49.30 24.10
CA ILE J 360 -20.88 48.22 24.19
C ILE J 360 -22.15 48.79 24.80
N ILE J 361 -23.23 48.77 24.02
CA ILE J 361 -24.50 49.36 24.41
C ILE J 361 -25.55 48.26 24.50
N THR J 362 -26.64 48.57 25.20
CA THR J 362 -27.64 47.56 25.53
C THR J 362 -28.96 47.97 24.89
N ALA J 363 -29.49 47.12 24.00
CA ALA J 363 -30.77 47.37 23.36
C ALA J 363 -31.92 47.03 24.30
N SER J 364 -33.12 47.47 23.91
CA SER J 364 -34.29 47.35 24.78
C SER J 364 -34.78 45.92 24.95
N ASN J 365 -34.33 44.98 24.14
CA ASN J 365 -34.63 43.57 24.39
C ASN J 365 -33.54 42.87 25.23
N GLY J 366 -32.62 43.62 25.81
CA GLY J 366 -31.57 43.03 26.61
C GLY J 366 -30.29 42.64 25.87
N LYS J 367 -30.30 42.59 24.55
CA LYS J 367 -29.09 42.18 23.83
C LYS J 367 -28.04 43.28 23.89
N THR J 368 -26.80 42.92 24.23
CA THR J 368 -25.71 43.87 24.19
C THR J 368 -25.03 43.85 22.82
N ILE J 369 -24.68 45.03 22.33
CA ILE J 369 -24.13 45.22 21.00
C ILE J 369 -22.75 45.85 21.11
N GLU J 370 -21.76 45.28 20.45
CA GLU J 370 -20.45 45.92 20.35
C GLU J 370 -20.42 46.82 19.11
N VAL J 371 -20.24 48.12 19.33
CA VAL J 371 -20.22 49.08 18.24
C VAL J 371 -18.87 49.00 17.53
N GLY J 372 -18.89 48.67 16.24
CA GLY J 372 -17.65 48.56 15.49
C GLY J 372 -17.40 49.78 14.63
N ASN J 373 -18.49 50.44 14.23
CA ASN J 373 -18.42 51.61 13.36
C ASN J 373 -19.58 52.53 13.67
N THR J 374 -19.31 53.75 14.16
CA THR J 374 -20.42 54.63 14.54
C THR J 374 -21.25 55.08 13.34
N ASP J 375 -20.78 54.87 12.12
CA ASP J 375 -21.53 55.21 10.93
C ASP J 375 -22.51 54.12 10.52
N ALA J 376 -22.52 52.97 11.20
CA ALA J 376 -23.60 52.00 11.00
C ALA J 376 -24.69 52.22 12.05
N GLU J 377 -25.14 53.48 12.15
CA GLU J 377 -26.03 53.90 13.23
C GLU J 377 -27.49 53.59 12.95
N GLY J 378 -27.89 53.51 11.67
CA GLY J 378 -29.28 53.23 11.35
C GLY J 378 -29.76 51.91 11.92
N ARG J 379 -28.97 50.86 11.74
CA ARG J 379 -29.38 49.56 12.27
C ARG J 379 -29.48 49.56 13.78
N LEU J 380 -28.77 50.46 14.46
CA LEU J 380 -28.90 50.59 15.91
C LEU J 380 -30.25 51.19 16.30
N THR J 381 -30.65 52.26 15.61
CA THR J 381 -31.96 52.85 15.89
C THR J 381 -33.07 51.89 15.50
N LEU J 382 -32.87 51.17 14.39
CA LEU J 382 -33.90 50.25 13.93
C LEU J 382 -34.08 49.08 14.88
N ALA J 383 -32.99 48.60 15.50
CA ALA J 383 -33.11 47.51 16.46
C ALA J 383 -34.11 47.88 17.56
N ASP J 384 -33.99 49.08 18.11
CA ASP J 384 -34.90 49.45 19.19
C ASP J 384 -36.29 49.74 18.65
N ALA J 385 -36.40 50.25 17.42
CA ALA J 385 -37.73 50.48 16.88
C ALA J 385 -38.43 49.15 16.56
N LEU J 386 -37.67 48.13 16.14
CA LEU J 386 -38.24 46.82 15.85
C LEU J 386 -38.77 46.13 17.11
N VAL J 387 -38.01 46.20 18.21
CA VAL J 387 -38.47 45.65 19.48
C VAL J 387 -39.74 46.37 19.95
N TYR J 388 -39.79 47.69 19.77
CA TYR J 388 -41.00 48.44 20.05
C TYR J 388 -42.16 47.95 19.19
N ALA J 389 -41.92 47.76 17.89
CA ALA J 389 -42.98 47.39 16.97
C ALA J 389 -43.54 46.02 17.30
N GLU J 390 -42.67 45.04 17.52
CA GLU J 390 -43.14 43.69 17.82
C GLU J 390 -43.87 43.65 19.16
N LYS J 391 -43.62 44.59 20.07
CA LYS J 391 -44.42 44.63 21.29
C LYS J 391 -45.86 45.09 21.02
N LEU J 392 -46.12 45.70 19.85
CA LEU J 392 -47.48 46.12 19.56
C LEU J 392 -48.38 44.95 19.17
N GLY J 393 -47.82 43.76 18.98
CA GLY J 393 -48.62 42.61 18.58
C GLY J 393 -49.23 42.75 17.22
N VAL J 394 -48.41 42.95 16.19
CA VAL J 394 -48.91 43.19 14.85
C VAL J 394 -48.77 41.91 14.04
N ASP J 395 -49.38 41.87 12.86
CA ASP J 395 -49.21 40.73 11.98
C ASP J 395 -47.97 40.85 11.11
N TYR J 396 -47.63 42.07 10.71
CA TYR J 396 -46.53 42.35 9.80
C TYR J 396 -45.77 43.56 10.29
N ILE J 397 -44.44 43.50 10.24
CA ILE J 397 -43.55 44.65 10.44
C ILE J 397 -42.76 44.82 9.15
N VAL J 398 -42.89 46.00 8.52
CA VAL J 398 -42.07 46.39 7.37
C VAL J 398 -41.25 47.61 7.77
N ASP J 399 -39.93 47.54 7.61
CA ASP J 399 -39.08 48.71 7.81
C ASP J 399 -38.53 49.17 6.47
N ILE J 400 -38.32 50.48 6.35
CA ILE J 400 -37.77 51.06 5.14
C ILE J 400 -36.70 52.06 5.55
N ALA J 401 -35.52 51.98 4.91
CA ALA J 401 -34.36 52.68 5.44
C ALA J 401 -33.29 52.87 4.36
N THR J 402 -32.64 54.04 4.41
CA THR J 402 -31.38 54.29 3.69
C THR J 402 -30.24 53.63 4.47
N LEU J 403 -30.24 52.29 4.47
CA LEU J 403 -29.38 51.58 5.40
C LEU J 403 -27.93 51.42 4.90
N THR J 404 -27.70 50.89 3.71
CA THR J 404 -26.32 50.53 3.36
C THR J 404 -25.90 51.08 2.02
N GLY J 405 -24.74 51.75 1.99
CA GLY J 405 -24.24 52.30 0.73
C GLY J 405 -23.95 51.24 -0.30
N ALA J 406 -23.77 49.99 0.13
CA ALA J 406 -23.49 48.90 -0.80
C ALA J 406 -24.63 48.65 -1.78
N MET J 407 -25.83 49.19 -1.54
CA MET J 407 -26.93 48.97 -2.47
C MET J 407 -26.61 49.57 -3.84
N LEU J 408 -25.82 50.65 -3.85
CA LEU J 408 -25.39 51.24 -5.10
C LEU J 408 -24.60 50.24 -5.94
N TYR J 409 -23.91 49.31 -5.31
CA TYR J 409 -23.08 48.36 -6.04
C TYR J 409 -23.81 47.08 -6.35
N SER J 410 -24.99 46.85 -5.76
CA SER J 410 -25.76 45.65 -6.05
C SER J 410 -26.90 45.97 -7.00
N LEU J 411 -27.92 46.69 -6.53
CA LEU J 411 -29.06 47.00 -7.39
C LEU J 411 -28.98 48.40 -8.01
N GLY J 412 -28.20 49.30 -7.41
CA GLY J 412 -28.01 50.62 -8.01
C GLY J 412 -29.10 51.61 -7.60
N THR J 413 -29.31 52.60 -8.49
CA THR J 413 -30.15 53.76 -8.20
C THR J 413 -31.62 53.59 -8.59
N SER J 414 -32.01 52.50 -9.26
CA SER J 414 -33.41 52.34 -9.67
C SER J 414 -34.19 51.33 -8.84
N TYR J 415 -33.62 50.20 -8.48
CA TYR J 415 -34.36 49.15 -7.77
C TYR J 415 -33.92 49.12 -6.32
N ALA J 416 -34.88 49.16 -5.41
CA ALA J 416 -34.57 48.91 -4.01
C ALA J 416 -34.48 47.41 -3.75
N GLY J 417 -33.85 47.05 -2.63
CA GLY J 417 -33.73 45.67 -2.22
C GLY J 417 -34.64 45.39 -1.03
N VAL J 418 -35.24 44.20 -1.02
CA VAL J 418 -36.11 43.78 0.07
C VAL J 418 -35.58 42.48 0.62
N PHE J 419 -35.41 42.43 1.94
CA PHE J 419 -34.98 41.27 2.69
C PHE J 419 -36.07 40.93 3.69
N GLY J 420 -36.18 39.67 4.08
CA GLY J 420 -37.18 39.40 5.10
C GLY J 420 -37.01 38.02 5.69
N ASN J 421 -37.87 37.72 6.67
CA ASN J 421 -37.93 36.41 7.31
C ASN J 421 -39.18 35.62 6.93
N ASN J 422 -39.96 36.09 5.96
CA ASN J 422 -41.26 35.48 5.69
C ASN J 422 -41.56 35.62 4.21
N GLU J 423 -41.58 34.48 3.52
CA GLU J 423 -41.76 34.48 2.07
C GLU J 423 -43.09 35.10 1.67
N GLU J 424 -44.16 34.81 2.41
CA GLU J 424 -45.45 35.37 2.06
C GLU J 424 -45.46 36.88 2.14
N LEU J 425 -44.88 37.44 3.21
CA LEU J 425 -44.82 38.89 3.33
C LEU J 425 -43.96 39.51 2.22
N ILE J 426 -42.85 38.85 1.87
CA ILE J 426 -42.01 39.34 0.79
C ILE J 426 -42.81 39.38 -0.52
N ASN J 427 -43.56 38.33 -0.80
CA ASN J 427 -44.34 38.33 -2.05
C ASN J 427 -45.37 39.45 -2.05
N LYS J 428 -45.94 39.78 -0.90
CA LYS J 428 -46.85 40.92 -0.84
C LYS J 428 -46.14 42.22 -1.17
N ILE J 429 -44.88 42.35 -0.75
CA ILE J 429 -44.11 43.54 -1.06
C ILE J 429 -43.79 43.58 -2.56
N LEU J 430 -43.45 42.43 -3.14
CA LEU J 430 -43.20 42.40 -4.58
C LEU J 430 -44.46 42.76 -5.38
N GLN J 431 -45.62 42.24 -4.96
CA GLN J 431 -46.87 42.62 -5.64
C GLN J 431 -47.14 44.12 -5.48
N SER J 432 -46.95 44.67 -4.28
CA SER J 432 -47.12 46.12 -4.10
C SER J 432 -46.15 46.90 -4.97
N SER J 433 -44.94 46.36 -5.16
CA SER J 433 -43.98 46.99 -6.07
C SER J 433 -44.51 46.97 -7.49
N LYS J 434 -45.15 45.88 -7.89
CA LYS J 434 -45.63 45.77 -9.26
C LYS J 434 -46.75 46.77 -9.54
N THR J 435 -47.73 46.88 -8.65
CA THR J 435 -48.87 47.78 -8.86
C THR J 435 -48.57 49.24 -8.56
N SER J 436 -47.58 49.56 -7.73
CA SER J 436 -47.21 50.95 -7.49
C SER J 436 -46.17 51.46 -8.47
N ASN J 437 -45.50 50.55 -9.19
CA ASN J 437 -44.43 50.88 -10.13
C ASN J 437 -43.21 51.50 -9.44
N GLU J 438 -43.03 51.27 -8.14
CA GLU J 438 -41.77 51.52 -7.47
C GLU J 438 -40.99 50.21 -7.40
N PRO J 439 -39.92 50.04 -8.18
CA PRO J 439 -39.32 48.71 -8.34
C PRO J 439 -38.50 48.25 -7.14
N VAL J 440 -38.72 46.99 -6.77
CA VAL J 440 -38.02 46.34 -5.67
C VAL J 440 -37.57 44.96 -6.12
N TRP J 441 -36.50 44.45 -5.49
CA TRP J 441 -35.98 43.15 -5.87
C TRP J 441 -35.61 42.38 -4.63
N TRP J 442 -36.06 41.13 -4.57
CA TRP J 442 -35.85 40.28 -3.40
C TRP J 442 -34.39 39.84 -3.33
N LEU J 443 -33.75 40.13 -2.20
CA LEU J 443 -32.38 39.73 -1.91
C LEU J 443 -32.34 38.81 -0.70
N PRO J 444 -31.39 37.88 -0.65
CA PRO J 444 -31.39 36.88 0.42
C PRO J 444 -30.77 37.40 1.70
N ILE J 445 -31.26 36.86 2.81
CA ILE J 445 -30.55 36.90 4.10
C ILE J 445 -29.78 35.60 4.20
N ILE J 446 -28.48 35.65 3.90
CA ILE J 446 -27.68 34.43 3.83
C ILE J 446 -27.19 34.11 5.23
N ASN J 447 -27.67 32.99 5.79
CA ASN J 447 -27.44 32.70 7.21
C ASN J 447 -26.00 32.37 7.50
N GLU J 448 -25.28 31.86 6.49
CA GLU J 448 -23.87 31.51 6.65
C GLU J 448 -23.04 32.72 7.08
N TYR J 449 -23.49 33.95 6.84
CA TYR J 449 -22.75 35.12 7.27
C TYR J 449 -23.01 35.50 8.72
N ARG J 450 -23.98 34.85 9.39
CA ARG J 450 -24.37 35.26 10.74
C ARG J 450 -23.22 35.15 11.75
N ALA J 451 -22.36 34.16 11.58
CA ALA J 451 -21.29 33.97 12.56
C ALA J 451 -20.32 35.15 12.58
N THR J 452 -20.28 35.95 11.52
CA THR J 452 -19.46 37.15 11.51
C THR J 452 -19.94 38.19 12.50
N LEU J 453 -21.17 38.05 13.02
CA LEU J 453 -21.68 38.97 14.02
C LEU J 453 -21.44 38.47 15.45
N ASN J 454 -20.63 37.43 15.65
CA ASN J 454 -20.37 36.87 16.98
C ASN J 454 -19.28 37.68 17.68
N SER J 455 -19.69 38.51 18.64
CA SER J 455 -18.77 39.37 19.37
C SER J 455 -17.98 38.56 20.39
N LYS J 456 -16.69 38.90 20.54
CA LYS J 456 -15.89 38.31 21.60
C LYS J 456 -16.45 38.65 22.99
N TYR J 457 -16.98 39.86 23.16
CA TYR J 457 -17.38 40.36 24.47
C TYR J 457 -18.87 40.63 24.60
N ALA J 458 -19.50 41.16 23.57
CA ALA J 458 -20.92 41.47 23.65
C ALA J 458 -21.72 40.30 23.11
N ASP J 459 -23.05 40.39 23.24
CA ASP J 459 -23.90 39.35 22.68
C ASP J 459 -23.79 39.30 21.17
N ILE J 460 -23.56 40.45 20.52
CA ILE J 460 -23.58 40.52 19.07
C ILE J 460 -22.76 41.73 18.66
N ASN J 461 -22.09 41.61 17.51
CA ASN J 461 -21.42 42.71 16.84
C ASN J 461 -22.43 43.54 16.07
N GLN J 462 -22.16 44.84 15.97
CA GLN J 462 -22.97 45.72 15.14
C GLN J 462 -22.67 45.50 13.65
N ILE J 463 -21.40 45.30 13.29
CA ILE J 463 -20.98 45.13 11.90
C ILE J 463 -20.07 43.93 11.79
N SER J 464 -19.82 43.53 10.54
CA SER J 464 -18.82 42.52 10.25
C SER J 464 -17.45 43.17 10.10
N SER J 465 -16.42 42.47 10.54
CA SER J 465 -15.07 42.94 10.30
C SER J 465 -14.56 42.52 8.92
N SER J 466 -15.14 41.48 8.33
CA SER J 466 -14.61 40.88 7.12
C SER J 466 -15.61 40.85 5.98
N VAL J 467 -16.84 40.38 6.22
CA VAL J 467 -17.82 40.17 5.15
C VAL J 467 -18.17 41.51 4.48
N LYS J 468 -18.03 41.56 3.16
CA LYS J 468 -18.27 42.79 2.39
C LYS J 468 -19.71 42.96 1.94
N ALA J 469 -20.53 41.92 2.04
CA ALA J 469 -21.94 42.02 1.66
C ALA J 469 -22.70 42.66 2.82
N SER J 470 -22.55 43.98 2.95
CA SER J 470 -23.00 44.65 4.15
C SER J 470 -24.51 44.79 4.22
N SER J 471 -25.20 44.86 3.07
CA SER J 471 -26.65 44.91 3.10
C SER J 471 -27.22 43.61 3.67
N ILE J 472 -26.57 42.49 3.39
CA ILE J 472 -27.03 41.22 3.94
C ILE J 472 -26.67 41.13 5.40
N VAL J 473 -25.45 41.55 5.75
CA VAL J 473 -25.03 41.54 7.15
C VAL J 473 -25.95 42.44 7.98
N ALA J 474 -26.30 43.62 7.43
CA ALA J 474 -27.17 44.52 8.16
C ALA J 474 -28.54 43.89 8.39
N SER J 475 -28.96 43.02 7.48
CA SER J 475 -30.24 42.33 7.60
C SER J 475 -30.20 41.22 8.63
N LEU J 476 -29.08 40.50 8.69
CA LEU J 476 -28.89 39.52 9.74
C LEU J 476 -28.89 40.18 11.11
N PHE J 477 -28.34 41.39 11.20
CA PHE J 477 -28.35 42.11 12.47
C PHE J 477 -29.78 42.46 12.86
N LEU J 478 -30.52 43.15 11.97
CA LEU J 478 -31.89 43.54 12.28
C LEU J 478 -32.75 42.32 12.64
N LYS J 479 -32.62 41.23 11.89
CA LYS J 479 -33.41 40.04 12.14
C LYS J 479 -33.29 39.56 13.58
N GLU J 480 -32.19 39.89 14.25
CA GLU J 480 -32.00 39.50 15.64
C GLU J 480 -32.89 40.27 16.60
N PHE J 481 -33.63 41.27 16.12
CA PHE J 481 -34.52 42.08 16.95
C PHE J 481 -35.99 41.87 16.58
N VAL J 482 -36.29 40.80 15.86
CA VAL J 482 -37.66 40.39 15.60
C VAL J 482 -37.74 38.92 15.97
N GLN J 483 -38.51 38.62 17.02
CA GLN J 483 -38.47 37.26 17.56
C GLN J 483 -39.45 36.32 16.85
N ASN J 484 -40.67 36.75 16.61
CA ASN J 484 -41.69 35.82 16.11
C ASN J 484 -42.78 36.53 15.33
N THR J 485 -42.37 37.45 14.45
CA THR J 485 -43.34 38.16 13.63
C THR J 485 -42.81 38.21 12.22
N ALA J 486 -43.71 38.07 11.25
CA ALA J 486 -43.34 38.27 9.86
C ALA J 486 -42.78 39.68 9.70
N TRP J 487 -41.59 39.77 9.11
CA TRP J 487 -40.85 41.01 9.02
C TRP J 487 -40.16 41.12 7.66
N ALA J 488 -40.21 42.30 7.06
CA ALA J 488 -39.49 42.58 5.83
C ALA J 488 -38.85 43.95 5.98
N HIS J 489 -37.76 44.14 5.23
CA HIS J 489 -36.90 45.31 5.37
C HIS J 489 -36.51 45.77 3.98
N ILE J 490 -36.81 47.03 3.65
CA ILE J 490 -36.62 47.60 2.31
C ILE J 490 -35.45 48.58 2.42
N ASP J 491 -34.31 48.24 1.82
CA ASP J 491 -33.12 49.07 1.85
C ASP J 491 -33.15 50.03 0.65
N ILE J 492 -33.36 51.32 0.90
CA ILE J 492 -33.57 52.31 -0.15
C ILE J 492 -32.38 53.25 -0.31
N ALA J 493 -31.23 52.93 0.31
CA ALA J 493 -30.09 53.84 0.30
C ALA J 493 -29.65 54.20 -1.11
N GLY J 494 -29.81 53.27 -2.06
CA GLY J 494 -29.42 53.52 -3.42
C GLY J 494 -30.42 54.34 -4.21
N VAL J 495 -31.72 54.20 -3.91
CA VAL J 495 -32.78 54.69 -4.80
C VAL J 495 -33.41 55.96 -4.31
N SER J 496 -33.01 56.43 -3.13
CA SER J 496 -33.79 57.47 -2.47
C SER J 496 -33.62 58.82 -3.14
N TRP J 497 -32.40 59.13 -3.59
CA TRP J 497 -32.07 60.45 -4.10
C TRP J 497 -31.90 60.37 -5.61
N ASN J 498 -32.53 61.31 -6.32
CA ASN J 498 -32.43 61.42 -7.78
C ASN J 498 -31.22 62.30 -8.10
N PHE J 499 -30.07 61.66 -8.34
CA PHE J 499 -28.82 62.41 -8.51
C PHE J 499 -28.84 63.27 -9.76
N LYS J 500 -29.45 62.77 -10.83
CA LYS J 500 -29.52 63.55 -12.06
C LYS J 500 -30.28 64.85 -11.87
N ALA J 501 -31.43 64.80 -11.21
CA ALA J 501 -32.26 65.99 -11.04
C ALA J 501 -32.02 66.69 -9.71
N ARG J 502 -31.08 66.22 -8.90
CA ARG J 502 -30.66 66.92 -7.69
C ARG J 502 -31.81 67.10 -6.70
N LYS J 503 -32.56 66.02 -6.44
CA LYS J 503 -33.76 66.11 -5.62
C LYS J 503 -34.17 64.71 -5.18
N PRO J 504 -34.97 64.60 -4.11
CA PRO J 504 -35.40 63.28 -3.66
C PRO J 504 -36.41 62.68 -4.63
N LYS J 505 -36.62 61.37 -4.49
CA LYS J 505 -37.71 60.70 -5.18
C LYS J 505 -38.96 60.55 -4.32
N GLY J 506 -38.84 60.67 -2.99
CA GLY J 506 -39.95 60.27 -2.15
C GLY J 506 -40.25 58.80 -2.30
N PHE J 507 -39.22 58.01 -2.59
CA PHE J 507 -39.39 56.60 -2.90
C PHE J 507 -40.00 55.87 -1.71
N GLY J 508 -41.00 55.05 -1.97
CA GLY J 508 -41.54 54.15 -0.98
C GLY J 508 -42.90 54.53 -0.45
N VAL J 509 -43.34 55.79 -0.62
CA VAL J 509 -44.68 56.19 -0.17
C VAL J 509 -45.74 55.35 -0.88
N ARG J 510 -45.64 55.25 -2.20
CA ARG J 510 -46.67 54.57 -2.96
C ARG J 510 -46.56 53.06 -2.79
N LEU J 511 -45.34 52.55 -2.73
CA LEU J 511 -45.12 51.14 -2.42
C LEU J 511 -45.83 50.75 -1.12
N LEU J 512 -45.59 51.50 -0.05
CA LEU J 512 -46.12 51.12 1.25
C LEU J 512 -47.63 51.25 1.30
N THR J 513 -48.18 52.25 0.60
CA THR J 513 -49.62 52.46 0.58
C THR J 513 -50.32 51.35 -0.20
N GLU J 514 -49.74 50.92 -1.32
CA GLU J 514 -50.33 49.79 -2.04
C GLU J 514 -50.25 48.52 -1.20
N PHE J 515 -49.16 48.34 -0.47
CA PHE J 515 -49.10 47.22 0.49
C PHE J 515 -50.27 47.26 1.46
N VAL J 516 -50.54 48.44 2.04
CA VAL J 516 -51.60 48.54 3.05
C VAL J 516 -52.98 48.40 2.42
N LEU J 517 -53.17 48.98 1.24
CA LEU J 517 -54.48 48.98 0.59
C LEU J 517 -54.85 47.61 0.05
N ASN J 518 -53.90 46.94 -0.60
CA ASN J 518 -54.20 45.81 -1.44
C ASN J 518 -53.67 44.53 -0.84
N SER K 2 -14.92 61.46 41.26
CA SER K 2 -15.41 60.14 41.65
C SER K 2 -16.81 59.85 41.12
N GLU K 3 -17.66 60.84 40.93
CA GLU K 3 -18.90 60.54 40.27
C GLU K 3 -18.75 60.67 38.78
N VAL K 4 -19.12 59.64 38.03
CA VAL K 4 -19.01 59.54 36.61
C VAL K 4 -20.13 60.33 35.96
N PRO K 5 -19.84 61.33 35.14
CA PRO K 5 -20.92 62.00 34.40
C PRO K 5 -21.55 61.08 33.35
N GLN K 6 -22.85 61.26 33.15
CA GLN K 6 -23.61 60.53 32.16
C GLN K 6 -24.24 61.50 31.16
N VAL K 7 -24.37 61.06 29.91
CA VAL K 7 -25.19 61.80 28.96
C VAL K 7 -26.65 61.36 29.06
N VAL K 8 -26.90 60.07 29.20
CA VAL K 8 -28.24 59.54 29.41
C VAL K 8 -28.15 58.58 30.58
N SER K 9 -29.30 58.28 31.18
CA SER K 9 -29.29 57.46 32.38
C SER K 9 -28.89 56.01 32.11
N LEU K 10 -28.89 55.55 30.86
CA LEU K 10 -28.38 54.21 30.56
C LEU K 10 -26.87 54.15 30.44
N ASP K 11 -26.16 55.25 30.61
CA ASP K 11 -24.70 55.21 30.47
C ASP K 11 -24.08 54.61 31.73
N PRO K 12 -23.14 53.67 31.60
CA PRO K 12 -22.57 53.01 32.77
C PRO K 12 -21.79 53.98 33.66
N THR K 13 -21.74 53.67 34.95
CA THR K 13 -21.05 54.53 35.91
C THR K 13 -19.89 53.83 36.60
N SER K 14 -19.53 52.62 36.17
CA SER K 14 -18.37 51.95 36.74
C SER K 14 -17.93 50.85 35.79
N ILE K 15 -16.72 50.34 36.02
CA ILE K 15 -16.19 49.22 35.25
C ILE K 15 -16.48 47.94 36.02
N PRO K 16 -17.24 47.01 35.45
CA PRO K 16 -17.37 45.71 36.11
C PRO K 16 -16.02 45.02 36.17
N ILE K 17 -15.71 44.47 37.35
CA ILE K 17 -14.47 43.74 37.58
C ILE K 17 -14.82 42.41 38.23
N GLU K 18 -14.30 41.32 37.69
CA GLU K 18 -14.30 40.03 38.38
C GLU K 18 -12.99 39.89 39.12
N TYR K 19 -13.05 39.85 40.45
CA TYR K 19 -11.86 39.51 41.23
C TYR K 19 -11.77 38.02 41.49
N ASN K 20 -12.89 37.38 41.83
CA ASN K 20 -12.94 35.95 42.12
C ASN K 20 -13.27 35.21 40.83
N THR K 21 -12.29 34.53 40.27
CA THR K 21 -12.46 33.83 39.01
C THR K 21 -12.46 32.31 39.26
N PRO K 22 -12.93 31.52 38.31
CA PRO K 22 -12.84 30.05 38.48
C PRO K 22 -11.41 29.54 38.54
N ILE K 23 -10.44 30.25 37.95
CA ILE K 23 -9.04 29.85 38.09
C ILE K 23 -8.65 29.74 39.55
N HIS K 24 -9.19 30.65 40.37
CA HIS K 24 -8.84 30.65 41.79
C HIS K 24 -9.38 29.42 42.52
N ASP K 25 -10.34 28.70 41.96
CA ASP K 25 -10.87 27.52 42.61
C ASP K 25 -10.17 26.24 42.21
N ILE K 26 -9.19 26.31 41.32
CA ILE K 26 -8.54 25.13 40.79
C ILE K 26 -7.45 24.70 41.78
N LYS K 27 -7.54 23.47 42.27
CA LYS K 27 -6.50 22.91 43.13
C LYS K 27 -5.40 22.27 42.26
N VAL K 28 -4.16 22.70 42.49
CA VAL K 28 -3.02 22.33 41.65
C VAL K 28 -2.08 21.45 42.46
N GLN K 29 -1.81 20.25 41.96
CA GLN K 29 -0.82 19.35 42.57
C GLN K 29 0.27 19.03 41.55
N VAL K 30 1.52 19.09 41.98
CA VAL K 30 2.65 18.77 41.12
C VAL K 30 3.28 17.48 41.63
N TYR K 31 3.48 16.52 40.72
CA TYR K 31 4.02 15.21 41.04
C TYR K 31 5.29 14.96 40.25
N ASP K 32 6.22 14.22 40.83
CA ASP K 32 7.39 13.82 40.08
C ASP K 32 7.04 12.71 39.09
N ILE K 33 7.59 12.83 37.88
CA ILE K 33 7.30 11.87 36.83
C ILE K 33 7.89 10.49 37.16
N LYS K 34 9.00 10.45 37.92
CA LYS K 34 9.50 9.18 38.41
C LYS K 34 8.50 8.58 39.40
N GLY K 35 8.27 7.28 39.27
CA GLY K 35 7.23 6.63 40.02
C GLY K 35 5.99 6.33 39.20
N GLY K 36 5.92 6.84 37.98
CA GLY K 36 4.79 6.58 37.10
C GLY K 36 3.67 7.58 37.30
N CYS K 37 2.79 7.63 36.30
CA CYS K 37 1.64 8.52 36.31
C CYS K 37 0.37 7.71 36.50
N ASN K 38 -0.51 8.21 37.35
CA ASN K 38 -1.82 7.61 37.54
C ASN K 38 -2.84 8.29 36.63
N VAL K 39 -3.65 7.49 35.96
CA VAL K 39 -4.67 7.99 35.06
C VAL K 39 -5.99 7.46 35.62
N GLU K 40 -6.64 8.27 36.46
CA GLU K 40 -7.85 7.88 37.16
C GLU K 40 -9.10 8.58 36.67
N GLU K 41 -9.01 9.84 36.22
CA GLU K 41 -10.20 10.58 35.83
C GLU K 41 -9.82 11.75 34.94
N GLY K 42 -10.83 12.47 34.48
CA GLY K 42 -10.62 13.68 33.73
C GLY K 42 -9.79 13.45 32.48
N LEU K 43 -9.02 14.47 32.12
CA LEU K 43 -8.25 14.50 30.88
C LEU K 43 -6.77 14.45 31.23
N THR K 44 -6.01 13.61 30.54
CA THR K 44 -4.58 13.51 30.74
C THR K 44 -3.87 13.80 29.41
N ILE K 45 -3.03 14.83 29.41
CA ILE K 45 -2.34 15.29 28.18
C ILE K 45 -0.84 15.15 28.37
N PHE K 46 -0.20 14.43 27.45
CA PHE K 46 1.26 14.37 27.37
C PHE K 46 1.77 15.45 26.43
N LEU K 47 2.73 16.24 26.89
CA LEU K 47 3.44 17.19 26.03
C LEU K 47 4.68 16.49 25.49
N VAL K 48 4.74 16.35 24.16
CA VAL K 48 5.65 15.41 23.51
C VAL K 48 6.34 16.11 22.35
N ASN K 49 7.63 15.86 22.20
CA ASN K 49 8.34 16.37 21.04
C ASN K 49 9.10 15.23 20.38
N ASN K 50 9.86 15.55 19.33
CA ASN K 50 10.68 14.56 18.67
C ASN K 50 11.82 15.29 17.97
N PRO K 51 12.98 15.43 18.62
CA PRO K 51 14.12 16.24 18.16
C PRO K 51 14.73 15.82 16.81
N LYS K 53 13.34 14.13 14.38
CA LYS K 53 12.48 14.08 13.20
C LYS K 53 11.43 15.20 13.17
N GLU K 54 11.59 16.13 12.22
CA GLU K 54 10.59 17.14 11.99
C GLU K 54 9.26 16.47 11.67
N ASN K 55 8.21 16.88 12.40
CA ASN K 55 6.89 16.25 12.30
C ASN K 55 6.96 14.74 12.51
N GLY K 56 7.91 14.30 13.33
CA GLY K 56 8.07 12.91 13.61
C GLY K 56 6.95 12.37 14.47
N PRO K 57 6.99 11.06 14.72
CA PRO K 57 5.89 10.40 15.42
C PRO K 57 5.87 10.73 16.91
N VAL K 58 4.67 10.60 17.50
CA VAL K 58 4.49 10.68 18.94
C VAL K 58 4.97 9.39 19.57
N LYS K 59 5.77 9.52 20.63
CA LYS K 59 6.19 8.39 21.44
C LYS K 59 6.13 8.82 22.91
N ILE K 60 5.48 8.02 23.75
CA ILE K 60 5.29 8.37 25.15
C ILE K 60 6.38 7.68 25.96
N SER K 61 7.18 8.47 26.69
CA SER K 61 8.22 7.90 27.53
C SER K 61 7.71 7.44 28.90
N SER K 62 6.70 8.11 29.47
CA SER K 62 6.38 7.91 30.88
C SER K 62 5.67 6.58 31.10
N LYS K 63 6.06 5.89 32.17
CA LYS K 63 5.28 4.78 32.66
C LYS K 63 3.92 5.29 33.15
N VAL K 64 2.87 4.53 32.83
CA VAL K 64 1.52 4.84 33.27
C VAL K 64 1.02 3.66 34.08
N ASN K 65 0.59 3.91 35.31
CA ASN K 65 0.13 2.85 36.20
C ASN K 65 -1.31 2.47 35.92
N ASP K 66 -1.66 2.29 34.66
CA ASP K 66 -2.97 1.78 34.28
C ASP K 66 -2.78 0.95 33.02
N LYS K 67 -3.17 -0.33 33.09
CA LYS K 67 -2.91 -1.25 31.98
C LYS K 67 -3.72 -0.90 30.72
N GLN K 68 -4.95 -0.39 30.87
CA GLN K 68 -5.72 -0.02 29.68
C GLN K 68 -5.11 1.20 28.99
N VAL K 69 -4.78 2.23 29.76
CA VAL K 69 -4.19 3.42 29.16
C VAL K 69 -2.80 3.11 28.59
N SER K 70 -2.01 2.31 29.31
CA SER K 70 -0.71 1.90 28.78
C SER K 70 -0.82 1.29 27.39
N GLU K 71 -1.85 0.46 27.18
CA GLU K 71 -2.04 -0.17 25.88
C GLU K 71 -2.36 0.88 24.81
N PHE K 72 -3.19 1.86 25.15
CA PHE K 72 -3.45 2.96 24.24
C PHE K 72 -2.17 3.70 23.87
N LEU K 73 -1.29 3.92 24.84
CA LEU K 73 -0.10 4.74 24.63
C LEU K 73 1.08 3.96 24.08
N LYS K 74 0.91 2.71 23.69
CA LYS K 74 2.04 1.97 23.18
C LYS K 74 2.51 2.56 21.84
N ASP K 75 3.78 2.30 21.51
CA ASP K 75 4.43 2.98 20.38
C ASP K 75 3.67 2.77 19.08
N GLU K 76 3.18 1.56 18.82
CA GLU K 76 2.53 1.29 17.55
C GLU K 76 1.24 2.08 17.37
N ASN K 77 0.58 2.46 18.47
CA ASN K 77 -0.59 3.32 18.35
C ASN K 77 -0.21 4.79 18.22
N MET K 78 0.71 5.28 19.06
CA MET K 78 1.00 6.71 19.08
C MET K 78 1.67 7.17 17.80
N GLU K 79 2.36 6.27 17.10
CA GLU K 79 3.09 6.70 15.92
C GLU K 79 2.17 7.01 14.75
N LYS K 80 0.88 6.67 14.85
CA LYS K 80 -0.10 7.21 13.91
C LYS K 80 -0.29 8.72 14.07
N PHE K 81 0.30 9.32 15.11
CA PHE K 81 0.22 10.75 15.34
C PHE K 81 1.62 11.34 15.26
N ASN K 82 1.70 12.65 15.03
CA ASN K 82 2.97 13.34 14.83
C ASN K 82 3.03 14.55 15.76
N VAL K 83 4.25 15.05 16.00
CA VAL K 83 4.48 16.05 17.02
C VAL K 83 4.47 17.49 16.51
N LYS K 84 3.98 17.72 15.28
CA LYS K 84 3.97 19.08 14.76
C LYS K 84 3.39 20.05 15.79
N LEU K 85 4.08 21.17 15.99
CA LEU K 85 3.75 22.10 17.07
C LEU K 85 2.29 22.52 17.04
N GLY K 86 1.59 22.33 18.17
CA GLY K 86 0.18 22.63 18.27
C GLY K 86 -0.76 21.51 17.87
N THR K 87 -0.28 20.50 17.15
CA THR K 87 -1.13 19.36 16.80
C THR K 87 -1.53 18.60 18.06
N SER K 88 -2.81 18.22 18.15
CA SER K 88 -3.29 17.48 19.31
C SER K 88 -4.36 16.47 18.90
N LYS K 89 -4.41 15.37 19.64
CA LYS K 89 -5.46 14.37 19.59
C LYS K 89 -5.78 13.96 21.02
N HIS K 90 -7.02 13.59 21.29
CA HIS K 90 -7.39 13.02 22.59
C HIS K 90 -8.60 12.11 22.42
N PHE K 91 -8.60 11.01 23.16
CA PHE K 91 -9.59 9.93 23.04
C PHE K 91 -10.20 9.65 24.40
N TYR K 92 -11.52 9.39 24.43
CA TYR K 92 -12.18 8.81 25.59
C TYR K 92 -12.09 7.29 25.55
N MET K 93 -11.88 6.70 26.74
CA MET K 93 -11.77 5.26 26.90
C MET K 93 -12.06 4.92 28.34
N PHE K 94 -12.22 3.64 28.62
CA PHE K 94 -12.35 3.15 29.98
C PHE K 94 -10.96 2.75 30.50
N ASN K 95 -10.64 3.17 31.73
CA ASN K 95 -9.39 2.79 32.35
C ASN K 95 -9.57 1.45 33.07
N ASP K 96 -8.59 1.04 33.90
CA ASP K 96 -8.65 -0.23 34.63
C ASP K 96 -9.89 -0.33 35.52
N ASN K 97 -10.38 0.77 36.05
CA ASN K 97 -11.50 0.74 36.98
C ASN K 97 -12.83 0.84 36.27
N LYS K 98 -12.84 0.68 34.96
CA LYS K 98 -13.99 0.99 34.11
C LYS K 98 -14.49 2.40 34.37
N ASN K 99 -13.57 3.30 34.73
CA ASN K 99 -13.89 4.70 34.81
C ASN K 99 -13.53 5.39 33.49
N SER K 100 -14.42 6.26 33.04
CA SER K 100 -14.17 6.96 31.79
C SER K 100 -13.08 8.00 31.98
N VAL K 101 -12.03 7.92 31.16
CA VAL K 101 -10.94 8.87 31.18
C VAL K 101 -10.67 9.31 29.74
N ALA K 102 -10.06 10.48 29.61
CA ALA K 102 -9.63 10.99 28.31
C ALA K 102 -8.12 11.16 28.31
N VAL K 103 -7.47 10.65 27.27
CA VAL K 103 -6.02 10.65 27.16
C VAL K 103 -5.63 11.19 25.79
N GLY K 104 -4.61 12.04 25.76
CA GLY K 104 -4.12 12.56 24.50
C GLY K 104 -2.82 13.29 24.68
N TYR K 105 -2.48 14.12 23.68
CA TYR K 105 -1.17 14.74 23.65
C TYR K 105 -1.25 16.10 22.93
N VAL K 106 -0.24 16.93 23.16
CA VAL K 106 0.00 18.11 22.34
C VAL K 106 1.42 18.05 21.78
N GLY K 107 1.55 18.15 20.47
CA GLY K 107 2.87 18.13 19.86
C GLY K 107 3.60 19.42 20.19
N CYS K 108 4.90 19.26 20.56
CA CYS K 108 5.76 20.39 20.84
C CYS K 108 6.92 20.47 19.85
N GLY K 109 6.71 19.95 18.63
CA GLY K 109 7.68 20.16 17.57
C GLY K 109 8.95 19.35 17.74
N SER K 110 10.06 19.88 17.23
CA SER K 110 11.33 19.16 17.26
C SER K 110 12.47 19.99 17.82
N VAL K 111 12.19 21.17 18.36
CA VAL K 111 13.22 21.94 19.05
C VAL K 111 13.21 21.54 20.52
N ALA K 112 14.41 21.35 21.09
CA ALA K 112 14.49 20.90 22.49
C ALA K 112 14.04 22.00 23.45
N ASP K 113 14.43 23.25 23.18
CA ASP K 113 14.08 24.36 24.06
C ASP K 113 12.98 25.19 23.42
N LEU K 114 11.81 25.22 24.06
CA LEU K 114 10.66 25.94 23.52
C LEU K 114 10.76 27.42 23.82
N SER K 115 10.51 28.26 22.82
CA SER K 115 10.37 29.70 23.07
C SER K 115 9.04 29.99 23.77
N GLU K 116 8.89 31.21 24.26
CA GLU K 116 7.59 31.60 24.83
C GLU K 116 6.48 31.53 23.77
N ALA K 117 6.82 31.79 22.51
CA ALA K 117 5.80 31.71 21.48
C ALA K 117 5.41 30.27 21.19
N ASP K 118 6.39 29.36 21.11
CA ASP K 118 6.08 27.94 20.98
C ASP K 118 5.20 27.46 22.12
N MET K 119 5.55 27.85 23.36
CA MET K 119 4.75 27.43 24.52
C MET K 119 3.33 28.00 24.46
N LYS K 120 3.17 29.25 24.02
CA LYS K 120 1.82 29.78 23.82
C LYS K 120 1.01 28.89 22.87
N ARG K 121 1.63 28.45 21.77
CA ARG K 121 0.90 27.60 20.83
C ARG K 121 0.49 26.29 21.49
N VAL K 122 1.37 25.73 22.32
CA VAL K 122 1.02 24.49 23.01
C VAL K 122 -0.16 24.74 23.95
N VAL K 123 -0.10 25.81 24.74
CA VAL K 123 -1.16 26.12 25.69
C VAL K 123 -2.48 26.35 24.96
N LEU K 124 -2.44 27.06 23.82
CA LEU K 124 -3.66 27.32 23.07
C LEU K 124 -4.31 26.01 22.63
N SER K 125 -3.49 25.04 22.24
CA SER K 125 -4.03 23.75 21.85
C SER K 125 -4.63 23.04 23.05
N LEU K 126 -3.98 23.18 24.21
CA LEU K 126 -4.51 22.62 25.46
C LEU K 126 -5.86 23.24 25.82
N VAL K 127 -5.96 24.58 25.80
CA VAL K 127 -7.20 25.26 26.14
C VAL K 127 -8.33 24.85 25.21
N THR K 128 -8.04 24.65 23.92
CA THR K 128 -9.07 24.25 22.96
C THR K 128 -9.73 22.95 23.39
N MET K 129 -8.96 22.00 23.92
CA MET K 129 -9.58 20.79 24.46
C MET K 129 -10.37 21.08 25.73
N LEU K 130 -9.85 21.96 26.59
CA LEU K 130 -10.55 22.27 27.83
C LEU K 130 -11.87 23.01 27.57
N HIS K 131 -11.93 23.82 26.51
CA HIS K 131 -13.18 24.48 26.16
C HIS K 131 -14.17 23.56 25.48
N ASP K 132 -13.72 22.44 24.90
CA ASP K 132 -14.61 21.52 24.20
C ASP K 132 -15.04 20.31 25.03
N ASN K 133 -14.65 20.22 26.30
CA ASN K 133 -14.86 19.02 27.10
C ASN K 133 -15.30 19.44 28.51
N LYS K 134 -16.35 18.82 29.04
CA LYS K 134 -16.78 19.06 30.41
C LYS K 134 -16.00 18.12 31.32
N LEU K 135 -15.07 18.68 32.11
CA LEU K 135 -14.10 17.90 32.85
C LEU K 135 -13.98 18.43 34.27
N SER K 136 -13.70 17.54 35.21
CA SER K 136 -13.40 18.03 36.56
C SER K 136 -11.90 18.18 36.81
N LYS K 137 -11.06 17.44 36.06
CA LYS K 137 -9.62 17.46 36.29
C LYS K 137 -8.87 17.44 34.97
N LEU K 138 -7.78 18.21 34.89
CA LEU K 138 -6.79 18.11 33.83
C LEU K 138 -5.48 17.67 34.44
N THR K 139 -4.82 16.69 33.81
CA THR K 139 -3.49 16.27 34.17
C THR K 139 -2.58 16.49 32.96
N VAL K 140 -1.46 17.16 33.17
CA VAL K 140 -0.50 17.41 32.11
C VAL K 140 0.80 16.70 32.48
N VAL K 141 1.35 15.95 31.55
CA VAL K 141 2.59 15.21 31.75
C VAL K 141 3.67 15.85 30.87
N PHE K 142 4.74 16.33 31.50
CA PHE K 142 5.81 17.05 30.82
C PHE K 142 6.88 16.07 30.37
N GLU K 143 6.88 15.74 29.09
CA GLU K 143 7.96 14.93 28.51
C GLU K 143 8.87 15.80 27.65
N ILE K 144 8.85 17.10 27.91
CA ILE K 144 9.73 18.07 27.31
C ILE K 144 10.46 18.75 28.45
N ASN K 145 11.50 19.49 28.11
CA ASN K 145 12.31 20.16 29.10
C ASN K 145 11.87 21.60 29.25
N VAL K 146 11.71 22.04 30.49
CA VAL K 146 11.16 23.34 30.79
C VAL K 146 11.82 23.80 32.08
N ASP K 147 12.38 25.02 32.11
CA ASP K 147 12.96 25.50 33.34
C ASP K 147 11.90 26.13 34.23
N LYS K 148 12.28 26.55 35.45
CA LYS K 148 11.32 27.10 36.40
C LYS K 148 10.50 28.25 35.81
N ASN K 149 11.17 29.21 35.16
CA ASN K 149 10.45 30.37 34.61
C ASN K 149 9.48 29.96 33.52
N LEU K 150 9.87 29.04 32.66
CA LEU K 150 8.99 28.66 31.58
C LEU K 150 7.86 27.76 32.06
N PHE K 151 8.08 26.98 33.13
CA PHE K 151 6.97 26.29 33.78
C PHE K 151 5.95 27.28 34.36
N ARG K 152 6.43 28.32 35.04
CA ARG K 152 5.50 29.33 35.52
C ARG K 152 4.75 29.99 34.37
N PHE K 153 5.47 30.33 33.30
CA PHE K 153 4.84 30.96 32.15
C PHE K 153 3.79 30.05 31.54
N PHE K 154 4.03 28.74 31.55
CA PHE K 154 3.04 27.80 31.03
C PHE K 154 1.74 27.86 31.85
N LEU K 155 1.87 27.90 33.18
CA LEU K 155 0.70 27.95 34.05
C LEU K 155 -0.01 29.28 33.92
N GLU K 156 0.76 30.38 33.94
CA GLU K 156 0.20 31.71 33.72
C GLU K 156 -0.63 31.75 32.46
N THR K 157 -0.06 31.25 31.36
CA THR K 157 -0.73 31.30 30.07
C THR K 157 -1.93 30.37 30.05
N LEU K 158 -1.80 29.18 30.64
CA LEU K 158 -2.94 28.28 30.72
C LEU K 158 -4.11 28.94 31.45
N PHE K 159 -3.87 29.47 32.65
CA PHE K 159 -4.91 30.18 33.40
C PHE K 159 -5.50 31.32 32.56
N TYR K 160 -4.65 32.17 32.01
CA TYR K 160 -5.12 33.37 31.32
C TYR K 160 -5.96 33.03 30.10
N GLU K 161 -5.44 32.16 29.23
CA GLU K 161 -6.19 31.80 28.02
C GLU K 161 -7.44 30.98 28.33
N TYR K 162 -7.42 30.22 29.44
CA TYR K 162 -8.59 29.41 29.83
C TYR K 162 -9.72 30.31 30.30
N MET K 163 -9.40 31.35 31.06
CA MET K 163 -10.42 32.26 31.59
C MET K 163 -11.16 32.96 30.45
N THR K 164 -12.49 33.03 30.54
CA THR K 164 -13.32 33.65 29.50
C THR K 164 -14.07 34.82 30.11
N ASP K 165 -13.89 36.01 29.53
CA ASP K 165 -14.42 37.26 30.08
C ASP K 165 -15.87 37.44 29.61
N GLU K 166 -16.83 37.32 30.52
CA GLU K 166 -18.24 37.35 30.15
C GLU K 166 -18.97 38.53 30.78
N ARG K 167 -18.24 39.54 31.25
CA ARG K 167 -18.85 40.69 31.92
C ARG K 167 -19.89 41.39 31.06
N PHE K 168 -19.73 41.35 29.74
CA PHE K 168 -20.58 42.13 28.85
C PHE K 168 -21.54 41.28 28.05
N LYS K 169 -21.62 39.98 28.33
CA LYS K 169 -22.67 39.12 27.78
C LYS K 169 -23.92 39.25 28.63
N SER K 170 -25.07 39.00 27.99
CA SER K 170 -26.35 38.93 28.69
C SER K 170 -26.83 37.48 28.76
N GLU K 178 -18.66 25.41 33.02
CA GLU K 178 -18.08 24.60 34.09
C GLU K 178 -16.57 24.32 33.90
N TYR K 179 -15.76 24.93 34.75
CA TYR K 179 -14.31 24.82 34.73
C TYR K 179 -13.83 23.60 35.52
N ILE K 180 -12.62 23.14 35.18
CA ILE K 180 -12.00 22.07 35.95
C ILE K 180 -11.79 22.55 37.40
N LYS K 181 -11.80 21.60 38.33
CA LYS K 181 -11.58 21.93 39.73
C LYS K 181 -10.22 21.47 40.21
N HIS K 182 -9.53 20.66 39.42
CA HIS K 182 -8.24 20.09 39.77
C HIS K 182 -7.33 20.13 38.56
N LEU K 183 -6.05 20.44 38.81
CA LEU K 183 -4.98 20.36 37.82
C LEU K 183 -3.83 19.56 38.42
N GLY K 184 -3.43 18.48 37.75
CA GLY K 184 -2.24 17.73 38.11
C GLY K 184 -1.16 17.94 37.07
N VAL K 185 0.10 17.95 37.52
CA VAL K 185 1.25 18.14 36.65
C VAL K 185 2.29 17.10 37.00
N TYR K 186 2.72 16.32 36.01
CA TYR K 186 3.85 15.40 36.16
C TYR K 186 5.06 15.98 35.47
N ILE K 187 6.16 16.12 36.20
CA ILE K 187 7.36 16.72 35.64
C ILE K 187 8.56 16.21 36.44
N ASN K 188 9.70 16.10 35.75
CA ASN K 188 10.94 15.69 36.42
C ASN K 188 11.38 16.76 37.41
N ASN K 189 11.84 16.32 38.58
CA ASN K 189 12.32 17.24 39.63
C ASN K 189 11.19 18.13 40.12
N ALA K 190 10.07 17.50 40.47
CA ALA K 190 8.84 18.24 40.75
C ALA K 190 9.01 19.21 41.92
N ASP K 191 9.78 18.81 42.93
CA ASP K 191 9.90 19.67 44.12
C ASP K 191 10.40 21.07 43.77
N THR K 192 11.25 21.19 42.75
CA THR K 192 11.76 22.51 42.38
C THR K 192 10.70 23.37 41.69
N TYR K 193 9.61 22.79 41.18
CA TYR K 193 8.61 23.56 40.45
C TYR K 193 7.42 24.00 41.30
N LYS K 194 7.28 23.47 42.51
CA LYS K 194 6.05 23.67 43.26
C LYS K 194 5.89 25.13 43.67
N GLU K 195 6.99 25.82 43.99
CA GLU K 195 6.89 27.22 44.38
C GLU K 195 6.37 28.10 43.25
N GLU K 196 6.49 27.65 42.00
CA GLU K 196 6.04 28.50 40.91
C GLU K 196 4.54 28.55 40.81
N VAL K 197 3.81 27.63 41.47
CA VAL K 197 2.37 27.52 41.24
C VAL K 197 1.64 28.75 41.74
N GLU K 198 1.85 29.12 43.01
CA GLU K 198 1.10 30.26 43.53
C GLU K 198 1.64 31.59 43.00
N LYS K 199 2.91 31.64 42.63
CA LYS K 199 3.37 32.82 41.91
C LYS K 199 2.62 32.94 40.58
N ALA K 200 2.44 31.83 39.88
CA ALA K 200 1.77 31.85 38.60
C ALA K 200 0.32 32.30 38.75
N ARG K 201 -0.33 31.92 39.85
CA ARG K 201 -1.73 32.31 40.03
C ARG K 201 -1.85 33.82 40.25
N VAL K 202 -0.91 34.41 41.00
CA VAL K 202 -0.88 35.86 41.18
C VAL K 202 -0.58 36.56 39.85
N TYR K 203 0.45 36.10 39.13
CA TYR K 203 0.77 36.74 37.84
C TYR K 203 -0.42 36.66 36.89
N TYR K 204 -1.09 35.49 36.84
CA TYR K 204 -2.29 35.34 36.03
C TYR K 204 -3.30 36.43 36.34
N PHE K 205 -3.57 36.69 37.62
CA PHE K 205 -4.65 37.64 37.90
C PHE K 205 -4.24 39.08 37.59
N GLY K 206 -3.01 39.47 37.91
CA GLY K 206 -2.58 40.79 37.50
C GLY K 206 -2.69 40.97 36.00
N THR K 207 -2.29 39.96 35.22
CA THR K 207 -2.44 40.03 33.78
C THR K 207 -3.90 40.11 33.40
N TYR K 208 -4.73 39.25 34.00
CA TYR K 208 -6.14 39.21 33.66
C TYR K 208 -6.85 40.48 34.12
N TYR K 209 -6.45 41.04 35.26
CA TYR K 209 -7.08 42.28 35.72
C TYR K 209 -6.80 43.42 34.74
N ALA K 210 -5.54 43.58 34.34
CA ALA K 210 -5.19 44.52 33.27
C ALA K 210 -6.02 44.25 32.02
N SER K 211 -6.08 42.99 31.58
CA SER K 211 -6.91 42.62 30.45
C SER K 211 -8.35 43.11 30.62
N GLN K 212 -8.93 42.92 31.80
CA GLN K 212 -10.29 43.38 32.03
C GLN K 212 -10.39 44.89 31.87
N LEU K 213 -9.42 45.65 32.40
CA LEU K 213 -9.45 47.09 32.20
C LEU K 213 -9.36 47.44 30.71
N ILE K 214 -8.50 46.76 29.96
CA ILE K 214 -8.29 47.08 28.55
C ILE K 214 -9.53 46.73 27.73
N ALA K 215 -10.05 45.51 27.91
CA ALA K 215 -11.18 45.08 27.09
C ALA K 215 -12.43 45.91 27.39
N ALA K 216 -12.55 46.44 28.61
CA ALA K 216 -13.67 47.29 28.97
C ALA K 216 -13.78 48.43 27.95
N PRO K 217 -14.91 48.56 27.26
CA PRO K 217 -15.04 49.62 26.27
C PRO K 217 -15.07 51.00 26.92
N SER K 218 -14.94 52.02 26.06
CA SER K 218 -14.67 53.36 26.53
C SER K 218 -15.88 54.01 27.18
N ASN K 219 -17.10 53.55 26.89
CA ASN K 219 -18.22 54.08 27.67
C ASN K 219 -18.17 53.56 29.11
N TYR K 220 -17.66 52.34 29.33
CA TYR K 220 -17.49 51.84 30.68
C TYR K 220 -16.22 52.36 31.35
N CYS K 221 -15.13 52.36 30.59
CA CYS K 221 -13.81 52.67 31.14
C CYS K 221 -13.44 54.05 30.62
N ASN K 222 -13.68 55.07 31.43
CA ASN K 222 -13.37 56.46 31.13
C ASN K 222 -12.46 56.97 32.24
N PRO K 223 -11.97 58.21 32.18
CA PRO K 223 -11.03 58.65 33.22
C PRO K 223 -11.57 58.58 34.63
N VAL K 224 -12.89 58.75 34.82
CA VAL K 224 -13.44 58.74 36.17
C VAL K 224 -13.61 57.30 36.68
N SER K 225 -14.23 56.44 35.87
CA SER K 225 -14.39 55.07 36.31
C SER K 225 -13.06 54.33 36.39
N LEU K 226 -12.06 54.71 35.58
CA LEU K 226 -10.79 54.00 35.67
C LEU K 226 -10.04 54.35 36.96
N SER K 227 -10.06 55.62 37.36
CA SER K 227 -9.38 55.99 38.59
C SER K 227 -10.11 55.42 39.81
N ASN K 228 -11.45 55.39 39.76
CA ASN K 228 -12.23 54.76 40.83
C ASN K 228 -11.88 53.28 40.98
N ALA K 229 -11.66 52.59 39.84
CA ALA K 229 -11.21 51.20 39.94
C ALA K 229 -9.83 51.12 40.59
N ALA K 230 -8.96 52.09 40.28
CA ALA K 230 -7.63 52.08 40.89
C ALA K 230 -7.72 52.28 42.39
N VAL K 231 -8.65 53.12 42.85
CA VAL K 231 -8.80 53.32 44.29
C VAL K 231 -9.31 52.06 44.95
N GLU K 232 -10.28 51.39 44.32
CA GLU K 232 -10.81 50.14 44.88
C GLU K 232 -9.72 49.08 45.00
N LEU K 233 -8.87 48.94 43.98
CA LEU K 233 -7.77 47.99 44.05
C LEU K 233 -6.82 48.33 45.18
N ALA K 234 -6.47 49.62 45.31
CA ALA K 234 -5.55 50.04 46.36
C ALA K 234 -6.16 49.80 47.74
N GLN K 235 -7.45 50.06 47.90
CA GLN K 235 -8.10 49.76 49.16
C GLN K 235 -8.00 48.27 49.48
N LYS K 236 -8.17 47.42 48.46
CA LYS K 236 -8.13 45.99 48.69
C LYS K 236 -6.72 45.51 49.03
N LEU K 237 -5.70 46.19 48.52
CA LEU K 237 -4.33 45.76 48.77
C LEU K 237 -3.64 46.57 49.85
N ASN K 238 -4.35 47.51 50.48
CA ASN K 238 -3.77 48.39 51.50
C ASN K 238 -2.60 49.21 50.94
N LEU K 239 -2.63 49.51 49.65
CA LEU K 239 -1.75 50.51 49.07
C LEU K 239 -2.22 51.90 49.46
N GLU K 240 -1.27 52.82 49.61
CA GLU K 240 -1.62 54.23 49.69
C GLU K 240 -2.06 54.71 48.31
N TYR K 241 -2.92 55.71 48.28
CA TYR K 241 -3.47 56.13 46.99
C TYR K 241 -3.86 57.59 47.04
N LYS K 242 -3.80 58.23 45.87
CA LYS K 242 -4.11 59.63 45.70
C LYS K 242 -4.58 59.83 44.26
N ILE K 243 -5.72 60.49 44.08
CA ILE K 243 -6.25 60.83 42.77
C ILE K 243 -6.19 62.34 42.65
N LEU K 244 -5.46 62.82 41.64
CA LEU K 244 -5.33 64.25 41.43
C LEU K 244 -6.41 64.68 40.44
N GLY K 245 -7.20 65.68 40.85
CA GLY K 245 -8.22 66.26 40.00
C GLY K 245 -7.74 67.49 39.27
N VAL K 246 -8.62 68.04 38.44
CA VAL K 246 -8.24 69.13 37.56
C VAL K 246 -7.68 70.32 38.33
N LYS K 247 -8.29 70.65 39.47
CA LYS K 247 -7.84 71.82 40.23
C LYS K 247 -6.39 71.66 40.67
N GLU K 248 -6.06 70.50 41.25
CA GLU K 248 -4.67 70.23 41.63
C GLU K 248 -3.76 70.18 40.42
N LEU K 249 -4.21 69.53 39.34
CA LEU K 249 -3.37 69.48 38.14
C LEU K 249 -3.11 70.88 37.59
N GLU K 250 -4.08 71.80 37.75
CA GLU K 250 -3.83 73.18 37.35
C GLU K 250 -2.79 73.83 38.26
N GLU K 251 -2.89 73.62 39.58
CA GLU K 251 -1.86 74.12 40.49
C GLU K 251 -0.48 73.57 40.11
N LEU K 252 -0.40 72.27 39.82
CA LEU K 252 0.89 71.72 39.38
C LEU K 252 1.27 72.14 37.95
N LYS K 253 0.41 72.91 37.26
CA LYS K 253 0.74 73.46 35.94
C LYS K 253 1.00 72.36 34.91
N MET K 254 0.25 71.26 35.00
CA MET K 254 0.40 70.15 34.05
C MET K 254 -0.32 70.50 32.75
N GLY K 255 0.28 71.42 31.99
CA GLY K 255 -0.42 72.01 30.86
C GLY K 255 -0.41 71.18 29.60
N ALA K 256 0.54 70.26 29.45
CA ALA K 256 0.47 69.34 28.32
C ALA K 256 -0.61 68.28 28.55
N TYR K 257 -0.63 67.71 29.74
CA TYR K 257 -1.62 66.73 30.11
C TYR K 257 -3.03 67.30 30.04
N LEU K 258 -3.23 68.49 30.65
CA LEU K 258 -4.58 69.06 30.66
C LEU K 258 -5.07 69.41 29.25
N SER K 259 -4.17 69.78 28.34
CA SER K 259 -4.59 70.14 26.99
C SER K 259 -5.18 68.95 26.25
N VAL K 260 -4.58 67.77 26.41
CA VAL K 260 -5.13 66.56 25.80
C VAL K 260 -6.55 66.32 26.28
N GLY K 261 -6.81 66.48 27.57
CA GLY K 261 -8.15 66.19 28.06
C GLY K 261 -9.19 67.29 27.92
N LYS K 262 -8.82 68.43 27.35
CA LYS K 262 -9.73 69.58 27.28
C LYS K 262 -11.06 69.23 26.62
N GLY K 263 -11.02 68.47 25.52
CA GLY K 263 -12.19 68.18 24.72
C GLY K 263 -13.11 67.08 25.20
N SER K 264 -12.85 66.47 26.36
CA SER K 264 -13.62 65.35 26.87
C SER K 264 -14.67 65.82 27.88
N MET K 265 -15.77 65.06 27.97
CA MET K 265 -16.76 65.28 29.01
C MET K 265 -16.34 64.70 30.35
N TYR K 266 -15.29 63.88 30.38
CA TYR K 266 -14.81 63.30 31.63
C TYR K 266 -13.63 64.09 32.14
N PRO K 267 -13.65 64.53 33.39
CA PRO K 267 -12.49 65.25 33.94
C PRO K 267 -11.24 64.39 33.96
N ASN K 268 -10.10 65.04 33.77
CA ASN K 268 -8.79 64.37 33.87
C ASN K 268 -8.60 63.84 35.29
N LYS K 269 -7.97 62.67 35.41
CA LYS K 269 -7.66 62.11 36.72
C LYS K 269 -6.27 61.49 36.69
N PHE K 270 -5.42 61.94 37.60
CA PHE K 270 -4.06 61.45 37.73
C PHE K 270 -4.01 60.43 38.88
N ILE K 271 -3.71 59.18 38.55
CA ILE K 271 -3.65 58.09 39.52
C ILE K 271 -2.24 58.01 40.11
N HIS K 272 -2.15 58.00 41.44
CA HIS K 272 -0.88 57.80 42.16
C HIS K 272 -1.10 56.78 43.27
N LEU K 273 -0.67 55.55 43.05
CA LEU K 273 -0.68 54.50 44.05
C LEU K 273 0.74 54.29 44.56
N THR K 274 0.87 53.90 45.83
CA THR K 274 2.19 53.69 46.43
C THR K 274 2.23 52.41 47.24
N TYR K 275 3.24 51.59 46.97
CA TYR K 275 3.60 50.46 47.80
C TYR K 275 4.88 50.82 48.54
N LYS K 276 4.90 50.61 49.85
CA LYS K 276 6.13 50.77 50.63
C LYS K 276 6.37 49.51 51.44
N SER K 277 7.56 48.91 51.27
CA SER K 277 7.93 47.76 52.08
C SER K 277 8.02 48.14 53.55
N LYS K 278 7.76 47.16 54.42
CA LYS K 278 7.73 47.41 55.86
C LYS K 278 9.11 47.77 56.43
N GLY K 279 10.19 47.29 55.82
CA GLY K 279 11.53 47.55 56.32
C GLY K 279 12.17 48.80 55.75
N ASP K 280 13.50 48.82 55.72
CA ASP K 280 14.23 49.95 55.17
C ASP K 280 14.09 49.96 53.64
N VAL K 281 13.79 51.14 53.10
CA VAL K 281 13.65 51.29 51.65
C VAL K 281 15.02 51.59 51.05
N LYS K 282 15.51 50.67 50.22
CA LYS K 282 16.79 50.83 49.55
C LYS K 282 16.68 51.18 48.08
N LYS K 283 15.50 51.07 47.47
CA LYS K 283 15.30 51.43 46.07
C LYS K 283 13.91 52.02 45.88
N LYS K 284 13.84 53.14 45.17
CA LYS K 284 12.60 53.84 44.87
C LYS K 284 12.35 53.79 43.36
N ILE K 285 11.15 53.37 42.97
CA ILE K 285 10.81 53.16 41.57
C ILE K 285 9.48 53.82 41.26
N ALA K 286 9.43 54.57 40.15
CA ALA K 286 8.18 55.09 39.59
C ALA K 286 7.84 54.31 38.32
N LEU K 287 6.66 53.71 38.28
CA LEU K 287 6.13 53.02 37.10
C LEU K 287 5.04 53.90 36.49
N VAL K 288 5.23 54.31 35.23
CA VAL K 288 4.36 55.29 34.59
C VAL K 288 3.67 54.64 33.40
N GLY K 289 2.34 54.70 33.38
CA GLY K 289 1.58 54.04 32.34
C GLY K 289 0.73 55.01 31.58
N LYS K 290 0.73 54.91 30.26
CA LYS K 290 -0.12 55.77 29.44
C LYS K 290 -1.57 55.35 29.64
N GLY K 291 -2.43 56.33 29.88
CA GLY K 291 -3.81 56.06 30.28
C GLY K 291 -4.82 56.85 29.49
N ILE K 292 -4.79 56.70 28.17
CA ILE K 292 -5.79 57.30 27.28
C ILE K 292 -6.93 56.30 27.14
N THR K 293 -8.09 56.61 27.72
CA THR K 293 -9.15 55.63 27.74
C THR K 293 -9.87 55.53 26.39
N PHE K 294 -9.78 56.55 25.56
CA PHE K 294 -10.16 56.42 24.16
C PHE K 294 -9.45 57.51 23.38
N ASP K 295 -8.77 57.11 22.32
CA ASP K 295 -8.01 58.04 21.49
C ASP K 295 -8.67 58.10 20.12
N SER K 296 -9.53 59.09 19.94
CA SER K 296 -10.10 59.37 18.62
C SER K 296 -9.08 59.94 17.66
N GLY K 297 -7.95 60.40 18.17
CA GLY K 297 -7.01 61.20 17.41
C GLY K 297 -7.19 62.69 17.59
N GLY K 298 -8.35 63.14 18.05
CA GLY K 298 -8.60 64.56 18.15
C GLY K 298 -8.91 65.16 16.78
N TYR K 299 -8.61 66.45 16.62
CA TYR K 299 -8.84 67.09 15.33
C TYR K 299 -8.06 66.42 14.21
N ASN K 300 -6.90 65.85 14.53
CA ASN K 300 -6.24 64.88 13.64
C ASN K 300 -6.92 63.51 13.79
N LEU K 301 -8.19 63.48 13.36
CA LEU K 301 -9.05 62.32 13.55
C LEU K 301 -8.46 61.05 12.94
N LYS K 302 -8.62 59.93 13.63
CA LYS K 302 -8.20 58.63 13.10
C LYS K 302 -9.21 58.22 12.02
N ALA K 303 -9.03 58.81 10.84
CA ALA K 303 -9.92 58.56 9.71
C ALA K 303 -9.22 57.90 8.53
N ALA K 304 -7.90 57.81 8.55
CA ALA K 304 -7.18 57.19 7.45
C ALA K 304 -7.40 55.67 7.42
N PRO K 305 -7.34 55.05 6.25
CA PRO K 305 -7.50 53.60 6.18
C PRO K 305 -6.45 52.88 7.01
N GLY K 306 -6.89 51.91 7.80
CA GLY K 306 -6.02 51.14 8.66
C GLY K 306 -5.68 51.76 10.00
N SER K 307 -6.27 52.90 10.34
CA SER K 307 -5.93 53.53 11.62
C SER K 307 -6.73 52.97 12.79
N MET K 308 -7.69 52.08 12.52
CA MET K 308 -8.30 51.21 13.53
C MET K 308 -8.89 52.01 14.69
N ILE K 309 -9.65 53.04 14.38
CA ILE K 309 -10.25 53.85 15.44
C ILE K 309 -11.11 53.00 16.39
N ASP K 310 -11.60 51.85 15.95
CA ASP K 310 -12.46 51.02 16.79
C ASP K 310 -11.68 50.21 17.83
N LEU K 311 -10.35 50.19 17.75
CA LEU K 311 -9.50 49.50 18.70
C LEU K 311 -9.07 50.39 19.85
N MET K 312 -9.28 51.70 19.76
CA MET K 312 -8.54 52.65 20.57
C MET K 312 -9.02 52.74 22.02
N LYS K 313 -9.95 51.87 22.45
CA LYS K 313 -10.13 51.67 23.89
C LYS K 313 -8.87 51.10 24.53
N PHE K 314 -7.95 50.55 23.74
CA PHE K 314 -6.74 49.92 24.27
C PHE K 314 -5.60 50.90 24.51
N ASP K 315 -5.81 52.20 24.26
CA ASP K 315 -4.76 53.20 24.47
C ASP K 315 -4.50 53.49 25.95
N MET K 316 -5.18 52.79 26.85
CA MET K 316 -4.82 52.80 28.26
C MET K 316 -4.19 51.47 28.68
N SER K 317 -3.62 50.72 27.71
CA SER K 317 -3.02 49.44 28.04
C SER K 317 -1.82 49.59 28.98
N GLY K 318 -1.07 50.68 28.88
CA GLY K 318 0.07 50.86 29.77
C GLY K 318 -0.36 51.10 31.21
N CYS K 319 -1.36 51.96 31.41
CA CYS K 319 -2.00 52.12 32.70
C CYS K 319 -2.46 50.77 33.28
N ALA K 320 -3.14 49.98 32.46
CA ALA K 320 -3.61 48.67 32.95
C ALA K 320 -2.46 47.80 33.41
N ALA K 321 -1.34 47.80 32.67
CA ALA K 321 -0.19 47.00 33.07
C ALA K 321 0.38 47.45 34.41
N VAL K 322 0.40 48.76 34.64
CA VAL K 322 0.94 49.32 35.88
C VAL K 322 0.01 48.99 37.04
N LEU K 323 -1.30 49.02 36.82
CA LEU K 323 -2.25 48.62 37.86
C LEU K 323 -2.24 47.12 38.09
N GLY K 324 -2.13 46.33 37.01
CA GLY K 324 -1.94 44.91 37.19
C GLY K 324 -0.63 44.59 37.90
N CYS K 325 0.41 45.37 37.60
CA CYS K 325 1.65 45.22 38.37
C CYS K 325 1.40 45.57 39.85
N ALA K 326 0.63 46.64 40.10
CA ALA K 326 0.31 47.00 41.48
C ALA K 326 -0.35 45.83 42.20
N TYR K 327 -1.22 45.08 41.50
CA TYR K 327 -1.84 43.93 42.14
C TYR K 327 -0.78 42.93 42.58
N CYS K 328 0.14 42.58 41.69
CA CYS K 328 1.15 41.56 42.00
C CYS K 328 2.10 42.03 43.10
N VAL K 329 2.52 43.30 43.04
CA VAL K 329 3.42 43.83 44.06
C VAL K 329 2.71 43.85 45.41
N GLY K 330 1.46 44.32 45.43
CA GLY K 330 0.72 44.36 46.68
C GLY K 330 0.45 42.99 47.26
N THR K 331 0.41 41.96 46.41
CA THR K 331 0.14 40.60 46.87
C THR K 331 1.42 39.88 47.29
N LEU K 332 2.51 40.07 46.55
CA LEU K 332 3.73 39.37 46.90
C LEU K 332 4.59 40.14 47.90
N LYS K 333 4.37 41.45 48.02
CA LYS K 333 5.02 42.27 49.05
C LYS K 333 6.56 42.17 49.08
N PRO K 334 7.21 42.61 47.98
CA PRO K 334 8.68 42.66 48.00
C PRO K 334 9.19 43.57 49.10
N GLU K 335 10.39 43.28 49.57
CA GLU K 335 10.98 44.06 50.66
C GLU K 335 11.95 45.10 50.11
N ASN K 336 12.27 46.08 50.95
CA ASN K 336 13.32 47.06 50.70
C ASN K 336 13.02 48.00 49.55
N VAL K 337 11.77 48.11 49.11
CA VAL K 337 11.44 48.93 47.96
C VAL K 337 10.24 49.81 48.26
N GLU K 338 10.20 50.94 47.55
CA GLU K 338 9.04 51.81 47.53
C GLU K 338 8.71 52.04 46.06
N ILE K 339 7.50 51.67 45.66
CA ILE K 339 7.10 51.72 44.25
C ILE K 339 5.92 52.66 44.10
N HIS K 340 6.04 53.60 43.18
CA HIS K 340 4.96 54.51 42.81
C HIS K 340 4.38 54.07 41.48
N PHE K 341 3.08 53.80 41.44
CA PHE K 341 2.35 53.44 40.24
C PHE K 341 1.57 54.66 39.78
N LEU K 342 1.88 55.17 38.58
CA LEU K 342 1.37 56.45 38.13
C LEU K 342 0.69 56.35 36.77
N SER K 343 -0.43 57.04 36.62
CA SER K 343 -0.99 57.22 35.29
C SER K 343 -1.75 58.54 35.18
N ALA K 344 -1.44 59.29 34.13
CA ALA K 344 -2.18 60.52 33.82
C ALA K 344 -3.31 60.14 32.87
N VAL K 345 -4.51 59.95 33.41
CA VAL K 345 -5.60 59.36 32.66
C VAL K 345 -6.48 60.44 32.05
N CYS K 346 -6.79 60.31 30.76
CA CYS K 346 -7.74 61.22 30.14
C CYS K 346 -8.29 60.58 28.86
N GLU K 347 -9.10 61.37 28.16
CA GLU K 347 -9.75 60.92 26.92
C GLU K 347 -9.52 61.99 25.85
N ASN K 348 -9.14 61.55 24.63
CA ASN K 348 -8.74 62.43 23.51
C ASN K 348 -9.89 62.52 22.50
N MET K 349 -10.66 63.60 22.54
CA MET K 349 -11.95 63.68 21.84
C MET K 349 -12.00 64.93 20.95
N VAL K 350 -13.02 64.98 20.09
CA VAL K 350 -13.26 66.10 19.19
C VAL K 350 -14.45 66.90 19.70
N SER K 351 -14.24 68.20 19.89
CA SER K 351 -15.24 69.03 20.55
C SER K 351 -14.89 70.48 20.26
N LYS K 352 -15.83 71.38 20.57
CA LYS K 352 -15.47 72.79 20.51
C LYS K 352 -14.39 73.14 21.53
N ASN K 353 -14.21 72.30 22.54
CA ASN K 353 -13.25 72.57 23.61
C ASN K 353 -11.90 71.89 23.41
N SER K 354 -11.73 71.13 22.33
CA SER K 354 -10.48 70.39 22.16
C SER K 354 -9.31 71.31 21.89
N TYR K 355 -8.11 70.79 22.18
CA TYR K 355 -6.90 71.45 21.70
C TYR K 355 -6.74 71.22 20.20
N ARG K 356 -6.01 72.14 19.57
CA ARG K 356 -5.95 72.19 18.12
C ARG K 356 -4.53 71.87 17.63
N PRO K 357 -4.41 71.33 16.43
CA PRO K 357 -3.09 71.30 15.80
C PRO K 357 -2.57 72.72 15.68
N GLY K 358 -1.30 72.91 16.01
CA GLY K 358 -0.69 74.21 16.08
C GLY K 358 -0.64 74.85 17.46
N ASP K 359 -1.54 74.46 18.37
CA ASP K 359 -1.54 75.07 19.70
C ASP K 359 -0.14 74.99 20.31
N ILE K 360 0.23 75.99 21.10
CA ILE K 360 1.46 75.96 21.87
C ILE K 360 1.08 75.89 23.35
N ILE K 361 1.60 74.86 24.03
CA ILE K 361 1.20 74.57 25.40
C ILE K 361 2.45 74.43 26.26
N THR K 362 2.26 74.52 27.56
CA THR K 362 3.35 74.64 28.51
C THR K 362 3.27 73.50 29.50
N ALA K 363 4.29 72.63 29.50
CA ALA K 363 4.31 71.51 30.41
C ALA K 363 4.68 71.99 31.81
N SER K 364 4.63 71.07 32.78
CA SER K 364 4.82 71.45 34.17
C SER K 364 6.26 71.80 34.51
N ASN K 365 7.22 71.52 33.63
CA ASN K 365 8.60 71.93 33.87
C ASN K 365 8.95 73.22 33.13
N GLY K 366 7.94 73.97 32.67
CA GLY K 366 8.16 75.23 31.99
C GLY K 366 8.35 75.17 30.48
N LYS K 367 8.60 73.98 29.92
CA LYS K 367 8.87 73.88 28.48
C LYS K 367 7.61 74.15 27.65
N THR K 368 7.74 74.99 26.62
CA THR K 368 6.64 75.24 25.70
C THR K 368 6.73 74.29 24.52
N ILE K 369 5.58 73.73 24.13
CA ILE K 369 5.50 72.65 23.16
C ILE K 369 4.57 73.05 22.03
N GLU K 370 5.02 72.86 20.78
CA GLU K 370 4.17 73.08 19.62
C GLU K 370 3.54 71.75 19.22
N VAL K 371 2.21 71.69 19.29
CA VAL K 371 1.45 70.51 18.89
C VAL K 371 1.37 70.48 17.36
N GLY K 372 1.94 69.44 16.76
CA GLY K 372 1.84 69.31 15.31
C GLY K 372 0.75 68.36 14.88
N ASN K 373 0.31 67.51 15.81
CA ASN K 373 -0.68 66.47 15.54
C ASN K 373 -1.35 66.10 16.86
N THR K 374 -2.66 66.33 16.97
CA THR K 374 -3.36 66.00 18.20
C THR K 374 -3.42 64.49 18.45
N ASP K 375 -3.10 63.66 17.47
CA ASP K 375 -3.02 62.23 17.67
C ASP K 375 -1.68 61.79 18.25
N ALA K 376 -0.71 62.68 18.43
CA ALA K 376 0.43 62.30 19.24
C ALA K 376 0.22 62.74 20.68
N GLU K 377 -0.95 62.40 21.24
CA GLU K 377 -1.33 62.92 22.55
C GLU K 377 -0.62 62.19 23.69
N GLY K 378 -0.19 60.95 23.48
CA GLY K 378 0.34 60.16 24.58
C GLY K 378 1.63 60.72 25.15
N ARG K 379 2.50 61.22 24.28
CA ARG K 379 3.75 61.81 24.76
C ARG K 379 3.49 63.12 25.51
N LEU K 380 2.40 63.82 25.19
CA LEU K 380 2.01 65.00 25.97
C LEU K 380 1.66 64.62 27.41
N THR K 381 0.84 63.59 27.58
CA THR K 381 0.44 63.22 28.93
C THR K 381 1.59 62.59 29.68
N LEU K 382 2.40 61.80 28.99
CA LEU K 382 3.58 61.20 29.62
C LEU K 382 4.58 62.26 30.04
N ALA K 383 4.68 63.36 29.29
CA ALA K 383 5.64 64.40 29.65
C ALA K 383 5.36 64.95 31.05
N ASP K 384 4.09 65.23 31.35
CA ASP K 384 3.77 65.74 32.68
C ASP K 384 3.84 64.65 33.75
N ALA K 385 3.51 63.41 33.38
CA ALA K 385 3.68 62.29 34.31
C ALA K 385 5.15 62.08 34.65
N LEU K 386 6.07 62.31 33.69
CA LEU K 386 7.49 62.10 33.93
C LEU K 386 8.08 63.22 34.78
N VAL K 387 7.61 64.46 34.60
CA VAL K 387 8.01 65.55 35.49
C VAL K 387 7.52 65.28 36.90
N TYR K 388 6.27 64.83 37.05
CA TYR K 388 5.76 64.46 38.36
C TYR K 388 6.58 63.33 38.96
N ALA K 389 6.97 62.36 38.13
CA ALA K 389 7.67 61.18 38.64
C ALA K 389 9.07 61.53 39.13
N GLU K 390 9.78 62.39 38.39
CA GLU K 390 11.13 62.78 38.82
C GLU K 390 11.10 63.61 40.10
N LYS K 391 10.07 64.43 40.32
CA LYS K 391 10.00 65.15 41.58
C LYS K 391 9.83 64.26 42.80
N LEU K 392 9.44 62.98 42.61
CA LEU K 392 9.29 62.06 43.73
C LEU K 392 10.62 61.61 44.30
N GLY K 393 11.73 61.82 43.59
CA GLY K 393 13.03 61.40 44.07
C GLY K 393 13.25 59.89 44.03
N VAL K 394 12.97 59.29 42.88
CA VAL K 394 13.09 57.87 42.70
C VAL K 394 14.46 57.57 42.09
N ASP K 395 14.85 56.29 42.13
CA ASP K 395 16.08 55.83 41.48
C ASP K 395 15.86 55.46 40.01
N TYR K 396 14.70 54.91 39.67
CA TYR K 396 14.36 54.50 38.33
C TYR K 396 12.95 54.97 38.00
N ILE K 397 12.78 55.44 36.77
CA ILE K 397 11.47 55.74 36.18
C ILE K 397 11.32 54.82 34.99
N VAL K 398 10.28 53.99 34.98
CA VAL K 398 9.96 53.15 33.83
C VAL K 398 8.58 53.56 33.36
N ASP K 399 8.46 53.99 32.11
CA ASP K 399 7.14 54.20 31.52
C ASP K 399 6.82 53.08 30.52
N ILE K 400 5.53 52.79 30.38
CA ILE K 400 5.03 51.78 29.46
C ILE K 400 3.74 52.32 28.80
N ALA K 401 3.67 52.22 27.47
CA ALA K 401 2.75 53.06 26.70
C ALA K 401 2.54 52.48 25.31
N THR K 402 1.28 52.46 24.86
CA THR K 402 0.93 52.19 23.47
C THR K 402 1.23 53.45 22.66
N LEU K 403 2.52 53.74 22.50
CA LEU K 403 2.87 55.09 22.06
C LEU K 403 2.74 55.26 20.55
N THR K 404 3.40 54.42 19.73
CA THR K 404 3.52 54.72 18.29
C THR K 404 3.17 53.54 17.40
N GLY K 405 2.32 53.80 16.41
CA GLY K 405 1.96 52.76 15.46
C GLY K 405 3.15 52.20 14.70
N ALA K 406 4.19 53.02 14.52
CA ALA K 406 5.39 52.58 13.81
C ALA K 406 5.96 51.28 14.36
N MET K 407 5.70 50.94 15.62
CA MET K 407 6.22 49.70 16.18
C MET K 407 5.71 48.47 15.41
N LEU K 408 4.55 48.57 14.79
CA LEU K 408 4.08 47.44 13.99
C LEU K 408 5.01 47.19 12.81
N TYR K 409 5.74 48.21 12.35
CA TYR K 409 6.65 48.12 11.23
C TYR K 409 8.10 47.87 11.64
N SER K 410 8.42 48.01 12.94
CA SER K 410 9.78 47.70 13.40
C SER K 410 9.83 46.30 13.99
N LEU K 411 9.29 46.12 15.20
CA LEU K 411 9.30 44.84 15.86
C LEU K 411 8.02 44.03 15.65
N GLY K 412 6.90 44.69 15.37
CA GLY K 412 5.69 43.96 15.06
C GLY K 412 4.81 43.72 16.27
N THR K 413 4.10 42.59 16.28
CA THR K 413 3.09 42.28 17.29
C THR K 413 3.60 41.40 18.42
N SER K 414 4.86 40.97 18.40
CA SER K 414 5.38 40.05 19.42
C SER K 414 6.36 40.67 20.39
N TYR K 415 7.31 41.49 19.94
CA TYR K 415 8.33 42.07 20.81
C TYR K 415 8.03 43.55 21.01
N ALA K 416 8.07 44.00 22.26
CA ALA K 416 7.98 45.42 22.52
C ALA K 416 9.37 46.05 22.42
N GLY K 417 9.38 47.36 22.22
CA GLY K 417 10.64 48.11 22.15
C GLY K 417 10.92 48.76 23.48
N VAL K 418 12.19 48.78 23.89
CA VAL K 418 12.61 49.53 25.08
C VAL K 418 13.67 50.54 24.67
N PHE K 419 13.51 51.76 25.16
CA PHE K 419 14.40 52.89 24.93
C PHE K 419 14.71 53.50 26.28
N GLY K 420 15.91 54.06 26.43
CA GLY K 420 16.23 54.65 27.73
C GLY K 420 17.49 55.48 27.68
N ASN K 421 17.71 56.21 28.77
CA ASN K 421 18.92 57.03 28.92
C ASN K 421 20.00 56.39 29.77
N ASN K 422 19.86 55.11 30.13
CA ASN K 422 20.74 54.49 31.13
C ASN K 422 20.88 53.01 30.84
N GLU K 423 22.11 52.58 30.55
CA GLU K 423 22.31 51.23 30.03
C GLU K 423 22.03 50.18 31.10
N GLU K 424 22.40 50.43 32.36
CA GLU K 424 22.15 49.43 33.39
C GLU K 424 20.67 49.16 33.56
N LEU K 425 19.86 50.23 33.59
CA LEU K 425 18.41 50.08 33.69
C LEU K 425 17.85 49.30 32.53
N ILE K 426 18.27 49.63 31.29
CA ILE K 426 17.82 48.88 30.13
C ILE K 426 18.15 47.39 30.28
N ASN K 427 19.38 47.08 30.71
CA ASN K 427 19.74 45.68 30.89
C ASN K 427 18.87 45.02 31.97
N LYS K 428 18.46 45.77 32.98
CA LYS K 428 17.55 45.21 33.98
C LYS K 428 16.19 44.92 33.37
N ILE K 429 15.70 45.80 32.50
CA ILE K 429 14.46 45.53 31.77
C ILE K 429 14.61 44.27 30.94
N LEU K 430 15.72 44.17 30.18
CA LEU K 430 15.92 43.02 29.31
C LEU K 430 16.01 41.74 30.10
N GLN K 431 16.68 41.76 31.26
CA GLN K 431 16.69 40.58 32.13
C GLN K 431 15.28 40.26 32.62
N SER K 432 14.50 41.29 32.98
CA SER K 432 13.13 41.04 33.38
C SER K 432 12.30 40.45 32.26
N SER K 433 12.62 40.81 31.01
CA SER K 433 11.91 40.23 29.86
C SER K 433 12.22 38.74 29.73
N LYS K 434 13.47 38.36 30.00
CA LYS K 434 13.85 36.95 29.91
C LYS K 434 13.15 36.10 30.95
N THR K 435 13.05 36.59 32.20
CA THR K 435 12.44 35.78 33.26
C THR K 435 10.90 35.81 33.23
N SER K 436 10.29 36.90 32.76
CA SER K 436 8.84 36.93 32.62
C SER K 436 8.35 36.29 31.34
N ASN K 437 9.25 36.05 30.38
CA ASN K 437 8.89 35.57 29.04
C ASN K 437 7.94 36.53 28.32
N GLU K 438 7.99 37.83 28.63
CA GLU K 438 7.31 38.83 27.83
C GLU K 438 8.38 39.52 26.99
N PRO K 439 8.42 39.30 25.67
CA PRO K 439 9.63 39.63 24.90
C PRO K 439 9.75 41.12 24.62
N VAL K 440 10.95 41.63 24.85
CA VAL K 440 11.29 43.03 24.68
C VAL K 440 12.60 43.08 23.90
N TRP K 441 12.81 44.14 23.12
CA TRP K 441 14.06 44.32 22.38
C TRP K 441 14.52 45.76 22.49
N TRP K 442 15.81 45.94 22.73
CA TRP K 442 16.37 47.24 22.96
C TRP K 442 16.54 47.99 21.64
N LEU K 443 15.97 49.20 21.57
CA LEU K 443 16.05 50.07 20.41
C LEU K 443 16.74 51.38 20.75
N PRO K 444 17.39 52.02 19.79
CA PRO K 444 18.22 53.18 20.11
C PRO K 444 17.46 54.49 20.12
N ILE K 445 17.91 55.38 21.00
CA ILE K 445 17.53 56.79 20.94
C ILE K 445 18.64 57.50 20.15
N ILE K 446 18.34 57.86 18.90
CA ILE K 446 19.34 58.34 17.94
C ILE K 446 19.41 59.87 18.02
N ASN K 447 20.44 60.39 18.69
CA ASN K 447 20.52 61.82 18.97
C ASN K 447 20.61 62.66 17.71
N GLU K 448 21.10 62.10 16.61
CA GLU K 448 21.09 62.83 15.34
C GLU K 448 19.71 63.36 14.96
N TYR K 449 18.63 62.70 15.41
CA TYR K 449 17.29 63.12 15.01
C TYR K 449 16.75 64.25 15.88
N ARG K 450 17.41 64.56 17.00
CA ARG K 450 16.89 65.55 17.94
C ARG K 450 16.64 66.91 17.29
N ALA K 451 17.43 67.26 16.26
CA ALA K 451 17.22 68.57 15.65
C ALA K 451 15.85 68.70 15.00
N THR K 452 15.24 67.57 14.62
CA THR K 452 13.91 67.62 14.01
C THR K 452 12.84 68.14 14.97
N LEU K 453 13.13 68.20 16.26
CA LEU K 453 12.17 68.70 17.25
C LEU K 453 12.40 70.15 17.63
N ASN K 454 13.26 70.89 16.92
CA ASN K 454 13.54 72.30 17.22
C ASN K 454 12.43 73.18 16.64
N SER K 455 11.40 73.44 17.45
CA SER K 455 10.32 74.32 17.03
C SER K 455 10.84 75.71 16.67
N LYS K 456 10.15 76.35 15.74
CA LYS K 456 10.49 77.71 15.36
C LYS K 456 10.03 78.72 16.41
N TYR K 457 8.92 78.44 17.10
CA TYR K 457 8.30 79.33 18.08
C TYR K 457 8.37 78.81 19.51
N ALA K 458 8.04 77.55 19.75
CA ALA K 458 8.11 77.03 21.10
C ALA K 458 9.51 76.51 21.40
N ASP K 459 9.73 76.06 22.65
CA ASP K 459 10.99 75.40 22.98
C ASP K 459 11.17 74.12 22.17
N ILE K 460 10.09 73.40 21.92
CA ILE K 460 10.23 72.06 21.35
C ILE K 460 8.97 71.71 20.54
N ASN K 461 9.18 70.99 19.44
CA ASN K 461 8.09 70.38 18.71
C ASN K 461 7.63 69.11 19.42
N GLN K 462 6.34 68.85 19.31
CA GLN K 462 5.79 67.57 19.75
C GLN K 462 6.18 66.44 18.78
N ILE K 463 6.10 66.69 17.47
CA ILE K 463 6.37 65.67 16.47
C ILE K 463 7.41 66.17 15.48
N SER K 464 7.96 65.24 14.74
CA SER K 464 8.80 65.56 13.59
C SER K 464 7.91 65.76 12.37
N SER K 465 8.17 66.82 11.60
CA SER K 465 7.44 66.92 10.34
C SER K 465 8.09 66.07 9.25
N SER K 466 9.34 65.64 9.44
CA SER K 466 10.09 64.92 8.42
C SER K 466 10.35 63.47 8.83
N VAL K 467 11.16 63.24 9.88
CA VAL K 467 11.64 61.90 10.24
C VAL K 467 10.49 60.93 10.44
N LYS K 468 10.56 59.77 9.77
CA LYS K 468 9.53 58.75 9.88
C LYS K 468 9.83 57.70 10.95
N ALA K 469 11.01 57.71 11.58
CA ALA K 469 11.28 56.79 12.68
C ALA K 469 10.62 57.36 13.94
N SER K 470 9.29 57.26 13.97
CA SER K 470 8.54 58.03 14.96
C SER K 470 8.67 57.46 16.36
N SER K 471 8.94 56.15 16.50
CA SER K 471 9.15 55.61 17.84
C SER K 471 10.39 56.22 18.48
N ILE K 472 11.45 56.38 17.69
CA ILE K 472 12.66 57.00 18.20
C ILE K 472 12.43 58.49 18.47
N VAL K 473 11.76 59.17 17.53
CA VAL K 473 11.46 60.59 17.74
C VAL K 473 10.60 60.78 18.99
N ALA K 474 9.66 59.86 19.23
CA ALA K 474 8.84 60.02 20.42
C ALA K 474 9.67 59.80 21.68
N SER K 475 10.71 58.96 21.61
CA SER K 475 11.59 58.79 22.78
C SER K 475 12.46 60.03 23.00
N LEU K 476 12.88 60.69 21.92
CA LEU K 476 13.64 61.92 22.08
C LEU K 476 12.80 63.01 22.73
N PHE K 477 11.50 63.06 22.41
CA PHE K 477 10.62 64.00 23.08
C PHE K 477 10.52 63.70 24.57
N LEU K 478 10.26 62.43 24.92
CA LEU K 478 10.06 62.08 26.32
C LEU K 478 11.33 62.31 27.13
N LYS K 479 12.50 62.06 26.52
CA LYS K 479 13.78 62.24 27.20
C LYS K 479 13.99 63.69 27.63
N GLU K 480 13.39 64.64 26.92
CA GLU K 480 13.49 66.03 27.35
C GLU K 480 12.80 66.29 28.69
N PHE K 481 11.99 65.36 29.19
CA PHE K 481 11.25 65.60 30.42
C PHE K 481 11.81 64.81 31.60
N VAL K 482 12.95 64.15 31.44
CA VAL K 482 13.66 63.49 32.53
C VAL K 482 15.03 64.14 32.63
N GLN K 483 15.26 64.89 33.71
CA GLN K 483 16.46 65.71 33.79
C GLN K 483 17.68 64.92 34.21
N ASN K 484 17.58 64.14 35.29
CA ASN K 484 18.76 63.53 35.87
C ASN K 484 18.42 62.24 36.63
N THR K 485 17.65 61.37 36.01
CA THR K 485 17.27 60.11 36.64
C THR K 485 17.33 59.02 35.56
N ALA K 486 17.75 57.82 35.96
CA ALA K 486 17.69 56.68 35.05
C ALA K 486 16.25 56.42 34.65
N TRP K 487 16.03 56.27 33.33
CA TRP K 487 14.69 56.22 32.77
C TRP K 487 14.66 55.30 31.56
N ALA K 488 13.64 54.44 31.51
CA ALA K 488 13.40 53.57 30.37
C ALA K 488 11.96 53.71 29.93
N HIS K 489 11.72 53.47 28.64
CA HIS K 489 10.41 53.63 28.02
C HIS K 489 10.14 52.38 27.21
N ILE K 490 9.02 51.71 27.49
CA ILE K 490 8.63 50.48 26.82
C ILE K 490 7.42 50.78 25.93
N ASP K 491 7.62 50.75 24.61
CA ASP K 491 6.54 51.05 23.67
C ASP K 491 5.82 49.76 23.29
N ILE K 492 4.55 49.64 23.68
CA ILE K 492 3.79 48.39 23.55
C ILE K 492 2.66 48.55 22.54
N ALA K 493 2.70 49.61 21.71
CA ALA K 493 1.62 49.84 20.76
C ALA K 493 1.42 48.63 19.84
N GLY K 494 2.50 47.89 19.55
CA GLY K 494 2.41 46.75 18.65
C GLY K 494 1.96 45.46 19.31
N VAL K 495 2.31 45.24 20.56
CA VAL K 495 2.16 43.95 21.21
C VAL K 495 0.99 43.91 22.15
N SER K 496 0.29 45.02 22.35
CA SER K 496 -0.68 45.03 23.43
C SER K 496 -1.95 44.26 23.08
N TRP K 497 -2.37 44.25 21.83
CA TRP K 497 -3.64 43.63 21.45
C TRP K 497 -3.38 42.36 20.64
N ASN K 498 -4.10 41.29 20.99
CA ASN K 498 -3.99 40.00 20.31
C ASN K 498 -5.03 40.00 19.19
N PHE K 499 -4.59 40.31 17.97
CA PHE K 499 -5.54 40.48 16.87
C PHE K 499 -6.16 39.15 16.47
N LYS K 500 -5.38 38.07 16.51
CA LYS K 500 -5.94 36.77 16.14
C LYS K 500 -7.08 36.38 17.08
N ALA K 501 -6.88 36.55 18.39
CA ALA K 501 -7.84 36.13 19.40
C ALA K 501 -8.87 37.19 19.74
N ARG K 502 -8.72 38.41 19.23
CA ARG K 502 -9.66 39.51 19.44
C ARG K 502 -9.78 39.89 20.92
N LYS K 503 -8.64 40.07 21.57
CA LYS K 503 -8.66 40.34 23.01
C LYS K 503 -7.30 40.90 23.42
N PRO K 504 -7.20 41.51 24.61
CA PRO K 504 -5.90 42.03 25.06
C PRO K 504 -4.96 40.89 25.45
N LYS K 505 -3.67 41.23 25.55
CA LYS K 505 -2.70 40.32 26.18
C LYS K 505 -2.42 40.64 27.64
N GLY K 506 -2.68 41.86 28.11
CA GLY K 506 -2.22 42.23 29.44
C GLY K 506 -0.72 42.42 29.48
N PHE K 507 -0.12 42.70 28.34
CA PHE K 507 1.33 42.78 28.20
C PHE K 507 1.93 43.78 29.18
N GLY K 508 3.02 43.38 29.84
CA GLY K 508 3.78 44.26 30.69
C GLY K 508 3.62 43.98 32.18
N VAL K 509 2.47 43.46 32.59
CA VAL K 509 2.25 43.18 34.01
C VAL K 509 3.40 42.36 34.58
N ARG K 510 3.65 41.18 34.00
CA ARG K 510 4.64 40.27 34.54
C ARG K 510 6.05 40.82 34.35
N LEU K 511 6.29 41.48 33.21
CA LEU K 511 7.57 42.13 32.96
C LEU K 511 7.88 43.16 34.05
N LEU K 512 6.92 44.03 34.36
CA LEU K 512 7.16 45.03 35.40
C LEU K 512 7.32 44.38 36.77
N THR K 513 6.52 43.35 37.06
CA THR K 513 6.61 42.71 38.37
C THR K 513 7.95 42.01 38.57
N GLU K 514 8.46 41.32 37.54
CA GLU K 514 9.78 40.68 37.68
C GLU K 514 10.87 41.72 37.88
N PHE K 515 10.80 42.84 37.16
CA PHE K 515 11.73 43.95 37.36
C PHE K 515 11.74 44.40 38.83
N VAL K 516 10.55 44.61 39.39
CA VAL K 516 10.42 45.05 40.78
C VAL K 516 10.93 43.98 41.74
N LEU K 517 10.57 42.72 41.51
CA LEU K 517 10.91 41.66 42.46
C LEU K 517 12.39 41.31 42.41
N ASN K 518 12.98 41.31 41.22
CA ASN K 518 14.30 40.72 41.02
C ASN K 518 15.35 41.79 40.77
N SER L 2 -13.62 92.22 25.80
CA SER L 2 -14.37 91.02 26.17
C SER L 2 -13.47 90.00 26.86
N GLU L 3 -14.05 89.20 27.76
CA GLU L 3 -13.30 88.15 28.44
C GLU L 3 -13.18 86.93 27.53
N VAL L 4 -11.96 86.42 27.42
CA VAL L 4 -11.68 85.22 26.64
C VAL L 4 -12.11 84.00 27.43
N PRO L 5 -13.04 83.17 26.93
CA PRO L 5 -13.38 81.94 27.64
C PRO L 5 -12.20 80.97 27.68
N GLN L 6 -12.09 80.24 28.79
CA GLN L 6 -11.07 79.23 28.97
C GLN L 6 -11.72 77.90 29.28
N VAL L 7 -11.11 76.82 28.80
CA VAL L 7 -11.53 75.49 29.23
C VAL L 7 -10.89 75.14 30.54
N VAL L 8 -9.57 75.31 30.65
CA VAL L 8 -8.86 75.18 31.89
C VAL L 8 -8.17 76.51 32.19
N SER L 9 -7.74 76.66 33.44
CA SER L 9 -7.15 77.93 33.85
C SER L 9 -5.78 78.16 33.23
N LEU L 10 -5.16 77.12 32.67
CA LEU L 10 -3.91 77.33 31.95
C LEU L 10 -4.11 77.87 30.54
N ASP L 11 -5.37 77.98 30.06
CA ASP L 11 -5.62 78.49 28.71
C ASP L 11 -5.27 79.98 28.63
N PRO L 12 -4.45 80.39 27.65
CA PRO L 12 -4.07 81.81 27.55
C PRO L 12 -5.28 82.68 27.26
N THR L 13 -5.24 83.93 27.74
CA THR L 13 -6.35 84.86 27.62
C THR L 13 -6.02 86.10 26.80
N SER L 14 -4.84 86.14 26.18
CA SER L 14 -4.52 87.23 25.27
C SER L 14 -3.38 86.77 24.37
N ILE L 15 -3.25 87.47 23.26
CA ILE L 15 -2.08 87.31 22.38
C ILE L 15 -0.94 88.15 22.90
N PRO L 16 0.23 87.58 23.17
CA PRO L 16 1.39 88.43 23.44
C PRO L 16 1.79 89.17 22.17
N ILE L 17 1.99 90.48 22.30
CA ILE L 17 2.38 91.33 21.19
C ILE L 17 3.60 92.14 21.61
N GLU L 18 4.64 92.12 20.80
CA GLU L 18 5.80 92.96 21.01
C GLU L 18 5.68 94.21 20.15
N TYR L 19 5.61 95.37 20.78
CA TYR L 19 5.56 96.63 20.06
C TYR L 19 6.95 97.23 19.87
N ASN L 20 7.71 97.37 20.96
CA ASN L 20 9.07 97.94 20.90
C ASN L 20 10.04 96.84 20.54
N THR L 21 10.41 96.74 19.28
CA THR L 21 11.35 95.71 18.89
C THR L 21 12.75 96.27 18.81
N PRO L 22 13.78 95.43 18.90
CA PRO L 22 15.16 95.92 18.76
C PRO L 22 15.43 96.60 17.43
N ILE L 23 14.63 96.30 16.39
CA ILE L 23 14.74 97.04 15.14
C ILE L 23 14.49 98.53 15.36
N HIS L 24 13.60 98.86 16.29
CA HIS L 24 13.25 100.24 16.51
C HIS L 24 14.35 101.05 17.22
N ASP L 25 15.37 100.40 17.79
CA ASP L 25 16.51 101.08 18.38
C ASP L 25 17.69 101.23 17.41
N ILE L 26 17.56 100.77 16.18
CA ILE L 26 18.67 100.82 15.22
C ILE L 26 18.71 102.19 14.56
N LYS L 27 19.83 102.90 14.74
CA LYS L 27 20.02 104.21 14.13
C LYS L 27 20.55 104.02 12.71
N VAL L 28 19.90 104.65 11.73
CA VAL L 28 20.21 104.47 10.31
C VAL L 28 20.75 105.77 9.73
N GLN L 29 21.90 105.70 9.05
CA GLN L 29 22.51 106.85 8.38
C GLN L 29 22.85 106.47 6.94
N VAL L 30 22.44 107.32 5.99
CA VAL L 30 22.70 107.09 4.57
C VAL L 30 23.75 108.10 4.10
N TYR L 31 24.84 107.60 3.54
CA TYR L 31 25.95 108.38 3.05
C TYR L 31 26.07 108.24 1.53
N ASP L 32 26.67 109.24 0.89
CA ASP L 32 26.93 109.15 -0.55
C ASP L 32 28.26 108.43 -0.78
N ILE L 33 28.26 107.56 -1.78
CA ILE L 33 29.46 106.77 -2.07
C ILE L 33 30.60 107.66 -2.54
N LYS L 34 30.28 108.78 -3.20
CA LYS L 34 31.32 109.59 -3.83
C LYS L 34 32.48 109.89 -2.91
N GLY L 35 32.23 110.06 -1.61
CA GLY L 35 33.28 110.43 -0.69
C GLY L 35 34.14 109.31 -0.16
N GLY L 36 33.85 108.06 -0.52
CA GLY L 36 34.56 106.94 0.02
C GLY L 36 33.93 106.42 1.30
N CYS L 37 34.20 105.16 1.60
CA CYS L 37 33.60 104.50 2.75
C CYS L 37 34.57 104.48 3.92
N ASN L 38 34.07 104.80 5.10
CA ASN L 38 34.86 104.71 6.32
C ASN L 38 34.59 103.34 6.95
N VAL L 39 35.66 102.64 7.31
CA VAL L 39 35.55 101.31 7.88
C VAL L 39 36.17 101.32 9.27
N GLU L 40 35.39 101.74 10.27
CA GLU L 40 35.92 101.97 11.62
C GLU L 40 35.39 100.99 12.66
N GLU L 41 34.30 100.28 12.37
CA GLU L 41 33.64 99.47 13.39
C GLU L 41 32.70 98.48 12.72
N GLY L 42 32.53 97.33 13.37
CA GLY L 42 31.49 96.39 12.98
C GLY L 42 31.78 95.60 11.71
N LEU L 43 30.72 95.30 10.98
CA LEU L 43 30.76 94.59 9.71
C LEU L 43 30.38 95.53 8.58
N THR L 44 31.19 95.54 7.51
CA THR L 44 30.92 96.30 6.31
C THR L 44 30.75 95.33 5.15
N ILE L 45 29.62 95.42 4.45
CA ILE L 45 29.28 94.49 3.38
C ILE L 45 29.09 95.27 2.09
N PHE L 46 29.76 94.84 1.02
CA PHE L 46 29.61 95.39 -0.31
C PHE L 46 28.63 94.53 -1.10
N LEU L 47 27.63 95.16 -1.71
CA LEU L 47 26.70 94.45 -2.59
C LEU L 47 27.23 94.56 -4.02
N VAL L 48 27.72 93.44 -4.56
CA VAL L 48 28.46 93.49 -5.82
C VAL L 48 27.82 92.54 -6.82
N ASN L 49 27.91 92.89 -8.09
CA ASN L 49 27.48 92.02 -9.18
C ASN L 49 28.61 91.91 -10.20
N ASN L 50 28.28 91.41 -11.40
CA ASN L 50 29.19 91.27 -12.53
C ASN L 50 28.34 91.07 -13.78
N PRO L 51 27.86 92.15 -14.42
CA PRO L 51 26.93 92.11 -15.56
C PRO L 51 27.40 91.27 -16.76
N LYS L 53 30.25 88.70 -16.71
CA LYS L 53 30.31 87.23 -16.69
C LYS L 53 29.42 86.62 -15.60
N GLU L 54 28.60 85.65 -15.99
CA GLU L 54 27.74 84.94 -15.05
C GLU L 54 28.57 84.20 -14.02
N ASN L 55 28.24 84.41 -12.73
CA ASN L 55 29.03 83.90 -11.61
C ASN L 55 30.50 84.30 -11.77
N GLY L 56 30.72 85.51 -12.29
CA GLY L 56 32.04 86.04 -12.44
C GLY L 56 32.65 86.45 -11.12
N PRO L 57 33.86 86.98 -11.17
CA PRO L 57 34.58 87.34 -9.94
C PRO L 57 34.08 88.65 -9.32
N VAL L 58 34.42 88.79 -8.06
CA VAL L 58 34.08 89.99 -7.29
C VAL L 58 35.13 91.05 -7.55
N LYS L 59 34.69 92.27 -7.86
CA LYS L 59 35.60 93.41 -7.97
C LYS L 59 34.95 94.61 -7.28
N ILE L 60 35.67 95.21 -6.33
CA ILE L 60 35.16 96.33 -5.55
C ILE L 60 35.54 97.64 -6.23
N SER L 61 34.54 98.50 -6.47
CA SER L 61 34.78 99.74 -7.18
C SER L 61 34.80 100.97 -6.30
N SER L 62 34.24 100.90 -5.09
CA SER L 62 34.18 102.06 -4.21
C SER L 62 35.55 102.31 -3.57
N LYS L 63 35.76 103.57 -3.18
CA LYS L 63 36.97 103.92 -2.44
C LYS L 63 36.75 103.65 -0.95
N VAL L 64 37.78 103.08 -0.31
CA VAL L 64 37.74 102.77 1.11
C VAL L 64 38.83 103.57 1.78
N ASN L 65 38.47 104.36 2.79
CA ASN L 65 39.39 105.31 3.40
C ASN L 65 40.26 104.67 4.46
N ASP L 66 40.54 103.38 4.34
CA ASP L 66 41.39 102.65 5.26
C ASP L 66 42.40 101.84 4.45
N LYS L 67 43.68 101.98 4.81
CA LYS L 67 44.74 101.38 4.03
C LYS L 67 44.80 99.86 4.20
N GLN L 68 44.45 99.35 5.39
CA GLN L 68 44.41 97.90 5.57
C GLN L 68 43.28 97.27 4.78
N VAL L 69 42.06 97.84 4.89
CA VAL L 69 40.90 97.29 4.23
C VAL L 69 41.03 97.40 2.72
N SER L 70 41.54 98.55 2.22
CA SER L 70 41.79 98.68 0.79
C SER L 70 42.68 97.56 0.28
N GLU L 71 43.71 97.20 1.04
CA GLU L 71 44.59 96.11 0.63
C GLU L 71 43.83 94.79 0.58
N PHE L 72 43.07 94.49 1.63
CA PHE L 72 42.22 93.30 1.64
C PHE L 72 41.32 93.25 0.41
N LEU L 73 40.83 94.40 -0.04
CA LEU L 73 39.86 94.49 -1.11
C LEU L 73 40.50 94.57 -2.49
N LYS L 74 41.83 94.43 -2.58
CA LYS L 74 42.51 94.48 -3.87
C LYS L 74 41.90 93.47 -4.83
N ASP L 75 41.90 93.83 -6.13
CA ASP L 75 41.26 92.99 -7.13
C ASP L 75 41.78 91.55 -7.09
N GLU L 76 43.08 91.39 -6.80
CA GLU L 76 43.67 90.05 -6.84
C GLU L 76 43.16 89.17 -5.71
N ASN L 77 42.77 89.77 -4.57
CA ASN L 77 42.18 88.99 -3.49
C ASN L 77 40.73 88.64 -3.81
N MET L 78 39.95 89.62 -4.26
CA MET L 78 38.52 89.42 -4.40
C MET L 78 38.17 88.53 -5.59
N GLU L 79 39.06 88.44 -6.59
CA GLU L 79 38.79 87.56 -7.71
C GLU L 79 38.78 86.09 -7.31
N LYS L 80 39.35 85.74 -6.15
CA LYS L 80 39.17 84.42 -5.57
C LYS L 80 37.73 84.13 -5.18
N PHE L 81 36.84 85.13 -5.23
CA PHE L 81 35.43 85.00 -4.89
C PHE L 81 34.57 85.34 -6.10
N ASN L 82 33.33 84.87 -6.10
CA ASN L 82 32.44 85.02 -7.23
C ASN L 82 31.11 85.61 -6.77
N VAL L 83 30.33 86.11 -7.73
CA VAL L 83 29.15 86.94 -7.43
C VAL L 83 27.85 86.16 -7.51
N LYS L 84 27.90 84.84 -7.65
CA LYS L 84 26.67 84.05 -7.69
C LYS L 84 25.68 84.49 -6.62
N LEU L 85 24.42 84.69 -7.02
CA LEU L 85 23.45 85.39 -6.18
C LEU L 85 23.30 84.73 -4.81
N GLY L 86 23.54 85.51 -3.75
CA GLY L 86 23.43 85.02 -2.40
C GLY L 86 24.72 84.52 -1.78
N THR L 87 25.75 84.28 -2.58
CA THR L 87 27.03 83.84 -2.04
C THR L 87 27.68 84.98 -1.26
N SER L 88 28.26 84.65 -0.11
CA SER L 88 28.92 85.66 0.70
C SER L 88 30.17 85.09 1.35
N LYS L 89 31.11 85.99 1.64
CA LYS L 89 32.23 85.75 2.52
C LYS L 89 32.43 87.02 3.33
N HIS L 90 32.99 86.87 4.53
CA HIS L 90 33.41 88.02 5.31
C HIS L 90 34.56 87.58 6.21
N PHE L 91 35.47 88.51 6.47
CA PHE L 91 36.70 88.28 7.19
C PHE L 91 36.84 89.29 8.32
N TYR L 92 37.35 88.83 9.45
CA TYR L 92 37.74 89.73 10.53
C TYR L 92 39.21 90.11 10.36
N MET L 93 39.50 91.39 10.58
CA MET L 93 40.84 91.92 10.39
C MET L 93 40.98 93.18 11.25
N PHE L 94 42.22 93.67 11.32
CA PHE L 94 42.53 94.92 12.01
C PHE L 94 42.61 96.05 10.99
N ASN L 95 41.99 97.18 11.31
CA ASN L 95 42.01 98.33 10.40
C ASN L 95 43.23 99.20 10.71
N ASP L 96 43.22 100.46 10.25
CA ASP L 96 44.39 101.33 10.38
C ASP L 96 44.66 101.69 11.85
N ASN L 97 43.62 102.10 12.57
CA ASN L 97 43.76 102.39 13.99
C ASN L 97 43.70 101.14 14.85
N LYS L 98 44.13 100.01 14.28
CA LYS L 98 44.19 98.67 14.90
C LYS L 98 42.98 98.37 15.75
N ASN L 99 41.80 98.67 15.21
CA ASN L 99 40.55 98.18 15.73
C ASN L 99 40.08 96.98 14.90
N SER L 100 39.41 96.04 15.58
CA SER L 100 38.90 94.86 14.92
C SER L 100 37.68 95.23 14.07
N VAL L 101 37.73 94.91 12.78
CA VAL L 101 36.62 95.15 11.86
C VAL L 101 36.45 93.92 10.98
N ALA L 102 35.21 93.70 10.55
CA ALA L 102 34.89 92.62 9.63
C ALA L 102 34.43 93.19 8.30
N VAL L 103 34.92 92.61 7.20
CA VAL L 103 34.67 93.10 5.84
C VAL L 103 34.29 91.93 4.95
N GLY L 104 33.27 92.12 4.13
CA GLY L 104 32.83 91.06 3.26
C GLY L 104 32.00 91.57 2.11
N TYR L 105 31.28 90.65 1.47
CA TYR L 105 30.45 90.99 0.33
C TYR L 105 29.31 90.00 0.23
N VAL L 106 28.23 90.41 -0.43
CA VAL L 106 27.22 89.48 -0.91
C VAL L 106 27.07 89.62 -2.42
N GLY L 107 27.09 88.49 -3.11
CA GLY L 107 26.96 88.50 -4.56
C GLY L 107 25.53 88.78 -5.01
N CYS L 108 25.40 89.65 -6.01
CA CYS L 108 24.11 90.01 -6.59
C CYS L 108 23.97 89.53 -8.05
N GLY L 109 24.70 88.48 -8.42
CA GLY L 109 24.48 87.85 -9.70
C GLY L 109 24.98 88.71 -10.86
N SER L 110 24.36 88.50 -12.02
CA SER L 110 24.78 89.16 -13.25
C SER L 110 23.73 90.07 -13.88
N VAL L 111 22.50 90.05 -13.40
CA VAL L 111 21.48 90.94 -13.92
C VAL L 111 21.64 92.32 -13.30
N ALA L 112 21.50 93.37 -14.11
CA ALA L 112 21.65 94.72 -13.58
C ALA L 112 20.50 95.10 -12.67
N ASP L 113 19.27 94.67 -13.00
CA ASP L 113 18.07 95.06 -12.27
C ASP L 113 17.54 93.86 -11.47
N LEU L 114 17.77 93.89 -10.16
CA LEU L 114 17.32 92.79 -9.32
C LEU L 114 15.80 92.81 -9.17
N SER L 115 15.21 91.63 -9.13
CA SER L 115 13.80 91.50 -8.78
C SER L 115 13.64 91.44 -7.26
N GLU L 116 12.40 91.50 -6.80
CA GLU L 116 12.17 91.38 -5.37
C GLU L 116 12.60 90.00 -4.86
N ALA L 117 12.49 88.96 -5.69
CA ALA L 117 12.89 87.63 -5.27
C ALA L 117 14.41 87.56 -5.10
N ASP L 118 15.16 88.19 -6.00
CA ASP L 118 16.60 88.21 -5.87
C ASP L 118 17.05 89.06 -4.70
N MET L 119 16.41 90.22 -4.50
CA MET L 119 16.77 91.05 -3.36
C MET L 119 16.54 90.32 -2.05
N LYS L 120 15.44 89.55 -1.95
CA LYS L 120 15.23 88.72 -0.77
C LYS L 120 16.41 87.78 -0.53
N ARG L 121 16.91 87.16 -1.59
CA ARG L 121 18.02 86.22 -1.39
C ARG L 121 19.27 86.97 -0.94
N VAL L 122 19.49 88.18 -1.45
CA VAL L 122 20.62 88.98 -0.98
C VAL L 122 20.48 89.25 0.50
N VAL L 123 19.27 89.62 0.94
CA VAL L 123 19.02 89.99 2.32
C VAL L 123 19.19 88.80 3.25
N LEU L 124 18.73 87.62 2.83
CA LEU L 124 18.88 86.43 3.66
C LEU L 124 20.35 86.11 3.91
N SER L 125 21.17 86.18 2.86
CA SER L 125 22.59 85.96 3.03
C SER L 125 23.19 86.97 4.00
N LEU L 126 22.75 88.22 3.92
CA LEU L 126 23.17 89.24 4.86
C LEU L 126 22.70 88.92 6.28
N VAL L 127 21.44 88.48 6.43
CA VAL L 127 20.92 88.23 7.78
C VAL L 127 21.64 87.04 8.40
N THR L 128 22.02 86.05 7.60
CA THR L 128 22.77 84.91 8.12
C THR L 128 24.03 85.38 8.83
N MET L 129 24.72 86.40 8.28
CA MET L 129 25.91 86.91 8.94
C MET L 129 25.58 87.64 10.24
N LEU L 130 24.52 88.46 10.24
CA LEU L 130 24.15 89.17 11.45
C LEU L 130 23.77 88.22 12.56
N HIS L 131 23.05 87.14 12.23
CA HIS L 131 22.72 86.11 13.21
C HIS L 131 23.96 85.38 13.68
N ASP L 132 25.03 85.36 12.89
CA ASP L 132 26.23 84.64 13.25
C ASP L 132 27.23 85.48 14.04
N ASN L 133 27.07 86.81 14.10
CA ASN L 133 28.11 87.70 14.58
C ASN L 133 27.56 88.68 15.61
N LYS L 134 28.33 88.89 16.69
CA LYS L 134 28.04 89.91 17.69
C LYS L 134 28.63 91.23 17.20
N LEU L 135 27.77 92.16 16.82
CA LEU L 135 28.21 93.39 16.20
C LEU L 135 27.43 94.55 16.79
N SER L 136 28.06 95.71 16.84
CA SER L 136 27.34 96.93 17.16
C SER L 136 26.80 97.60 15.93
N LYS L 137 27.35 97.31 14.76
CA LYS L 137 27.10 98.14 13.60
C LYS L 137 27.26 97.32 12.34
N LEU L 138 26.31 97.51 11.42
CA LEU L 138 26.39 96.99 10.07
C LEU L 138 26.43 98.18 9.12
N THR L 139 27.31 98.10 8.13
CA THR L 139 27.35 99.06 7.03
C THR L 139 27.21 98.29 5.72
N VAL L 140 26.34 98.78 4.85
CA VAL L 140 26.05 98.14 3.57
C VAL L 140 26.45 99.11 2.47
N VAL L 141 27.28 98.65 1.53
CA VAL L 141 27.74 99.48 0.42
C VAL L 141 27.10 98.95 -0.85
N PHE L 142 26.24 99.76 -1.47
CA PHE L 142 25.54 99.38 -2.70
C PHE L 142 26.44 99.68 -3.89
N GLU L 143 27.02 98.63 -4.47
CA GLU L 143 27.69 98.71 -5.77
C GLU L 143 26.82 98.13 -6.86
N ILE L 144 25.50 98.34 -6.71
CA ILE L 144 24.48 97.93 -7.66
C ILE L 144 23.52 99.11 -7.75
N ASN L 145 22.71 99.13 -8.79
CA ASN L 145 21.70 100.18 -8.98
C ASN L 145 20.35 99.68 -8.47
N VAL L 146 19.74 100.44 -7.56
CA VAL L 146 18.39 100.14 -7.07
C VAL L 146 17.61 101.44 -7.04
N ASP L 147 16.35 101.39 -7.48
CA ASP L 147 15.52 102.59 -7.38
C ASP L 147 15.05 102.78 -5.92
N LYS L 148 14.23 103.79 -5.69
CA LYS L 148 13.84 104.11 -4.32
C LYS L 148 12.95 103.03 -3.70
N ASN L 149 12.00 102.48 -4.47
CA ASN L 149 11.12 101.48 -3.90
C ASN L 149 11.89 100.21 -3.56
N LEU L 150 12.80 99.79 -4.43
CA LEU L 150 13.61 98.60 -4.17
C LEU L 150 14.57 98.85 -3.01
N PHE L 151 15.02 100.09 -2.84
CA PHE L 151 15.82 100.40 -1.67
C PHE L 151 14.99 100.30 -0.38
N ARG L 152 13.76 100.81 -0.39
CA ARG L 152 12.92 100.64 0.79
C ARG L 152 12.66 99.17 1.04
N PHE L 153 12.34 98.42 -0.02
CA PHE L 153 12.12 96.98 0.11
C PHE L 153 13.32 96.27 0.75
N PHE L 154 14.53 96.66 0.35
CA PHE L 154 15.73 96.11 0.97
C PHE L 154 15.71 96.31 2.49
N LEU L 155 15.45 97.54 2.94
CA LEU L 155 15.43 97.83 4.37
C LEU L 155 14.32 97.07 5.09
N GLU L 156 13.07 97.17 4.59
CA GLU L 156 11.94 96.46 5.21
C GLU L 156 12.24 94.98 5.34
N THR L 157 12.72 94.36 4.25
CA THR L 157 13.05 92.94 4.28
C THR L 157 14.18 92.66 5.25
N LEU L 158 15.23 93.48 5.23
CA LEU L 158 16.33 93.32 6.18
C LEU L 158 15.81 93.33 7.61
N PHE L 159 15.05 94.36 7.98
CA PHE L 159 14.51 94.47 9.32
C PHE L 159 13.63 93.27 9.67
N TYR L 160 12.78 92.87 8.72
CA TYR L 160 11.80 91.82 9.02
C TYR L 160 12.47 90.45 9.19
N GLU L 161 13.44 90.12 8.33
CA GLU L 161 14.13 88.84 8.44
C GLU L 161 15.11 88.83 9.62
N TYR L 162 15.61 89.99 10.00
CA TYR L 162 16.52 90.07 11.13
C TYR L 162 15.79 89.80 12.45
N MET L 163 14.59 90.34 12.59
CA MET L 163 13.83 90.21 13.82
C MET L 163 13.50 88.74 14.09
N THR L 164 13.68 88.31 15.34
CA THR L 164 13.34 86.95 15.75
C THR L 164 12.24 86.96 16.80
N ASP L 165 11.18 86.20 16.55
CA ASP L 165 9.98 86.18 17.37
C ASP L 165 10.17 85.13 18.46
N GLU L 166 10.40 85.59 19.70
CA GLU L 166 10.66 84.70 20.82
C GLU L 166 9.56 84.73 21.87
N ARG L 167 8.34 85.15 21.49
CA ARG L 167 7.24 85.29 22.45
C ARG L 167 6.86 83.97 23.09
N PHE L 168 7.01 82.85 22.38
CA PHE L 168 6.57 81.55 22.90
C PHE L 168 7.72 80.69 23.36
N LYS L 169 8.92 81.25 23.43
CA LYS L 169 10.07 80.58 24.00
C LYS L 169 10.04 80.80 25.50
N SER L 170 10.39 79.76 26.26
CA SER L 170 10.38 79.89 27.72
C SER L 170 11.60 80.65 28.19
N GLU L 178 21.65 92.21 21.96
CA GLU L 178 22.03 91.16 21.02
C GLU L 178 22.04 91.66 19.55
N TYR L 179 21.30 92.72 19.28
CA TYR L 179 21.09 93.26 17.94
C TYR L 179 22.03 94.45 17.68
N ILE L 180 22.32 94.70 16.40
CA ILE L 180 23.09 95.90 16.06
C ILE L 180 22.35 97.14 16.55
N LYS L 181 23.12 98.19 16.86
CA LYS L 181 22.55 99.45 17.29
C LYS L 181 22.65 100.55 16.24
N HIS L 182 23.41 100.32 15.17
CA HIS L 182 23.60 101.30 14.10
C HIS L 182 23.62 100.59 12.78
N LEU L 183 23.08 101.25 11.75
CA LEU L 183 23.11 100.79 10.37
C LEU L 183 23.57 101.93 9.49
N GLY L 184 24.65 101.72 8.75
CA GLY L 184 25.13 102.69 7.77
C GLY L 184 24.86 102.16 6.36
N VAL L 185 24.52 103.07 5.45
CA VAL L 185 24.28 102.72 4.06
C VAL L 185 25.04 103.68 3.17
N TYR L 186 25.91 103.13 2.32
CA TYR L 186 26.60 103.89 1.29
C TYR L 186 25.90 103.64 -0.04
N ILE L 187 25.38 104.69 -0.65
CA ILE L 187 24.67 104.56 -1.93
C ILE L 187 24.89 105.85 -2.74
N ASN L 188 24.95 105.69 -4.07
CA ASN L 188 24.96 106.84 -4.95
C ASN L 188 23.67 107.64 -4.80
N ASN L 189 23.81 108.97 -4.83
CA ASN L 189 22.67 109.88 -4.71
C ASN L 189 21.91 109.69 -3.41
N ALA L 190 22.65 109.44 -2.33
CA ALA L 190 22.11 109.21 -0.98
C ALA L 190 20.89 110.04 -0.61
N ASP L 191 20.90 111.34 -0.93
CA ASP L 191 19.81 112.20 -0.48
C ASP L 191 18.45 111.77 -1.00
N THR L 192 18.39 111.19 -2.20
CA THR L 192 17.09 110.80 -2.70
C THR L 192 16.53 109.59 -1.95
N TYR L 193 17.38 108.83 -1.24
CA TYR L 193 16.97 107.64 -0.52
C TYR L 193 16.72 107.87 0.96
N LYS L 194 17.00 109.07 1.50
CA LYS L 194 16.90 109.26 2.94
C LYS L 194 15.47 109.16 3.45
N GLU L 195 14.49 109.64 2.65
CA GLU L 195 13.10 109.57 3.08
C GLU L 195 12.54 108.15 3.08
N GLU L 196 13.21 107.19 2.42
CA GLU L 196 12.75 105.82 2.46
C GLU L 196 12.99 105.15 3.82
N VAL L 197 13.88 105.70 4.66
CA VAL L 197 14.32 104.96 5.84
C VAL L 197 13.17 104.78 6.83
N GLU L 198 12.58 105.89 7.29
CA GLU L 198 11.54 105.74 8.31
C GLU L 198 10.24 105.20 7.72
N LYS L 199 10.03 105.33 6.41
CA LYS L 199 8.92 104.63 5.80
C LYS L 199 9.16 103.12 5.83
N ALA L 200 10.39 102.69 5.60
CA ALA L 200 10.71 101.26 5.67
C ALA L 200 10.50 100.73 7.08
N ARG L 201 10.80 101.55 8.09
CA ARG L 201 10.65 101.11 9.47
C ARG L 201 9.17 100.95 9.82
N VAL L 202 8.31 101.81 9.28
CA VAL L 202 6.87 101.62 9.51
C VAL L 202 6.38 100.36 8.82
N TYR L 203 6.79 100.17 7.55
CA TYR L 203 6.36 99.00 6.80
C TYR L 203 6.84 97.72 7.46
N TYR L 204 8.08 97.72 7.99
CA TYR L 204 8.54 96.54 8.73
C TYR L 204 7.59 96.21 9.87
N PHE L 205 7.22 97.21 10.68
CA PHE L 205 6.46 96.84 11.86
C PHE L 205 5.06 96.40 11.48
N GLY L 206 4.43 97.07 10.52
CA GLY L 206 3.12 96.59 10.05
C GLY L 206 3.20 95.15 9.58
N THR L 207 4.27 94.83 8.85
CA THR L 207 4.48 93.46 8.40
C THR L 207 4.78 92.54 9.57
N TYR L 208 5.65 92.96 10.49
CA TYR L 208 5.98 92.13 11.65
C TYR L 208 4.79 91.99 12.58
N TYR L 209 4.00 93.05 12.71
CA TYR L 209 2.83 92.99 13.58
C TYR L 209 1.82 91.97 13.03
N ALA L 210 1.53 92.04 11.73
CA ALA L 210 0.69 91.03 11.10
C ALA L 210 1.28 89.63 11.30
N SER L 211 2.60 89.51 11.18
CA SER L 211 3.25 88.22 11.32
C SER L 211 3.10 87.66 12.73
N GLN L 212 3.16 88.53 13.75
CA GLN L 212 2.92 88.10 15.12
C GLN L 212 1.51 87.55 15.30
N LEU L 213 0.51 88.18 14.67
CA LEU L 213 -0.86 87.67 14.80
C LEU L 213 -0.99 86.31 14.13
N ILE L 214 -0.41 86.17 12.92
CA ILE L 214 -0.51 84.93 12.17
C ILE L 214 0.22 83.80 12.89
N ALA L 215 1.44 84.08 13.36
CA ALA L 215 2.24 83.05 14.01
C ALA L 215 1.62 82.62 15.33
N ALA L 216 0.97 83.55 16.04
CA ALA L 216 0.29 83.23 17.29
C ALA L 216 -0.69 82.08 17.08
N PRO L 217 -0.52 80.97 17.78
CA PRO L 217 -1.40 79.81 17.56
C PRO L 217 -2.81 80.09 18.03
N SER L 218 -3.68 79.12 17.74
CA SER L 218 -5.12 79.30 17.86
C SER L 218 -5.62 79.32 19.31
N ASN L 219 -4.91 78.68 20.26
CA ASN L 219 -5.32 78.83 21.66
C ASN L 219 -5.01 80.22 22.19
N TYR L 220 -3.92 80.84 21.73
CA TYR L 220 -3.66 82.23 22.07
C TYR L 220 -4.53 83.18 21.25
N CYS L 221 -4.59 82.96 19.95
CA CYS L 221 -5.22 83.87 19.01
C CYS L 221 -6.56 83.26 18.58
N ASN L 222 -7.64 83.74 19.17
CA ASN L 222 -9.01 83.31 18.90
C ASN L 222 -9.83 84.56 18.60
N PRO L 223 -11.10 84.40 18.20
CA PRO L 223 -11.91 85.58 17.87
C PRO L 223 -11.94 86.66 18.95
N VAL L 224 -11.97 86.27 20.23
CA VAL L 224 -12.03 87.26 21.29
C VAL L 224 -10.67 87.93 21.47
N SER L 225 -9.61 87.14 21.66
CA SER L 225 -8.31 87.74 21.88
C SER L 225 -7.84 88.54 20.64
N LEU L 226 -8.24 88.10 19.44
CA LEU L 226 -7.84 88.84 18.24
C LEU L 226 -8.56 90.18 18.15
N SER L 227 -9.86 90.21 18.50
CA SER L 227 -10.56 91.49 18.46
C SER L 227 -10.08 92.39 19.59
N ASN L 228 -9.67 91.81 20.72
CA ASN L 228 -9.06 92.60 21.79
C ASN L 228 -7.75 93.22 21.32
N ALA L 229 -6.94 92.47 20.56
CA ALA L 229 -5.69 93.02 20.03
C ALA L 229 -5.96 94.19 19.08
N ALA L 230 -7.00 94.07 18.25
CA ALA L 230 -7.31 95.16 17.33
C ALA L 230 -7.75 96.41 18.07
N VAL L 231 -8.52 96.25 19.15
CA VAL L 231 -8.94 97.40 19.96
C VAL L 231 -7.71 98.11 20.53
N GLU L 232 -6.85 97.37 21.22
CA GLU L 232 -5.61 97.94 21.74
C GLU L 232 -4.87 98.68 20.64
N LEU L 233 -4.73 98.06 19.47
CA LEU L 233 -4.04 98.69 18.36
C LEU L 233 -4.73 100.00 17.95
N ALA L 234 -6.05 99.99 17.86
CA ALA L 234 -6.76 101.19 17.45
C ALA L 234 -6.59 102.29 18.49
N GLN L 235 -6.54 101.90 19.77
CA GLN L 235 -6.37 102.87 20.84
C GLN L 235 -4.99 103.49 20.80
N LYS L 236 -3.96 102.69 20.50
CA LYS L 236 -2.62 103.23 20.39
C LYS L 236 -2.47 104.12 19.17
N LEU L 237 -3.29 103.94 18.14
CA LEU L 237 -3.22 104.73 16.93
C LEU L 237 -4.23 105.87 16.92
N ASN L 238 -5.06 105.98 17.97
CA ASN L 238 -6.16 106.95 17.98
C ASN L 238 -7.05 106.78 16.75
N LEU L 239 -7.35 105.53 16.42
CA LEU L 239 -8.31 105.17 15.39
C LEU L 239 -9.67 104.90 16.02
N GLU L 240 -10.73 105.35 15.35
CA GLU L 240 -12.06 104.95 15.77
C GLU L 240 -12.20 103.44 15.63
N TYR L 241 -12.99 102.84 16.52
CA TYR L 241 -13.07 101.39 16.55
C TYR L 241 -14.42 100.99 17.10
N LYS L 242 -14.96 99.91 16.54
CA LYS L 242 -16.22 99.31 16.96
C LYS L 242 -16.09 97.80 16.76
N ILE L 243 -16.35 97.02 17.81
CA ILE L 243 -16.38 95.56 17.76
C ILE L 243 -17.82 95.11 17.88
N LEU L 244 -18.31 94.38 16.88
CA LEU L 244 -19.69 93.88 16.90
C LEU L 244 -19.71 92.46 17.48
N GLY L 245 -20.60 92.23 18.43
CA GLY L 245 -20.80 90.92 19.01
C GLY L 245 -22.02 90.22 18.44
N VAL L 246 -22.37 89.10 19.06
CA VAL L 246 -23.35 88.17 18.51
C VAL L 246 -24.74 88.81 18.43
N LYS L 247 -25.14 89.54 19.47
CA LYS L 247 -26.47 90.14 19.47
C LYS L 247 -26.62 91.13 18.31
N GLU L 248 -25.62 92.01 18.12
CA GLU L 248 -25.68 92.92 16.99
C GLU L 248 -25.58 92.18 15.66
N LEU L 249 -24.81 91.09 15.60
CA LEU L 249 -24.69 90.35 14.35
C LEU L 249 -26.00 89.66 13.99
N GLU L 250 -26.73 89.15 14.98
CA GLU L 250 -28.03 88.57 14.71
C GLU L 250 -28.99 89.67 14.22
N GLU L 251 -29.06 90.77 14.95
CA GLU L 251 -29.78 91.98 14.55
C GLU L 251 -29.56 92.30 13.08
N LEU L 252 -28.30 92.29 12.65
CA LEU L 252 -27.96 92.56 11.26
C LEU L 252 -28.21 91.38 10.33
N LYS L 253 -28.61 90.23 10.87
CA LYS L 253 -28.98 89.04 10.08
C LYS L 253 -27.79 88.52 9.27
N MET L 254 -26.59 88.57 9.85
CA MET L 254 -25.40 88.02 9.20
C MET L 254 -25.39 86.50 9.41
N GLY L 255 -26.33 85.84 8.76
CA GLY L 255 -26.50 84.40 8.95
C GLY L 255 -25.39 83.56 8.39
N ALA L 256 -24.75 84.01 7.30
CA ALA L 256 -23.67 83.21 6.74
C ALA L 256 -22.47 83.22 7.67
N TYR L 257 -22.05 84.41 8.12
CA TYR L 257 -20.97 84.51 9.08
C TYR L 257 -21.30 83.79 10.40
N LEU L 258 -22.52 83.96 10.93
CA LEU L 258 -22.83 83.35 12.22
C LEU L 258 -22.90 81.83 12.13
N SER L 259 -23.31 81.29 10.98
CA SER L 259 -23.32 79.84 10.83
C SER L 259 -21.93 79.25 10.96
N VAL L 260 -20.91 79.91 10.40
CA VAL L 260 -19.56 79.35 10.43
C VAL L 260 -19.07 79.18 11.88
N GLY L 261 -19.39 80.15 12.73
CA GLY L 261 -18.89 80.12 14.10
C GLY L 261 -19.73 79.36 15.10
N LYS L 262 -20.85 78.78 14.66
CA LYS L 262 -21.78 78.18 15.59
C LYS L 262 -21.12 77.11 16.45
N GLY L 263 -20.18 76.38 15.88
CA GLY L 263 -19.57 75.29 16.61
C GLY L 263 -18.39 75.66 17.47
N SER L 264 -18.04 76.94 17.57
CA SER L 264 -16.88 77.35 18.35
C SER L 264 -17.26 77.68 19.81
N MET L 265 -16.30 77.47 20.71
CA MET L 265 -16.48 77.98 22.07
C MET L 265 -16.26 79.49 22.17
N TYR L 266 -15.68 80.10 21.15
CA TYR L 266 -15.47 81.55 21.16
C TYR L 266 -16.57 82.25 20.36
N PRO L 267 -17.22 83.26 20.92
CA PRO L 267 -18.24 83.99 20.13
C PRO L 267 -17.62 84.77 19.00
N ASN L 268 -18.38 84.91 17.92
CA ASN L 268 -17.96 85.70 16.76
C ASN L 268 -17.72 87.16 17.16
N LYS L 269 -16.72 87.77 16.54
CA LYS L 269 -16.36 89.17 16.77
C LYS L 269 -16.06 89.81 15.42
N PHE L 270 -16.83 90.84 15.06
CA PHE L 270 -16.65 91.57 13.81
C PHE L 270 -15.85 92.83 14.12
N ILE L 271 -14.68 92.98 13.51
CA ILE L 271 -13.79 94.10 13.74
C ILE L 271 -14.08 95.19 12.73
N HIS L 272 -14.15 96.44 13.20
CA HIS L 272 -14.35 97.63 12.36
C HIS L 272 -13.49 98.74 12.94
N LEU L 273 -12.33 98.98 12.33
CA LEU L 273 -11.51 100.15 12.62
C LEU L 273 -11.71 101.19 11.52
N THR L 274 -11.52 102.46 11.86
CA THR L 274 -11.65 103.50 10.85
C THR L 274 -10.55 104.54 11.01
N TYR L 275 -9.88 104.84 9.90
CA TYR L 275 -8.99 105.97 9.78
C TYR L 275 -9.64 107.02 8.88
N LYS L 276 -9.57 108.28 9.28
CA LYS L 276 -9.98 109.38 8.41
C LYS L 276 -8.88 110.42 8.41
N SER L 277 -8.43 110.78 7.20
CA SER L 277 -7.50 111.89 7.04
C SER L 277 -8.11 113.15 7.61
N LYS L 278 -7.29 113.92 8.32
CA LYS L 278 -7.69 115.26 8.73
C LYS L 278 -8.04 116.07 7.50
N GLY L 279 -9.16 116.78 7.55
CA GLY L 279 -9.57 117.60 6.43
C GLY L 279 -10.44 116.89 5.41
N ASP L 280 -10.28 117.27 4.14
CA ASP L 280 -11.20 116.86 3.07
C ASP L 280 -10.95 115.41 2.67
N VAL L 281 -12.04 114.65 2.54
CA VAL L 281 -11.99 113.25 2.17
C VAL L 281 -12.39 113.13 0.70
N LYS L 282 -11.52 112.55 -0.11
CA LYS L 282 -11.76 112.37 -1.52
C LYS L 282 -12.02 110.92 -1.93
N LYS L 283 -11.50 109.96 -1.16
CA LYS L 283 -11.67 108.55 -1.48
C LYS L 283 -12.03 107.81 -0.21
N LYS L 284 -13.08 107.03 -0.27
CA LYS L 284 -13.50 106.15 0.81
C LYS L 284 -13.24 104.72 0.39
N ILE L 285 -12.61 103.95 1.27
CA ILE L 285 -12.12 102.62 0.93
C ILE L 285 -12.43 101.69 2.10
N ALA L 286 -12.96 100.50 1.80
CA ALA L 286 -13.11 99.45 2.79
C ALA L 286 -12.12 98.32 2.46
N LEU L 287 -11.31 97.95 3.44
CA LEU L 287 -10.39 96.83 3.35
C LEU L 287 -10.94 95.70 4.23
N VAL L 288 -11.20 94.55 3.63
CA VAL L 288 -11.86 93.42 4.30
C VAL L 288 -10.86 92.27 4.36
N GLY L 289 -10.60 91.76 5.56
CA GLY L 289 -9.70 90.62 5.73
C GLY L 289 -10.46 89.39 6.23
N LYS L 290 -10.12 88.25 5.66
CA LYS L 290 -10.64 86.98 6.16
C LYS L 290 -10.03 86.68 7.53
N GLY L 291 -10.90 86.41 8.51
CA GLY L 291 -10.41 86.20 9.86
C GLY L 291 -10.84 84.90 10.50
N ILE L 292 -10.43 83.77 9.94
CA ILE L 292 -10.72 82.48 10.58
C ILE L 292 -9.50 82.11 11.42
N THR L 293 -9.67 82.14 12.74
CA THR L 293 -8.53 81.98 13.64
C THR L 293 -8.07 80.53 13.71
N PHE L 294 -8.96 79.58 13.42
CA PHE L 294 -8.53 78.21 13.17
C PHE L 294 -9.55 77.56 12.27
N ASP L 295 -9.06 76.89 11.23
CA ASP L 295 -9.95 76.27 10.26
C ASP L 295 -9.74 74.76 10.32
N SER L 296 -10.56 74.08 11.10
CA SER L 296 -10.51 72.63 11.11
C SER L 296 -11.14 72.01 9.87
N GLY L 297 -11.90 72.80 9.10
CA GLY L 297 -12.74 72.32 8.04
C GLY L 297 -14.18 72.09 8.44
N GLY L 298 -14.48 72.01 9.73
CA GLY L 298 -15.82 71.67 10.15
C GLY L 298 -16.09 70.19 9.89
N TYR L 299 -17.37 69.86 9.70
CA TYR L 299 -17.71 68.46 9.45
C TYR L 299 -17.05 67.94 8.19
N ASN L 300 -16.68 68.84 7.25
CA ASN L 300 -15.78 68.52 6.15
C ASN L 300 -14.34 68.67 6.63
N LEU L 301 -13.98 67.80 7.55
CA LEU L 301 -12.73 67.96 8.30
C LEU L 301 -11.52 67.82 7.39
N LYS L 302 -10.49 68.65 7.63
CA LYS L 302 -9.21 68.52 6.94
C LYS L 302 -8.52 67.24 7.40
N ALA L 303 -8.90 66.11 6.79
CA ALA L 303 -8.33 64.81 7.10
C ALA L 303 -7.61 64.18 5.92
N ALA L 304 -7.74 64.72 4.74
CA ALA L 304 -7.14 64.11 3.57
C ALA L 304 -5.64 64.38 3.53
N PRO L 305 -4.87 63.46 2.89
CA PRO L 305 -3.45 63.71 2.65
C PRO L 305 -3.17 65.12 2.14
N GLY L 306 -2.31 65.86 2.84
CA GLY L 306 -1.89 67.16 2.36
C GLY L 306 -2.80 68.32 2.65
N SER L 307 -3.86 68.13 3.43
CA SER L 307 -4.70 69.27 3.80
C SER L 307 -4.08 70.13 4.89
N MET L 308 -3.02 69.64 5.56
CA MET L 308 -2.19 70.43 6.47
C MET L 308 -3.01 71.17 7.54
N ILE L 309 -3.87 70.42 8.24
CA ILE L 309 -4.67 71.01 9.31
C ILE L 309 -3.79 71.74 10.32
N ASP L 310 -2.56 71.29 10.52
CA ASP L 310 -1.63 71.93 11.47
C ASP L 310 -1.25 73.34 11.06
N LEU L 311 -1.52 73.75 9.82
CA LEU L 311 -1.18 75.08 9.34
C LEU L 311 -2.26 76.12 9.63
N MET L 312 -3.46 75.69 10.04
CA MET L 312 -4.65 76.49 9.84
C MET L 312 -4.85 77.60 10.87
N LYS L 313 -3.90 77.78 11.80
CA LYS L 313 -3.81 79.06 12.49
C LYS L 313 -3.60 80.20 11.53
N PHE L 314 -3.08 79.92 10.30
CA PHE L 314 -2.78 80.98 9.35
C PHE L 314 -4.03 81.41 8.62
N ASP L 315 -5.19 80.91 8.89
CA ASP L 315 -6.35 81.25 8.09
C ASP L 315 -6.91 82.63 8.45
N MET L 316 -6.23 83.40 9.29
CA MET L 316 -6.58 84.79 9.55
C MET L 316 -5.50 85.75 9.05
N SER L 317 -4.66 85.29 8.10
CA SER L 317 -3.62 86.14 7.52
C SER L 317 -4.22 87.35 6.83
N GLY L 318 -5.43 87.22 6.29
CA GLY L 318 -6.08 88.35 5.64
C GLY L 318 -6.45 89.42 6.63
N CYS L 319 -7.15 89.04 7.71
CA CYS L 319 -7.36 89.94 8.83
C CYS L 319 -6.05 90.54 9.32
N ALA L 320 -5.03 89.70 9.49
CA ALA L 320 -3.76 90.22 10.00
C ALA L 320 -3.18 91.27 9.05
N ALA L 321 -3.29 91.04 7.73
CA ALA L 321 -2.75 92.00 6.77
C ALA L 321 -3.46 93.33 6.88
N VAL L 322 -4.78 93.28 7.12
CA VAL L 322 -5.58 94.50 7.21
C VAL L 322 -5.23 95.28 8.48
N LEU L 323 -5.04 94.58 9.61
CA LEU L 323 -4.65 95.28 10.84
C LEU L 323 -3.22 95.83 10.74
N GLY L 324 -2.32 95.11 10.08
CA GLY L 324 -1.00 95.65 9.85
C GLY L 324 -1.03 96.88 8.97
N CYS L 325 -2.01 96.97 8.07
CA CYS L 325 -2.18 98.15 7.25
C CYS L 325 -2.78 99.29 8.06
N ALA L 326 -3.65 98.99 9.03
CA ALA L 326 -4.12 100.00 9.95
C ALA L 326 -2.95 100.64 10.70
N TYR L 327 -1.99 99.83 11.15
CA TYR L 327 -0.83 100.40 11.79
C TYR L 327 -0.09 101.35 10.86
N CYS L 328 0.20 100.88 9.64
CA CYS L 328 0.94 101.70 8.68
C CYS L 328 0.17 102.95 8.32
N VAL L 329 -1.13 102.81 8.03
CA VAL L 329 -1.90 103.98 7.64
C VAL L 329 -2.03 104.94 8.81
N GLY L 330 -2.32 104.41 9.99
CA GLY L 330 -2.48 105.24 11.17
C GLY L 330 -1.20 105.92 11.60
N THR L 331 -0.06 105.36 11.25
CA THR L 331 1.22 105.96 11.60
C THR L 331 1.64 107.02 10.58
N LEU L 332 1.50 106.75 9.28
CA LEU L 332 1.93 107.66 8.25
C LEU L 332 0.91 108.76 7.96
N LYS L 333 -0.34 108.56 8.33
CA LYS L 333 -1.41 109.56 8.19
C LYS L 333 -1.53 110.17 6.78
N PRO L 334 -1.85 109.34 5.78
CA PRO L 334 -2.11 109.90 4.46
C PRO L 334 -3.29 110.88 4.50
N GLU L 335 -3.35 111.73 3.49
CA GLU L 335 -4.41 112.72 3.35
C GLU L 335 -5.47 112.25 2.36
N ASN L 336 -6.62 112.91 2.42
CA ASN L 336 -7.73 112.78 1.47
C ASN L 336 -8.42 111.43 1.48
N VAL L 337 -8.15 110.57 2.45
CA VAL L 337 -8.75 109.24 2.41
C VAL L 337 -9.50 108.99 3.71
N GLU L 338 -10.49 108.12 3.60
CA GLU L 338 -11.15 107.49 4.74
C GLU L 338 -11.11 105.98 4.50
N ILE L 339 -10.63 105.23 5.49
CA ILE L 339 -10.38 103.79 5.34
C ILE L 339 -11.07 103.02 6.45
N HIS L 340 -11.88 102.02 6.06
CA HIS L 340 -12.52 101.12 7.00
C HIS L 340 -11.81 99.76 6.94
N PHE L 341 -11.21 99.37 8.07
CA PHE L 341 -10.53 98.08 8.23
C PHE L 341 -11.51 97.10 8.86
N LEU L 342 -11.93 96.09 8.09
CA LEU L 342 -13.03 95.21 8.48
C LEU L 342 -12.56 93.77 8.55
N SER L 343 -13.13 93.01 9.50
CA SER L 343 -12.89 91.57 9.54
C SER L 343 -13.99 90.87 10.34
N ALA L 344 -14.61 89.87 9.74
CA ALA L 344 -15.55 88.99 10.43
C ALA L 344 -14.78 87.80 11.01
N VAL L 345 -14.44 87.89 12.30
CA VAL L 345 -13.56 86.90 12.93
C VAL L 345 -14.37 85.78 13.56
N CYS L 346 -13.94 84.54 13.34
CA CYS L 346 -14.58 83.37 13.94
C CYS L 346 -13.63 82.19 13.77
N GLU L 347 -14.09 80.99 14.17
CA GLU L 347 -13.33 79.76 14.22
C GLU L 347 -14.23 78.66 13.65
N ASN L 348 -13.68 77.78 12.80
CA ASN L 348 -14.47 76.75 12.09
C ASN L 348 -14.18 75.42 12.78
N MET L 349 -15.08 75.01 13.69
CA MET L 349 -14.81 73.90 14.60
C MET L 349 -15.83 72.77 14.40
N VAL L 350 -15.56 71.63 15.05
CA VAL L 350 -16.42 70.46 14.98
C VAL L 350 -17.08 70.28 16.33
N SER L 351 -18.40 70.16 16.33
CA SER L 351 -19.15 70.26 17.58
C SER L 351 -20.56 69.80 17.30
N LYS L 352 -21.30 69.47 18.36
CA LYS L 352 -22.74 69.24 18.19
C LYS L 352 -23.45 70.49 17.68
N ASN L 353 -22.89 71.67 17.93
CA ASN L 353 -23.49 72.95 17.54
C ASN L 353 -23.05 73.44 16.15
N SER L 354 -22.18 72.70 15.46
CA SER L 354 -21.64 73.18 14.17
C SER L 354 -22.72 73.21 13.10
N TYR L 355 -22.53 74.11 12.14
CA TYR L 355 -23.31 74.01 10.92
C TYR L 355 -22.89 72.78 10.14
N ARG L 356 -23.77 72.31 9.27
CA ARG L 356 -23.64 71.01 8.64
C ARG L 356 -23.56 71.13 7.13
N PRO L 357 -22.86 70.21 6.48
CA PRO L 357 -22.99 70.08 5.01
C PRO L 357 -24.46 69.94 4.62
N GLY L 358 -24.88 70.75 3.64
CA GLY L 358 -26.25 70.76 3.18
C GLY L 358 -27.17 71.76 3.86
N ASP L 359 -26.75 72.37 4.98
CA ASP L 359 -27.56 73.42 5.60
C ASP L 359 -27.81 74.55 4.62
N ILE L 360 -28.98 75.18 4.72
CA ILE L 360 -29.29 76.36 3.93
C ILE L 360 -29.39 77.55 4.89
N ILE L 361 -28.56 78.55 4.64
CA ILE L 361 -28.43 79.70 5.55
C ILE L 361 -28.80 80.95 4.76
N THR L 362 -29.11 82.03 5.48
CA THR L 362 -29.54 83.27 4.84
C THR L 362 -28.54 84.38 5.16
N ALA L 363 -27.91 84.92 4.13
CA ALA L 363 -26.99 86.03 4.30
C ALA L 363 -27.75 87.30 4.63
N SER L 364 -27.00 88.34 5.03
CA SER L 364 -27.64 89.56 5.48
C SER L 364 -28.28 90.37 4.36
N ASN L 365 -28.03 90.06 3.08
CA ASN L 365 -28.81 90.70 2.03
C ASN L 365 -30.00 89.83 1.59
N GLY L 366 -30.36 88.81 2.37
CA GLY L 366 -31.51 87.98 2.09
C GLY L 366 -31.29 86.81 1.15
N LYS L 367 -30.09 86.66 0.58
CA LYS L 367 -29.81 85.54 -0.31
C LYS L 367 -29.64 84.26 0.49
N THR L 368 -30.37 83.21 0.12
CA THR L 368 -30.18 81.92 0.75
C THR L 368 -29.06 81.16 0.04
N ILE L 369 -28.30 80.40 0.84
CA ILE L 369 -27.07 79.76 0.40
C ILE L 369 -27.14 78.30 0.82
N GLU L 370 -26.89 77.40 -0.11
CA GLU L 370 -26.76 75.98 0.21
C GLU L 370 -25.30 75.65 0.48
N VAL L 371 -25.02 75.15 1.68
CA VAL L 371 -23.66 74.78 2.08
C VAL L 371 -23.35 73.40 1.51
N GLY L 372 -22.38 73.33 0.60
CA GLY L 372 -22.02 72.03 0.08
C GLY L 372 -20.78 71.46 0.75
N ASN L 373 -20.06 72.27 1.52
CA ASN L 373 -18.77 71.90 2.07
C ASN L 373 -18.43 72.88 3.17
N THR L 374 -18.45 72.43 4.42
CA THR L 374 -18.21 73.34 5.54
C THR L 374 -16.78 73.89 5.55
N ASP L 375 -15.87 73.36 4.74
CA ASP L 375 -14.52 73.88 4.66
C ASP L 375 -14.40 75.05 3.68
N ALA L 376 -15.45 75.37 2.94
CA ALA L 376 -15.43 76.61 2.15
C ALA L 376 -16.11 77.73 2.94
N GLU L 377 -15.58 77.97 4.15
CA GLU L 377 -16.21 78.86 5.11
C GLU L 377 -15.75 80.32 5.00
N GLY L 378 -14.57 80.58 4.43
CA GLY L 378 -14.13 81.96 4.26
C GLY L 378 -15.09 82.76 3.41
N ARG L 379 -15.53 82.18 2.29
CA ARG L 379 -16.43 82.90 1.40
C ARG L 379 -17.77 83.20 2.07
N LEU L 380 -18.18 82.36 3.03
CA LEU L 380 -19.40 82.63 3.77
C LEU L 380 -19.22 83.81 4.72
N THR L 381 -18.11 83.87 5.43
CA THR L 381 -17.86 85.00 6.32
C THR L 381 -17.63 86.27 5.51
N LEU L 382 -16.92 86.14 4.38
CA LEU L 382 -16.67 87.27 3.51
C LEU L 382 -17.96 87.83 2.91
N ALA L 383 -18.90 86.96 2.56
CA ALA L 383 -20.17 87.41 2.00
C ALA L 383 -20.84 88.41 2.93
N ASP L 384 -20.89 88.11 4.24
CA ASP L 384 -21.57 89.04 5.13
C ASP L 384 -20.74 90.30 5.36
N ALA L 385 -19.41 90.18 5.34
CA ALA L 385 -18.59 91.38 5.51
C ALA L 385 -18.63 92.28 4.28
N LEU L 386 -18.85 91.70 3.09
CA LEU L 386 -18.99 92.52 1.90
C LEU L 386 -20.32 93.27 1.89
N VAL L 387 -21.40 92.62 2.30
CA VAL L 387 -22.68 93.33 2.46
C VAL L 387 -22.53 94.48 3.45
N TYR L 388 -21.81 94.23 4.55
CA TYR L 388 -21.57 95.27 5.54
C TYR L 388 -20.71 96.39 4.98
N ALA L 389 -19.67 96.04 4.21
CA ALA L 389 -18.79 97.04 3.61
C ALA L 389 -19.53 97.93 2.63
N GLU L 390 -20.36 97.34 1.77
CA GLU L 390 -21.02 98.16 0.75
C GLU L 390 -22.01 99.14 1.35
N LYS L 391 -22.61 98.79 2.50
CA LYS L 391 -23.53 99.70 3.16
C LYS L 391 -22.84 100.95 3.70
N LEU L 392 -21.51 100.93 3.85
CA LEU L 392 -20.78 102.10 4.35
C LEU L 392 -20.65 103.21 3.32
N GLY L 393 -20.93 102.94 2.05
CA GLY L 393 -20.87 103.95 1.00
C GLY L 393 -19.49 104.27 0.52
N VAL L 394 -18.66 103.25 0.29
CA VAL L 394 -17.27 103.46 -0.09
C VAL L 394 -17.15 103.44 -1.60
N ASP L 395 -16.02 103.94 -2.10
CA ASP L 395 -15.74 103.94 -3.53
C ASP L 395 -15.10 102.62 -3.97
N TYR L 396 -14.23 102.05 -3.15
CA TYR L 396 -13.58 100.79 -3.44
C TYR L 396 -13.74 99.83 -2.27
N ILE L 397 -13.98 98.55 -2.57
CA ILE L 397 -13.88 97.48 -1.58
C ILE L 397 -12.79 96.51 -2.03
N VAL L 398 -11.85 96.23 -1.13
CA VAL L 398 -10.78 95.28 -1.41
C VAL L 398 -10.79 94.25 -0.29
N ASP L 399 -10.96 92.98 -0.65
CA ASP L 399 -10.84 91.94 0.35
C ASP L 399 -9.55 91.17 0.11
N ILE L 400 -8.94 90.70 1.19
CA ILE L 400 -7.71 89.91 1.14
C ILE L 400 -7.92 88.68 2.02
N ALA L 401 -7.65 87.49 1.47
CA ALA L 401 -8.11 86.26 2.10
C ALA L 401 -7.27 85.05 1.67
N THR L 402 -6.97 84.18 2.63
CA THR L 402 -6.44 82.84 2.35
C THR L 402 -7.61 81.94 1.94
N LEU L 403 -8.15 82.20 0.75
CA LEU L 403 -9.43 81.63 0.36
C LEU L 403 -9.32 80.21 -0.20
N THR L 404 -8.50 79.99 -1.22
CA THR L 404 -8.59 78.71 -1.92
C THR L 404 -7.23 78.06 -2.04
N GLY L 405 -7.16 76.79 -1.63
CA GLY L 405 -5.95 76.00 -1.82
C GLY L 405 -5.51 75.86 -3.28
N ALA L 406 -6.41 76.08 -4.23
CA ALA L 406 -6.04 75.95 -5.64
C ALA L 406 -5.01 77.00 -6.08
N MET L 407 -4.86 78.11 -5.34
CA MET L 407 -3.82 79.08 -5.67
C MET L 407 -2.44 78.45 -5.73
N LEU L 408 -2.16 77.46 -4.87
CA LEU L 408 -0.90 76.75 -4.94
C LEU L 408 -0.66 76.10 -6.30
N TYR L 409 -1.72 75.80 -7.05
CA TYR L 409 -1.59 75.15 -8.35
C TYR L 409 -1.64 76.12 -9.52
N SER L 410 -2.01 77.37 -9.28
CA SER L 410 -2.06 78.37 -10.34
C SER L 410 -0.87 79.32 -10.26
N LEU L 411 -0.77 80.11 -9.19
CA LEU L 411 0.34 81.05 -9.10
C LEU L 411 1.45 80.60 -8.16
N GLY L 412 1.16 79.68 -7.24
CA GLY L 412 2.17 79.13 -6.37
C GLY L 412 2.41 79.95 -5.10
N THR L 413 3.62 79.86 -4.57
CA THR L 413 3.92 80.47 -3.28
C THR L 413 4.41 81.91 -3.37
N SER L 414 4.67 82.44 -4.55
CA SER L 414 5.25 83.77 -4.67
C SER L 414 4.29 84.88 -5.10
N TYR L 415 3.29 84.59 -5.92
CA TYR L 415 2.43 85.63 -6.47
C TYR L 415 1.01 85.41 -5.97
N ALA L 416 0.39 86.47 -5.46
CA ALA L 416 -1.02 86.39 -5.12
C ALA L 416 -1.88 86.63 -6.35
N GLY L 417 -3.11 86.15 -6.31
CA GLY L 417 -4.06 86.38 -7.39
C GLY L 417 -5.03 87.48 -7.00
N VAL L 418 -5.37 88.32 -7.97
CA VAL L 418 -6.34 89.38 -7.73
C VAL L 418 -7.45 89.25 -8.78
N PHE L 419 -8.68 89.20 -8.30
CA PHE L 419 -9.88 89.12 -9.11
C PHE L 419 -10.70 90.37 -8.82
N GLY L 420 -11.53 90.79 -9.76
CA GLY L 420 -12.32 91.98 -9.47
C GLY L 420 -13.42 92.19 -10.48
N ASN L 421 -14.26 93.20 -10.20
CA ASN L 421 -15.36 93.59 -11.08
C ASN L 421 -15.12 94.92 -11.78
N ASN L 422 -13.91 95.47 -11.67
CA ASN L 422 -13.67 96.84 -12.12
C ASN L 422 -12.20 96.96 -12.51
N GLU L 423 -11.94 97.25 -13.78
CA GLU L 423 -10.58 97.19 -14.28
C GLU L 423 -9.72 98.32 -13.69
N GLU L 424 -10.31 99.50 -13.50
CA GLU L 424 -9.56 100.60 -12.93
C GLU L 424 -9.02 100.24 -11.54
N LEU L 425 -9.86 99.64 -10.70
CA LEU L 425 -9.42 99.26 -9.36
C LEU L 425 -8.35 98.16 -9.39
N ILE L 426 -8.53 97.15 -10.24
CA ILE L 426 -7.53 96.10 -10.39
C ILE L 426 -6.18 96.67 -10.80
N ASN L 427 -6.17 97.63 -11.73
CA ASN L 427 -4.91 98.24 -12.15
C ASN L 427 -4.26 99.00 -11.02
N LYS L 428 -5.05 99.65 -10.17
CA LYS L 428 -4.46 100.31 -9.01
C LYS L 428 -3.79 99.30 -8.09
N ILE L 429 -4.43 98.13 -7.89
CA ILE L 429 -3.80 97.07 -7.11
C ILE L 429 -2.49 96.63 -7.75
N LEU L 430 -2.47 96.45 -9.08
CA LEU L 430 -1.24 95.99 -9.74
C LEU L 430 -0.13 97.02 -9.63
N GLN L 431 -0.47 98.31 -9.70
CA GLN L 431 0.52 99.36 -9.50
C GLN L 431 1.06 99.35 -8.08
N SER L 432 0.19 99.14 -7.09
CA SER L 432 0.64 99.00 -5.71
C SER L 432 1.54 97.79 -5.54
N SER L 433 1.26 96.72 -6.29
CA SER L 433 2.13 95.54 -6.25
C SER L 433 3.51 95.90 -6.74
N LYS L 434 3.58 96.73 -7.80
CA LYS L 434 4.88 97.15 -8.33
C LYS L 434 5.65 97.97 -7.29
N THR L 435 4.98 98.93 -6.63
CA THR L 435 5.72 99.84 -5.75
C THR L 435 5.98 99.24 -4.36
N SER L 436 5.10 98.37 -3.88
CA SER L 436 5.36 97.65 -2.63
C SER L 436 6.31 96.45 -2.79
N ASN L 437 6.54 95.98 -4.03
CA ASN L 437 7.26 94.74 -4.34
C ASN L 437 6.66 93.51 -3.65
N GLU L 438 5.34 93.50 -3.41
CA GLU L 438 4.62 92.29 -3.07
C GLU L 438 3.92 91.79 -4.33
N PRO L 439 4.30 90.64 -4.90
CA PRO L 439 3.82 90.32 -6.25
C PRO L 439 2.38 89.78 -6.29
N VAL L 440 1.65 90.24 -7.31
CA VAL L 440 0.21 90.07 -7.48
C VAL L 440 -0.04 89.89 -8.97
N TRP L 441 -0.90 88.96 -9.34
CA TRP L 441 -1.20 88.71 -10.75
C TRP L 441 -2.70 88.67 -10.95
N TRP L 442 -3.16 89.32 -12.01
CA TRP L 442 -4.58 89.46 -12.24
C TRP L 442 -5.14 88.18 -12.89
N LEU L 443 -6.19 87.65 -12.30
CA LEU L 443 -6.84 86.43 -12.78
C LEU L 443 -8.29 86.74 -13.12
N PRO L 444 -8.90 86.04 -14.08
CA PRO L 444 -10.24 86.42 -14.52
C PRO L 444 -11.34 85.87 -13.64
N ILE L 445 -12.45 86.60 -13.60
CA ILE L 445 -13.71 86.06 -13.11
C ILE L 445 -14.47 85.63 -14.36
N ILE L 446 -14.50 84.31 -14.62
CA ILE L 446 -15.07 83.77 -15.85
C ILE L 446 -16.56 83.51 -15.65
N ASN L 447 -17.41 84.35 -16.26
CA ASN L 447 -18.84 84.29 -16.03
C ASN L 447 -19.48 83.01 -16.52
N GLU L 448 -18.87 82.34 -17.50
CA GLU L 448 -19.41 81.05 -17.93
C GLU L 448 -19.51 80.03 -16.79
N TYR L 449 -18.71 80.18 -15.72
CA TYR L 449 -18.82 79.21 -14.62
C TYR L 449 -19.92 79.57 -13.62
N ARG L 450 -20.57 80.72 -13.77
CA ARG L 450 -21.57 81.13 -12.78
C ARG L 450 -22.68 80.10 -12.65
N ALA L 451 -23.08 79.46 -13.76
CA ALA L 451 -24.24 78.57 -13.72
C ALA L 451 -24.03 77.39 -12.76
N THR L 452 -22.77 77.04 -12.47
CA THR L 452 -22.50 75.96 -11.55
C THR L 452 -22.90 76.29 -10.12
N LEU L 453 -23.19 77.56 -9.81
CA LEU L 453 -23.64 77.98 -8.48
C LEU L 453 -25.17 78.05 -8.37
N ASN L 454 -25.91 77.62 -9.38
CA ASN L 454 -27.37 77.64 -9.33
C ASN L 454 -27.86 76.48 -8.46
N SER L 455 -28.32 76.79 -7.26
CA SER L 455 -28.81 75.77 -6.35
C SER L 455 -30.21 75.33 -6.76
N LYS L 456 -30.48 74.04 -6.58
CA LYS L 456 -31.83 73.53 -6.80
C LYS L 456 -32.83 74.12 -5.79
N TYR L 457 -32.40 74.33 -4.55
CA TYR L 457 -33.31 74.75 -3.48
C TYR L 457 -33.07 76.15 -2.96
N ALA L 458 -31.82 76.54 -2.70
CA ALA L 458 -31.55 77.89 -2.22
C ALA L 458 -31.34 78.82 -3.41
N ASP L 459 -31.10 80.10 -3.11
CA ASP L 459 -30.80 81.06 -4.17
C ASP L 459 -29.50 80.74 -4.87
N ILE L 460 -28.47 80.33 -4.12
CA ILE L 460 -27.14 80.10 -4.70
C ILE L 460 -26.45 78.98 -3.94
N ASN L 461 -25.54 78.28 -4.62
CA ASN L 461 -24.66 77.31 -4.00
C ASN L 461 -23.41 78.00 -3.44
N GLN L 462 -22.95 77.51 -2.28
CA GLN L 462 -21.69 77.95 -1.74
C GLN L 462 -20.52 77.50 -2.62
N ILE L 463 -20.58 76.27 -3.13
CA ILE L 463 -19.49 75.68 -3.92
C ILE L 463 -20.06 75.05 -5.18
N SER L 464 -19.17 74.83 -6.14
CA SER L 464 -19.46 73.99 -7.30
C SER L 464 -19.19 72.55 -6.94
N SER L 465 -20.02 71.65 -7.46
CA SER L 465 -19.73 70.23 -7.28
C SER L 465 -18.86 69.67 -8.41
N SER L 466 -18.73 70.38 -9.52
CA SER L 466 -17.98 69.88 -10.67
C SER L 466 -16.77 70.74 -11.02
N VAL L 467 -16.94 72.05 -11.17
CA VAL L 467 -15.87 72.93 -11.65
C VAL L 467 -14.70 72.92 -10.68
N LYS L 468 -13.49 72.67 -11.21
CA LYS L 468 -12.29 72.59 -10.39
C LYS L 468 -11.54 73.91 -10.26
N ALA L 469 -11.92 74.91 -11.06
CA ALA L 469 -11.27 76.22 -11.01
C ALA L 469 -11.80 76.99 -9.80
N SER L 470 -11.44 76.48 -8.61
CA SER L 470 -12.19 76.85 -7.42
C SER L 470 -11.87 78.27 -6.94
N SER L 471 -10.67 78.80 -7.23
CA SER L 471 -10.40 80.21 -6.99
C SER L 471 -11.37 81.10 -7.76
N ILE L 472 -11.62 80.75 -9.03
CA ILE L 472 -12.54 81.52 -9.86
C ILE L 472 -13.97 81.35 -9.36
N VAL L 473 -14.37 80.12 -9.06
CA VAL L 473 -15.73 79.91 -8.56
C VAL L 473 -15.97 80.69 -7.28
N ALA L 474 -14.98 80.69 -6.36
CA ALA L 474 -15.17 81.42 -5.11
C ALA L 474 -15.30 82.92 -5.38
N SER L 475 -14.60 83.41 -6.40
CA SER L 475 -14.72 84.81 -6.79
C SER L 475 -16.10 85.12 -7.33
N LEU L 476 -16.70 84.19 -8.09
CA LEU L 476 -18.06 84.42 -8.59
C LEU L 476 -19.07 84.43 -7.45
N PHE L 477 -18.87 83.56 -6.45
CA PHE L 477 -19.73 83.58 -5.27
C PHE L 477 -19.66 84.94 -4.57
N LEU L 478 -18.44 85.39 -4.26
CA LEU L 478 -18.29 86.66 -3.55
C LEU L 478 -18.89 87.81 -4.35
N LYS L 479 -18.67 87.82 -5.67
CA LYS L 479 -19.17 88.90 -6.53
C LYS L 479 -20.67 89.09 -6.39
N GLU L 480 -21.41 88.02 -6.04
CA GLU L 480 -22.86 88.13 -5.84
C GLU L 480 -23.24 89.02 -4.68
N PHE L 481 -22.30 89.36 -3.79
CA PHE L 481 -22.62 90.13 -2.59
C PHE L 481 -22.14 91.57 -2.68
N VAL L 482 -21.68 92.00 -3.86
CA VAL L 482 -21.45 93.41 -4.17
C VAL L 482 -22.39 93.79 -5.30
N GLN L 483 -23.29 94.73 -5.04
CA GLN L 483 -24.24 95.13 -6.07
C GLN L 483 -23.72 96.23 -6.97
N ASN L 484 -23.08 97.27 -6.42
CA ASN L 484 -22.84 98.47 -7.21
C ASN L 484 -21.63 99.23 -6.72
N THR L 485 -20.57 98.51 -6.33
CA THR L 485 -19.33 99.13 -5.90
C THR L 485 -18.17 98.48 -6.63
N ALA L 486 -17.16 99.27 -7.00
CA ALA L 486 -15.93 98.67 -7.52
C ALA L 486 -15.30 97.80 -6.44
N TRP L 487 -14.94 96.57 -6.81
CA TRP L 487 -14.53 95.59 -5.82
C TRP L 487 -13.44 94.69 -6.39
N ALA L 488 -12.43 94.40 -5.58
CA ALA L 488 -11.37 93.45 -5.94
C ALA L 488 -11.10 92.53 -4.77
N HIS L 489 -10.51 91.38 -5.09
CA HIS L 489 -10.37 90.29 -4.13
C HIS L 489 -8.98 89.69 -4.33
N ILE L 490 -8.18 89.67 -3.27
CA ILE L 490 -6.80 89.19 -3.34
C ILE L 490 -6.73 87.87 -2.58
N ASP L 491 -6.44 86.78 -3.29
CA ASP L 491 -6.39 85.44 -2.72
C ASP L 491 -4.94 85.12 -2.38
N ILE L 492 -4.65 85.09 -1.09
CA ILE L 492 -3.28 84.91 -0.60
C ILE L 492 -3.09 83.53 0.02
N ALA L 493 -3.93 82.56 -0.33
CA ALA L 493 -3.79 81.23 0.27
C ALA L 493 -2.42 80.61 -0.02
N GLY L 494 -1.86 80.90 -1.20
CA GLY L 494 -0.59 80.29 -1.55
C GLY L 494 0.63 81.01 -1.01
N VAL L 495 0.54 82.33 -0.85
CA VAL L 495 1.72 83.15 -0.56
C VAL L 495 1.84 83.54 0.90
N SER L 496 0.85 83.28 1.73
CA SER L 496 0.86 83.84 3.07
C SER L 496 1.93 83.21 3.96
N TRP L 497 2.24 81.93 3.78
CA TRP L 497 3.14 81.21 4.65
C TRP L 497 4.46 80.91 3.95
N ASN L 498 5.57 81.18 4.65
CA ASN L 498 6.91 80.89 4.16
C ASN L 498 7.25 79.47 4.62
N PHE L 499 7.06 78.49 3.72
CA PHE L 499 7.25 77.10 4.15
C PHE L 499 8.72 76.79 4.39
N LYS L 500 9.63 77.39 3.62
CA LYS L 500 11.04 77.10 3.84
C LYS L 500 11.53 77.61 5.19
N ALA L 501 11.10 78.81 5.59
CA ALA L 501 11.56 79.41 6.85
C ALA L 501 10.64 79.10 8.02
N ARG L 502 9.49 78.45 7.78
CA ARG L 502 8.56 78.03 8.82
C ARG L 502 7.97 79.22 9.58
N LYS L 503 7.63 80.29 8.85
CA LYS L 503 7.09 81.48 9.48
C LYS L 503 6.11 82.18 8.54
N PRO L 504 5.28 83.10 9.03
CA PRO L 504 4.46 83.91 8.14
C PRO L 504 5.29 84.89 7.32
N LYS L 505 4.68 85.41 6.26
CA LYS L 505 5.28 86.51 5.51
C LYS L 505 4.76 87.87 5.93
N GLY L 506 3.60 87.92 6.58
CA GLY L 506 2.89 89.18 6.67
C GLY L 506 2.47 89.73 5.32
N PHE L 507 2.21 88.85 4.35
CA PHE L 507 1.93 89.30 2.97
C PHE L 507 0.68 90.18 2.92
N GLY L 508 0.81 91.31 2.25
CA GLY L 508 -0.31 92.16 1.93
C GLY L 508 -0.32 93.48 2.68
N VAL L 509 0.39 93.58 3.79
CA VAL L 509 0.43 94.83 4.55
C VAL L 509 0.97 95.94 3.69
N ARG L 510 2.13 95.75 3.11
CA ARG L 510 2.71 96.81 2.30
C ARG L 510 1.93 96.99 1.02
N LEU L 511 1.39 95.91 0.46
CA LEU L 511 0.53 96.01 -0.71
C LEU L 511 -0.65 96.95 -0.46
N LEU L 512 -1.42 96.68 0.59
CA LEU L 512 -2.60 97.51 0.85
C LEU L 512 -2.20 98.94 1.24
N THR L 513 -1.09 99.12 1.96
CA THR L 513 -0.69 100.47 2.36
C THR L 513 -0.30 101.33 1.15
N GLU L 514 0.56 100.79 0.28
CA GLU L 514 0.86 101.46 -0.98
C GLU L 514 -0.40 101.81 -1.77
N PHE L 515 -1.40 100.90 -1.77
CA PHE L 515 -2.64 101.17 -2.48
C PHE L 515 -3.35 102.39 -1.89
N VAL L 516 -3.41 102.47 -0.57
CA VAL L 516 -4.01 103.62 0.11
C VAL L 516 -3.18 104.87 -0.16
N LEU L 517 -1.87 104.79 0.04
CA LEU L 517 -1.01 105.96 -0.11
C LEU L 517 -0.99 106.48 -1.53
N ASN L 518 -0.95 105.59 -2.52
CA ASN L 518 -0.89 106.02 -3.91
C ASN L 518 -2.16 106.79 -4.29
N ASP L 519 -3.33 106.27 -3.90
CA ASP L 519 -4.59 106.97 -4.19
C ASP L 519 -4.72 108.25 -3.40
N ALA L 520 -4.12 108.32 -2.20
CA ALA L 520 -4.12 109.54 -1.41
C ALA L 520 -3.37 110.67 -2.10
N LEU L 521 -2.36 110.35 -2.91
CA LEU L 521 -1.61 111.34 -3.67
C LEU L 521 -2.29 111.68 -5.00
N HIS L 522 -3.61 111.69 -5.04
CA HIS L 522 -4.43 111.92 -6.24
C HIS L 522 -4.22 110.81 -7.27
C CO3 M . 16.12 -46.37 -16.94
O1 CO3 M . 15.45 -45.54 -16.21
O2 CO3 M . 15.49 -47.22 -17.74
O3 CO3 M . 17.41 -46.32 -16.84
ZN ZN N . 13.82 -51.21 -16.54
CAP J1V O . 14.31 -48.92 -12.00
CAN J1V O . 15.77 -49.12 -11.60
CAM J1V O . 16.01 -48.57 -10.19
CAO J1V O . 15.56 -47.09 -10.08
CAQ J1V O . 14.08 -46.93 -10.53
CBB J1V O . 14.05 -47.43 -11.95
CAU J1V O . 12.83 -47.07 -12.80
OAB J1V O . 12.22 -46.01 -12.70
N J1V O . 12.63 -47.99 -13.75
CA J1V O . 11.77 -47.92 -14.93
C J1V O . 12.32 -49.01 -15.86
O J1V O . 12.22 -50.19 -15.52
NAR J1V O . 12.99 -48.48 -16.92
OAC J1V O . 13.61 -49.37 -18.03
CAZ J1V O . 10.39 -48.02 -14.79
CAJ J1V O . 9.64 -47.45 -15.83
CAH J1V O . 8.26 -47.49 -15.82
CAI J1V O . 9.75 -48.64 -13.73
CAG J1V O . 8.35 -48.67 -13.72
CAX J1V O . 7.61 -48.11 -14.76
CAY J1V O . 6.22 -48.14 -14.73
CAK J1V O . 5.52 -47.21 -15.50
CAV J1V O . 4.13 -47.19 -15.46
FAD J1V O . 3.44 -46.31 -16.20
CBA J1V O . 3.44 -48.08 -14.65
FAF J1V O . 2.12 -48.07 -14.59
CAW J1V O . 4.14 -49.00 -13.88
FAE J1V O . 3.41 -49.85 -13.11
CAL J1V O . 5.54 -49.02 -13.91
S SO4 P . -2.55 -51.98 -45.25
O1 SO4 P . -3.36 -51.45 -44.18
O2 SO4 P . -1.38 -51.13 -45.44
O3 SO4 P . -2.08 -53.33 -44.94
O4 SO4 P . -3.31 -52.02 -46.50
S SO4 Q . -18.57 -41.76 -54.51
O1 SO4 Q . -18.02 -40.42 -54.73
O2 SO4 Q . -19.69 -42.02 -55.44
O3 SO4 Q . -19.04 -41.86 -53.12
O4 SO4 Q . -17.51 -42.73 -54.75
C12 1PE R . -2.64 -43.54 -47.74
C22 1PE R . -1.55 -43.16 -46.73
OH3 1PE R . -1.44 -44.18 -45.73
C13 1PE R . 0.85 -44.84 -45.30
C23 1PE R . -0.36 -44.00 -44.84
OH4 1PE R . 1.92 -43.97 -45.67
C14 1PE R . 3.97 -43.70 -47.01
C24 1PE R . 3.11 -44.66 -46.15
OH5 1PE R . 3.62 -43.82 -48.37
C22 1PE S . 6.78 -50.31 -49.86
OH3 1PE S . 7.95 -50.88 -49.26
C13 1PE S . 7.45 -52.93 -48.00
C23 1PE S . 7.96 -52.30 -49.32
OH4 1PE S . 6.08 -52.62 -47.76
C14 1PE S . 3.76 -53.35 -48.08
C24 1PE S . 5.19 -53.77 -47.68
OH5 1PE S . 3.26 -52.44 -47.13
C15 1PE S . 1.47 -51.12 -48.20
C25 1PE S . 1.84 -52.22 -47.18
OH6 1PE S . 0.88 -49.99 -47.55
C26 1PE S . 1.35 -48.73 -47.99
S SO4 T . 19.09 -69.47 -21.27
O1 SO4 T . 20.00 -69.32 -20.16
O2 SO4 T . 18.64 -68.16 -21.72
O3 SO4 T . 17.93 -70.25 -20.88
O4 SO4 T . 19.78 -70.14 -22.36
S DMS U . -18.72 -48.55 -35.68
O DMS U . -17.80 -47.36 -35.66
C1 DMS U . -19.06 -49.12 -33.98
C2 DMS U . -20.41 -48.10 -36.22
S DMS V . -27.42 -42.61 -43.48
O DMS V . -26.85 -42.29 -44.83
C1 DMS V . -26.18 -42.46 -42.19
C2 DMS V . -28.62 -41.35 -42.96
S SO4 W . -1.32 -46.53 -12.53
O1 SO4 W . -0.81 -45.25 -13.04
O2 SO4 W . -2.42 -46.26 -11.61
O3 SO4 W . -1.80 -47.35 -13.63
O4 SO4 W . -0.23 -47.24 -11.84
S SO4 X . -7.42 -55.70 -18.74
O1 SO4 X . -6.78 -54.51 -18.16
O2 SO4 X . -8.87 -55.61 -18.54
O3 SO4 X . -7.13 -55.77 -20.17
O4 SO4 X . -6.92 -56.89 -18.07
C CO3 Y . 24.62 -71.31 1.57
O1 CO3 Y . 25.26 -70.60 0.67
O2 CO3 Y . 24.44 -72.58 1.47
O3 CO3 Y . 24.11 -70.76 2.63
ZN ZN Z . 22.90 -67.91 -2.18
CAP J1V AA . 19.15 -68.37 2.02
CAN J1V AA . 18.39 -69.64 1.74
CAM J1V AA . 17.57 -70.03 2.98
CAO J1V AA . 18.47 -70.18 4.21
CAQ J1V AA . 19.31 -68.91 4.41
CBB J1V AA . 20.08 -68.70 3.13
CAU J1V AA . 21.28 -67.73 3.21
OAB J1V AA . 21.88 -67.54 4.26
N J1V AA . 21.71 -67.27 2.04
CA J1V AA . 23.00 -66.59 1.87
C J1V AA . 23.43 -66.96 0.46
O J1V AA . 22.88 -66.42 -0.52
NAR J1V AA . 24.38 -67.89 0.37
OAC J1V AA . 24.84 -68.29 -0.88
CAZ J1V AA . 23.14 -65.21 2.09
CAJ J1V AA . 24.46 -64.76 2.21
CAH J1V AA . 24.76 -63.41 2.41
CAI J1V AA . 22.10 -64.30 2.15
CAG J1V AA . 22.40 -62.95 2.36
CAX J1V AA . 23.72 -62.51 2.48
CAY J1V AA . 24.00 -61.17 2.69
CAK J1V AA . 25.20 -60.78 3.28
CAV J1V AA . 25.44 -59.42 3.49
FAD J1V AA . 26.62 -58.98 4.10
CBA J1V AA . 24.49 -58.48 3.14
FAF J1V AA . 24.73 -57.18 3.35
CAW J1V AA . 23.29 -58.87 2.56
FAE J1V AA . 22.32 -57.88 2.20
CAL J1V AA . 23.05 -60.22 2.33
C12 1PE BA . 58.21 -63.03 -7.51
C22 1PE BA . 56.99 -63.76 -6.95
OH3 1PE BA . 55.77 -63.07 -7.32
C13 1PE BA . 53.58 -62.33 -6.46
C23 1PE BA . 54.66 -63.43 -6.50
OH4 1PE BA . 54.22 -61.06 -6.43
C14 1PE BA . 54.26 -58.92 -5.25
C24 1PE BA . 53.39 -59.94 -6.02
OH5 1PE BA . 54.95 -58.07 -6.13
C25 1PE BA . 55.84 -57.16 -5.49
C12 1PE CA . 56.32 -62.59 -10.60
C22 1PE CA . 56.21 -61.07 -10.73
OH3 1PE CA . 54.84 -60.69 -10.95
C13 1PE CA . 53.15 -59.68 -12.41
C23 1PE CA . 54.65 -59.75 -12.01
OH4 1PE CA . 52.91 -59.35 -13.79
C14 1PE CA . 51.56 -61.17 -14.79
C24 1PE CA . 52.94 -60.48 -14.71
OH5 1PE CA . 51.53 -62.13 -15.83
C25 1PE CA . 52.33 -63.32 -15.66
S DMS DA . 37.50 -85.00 14.64
O DMS DA . 38.33 -84.59 15.82
C1 DMS DA . 38.13 -86.56 14.00
C2 DMS DA . 35.81 -85.46 15.12
S SO4 EA . 52.07 -23.99 17.77
O1 SO4 EA . 52.65 -22.92 16.98
O2 SO4 EA . 51.05 -23.44 18.67
O3 SO4 EA . 51.44 -24.97 16.89
O4 SO4 EA . 53.10 -24.66 18.57
C CO3 FA . -3.38 -71.82 -14.10
O1 CO3 FA . -4.04 -71.38 -13.07
O2 CO3 FA . -2.31 -72.58 -14.02
O3 CO3 FA . -3.81 -71.48 -15.26
ZN ZN GA . 1.81 -71.48 -12.57
CAP J1V HA . -1.54 -67.45 -11.05
CAN J1V HA . -1.63 -66.01 -11.61
CAM J1V HA . -3.09 -65.58 -11.76
CAO J1V HA . -3.74 -65.52 -10.36
CAQ J1V HA . -3.30 -66.72 -9.49
CBB J1V HA . -2.85 -67.84 -10.39
CAU J1V HA . -2.78 -69.25 -9.74
OAB J1V HA . -3.76 -69.72 -9.14
N J1V HA . -1.65 -69.93 -9.98
CA J1V HA . -1.44 -71.37 -9.65
C J1V HA . -0.40 -71.84 -10.65
O J1V HA . 0.73 -71.37 -10.60
NAR J1V HA . -0.86 -72.74 -11.54
OAC J1V HA . 0.06 -73.28 -12.58
CAZ J1V HA . -1.10 -71.80 -8.34
CAJ J1V HA . -1.31 -73.16 -8.08
CAH J1V HA . -1.01 -73.72 -6.84
CAI J1V HA . -0.60 -70.99 -7.34
CAG J1V HA . -0.30 -71.55 -6.09
CAX J1V HA . -0.51 -72.90 -5.84
CAY J1V HA . -0.22 -73.45 -4.58
CAK J1V HA . -0.80 -74.66 -4.18
CAV J1V HA . -0.51 -75.19 -2.92
FAD J1V HA . -1.07 -76.37 -2.51
CBA J1V HA . 0.34 -74.51 -2.05
FAF J1V HA . 0.64 -75.01 -0.80
CAW J1V HA . 0.91 -73.31 -2.45
FAE J1V HA . 1.79 -72.64 -1.55
CAL J1V HA . 0.63 -72.78 -3.70
C12 1PE IA . 7.29 -103.84 -21.23
C22 1PE IA . 8.01 -102.49 -21.16
OH3 1PE IA . 8.62 -102.39 -19.87
C13 1PE IA . 10.73 -102.63 -18.71
C23 1PE IA . 9.96 -101.94 -19.87
OH4 1PE IA . 10.02 -102.49 -17.48
C14 1PE IA . 10.57 -103.27 -15.23
C24 1PE IA . 10.84 -102.21 -16.32
OH5 1PE IA . 9.21 -103.54 -15.10
C15 1PE IA . 7.36 -104.69 -13.96
C25 1PE IA . 8.89 -104.63 -14.23
OH6 1PE IA . 6.68 -105.27 -15.08
C26 1PE IA . 5.30 -105.55 -14.85
C12 1PE JA . 1.72 -106.26 -16.17
C22 1PE JA . 1.15 -104.87 -15.93
OH3 1PE JA . 2.05 -104.09 -15.14
C13 1PE JA . 2.53 -103.25 -12.91
C23 1PE JA . 1.47 -103.47 -14.01
OH4 1PE JA . 2.03 -103.56 -11.60
C14 1PE JA . 1.89 -105.66 -10.35
C24 1PE JA . 2.81 -104.55 -10.90
OH5 1PE JA . 2.67 -106.79 -10.01
S DMS KA . 8.75 -101.50 9.09
O DMS KA . 9.01 -100.25 9.91
C1 DMS KA . 8.69 -102.93 10.22
C2 DMS KA . 7.01 -101.55 8.56
S SO4 LA . -4.76 -107.23 30.04
O1 SO4 LA . -4.90 -106.14 30.99
O2 SO4 LA . -4.63 -106.63 28.71
O3 SO4 LA . -3.59 -108.04 30.41
O4 SO4 LA . -5.95 -108.09 30.10
C CO3 MA . -14.68 -62.96 11.54
O1 CO3 MA . -15.28 -61.80 11.40
O2 CO3 MA . -14.66 -63.55 12.70
O3 CO3 MA . -14.07 -63.53 10.56
ZN ZN NA . -12.41 -58.05 11.50
CAP J1V OA . -8.88 -62.42 9.69
CAN J1V OA . -8.28 -63.38 10.74
CAM J1V OA . -7.68 -64.63 10.09
CAO J1V OA . -8.69 -65.32 9.15
CAQ J1V OA . -9.20 -64.32 8.11
CBB J1V OA . -9.91 -63.23 8.91
CAU J1V OA . -10.92 -62.44 8.07
OAB J1V OA . -11.43 -62.94 7.07
N J1V OA . -11.30 -61.26 8.56
CA J1V OA . -12.42 -60.49 8.01
C J1V OA . -12.80 -59.47 9.08
O J1V OA . -12.06 -58.51 9.29
NAR J1V OA . -13.95 -59.73 9.72
OAC J1V OA . -14.51 -58.72 10.80
CAZ J1V OA . -12.33 -59.85 6.76
CAJ J1V OA . -13.56 -59.54 6.17
CAH J1V OA . -13.63 -58.89 4.94
CAI J1V OA . -11.16 -59.47 6.13
CAG J1V OA . -11.23 -58.81 4.89
CAX J1V OA . -12.45 -58.52 4.31
CAY J1V OA . -12.53 -57.85 3.09
CAK J1V OA . -13.69 -57.90 2.33
CAV J1V OA . -13.73 -57.23 1.11
FAD J1V OA . -14.83 -57.26 0.34
CBA J1V OA . -12.63 -56.51 0.66
FAF J1V OA . -12.70 -55.84 -0.56
CAW J1V OA . -11.48 -56.46 1.43
FAE J1V OA . -10.36 -55.73 0.95
CAL J1V OA . -11.42 -57.12 2.64
S SO4 PA . -38.14 -38.35 5.11
O1 SO4 PA . -37.07 -37.46 5.55
O2 SO4 PA . -39.43 -37.70 5.30
O3 SO4 PA . -38.10 -39.57 5.91
O4 SO4 PA . -37.96 -38.69 3.71
S SO4 QA . -7.35 -44.47 24.56
O1 SO4 QA . -7.99 -43.97 25.77
O2 SO4 QA . -6.84 -43.38 23.76
O3 SO4 QA . -6.26 -45.37 24.87
O4 SO4 QA . -8.37 -45.20 23.79
C12 1PE RA . -45.27 -45.00 8.29
C22 1PE RA . -44.83 -46.28 7.59
OH3 1PE RA . -43.56 -46.73 8.10
C13 1PE RA . -41.55 -46.39 6.77
C23 1PE RA . -42.72 -47.33 7.12
OH4 1PE RA . -41.20 -46.54 5.38
C14 1PE RA . -41.50 -45.69 3.10
C24 1PE RA . -41.39 -45.34 4.58
OH5 1PE RA . -42.76 -45.32 2.61
C25 1PE RA . -43.08 -43.93 2.75
C13 1PE SA . -16.07 -77.78 24.98
C23 1PE SA . -15.93 -77.34 23.48
OH4 1PE SA . -16.73 -76.77 25.78
C14 1PE SA . -17.82 -76.08 27.85
C24 1PE SA . -16.74 -76.97 27.22
OH5 1PE SA . -18.97 -76.14 27.04
C15 1PE SA . -21.10 -75.18 26.30
C25 1PE SA . -20.12 -75.40 27.48
OH6 1PE SA . -22.08 -76.21 26.25
C16 1PE SA . -21.91 -77.72 24.37
C26 1PE SA . -22.60 -76.47 24.95
C12 1PE TA . -41.71 -42.86 14.77
C22 1PE TA . -40.55 -41.89 14.94
OH3 1PE TA . -40.36 -41.13 13.75
C13 1PE TA . -39.27 -39.32 12.49
C23 1PE TA . -39.23 -40.28 13.73
OH4 1PE TA . -39.22 -40.04 11.27
C14 1PE TA . -40.78 -39.52 9.42
C24 1PE TA . -39.40 -39.25 10.06
OH5 1PE TA . -40.68 -40.39 8.31
C25 1PE TA . -41.88 -41.12 7.98
C13 1PE UA . -29.99 -79.84 12.68
OH4 1PE UA . -30.15 -79.60 14.09
C14 1PE UA . -32.51 -79.66 13.33
C24 1PE UA . -31.54 -79.55 14.53
OH5 1PE UA . -33.64 -80.47 13.59
C15 1PE UA . -33.15 -82.84 13.91
C25 1PE UA . -33.61 -81.74 12.93
S DMS VA . -29.08 -39.19 20.31
O DMS VA . -29.62 -38.39 19.15
C1 DMS VA . -27.81 -38.21 21.16
C2 DMS VA . -30.42 -39.33 21.55
C CO3 WA . 14.08 -54.63 23.80
O1 CO3 WA . 14.39 -53.43 24.15
O2 CO3 WA . 13.06 -55.22 24.36
O3 CO3 WA . 14.81 -55.22 22.92
ZN ZN XA . 8.84 -54.88 22.17
CAP J1V YA . 12.44 -54.60 17.35
CAN J1V YA . 12.54 -53.07 17.36
CAM J1V YA . 14.02 -52.64 17.46
CAO J1V YA . 14.92 -53.59 16.68
CAQ J1V YA . 14.90 -54.98 17.36
CBB J1V YA . 13.59 -55.13 18.14
CAU J1V YA . 13.35 -56.51 18.78
OAB J1V YA . 14.19 -57.39 18.79
N J1V YA . 12.19 -56.56 19.44
CA J1V YA . 11.81 -57.61 20.37
C J1V YA . 10.75 -56.97 21.23
O J1V YA . 9.70 -56.60 20.71
NAR J1V YA . 11.11 -56.81 22.51
OAC J1V YA . 10.14 -56.20 23.47
CAZ J1V YA . 11.36 -58.85 19.92
CAJ J1V YA . 11.44 -59.91 20.81
CAH J1V YA . 10.97 -61.19 20.45
CAI J1V YA . 10.80 -59.03 18.65
CAG J1V YA . 10.35 -60.29 18.29
CAX J1V YA . 10.42 -61.36 19.18
CAY J1V YA . 9.97 -62.61 18.77
CAK J1V YA . 10.39 -63.78 19.40
CAV J1V YA . 9.92 -65.01 18.96
FAD J1V YA . 10.31 -66.19 19.54
CBA J1V YA . 9.03 -65.09 17.90
FAF J1V YA . 8.57 -66.31 17.48
CAW J1V YA . 8.61 -63.93 17.27
FAE J1V YA . 7.67 -64.04 16.16
CAL J1V YA . 9.08 -62.70 17.71
C12 1PE ZA . -0.39 -73.14 49.30
C22 1PE ZA . -1.80 -73.27 48.70
OH3 1PE ZA . -2.35 -71.96 48.58
C13 1PE ZA . -3.95 -70.41 47.68
C23 1PE ZA . -3.64 -71.90 48.00
OH4 1PE ZA . -3.59 -69.61 48.80
C14 1PE ZA . -3.47 -67.38 49.84
C24 1PE ZA . -3.60 -68.17 48.52
OH5 1PE ZA . -2.31 -66.59 49.84
C15 1PE ZA . -0.59 -66.49 51.60
C25 1PE ZA . -1.99 -66.03 51.13
OH6 1PE ZA . -0.67 -67.75 52.30
C12 1PE AB . 4.51 -79.66 50.39
C22 1PE AB . 3.38 -79.66 49.36
OH3 1PE AB . 3.37 -78.43 48.63
C13 1PE AB . 2.66 -77.38 46.58
C23 1PE AB . 2.24 -78.22 47.81
OH4 1PE AB . 3.67 -76.44 46.93
C14 1PE AB . 3.54 -74.00 46.93
C24 1PE AB . 3.74 -75.28 46.07
OH5 1PE AB . 4.70 -73.68 47.66
C15 1PE AB . 5.13 -72.50 49.73
C25 1PE AB . 4.62 -72.40 48.27
OH6 1PE AB . 4.21 -73.23 50.55
OH3 1PE BB . 25.89 -42.38 28.36
C13 1PE BB . 26.64 -40.15 28.99
C23 1PE BB . 26.26 -41.12 27.83
OH4 1PE BB . 25.46 -39.60 29.57
C14 1PE BB . 24.48 -39.01 31.68
C24 1PE BB . 25.65 -38.73 30.72
OH5 1PE BB . 24.72 -38.51 32.98
C25 1PE BB . 24.83 -39.54 33.98
S DMS CB . 33.12 -55.03 37.06
O DMS CB . 31.89 -54.20 37.27
C1 DMS CB . 33.48 -56.18 38.41
C2 DMS CB . 32.83 -56.17 35.71
S SO4 DB . -7.73 -57.93 43.27
O1 SO4 DB . -7.72 -57.42 44.64
O2 SO4 DB . -8.25 -56.92 42.33
O3 SO4 DB . -6.37 -58.29 42.88
O4 SO4 DB . -8.57 -59.14 43.23
S SO4 EB . 7.53 -57.58 54.10
O1 SO4 EB . 8.78 -57.06 54.65
O2 SO4 EB . 6.53 -56.50 54.03
O3 SO4 EB . 7.79 -58.05 52.75
O4 SO4 EB . 7.02 -58.68 54.91
C CO3 FB . -1.40 -34.72 3.78
O1 CO3 FB . -2.66 -34.49 3.63
O2 CO3 FB . -0.84 -34.55 4.94
O3 CO3 FB . -0.74 -35.12 2.72
ZN ZN GB . 0.17 -38.10 7.71
CAP J1V HB . -0.33 -40.90 2.61
CAN J1V HB . -1.83 -41.13 2.36
CAM J1V HB . -2.13 -41.35 0.86
CAO J1V HB . -1.49 -40.29 -0.05
CAQ J1V HB . -0.01 -40.11 0.27
CBB J1V HB . 0.03 -39.71 1.73
CAU J1V HB . 1.29 -38.92 2.12
OAB J1V HB . 1.98 -38.36 1.29
N J1V HB . 1.45 -38.76 3.43
CA J1V HB . 2.41 -37.82 4.02
C J1V HB . 1.82 -37.54 5.41
O J1V HB . 1.79 -38.44 6.25
NAR J1V HB . 1.25 -36.35 5.55
OAC J1V HB . 0.64 -36.03 6.79
CAZ J1V HB . 3.75 -38.16 4.10
CAJ J1V HB . 4.62 -37.11 4.35
CAH J1V HB . 5.98 -37.31 4.47
CAI J1V HB . 4.24 -39.45 3.96
CAG J1V HB . 5.62 -39.64 4.06
CAX J1V HB . 6.50 -38.58 4.32
CAY J1V HB . 7.88 -38.79 4.43
CAK J1V HB . 8.80 -37.75 4.25
CAV J1V HB . 10.17 -38.02 4.39
FAD J1V HB . 11.12 -37.06 4.22
CBA J1V HB . 10.61 -39.30 4.70
FAF J1V HB . 11.98 -39.56 4.85
CAW J1V HB . 9.69 -40.33 4.89
FAE J1V HB . 10.18 -41.64 5.20
CAL J1V HB . 8.33 -40.07 4.75
S SO4 IB . 18.35 -18.17 26.81
O1 SO4 IB . 19.28 -17.46 27.69
O2 SO4 IB . 17.55 -17.18 26.07
O3 SO4 IB . 17.44 -19.00 27.60
O4 SO4 IB . 19.11 -18.98 25.87
OH4 1PE JB . 14.29 -9.06 21.67
C14 1PE JB . 13.91 -11.46 21.33
C24 1PE JB . 13.65 -10.04 20.80
OH5 1PE JB . 14.44 -12.24 20.28
C15 1PE JB . 16.27 -13.84 19.93
C25 1PE JB . 14.98 -13.50 20.70
OH6 1PE JB . 17.38 -13.27 20.59
C16 1PE JB . 19.73 -13.10 20.98
C26 1PE JB . 18.63 -13.51 19.99
OH7 1PE JB . 19.62 -11.71 21.23
OH4 1PE KB . 9.06 -12.52 27.32
C14 1PE KB . 9.34 -14.53 28.73
C24 1PE KB . 8.40 -13.72 27.80
OH5 1PE KB . 10.16 -15.38 27.97
C15 1PE KB . 12.44 -15.50 28.81
C25 1PE KB . 11.08 -16.20 28.72
OH6 1PE KB . 13.37 -16.17 27.96
C16 1PE KB . 14.81 -14.88 26.48
C26 1PE KB . 14.65 -15.53 27.87
OH7 1PE KB . 15.88 -13.95 26.50
OH4 1PE LB . -18.25 -28.38 -3.18
C14 1PE LB . -19.83 -27.87 -1.34
C24 1PE LB . -19.64 -28.47 -2.74
OH5 1PE LB . -19.73 -26.47 -1.39
C15 1PE LB . -19.39 -24.33 -0.23
C25 1PE LB . -19.94 -25.78 -0.16
OH6 1PE LB . -18.22 -24.28 -1.03
C16 1PE LB . -17.65 -22.56 -2.65
C26 1PE LB . -17.61 -23.00 -1.17
OH7 1PE LB . -16.68 -23.26 -3.43
C CO3 MB . 4.15 67.78 -19.37
O1 CO3 MB . 3.54 68.20 -18.30
O2 CO3 MB . 3.50 67.15 -20.31
O3 CO3 MB . 5.41 68.02 -19.47
ZN ZN NB . 1.86 62.98 -19.16
CAP J1V OB . 2.38 65.15 -14.15
CAN J1V OB . 3.85 65.03 -13.77
CAM J1V OB . 4.14 65.78 -12.46
CAO J1V OB . 3.66 67.24 -12.52
CAQ J1V OB . 2.17 67.33 -12.97
CBB J1V OB . 2.14 66.64 -14.31
CAU J1V OB . 0.96 66.97 -15.24
OAB J1V OB . 0.38 68.05 -15.28
N J1V OB . 0.76 66.01 -16.13
CA J1V OB . -0.07 66.16 -17.33
C J1V OB . 0.44 65.09 -18.27
O J1V OB . 0.25 63.91 -17.98
NAR J1V OB . 1.17 65.59 -19.31
OAC J1V OB . 1.75 64.70 -20.39
CAZ J1V OB . -1.45 66.12 -17.24
CAJ J1V OB . -2.12 66.76 -18.29
CAH J1V OB . -3.51 66.78 -18.33
CAI J1V OB . -2.15 65.49 -16.23
CAG J1V OB . -3.55 65.52 -16.28
CAX J1V OB . -4.21 66.15 -17.32
CAY J1V OB . -5.60 66.17 -17.35
CAK J1V OB . -6.29 67.12 -18.08
CAV J1V OB . -7.69 67.12 -18.07
FAD J1V OB . -8.44 68.05 -18.80
CBA J1V OB . -8.38 66.17 -17.32
FAF J1V OB . -9.76 66.15 -17.29
CAW J1V OB . -7.68 65.22 -16.59
FAE J1V OB . -8.43 64.30 -15.85
CAL J1V OB . -6.30 65.23 -16.59
S SO4 PB . 7.11 44.66 -23.90
O1 SO4 PB . 8.04 44.70 -22.78
O2 SO4 PB . 6.74 46.03 -24.20
O3 SO4 PB . 5.91 43.91 -23.54
O4 SO4 PB . 7.79 44.07 -25.05
S SO4 QB . -14.61 62.37 -47.82
O1 SO4 QB . -15.05 63.54 -47.07
O2 SO4 QB . -14.97 62.53 -49.24
O3 SO4 QB . -13.16 62.25 -47.71
O4 SO4 QB . -15.29 61.20 -47.27
C22 1PE RB . -8.31 70.54 -50.87
OH3 1PE RB . -8.41 69.83 -49.62
C13 1PE RB . -9.96 69.47 -47.77
C23 1PE RB . -9.19 70.48 -48.65
OH4 1PE RB . -11.20 70.02 -47.35
C14 1PE RB . -13.46 70.55 -48.20
C24 1PE RB . -12.36 69.49 -48.05
OH5 1PE RB . -14.10 70.38 -49.46
C25 1PE RB . -13.65 71.24 -50.52
C14 1PE SB . -37.78 83.97 -53.01
C24 1PE SB . -38.09 85.32 -53.70
OH5 1PE SB . -36.45 83.98 -52.55
C15 1PE SB . -34.93 84.66 -50.79
C25 1PE SB . -36.29 84.02 -51.14
OH6 1PE SB . -35.11 86.06 -50.65
C14 1PE TB . -37.75 89.21 -53.49
C24 1PE TB . -39.21 88.72 -53.63
OH5 1PE TB . -37.64 90.23 -52.53
C15 1PE TB . -36.28 89.80 -50.51
C25 1PE TB . -36.33 90.36 -51.94
OH6 1PE TB . -35.07 89.09 -50.26
C12 1PE UB . -3.54 64.68 -53.44
C22 1PE UB . -4.42 64.02 -52.37
OH3 1PE UB . -3.70 62.96 -51.73
C13 1PE UB . -5.50 61.94 -50.44
C23 1PE UB . -4.46 61.76 -51.57
OH4 1PE UB . -6.53 60.95 -50.52
C14 1PE UB . -8.94 61.49 -50.58
C24 1PE UB . -7.70 61.21 -49.70
OH5 1PE UB . -9.85 62.27 -49.85
C15 1PE UB . -11.30 64.25 -50.12
C25 1PE UB . -10.89 62.86 -50.64
OH6 1PE UB . -10.39 65.25 -50.59
S DMS VB . -16.83 66.02 -33.43
O DMS VB . -16.44 67.33 -32.78
C1 DMS VB . -15.41 64.91 -33.64
C2 DMS VB . -17.78 65.05 -32.24
S SO4 WB . 15.73 67.61 -6.62
O1 SO4 WB . 15.91 68.79 -5.78
O2 SO4 WB . 14.37 67.62 -7.17
O3 SO4 WB . 16.71 67.64 -7.71
O4 SO4 WB . 15.93 66.40 -5.82
C CO3 XB . 12.67 42.92 -1.01
O1 CO3 XB . 12.11 43.60 -0.05
O2 CO3 XB . 13.36 43.52 -1.96
O3 CO3 XB . 12.53 41.66 -1.00
ZN ZN YB . 10.90 46.16 -4.80
CAP J1V ZB . 7.22 45.70 -0.67
CAN J1V ZB . 6.46 44.38 -0.81
CAM J1V ZB . 5.63 44.08 0.45
CAO J1V ZB . 6.47 44.16 1.72
CAQ J1V ZB . 7.24 45.47 1.81
CBB J1V ZB . 8.10 45.51 0.55
CAU J1V ZB . 9.31 46.46 0.61
OAB J1V ZB . 9.90 46.67 1.66
N J1V ZB . 9.74 46.88 -0.56
CA J1V ZB . 11.04 47.54 -0.72
C J1V ZB . 11.46 47.18 -2.13
O J1V ZB . 10.81 47.59 -3.10
NAR J1V ZB . 12.52 46.37 -2.18
OAC J1V ZB . 12.97 45.97 -3.48
CAZ J1V ZB . 11.18 48.90 -0.49
CAJ J1V ZB . 12.51 49.32 -0.32
CAH J1V ZB . 12.83 50.65 -0.10
CAI J1V ZB . 10.13 49.81 -0.45
CAG J1V ZB . 10.47 51.14 -0.24
CAX J1V ZB . 11.80 51.57 -0.08
CAY J1V ZB . 12.07 52.91 0.15
CAK J1V ZB . 13.24 53.33 0.74
CAV J1V ZB . 13.45 54.70 0.94
FAD J1V ZB . 14.55 55.16 1.52
CBA J1V ZB . 12.49 55.60 0.55
FAF J1V ZB . 12.70 56.89 0.76
CAW J1V ZB . 11.32 55.19 -0.04
FAE J1V ZB . 10.38 56.11 -0.42
CAL J1V ZB . 11.11 53.83 -0.25
C12 1PE AC . 44.62 56.87 -8.26
C22 1PE AC . 43.12 56.59 -8.11
OH3 1PE AC . 42.82 55.33 -8.73
C13 1PE AC . 41.34 53.47 -9.07
C23 1PE AC . 41.74 54.65 -8.14
OH4 1PE AC . 42.11 52.33 -8.70
C14 1PE AC . 43.03 50.16 -9.24
C24 1PE AC . 41.82 51.10 -9.40
OH5 1PE AC . 44.21 50.76 -9.73
C25 1PE AC . 45.39 50.08 -9.34
C12 1PE BC . 42.16 54.74 -14.62
C22 1PE BC . 41.05 55.19 -15.57
OH3 1PE BC . 41.06 54.43 -16.78
C13 1PE BC . 39.96 52.92 -18.37
C23 1PE BC . 39.80 54.01 -17.28
OH4 1PE BC . 40.04 51.61 -17.80
C14 1PE BC . 40.40 49.17 -18.05
C24 1PE BC . 40.16 50.52 -18.77
OH5 1PE BC . 41.47 49.26 -17.13
C25 1PE BC . 42.03 47.99 -16.77
ZN ZN CC . -10.17 42.66 -15.13
C CO3 DC . -15.30 42.31 -16.76
O1 CO3 DC . -15.60 42.85 -17.87
O2 CO3 DC . -14.31 41.46 -16.63
O3 CO3 DC . -16.01 42.68 -15.74
CAP J1V EC . -13.50 47.10 -13.17
CAN J1V EC . -13.85 48.14 -14.26
CAM J1V EC . -14.98 49.07 -13.79
CAO J1V EC . -16.22 48.31 -13.32
CAQ J1V EC . -15.83 47.26 -12.27
CBB J1V EC . -14.82 46.35 -12.93
CAU J1V EC . -14.71 44.96 -12.24
OAB J1V EC . -15.63 44.51 -11.58
N J1V EC . -13.61 44.27 -12.57
CA J1V EC . -13.41 42.84 -12.26
C J1V EC . -12.35 42.37 -13.26
O J1V EC . -11.19 42.74 -13.14
NAR J1V EC . -12.85 41.63 -14.25
OAC J1V EC . -11.97 41.14 -15.29
CAZ J1V EC . -13.09 42.39 -10.97
CAJ J1V EC . -13.30 41.03 -10.71
CAH J1V EC . -13.01 40.48 -9.47
CAI J1V EC . -12.57 43.22 -9.98
CAG J1V EC . -12.28 42.65 -8.74
CAX J1V EC . -12.49 41.30 -8.47
CAY J1V EC . -12.19 40.78 -7.21
CAK J1V EC . -12.77 39.60 -6.76
CAV J1V EC . -12.47 39.11 -5.50
FAD J1V EC . -12.99 38.02 -5.05
CBA J1V EC . -11.60 39.79 -4.67
FAF J1V EC . -11.31 39.30 -3.43
CAW J1V EC . -11.02 40.97 -5.10
FAE J1V EC . -10.14 41.61 -4.24
CAL J1V EC . -11.32 41.47 -6.36
C12 1PE FC . -4.38 10.27 -23.17
C22 1PE FC . -4.16 11.76 -23.33
OH3 1PE FC . -2.85 12.27 -23.23
C13 1PE FC . -2.27 12.15 -20.92
C23 1PE FC . -2.03 11.64 -22.30
OH4 1PE FC . -1.46 11.41 -20.04
C14 1PE FC . -2.20 10.36 -18.11
C24 1PE FC . -1.81 11.65 -18.71
OH5 1PE FC . -3.10 10.63 -17.09
C15 1PE FC . -5.14 9.47 -16.73
C25 1PE FC . -3.64 9.47 -16.56
OH6 1PE FC . -5.52 9.22 -18.07
C16 1PE FC . -6.81 7.71 -19.50
C26 1PE FC . -6.77 8.57 -18.23
OH7 1PE FC . -5.83 8.08 -20.44
C12 1PE GC . -10.31 8.10 -18.50
C22 1PE GC . -10.73 9.56 -18.48
OH3 1PE GC . -9.91 10.35 -17.60
C13 1PE GC . -9.59 11.30 -15.34
C23 1PE GC . -10.55 10.63 -16.37
OH4 1PE GC . -9.85 10.74 -14.05
C14 1PE GC . -9.74 8.79 -12.57
C24 1PE GC . -9.42 9.36 -13.96
OH5 1PE GC . -9.28 7.45 -12.52
C15 1PE GC . -11.34 6.25 -13.19
C25 1PE GC . -9.86 6.58 -13.51
C13 1PE HC . -19.88 -5.49 5.90
OH4 1PE HC . -20.70 -5.78 7.02
C14 1PE HC . -23.08 -6.34 7.33
C24 1PE HC . -22.05 -5.24 6.96
OH5 1PE HC . -23.41 -6.29 8.70
C15 1PE HC . -23.21 -8.45 9.88
C25 1PE HC . -24.14 -7.45 9.16
C1 EDO IC . -35.67 32.96 -26.12
O1 EDO IC . -36.46 32.17 -27.03
C2 EDO IC . -35.02 34.13 -26.85
O2 EDO IC . -34.83 35.19 -25.89
C1 EDO JC . -6.73 -0.27 10.89
O1 EDO JC . -7.12 -0.22 12.27
C2 EDO JC . -5.87 0.96 10.60
O2 EDO JC . -6.71 2.11 10.57
S SO4 KC . -1.36 33.19 2.41
O1 SO4 KC . -0.90 34.58 2.31
O2 SO4 KC . -2.57 33.02 1.61
O3 SO4 KC . -0.34 32.26 1.90
O4 SO4 KC . -1.61 32.90 3.82
S SO4 LC . -1.66 11.00 -12.54
O1 SO4 LC . -0.91 12.21 -12.88
O2 SO4 LC . -2.51 11.33 -11.38
O3 SO4 LC . -0.72 9.96 -12.12
O4 SO4 LC . -2.48 10.51 -13.72
C CO3 MC . -26.62 51.21 8.99
O1 CO3 MC . -27.22 52.36 9.00
O2 CO3 MC . -26.66 50.44 10.02
O3 CO3 MC . -25.95 50.80 7.96
ZN ZN NC . -24.39 56.05 9.03
CAP J1V OC . -21.13 51.89 7.19
CAN J1V OC . -20.53 50.97 8.26
CAM J1V OC . -19.58 49.94 7.63
CAO J1V OC . -20.23 49.18 6.46
CAQ J1V OC . -20.81 50.17 5.43
CBB J1V OC . -21.83 51.01 6.19
CAU J1V OC . -22.87 51.74 5.31
OAB J1V OC . -23.33 51.18 4.32
N J1V OC . -23.29 52.90 5.79
CA J1V OC . -24.46 53.66 5.31
C J1V OC . -24.78 54.65 6.43
O J1V OC . -24.02 55.60 6.64
NAR J1V OC . -25.85 54.35 7.17
OAC J1V OC . -26.23 55.24 8.32
CAZ J1V OC . -24.40 54.33 4.08
CAJ J1V OC . -25.62 54.69 3.52
CAH J1V OC . -25.67 55.38 2.31
CAI J1V OC . -23.21 54.67 3.44
CAG J1V OC . -23.26 55.36 2.23
CAX J1V OC . -24.49 55.72 1.67
CAY J1V OC . -24.53 56.40 0.45
CAK J1V OC . -25.70 56.35 -0.33
CAV J1V OC . -25.72 57.02 -1.54
FAD J1V OC . -26.89 57.00 -2.38
CBA J1V OC . -24.61 57.73 -1.98
FAF J1V OC . -24.64 58.38 -3.18
CAW J1V OC . -23.45 57.79 -1.20
FAE J1V OC . -22.35 58.51 -1.68
CAL J1V OC . -23.41 57.11 0.02
C13 1PE PC . -37.61 81.52 14.07
OH4 1PE PC . -36.67 82.42 13.48
C14 1PE PC . -36.33 81.56 11.21
C24 1PE PC . -35.69 81.84 12.58
OH5 1PE PC . -35.38 81.07 10.28
C25 1PE PC . -35.94 80.64 9.03
C22 1PE QC . -55.66 69.80 -0.10
OH3 1PE QC . -54.26 69.52 0.02
C13 1PE QC . -53.03 68.12 1.62
C23 1PE QC . -53.84 69.41 1.36
OH4 1PE QC . -52.99 67.88 3.03
C14 1PE QC . -54.17 67.20 5.11
C24 1PE QC . -54.21 67.32 3.58
OH5 1PE QC . -55.49 67.01 5.59
C25 1PE QC . -56.39 68.07 5.24
C22 1PE RC . -54.63 71.92 6.00
OH3 1PE RC . -53.58 72.74 5.47
C13 1PE RC . -51.89 74.14 6.58
C23 1PE RC . -53.38 73.97 6.15
OH4 1PE RC . -51.80 74.86 7.82
C14 1PE RC . -51.59 74.46 10.19
C24 1PE RC . -50.90 74.34 8.82
OH5 1PE RC . -51.26 73.41 11.08
C25 1PE RC . -52.25 73.06 12.05
S DMS SC . -49.14 82.21 -31.63
O DMS SC . -49.25 83.68 -31.92
C1 DMS SC . -49.09 81.97 -29.85
C2 DMS SC . -50.66 81.35 -32.10
C CO3 TC . 2.03 59.53 21.15
O1 CO3 TC . 2.34 60.65 21.70
O2 CO3 TC . 1.03 58.83 21.67
O3 CO3 TC . 2.71 59.14 20.12
ZN ZN UC . -2.96 59.27 19.51
CAP J1V VC . 0.43 59.56 15.01
CAN J1V VC . 0.61 61.08 14.93
CAM J1V VC . 1.82 61.39 14.04
CAO J1V VC . 3.09 60.76 14.60
CAQ J1V VC . 2.90 59.26 14.74
CBB J1V VC . 1.70 59.08 15.66
CAU J1V VC . 1.52 57.69 16.26
OAB J1V VC . 2.44 56.87 16.35
N J1V VC . 0.30 57.57 16.83
CA J1V VC . -0.09 56.50 17.75
C J1V VC . -1.15 57.15 18.59
O J1V VC . -2.19 57.51 18.06
NAR J1V VC . -0.78 57.31 19.87
OAC J1V VC . -1.72 57.93 20.86
CAZ J1V VC . -0.56 55.30 17.27
CAJ J1V VC . -0.54 54.24 18.18
CAH J1V VC . -1.01 52.98 17.82
CAI J1V VC . -1.05 55.11 15.99
CAG J1V VC . -1.51 53.85 15.62
CAX J1V VC . -1.49 52.79 16.53
CAY J1V VC . -1.95 51.53 16.15
CAK J1V VC . -1.56 50.39 16.85
CAV J1V VC . -2.03 49.14 16.43
FAD J1V VC . -1.67 48.01 17.10
CBA J1V VC . -2.87 49.03 15.33
FAF J1V VC . -3.33 47.78 14.92
CAW J1V VC . -3.24 50.18 14.64
FAE J1V VC . -4.06 50.10 13.56
CAL J1V VC . -2.78 51.42 15.05
S SO4 WC . -16.17 39.31 42.48
O1 SO4 WC . -14.76 39.24 42.83
O2 SO4 WC . -16.56 40.68 42.18
O3 SO4 WC . -16.98 38.82 43.60
O4 SO4 WC . -16.40 38.45 41.30
C12 1PE XC . -11.71 41.26 47.49
C22 1PE XC . -12.73 40.77 46.48
OH3 1PE XC . -13.56 41.85 46.03
C13 1PE XC . -15.62 42.87 45.32
C23 1PE XC . -14.93 41.58 45.83
OH4 1PE XC . -15.34 43.96 46.19
C14 1PE XC . -15.66 46.30 46.86
C24 1PE XC . -15.74 45.27 45.72
OH5 1PE XC . -14.36 46.83 46.97
C15 1PE XC . -12.93 48.14 48.48
C25 1PE XC . -14.27 48.05 47.72
OH6 1PE XC . -12.58 46.87 49.02
C12 1PE YC . -7.14 34.32 47.72
C22 1PE YC . -8.49 34.89 47.28
OH3 1PE YC . -8.56 34.89 45.84
C13 1PE YC . -8.40 36.67 44.21
C23 1PE YC . -9.29 35.95 45.25
OH4 1PE YC . -8.85 38.01 44.09
C14 1PE YC . -8.13 40.35 44.10
C24 1PE YC . -7.92 38.94 43.50
OH5 1PE YC . -7.46 40.47 45.34
C15 1PE YC . -7.06 41.86 47.29
C25 1PE YC . -7.41 41.82 45.79
OH6 1PE YC . -7.77 40.86 48.02
OH3 1PE ZC . 14.08 71.91 25.55
C13 1PE ZC . 14.47 73.95 26.87
C23 1PE ZC . 14.14 73.32 25.49
OH4 1PE ZC . 13.41 74.79 27.32
C14 1PE ZC . 12.98 75.57 29.61
C24 1PE ZC . 13.77 75.81 28.30
OH5 1PE ZC . 13.15 74.25 30.06
C15 1PE ZC . 13.22 72.59 31.91
C25 1PE ZC . 12.95 74.05 31.47
OH6 1PE ZC . 14.52 72.45 32.49
C26 1PE ZC . 15.46 71.69 31.73
C13 1PE AD . -26.24 52.59 36.57
OH4 1PE AD . -26.63 52.95 35.24
C14 1PE AD . -26.02 50.77 34.15
C24 1PE AD . -25.88 52.31 34.15
OH5 1PE AD . -25.20 50.19 33.15
C25 1PE AD . -24.64 48.91 33.50
S DMS BD . 8.58 72.59 11.73
O DMS BD . 8.81 73.26 13.06
C1 DMS BD . 8.90 70.83 11.94
C2 DMS BD . 6.81 72.43 11.37
S SO4 CD . -16.80 6.89 27.72
O1 SO4 CD . -17.57 7.28 28.91
O2 SO4 CD . -16.55 8.05 26.89
O3 SO4 CD . -15.52 6.29 28.11
O4 SO4 CD . -17.60 5.93 26.98
S SO4 DD . -19.28 69.74 22.01
O1 SO4 DD . -18.62 70.80 21.26
O2 SO4 DD . -19.98 70.32 23.15
O3 SO4 DD . -18.23 68.84 22.48
O4 SO4 DD . -20.25 69.02 21.18
OH4 1PE ED . -4.01 90.30 -18.16
C14 1PE ED . -1.90 90.72 -17.00
C24 1PE ED . -3.01 89.70 -17.31
OH5 1PE ED . -2.44 91.85 -16.35
C15 1PE ED . -3.32 93.86 -17.45
C25 1PE ED . -2.08 93.12 -16.91
OH6 1PE ED . -3.59 95.04 -16.69
C CO3 FD . -13.33 79.42 1.23
O1 CO3 FD . -14.48 79.83 0.82
O2 CO3 FD . -12.87 79.74 2.41
O3 CO3 FD . -12.67 78.68 0.41
ZN ZN GD . -11.74 76.00 4.94
CAP J1V HD . -12.15 73.43 -0.05
CAN J1V HD . -13.66 73.23 -0.05
CAM J1V HD . -14.17 73.01 -1.48
CAO J1V HD . -13.72 74.15 -2.39
CAQ J1V HD . -12.20 74.36 -2.32
CBB J1V HD . -11.90 74.67 -0.88
CAU J1V HD . -10.56 75.36 -0.55
OAB J1V HD . -9.81 75.82 -1.41
N J1V HD . -10.40 75.53 0.74
CA J1V HD . -9.41 76.38 1.40
C J1V HD . -10.00 76.61 2.80
O J1V HD . -10.00 75.71 3.64
NAR J1V HD . -10.56 77.81 2.99
OAC J1V HD . -11.14 78.15 4.33
CAZ J1V HD . -8.08 75.99 1.48
CAJ J1V HD . -7.20 77.04 1.75
CAH J1V HD . -5.84 76.82 1.89
CAI J1V HD . -7.61 74.70 1.36
CAG J1V HD . -6.24 74.48 1.50
CAX J1V HD . -5.35 75.53 1.77
CAY J1V HD . -3.98 75.32 1.89
CAK J1V HD . -3.08 76.36 1.63
CAV J1V HD . -1.71 76.13 1.74
FAD J1V HD . -0.81 77.13 1.50
CBA J1V HD . -1.22 74.88 2.09
FAF J1V HD . 0.15 74.66 2.18
CAW J1V HD . -2.10 73.84 2.33
FAE J1V HD . -1.60 72.60 2.68
CAL J1V HD . -3.48 74.06 2.23
S SO4 ID . 6.33 96.09 24.33
O1 SO4 ID . 7.10 95.99 25.57
O2 SO4 ID . 6.01 97.49 24.07
O3 SO4 ID . 5.11 95.31 24.47
O4 SO4 ID . 7.16 95.57 23.24
OH4 1PE JD . 8.02 103.00 20.01
C14 1PE JD . 7.58 101.08 18.54
C24 1PE JD . 8.06 102.54 18.63
OH5 1PE JD . 6.47 100.98 17.67
C15 1PE JD . 4.05 100.74 17.47
C25 1PE JD . 5.32 100.44 18.29
OH6 1PE JD . 3.01 101.17 18.34
C16 1PE JD . 1.42 102.99 18.55
C26 1PE JD . 1.99 101.88 17.67
OH7 1PE JD . 2.48 103.77 19.11
C12 1PE KD . -30.81 85.91 -6.78
C22 1PE KD . -30.57 85.79 -5.28
OH3 1PE KD . -31.65 86.36 -4.51
C13 1PE KD . -31.52 88.40 -3.14
C23 1PE KD . -31.70 87.78 -4.56
OH4 1PE KD . -31.40 89.82 -3.26
C14 1PE KD . -29.98 91.80 -3.50
C24 1PE KD . -30.12 90.39 -2.89
OH5 1PE KD . -29.22 91.77 -4.69
C15 1PE KD . -29.13 91.29 -7.10
C25 1PE KD . -29.81 90.99 -5.74
OH6 1PE KD . -28.09 90.34 -7.35
C13 1PE LD . -3.33 100.71 25.28
OH4 1PE LD . -2.79 99.40 25.45
C14 1PE LD . -0.92 98.09 26.42
C24 1PE LD . -1.93 99.24 26.63
OH5 1PE LD . 0.36 98.62 26.23
C15 1PE LD . 2.72 98.31 25.77
C25 1PE LD . 1.30 97.71 25.66
OH6 1PE LD . 3.24 98.56 24.47
C16 1PE LD . 3.40 100.23 22.70
C26 1PE LD . 3.57 99.92 24.20
OH7 1PE LD . 2.58 101.37 22.52
C13 1PE MD . -9.35 67.52 3.35
C23 1PE MD . -9.25 67.97 1.86
OH4 1PE MD . -10.60 66.88 3.62
C14 1PE MD . -11.96 64.77 3.87
C24 1PE MD . -10.58 65.47 4.01
OH5 1PE MD . -12.82 65.11 4.95
C15 1PE MD . -14.54 65.78 3.30
C25 1PE MD . -13.84 66.06 4.65
OH6 1PE MD . -14.70 67.00 2.57
C16 1PE MD . -13.35 68.85 1.62
C26 1PE MD . -13.68 67.96 2.82
OH7 1PE MD . -12.40 68.19 0.79
S SO4 ND . -13.29 67.79 -15.19
O1 SO4 ND . -13.01 68.91 -14.30
O2 SO4 ND . -13.02 68.19 -16.55
O3 SO4 ND . -12.42 66.65 -14.88
O4 SO4 ND . -14.69 67.40 -15.06
S SO4 OD . -15.45 86.91 -18.54
O1 SO4 OD . -15.11 87.81 -17.44
O2 SO4 OD . -15.74 87.70 -19.73
O3 SO4 OD . -14.32 86.01 -18.83
O4 SO4 OD . -16.62 86.10 -18.19
#